data_9ETS
#
_entry.id   9ETS
#
_cell.length_a   1.00
_cell.length_b   1.00
_cell.length_c   1.00
_cell.angle_alpha   90.00
_cell.angle_beta   90.00
_cell.angle_gamma   90.00
#
_symmetry.space_group_name_H-M   'P 1'
#
loop_
_entity.id
_entity.type
_entity.pdbx_description
1 polymer 'DUF4352 domain-containing protein'
2 branched 6-deoxy-6-sulfo-beta-D-glucopyranose-(1-3)-[alpha-D-mannopyranose-(1-4)][alpha-D-mannopyranose-(1-6)]2-acetamido-2-deoxy-beta-D-glucopyranose-(1-4)-2-acetamido-2-deoxy-beta-D-glucopyranose
3 branched alpha-D-mannopyranose-(1-6)-2-acetamido-2-deoxy-beta-D-glucopyranose-(1-4)-2-acetamido-2-deoxy-beta-D-glucopyranose
4 branched 6-deoxy-6-sulfo-beta-D-glucopyranose-(1-3)-[alpha-D-mannopyranose-(1-6)]2-acetamido-2-deoxy-beta-D-glucopyranose-(1-4)-2-acetamido-2-deoxy-beta-D-glucopyranose
#
_entity_poly.entity_id   1
_entity_poly.type   'polypeptide(L)'
_entity_poly.pdbx_seq_one_letter_code
;LSGAIVALILVIAGVIIAIAVVLFAFGLIPGISNQGSIQVLGSGTITNSTASGSSRTIYNITITVKNTGTTSISVTSINI
NGQPFNINGTAPSIPAGRTQPITFEVTPASGKPNFSPGASYTATIYFSNGQGAPATLIYQG
;
_entity_poly.pdbx_strand_id   G,A,D,J,M,P,S,V,Y,b,e,h,I,C,F,L,O,R,U,X,a,d,g,j,H,B,E,K,N,Q,T,W,Z,c,f,i,l
#
loop_
_chem_comp.id
_chem_comp.type
_chem_comp.name
_chem_comp.formula
MAN D-saccharide, alpha linking alpha-D-mannopyranose 'C6 H12 O6'
NAG D-saccharide, beta linking 2-acetamido-2-deoxy-beta-D-glucopyranose 'C8 H15 N O6'
YZT saccharide 6-deoxy-6-sulfo-beta-D-glucopyranose 'C6 H12 O8 S'
#
# COMPACT_ATOMS: atom_id res chain seq x y z
N LEU A 1 -23.27 79.58 70.29
CA LEU A 1 -23.71 80.05 68.95
C LEU A 1 -22.79 79.44 67.88
N SER A 2 -21.46 79.52 68.10
CA SER A 2 -20.39 79.14 67.19
C SER A 2 -20.59 77.76 66.50
N GLY A 3 -21.01 76.75 67.28
CA GLY A 3 -21.10 75.36 66.84
C GLY A 3 -21.97 75.12 65.61
N ALA A 4 -23.14 75.77 65.57
CA ALA A 4 -24.11 75.60 64.50
C ALA A 4 -23.63 76.23 63.19
N ILE A 5 -23.03 77.42 63.29
CA ILE A 5 -22.43 78.15 62.17
C ILE A 5 -21.34 77.31 61.50
N VAL A 6 -20.48 76.65 62.28
CA VAL A 6 -19.45 75.77 61.75
C VAL A 6 -20.07 74.54 61.06
N ALA A 7 -21.10 73.94 61.67
CA ALA A 7 -21.76 72.77 61.11
C ALA A 7 -22.36 73.08 59.73
N LEU A 8 -22.95 74.26 59.56
CA LEU A 8 -23.55 74.68 58.29
C LEU A 8 -22.51 74.78 57.16
N ILE A 9 -21.33 75.36 57.45
CA ILE A 9 -20.24 75.48 56.50
C ILE A 9 -19.76 74.10 56.04
N LEU A 10 -19.55 73.18 56.98
CA LEU A 10 -19.03 71.85 56.69
C LEU A 10 -20.06 70.95 55.98
N VAL A 11 -21.36 71.19 56.20
CA VAL A 11 -22.41 70.50 55.45
C VAL A 11 -22.34 70.89 53.98
N ILE A 12 -22.30 72.19 53.66
CA ILE A 12 -22.32 72.67 52.29
C ILE A 12 -21.04 72.27 51.55
N ALA A 13 -19.88 72.42 52.19
CA ALA A 13 -18.61 71.97 51.64
C ALA A 13 -18.60 70.47 51.33
N GLY A 14 -19.20 69.66 52.22
CA GLY A 14 -19.32 68.22 52.05
C GLY A 14 -20.06 67.84 50.77
N VAL A 15 -21.19 68.49 50.47
CA VAL A 15 -21.94 68.26 49.25
C VAL A 15 -21.09 68.60 48.03
N ILE A 16 -20.41 69.75 48.03
CA ILE A 16 -19.60 70.22 46.92
C ILE A 16 -18.45 69.24 46.60
N ILE A 17 -17.70 68.79 47.61
CA ILE A 17 -16.60 67.85 47.39
C ILE A 17 -17.12 66.48 46.96
N ALA A 18 -18.21 65.98 47.55
CA ALA A 18 -18.77 64.69 47.18
C ALA A 18 -19.21 64.65 45.72
N ILE A 19 -19.90 65.70 45.24
CA ILE A 19 -20.32 65.78 43.85
C ILE A 19 -19.09 65.84 42.92
N ALA A 20 -18.05 66.59 43.28
CA ALA A 20 -16.83 66.68 42.49
C ALA A 20 -16.15 65.32 42.30
N VAL A 21 -16.11 64.48 43.33
CA VAL A 21 -15.51 63.15 43.26
C VAL A 21 -16.33 62.21 42.37
N VAL A 22 -17.66 62.29 42.43
CA VAL A 22 -18.52 61.50 41.58
C VAL A 22 -18.33 61.86 40.10
N LEU A 23 -18.26 63.15 39.78
CA LEU A 23 -18.00 63.61 38.42
C LEU A 23 -16.63 63.17 37.92
N PHE A 24 -15.62 63.21 38.79
CA PHE A 24 -14.28 62.75 38.45
C PHE A 24 -14.27 61.27 38.04
N ALA A 25 -15.00 60.42 38.78
CA ALA A 25 -15.11 59.00 38.46
C ALA A 25 -15.67 58.75 37.05
N PHE A 26 -16.71 59.50 36.63
CA PHE A 26 -17.20 59.45 35.27
C PHE A 26 -16.22 60.05 34.24
N GLY A 27 -15.39 61.01 34.66
CA GLY A 27 -14.43 61.67 33.79
C GLY A 27 -13.20 60.83 33.44
N LEU A 28 -12.88 59.80 34.24
CA LEU A 28 -11.77 58.89 33.98
C LEU A 28 -12.01 58.03 32.74
N ILE A 29 -13.25 57.63 32.51
CA ILE A 29 -13.61 56.49 31.68
C ILE A 29 -12.99 56.55 30.27
N PRO A 30 -13.06 57.66 29.51
CA PRO A 30 -12.42 57.77 28.20
C PRO A 30 -10.96 57.34 28.14
N GLY A 31 -10.18 57.69 29.16
CA GLY A 31 -8.75 57.39 29.22
C GLY A 31 -8.42 55.89 29.29
N ILE A 32 -9.37 55.06 29.73
CA ILE A 32 -9.19 53.62 29.84
C ILE A 32 -9.10 52.97 28.45
N SER A 33 -9.80 53.54 27.45
CA SER A 33 -9.93 52.98 26.11
C SER A 33 -8.60 52.80 25.37
N ASN A 34 -7.65 53.73 25.56
CA ASN A 34 -6.41 53.80 24.79
C ASN A 34 -5.46 52.65 25.09
N GLN A 35 -5.65 51.94 26.21
CA GLN A 35 -4.77 50.87 26.69
C GLN A 35 -4.67 49.68 25.72
N GLY A 36 -5.55 49.60 24.71
CA GLY A 36 -5.58 48.50 23.78
C GLY A 36 -5.33 48.87 22.31
N SER A 37 -4.72 50.05 22.07
CA SER A 37 -4.62 50.62 20.72
C SER A 37 -3.76 49.81 19.76
N ILE A 38 -2.83 48.98 20.26
CA ILE A 38 -1.81 48.32 19.43
C ILE A 38 -1.95 46.80 19.46
N GLN A 39 -1.63 46.16 18.32
CA GLN A 39 -1.33 44.74 18.31
C GLN A 39 -0.21 44.40 17.33
N VAL A 40 0.50 43.30 17.63
CA VAL A 40 1.67 42.85 16.87
C VAL A 40 1.27 41.68 15.99
N LEU A 41 1.60 41.76 14.70
CA LEU A 41 1.12 40.79 13.71
C LEU A 41 2.26 39.91 13.21
N GLY A 42 2.11 38.59 13.36
CA GLY A 42 3.09 37.60 12.90
C GLY A 42 4.40 37.59 13.70
N SER A 43 5.35 36.76 13.25
CA SER A 43 6.71 36.73 13.78
C SER A 43 7.50 37.95 13.30
N GLY A 44 8.42 38.43 14.13
CA GLY A 44 9.44 39.38 13.73
C GLY A 44 10.80 38.71 13.54
N THR A 45 11.82 39.51 13.27
CA THR A 45 13.17 39.01 13.02
C THR A 45 14.20 39.80 13.82
N ILE A 46 15.17 39.11 14.45
CA ILE A 46 16.36 39.70 15.04
C ILE A 46 17.53 39.50 14.08
N THR A 47 18.43 40.49 13.97
CA THR A 47 19.62 40.41 13.14
C THR A 47 20.79 41.06 13.86
N ASN A 48 21.96 40.42 13.90
CA ASN A 48 23.17 41.00 14.45
C ASN A 48 23.61 42.16 13.55
N SER A 49 23.77 43.35 14.15
CA SER A 49 23.88 44.61 13.42
C SER A 49 25.22 45.31 13.63
N THR A 50 25.99 44.89 14.64
CA THR A 50 27.21 45.59 15.03
C THR A 50 28.33 45.45 13.98
N ALA A 51 29.12 46.52 13.81
CA ALA A 51 30.26 46.56 12.92
C ALA A 51 31.45 45.75 13.47
N SER A 52 32.33 45.31 12.55
CA SER A 52 33.52 44.52 12.85
C SER A 52 34.42 45.19 13.89
N GLY A 53 34.75 44.44 14.95
CA GLY A 53 35.65 44.90 16.01
C GLY A 53 35.02 45.86 17.02
N SER A 54 33.75 46.26 16.84
CA SER A 54 33.08 47.21 17.73
C SER A 54 32.79 46.60 19.11
N SER A 55 32.84 47.44 20.15
CA SER A 55 32.67 47.03 21.54
C SER A 55 31.21 46.64 21.85
N ARG A 56 30.26 47.44 21.35
CA ARG A 56 28.83 47.25 21.57
C ARG A 56 28.28 46.12 20.69
N THR A 57 27.61 45.13 21.31
CA THR A 57 26.70 44.28 20.56
C THR A 57 25.38 45.02 20.36
N ILE A 58 24.93 45.13 19.10
CA ILE A 58 23.69 45.81 18.72
C ILE A 58 22.93 44.92 17.74
N TYR A 59 21.61 44.83 17.91
CA TYR A 59 20.77 44.01 17.05
C TYR A 59 19.66 44.84 16.42
N ASN A 60 19.32 44.49 15.17
CA ASN A 60 18.19 45.09 14.51
C ASN A 60 16.98 44.20 14.73
N ILE A 61 15.87 44.80 15.15
CA ILE A 61 14.63 44.06 15.34
C ILE A 61 13.58 44.62 14.39
N THR A 62 12.86 43.74 13.70
CA THR A 62 11.80 44.13 12.78
C THR A 62 10.52 43.35 13.10
N ILE A 63 9.38 44.06 13.22
CA ILE A 63 8.07 43.49 13.53
C ILE A 63 6.99 44.25 12.76
N THR A 64 5.85 43.62 12.47
CA THR A 64 4.70 44.38 11.97
C THR A 64 3.82 44.78 13.14
N VAL A 65 3.51 46.09 13.23
CA VAL A 65 2.68 46.63 14.29
C VAL A 65 1.48 47.35 13.67
N LYS A 66 0.29 47.13 14.21
CA LYS A 66 -0.93 47.81 13.80
C LYS A 66 -1.38 48.76 14.90
N ASN A 67 -1.60 50.03 14.55
CA ASN A 67 -2.13 51.03 15.46
C ASN A 67 -3.60 51.30 15.09
N THR A 68 -4.48 51.26 16.10
CA THR A 68 -5.92 51.49 15.94
C THR A 68 -6.42 52.67 16.77
N GLY A 69 -5.51 53.35 17.47
CA GLY A 69 -5.85 54.54 18.22
C GLY A 69 -6.02 55.77 17.32
N THR A 70 -6.12 56.95 17.98
CA THR A 70 -6.31 58.22 17.29
C THR A 70 -5.03 59.08 17.30
N THR A 71 -3.92 58.52 17.81
CA THR A 71 -2.64 59.22 17.97
C THR A 71 -1.47 58.28 17.64
N SER A 72 -0.32 58.85 17.25
CA SER A 72 0.91 58.10 17.06
C SER A 72 1.39 57.52 18.40
N ILE A 73 1.96 56.31 18.36
CA ILE A 73 2.47 55.60 19.52
C ILE A 73 3.88 55.09 19.20
N SER A 74 4.77 55.04 20.22
CA SER A 74 6.17 54.65 20.02
C SER A 74 6.55 53.45 20.90
N VAL A 75 7.59 52.69 20.48
CA VAL A 75 8.14 51.61 21.27
C VAL A 75 8.98 52.20 22.41
N THR A 76 8.86 51.65 23.63
CA THR A 76 9.58 52.19 24.80
C THR A 76 10.54 51.18 25.42
N SER A 77 10.23 49.88 25.35
CA SER A 77 11.09 48.83 25.87
C SER A 77 10.79 47.48 25.19
N ILE A 78 11.75 46.55 25.24
CA ILE A 78 11.53 45.18 24.85
C ILE A 78 12.20 44.25 25.85
N ASN A 79 11.54 43.14 26.16
CA ASN A 79 12.11 42.05 26.94
C ASN A 79 12.16 40.82 26.02
N ILE A 80 13.35 40.22 25.82
CA ILE A 80 13.52 39.10 24.90
C ILE A 80 14.03 37.89 25.68
N ASN A 81 13.30 36.76 25.63
CA ASN A 81 13.72 35.52 26.27
C ASN A 81 13.93 35.68 27.78
N GLY A 82 13.31 36.71 28.39
CA GLY A 82 13.44 37.04 29.80
C GLY A 82 14.43 38.17 30.10
N GLN A 83 15.38 38.42 29.19
CA GLN A 83 16.36 39.50 29.33
C GLN A 83 15.71 40.85 29.03
N PRO A 84 15.89 41.89 29.90
CA PRO A 84 15.60 43.26 29.50
C PRO A 84 16.66 43.79 28.54
N PHE A 85 16.19 44.50 27.50
CA PHE A 85 17.06 45.15 26.52
C PHE A 85 16.84 46.66 26.56
N ASN A 86 17.91 47.39 26.27
CA ASN A 86 17.90 48.83 26.07
C ASN A 86 17.67 49.13 24.58
N ILE A 87 16.99 50.25 24.26
CA ILE A 87 16.72 50.64 22.89
C ILE A 87 17.68 51.76 22.49
N ASN A 88 18.29 51.62 21.32
CA ASN A 88 19.33 52.58 20.99
C ASN A 88 18.79 53.65 20.03
N GLY A 89 19.30 54.89 20.17
CA GLY A 89 18.89 56.03 19.35
C GLY A 89 17.45 56.48 19.63
N THR A 90 16.81 57.06 18.60
CA THR A 90 15.39 57.40 18.68
C THR A 90 14.52 56.14 18.60
N ALA A 91 13.47 56.11 19.43
CA ALA A 91 12.42 55.10 19.30
C ALA A 91 11.69 55.26 17.97
N PRO A 92 11.20 54.16 17.36
CA PRO A 92 10.30 54.27 16.20
C PRO A 92 8.89 54.60 16.68
N SER A 93 8.03 55.03 15.74
CA SER A 93 6.63 55.28 16.05
C SER A 93 5.73 54.81 14.90
N ILE A 94 4.48 54.47 15.25
CA ILE A 94 3.49 53.98 14.30
C ILE A 94 2.40 55.04 14.17
N PRO A 95 2.19 55.63 12.96
CA PRO A 95 1.12 56.60 12.73
C PRO A 95 -0.26 56.08 13.10
N ALA A 96 -1.19 56.99 13.41
CA ALA A 96 -2.42 56.69 14.13
C ALA A 96 -3.26 55.55 13.50
N GLY A 97 -3.50 55.58 12.19
CA GLY A 97 -4.43 54.63 11.58
C GLY A 97 -3.78 53.47 10.81
N ARG A 98 -2.45 53.28 10.94
CA ARG A 98 -1.69 52.49 9.98
C ARG A 98 -1.18 51.16 10.54
N THR A 99 -0.88 50.23 9.61
CA THR A 99 -0.19 48.97 9.88
C THR A 99 1.14 48.97 9.13
N GLN A 100 2.27 48.74 9.83
CA GLN A 100 3.58 48.86 9.20
C GLN A 100 4.58 47.85 9.77
N PRO A 101 5.50 47.32 8.95
CA PRO A 101 6.78 46.83 9.44
C PRO A 101 7.59 47.98 10.04
N ILE A 102 7.98 47.83 11.31
CA ILE A 102 8.73 48.79 12.10
C ILE A 102 10.10 48.17 12.40
N THR A 103 11.18 48.95 12.26
CA THR A 103 12.54 48.49 12.58
C THR A 103 13.20 49.39 13.61
N PHE A 104 13.93 48.79 14.57
CA PHE A 104 14.66 49.51 15.59
C PHE A 104 15.88 48.74 16.09
N GLU A 105 16.81 49.45 16.74
CA GLU A 105 18.06 48.88 17.24
C GLU A 105 18.01 48.70 18.76
N VAL A 106 18.53 47.56 19.23
CA VAL A 106 18.54 47.25 20.67
C VAL A 106 19.90 46.72 21.11
N THR A 107 20.19 46.84 22.41
CA THR A 107 21.42 46.36 23.01
C THR A 107 21.10 45.78 24.38
N PRO A 108 21.71 44.64 24.80
CA PRO A 108 21.29 43.97 26.04
C PRO A 108 21.71 44.74 27.29
N ALA A 109 20.82 44.75 28.29
CA ALA A 109 21.06 45.45 29.55
C ALA A 109 21.61 44.53 30.64
N SER A 110 21.10 43.28 30.70
CA SER A 110 21.31 42.37 31.83
C SER A 110 22.57 41.50 31.73
N GLY A 111 23.24 41.49 30.57
CA GLY A 111 24.40 40.63 30.34
C GLY A 111 24.66 40.36 28.86
N LYS A 112 24.95 39.09 28.53
CA LYS A 112 25.26 38.64 27.17
C LYS A 112 24.19 37.65 26.70
N PRO A 113 23.40 37.98 25.63
CA PRO A 113 22.50 37.00 25.00
C PRO A 113 23.30 36.12 24.04
N ASN A 114 22.83 34.89 23.86
CA ASN A 114 23.48 33.93 22.99
C ASN A 114 22.45 33.37 22.00
N PHE A 115 22.01 34.21 21.08
CA PHE A 115 21.07 33.81 20.05
C PHE A 115 21.70 32.79 19.10
N SER A 116 20.88 31.85 18.62
CA SER A 116 21.29 30.78 17.72
C SER A 116 20.57 30.91 16.38
N PRO A 117 21.27 30.83 15.23
CA PRO A 117 20.63 30.97 13.91
C PRO A 117 19.39 30.10 13.71
N GLY A 118 18.29 30.76 13.32
CA GLY A 118 17.01 30.10 13.06
C GLY A 118 16.20 29.78 14.31
N ALA A 119 16.75 29.99 15.52
CA ALA A 119 15.99 29.75 16.75
C ALA A 119 14.91 30.82 16.94
N SER A 120 13.85 30.45 17.67
CA SER A 120 12.67 31.26 17.90
C SER A 120 12.59 31.68 19.37
N TYR A 121 12.47 32.99 19.62
CA TYR A 121 12.48 33.56 20.95
C TYR A 121 11.16 34.29 21.22
N THR A 122 10.55 34.08 22.40
CA THR A 122 9.43 34.93 22.79
C THR A 122 9.95 36.26 23.31
N ALA A 123 9.17 37.32 23.07
CA ALA A 123 9.47 38.67 23.53
C ALA A 123 8.19 39.34 24.00
N THR A 124 8.33 40.37 24.84
CA THR A 124 7.22 41.29 25.11
C THR A 124 7.69 42.68 24.70
N ILE A 125 6.95 43.32 23.78
CA ILE A 125 7.22 44.70 23.39
C ILE A 125 6.37 45.60 24.29
N TYR A 126 6.88 46.80 24.65
CA TYR A 126 6.12 47.77 25.42
C TYR A 126 6.05 49.11 24.68
N PHE A 127 4.87 49.75 24.75
CA PHE A 127 4.54 50.90 23.93
C PHE A 127 4.19 52.13 24.78
N SER A 128 4.28 53.33 24.17
CA SER A 128 4.13 54.61 24.86
C SER A 128 2.73 54.87 25.41
N ASN A 129 1.72 54.10 24.96
CA ASN A 129 0.38 54.12 25.53
C ASN A 129 0.25 53.25 26.80
N GLY A 130 1.37 52.69 27.29
CA GLY A 130 1.40 51.87 28.49
C GLY A 130 1.03 50.41 28.28
N GLN A 131 0.80 50.01 27.02
CA GLN A 131 0.45 48.64 26.66
C GLN A 131 1.69 47.76 26.49
N GLY A 132 1.58 46.48 26.86
CA GLY A 132 2.53 45.44 26.49
C GLY A 132 1.88 44.41 25.56
N ALA A 133 2.68 43.78 24.68
CA ALA A 133 2.17 42.79 23.73
C ALA A 133 3.14 41.64 23.54
N PRO A 134 2.69 40.36 23.59
CA PRO A 134 3.55 39.22 23.29
C PRO A 134 3.95 39.18 21.81
N ALA A 135 5.18 38.70 21.55
CA ALA A 135 5.70 38.60 20.19
C ALA A 135 6.63 37.38 20.07
N THR A 136 6.80 36.88 18.85
CA THR A 136 7.78 35.85 18.54
C THR A 136 8.82 36.44 17.59
N LEU A 137 10.11 36.22 17.86
CA LEU A 137 11.19 36.74 17.05
C LEU A 137 12.10 35.61 16.59
N ILE A 138 12.39 35.53 15.29
CA ILE A 138 13.28 34.52 14.74
C ILE A 138 14.65 35.15 14.48
N TYR A 139 15.71 34.60 15.08
CA TYR A 139 17.04 35.15 14.89
C TYR A 139 17.65 34.74 13.55
N GLN A 140 17.90 35.70 12.65
CA GLN A 140 18.36 35.44 11.29
C GLN A 140 19.87 35.22 11.21
N GLY A 141 20.64 35.66 12.22
CA GLY A 141 22.08 35.74 12.13
C GLY A 141 22.54 37.11 11.69
N LEU B 1 -23.01 101.33 93.49
CA LEU B 1 -21.71 101.62 92.81
C LEU B 1 -21.04 100.31 92.39
N SER B 2 -20.94 99.35 93.33
CA SER B 2 -20.19 98.09 93.22
C SER B 2 -20.42 97.33 91.90
N GLY B 3 -21.69 97.22 91.48
CA GLY B 3 -22.13 96.40 90.37
C GLY B 3 -21.43 96.71 89.04
N ALA B 4 -21.27 98.00 88.71
CA ALA B 4 -20.70 98.45 87.45
C ALA B 4 -19.20 98.15 87.39
N ILE B 5 -18.50 98.38 88.50
CA ILE B 5 -17.07 98.10 88.67
C ILE B 5 -16.77 96.63 88.43
N VAL B 6 -17.60 95.73 88.97
CA VAL B 6 -17.46 94.28 88.74
C VAL B 6 -17.72 93.93 87.28
N ALA B 7 -18.74 94.51 86.66
CA ALA B 7 -19.08 94.24 85.26
C ALA B 7 -17.93 94.60 84.33
N LEU B 8 -17.24 95.72 84.59
CA LEU B 8 -16.11 96.18 83.79
C LEU B 8 -14.93 95.19 83.83
N ILE B 9 -14.60 94.65 85.02
CA ILE B 9 -13.55 93.66 85.20
C ILE B 9 -13.85 92.39 84.41
N LEU B 10 -15.08 91.89 84.51
CA LEU B 10 -15.49 90.65 83.86
C LEU B 10 -15.62 90.79 82.34
N VAL B 11 -15.93 91.99 81.83
CA VAL B 11 -15.91 92.27 80.39
C VAL B 11 -14.49 92.14 79.84
N ILE B 12 -13.51 92.80 80.47
CA ILE B 12 -12.14 92.82 79.98
C ILE B 12 -11.50 91.42 80.08
N ALA B 13 -11.70 90.73 81.21
CA ALA B 13 -11.24 89.36 81.37
C ALA B 13 -11.84 88.42 80.32
N GLY B 14 -13.12 88.60 79.98
CA GLY B 14 -13.81 87.82 78.96
C GLY B 14 -13.13 87.90 77.59
N VAL B 15 -12.77 89.11 77.16
CA VAL B 15 -12.06 89.33 75.90
C VAL B 15 -10.71 88.60 75.92
N ILE B 16 -9.94 88.75 77.01
CA ILE B 16 -8.61 88.16 77.13
C ILE B 16 -8.66 86.63 77.05
N ILE B 17 -9.57 85.97 77.78
CA ILE B 17 -9.69 84.52 77.75
C ILE B 17 -10.20 84.03 76.39
N ALA B 18 -11.18 84.72 75.80
CA ALA B 18 -11.73 84.33 74.50
C ALA B 18 -10.66 84.35 73.40
N ILE B 19 -9.84 85.40 73.35
CA ILE B 19 -8.76 85.50 72.39
C ILE B 19 -7.72 84.38 72.61
N ALA B 20 -7.38 84.08 73.87
CA ALA B 20 -6.44 83.01 74.19
C ALA B 20 -6.90 81.64 73.67
N VAL B 21 -8.18 81.33 73.79
CA VAL B 21 -8.75 80.07 73.32
C VAL B 21 -8.73 79.98 71.79
N VAL B 22 -8.99 81.08 71.09
CA VAL B 22 -8.94 81.13 69.64
C VAL B 22 -7.51 80.89 69.14
N LEU B 23 -6.51 81.52 69.77
CA LEU B 23 -5.12 81.32 69.42
C LEU B 23 -4.68 79.88 69.69
N PHE B 24 -5.13 79.28 70.79
CA PHE B 24 -4.86 77.89 71.10
C PHE B 24 -5.34 76.94 70.00
N ALA B 25 -6.56 77.16 69.48
CA ALA B 25 -7.12 76.34 68.42
C ALA B 25 -6.23 76.36 67.16
N PHE B 26 -5.70 77.52 66.76
CA PHE B 26 -4.73 77.61 65.68
C PHE B 26 -3.38 76.97 66.05
N GLY B 27 -3.00 76.97 67.33
CA GLY B 27 -1.74 76.43 67.80
C GLY B 27 -1.66 74.90 67.82
N LEU B 28 -2.82 74.21 67.85
CA LEU B 28 -2.89 72.76 67.81
C LEU B 28 -2.41 72.18 66.48
N ILE B 29 -2.70 72.89 65.38
CA ILE B 29 -2.73 72.32 64.04
C ILE B 29 -1.44 71.59 63.65
N PRO B 30 -0.22 72.15 63.84
CA PRO B 30 1.03 71.44 63.54
C PRO B 30 1.13 70.04 64.11
N GLY B 31 0.67 69.84 65.35
CA GLY B 31 0.75 68.55 66.03
C GLY B 31 -0.06 67.43 65.38
N ILE B 32 -1.07 67.77 64.58
CA ILE B 32 -1.93 66.80 63.90
C ILE B 32 -1.14 66.08 62.80
N SER B 33 -0.17 66.75 62.16
CA SER B 33 0.58 66.26 61.00
C SER B 33 1.34 64.97 61.28
N ASN B 34 1.90 64.80 62.49
CA ASN B 34 2.81 63.71 62.82
C ASN B 34 2.14 62.34 62.86
N GLN B 35 0.80 62.30 62.96
CA GLN B 35 0.00 61.10 63.11
C GLN B 35 0.15 60.11 61.93
N GLY B 36 0.73 60.55 60.81
CA GLY B 36 0.86 59.73 59.61
C GLY B 36 2.30 59.47 59.17
N SER B 37 3.28 59.63 60.07
CA SER B 37 4.70 59.61 59.73
C SER B 37 5.21 58.27 59.19
N ILE B 38 4.54 57.16 59.54
CA ILE B 38 5.05 55.81 59.29
C ILE B 38 4.16 55.03 58.33
N GLN B 39 4.78 54.16 57.51
CA GLN B 39 4.06 53.10 56.83
C GLN B 39 4.90 51.82 56.74
N VAL B 40 4.20 50.68 56.67
CA VAL B 40 4.80 49.35 56.68
C VAL B 40 4.78 48.80 55.26
N LEU B 41 5.93 48.32 54.77
CA LEU B 41 6.10 47.93 53.37
C LEU B 41 6.24 46.40 53.25
N GLY B 42 5.35 45.78 52.46
CA GLY B 42 5.37 44.34 52.21
C GLY B 42 5.00 43.46 53.40
N SER B 43 5.11 42.14 53.22
CA SER B 43 4.95 41.18 54.29
C SER B 43 6.19 41.18 55.19
N GLY B 44 5.97 40.90 56.49
CA GLY B 44 7.04 40.58 57.42
C GLY B 44 7.10 39.09 57.71
N THR B 45 7.98 38.69 58.64
CA THR B 45 8.18 37.29 58.99
C THR B 45 8.19 37.11 60.50
N ILE B 46 7.51 36.08 61.01
CA ILE B 46 7.61 35.61 62.39
C ILE B 46 8.52 34.38 62.41
N THR B 47 9.35 34.24 63.47
CA THR B 47 10.21 33.08 63.65
C THR B 47 10.24 32.70 65.13
N ASN B 48 10.09 31.41 65.45
CA ASN B 48 10.23 30.93 66.81
C ASN B 48 11.69 31.07 67.25
N SER B 49 11.91 31.76 68.37
CA SER B 49 13.21 32.28 68.76
C SER B 49 13.72 31.67 70.08
N THR B 50 12.83 31.03 70.86
CA THR B 50 13.17 30.56 72.20
C THR B 50 14.16 29.40 72.19
N ALA B 51 15.06 29.38 73.19
CA ALA B 51 16.04 28.33 73.39
C ALA B 51 15.39 27.03 73.92
N SER B 52 16.07 25.91 73.67
CA SER B 52 15.64 24.57 74.06
C SER B 52 15.36 24.46 75.56
N GLY B 53 14.16 23.97 75.91
CA GLY B 53 13.74 23.76 77.29
C GLY B 53 13.34 25.02 78.06
N SER B 54 13.43 26.21 77.45
CA SER B 54 13.11 27.48 78.11
C SER B 54 11.60 27.62 78.35
N SER B 55 11.24 28.29 79.46
CA SER B 55 9.85 28.47 79.88
C SER B 55 9.09 29.43 78.98
N ARG B 56 9.73 30.55 78.60
CA ARG B 56 9.14 31.60 77.78
C ARG B 56 9.11 31.19 76.30
N THR B 57 7.93 31.25 75.67
CA THR B 57 7.87 31.32 74.21
C THR B 57 8.18 32.75 73.77
N ILE B 58 9.15 32.91 72.85
CA ILE B 58 9.57 34.21 72.33
C ILE B 58 9.72 34.07 70.82
N TYR B 59 9.25 35.09 70.07
CA TYR B 59 9.31 35.08 68.63
C TYR B 59 10.06 36.32 68.12
N ASN B 60 10.79 36.12 67.02
CA ASN B 60 11.42 37.23 66.32
C ASN B 60 10.49 37.70 65.23
N ILE B 61 10.25 39.01 65.17
CA ILE B 61 9.43 39.58 64.12
C ILE B 61 10.29 40.54 63.30
N THR B 62 10.20 40.45 61.97
CA THR B 62 10.93 41.34 61.07
C THR B 62 9.97 41.94 60.05
N ILE B 63 10.03 43.28 59.86
CA ILE B 63 9.19 44.03 58.92
C ILE B 63 10.01 45.17 58.32
N THR B 64 9.66 45.63 57.11
CA THR B 64 10.22 46.87 56.60
C THR B 64 9.33 48.04 56.99
N VAL B 65 9.92 49.06 57.62
CA VAL B 65 9.19 50.25 58.04
C VAL B 65 9.86 51.48 57.43
N LYS B 66 9.02 52.41 56.91
CA LYS B 66 9.47 53.67 56.35
C LYS B 66 9.03 54.81 57.27
N ASN B 67 9.97 55.66 57.69
CA ASN B 67 9.69 56.84 58.48
C ASN B 67 9.82 58.08 57.57
N THR B 68 8.80 58.95 57.59
CA THR B 68 8.76 60.17 56.79
C THR B 68 8.64 61.43 57.65
N GLY B 69 8.65 61.27 58.98
CA GLY B 69 8.63 62.38 59.91
C GLY B 69 10.00 63.06 60.03
N THR B 70 10.11 63.96 61.01
CA THR B 70 11.33 64.71 61.27
C THR B 70 12.07 64.23 62.53
N THR B 71 11.58 63.13 63.14
CA THR B 71 12.10 62.57 64.39
C THR B 71 12.09 61.04 64.34
N SER B 72 12.97 60.39 65.14
CA SER B 72 12.95 58.95 65.31
C SER B 72 11.67 58.50 66.00
N ILE B 73 11.15 57.32 65.60
CA ILE B 73 9.92 56.75 66.12
C ILE B 73 10.20 55.29 66.47
N SER B 74 9.54 54.76 67.52
CA SER B 74 9.77 53.39 68.00
C SER B 74 8.48 52.56 68.01
N VAL B 75 8.62 51.23 67.94
CA VAL B 75 7.49 50.31 68.07
C VAL B 75 7.08 50.23 69.54
N THR B 76 5.76 50.25 69.83
CA THR B 76 5.27 50.24 71.22
C THR B 76 4.42 49.01 71.54
N SER B 77 3.69 48.48 70.54
CA SER B 77 2.86 47.29 70.72
C SER B 77 2.61 46.61 69.37
N ILE B 78 2.25 45.32 69.42
CA ILE B 78 1.75 44.60 68.26
C ILE B 78 0.57 43.73 68.67
N ASN B 79 -0.44 43.66 67.80
CA ASN B 79 -1.55 42.73 67.93
C ASN B 79 -1.48 41.78 66.73
N ILE B 80 -1.40 40.46 66.97
CA ILE B 80 -1.25 39.47 65.89
C ILE B 80 -2.44 38.53 65.91
N ASN B 81 -3.18 38.43 64.80
CA ASN B 81 -4.30 37.48 64.67
C ASN B 81 -5.38 37.73 65.73
N GLY B 82 -5.43 38.95 66.31
CA GLY B 82 -6.36 39.32 67.37
C GLY B 82 -5.76 39.26 68.78
N GLN B 83 -4.68 38.49 68.98
CA GLN B 83 -3.99 38.38 70.26
C GLN B 83 -3.14 39.62 70.51
N PRO B 84 -3.22 40.26 71.70
CA PRO B 84 -2.19 41.23 72.12
C PRO B 84 -0.91 40.51 72.52
N PHE B 85 0.22 41.08 72.08
CA PHE B 85 1.55 40.60 72.42
C PHE B 85 2.32 41.66 73.20
N ASN B 86 3.18 41.19 74.10
CA ASN B 86 4.13 42.01 74.82
C ASN B 86 5.45 42.06 74.03
N ILE B 87 6.18 43.18 74.11
CA ILE B 87 7.45 43.34 73.42
C ILE B 87 8.59 43.18 74.41
N ASN B 88 9.59 42.38 74.04
CA ASN B 88 10.60 42.06 75.03
C ASN B 88 11.86 42.90 74.81
N GLY B 89 12.54 43.27 75.90
CA GLY B 89 13.74 44.10 75.88
C GLY B 89 13.46 45.54 75.46
N THR B 90 14.47 46.19 74.86
CA THR B 90 14.31 47.51 74.26
C THR B 90 13.49 47.43 72.98
N ALA B 91 12.58 48.41 72.80
CA ALA B 91 11.91 48.61 71.53
C ALA B 91 12.92 49.01 70.45
N PRO B 92 12.70 48.62 69.17
CA PRO B 92 13.50 49.16 68.06
C PRO B 92 13.00 50.56 67.70
N SER B 93 13.81 51.29 66.92
CA SER B 93 13.42 52.60 66.43
C SER B 93 13.88 52.80 64.98
N ILE B 94 13.15 53.65 64.24
CA ILE B 94 13.43 53.94 62.85
C ILE B 94 13.90 55.39 62.76
N PRO B 95 15.15 55.66 62.30
CA PRO B 95 15.66 57.03 62.13
C PRO B 95 14.78 57.87 61.21
N ALA B 96 14.84 59.19 61.38
CA ALA B 96 13.84 60.13 60.88
C ALA B 96 13.52 59.99 59.38
N GLY B 97 14.55 59.93 58.52
CA GLY B 97 14.32 59.97 57.08
C GLY B 97 14.44 58.64 56.35
N ARG B 98 14.50 57.50 57.09
CA ARG B 98 15.00 56.24 56.54
C ARG B 98 13.92 55.18 56.36
N THR B 99 14.21 54.21 55.47
CA THR B 99 13.44 52.99 55.29
C THR B 99 14.33 51.80 55.65
N GLN B 100 13.87 50.91 56.55
CA GLN B 100 14.71 49.83 57.05
C GLN B 100 13.90 48.58 57.35
N PRO B 101 14.46 47.36 57.11
CA PRO B 101 14.05 46.17 57.85
C PRO B 101 14.39 46.35 59.34
N ILE B 102 13.36 46.20 60.18
CA ILE B 102 13.41 46.34 61.63
C ILE B 102 13.12 44.96 62.24
N THR B 103 13.90 44.54 63.25
CA THR B 103 13.68 43.27 63.94
C THR B 103 13.49 43.48 65.45
N PHE B 104 12.53 42.75 66.05
CA PHE B 104 12.27 42.82 67.49
C PHE B 104 11.69 41.50 68.01
N GLU B 105 11.76 41.32 69.35
CA GLU B 105 11.31 40.11 70.02
C GLU B 105 9.96 40.36 70.72
N VAL B 106 9.06 39.37 70.63
CA VAL B 106 7.74 39.47 71.25
C VAL B 106 7.37 38.18 71.98
N THR B 107 6.46 38.30 72.95
CA THR B 107 5.96 37.17 73.72
C THR B 107 4.46 37.35 73.96
N PRO B 108 3.62 36.30 73.88
CA PRO B 108 2.17 36.49 73.93
C PRO B 108 1.67 36.86 75.33
N ALA B 109 0.69 37.77 75.38
CA ALA B 109 0.12 38.25 76.63
C ALA B 109 -1.16 37.51 77.02
N SER B 110 -2.01 37.17 76.03
CA SER B 110 -3.38 36.71 76.26
C SER B 110 -3.52 35.18 76.42
N GLY B 111 -2.45 34.42 76.15
CA GLY B 111 -2.51 32.96 76.20
C GLY B 111 -1.41 32.29 75.36
N LYS B 112 -1.79 31.26 74.60
CA LYS B 112 -0.89 30.49 73.76
C LYS B 112 -1.27 30.64 72.28
N PRO B 113 -0.40 31.24 71.42
CA PRO B 113 -0.63 31.24 69.97
C PRO B 113 -0.17 29.91 69.38
N ASN B 114 -0.81 29.50 68.28
CA ASN B 114 -0.51 28.26 67.61
C ASN B 114 -0.24 28.53 66.13
N PHE B 115 0.89 29.19 65.85
CA PHE B 115 1.29 29.47 64.48
C PHE B 115 1.62 28.18 63.73
N SER B 116 1.31 28.18 62.42
CA SER B 116 1.52 27.04 61.53
C SER B 116 2.52 27.41 60.44
N PRO B 117 3.55 26.58 60.16
CA PRO B 117 4.56 26.90 59.13
C PRO B 117 3.97 27.32 57.78
N GLY B 118 4.42 28.48 57.31
CA GLY B 118 4.00 29.04 56.03
C GLY B 118 2.64 29.76 56.06
N ALA B 119 1.91 29.69 57.18
CA ALA B 119 0.63 30.39 57.28
C ALA B 119 0.84 31.91 57.39
N SER B 120 -0.17 32.66 56.95
CA SER B 120 -0.14 34.11 56.87
C SER B 120 -1.12 34.73 57.88
N TYR B 121 -0.62 35.65 58.72
CA TYR B 121 -1.37 36.24 59.81
C TYR B 121 -1.46 37.74 59.62
N THR B 122 -2.65 38.35 59.80
CA THR B 122 -2.73 39.80 59.86
C THR B 122 -2.29 40.28 61.24
N ALA B 123 -1.68 41.46 61.27
CA ALA B 123 -1.24 42.11 62.50
C ALA B 123 -1.50 43.62 62.41
N THR B 124 -1.59 44.28 63.56
CA THR B 124 -1.52 45.73 63.61
C THR B 124 -0.32 46.11 64.47
N ILE B 125 0.62 46.88 63.89
CA ILE B 125 1.76 47.40 64.64
C ILE B 125 1.36 48.78 65.18
N TYR B 126 1.84 49.16 66.38
CA TYR B 126 1.61 50.47 66.95
C TYR B 126 2.92 51.17 67.28
N PHE B 127 2.98 52.48 67.01
CA PHE B 127 4.21 53.25 67.03
C PHE B 127 4.13 54.43 68.02
N SER B 128 5.30 54.93 68.45
CA SER B 128 5.43 55.94 69.50
C SER B 128 4.84 57.31 69.14
N ASN B 129 4.55 57.55 67.85
CA ASN B 129 3.83 58.73 67.39
C ASN B 129 2.30 58.56 67.51
N GLY B 130 1.83 57.46 68.11
CA GLY B 130 0.41 57.21 68.33
C GLY B 130 -0.31 56.58 67.12
N GLN B 131 0.43 56.29 66.06
CA GLN B 131 -0.10 55.68 64.84
C GLN B 131 -0.19 54.16 64.95
N GLY B 132 -1.23 53.57 64.33
CA GLY B 132 -1.31 52.13 64.07
C GLY B 132 -1.27 51.86 62.57
N ALA B 133 -0.75 50.67 62.18
CA ALA B 133 -0.64 50.31 60.77
C ALA B 133 -0.93 48.82 60.55
N PRO B 134 -1.78 48.44 59.55
CA PRO B 134 -1.99 47.03 59.23
C PRO B 134 -0.74 46.40 58.61
N ALA B 135 -0.53 45.11 58.89
CA ALA B 135 0.61 44.35 58.38
C ALA B 135 0.23 42.89 58.15
N THR B 136 0.98 42.22 57.27
CA THR B 136 0.85 40.78 57.07
C THR B 136 2.16 40.12 57.49
N LEU B 137 2.10 39.03 58.26
CA LEU B 137 3.27 38.33 58.75
C LEU B 137 3.20 36.86 58.35
N ILE B 138 4.27 36.32 57.75
CA ILE B 138 4.33 34.91 57.37
C ILE B 138 5.17 34.16 58.40
N TYR B 139 4.61 33.12 59.03
CA TYR B 139 5.34 32.37 60.03
C TYR B 139 6.32 31.38 59.39
N GLN B 140 7.63 31.57 59.61
CA GLN B 140 8.67 30.77 58.96
C GLN B 140 8.94 29.44 59.68
N GLY B 141 8.52 29.31 60.94
CA GLY B 141 8.94 28.20 61.79
C GLY B 141 10.15 28.57 62.62
N LEU C 1 -22.93 91.24 81.07
CA LEU C 1 -22.40 91.90 79.84
C LEU C 1 -21.41 90.96 79.15
N SER C 2 -20.46 90.40 79.93
CA SER C 2 -19.34 89.57 79.48
C SER C 2 -19.70 88.48 78.47
N GLY C 3 -20.81 87.76 78.73
CA GLY C 3 -21.23 86.58 77.98
C GLY C 3 -21.39 86.82 76.47
N ALA C 4 -22.02 87.94 76.09
CA ALA C 4 -22.32 88.26 74.70
C ALA C 4 -21.05 88.60 73.92
N ILE C 5 -20.15 89.36 74.55
CA ILE C 5 -18.85 89.74 74.01
C ILE C 5 -18.01 88.50 73.67
N VAL C 6 -18.00 87.50 74.56
CA VAL C 6 -17.30 86.24 74.31
C VAL C 6 -17.95 85.46 73.17
N ALA C 7 -19.28 85.41 73.12
CA ALA C 7 -20.00 84.70 72.06
C ALA C 7 -19.66 85.27 70.68
N LEU C 8 -19.56 86.60 70.56
CA LEU C 8 -19.23 87.27 69.31
C LEU C 8 -17.83 86.88 68.79
N ILE C 9 -16.83 86.82 69.68
CA ILE C 9 -15.47 86.43 69.33
C ILE C 9 -15.43 84.99 68.80
N LEU C 10 -16.11 84.07 69.50
CA LEU C 10 -16.11 82.66 69.14
C LEU C 10 -16.93 82.36 67.88
N VAL C 11 -17.94 83.18 67.56
CA VAL C 11 -18.67 83.09 66.30
C VAL C 11 -17.74 83.42 65.12
N ILE C 12 -17.03 84.55 65.19
CA ILE C 12 -16.18 85.00 64.10
C ILE C 12 -14.98 84.06 63.89
N ALA C 13 -14.34 83.63 64.99
CA ALA C 13 -13.27 82.64 64.93
C ALA C 13 -13.73 81.32 64.31
N GLY C 14 -14.96 80.88 64.64
CA GLY C 14 -15.55 79.67 64.09
C GLY C 14 -15.65 79.69 62.56
N VAL C 15 -16.12 80.80 61.99
CA VAL C 15 -16.19 80.98 60.54
C VAL C 15 -14.80 80.89 59.92
N ILE C 16 -13.81 81.59 60.49
CA ILE C 16 -12.45 81.62 59.96
C ILE C 16 -11.81 80.23 59.94
N ILE C 17 -11.90 79.46 61.03
CA ILE C 17 -11.33 78.12 61.09
C ILE C 17 -12.07 77.15 60.15
N ALA C 18 -13.40 77.23 60.09
CA ALA C 18 -14.19 76.36 59.23
C ALA C 18 -13.83 76.54 57.75
N ILE C 19 -13.71 77.80 57.29
CA ILE C 19 -13.32 78.09 55.93
C ILE C 19 -11.89 77.58 55.63
N ALA C 20 -10.97 77.74 56.58
CA ALA C 20 -9.60 77.27 56.43
C ALA C 20 -9.53 75.75 56.20
N VAL C 21 -10.34 74.97 56.94
CA VAL C 21 -10.38 73.52 56.81
C VAL C 21 -10.96 73.09 55.46
N VAL C 22 -11.98 73.79 54.97
CA VAL C 22 -12.57 73.50 53.66
C VAL C 22 -11.56 73.75 52.54
N LEU C 23 -10.82 74.87 52.60
CA LEU C 23 -9.78 75.17 51.63
C LEU C 23 -8.65 74.15 51.67
N PHE C 24 -8.26 73.69 52.86
CA PHE C 24 -7.26 72.65 53.02
C PHE C 24 -7.66 71.36 52.31
N ALA C 25 -8.92 70.93 52.44
CA ALA C 25 -9.42 69.73 51.78
C ALA C 25 -9.27 69.80 50.25
N PHE C 26 -9.57 70.95 49.63
CA PHE C 26 -9.31 71.16 48.21
C PHE C 26 -7.81 71.24 47.89
N GLY C 27 -6.98 71.70 48.83
CA GLY C 27 -5.54 71.84 48.64
C GLY C 27 -4.76 70.52 48.65
N LEU C 28 -5.32 69.46 49.24
CA LEU C 28 -4.71 68.13 49.26
C LEU C 28 -4.62 67.51 47.86
N ILE C 29 -5.65 67.74 47.04
CA ILE C 29 -5.97 66.91 45.89
C ILE C 29 -4.79 66.69 44.94
N PRO C 30 -4.02 67.72 44.51
CA PRO C 30 -2.86 67.54 43.64
C PRO C 30 -1.86 66.48 44.12
N GLY C 31 -1.61 66.40 45.43
CA GLY C 31 -0.65 65.47 46.01
C GLY C 31 -1.03 63.99 45.85
N ILE C 32 -2.32 63.70 45.63
CA ILE C 32 -2.81 62.33 45.46
C ILE C 32 -2.32 61.75 44.13
N SER C 33 -2.15 62.59 43.09
CA SER C 33 -1.83 62.18 41.72
C SER C 33 -0.51 61.41 41.61
N ASN C 34 0.51 61.78 42.40
CA ASN C 34 1.86 61.27 42.28
C ASN C 34 2.00 59.80 42.66
N GLN C 35 1.02 59.24 43.39
CA GLN C 35 1.02 57.88 43.92
C GLN C 35 1.11 56.80 42.83
N GLY C 36 0.88 57.16 41.56
CA GLY C 36 0.85 56.20 40.45
C GLY C 36 1.91 56.44 39.38
N SER C 37 2.98 57.20 39.70
CA SER C 37 3.95 57.67 38.71
C SER C 37 4.74 56.57 38.03
N ILE C 38 4.90 55.40 38.67
CA ILE C 38 5.82 54.35 38.22
C ILE C 38 5.08 53.07 37.81
N GLN C 39 5.63 52.37 36.81
CA GLN C 39 5.28 50.98 36.57
C GLN C 39 6.49 50.16 36.11
N VAL C 40 6.45 48.86 36.41
CA VAL C 40 7.54 47.93 36.15
C VAL C 40 7.19 47.09 34.91
N LEU C 41 8.11 47.03 33.94
CA LEU C 41 7.83 46.41 32.64
C LEU C 41 8.60 45.10 32.49
N GLY C 42 7.87 43.99 32.24
CA GLY C 42 8.46 42.66 32.02
C GLY C 42 9.08 42.03 33.27
N SER C 43 9.70 40.86 33.07
CA SER C 43 10.49 40.20 34.09
C SER C 43 11.82 40.91 34.30
N GLY C 44 12.33 40.89 35.54
CA GLY C 44 13.70 41.26 35.84
C GLY C 44 14.57 40.03 36.10
N THR C 45 15.83 40.26 36.47
CA THR C 45 16.79 39.18 36.71
C THR C 45 17.50 39.39 38.04
N ILE C 46 17.68 38.31 38.83
CA ILE C 46 18.56 38.27 39.99
C ILE C 46 19.86 37.56 39.60
N THR C 47 21.00 38.01 40.12
CA THR C 47 22.29 37.38 39.87
C THR C 47 23.12 37.41 41.16
N ASN C 48 23.74 36.29 41.53
CA ASN C 48 24.65 36.23 42.66
C ASN C 48 25.90 37.05 42.35
N SER C 49 26.21 38.02 43.21
CA SER C 49 27.16 39.09 42.92
C SER C 49 28.38 39.07 43.84
N THR C 50 28.32 38.33 44.96
CA THR C 50 29.36 38.37 45.98
C THR C 50 30.67 37.74 45.51
N ALA C 51 31.80 38.33 45.96
CA ALA C 51 33.14 37.84 45.67
C ALA C 51 33.48 36.57 46.45
N SER C 52 34.43 35.79 45.92
CA SER C 52 34.89 34.53 46.49
C SER C 52 35.36 34.67 47.95
N GLY C 53 34.80 33.84 48.84
CA GLY C 53 35.16 33.81 50.26
C GLY C 53 34.55 34.93 51.11
N SER C 54 33.81 35.87 50.50
CA SER C 54 33.24 37.02 51.22
C SER C 54 32.11 36.60 52.15
N SER C 55 31.98 37.28 53.30
CA SER C 55 31.00 37.00 54.34
C SER C 55 29.56 37.32 53.90
N ARG C 56 29.39 38.48 53.24
CA ARG C 56 28.09 38.97 52.79
C ARG C 56 27.64 38.25 51.51
N THR C 57 26.42 37.68 51.53
CA THR C 57 25.74 37.37 50.27
C THR C 57 25.12 38.65 49.72
N ILE C 58 25.42 38.97 48.46
CA ILE C 58 24.92 40.17 47.78
C ILE C 58 24.46 39.75 46.38
N TYR C 59 23.31 40.28 45.94
CA TYR C 59 22.75 39.97 44.64
C TYR C 59 22.53 41.24 43.82
N ASN C 60 22.73 41.10 42.51
CA ASN C 60 22.41 42.17 41.58
C ASN C 60 21.01 41.95 41.06
N ILE C 61 20.18 42.99 41.10
CA ILE C 61 18.84 42.92 40.56
C ILE C 61 18.71 43.92 39.43
N THR C 62 18.13 43.50 38.31
CA THR C 62 17.90 44.36 37.14
C THR C 62 16.45 44.26 36.71
N ILE C 63 15.79 45.42 36.50
CA ILE C 63 14.39 45.53 36.07
C ILE C 63 14.24 46.72 35.12
N THR C 64 13.24 46.70 34.23
CA THR C 64 12.89 47.91 33.50
C THR C 64 11.80 48.67 34.26
N VAL C 65 12.05 49.97 34.51
CA VAL C 65 11.11 50.81 35.21
C VAL C 65 10.78 52.03 34.33
N LYS C 66 9.49 52.38 34.26
CA LYS C 66 9.01 53.56 33.54
C LYS C 66 8.52 54.60 34.55
N ASN C 67 9.05 55.83 34.44
CA ASN C 67 8.59 56.95 35.25
C ASN C 67 7.74 57.87 34.38
N THR C 68 6.55 58.24 34.88
CA THR C 68 5.61 59.11 34.18
C THR C 68 5.29 60.38 34.98
N GLY C 69 5.94 60.55 36.14
CA GLY C 69 5.79 61.76 36.94
C GLY C 69 6.59 62.94 36.38
N THR C 70 6.67 64.01 37.17
CA THR C 70 7.38 65.23 36.80
C THR C 70 8.70 65.39 37.55
N THR C 71 9.09 64.37 38.34
CA THR C 71 10.29 64.38 39.19
C THR C 71 10.98 63.01 39.18
N SER C 72 12.28 62.98 39.45
CA SER C 72 13.03 61.74 39.63
C SER C 72 12.52 60.98 40.87
N ILE C 73 12.50 59.65 40.78
CA ILE C 73 12.03 58.75 41.85
C ILE C 73 13.07 57.66 42.04
N SER C 74 13.26 57.17 43.28
CA SER C 74 14.28 56.17 43.61
C SER C 74 13.66 54.91 44.25
N VAL C 75 14.36 53.78 44.14
CA VAL C 75 13.97 52.55 44.81
C VAL C 75 14.31 52.66 46.30
N THR C 76 13.40 52.21 47.19
CA THR C 76 13.61 52.33 48.63
C THR C 76 13.65 50.98 49.35
N SER C 77 12.92 49.98 48.84
CA SER C 77 12.90 48.64 49.41
C SER C 77 12.46 47.61 48.37
N ILE C 78 12.80 46.33 48.60
CA ILE C 78 12.26 45.23 47.83
C ILE C 78 11.92 44.08 48.77
N ASN C 79 10.80 43.40 48.51
CA ASN C 79 10.44 42.17 49.15
C ASN C 79 10.43 41.07 48.08
N ILE C 80 11.20 39.99 48.27
CA ILE C 80 11.33 38.93 47.27
C ILE C 80 10.85 37.61 47.88
N ASN C 81 9.87 36.96 47.26
CA ASN C 81 9.38 35.65 47.69
C ASN C 81 8.87 35.68 49.15
N GLY C 82 8.51 36.87 49.66
CA GLY C 82 8.05 37.07 51.03
C GLY C 82 9.13 37.60 51.98
N GLN C 83 10.41 37.39 51.64
CA GLN C 83 11.54 37.88 52.44
C GLN C 83 11.73 39.39 52.23
N PRO C 84 11.88 40.21 53.31
CA PRO C 84 12.40 41.56 53.16
C PRO C 84 13.90 41.54 52.89
N PHE C 85 14.32 42.41 51.96
CA PHE C 85 15.73 42.59 51.62
C PHE C 85 16.15 44.02 51.92
N ASN C 86 17.42 44.17 52.30
CA ASN C 86 18.08 45.45 52.46
C ASN C 86 18.75 45.84 51.15
N ILE C 87 18.82 47.14 50.84
CA ILE C 87 19.45 47.64 49.62
C ILE C 87 20.83 48.19 49.94
N ASN C 88 21.83 47.81 49.14
CA ASN C 88 23.17 48.16 49.53
C ASN C 88 23.67 49.36 48.72
N GLY C 89 24.50 50.22 49.34
CA GLY C 89 25.02 51.44 48.73
C GLY C 89 23.95 52.49 48.47
N THR C 90 24.18 53.33 47.45
CA THR C 90 23.19 54.30 46.99
C THR C 90 22.04 53.59 46.27
N ALA C 91 20.81 54.04 46.53
CA ALA C 91 19.66 53.65 45.73
C ALA C 91 19.81 54.16 44.30
N PRO C 92 19.28 53.42 43.29
CA PRO C 92 19.18 53.96 41.93
C PRO C 92 17.99 54.90 41.84
N SER C 93 17.95 55.70 40.75
CA SER C 93 16.82 56.58 40.48
C SER C 93 16.48 56.60 39.00
N ILE C 94 15.21 56.88 38.68
CA ILE C 94 14.70 56.92 37.33
C ILE C 94 14.35 58.37 37.00
N PRO C 95 15.01 59.01 36.00
CA PRO C 95 14.69 60.38 35.58
C PRO C 95 13.23 60.55 35.18
N ALA C 96 12.73 61.79 35.28
CA ALA C 96 11.30 62.09 35.32
C ALA C 96 10.49 61.49 34.15
N GLY C 97 10.95 61.65 32.90
CA GLY C 97 10.14 61.26 31.75
C GLY C 97 10.56 59.94 31.07
N ARG C 98 11.45 59.15 31.71
CA ARG C 98 12.20 58.10 31.00
C ARG C 98 11.77 56.68 31.39
N THR C 99 12.08 55.73 30.49
CA THR C 99 11.98 54.30 30.70
C THR C 99 13.38 53.69 30.61
N GLN C 100 13.82 52.94 31.65
CA GLN C 100 15.18 52.43 31.69
C GLN C 100 15.27 51.07 32.36
N PRO C 101 16.17 50.17 31.90
CA PRO C 101 16.72 49.13 32.76
C PRO C 101 17.53 49.77 33.89
N ILE C 102 17.15 49.43 35.13
CA ILE C 102 17.73 49.91 36.37
C ILE C 102 18.40 48.72 37.06
N THR C 103 19.62 48.90 37.59
CA THR C 103 20.33 47.86 38.32
C THR C 103 20.72 48.32 39.73
N PHE C 104 20.57 47.43 40.72
CA PHE C 104 20.94 47.73 42.11
C PHE C 104 21.33 46.46 42.86
N GLU C 105 22.03 46.64 44.00
CA GLU C 105 22.52 45.54 44.82
C GLU C 105 21.67 45.39 46.09
N VAL C 106 21.38 44.12 46.46
CA VAL C 106 20.57 43.83 47.63
C VAL C 106 21.20 42.71 48.47
N THR C 107 20.83 42.66 49.75
CA THR C 107 21.31 41.65 50.69
C THR C 107 20.15 41.27 51.62
N PRO C 108 19.95 39.98 51.97
CA PRO C 108 18.77 39.57 52.72
C PRO C 108 18.79 40.03 54.17
N ALA C 109 17.62 40.45 54.66
CA ALA C 109 17.49 40.93 56.03
C ALA C 109 16.99 39.84 57.00
N SER C 110 16.09 38.97 56.54
CA SER C 110 15.32 38.07 57.41
C SER C 110 16.00 36.70 57.63
N GLY C 111 17.09 36.39 56.90
CA GLY C 111 17.73 35.09 57.00
C GLY C 111 18.55 34.75 55.75
N LYS C 112 18.43 33.50 55.28
CA LYS C 112 19.15 32.98 54.11
C LYS C 112 18.15 32.63 53.00
N PRO C 113 18.18 33.30 51.82
CA PRO C 113 17.38 32.86 50.66
C PRO C 113 18.12 31.73 49.95
N ASN C 114 17.35 30.86 49.29
CA ASN C 114 17.89 29.71 48.57
C ASN C 114 17.35 29.72 47.15
N PHE C 115 17.79 30.70 46.35
CA PHE C 115 17.39 30.78 44.96
C PHE C 115 17.94 29.60 44.15
N SER C 116 17.15 29.17 43.16
CA SER C 116 17.48 28.04 42.29
C SER C 116 17.62 28.51 40.84
N PRO C 117 18.69 28.13 40.11
CA PRO C 117 18.89 28.57 38.72
C PRO C 117 17.67 28.39 37.82
N GLY C 118 17.28 29.49 37.17
CA GLY C 118 16.15 29.51 36.25
C GLY C 118 14.77 29.59 36.91
N ALA C 119 14.70 29.51 38.26
CA ALA C 119 13.42 29.64 38.96
C ALA C 119 12.92 31.08 38.93
N SER C 120 11.60 31.23 39.02
CA SER C 120 10.91 32.51 38.91
C SER C 120 10.30 32.89 40.26
N TYR C 121 10.61 34.10 40.74
CA TYR C 121 10.19 34.59 42.05
C TYR C 121 9.35 35.84 41.91
N THR C 122 8.21 35.92 42.63
CA THR C 122 7.50 37.19 42.70
C THR C 122 8.18 38.13 43.69
N ALA C 123 8.12 39.43 43.41
CA ALA C 123 8.68 40.46 44.26
C ALA C 123 7.73 41.66 44.30
N THR C 124 7.84 42.50 45.33
CA THR C 124 7.23 43.81 45.32
C THR C 124 8.35 44.83 45.49
N ILE C 125 8.49 45.75 44.52
CA ILE C 125 9.44 46.85 44.62
C ILE C 125 8.70 48.04 45.27
N TYR C 126 9.40 48.85 46.07
CA TYR C 126 8.85 50.05 46.66
C TYR C 126 9.68 51.27 46.31
N PHE C 127 9.00 52.39 46.03
CA PHE C 127 9.61 53.57 45.45
C PHE C 127 9.42 54.82 46.34
N SER C 128 10.27 55.84 46.13
CA SER C 128 10.34 57.02 46.98
C SER C 128 9.08 57.91 46.93
N ASN C 129 8.21 57.70 45.92
CA ASN C 129 6.90 58.34 45.86
C ASN C 129 5.84 57.61 46.71
N GLY C 130 6.24 56.60 47.48
CA GLY C 130 5.35 55.85 48.35
C GLY C 130 4.58 54.71 47.66
N GLN C 131 4.84 54.50 46.37
CA GLN C 131 4.19 53.46 45.57
C GLN C 131 4.89 52.11 45.73
N GLY C 132 4.10 51.02 45.70
CA GLY C 132 4.60 49.66 45.52
C GLY C 132 4.13 49.07 44.20
N ALA C 133 4.92 48.16 43.62
CA ALA C 133 4.58 47.54 42.34
C ALA C 133 4.97 46.06 42.30
N PRO C 134 4.07 45.14 41.85
CA PRO C 134 4.42 43.73 41.69
C PRO C 134 5.42 43.52 40.55
N ALA C 135 6.31 42.55 40.72
CA ALA C 135 7.33 42.22 39.72
C ALA C 135 7.63 40.72 39.73
N THR C 136 8.16 40.22 38.60
CA THR C 136 8.65 38.84 38.51
C THR C 136 10.15 38.89 38.26
N LEU C 137 10.93 38.09 38.99
CA LEU C 137 12.37 38.06 38.86
C LEU C 137 12.84 36.63 38.57
N ILE C 138 13.68 36.45 37.53
CA ILE C 138 14.22 35.14 37.19
C ILE C 138 15.66 35.06 37.69
N TYR C 139 15.98 34.07 38.53
CA TYR C 139 17.33 33.94 39.06
C TYR C 139 18.27 33.31 38.04
N GLN C 140 19.29 34.05 37.59
CA GLN C 140 20.21 33.61 36.54
C GLN C 140 21.33 32.72 37.05
N GLY C 141 21.60 32.73 38.36
CA GLY C 141 22.80 32.11 38.91
C GLY C 141 23.92 33.12 39.06
N LEU D 1 -22.68 66.49 61.20
CA LEU D 1 -23.82 66.42 60.23
C LEU D 1 -23.28 66.00 58.87
N SER D 2 -22.19 66.65 58.41
CA SER D 2 -21.57 66.54 57.09
C SER D 2 -21.37 65.09 56.60
N GLY D 3 -20.89 64.21 57.49
CA GLY D 3 -20.49 62.84 57.17
C GLY D 3 -21.58 61.99 56.52
N ALA D 4 -22.81 62.07 57.05
CA ALA D 4 -23.93 61.27 56.59
C ALA D 4 -24.41 61.71 55.19
N ILE D 5 -24.45 63.03 54.97
CA ILE D 5 -24.80 63.65 53.70
C ILE D 5 -23.84 63.19 52.59
N VAL D 6 -22.54 63.14 52.87
CA VAL D 6 -21.55 62.65 51.92
C VAL D 6 -21.74 61.15 51.64
N ALA D 7 -22.00 60.35 52.68
CA ALA D 7 -22.21 58.92 52.53
C ALA D 7 -23.40 58.61 51.60
N LEU D 8 -24.49 59.39 51.72
CA LEU D 8 -25.68 59.22 50.89
C LEU D 8 -25.39 59.47 49.40
N ILE D 9 -24.62 60.51 49.07
CA ILE D 9 -24.23 60.84 47.71
C ILE D 9 -23.41 59.70 47.10
N LEU D 10 -22.42 59.19 47.85
CA LEU D 10 -21.51 58.16 47.35
C LEU D 10 -22.19 56.79 47.24
N VAL D 11 -23.22 56.52 48.05
CA VAL D 11 -24.03 55.31 47.91
C VAL D 11 -24.78 55.33 46.58
N ILE D 12 -25.49 56.42 46.27
CA ILE D 12 -26.30 56.51 45.07
C ILE D 12 -25.44 56.50 43.81
N ALA D 13 -24.34 57.25 43.81
CA ALA D 13 -23.38 57.24 42.72
C ALA D 13 -22.79 55.85 42.48
N GLY D 14 -22.51 55.10 43.56
CA GLY D 14 -22.00 53.74 43.47
C GLY D 14 -22.92 52.80 42.71
N VAL D 15 -24.23 52.84 43.00
CA VAL D 15 -25.22 52.05 42.29
C VAL D 15 -25.23 52.41 40.80
N ILE D 16 -25.25 53.69 40.46
CA ILE D 16 -25.31 54.16 39.09
C ILE D 16 -24.09 53.69 38.27
N ILE D 17 -22.87 53.84 38.79
CA ILE D 17 -21.67 53.40 38.09
C ILE D 17 -21.61 51.87 37.98
N ALA D 18 -21.98 51.14 39.03
CA ALA D 18 -21.96 49.68 39.00
C ALA D 18 -22.90 49.12 37.94
N ILE D 19 -24.13 49.65 37.84
CA ILE D 19 -25.07 49.23 36.81
C ILE D 19 -24.54 49.55 35.41
N ALA D 20 -23.94 50.73 35.22
CA ALA D 20 -23.36 51.11 33.93
C ALA D 20 -22.28 50.13 33.45
N VAL D 21 -21.42 49.66 34.35
CA VAL D 21 -20.35 48.71 34.01
C VAL D 21 -20.93 47.34 33.64
N VAL D 22 -21.98 46.89 34.33
CA VAL D 22 -22.64 45.63 34.02
C VAL D 22 -23.27 45.67 32.63
N LEU D 23 -23.97 46.77 32.30
CA LEU D 23 -24.56 46.95 30.99
C LEU D 23 -23.49 47.00 29.89
N PHE D 24 -22.36 47.66 30.14
CA PHE D 24 -21.24 47.70 29.22
C PHE D 24 -20.72 46.30 28.88
N ALA D 25 -20.58 45.43 29.89
CA ALA D 25 -20.12 44.06 29.67
C ALA D 25 -21.04 43.28 28.71
N PHE D 26 -22.37 43.41 28.85
CA PHE D 26 -23.31 42.85 27.89
C PHE D 26 -23.25 43.53 26.51
N GLY D 27 -22.89 44.82 26.47
CA GLY D 27 -22.83 45.58 25.23
C GLY D 27 -21.62 45.25 24.33
N LEU D 28 -20.55 44.67 24.91
CA LEU D 28 -19.37 44.25 24.15
C LEU D 28 -19.67 43.10 23.19
N ILE D 29 -20.55 42.17 23.60
CA ILE D 29 -20.63 40.84 23.05
C ILE D 29 -20.77 40.80 21.53
N PRO D 30 -21.68 41.57 20.87
CA PRO D 30 -21.78 41.61 19.42
C PRO D 30 -20.47 41.81 18.67
N GLY D 31 -19.59 42.69 19.18
CA GLY D 31 -18.32 43.01 18.55
C GLY D 31 -17.34 41.84 18.48
N ILE D 32 -17.49 40.83 19.33
CA ILE D 32 -16.63 39.65 19.36
C ILE D 32 -16.84 38.78 18.11
N SER D 33 -18.07 38.76 17.57
CA SER D 33 -18.48 37.89 16.47
C SER D 33 -17.67 38.10 15.18
N ASN D 34 -17.29 39.34 14.88
CA ASN D 34 -16.68 39.72 13.60
C ASN D 34 -15.28 39.16 13.41
N GLN D 35 -14.62 38.72 14.50
CA GLN D 35 -13.24 38.25 14.51
C GLN D 35 -13.01 37.01 13.62
N GLY D 36 -14.09 36.35 13.17
CA GLY D 36 -13.99 35.13 12.38
C GLY D 36 -14.58 35.22 10.98
N SER D 37 -14.77 36.44 10.44
CA SER D 37 -15.52 36.68 9.21
C SER D 37 -14.87 36.07 7.96
N ILE D 38 -13.56 35.84 7.96
CA ILE D 38 -12.80 35.47 6.77
C ILE D 38 -12.18 34.07 6.87
N GLN D 39 -12.11 33.38 5.74
CA GLN D 39 -11.22 32.23 5.59
C GLN D 39 -10.60 32.15 4.20
N VAL D 40 -9.41 31.54 4.13
CA VAL D 40 -8.61 31.44 2.92
C VAL D 40 -8.73 30.03 2.36
N LEU D 41 -9.07 29.92 1.06
CA LEU D 41 -9.40 28.65 0.43
C LEU D 41 -8.30 28.21 -0.53
N GLY D 42 -7.74 27.01 -0.31
CA GLY D 42 -6.71 26.42 -1.16
C GLY D 42 -5.36 27.13 -1.10
N SER D 43 -4.42 26.67 -1.95
CA SER D 43 -3.14 27.33 -2.14
C SER D 43 -3.29 28.61 -2.96
N GLY D 44 -2.44 29.61 -2.67
CA GLY D 44 -2.27 30.76 -3.54
C GLY D 44 -0.98 30.68 -4.34
N THR D 45 -0.68 31.74 -5.09
CA THR D 45 0.50 31.78 -5.95
C THR D 45 1.27 33.08 -5.76
N ILE D 46 2.61 33.00 -5.67
CA ILE D 46 3.50 34.16 -5.74
C ILE D 46 4.10 34.22 -7.15
N THR D 47 4.29 35.43 -7.68
CA THR D 47 4.90 35.65 -9.00
C THR D 47 5.81 36.87 -8.93
N ASN D 48 7.04 36.77 -9.46
CA ASN D 48 7.94 37.92 -9.56
C ASN D 48 7.36 38.90 -10.59
N SER D 49 7.17 40.15 -10.16
CA SER D 49 6.36 41.13 -10.87
C SER D 49 7.17 42.35 -11.35
N THR D 50 8.39 42.54 -10.83
CA THR D 50 9.16 43.74 -11.09
C THR D 50 9.65 43.82 -12.54
N ALA D 51 9.68 45.06 -13.08
CA ALA D 51 10.17 45.34 -14.42
C ALA D 51 11.70 45.24 -14.51
N SER D 52 12.20 45.00 -15.73
CA SER D 52 13.62 44.85 -16.04
C SER D 52 14.45 46.06 -15.59
N GLY D 53 15.51 45.78 -14.80
CA GLY D 53 16.43 46.80 -14.31
C GLY D 53 15.94 47.63 -13.13
N SER D 54 14.68 47.42 -12.67
CA SER D 54 14.09 48.19 -11.59
C SER D 54 14.73 47.87 -10.23
N SER D 55 14.82 48.88 -9.35
CA SER D 55 15.47 48.77 -8.04
C SER D 55 14.65 47.91 -7.07
N ARG D 56 13.32 48.11 -7.05
CA ARG D 56 12.40 47.42 -6.16
C ARG D 56 12.13 45.99 -6.65
N THR D 57 12.33 44.99 -5.78
CA THR D 57 11.71 43.69 -5.98
C THR D 57 10.25 43.77 -5.53
N ILE D 58 9.31 43.39 -6.41
CA ILE D 58 7.89 43.40 -6.15
C ILE D 58 7.29 42.07 -6.63
N TYR D 59 6.39 41.49 -5.85
CA TYR D 59 5.75 40.22 -6.18
C TYR D 59 4.24 40.36 -6.22
N ASN D 60 3.61 39.62 -7.13
CA ASN D 60 2.17 39.51 -7.17
C ASN D 60 1.75 38.30 -6.38
N ILE D 61 0.78 38.48 -5.48
CA ILE D 61 0.25 37.38 -4.70
C ILE D 61 -1.23 37.23 -5.04
N THR D 62 -1.68 35.99 -5.29
CA THR D 62 -3.07 35.69 -5.57
C THR D 62 -3.55 34.56 -4.67
N ILE D 63 -4.72 34.75 -4.02
CA ILE D 63 -5.34 33.79 -3.12
C ILE D 63 -6.86 33.84 -3.28
N THR D 64 -7.58 32.75 -2.97
CA THR D 64 -9.04 32.83 -2.86
C THR D 64 -9.42 33.13 -1.41
N VAL D 65 -10.23 34.17 -1.21
CA VAL D 65 -10.69 34.57 0.11
C VAL D 65 -12.21 34.57 0.13
N LYS D 66 -12.80 34.03 1.20
CA LYS D 66 -14.25 34.03 1.42
C LYS D 66 -14.57 34.95 2.58
N ASN D 67 -15.50 35.90 2.36
CA ASN D 67 -16.00 36.79 3.40
C ASN D 67 -17.40 36.35 3.78
N THR D 68 -17.65 36.19 5.09
CA THR D 68 -18.95 35.77 5.64
C THR D 68 -19.54 36.81 6.60
N GLY D 69 -18.86 37.95 6.75
CA GLY D 69 -19.37 39.06 7.56
C GLY D 69 -20.45 39.85 6.84
N THR D 70 -20.81 41.00 7.44
CA THR D 70 -21.83 41.89 6.90
C THR D 70 -21.25 43.16 6.29
N THR D 71 -19.91 43.24 6.21
CA THR D 71 -19.17 44.41 5.72
C THR D 71 -17.96 43.97 4.88
N SER D 72 -17.50 44.85 3.97
CA SER D 72 -16.26 44.64 3.23
C SER D 72 -15.06 44.65 4.17
N ILE D 73 -14.06 43.79 3.88
CA ILE D 73 -12.84 43.64 4.67
C ILE D 73 -11.65 43.70 3.71
N SER D 74 -10.51 44.24 4.16
CA SER D 74 -9.32 44.42 3.32
C SER D 74 -8.09 43.72 3.92
N VAL D 75 -7.12 43.39 3.06
CA VAL D 75 -5.84 42.83 3.51
C VAL D 75 -4.98 43.96 4.10
N THR D 76 -4.31 43.72 5.23
CA THR D 76 -3.51 44.75 5.89
C THR D 76 -2.03 44.41 5.99
N SER D 77 -1.69 43.11 6.10
CA SER D 77 -0.31 42.66 6.15
C SER D 77 -0.20 41.19 5.72
N ILE D 78 1.00 40.78 5.31
CA ILE D 78 1.31 39.37 5.10
C ILE D 78 2.69 39.07 5.67
N ASN D 79 2.83 37.89 6.28
CA ASN D 79 4.11 37.34 6.70
C ASN D 79 4.34 36.07 5.89
N ILE D 80 5.46 35.97 5.14
CA ILE D 80 5.73 34.83 4.27
C ILE D 80 7.02 34.15 4.73
N ASN D 81 6.96 32.85 5.05
CA ASN D 81 8.14 32.08 5.42
C ASN D 81 8.87 32.67 6.65
N GLY D 82 8.15 33.46 7.46
CA GLY D 82 8.70 34.14 8.63
C GLY D 82 9.06 35.62 8.40
N GLN D 83 9.30 36.01 7.14
CA GLN D 83 9.61 37.38 6.77
C GLN D 83 8.35 38.25 6.80
N PRO D 84 8.37 39.44 7.45
CA PRO D 84 7.32 40.44 7.23
C PRO D 84 7.49 41.11 5.86
N PHE D 85 6.37 41.29 5.17
CA PHE D 85 6.32 41.98 3.90
C PHE D 85 5.46 43.24 4.00
N ASN D 86 5.83 44.26 3.22
CA ASN D 86 5.05 45.46 3.04
C ASN D 86 4.11 45.29 1.83
N ILE D 87 2.93 45.92 1.87
CA ILE D 87 1.95 45.82 0.79
C ILE D 87 2.00 47.11 -0.04
N ASN D 88 2.04 46.97 -1.36
CA ASN D 88 2.27 48.15 -2.15
C ASN D 88 0.96 48.64 -2.77
N GLY D 89 0.82 49.98 -2.91
CA GLY D 89 -0.38 50.62 -3.45
C GLY D 89 -1.58 50.50 -2.50
N THR D 90 -2.79 50.51 -3.10
CA THR D 90 -4.03 50.26 -2.36
C THR D 90 -4.13 48.77 -1.98
N ALA D 91 -4.59 48.52 -0.75
CA ALA D 91 -4.99 47.18 -0.33
C ALA D 91 -6.19 46.71 -1.15
N PRO D 92 -6.32 45.39 -1.44
CA PRO D 92 -7.54 44.85 -2.01
C PRO D 92 -8.59 44.69 -0.92
N SER D 93 -9.86 44.49 -1.33
CA SER D 93 -10.94 44.22 -0.39
C SER D 93 -11.89 43.17 -0.95
N ILE D 94 -12.55 42.44 -0.04
CA ILE D 94 -13.50 41.38 -0.38
C ILE D 94 -14.90 41.85 0.02
N PRO D 95 -15.84 42.00 -0.94
CA PRO D 95 -17.23 42.37 -0.65
C PRO D 95 -17.90 41.43 0.34
N ALA D 96 -18.91 41.93 1.06
CA ALA D 96 -19.42 41.34 2.29
C ALA D 96 -19.80 39.86 2.16
N GLY D 97 -20.57 39.46 1.12
CA GLY D 97 -21.10 38.11 1.06
C GLY D 97 -20.37 37.17 0.09
N ARG D 98 -19.20 37.57 -0.44
CA ARG D 98 -18.63 36.95 -1.64
C ARG D 98 -17.38 36.12 -1.38
N THR D 99 -17.10 35.20 -2.31
CA THR D 99 -15.87 34.42 -2.40
C THR D 99 -15.15 34.78 -3.70
N GLN D 100 -13.87 35.19 -3.62
CA GLN D 100 -13.16 35.68 -4.81
C GLN D 100 -11.68 35.34 -4.78
N PRO D 101 -11.06 35.04 -5.94
CA PRO D 101 -9.62 35.24 -6.11
C PRO D 101 -9.30 36.73 -6.00
N ILE D 102 -8.40 37.05 -5.07
CA ILE D 102 -7.92 38.40 -4.76
C ILE D 102 -6.45 38.48 -5.15
N THR D 103 -6.02 39.57 -5.81
CA THR D 103 -4.62 39.78 -6.18
C THR D 103 -4.09 41.10 -5.62
N PHE D 104 -2.85 41.08 -5.11
CA PHE D 104 -2.19 42.27 -4.58
C PHE D 104 -0.67 42.19 -4.73
N GLU D 105 0.00 43.36 -4.61
CA GLU D 105 1.44 43.48 -4.78
C GLU D 105 2.13 43.65 -3.42
N VAL D 106 3.27 42.98 -3.23
CA VAL D 106 4.02 43.04 -1.98
C VAL D 106 5.51 43.23 -2.25
N THR D 107 6.22 43.76 -1.25
CA THR D 107 7.66 43.97 -1.32
C THR D 107 8.26 43.67 0.06
N PRO D 108 9.45 43.00 0.15
CA PRO D 108 9.96 42.54 1.44
C PRO D 108 10.45 43.68 2.32
N ALA D 109 10.16 43.58 3.63
CA ALA D 109 10.57 44.60 4.59
C ALA D 109 11.87 44.26 5.31
N SER D 110 12.11 42.97 5.61
CA SER D 110 13.17 42.52 6.52
C SER D 110 14.51 42.23 5.84
N GLY D 111 14.54 42.21 4.48
CA GLY D 111 15.75 41.87 3.75
C GLY D 111 15.46 41.39 2.33
N LYS D 112 16.14 40.31 1.91
CA LYS D 112 16.01 39.71 0.58
C LYS D 112 15.45 38.29 0.70
N PRO D 113 14.23 38.00 0.15
CA PRO D 113 13.73 36.63 0.06
C PRO D 113 14.36 35.95 -1.17
N ASN D 114 14.51 34.62 -1.07
CA ASN D 114 15.09 33.84 -2.14
C ASN D 114 14.14 32.69 -2.50
N PHE D 115 13.00 33.05 -3.10
CA PHE D 115 12.04 32.04 -3.54
C PHE D 115 12.61 31.18 -4.66
N SER D 116 12.20 29.90 -4.67
CA SER D 116 12.66 28.91 -5.64
C SER D 116 11.46 28.40 -6.47
N PRO D 117 11.56 28.35 -7.82
CA PRO D 117 10.44 27.90 -8.67
C PRO D 117 9.80 26.59 -8.22
N GLY D 118 8.48 26.63 -8.04
CA GLY D 118 7.69 25.47 -7.65
C GLY D 118 7.73 25.15 -6.15
N ALA D 119 8.56 25.84 -5.36
CA ALA D 119 8.60 25.63 -3.92
C ALA D 119 7.35 26.18 -3.24
N SER D 120 7.01 25.58 -2.08
CA SER D 120 5.79 25.89 -1.34
C SER D 120 6.15 26.58 -0.01
N TYR D 121 5.55 27.74 0.25
CA TYR D 121 5.86 28.57 1.40
C TYR D 121 4.61 28.75 2.27
N THR D 122 4.74 28.60 3.60
CA THR D 122 3.63 28.99 4.47
C THR D 122 3.62 30.50 4.65
N ALA D 123 2.41 31.06 4.80
CA ALA D 123 2.22 32.48 5.04
C ALA D 123 1.09 32.67 6.06
N THR D 124 1.08 33.84 6.71
CA THR D 124 -0.10 34.27 7.46
C THR D 124 -0.56 35.59 6.86
N ILE D 125 -1.82 35.63 6.40
CA ILE D 125 -2.43 36.87 5.92
C ILE D 125 -3.13 37.53 7.10
N TYR D 126 -3.15 38.87 7.14
CA TYR D 126 -3.87 39.62 8.17
C TYR D 126 -4.86 40.59 7.54
N PHE D 127 -6.05 40.70 8.16
CA PHE D 127 -7.18 41.39 7.59
C PHE D 127 -7.69 42.54 8.48
N SER D 128 -8.42 43.49 7.89
CA SER D 128 -8.85 44.71 8.55
C SER D 128 -9.83 44.50 9.70
N ASN D 129 -10.44 43.31 9.80
CA ASN D 129 -11.26 42.92 10.96
C ASN D 129 -10.41 42.41 12.13
N GLY D 130 -9.08 42.48 12.03
CA GLY D 130 -8.16 42.07 13.09
C GLY D 130 -7.84 40.56 13.10
N GLN D 131 -8.37 39.82 12.11
CA GLN D 131 -8.15 38.39 11.99
C GLN D 131 -6.85 38.08 11.25
N GLY D 132 -6.18 36.99 11.65
CA GLY D 132 -5.11 36.36 10.89
C GLY D 132 -5.52 34.97 10.40
N ALA D 133 -4.98 34.53 9.25
CA ALA D 133 -5.32 33.22 8.68
C ALA D 133 -4.09 32.55 8.06
N PRO D 134 -3.83 31.24 8.33
CA PRO D 134 -2.75 30.52 7.68
C PRO D 134 -3.03 30.29 6.19
N ALA D 135 -1.98 30.30 5.38
CA ALA D 135 -2.09 30.10 3.94
C ALA D 135 -0.85 29.37 3.41
N THR D 136 -0.99 28.71 2.25
CA THR D 136 0.13 28.12 1.53
C THR D 136 0.25 28.83 0.19
N LEU D 137 1.47 29.22 -0.18
CA LEU D 137 1.72 29.93 -1.44
C LEU D 137 2.77 29.18 -2.25
N ILE D 138 2.49 28.93 -3.54
CA ILE D 138 3.43 28.26 -4.43
C ILE D 138 4.08 29.31 -5.33
N TYR D 139 5.41 29.41 -5.32
CA TYR D 139 6.10 30.38 -6.13
C TYR D 139 6.20 29.93 -7.59
N GLN D 140 5.57 30.68 -8.51
CA GLN D 140 5.49 30.30 -9.93
C GLN D 140 6.73 30.70 -10.74
N GLY D 141 7.53 31.64 -10.21
CA GLY D 141 8.59 32.27 -11.00
C GLY D 141 8.10 33.57 -11.62
N LEU E 1 -19.99 53.03 53.15
CA LEU E 1 -21.24 52.26 52.85
C LEU E 1 -21.19 51.79 51.40
N SER E 2 -20.82 52.70 50.47
CA SER E 2 -20.84 52.53 49.02
C SER E 2 -20.21 51.21 48.52
N GLY E 3 -19.05 50.84 49.08
CA GLY E 3 -18.23 49.72 48.63
C GLY E 3 -18.95 48.37 48.61
N ALA E 4 -19.73 48.08 49.65
CA ALA E 4 -20.42 46.81 49.80
C ALA E 4 -21.58 46.68 48.81
N ILE E 5 -22.33 47.77 48.61
CA ILE E 5 -23.42 47.88 47.65
C ILE E 5 -22.92 47.59 46.23
N VAL E 6 -21.77 48.14 45.85
CA VAL E 6 -21.17 47.87 44.54
C VAL E 6 -20.73 46.40 44.42
N ALA E 7 -20.12 45.84 45.46
CA ALA E 7 -19.69 44.44 45.46
C ALA E 7 -20.86 43.48 45.22
N LEU E 8 -22.02 43.76 45.84
CA LEU E 8 -23.22 42.94 45.69
C LEU E 8 -23.74 42.91 44.24
N ILE E 9 -23.76 44.07 43.56
CA ILE E 9 -24.18 44.19 42.17
C ILE E 9 -23.26 43.38 41.25
N LEU E 10 -21.95 43.50 41.45
CA LEU E 10 -20.97 42.84 40.60
C LEU E 10 -20.90 41.33 40.85
N VAL E 11 -21.24 40.86 42.06
CA VAL E 11 -21.36 39.43 42.34
C VAL E 11 -22.52 38.84 41.53
N ILE E 12 -23.70 39.45 41.59
CA ILE E 12 -24.89 38.91 40.93
C ILE E 12 -24.74 38.95 39.41
N ALA E 13 -24.23 40.07 38.87
CA ALA E 13 -23.93 40.18 37.44
C ALA E 13 -22.92 39.12 36.98
N GLY E 14 -21.91 38.83 37.79
CA GLY E 14 -20.90 37.81 37.50
C GLY E 14 -21.52 36.43 37.29
N VAL E 15 -22.43 36.02 38.17
CA VAL E 15 -23.13 34.75 38.05
C VAL E 15 -23.93 34.70 36.73
N ILE E 16 -24.68 35.76 36.43
CA ILE E 16 -25.52 35.82 35.24
C ILE E 16 -24.70 35.69 33.95
N ILE E 17 -23.60 36.44 33.82
CA ILE E 17 -22.75 36.38 32.63
C ILE E 17 -22.05 35.02 32.52
N ALA E 18 -21.55 34.48 33.64
CA ALA E 18 -20.86 33.19 33.62
C ALA E 18 -21.78 32.06 33.14
N ILE E 19 -23.02 32.01 33.64
CA ILE E 19 -23.99 31.01 33.20
C ILE E 19 -24.33 31.18 31.72
N ALA E 20 -24.47 32.42 31.24
CA ALA E 20 -24.75 32.69 29.83
C ALA E 20 -23.66 32.15 28.91
N VAL E 21 -22.38 32.29 29.28
CA VAL E 21 -21.26 31.80 28.49
C VAL E 21 -21.22 30.27 28.46
N VAL E 22 -21.54 29.61 29.58
CA VAL E 22 -21.59 28.15 29.63
C VAL E 22 -22.69 27.61 28.72
N LEU E 23 -23.88 28.22 28.76
CA LEU E 23 -24.99 27.83 27.88
C LEU E 23 -24.63 28.05 26.41
N PHE E 24 -23.95 29.14 26.09
CA PHE E 24 -23.50 29.42 24.73
C PHE E 24 -22.58 28.31 24.21
N ALA E 25 -21.64 27.83 25.02
CA ALA E 25 -20.73 26.75 24.64
C ALA E 25 -21.48 25.47 24.26
N PHE E 26 -22.52 25.09 25.02
CA PHE E 26 -23.38 23.98 24.64
C PHE E 26 -24.23 24.27 23.40
N GLY E 27 -24.58 25.54 23.16
CA GLY E 27 -25.41 25.95 22.03
C GLY E 27 -24.70 25.94 20.68
N LEU E 28 -23.36 25.98 20.66
CA LEU E 28 -22.56 25.91 19.44
C LEU E 28 -22.66 24.55 18.77
N ILE E 29 -22.74 23.48 19.56
CA ILE E 29 -22.40 22.12 19.14
C ILE E 29 -23.14 21.67 17.88
N PRO E 30 -24.49 21.83 17.73
CA PRO E 30 -25.20 21.48 16.51
C PRO E 30 -24.59 22.01 15.21
N GLY E 31 -24.10 23.25 15.23
CA GLY E 31 -23.52 23.90 14.05
C GLY E 31 -22.25 23.25 13.52
N ILE E 32 -21.54 22.49 14.37
CA ILE E 32 -20.30 21.81 13.99
C ILE E 32 -20.59 20.66 13.01
N SER E 33 -21.76 20.02 13.13
CA SER E 33 -22.14 18.82 12.38
C SER E 33 -22.14 19.03 10.86
N ASN E 34 -22.56 20.21 10.39
CA ASN E 34 -22.79 20.49 8.98
C ASN E 34 -21.52 20.52 8.13
N GLN E 35 -20.35 20.65 8.77
CA GLN E 35 -19.04 20.78 8.13
C GLN E 35 -18.67 19.58 7.27
N GLY E 36 -19.38 18.45 7.39
CA GLY E 36 -19.05 17.22 6.68
C GLY E 36 -20.16 16.73 5.72
N SER E 37 -21.10 17.61 5.33
CA SER E 37 -22.30 17.22 4.62
C SER E 37 -22.05 16.64 3.23
N ILE E 38 -20.91 16.98 2.59
CA ILE E 38 -20.66 16.67 1.18
C ILE E 38 -19.49 15.71 1.00
N GLN E 39 -19.58 14.86 -0.03
CA GLN E 39 -18.41 14.17 -0.56
C GLN E 39 -18.47 14.01 -2.08
N VAL E 40 -17.30 13.93 -2.70
CA VAL E 40 -17.13 13.89 -4.15
C VAL E 40 -16.81 12.45 -4.57
N LEU E 41 -17.57 11.91 -5.53
CA LEU E 41 -17.48 10.51 -5.90
C LEU E 41 -16.82 10.34 -7.28
N GLY E 42 -15.74 9.56 -7.34
CA GLY E 42 -15.02 9.26 -8.57
C GLY E 42 -14.27 10.45 -9.18
N SER E 43 -13.68 10.21 -10.37
CA SER E 43 -13.08 11.26 -11.17
C SER E 43 -14.15 12.14 -11.83
N GLY E 44 -13.84 13.42 -12.00
CA GLY E 44 -14.61 14.31 -12.86
C GLY E 44 -13.91 14.57 -14.19
N THR E 45 -14.48 15.44 -15.01
CA THR E 45 -13.95 15.75 -16.33
C THR E 45 -13.88 17.26 -16.55
N ILE E 46 -12.76 17.76 -17.11
CA ILE E 46 -12.65 19.13 -17.63
C ILE E 46 -12.80 19.09 -19.14
N THR E 47 -13.45 20.11 -19.73
CA THR E 47 -13.62 20.23 -21.17
C THR E 47 -13.46 21.70 -21.57
N ASN E 48 -12.68 21.98 -22.62
CA ASN E 48 -12.57 23.32 -23.17
C ASN E 48 -13.90 23.72 -23.80
N SER E 49 -14.46 24.86 -23.36
CA SER E 49 -15.85 25.22 -23.59
C SER E 49 -15.99 26.51 -24.42
N THR E 50 -14.92 27.29 -24.56
CA THR E 50 -14.97 28.61 -25.19
C THR E 50 -15.25 28.53 -26.69
N ALA E 51 -16.01 29.50 -27.20
CA ALA E 51 -16.32 29.64 -28.62
C ALA E 51 -15.12 30.15 -29.43
N SER E 52 -15.13 29.84 -30.73
CA SER E 52 -14.09 30.22 -31.69
C SER E 52 -13.83 31.73 -31.70
N GLY E 53 -12.54 32.11 -31.52
CA GLY E 53 -12.10 33.49 -31.55
C GLY E 53 -12.39 34.30 -30.28
N SER E 54 -13.07 33.72 -29.29
CA SER E 54 -13.44 34.42 -28.05
C SER E 54 -12.22 34.71 -27.18
N SER E 55 -12.26 35.85 -26.46
CA SER E 55 -11.16 36.33 -25.62
C SER E 55 -10.97 35.46 -24.36
N ARG E 56 -12.10 35.11 -23.72
CA ARG E 56 -12.11 34.33 -22.48
C ARG E 56 -11.86 32.84 -22.76
N THR E 57 -10.86 32.25 -22.08
CA THR E 57 -10.83 30.80 -21.93
C THR E 57 -11.81 30.39 -20.85
N ILE E 58 -12.73 29.46 -21.16
CA ILE E 58 -13.73 28.96 -20.23
C ILE E 58 -13.78 27.44 -20.35
N TYR E 59 -13.88 26.73 -19.21
CA TYR E 59 -13.92 25.28 -19.18
C TYR E 59 -15.18 24.79 -18.48
N ASN E 60 -15.69 23.66 -18.97
CA ASN E 60 -16.80 22.98 -18.31
C ASN E 60 -16.21 21.92 -17.40
N ILE E 61 -16.67 21.91 -16.15
CA ILE E 61 -16.25 20.90 -15.20
C ILE E 61 -17.47 20.09 -14.77
N THR E 62 -17.33 18.75 -14.76
CA THR E 62 -18.40 17.85 -14.33
C THR E 62 -17.86 16.88 -13.28
N ILE E 63 -18.59 16.73 -12.16
CA ILE E 63 -18.24 15.84 -11.05
C ILE E 63 -19.51 15.24 -10.46
N THR E 64 -19.43 14.06 -9.83
CA THR E 64 -20.55 13.57 -9.03
C THR E 64 -20.37 14.03 -7.58
N VAL E 65 -21.41 14.66 -7.03
CA VAL E 65 -21.39 15.14 -5.65
C VAL E 65 -22.58 14.53 -4.90
N LYS E 66 -22.33 14.07 -3.67
CA LYS E 66 -23.35 13.54 -2.79
C LYS E 66 -23.56 14.50 -1.63
N ASN E 67 -24.81 14.92 -1.39
CA ASN E 67 -25.17 15.75 -0.25
C ASN E 67 -25.90 14.87 0.78
N THR E 68 -25.47 14.95 2.04
CA THR E 68 -26.05 14.19 3.15
C THR E 68 -26.59 15.09 4.26
N GLY E 69 -26.53 16.41 4.06
CA GLY E 69 -27.10 17.37 5.00
C GLY E 69 -28.62 17.47 4.87
N THR E 70 -29.18 18.49 5.55
CA THR E 70 -30.62 18.72 5.57
C THR E 70 -31.02 19.94 4.73
N THR E 71 -30.06 20.54 4.01
CA THR E 71 -30.24 21.74 3.20
C THR E 71 -29.44 21.66 1.89
N SER E 72 -29.88 22.39 0.87
CA SER E 72 -29.13 22.54 -0.38
C SER E 72 -27.80 23.25 -0.13
N ILE E 73 -26.76 22.83 -0.86
CA ILE E 73 -25.41 23.37 -0.76
C ILE E 73 -24.90 23.67 -2.17
N SER E 74 -24.08 24.73 -2.34
CA SER E 74 -23.60 25.16 -3.65
C SER E 74 -22.07 25.19 -3.72
N VAL E 75 -21.51 25.08 -4.93
CA VAL E 75 -20.07 25.21 -5.14
C VAL E 75 -19.69 26.70 -5.06
N THR E 76 -18.57 27.02 -4.39
CA THR E 76 -18.16 28.42 -4.20
C THR E 76 -16.80 28.74 -4.83
N SER E 77 -15.89 27.75 -4.89
CA SER E 77 -14.58 27.92 -5.50
C SER E 77 -13.99 26.56 -5.91
N ILE E 78 -13.04 26.58 -6.84
CA ILE E 78 -12.22 25.42 -7.16
C ILE E 78 -10.77 25.84 -7.32
N ASN E 79 -9.86 25.00 -6.84
CA ASN E 79 -8.43 25.14 -7.08
C ASN E 79 -8.00 23.91 -7.88
N ILE E 80 -7.40 24.10 -9.08
CA ILE E 80 -7.02 22.99 -9.95
C ILE E 80 -5.50 23.03 -10.15
N ASN E 81 -4.81 21.93 -9.83
CA ASN E 81 -3.37 21.81 -10.07
C ASN E 81 -2.56 22.92 -9.35
N GLY E 82 -3.15 23.51 -8.30
CA GLY E 82 -2.55 24.63 -7.55
C GLY E 82 -3.06 26.01 -7.95
N GLN E 83 -3.59 26.15 -9.18
CA GLN E 83 -4.14 27.41 -9.67
C GLN E 83 -5.51 27.68 -9.05
N PRO E 84 -5.79 28.88 -8.50
CA PRO E 84 -7.16 29.30 -8.21
C PRO E 84 -7.91 29.63 -9.50
N PHE E 85 -9.16 29.18 -9.56
CA PHE E 85 -10.07 29.46 -10.67
C PHE E 85 -11.28 30.25 -10.18
N ASN E 86 -11.80 31.12 -11.05
CA ASN E 86 -13.04 31.82 -10.86
C ASN E 86 -14.19 31.01 -11.45
N ILE E 87 -15.39 31.09 -10.86
CA ILE E 87 -16.56 30.36 -11.34
C ILE E 87 -17.47 31.31 -12.10
N ASN E 88 -17.92 30.89 -13.27
CA ASN E 88 -18.64 31.84 -14.10
C ASN E 88 -20.15 31.60 -14.01
N GLY E 89 -20.94 32.68 -14.09
CA GLY E 89 -22.39 32.65 -13.98
C GLY E 89 -22.88 32.28 -12.58
N THR E 90 -24.07 31.66 -12.52
CA THR E 90 -24.60 31.11 -11.27
C THR E 90 -23.83 29.85 -10.86
N ALA E 91 -23.55 29.73 -9.56
CA ALA E 91 -23.06 28.49 -8.98
C ALA E 91 -24.11 27.39 -9.12
N PRO E 92 -23.72 26.11 -9.29
CA PRO E 92 -24.66 24.99 -9.18
C PRO E 92 -24.95 24.69 -7.71
N SER E 93 -26.00 23.91 -7.47
CA SER E 93 -26.32 23.45 -6.11
C SER E 93 -26.80 22.00 -6.12
N ILE E 94 -26.59 21.30 -5.00
CA ILE E 94 -26.97 19.92 -4.83
C ILE E 94 -28.12 19.86 -3.81
N PRO E 95 -29.32 19.37 -4.20
CA PRO E 95 -30.45 19.22 -3.27
C PRO E 95 -30.11 18.35 -2.07
N ALA E 96 -30.84 18.55 -0.97
CA ALA E 96 -30.44 18.11 0.37
C ALA E 96 -30.10 16.63 0.47
N GLY E 97 -30.94 15.73 -0.07
CA GLY E 97 -30.75 14.30 0.15
C GLY E 97 -30.15 13.53 -1.04
N ARG E 98 -29.64 14.23 -2.07
CA ARG E 98 -29.43 13.63 -3.38
C ARG E 98 -27.95 13.46 -3.75
N THR E 99 -27.69 12.53 -4.70
CA THR E 99 -26.40 12.33 -5.35
C THR E 99 -26.56 12.63 -6.84
N GLN E 100 -25.73 13.52 -7.41
CA GLN E 100 -25.91 13.97 -8.79
C GLN E 100 -24.58 14.26 -9.47
N PRO E 101 -24.45 13.98 -10.78
CA PRO E 101 -23.51 14.69 -11.63
C PRO E 101 -23.89 16.16 -11.71
N ILE E 102 -22.96 17.03 -11.34
CA ILE E 102 -23.09 18.49 -11.31
C ILE E 102 -22.14 19.06 -12.37
N THR E 103 -22.61 20.04 -13.16
CA THR E 103 -21.78 20.70 -14.17
C THR E 103 -21.74 22.22 -13.95
N PHE E 104 -20.55 22.83 -14.11
CA PHE E 104 -20.37 24.27 -13.98
C PHE E 104 -19.22 24.78 -14.84
N GLU E 105 -19.20 26.10 -15.09
CA GLU E 105 -18.20 26.75 -15.92
C GLU E 105 -17.18 27.50 -15.07
N VAL E 106 -15.90 27.41 -15.44
CA VAL E 106 -14.82 28.07 -14.71
C VAL E 106 -13.86 28.78 -15.67
N THR E 107 -13.13 29.77 -15.15
CA THR E 107 -12.15 30.53 -15.90
C THR E 107 -10.95 30.82 -14.99
N PRO E 108 -9.69 30.74 -15.47
CA PRO E 108 -8.53 30.84 -14.57
C PRO E 108 -8.31 32.27 -14.07
N ALA E 109 -7.93 32.36 -12.79
CA ALA E 109 -7.70 33.65 -12.15
C ALA E 109 -6.22 34.05 -12.15
N SER E 110 -5.30 33.08 -11.97
CA SER E 110 -3.90 33.33 -11.67
C SER E 110 -3.01 33.45 -12.92
N GLY E 111 -3.54 33.14 -14.11
CA GLY E 111 -2.74 33.13 -15.33
C GLY E 111 -3.33 32.25 -16.43
N LYS E 112 -2.48 31.48 -17.11
CA LYS E 112 -2.86 30.59 -18.21
C LYS E 112 -2.59 29.13 -17.81
N PRO E 113 -3.62 28.26 -17.70
CA PRO E 113 -3.41 26.82 -17.52
C PRO E 113 -3.12 26.17 -18.88
N ASN E 114 -2.35 25.09 -18.85
CA ASN E 114 -1.97 24.37 -20.06
C ASN E 114 -2.33 22.89 -19.90
N PHE E 115 -3.62 22.59 -19.89
CA PHE E 115 -4.09 21.22 -19.79
C PHE E 115 -3.72 20.43 -21.03
N SER E 116 -3.44 19.13 -20.84
CA SER E 116 -3.03 18.21 -21.88
C SER E 116 -4.07 17.09 -22.02
N PRO E 117 -4.54 16.75 -23.25
CA PRO E 117 -5.55 15.70 -23.45
C PRO E 117 -5.24 14.39 -22.74
N GLY E 118 -6.21 13.93 -21.94
CA GLY E 118 -6.12 12.69 -21.20
C GLY E 118 -5.31 12.78 -19.89
N ALA E 119 -4.67 13.91 -19.62
CA ALA E 119 -3.91 14.08 -18.37
C ALA E 119 -4.86 14.23 -17.18
N SER E 120 -4.37 13.84 -16.00
CA SER E 120 -5.14 13.80 -14.76
C SER E 120 -4.62 14.86 -13.79
N TYR E 121 -5.53 15.70 -13.28
CA TYR E 121 -5.19 16.83 -12.43
C TYR E 121 -5.87 16.70 -11.07
N THR E 122 -5.15 16.92 -9.97
CA THR E 122 -5.83 17.03 -8.68
C THR E 122 -6.47 18.40 -8.53
N ALA E 123 -7.60 18.45 -7.82
CA ALA E 123 -8.32 19.68 -7.54
C ALA E 123 -8.85 19.64 -6.11
N THR E 124 -9.13 20.82 -5.55
CA THR E 124 -9.94 20.90 -4.33
C THR E 124 -11.16 21.74 -4.65
N ILE E 125 -12.36 21.16 -4.45
CA ILE E 125 -13.61 21.89 -4.60
C ILE E 125 -13.98 22.47 -3.23
N TYR E 126 -14.60 23.66 -3.21
CA TYR E 126 -15.07 24.28 -1.97
C TYR E 126 -16.56 24.59 -2.06
N PHE E 127 -17.27 24.35 -0.95
CA PHE E 127 -18.72 24.36 -0.91
C PHE E 127 -19.27 25.39 0.10
N SER E 128 -20.54 25.78 -0.07
CA SER E 128 -21.18 26.86 0.69
C SER E 128 -21.35 26.55 2.18
N ASN E 129 -21.21 25.28 2.58
CA ASN E 129 -21.18 24.87 3.99
C ASN E 129 -19.79 25.04 4.62
N GLY E 130 -18.83 25.63 3.88
CA GLY E 130 -17.48 25.87 4.37
C GLY E 130 -16.53 24.68 4.25
N GLN E 131 -17.01 23.57 3.65
CA GLN E 131 -16.22 22.36 3.46
C GLN E 131 -15.37 22.43 2.18
N GLY E 132 -14.17 21.84 2.24
CA GLY E 132 -13.37 21.54 1.05
C GLY E 132 -13.24 20.03 0.85
N ALA E 133 -13.09 19.58 -0.41
CA ALA E 133 -12.98 18.17 -0.73
C ALA E 133 -11.97 17.92 -1.85
N PRO E 134 -11.04 16.94 -1.71
CA PRO E 134 -10.14 16.57 -2.80
C PRO E 134 -10.88 15.90 -3.96
N ALA E 135 -10.41 16.14 -5.18
CA ALA E 135 -11.00 15.58 -6.39
C ALA E 135 -9.93 15.31 -7.44
N THR E 136 -10.23 14.39 -8.37
CA THR E 136 -9.38 14.15 -9.53
C THR E 136 -10.18 14.51 -10.79
N LEU E 137 -9.57 15.26 -11.71
CA LEU E 137 -10.24 15.69 -12.94
C LEU E 137 -9.42 15.26 -14.15
N ILE E 138 -10.06 14.61 -15.14
CA ILE E 138 -9.39 14.19 -16.36
C ILE E 138 -9.75 15.17 -17.48
N TYR E 139 -8.75 15.79 -18.11
CA TYR E 139 -9.01 16.74 -19.17
C TYR E 139 -9.35 16.04 -20.49
N GLN E 140 -10.57 16.22 -21.01
CA GLN E 140 -11.06 15.52 -22.19
C GLN E 140 -10.62 16.19 -23.50
N GLY E 141 -10.21 17.46 -23.45
CA GLY E 141 -10.02 18.26 -24.65
C GLY E 141 -11.27 19.07 -24.98
N LEU F 1 -14.90 40.31 44.99
CA LEU F 1 -15.65 39.07 45.32
C LEU F 1 -16.00 38.33 44.03
N SER F 2 -16.55 39.06 43.04
CA SER F 2 -17.10 38.55 41.78
C SER F 2 -16.20 37.53 41.06
N GLY F 3 -14.89 37.80 40.98
CA GLY F 3 -13.92 37.03 40.21
C GLY F 3 -13.86 35.54 40.57
N ALA F 4 -13.88 35.23 41.86
CA ALA F 4 -13.75 33.86 42.34
C ALA F 4 -15.01 33.04 42.03
N ILE F 5 -16.19 33.65 42.20
CA ILE F 5 -17.49 33.07 41.90
C ILE F 5 -17.57 32.68 40.41
N VAL F 6 -17.09 33.54 39.51
CA VAL F 6 -17.05 33.24 38.09
C VAL F 6 -16.08 32.09 37.79
N ALA F 7 -14.90 32.09 38.42
CA ALA F 7 -13.91 31.03 38.22
C ALA F 7 -14.47 29.66 38.59
N LEU F 8 -15.24 29.57 39.69
CA LEU F 8 -15.84 28.33 40.15
C LEU F 8 -16.85 27.75 39.14
N ILE F 9 -17.70 28.62 38.54
CA ILE F 9 -18.67 28.22 37.52
C ILE F 9 -17.96 27.65 36.29
N LEU F 10 -16.91 28.33 35.81
CA LEU F 10 -16.20 27.94 34.61
C LEU F 10 -15.33 26.69 34.81
N VAL F 11 -14.87 26.43 36.04
CA VAL F 11 -14.18 25.19 36.38
C VAL F 11 -15.14 24.01 36.24
N ILE F 12 -16.32 24.08 36.85
CA ILE F 12 -17.26 22.97 36.85
C ILE F 12 -17.82 22.70 35.45
N ALA F 13 -18.17 23.76 34.71
CA ALA F 13 -18.59 23.65 33.32
C ALA F 13 -17.51 23.00 32.44
N GLY F 14 -16.23 23.35 32.66
CA GLY F 14 -15.10 22.79 31.95
C GLY F 14 -15.02 21.27 32.08
N VAL F 15 -15.16 20.74 33.30
CA VAL F 15 -15.17 19.30 33.54
C VAL F 15 -16.31 18.64 32.78
N ILE F 16 -17.53 19.20 32.87
CA ILE F 16 -18.71 18.62 32.24
C ILE F 16 -18.56 18.54 30.71
N ILE F 17 -18.11 19.62 30.05
CA ILE F 17 -17.92 19.61 28.60
C ILE F 17 -16.78 18.68 28.19
N ALA F 18 -15.67 18.66 28.92
CA ALA F 18 -14.54 17.80 28.60
C ALA F 18 -14.92 16.32 28.65
N ILE F 19 -15.66 15.89 29.68
CA ILE F 19 -16.12 14.51 29.78
C ILE F 19 -17.09 14.17 28.64
N ALA F 20 -17.99 15.09 28.27
CA ALA F 20 -18.92 14.88 27.17
C ALA F 20 -18.20 14.63 25.83
N VAL F 21 -17.12 15.36 25.55
CA VAL F 21 -16.35 15.19 24.32
C VAL F 21 -15.62 13.84 24.30
N VAL F 22 -15.08 13.40 25.44
CA VAL F 22 -14.42 12.11 25.54
C VAL F 22 -15.41 10.97 25.28
N LEU F 23 -16.60 11.03 25.88
CA LEU F 23 -17.64 10.04 25.66
C LEU F 23 -18.08 10.01 24.19
N PHE F 24 -18.21 11.18 23.55
CA PHE F 24 -18.56 11.28 22.15
C PHE F 24 -17.55 10.55 21.26
N ALA F 25 -16.24 10.71 21.53
CA ALA F 25 -15.19 10.03 20.77
C ALA F 25 -15.33 8.50 20.82
N PHE F 26 -15.64 7.92 22.00
CA PHE F 26 -15.95 6.51 22.09
C PHE F 26 -17.28 6.12 21.42
N GLY F 27 -18.24 7.05 21.35
CA GLY F 27 -19.54 6.80 20.76
C GLY F 27 -19.56 6.76 19.23
N LEU F 28 -18.54 7.34 18.57
CA LEU F 28 -18.40 7.31 17.11
C LEU F 28 -18.13 5.90 16.59
N ILE F 29 -17.35 5.11 17.34
CA ILE F 29 -16.64 3.96 16.84
C ILE F 29 -17.53 2.95 16.09
N PRO F 30 -18.71 2.53 16.61
CA PRO F 30 -19.62 1.63 15.89
C PRO F 30 -19.93 2.04 14.45
N GLY F 31 -20.13 3.34 14.21
CA GLY F 31 -20.48 3.86 12.89
C GLY F 31 -19.41 3.68 11.82
N ILE F 32 -18.15 3.50 12.23
CA ILE F 32 -17.03 3.30 11.31
C ILE F 32 -17.11 1.93 10.61
N SER F 33 -17.68 0.92 11.29
CA SER F 33 -17.73 -0.46 10.83
C SER F 33 -18.46 -0.65 9.50
N ASN F 34 -19.54 0.12 9.28
CA ASN F 34 -20.46 -0.07 8.16
C ASN F 34 -19.84 0.27 6.80
N GLN F 35 -18.72 1.01 6.80
CA GLN F 35 -18.05 1.50 5.60
C GLN F 35 -17.55 0.39 4.67
N GLY F 36 -17.51 -0.87 5.15
CA GLY F 36 -17.00 -1.99 4.38
C GLY F 36 -18.01 -3.10 4.09
N SER F 37 -19.32 -2.80 4.18
CA SER F 37 -20.38 -3.80 4.15
C SER F 37 -20.50 -4.54 2.81
N ILE F 38 -20.04 -3.94 1.71
CA ILE F 38 -20.30 -4.44 0.36
C ILE F 38 -19.01 -4.85 -0.36
N GLN F 39 -19.11 -5.90 -1.19
CA GLN F 39 -18.11 -6.15 -2.22
C GLN F 39 -18.72 -6.68 -3.50
N VAL F 40 -18.04 -6.42 -4.63
CA VAL F 40 -18.50 -6.75 -5.97
C VAL F 40 -17.75 -7.98 -6.46
N LEU F 41 -18.49 -8.99 -6.95
CA LEU F 41 -17.92 -10.29 -7.29
C LEU F 41 -17.91 -10.50 -8.80
N GLY F 42 -16.72 -10.76 -9.38
CA GLY F 42 -16.55 -11.03 -10.79
C GLY F 42 -16.78 -9.83 -11.71
N SER F 43 -16.72 -10.09 -13.02
CA SER F 43 -17.07 -9.10 -14.04
C SER F 43 -18.59 -8.91 -14.11
N GLY F 44 -19.03 -7.69 -14.43
CA GLY F 44 -20.40 -7.43 -14.82
C GLY F 44 -20.53 -7.23 -16.32
N THR F 45 -21.74 -6.89 -16.78
CA THR F 45 -22.03 -6.72 -18.20
C THR F 45 -22.78 -5.40 -18.45
N ILE F 46 -22.38 -4.65 -19.49
CA ILE F 46 -23.14 -3.52 -20.02
C ILE F 46 -23.88 -3.98 -21.27
N THR F 47 -25.10 -3.48 -21.48
CA THR F 47 -25.90 -3.78 -22.66
C THR F 47 -26.65 -2.52 -23.11
N ASN F 48 -26.61 -2.20 -24.42
CA ASN F 48 -27.38 -1.09 -24.97
C ASN F 48 -28.87 -1.44 -24.87
N SER F 49 -29.65 -0.56 -24.24
CA SER F 49 -31.00 -0.86 -23.78
C SER F 49 -32.06 0.02 -24.45
N THR F 50 -31.64 1.13 -25.11
CA THR F 50 -32.57 2.11 -25.64
C THR F 50 -33.38 1.58 -26.83
N ALA F 51 -34.66 2.00 -26.92
CA ALA F 51 -35.57 1.66 -28.00
C ALA F 51 -35.22 2.40 -29.30
N SER F 52 -35.64 1.80 -30.43
CA SER F 52 -35.40 2.33 -31.77
C SER F 52 -35.89 3.76 -31.95
N GLY F 53 -35.00 4.64 -32.41
CA GLY F 53 -35.32 6.04 -32.68
C GLY F 53 -35.38 6.96 -31.44
N SER F 54 -35.22 6.41 -30.23
CA SER F 54 -35.32 7.17 -28.99
C SER F 54 -34.14 8.13 -28.82
N SER F 55 -34.41 9.30 -28.20
CA SER F 55 -33.41 10.35 -28.00
C SER F 55 -32.34 9.97 -26.97
N ARG F 56 -32.76 9.36 -25.86
CA ARG F 56 -31.89 8.97 -24.76
C ARG F 56 -31.12 7.69 -25.11
N THR F 57 -29.79 7.73 -24.98
CA THR F 57 -29.02 6.50 -24.85
C THR F 57 -29.12 6.00 -23.41
N ILE F 58 -29.53 4.73 -23.22
CA ILE F 58 -29.69 4.11 -21.91
C ILE F 58 -29.06 2.71 -21.98
N TYR F 59 -28.34 2.33 -20.93
CA TYR F 59 -27.66 1.03 -20.86
C TYR F 59 -28.12 0.25 -19.63
N ASN F 60 -28.21 -1.06 -19.79
CA ASN F 60 -28.46 -1.96 -18.67
C ASN F 60 -27.13 -2.43 -18.13
N ILE F 61 -26.94 -2.33 -16.81
CA ILE F 61 -25.74 -2.84 -16.18
C ILE F 61 -26.14 -3.93 -15.20
N THR F 62 -25.39 -5.05 -15.23
CA THR F 62 -25.63 -6.17 -14.33
C THR F 62 -24.31 -6.57 -13.66
N ILE F 63 -24.33 -6.73 -12.32
CA ILE F 63 -23.17 -7.10 -11.51
C ILE F 63 -23.64 -8.01 -10.36
N THR F 64 -22.75 -8.87 -9.83
CA THR F 64 -23.04 -9.56 -8.58
C THR F 64 -22.52 -8.75 -7.41
N VAL F 65 -23.38 -8.47 -6.44
CA VAL F 65 -23.02 -7.72 -5.25
C VAL F 65 -23.34 -8.55 -4.01
N LYS F 66 -22.42 -8.57 -3.04
CA LYS F 66 -22.59 -9.24 -1.76
C LYS F 66 -22.71 -8.19 -0.66
N ASN F 67 -23.78 -8.28 0.14
CA ASN F 67 -23.97 -7.43 1.31
C ASN F 67 -23.69 -8.24 2.57
N THR F 68 -22.85 -7.70 3.46
CA THR F 68 -22.48 -8.34 4.72
C THR F 68 -22.86 -7.50 5.95
N GLY F 69 -23.52 -6.36 5.72
CA GLY F 69 -24.02 -5.51 6.80
C GLY F 69 -25.29 -6.07 7.42
N THR F 70 -25.91 -5.25 8.28
CA THR F 70 -27.14 -5.62 8.98
C THR F 70 -28.38 -4.89 8.42
N THR F 71 -28.20 -4.15 7.31
CA THR F 71 -29.26 -3.34 6.68
C THR F 71 -29.14 -3.42 5.15
N SER F 72 -30.27 -3.18 4.45
CA SER F 72 -30.27 -3.06 3.00
C SER F 72 -29.48 -1.83 2.56
N ILE F 73 -28.78 -1.96 1.43
CA ILE F 73 -27.94 -0.90 0.85
C ILE F 73 -28.29 -0.78 -0.63
N SER F 74 -28.21 0.44 -1.19
CA SER F 74 -28.59 0.72 -2.58
C SER F 74 -27.44 1.34 -3.37
N VAL F 75 -27.47 1.18 -4.71
CA VAL F 75 -26.50 1.83 -5.59
C VAL F 75 -26.87 3.32 -5.72
N THR F 76 -25.88 4.23 -5.69
CA THR F 76 -26.13 5.66 -5.75
C THR F 76 -25.49 6.34 -6.96
N SER F 77 -24.35 5.82 -7.43
CA SER F 77 -23.66 6.35 -8.60
C SER F 77 -22.75 5.30 -9.21
N ILE F 78 -22.40 5.49 -10.50
CA ILE F 78 -21.35 4.70 -11.14
C ILE F 78 -20.49 5.63 -12.00
N ASN F 79 -19.19 5.37 -12.01
CA ASN F 79 -18.25 6.00 -12.92
C ASN F 79 -17.67 4.90 -13.81
N ILE F 80 -17.80 5.03 -15.14
CA ILE F 80 -17.35 4.00 -16.08
C ILE F 80 -16.27 4.59 -16.99
N ASN F 81 -15.09 3.98 -17.03
CA ASN F 81 -14.01 4.40 -17.93
C ASN F 81 -13.60 5.88 -17.70
N GLY F 82 -13.90 6.42 -16.51
CA GLY F 82 -13.64 7.82 -16.16
C GLY F 82 -14.85 8.73 -16.29
N GLN F 83 -15.84 8.37 -17.11
CA GLN F 83 -17.07 9.13 -17.30
C GLN F 83 -18.00 8.96 -16.08
N PRO F 84 -18.55 10.05 -15.50
CA PRO F 84 -19.68 9.92 -14.59
C PRO F 84 -20.97 9.62 -15.35
N PHE F 85 -21.75 8.68 -14.80
CA PHE F 85 -23.06 8.30 -15.33
C PHE F 85 -24.16 8.64 -14.32
N ASN F 86 -25.33 8.99 -14.86
CA ASN F 86 -26.55 9.16 -14.09
C ASN F 86 -27.31 7.82 -14.05
N ILE F 87 -28.03 7.55 -12.94
CA ILE F 87 -28.80 6.32 -12.79
C ILE F 87 -30.28 6.62 -13.03
N ASN F 88 -30.92 5.77 -13.83
CA ASN F 88 -32.27 6.13 -14.22
C ASN F 88 -33.29 5.33 -13.41
N GLY F 89 -34.45 5.95 -13.12
CA GLY F 89 -35.51 5.34 -12.32
C GLY F 89 -35.13 5.16 -10.85
N THR F 90 -35.73 4.14 -10.20
CA THR F 90 -35.37 3.75 -8.85
C THR F 90 -34.01 3.04 -8.85
N ALA F 91 -33.18 3.36 -7.84
CA ALA F 91 -31.98 2.60 -7.56
C ALA F 91 -32.34 1.17 -7.14
N PRO F 92 -31.50 0.16 -7.47
CA PRO F 92 -31.67 -1.18 -6.90
C PRO F 92 -31.13 -1.21 -5.48
N SER F 93 -31.47 -2.27 -4.74
CA SER F 93 -30.94 -2.47 -3.39
C SER F 93 -30.64 -3.96 -3.14
N ILE F 94 -29.68 -4.22 -2.25
CA ILE F 94 -29.25 -5.55 -1.89
C ILE F 94 -29.68 -5.83 -0.45
N PRO F 95 -30.55 -6.83 -0.20
CA PRO F 95 -30.96 -7.21 1.16
C PRO F 95 -29.78 -7.55 2.06
N ALA F 96 -29.98 -7.40 3.37
CA ALA F 96 -28.91 -7.30 4.36
C ALA F 96 -27.90 -8.47 4.30
N GLY F 97 -28.36 -9.73 4.25
CA GLY F 97 -27.44 -10.86 4.37
C GLY F 97 -27.12 -11.58 3.05
N ARG F 98 -27.48 -11.00 1.89
CA ARG F 98 -27.59 -11.76 0.65
C ARG F 98 -26.52 -11.39 -0.39
N THR F 99 -26.28 -12.33 -1.32
CA THR F 99 -25.47 -12.15 -2.51
C THR F 99 -26.36 -12.31 -3.75
N GLN F 100 -26.37 -11.31 -4.65
CA GLN F 100 -27.30 -11.32 -5.77
C GLN F 100 -26.69 -10.69 -7.03
N PRO F 101 -27.01 -11.21 -8.23
CA PRO F 101 -26.96 -10.39 -9.45
C PRO F 101 -28.00 -9.27 -9.35
N ILE F 102 -27.51 -8.03 -9.49
CA ILE F 102 -28.28 -6.79 -9.43
C ILE F 102 -28.27 -6.16 -10.81
N THR F 103 -29.42 -5.66 -11.30
CA THR F 103 -29.51 -4.99 -12.59
C THR F 103 -30.10 -3.59 -12.44
N PHE F 104 -29.54 -2.60 -13.17
CA PHE F 104 -30.02 -1.22 -13.17
C PHE F 104 -29.72 -0.52 -14.49
N GLU F 105 -30.42 0.59 -14.73
CA GLU F 105 -30.31 1.38 -15.95
C GLU F 105 -29.51 2.66 -15.71
N VAL F 106 -28.63 3.01 -16.66
CA VAL F 106 -27.80 4.21 -16.55
C VAL F 106 -27.79 4.98 -17.87
N THR F 107 -27.47 6.28 -17.77
CA THR F 107 -27.38 7.17 -18.92
C THR F 107 -26.20 8.12 -18.71
N PRO F 108 -25.38 8.45 -19.73
CA PRO F 108 -24.16 9.22 -19.52
C PRO F 108 -24.43 10.68 -19.19
N ALA F 109 -23.65 11.23 -18.25
CA ALA F 109 -23.79 12.62 -17.82
C ALA F 109 -22.84 13.57 -18.56
N SER F 110 -21.60 13.11 -18.82
CA SER F 110 -20.49 13.97 -19.25
C SER F 110 -20.38 14.15 -20.77
N GLY F 111 -21.15 13.37 -21.57
CA GLY F 111 -21.05 13.40 -23.02
C GLY F 111 -21.57 12.12 -23.67
N LYS F 112 -20.82 11.63 -24.68
CA LYS F 112 -21.17 10.42 -25.43
C LYS F 112 -20.10 9.34 -25.19
N PRO F 113 -20.45 8.17 -24.58
CA PRO F 113 -19.53 7.04 -24.51
C PRO F 113 -19.59 6.25 -25.83
N ASN F 114 -18.46 5.61 -26.16
CA ASN F 114 -18.34 4.84 -27.38
C ASN F 114 -17.85 3.44 -27.05
N PHE F 115 -18.72 2.65 -26.41
CA PHE F 115 -18.40 1.28 -26.07
C PHE F 115 -18.25 0.43 -27.34
N SER F 116 -17.34 -0.56 -27.28
CA SER F 116 -17.04 -1.46 -28.37
C SER F 116 -17.38 -2.90 -27.98
N PRO F 117 -18.10 -3.69 -28.83
CA PRO F 117 -18.48 -5.06 -28.49
C PRO F 117 -17.32 -5.93 -28.00
N GLY F 118 -17.53 -6.54 -26.82
CA GLY F 118 -16.56 -7.42 -26.19
C GLY F 118 -15.42 -6.71 -25.45
N ALA F 119 -15.34 -5.37 -25.54
CA ALA F 119 -14.32 -4.62 -24.81
C ALA F 119 -14.61 -4.59 -23.32
N SER F 120 -13.55 -4.46 -22.52
CA SER F 120 -13.60 -4.51 -21.06
C SER F 120 -13.29 -3.14 -20.47
N TYR F 121 -14.17 -2.63 -19.61
CA TYR F 121 -14.09 -1.29 -19.03
C TYR F 121 -13.98 -1.37 -17.52
N THR F 122 -13.06 -0.61 -16.90
CA THR F 122 -13.09 -0.49 -15.45
C THR F 122 -14.17 0.52 -15.04
N ALA F 123 -14.77 0.26 -13.87
CA ALA F 123 -15.79 1.12 -13.29
C ALA F 123 -15.58 1.22 -11.78
N THR F 124 -16.12 2.27 -11.17
CA THR F 124 -16.27 2.32 -9.73
C THR F 124 -17.75 2.49 -9.42
N ILE F 125 -18.32 1.54 -8.64
CA ILE F 125 -19.70 1.63 -8.19
C ILE F 125 -19.68 2.34 -6.82
N TYR F 126 -20.71 3.14 -6.52
CA TYR F 126 -20.84 3.78 -5.22
C TYR F 126 -22.18 3.43 -4.57
N PHE F 127 -22.16 3.21 -3.26
CA PHE F 127 -23.28 2.64 -2.52
C PHE F 127 -23.75 3.56 -1.38
N SER F 128 -25.00 3.36 -0.93
CA SER F 128 -25.68 4.23 0.03
C SER F 128 -25.04 4.24 1.42
N ASN F 129 -24.17 3.27 1.72
CA ASN F 129 -23.37 3.26 2.94
C ASN F 129 -22.10 4.13 2.81
N GLY F 130 -21.94 4.85 1.70
CA GLY F 130 -20.79 5.73 1.47
C GLY F 130 -19.56 5.03 0.92
N GLN F 131 -19.65 3.72 0.65
CA GLN F 131 -18.56 2.92 0.12
C GLN F 131 -18.47 3.02 -1.41
N GLY F 132 -17.23 2.99 -1.94
CA GLY F 132 -16.97 2.77 -3.35
C GLY F 132 -16.24 1.44 -3.57
N ALA F 133 -16.45 0.82 -4.75
CA ALA F 133 -15.83 -0.47 -5.05
C ALA F 133 -15.41 -0.55 -6.52
N PRO F 134 -14.16 -1.01 -6.83
CA PRO F 134 -13.75 -1.23 -8.22
C PRO F 134 -14.50 -2.40 -8.86
N ALA F 135 -14.76 -2.29 -10.16
CA ALA F 135 -15.47 -3.31 -10.92
C ALA F 135 -14.95 -3.36 -12.36
N THR F 136 -15.14 -4.51 -13.03
CA THR F 136 -14.87 -4.66 -14.44
C THR F 136 -16.19 -4.97 -15.15
N LEU F 137 -16.45 -4.27 -16.27
CA LEU F 137 -17.69 -4.46 -17.02
C LEU F 137 -17.35 -4.80 -18.48
N ILE F 138 -17.97 -5.87 -19.02
CA ILE F 138 -17.76 -6.26 -20.41
C ILE F 138 -18.98 -5.80 -21.22
N TYR F 139 -18.76 -5.00 -22.27
CA TYR F 139 -19.86 -4.51 -23.09
C TYR F 139 -20.34 -5.59 -24.07
N GLN F 140 -21.60 -6.04 -23.93
CA GLN F 140 -22.14 -7.14 -24.73
C GLN F 140 -22.66 -6.69 -26.10
N GLY F 141 -22.92 -5.38 -26.27
CA GLY F 141 -23.65 -4.89 -27.42
C GLY F 141 -25.13 -4.76 -27.13
N LEU G 1 -8.44 29.20 35.59
CA LEU G 1 -8.29 27.87 36.26
C LEU G 1 -8.77 26.78 35.30
N SER G 2 -9.95 26.96 34.69
CA SER G 2 -10.67 26.00 33.85
C SER G 2 -9.80 25.28 32.80
N GLY G 3 -8.94 26.03 32.10
CA GLY G 3 -8.16 25.56 30.97
C GLY G 3 -7.27 24.35 31.26
N ALA G 4 -6.59 24.37 32.41
CA ALA G 4 -5.64 23.32 32.80
C ALA G 4 -6.37 22.01 33.15
N ILE G 5 -7.50 22.13 33.86
CA ILE G 5 -8.36 21.02 34.23
C ILE G 5 -8.87 20.29 32.98
N VAL G 6 -9.29 21.03 31.95
CA VAL G 6 -9.71 20.44 30.68
C VAL G 6 -8.55 19.75 29.96
N ALA G 7 -7.36 20.37 29.94
CA ALA G 7 -6.18 19.79 29.31
C ALA G 7 -5.81 18.43 29.93
N LEU G 8 -5.90 18.31 31.26
CA LEU G 8 -5.61 17.08 31.97
C LEU G 8 -6.55 15.93 31.58
N ILE G 9 -7.85 16.19 31.45
CA ILE G 9 -8.85 15.21 31.05
C ILE G 9 -8.56 14.71 29.63
N LEU G 10 -8.26 15.62 28.70
CA LEU G 10 -8.03 15.27 27.30
C LEU G 10 -6.69 14.57 27.08
N VAL G 11 -5.69 14.82 27.93
CA VAL G 11 -4.44 14.08 27.91
C VAL G 11 -4.67 12.61 28.27
N ILE G 12 -5.38 12.35 29.38
CA ILE G 12 -5.59 10.98 29.85
C ILE G 12 -6.48 10.20 28.90
N ALA G 13 -7.56 10.81 28.40
CA ALA G 13 -8.42 10.21 27.39
C ALA G 13 -7.66 9.86 26.11
N GLY G 14 -6.73 10.74 25.69
CA GLY G 14 -5.90 10.53 24.52
C GLY G 14 -5.06 9.25 24.62
N VAL G 15 -4.41 9.02 25.77
CA VAL G 15 -3.65 7.81 26.01
C VAL G 15 -4.54 6.58 25.89
N ILE G 16 -5.70 6.59 26.55
CA ILE G 16 -6.62 5.47 26.57
C ILE G 16 -7.11 5.09 25.16
N ILE G 17 -7.54 6.06 24.35
CA ILE G 17 -8.01 5.80 23.00
C ILE G 17 -6.85 5.32 22.10
N ALA G 18 -5.67 5.94 22.20
CA ALA G 18 -4.53 5.56 21.39
C ALA G 18 -4.11 4.11 21.63
N ILE G 19 -4.04 3.68 22.91
CA ILE G 19 -3.72 2.30 23.24
C ILE G 19 -4.79 1.34 22.71
N ALA G 20 -6.07 1.69 22.81
CA ALA G 20 -7.16 0.87 22.30
C ALA G 20 -7.05 0.62 20.79
N VAL G 21 -6.67 1.63 20.00
CA VAL G 21 -6.51 1.50 18.56
C VAL G 21 -5.32 0.61 18.21
N VAL G 22 -4.22 0.71 18.95
CA VAL G 22 -3.05 -0.15 18.74
C VAL G 22 -3.39 -1.61 19.00
N LEU G 23 -4.10 -1.90 20.10
CA LEU G 23 -4.54 -3.25 20.42
C LEU G 23 -5.49 -3.80 19.35
N PHE G 24 -6.40 -2.97 18.84
CA PHE G 24 -7.31 -3.35 17.77
C PHE G 24 -6.55 -3.80 16.52
N ALA G 25 -5.51 -3.07 16.12
CA ALA G 25 -4.69 -3.43 14.96
C ALA G 25 -4.06 -4.82 15.10
N PHE G 26 -3.54 -5.18 16.28
CA PHE G 26 -3.07 -6.54 16.55
C PHE G 26 -4.21 -7.57 16.59
N GLY G 27 -5.42 -7.15 16.99
CA GLY G 27 -6.57 -8.04 17.11
C GLY G 27 -7.20 -8.45 15.77
N LEU G 28 -6.95 -7.68 14.69
CA LEU G 28 -7.45 -8.00 13.35
C LEU G 28 -6.79 -9.25 12.79
N ILE G 29 -5.51 -9.46 13.08
CA ILE G 29 -4.62 -10.31 12.31
C ILE G 29 -5.16 -11.74 12.10
N PRO G 30 -5.66 -12.47 13.13
CA PRO G 30 -6.25 -13.79 12.94
C PRO G 30 -7.29 -13.90 11.84
N GLY G 31 -8.16 -12.89 11.71
CA GLY G 31 -9.23 -12.88 10.71
C GLY G 31 -8.76 -12.87 9.25
N ILE G 32 -7.51 -12.43 9.01
CA ILE G 32 -6.94 -12.37 7.67
C ILE G 32 -6.67 -13.78 7.12
N SER G 33 -6.36 -14.74 8.00
CA SER G 33 -5.92 -16.09 7.65
C SER G 33 -6.98 -16.87 6.85
N ASN G 34 -8.27 -16.68 7.16
CA ASN G 34 -9.36 -17.48 6.61
C ASN G 34 -9.61 -17.25 5.12
N GLN G 35 -9.09 -16.14 4.57
CA GLN G 35 -9.29 -15.72 3.19
C GLN G 35 -8.78 -16.72 2.15
N GLY G 36 -7.96 -17.71 2.57
CA GLY G 36 -7.36 -18.68 1.67
C GLY G 36 -7.76 -20.14 1.93
N SER G 37 -8.87 -20.38 2.63
CA SER G 37 -9.24 -21.70 3.13
C SER G 37 -9.55 -22.71 2.02
N ILE G 38 -9.94 -22.26 0.83
CA ILE G 38 -10.47 -23.13 -0.22
C ILE G 38 -9.57 -23.14 -1.46
N GLN G 39 -9.53 -24.31 -2.13
CA GLN G 39 -9.05 -24.37 -3.51
C GLN G 39 -9.83 -25.40 -4.34
N VAL G 40 -9.88 -25.16 -5.65
CA VAL G 40 -10.66 -25.95 -6.60
C VAL G 40 -9.70 -26.86 -7.37
N LEU G 41 -10.01 -28.16 -7.42
CA LEU G 41 -9.10 -29.16 -7.97
C LEU G 41 -9.64 -29.70 -9.30
N GLY G 42 -8.83 -29.59 -10.37
CA GLY G 42 -9.16 -30.09 -11.70
C GLY G 42 -10.30 -29.35 -12.40
N SER G 43 -10.68 -29.86 -13.58
CA SER G 43 -11.84 -29.36 -14.31
C SER G 43 -13.13 -29.84 -13.65
N GLY G 44 -14.18 -29.01 -13.73
CA GLY G 44 -15.54 -29.42 -13.42
C GLY G 44 -16.36 -29.67 -14.68
N THR G 45 -17.66 -29.95 -14.50
CA THR G 45 -18.56 -30.25 -15.61
C THR G 45 -19.85 -29.45 -15.48
N ILE G 46 -20.34 -28.88 -16.59
CA ILE G 46 -21.68 -28.29 -16.70
C ILE G 46 -22.58 -29.30 -17.43
N THR G 47 -23.85 -29.40 -17.03
CA THR G 47 -24.83 -30.28 -17.69
C THR G 47 -26.18 -29.57 -17.74
N ASN G 48 -26.85 -29.59 -18.90
CA ASN G 48 -28.20 -29.04 -19.03
C ASN G 48 -29.16 -29.93 -18.21
N SER G 49 -29.91 -29.30 -17.30
CA SER G 49 -30.62 -30.00 -16.24
C SER G 49 -32.15 -29.81 -16.34
N THR G 50 -32.61 -28.82 -17.13
CA THR G 50 -34.02 -28.46 -17.16
C THR G 50 -34.89 -29.54 -17.81
N ALA G 51 -36.12 -29.69 -17.27
CA ALA G 51 -37.12 -30.62 -17.79
C ALA G 51 -37.75 -30.13 -19.11
N SER G 52 -38.27 -31.09 -19.89
CA SER G 52 -38.90 -30.85 -21.19
C SER G 52 -40.03 -29.82 -21.11
N GLY G 53 -39.95 -28.78 -21.97
CA GLY G 53 -40.96 -27.74 -22.07
C GLY G 53 -40.91 -26.67 -20.97
N SER G 54 -40.01 -26.81 -19.98
CA SER G 54 -39.93 -25.88 -18.85
C SER G 54 -39.38 -24.51 -19.29
N SER G 55 -39.86 -23.44 -18.63
CA SER G 55 -39.52 -22.06 -18.94
C SER G 55 -38.07 -21.73 -18.56
N ARG G 56 -37.65 -22.18 -17.37
CA ARG G 56 -36.32 -21.91 -16.82
C ARG G 56 -35.26 -22.81 -17.47
N THR G 57 -34.19 -22.20 -18.01
CA THR G 57 -32.96 -22.96 -18.24
C THR G 57 -32.21 -23.09 -16.93
N ILE G 58 -31.86 -24.34 -16.55
CA ILE G 58 -31.14 -24.65 -15.33
C ILE G 58 -30.03 -25.64 -15.66
N TYR G 59 -28.84 -25.44 -15.08
CA TYR G 59 -27.69 -26.30 -15.32
C TYR G 59 -27.16 -26.87 -14.02
N ASN G 60 -26.67 -28.11 -14.10
CA ASN G 60 -25.99 -28.74 -12.98
C ASN G 60 -24.49 -28.50 -13.15
N ILE G 61 -23.85 -28.03 -12.08
CA ILE G 61 -22.42 -27.83 -12.09
C ILE G 61 -21.79 -28.73 -11.03
N THR G 62 -20.71 -29.43 -11.40
CA THR G 62 -19.98 -30.30 -10.49
C THR G 62 -18.49 -29.96 -10.52
N ILE G 63 -17.86 -29.79 -9.34
CA ILE G 63 -16.45 -29.46 -9.18
C ILE G 63 -15.91 -30.18 -7.95
N THR G 64 -14.59 -30.46 -7.90
CA THR G 64 -13.98 -30.89 -6.65
C THR G 64 -13.45 -29.68 -5.89
N VAL G 65 -13.85 -29.56 -4.62
CA VAL G 65 -13.42 -28.46 -3.77
C VAL G 65 -12.76 -29.02 -2.52
N LYS G 66 -11.62 -28.44 -2.12
CA LYS G 66 -10.90 -28.81 -0.90
C LYS G 66 -11.02 -27.66 0.11
N ASN G 67 -11.47 -27.98 1.33
CA ASN G 67 -11.53 -27.02 2.43
C ASN G 67 -10.40 -27.33 3.40
N THR G 68 -9.63 -26.30 3.79
CA THR G 68 -8.51 -26.42 4.71
C THR G 68 -8.68 -25.54 5.96
N GLY G 69 -9.83 -24.85 6.06
CA GLY G 69 -10.15 -24.05 7.23
C GLY G 69 -10.62 -24.91 8.41
N THR G 70 -11.13 -24.22 9.43
CA THR G 70 -11.62 -24.86 10.65
C THR G 70 -13.15 -24.87 10.75
N THR G 71 -13.84 -24.40 9.69
CA THR G 71 -15.29 -24.26 9.62
C THR G 71 -15.82 -24.65 8.23
N SER G 72 -17.09 -25.06 8.17
CA SER G 72 -17.77 -25.30 6.89
C SER G 72 -17.90 -24.00 6.10
N ILE G 73 -17.78 -24.09 4.77
CA ILE G 73 -17.86 -22.96 3.85
C ILE G 73 -18.81 -23.34 2.72
N SER G 74 -19.56 -22.36 2.16
CA SER G 74 -20.56 -22.61 1.13
C SER G 74 -20.29 -21.78 -0.13
N VAL G 75 -20.80 -22.25 -1.28
CA VAL G 75 -20.74 -21.50 -2.54
C VAL G 75 -21.77 -20.37 -2.50
N THR G 76 -21.40 -19.16 -2.95
CA THR G 76 -22.29 -18.00 -2.90
C THR G 76 -22.63 -17.43 -4.28
N SER G 77 -21.69 -17.54 -5.24
CA SER G 77 -21.90 -17.07 -6.60
C SER G 77 -20.95 -17.78 -7.57
N ILE G 78 -21.31 -17.78 -8.86
CA ILE G 78 -20.41 -18.21 -9.92
C ILE G 78 -20.53 -17.24 -11.10
N ASN G 79 -19.39 -16.94 -11.73
CA ASN G 79 -19.34 -16.23 -12.99
C ASN G 79 -18.76 -17.18 -14.04
N ILE G 80 -19.47 -17.43 -15.15
CA ILE G 80 -19.04 -18.39 -16.17
C ILE G 80 -18.87 -17.65 -17.49
N ASN G 81 -17.67 -17.71 -18.09
CA ASN G 81 -17.41 -17.12 -19.41
C ASN G 81 -17.69 -15.61 -19.43
N GLY G 82 -17.68 -14.96 -18.24
CA GLY G 82 -17.97 -13.54 -18.09
C GLY G 82 -19.41 -13.24 -17.63
N GLN G 83 -20.34 -14.17 -17.87
CA GLN G 83 -21.74 -14.03 -17.44
C GLN G 83 -21.87 -14.26 -15.93
N PRO G 84 -22.56 -13.39 -15.17
CA PRO G 84 -23.00 -13.73 -13.83
C PRO G 84 -24.17 -14.71 -13.87
N PHE G 85 -24.11 -15.71 -12.98
CA PHE G 85 -25.17 -16.69 -12.82
C PHE G 85 -25.77 -16.61 -11.41
N ASN G 86 -27.05 -16.90 -11.32
CA ASN G 86 -27.77 -17.06 -10.06
C ASN G 86 -27.71 -18.53 -9.64
N ILE G 87 -27.69 -18.80 -8.32
CA ILE G 87 -27.64 -20.16 -7.79
C ILE G 87 -29.02 -20.56 -7.30
N ASN G 88 -29.48 -21.74 -7.68
CA ASN G 88 -30.86 -22.07 -7.37
C ASN G 88 -30.93 -23.00 -6.15
N GLY G 89 -31.99 -22.84 -5.35
CA GLY G 89 -32.21 -23.61 -4.12
C GLY G 89 -31.20 -23.28 -3.01
N THR G 90 -30.93 -24.26 -2.15
CA THR G 90 -29.89 -24.15 -1.13
C THR G 90 -28.50 -24.23 -1.78
N ALA G 91 -27.58 -23.37 -1.30
CA ALA G 91 -26.18 -23.49 -1.62
C ALA G 91 -25.61 -24.80 -1.07
N PRO G 92 -24.62 -25.44 -1.74
CA PRO G 92 -23.89 -26.55 -1.15
C PRO G 92 -22.85 -26.02 -0.16
N SER G 93 -22.31 -26.92 0.68
CA SER G 93 -21.24 -26.57 1.61
C SER G 93 -20.21 -27.71 1.70
N ILE G 94 -18.96 -27.33 2.02
CA ILE G 94 -17.85 -28.26 2.15
C ILE G 94 -17.46 -28.33 3.62
N PRO G 95 -17.55 -29.51 4.27
CA PRO G 95 -17.14 -29.68 5.67
C PRO G 95 -15.68 -29.29 5.89
N ALA G 96 -15.35 -28.93 7.14
CA ALA G 96 -14.14 -28.18 7.48
C ALA G 96 -12.85 -28.81 6.96
N GLY G 97 -12.63 -30.12 7.16
CA GLY G 97 -11.34 -30.72 6.84
C GLY G 97 -11.31 -31.55 5.55
N ARG G 98 -12.35 -31.46 4.70
CA ARG G 98 -12.60 -32.47 3.67
C ARG G 98 -12.37 -31.96 2.24
N THR G 99 -12.14 -32.92 1.32
CA THR G 99 -12.10 -32.71 -0.12
C THR G 99 -13.24 -33.50 -0.76
N GLN G 100 -14.09 -32.84 -1.57
CA GLN G 100 -15.29 -33.50 -2.11
C GLN G 100 -15.63 -32.98 -3.51
N PRO G 101 -16.14 -33.86 -4.40
CA PRO G 101 -17.00 -33.41 -5.50
C PRO G 101 -18.28 -32.80 -4.93
N ILE G 102 -18.55 -31.55 -5.31
CA ILE G 102 -19.70 -30.75 -4.90
C ILE G 102 -20.56 -30.51 -6.13
N THR G 103 -21.89 -30.66 -6.01
CA THR G 103 -22.82 -30.40 -7.11
C THR G 103 -23.88 -29.36 -6.71
N PHE G 104 -24.20 -28.45 -7.64
CA PHE G 104 -25.22 -27.42 -7.42
C PHE G 104 -25.87 -26.98 -8.73
N GLU G 105 -27.05 -26.33 -8.62
CA GLU G 105 -27.84 -25.90 -9.76
C GLU G 105 -27.71 -24.38 -9.96
N VAL G 106 -27.59 -23.94 -11.22
CA VAL G 106 -27.45 -22.52 -11.54
C VAL G 106 -28.37 -22.14 -12.70
N THR G 107 -28.69 -20.85 -12.80
CA THR G 107 -29.51 -20.29 -13.86
C THR G 107 -28.96 -18.92 -14.26
N PRO G 108 -28.91 -18.55 -15.55
CA PRO G 108 -28.21 -17.32 -15.96
C PRO G 108 -28.98 -16.07 -15.58
N ALA G 109 -28.23 -15.05 -15.14
CA ALA G 109 -28.81 -13.78 -14.72
C ALA G 109 -28.82 -12.72 -15.84
N SER G 110 -27.75 -12.69 -16.66
CA SER G 110 -27.49 -11.59 -17.59
C SER G 110 -28.12 -11.75 -18.98
N GLY G 111 -28.69 -12.94 -19.28
CA GLY G 111 -29.23 -13.21 -20.59
C GLY G 111 -29.32 -14.71 -20.91
N LYS G 112 -28.92 -15.09 -22.13
CA LYS G 112 -28.95 -16.47 -22.62
C LYS G 112 -27.52 -16.94 -22.90
N PRO G 113 -26.98 -17.97 -22.18
CA PRO G 113 -25.71 -18.58 -22.54
C PRO G 113 -25.94 -19.61 -23.66
N ASN G 114 -24.91 -19.81 -24.48
CA ASN G 114 -24.97 -20.74 -25.61
C ASN G 114 -23.79 -21.69 -25.53
N PHE G 115 -23.83 -22.59 -24.53
CA PHE G 115 -22.79 -23.59 -24.37
C PHE G 115 -22.82 -24.59 -25.53
N SER G 116 -21.63 -25.07 -25.91
CA SER G 116 -21.42 -26.01 -27.00
C SER G 116 -20.86 -27.33 -26.47
N PRO G 117 -21.40 -28.51 -26.84
CA PRO G 117 -20.91 -29.80 -26.35
C PRO G 117 -19.39 -29.99 -26.46
N GLY G 118 -18.78 -30.33 -25.33
CA GLY G 118 -17.35 -30.56 -25.24
C GLY G 118 -16.48 -29.30 -25.14
N ALA G 119 -17.08 -28.11 -25.27
CA ALA G 119 -16.33 -26.86 -25.15
C ALA G 119 -15.94 -26.60 -23.69
N SER G 120 -14.85 -25.86 -23.51
CA SER G 120 -14.24 -25.58 -22.21
C SER G 120 -14.40 -24.10 -21.87
N TYR G 121 -14.95 -23.81 -20.68
CA TYR G 121 -15.28 -22.45 -20.24
C TYR G 121 -14.53 -22.12 -18.97
N THR G 122 -13.90 -20.94 -18.88
CA THR G 122 -13.37 -20.49 -17.60
C THR G 122 -14.50 -19.95 -16.72
N ALA G 123 -14.36 -20.14 -15.41
CA ALA G 123 -15.31 -19.64 -14.44
C ALA G 123 -14.57 -19.12 -13.21
N THR G 124 -15.21 -18.25 -12.43
CA THR G 124 -14.75 -17.93 -11.10
C THR G 124 -15.84 -18.31 -10.11
N ILE G 125 -15.53 -19.19 -9.15
CA ILE G 125 -16.45 -19.55 -8.08
C ILE G 125 -16.18 -18.60 -6.91
N TYR G 126 -17.23 -18.23 -6.15
CA TYR G 126 -17.09 -17.41 -4.96
C TYR G 126 -17.70 -18.10 -3.75
N PHE G 127 -17.02 -17.97 -2.60
CA PHE G 127 -17.31 -18.76 -1.40
C PHE G 127 -17.63 -17.87 -0.20
N SER G 128 -18.32 -18.44 0.80
CA SER G 128 -18.85 -17.71 1.95
C SER G 128 -17.78 -17.11 2.87
N ASN G 129 -16.51 -17.54 2.73
CA ASN G 129 -15.37 -16.94 3.42
C ASN G 129 -14.84 -15.71 2.67
N GLY G 130 -15.52 -15.26 1.61
CA GLY G 130 -15.15 -14.07 0.84
C GLY G 130 -14.08 -14.32 -0.23
N GLN G 131 -13.67 -15.58 -0.39
CA GLN G 131 -12.66 -15.98 -1.38
C GLN G 131 -13.28 -16.21 -2.76
N GLY G 132 -12.54 -15.87 -3.83
CA GLY G 132 -12.82 -16.30 -5.18
C GLY G 132 -11.74 -17.23 -5.70
N ALA G 133 -12.08 -18.14 -6.63
CA ALA G 133 -11.13 -19.10 -7.17
C ALA G 133 -11.38 -19.36 -8.66
N PRO G 134 -10.33 -19.35 -9.53
CA PRO G 134 -10.49 -19.70 -10.94
C PRO G 134 -10.80 -21.18 -11.12
N ALA G 135 -11.60 -21.49 -12.13
CA ALA G 135 -12.00 -22.87 -12.45
C ALA G 135 -12.18 -23.05 -13.95
N THR G 136 -12.06 -24.30 -14.43
CA THR G 136 -12.38 -24.66 -15.81
C THR G 136 -13.55 -25.62 -15.78
N LEU G 137 -14.56 -25.39 -16.64
CA LEU G 137 -15.74 -26.22 -16.70
C LEU G 137 -15.94 -26.74 -18.13
N ILE G 138 -16.14 -28.06 -18.29
CA ILE G 138 -16.39 -28.66 -19.60
C ILE G 138 -17.88 -28.94 -19.74
N TYR G 139 -18.53 -28.38 -20.77
CA TYR G 139 -19.96 -28.59 -20.96
C TYR G 139 -20.25 -29.96 -21.58
N GLN G 140 -20.95 -30.84 -20.84
CA GLN G 140 -21.20 -32.22 -21.25
C GLN G 140 -22.40 -32.35 -22.20
N GLY G 141 -23.27 -31.35 -22.25
CA GLY G 141 -24.56 -31.48 -22.92
C GLY G 141 -25.65 -31.90 -21.95
N LEU H 1 -2.20 19.75 24.35
CA LEU H 1 -1.19 18.80 24.90
C LEU H 1 -1.45 17.41 24.32
N SER H 2 -2.70 16.95 24.35
CA SER H 2 -3.18 15.60 23.99
C SER H 2 -2.60 15.06 22.66
N GLY H 3 -2.58 15.91 21.62
CA GLY H 3 -2.23 15.54 20.26
C GLY H 3 -0.85 14.90 20.10
N ALA H 4 0.17 15.47 20.77
CA ALA H 4 1.55 15.02 20.67
C ALA H 4 1.74 13.66 21.35
N ILE H 5 1.12 13.47 22.52
CA ILE H 5 1.12 12.23 23.29
C ILE H 5 0.54 11.08 22.45
N VAL H 6 -0.56 11.31 21.74
CA VAL H 6 -1.15 10.32 20.84
C VAL H 6 -0.22 10.01 19.67
N ALA H 7 0.40 11.03 19.06
CA ALA H 7 1.32 10.84 17.94
C ALA H 7 2.50 9.95 18.33
N LEU H 8 3.05 10.11 19.54
CA LEU H 8 4.16 9.32 20.03
C LEU H 8 3.80 7.83 20.16
N ILE H 9 2.61 7.51 20.69
CA ILE H 9 2.12 6.15 20.82
C ILE H 9 1.99 5.48 19.45
N LEU H 10 1.40 6.18 18.48
CA LEU H 10 1.15 5.62 17.15
C LEU H 10 2.44 5.50 16.32
N VAL H 11 3.45 6.32 16.59
CA VAL H 11 4.77 6.17 15.96
C VAL H 11 5.42 4.87 16.41
N ILE H 12 5.47 4.62 17.73
CA ILE H 12 6.13 3.44 18.27
C ILE H 12 5.41 2.16 17.88
N ALA H 13 4.08 2.15 17.96
CA ALA H 13 3.27 1.03 17.50
C ALA H 13 3.49 0.73 16.01
N GLY H 14 3.61 1.77 15.18
CA GLY H 14 3.87 1.65 13.76
C GLY H 14 5.14 0.88 13.45
N VAL H 15 6.25 1.21 14.15
CA VAL H 15 7.51 0.50 14.00
C VAL H 15 7.36 -0.98 14.36
N ILE H 16 6.71 -1.27 15.49
CA ILE H 16 6.54 -2.63 15.98
C ILE H 16 5.75 -3.49 14.98
N ILE H 17 4.61 -3.00 14.47
CA ILE H 17 3.81 -3.75 13.50
C ILE H 17 4.54 -3.91 12.17
N ALA H 18 5.22 -2.87 11.68
CA ALA H 18 5.94 -2.94 10.42
C ALA H 18 7.05 -4.00 10.46
N ILE H 19 7.84 -4.05 11.54
CA ILE H 19 8.88 -5.06 11.71
C ILE H 19 8.27 -6.47 11.76
N ALA H 20 7.15 -6.64 12.46
CA ALA H 20 6.47 -7.93 12.56
C ALA H 20 6.05 -8.48 11.19
N VAL H 21 5.53 -7.61 10.30
CA VAL H 21 5.11 -8.00 8.97
C VAL H 21 6.31 -8.39 8.09
N VAL H 22 7.43 -7.68 8.20
CA VAL H 22 8.64 -8.01 7.47
C VAL H 22 9.18 -9.38 7.89
N LEU H 23 9.23 -9.66 9.20
CA LEU H 23 9.66 -10.96 9.71
C LEU H 23 8.73 -12.07 9.24
N PHE H 24 7.42 -11.83 9.23
CA PHE H 24 6.44 -12.79 8.72
C PHE H 24 6.71 -13.18 7.27
N ALA H 25 7.02 -12.21 6.41
CA ALA H 25 7.32 -12.47 5.00
C ALA H 25 8.52 -13.41 4.84
N PHE H 26 9.60 -13.23 5.63
CA PHE H 26 10.71 -14.19 5.65
C PHE H 26 10.33 -15.54 6.26
N GLY H 27 9.36 -15.57 7.18
CA GLY H 27 8.93 -16.79 7.86
C GLY H 27 8.07 -17.72 7.00
N LEU H 28 7.44 -17.20 5.93
CA LEU H 28 6.65 -18.00 5.00
C LEU H 28 7.51 -18.98 4.21
N ILE H 29 8.73 -18.57 3.85
CA ILE H 29 9.49 -19.16 2.75
C ILE H 29 9.64 -20.69 2.86
N PRO H 30 10.04 -21.29 4.01
CA PRO H 30 10.12 -22.73 4.15
C PRO H 30 8.90 -23.51 3.70
N GLY H 31 7.69 -23.00 3.98
CA GLY H 31 6.44 -23.66 3.63
C GLY H 31 6.19 -23.82 2.13
N ILE H 32 6.84 -22.98 1.30
CA ILE H 32 6.70 -23.02 -0.16
C ILE H 32 7.34 -24.28 -0.74
N SER H 33 8.41 -24.79 -0.10
CA SER H 33 9.23 -25.90 -0.60
C SER H 33 8.43 -27.20 -0.78
N ASN H 34 7.47 -27.48 0.11
CA ASN H 34 6.77 -28.76 0.17
C ASN H 34 5.85 -29.01 -1.02
N GLN H 35 5.49 -27.96 -1.77
CA GLN H 35 4.55 -27.99 -2.89
C GLN H 35 4.99 -28.93 -4.03
N GLY H 36 6.26 -29.37 -4.04
CA GLY H 36 6.80 -30.19 -5.11
C GLY H 36 7.29 -31.58 -4.67
N SER H 37 6.83 -32.07 -3.50
CA SER H 37 7.37 -33.27 -2.87
C SER H 37 7.14 -34.56 -3.67
N ILE H 38 6.12 -34.60 -4.54
CA ILE H 38 5.68 -35.83 -5.18
C ILE H 38 5.86 -35.78 -6.71
N GLN H 39 6.16 -36.94 -7.30
CA GLN H 39 5.97 -37.13 -8.73
C GLN H 39 5.50 -38.54 -9.06
N VAL H 40 4.78 -38.67 -10.20
CA VAL H 40 4.16 -39.91 -10.63
C VAL H 40 5.01 -40.51 -11.77
N LEU H 41 5.36 -41.79 -11.64
CA LEU H 41 6.30 -42.44 -12.55
C LEU H 41 5.58 -43.45 -13.44
N GLY H 42 5.71 -43.28 -14.77
CA GLY H 42 5.13 -44.18 -15.77
C GLY H 42 3.60 -44.14 -15.85
N SER H 43 3.04 -45.02 -16.69
CA SER H 43 1.61 -45.24 -16.78
C SER H 43 1.10 -46.02 -15.56
N GLY H 44 -0.14 -45.73 -15.14
CA GLY H 44 -0.87 -46.57 -14.21
C GLY H 44 -1.93 -47.42 -14.91
N THR H 45 -2.72 -48.15 -14.12
CA THR H 45 -3.74 -49.04 -14.65
C THR H 45 -5.07 -48.84 -13.93
N ILE H 46 -6.19 -48.78 -14.67
CA ILE H 46 -7.54 -48.84 -14.13
C ILE H 46 -8.07 -50.26 -14.33
N THR H 47 -8.84 -50.77 -13.36
CA THR H 47 -9.47 -52.09 -13.44
C THR H 47 -10.88 -52.02 -12.85
N ASN H 48 -11.88 -52.59 -13.54
CA ASN H 48 -13.23 -52.69 -13.01
C ASN H 48 -13.22 -53.66 -11.83
N SER H 49 -13.71 -53.20 -10.67
CA SER H 49 -13.50 -53.86 -9.39
C SER H 49 -14.81 -54.32 -8.74
N THR H 50 -15.96 -53.83 -9.22
CA THR H 50 -17.24 -54.08 -8.57
C THR H 50 -17.69 -55.54 -8.69
N ALA H 51 -18.34 -56.05 -7.64
CA ALA H 51 -18.90 -57.39 -7.58
C ALA H 51 -20.17 -57.52 -8.45
N SER H 52 -20.45 -58.76 -8.87
CA SER H 52 -21.60 -59.12 -9.72
C SER H 52 -22.93 -58.64 -9.12
N GLY H 53 -23.70 -57.89 -9.93
CA GLY H 53 -25.02 -57.40 -9.56
C GLY H 53 -25.03 -56.18 -8.62
N SER H 54 -23.85 -55.70 -8.18
CA SER H 54 -23.76 -54.59 -7.25
C SER H 54 -24.15 -53.26 -7.90
N SER H 55 -24.76 -52.36 -7.12
CA SER H 55 -25.26 -51.07 -7.57
C SER H 55 -24.13 -50.10 -7.94
N ARG H 56 -23.09 -50.04 -7.10
CA ARG H 56 -21.95 -49.14 -7.26
C ARG H 56 -20.99 -49.66 -8.33
N THR H 57 -20.66 -48.83 -9.33
CA THR H 57 -19.46 -49.05 -10.11
C THR H 57 -18.25 -48.55 -9.33
N ILE H 58 -17.24 -49.43 -9.14
CA ILE H 58 -16.01 -49.11 -8.41
C ILE H 58 -14.83 -49.62 -9.23
N TYR H 59 -13.76 -48.83 -9.30
CA TYR H 59 -12.57 -49.17 -10.05
C TYR H 59 -11.34 -49.16 -9.16
N ASN H 60 -10.41 -50.07 -9.45
CA ASN H 60 -9.12 -50.09 -8.79
C ASN H 60 -8.14 -49.31 -9.65
N ILE H 61 -7.41 -48.38 -9.04
CA ILE H 61 -6.39 -47.63 -9.76
C ILE H 61 -5.05 -47.92 -9.11
N THR H 62 -4.03 -48.18 -9.94
CA THR H 62 -2.66 -48.44 -9.48
C THR H 62 -1.69 -47.55 -10.24
N ILE H 63 -0.79 -46.86 -9.50
CA ILE H 63 0.23 -45.97 -10.05
C ILE H 63 1.50 -46.08 -9.22
N THR H 64 2.68 -45.79 -9.81
CA THR H 64 3.88 -45.62 -9.01
C THR H 64 4.05 -44.16 -8.62
N VAL H 65 4.22 -43.91 -7.31
CA VAL H 65 4.39 -42.56 -6.79
C VAL H 65 5.70 -42.51 -6.00
N LYS H 66 6.47 -41.43 -6.21
CA LYS H 66 7.71 -41.17 -5.49
C LYS H 66 7.51 -39.97 -4.56
N ASN H 67 7.82 -40.15 -3.28
CA ASN H 67 7.79 -39.06 -2.31
C ASN H 67 9.23 -38.65 -1.98
N THR H 68 9.50 -37.34 -2.04
CA THR H 68 10.81 -36.77 -1.77
C THR H 68 10.79 -35.76 -0.61
N GLY H 69 9.62 -35.59 0.02
CA GLY H 69 9.49 -34.74 1.19
C GLY H 69 10.02 -35.41 2.47
N THR H 70 9.73 -34.76 3.60
CA THR H 70 10.17 -35.23 4.92
C THR H 70 9.02 -35.83 5.74
N THR H 71 7.83 -35.95 5.13
CA THR H 71 6.60 -36.43 5.77
C THR H 71 5.79 -37.31 4.82
N SER H 72 4.97 -38.21 5.38
CA SER H 72 4.01 -39.00 4.60
C SER H 72 2.97 -38.10 3.95
N ILE H 73 2.54 -38.45 2.72
CA ILE H 73 1.57 -37.69 1.94
C ILE H 73 0.53 -38.68 1.41
N SER H 74 -0.74 -38.25 1.28
CA SER H 74 -1.85 -39.12 0.86
C SER H 74 -2.55 -38.57 -0.39
N VAL H 75 -3.20 -39.47 -1.15
CA VAL H 75 -4.03 -39.07 -2.28
C VAL H 75 -5.35 -38.49 -1.77
N THR H 76 -5.82 -37.38 -2.37
CA THR H 76 -7.05 -36.71 -1.90
C THR H 76 -8.14 -36.66 -2.96
N SER H 77 -7.77 -36.61 -4.25
CA SER H 77 -8.72 -36.60 -5.35
C SER H 77 -8.07 -37.09 -6.64
N ILE H 78 -8.88 -37.54 -7.60
CA ILE H 78 -8.43 -37.80 -8.96
C ILE H 78 -9.47 -37.29 -9.96
N ASN H 79 -9.00 -36.71 -11.06
CA ASN H 79 -9.83 -36.35 -12.19
C ASN H 79 -9.37 -37.20 -13.38
N ILE H 80 -10.27 -37.98 -14.00
CA ILE H 80 -9.91 -38.90 -15.08
C ILE H 80 -10.68 -38.49 -16.34
N ASN H 81 -9.98 -38.21 -17.44
CA ASN H 81 -10.60 -37.90 -18.73
C ASN H 81 -11.54 -36.68 -18.63
N GLY H 82 -11.34 -35.81 -17.62
CA GLY H 82 -12.16 -34.64 -17.36
C GLY H 82 -13.22 -34.84 -16.27
N GLN H 83 -13.61 -36.10 -16.00
CA GLN H 83 -14.58 -36.44 -14.97
C GLN H 83 -13.94 -36.34 -13.58
N PRO H 84 -14.57 -35.66 -12.59
CA PRO H 84 -14.18 -35.82 -11.20
C PRO H 84 -14.65 -37.17 -10.65
N PHE H 85 -13.76 -37.83 -9.89
CA PHE H 85 -14.06 -39.08 -9.22
C PHE H 85 -13.96 -38.90 -7.70
N ASN H 86 -14.80 -39.67 -6.99
CA ASN H 86 -14.75 -39.80 -5.55
C ASN H 86 -13.83 -40.97 -5.18
N ILE H 87 -13.13 -40.88 -4.03
CA ILE H 87 -12.24 -41.95 -3.57
C ILE H 87 -12.93 -42.73 -2.46
N ASN H 88 -12.87 -44.06 -2.55
CA ASN H 88 -13.66 -44.83 -1.62
C ASN H 88 -12.78 -45.39 -0.51
N GLY H 89 -13.34 -45.49 0.72
CA GLY H 89 -12.63 -45.96 1.90
C GLY H 89 -11.54 -45.00 2.38
N THR H 90 -10.50 -45.56 3.02
CA THR H 90 -9.32 -44.79 3.41
C THR H 90 -8.48 -44.44 2.17
N ALA H 91 -7.96 -43.21 2.13
CA ALA H 91 -6.95 -42.82 1.17
C ALA H 91 -5.66 -43.62 1.41
N PRO H 92 -4.88 -43.93 0.35
CA PRO H 92 -3.54 -44.48 0.53
C PRO H 92 -2.56 -43.36 0.89
N SER H 93 -1.38 -43.74 1.37
CA SER H 93 -0.31 -42.78 1.66
C SER H 93 1.06 -43.34 1.27
N ILE H 94 1.99 -42.43 0.94
CA ILE H 94 3.33 -42.77 0.53
C ILE H 94 4.30 -42.33 1.62
N PRO H 95 5.05 -43.26 2.26
CA PRO H 95 6.04 -42.91 3.29
C PRO H 95 7.09 -41.92 2.77
N ALA H 96 7.70 -41.17 3.70
CA ALA H 96 8.43 -39.94 3.40
C ALA H 96 9.52 -40.09 2.33
N GLY H 97 10.38 -41.12 2.42
CA GLY H 97 11.53 -41.21 1.53
C GLY H 97 11.40 -42.23 0.39
N ARG H 98 10.19 -42.77 0.14
CA ARG H 98 10.02 -44.01 -0.61
C ARG H 98 9.38 -43.80 -1.99
N THR H 99 9.61 -44.78 -2.89
CA THR H 99 8.94 -44.92 -4.17
C THR H 99 8.16 -46.23 -4.17
N GLN H 100 6.84 -46.19 -4.48
CA GLN H 100 6.00 -47.37 -4.36
C GLN H 100 4.90 -47.40 -5.44
N PRO H 101 4.53 -48.58 -5.96
CA PRO H 101 3.19 -48.79 -6.51
C PRO H 101 2.15 -48.66 -5.40
N ILE H 102 1.21 -47.73 -5.63
CA ILE H 102 0.11 -47.39 -4.73
C ILE H 102 -1.20 -47.83 -5.39
N THR H 103 -2.11 -48.47 -4.64
CA THR H 103 -3.41 -48.88 -5.15
C THR H 103 -4.55 -48.29 -4.31
N PHE H 104 -5.63 -47.84 -4.97
CA PHE H 104 -6.80 -47.29 -4.31
C PHE H 104 -8.07 -47.48 -5.14
N GLU H 105 -9.23 -47.35 -4.49
CA GLU H 105 -10.54 -47.55 -5.11
C GLU H 105 -11.23 -46.22 -5.37
N VAL H 106 -11.87 -46.08 -6.54
CA VAL H 106 -12.57 -44.85 -6.91
C VAL H 106 -13.94 -45.16 -7.49
N THR H 107 -14.83 -44.16 -7.44
CA THR H 107 -16.18 -44.26 -7.99
C THR H 107 -16.56 -42.91 -8.61
N PRO H 108 -17.24 -42.88 -9.79
CA PRO H 108 -17.45 -41.62 -10.50
C PRO H 108 -18.47 -40.72 -9.80
N ALA H 109 -18.19 -39.41 -9.80
CA ALA H 109 -19.05 -38.42 -9.17
C ALA H 109 -20.02 -37.76 -10.16
N SER H 110 -19.56 -37.50 -11.39
CA SER H 110 -20.25 -36.63 -12.36
C SER H 110 -21.25 -37.36 -13.26
N GLY H 111 -21.26 -38.71 -13.23
CA GLY H 111 -22.12 -39.49 -14.12
C GLY H 111 -21.61 -40.92 -14.33
N LYS H 112 -21.64 -41.38 -15.59
CA LYS H 112 -21.21 -42.72 -15.98
C LYS H 112 -20.00 -42.64 -16.92
N PRO H 113 -18.80 -43.15 -16.52
CA PRO H 113 -17.68 -43.28 -17.45
C PRO H 113 -17.84 -44.54 -18.29
N ASN H 114 -17.30 -44.50 -19.51
CA ASN H 114 -17.38 -45.60 -20.46
C ASN H 114 -15.99 -45.96 -20.94
N PHE H 115 -15.18 -46.51 -20.04
CA PHE H 115 -13.83 -46.96 -20.38
C PHE H 115 -13.87 -48.12 -21.38
N SER H 116 -12.88 -48.15 -22.27
CA SER H 116 -12.74 -49.17 -23.31
C SER H 116 -11.46 -49.98 -23.10
N PRO H 117 -11.49 -51.33 -23.14
CA PRO H 117 -10.30 -52.15 -22.93
C PRO H 117 -9.09 -51.73 -23.76
N GLY H 118 -7.97 -51.51 -23.05
CA GLY H 118 -6.70 -51.12 -23.67
C GLY H 118 -6.59 -49.63 -24.01
N ALA H 119 -7.66 -48.86 -23.87
CA ALA H 119 -7.62 -47.42 -24.14
C ALA H 119 -6.82 -46.69 -23.05
N SER H 120 -6.23 -45.55 -23.43
CA SER H 120 -5.36 -44.75 -22.58
C SER H 120 -6.03 -43.42 -22.23
N TYR H 121 -6.10 -43.10 -20.93
CA TYR H 121 -6.80 -41.94 -20.42
C TYR H 121 -5.83 -41.03 -19.67
N THR H 122 -5.87 -39.71 -19.91
CA THR H 122 -5.13 -38.80 -19.04
C THR H 122 -5.89 -38.58 -17.75
N ALA H 123 -5.14 -38.37 -16.66
CA ALA H 123 -5.70 -38.09 -15.35
C ALA H 123 -4.85 -37.02 -14.65
N THR H 124 -5.43 -36.34 -13.66
CA THR H 124 -4.65 -35.54 -12.73
C THR H 124 -4.91 -36.09 -11.33
N ILE H 125 -3.86 -36.51 -10.63
CA ILE H 125 -3.95 -36.94 -9.24
C ILE H 125 -3.70 -35.72 -8.36
N TYR H 126 -4.37 -35.64 -7.20
CA TYR H 126 -4.15 -34.57 -6.23
C TYR H 126 -3.78 -35.14 -4.86
N PHE H 127 -2.82 -34.48 -4.19
CA PHE H 127 -2.18 -35.01 -2.99
C PHE H 127 -2.35 -34.07 -1.80
N SER H 128 -2.19 -34.60 -0.58
CA SER H 128 -2.46 -33.90 0.67
C SER H 128 -1.51 -32.72 0.95
N ASN H 129 -0.39 -32.64 0.22
CA ASN H 129 0.50 -31.48 0.27
C ASN H 129 0.01 -30.34 -0.66
N GLY H 130 -1.17 -30.48 -1.27
CA GLY H 130 -1.75 -29.46 -2.14
C GLY H 130 -1.26 -29.50 -3.58
N GLN H 131 -0.41 -30.49 -3.92
CA GLN H 131 0.13 -30.66 -5.26
C GLN H 131 -0.82 -31.46 -6.16
N GLY H 132 -0.85 -31.10 -7.45
CA GLY H 132 -1.44 -31.92 -8.51
C GLY H 132 -0.37 -32.43 -9.47
N ALA H 133 -0.61 -33.60 -10.10
CA ALA H 133 0.35 -34.20 -11.02
C ALA H 133 -0.35 -34.87 -12.20
N PRO H 134 0.09 -34.63 -13.46
CA PRO H 134 -0.46 -35.35 -14.62
C PRO H 134 -0.08 -36.83 -14.60
N ALA H 135 -0.99 -37.68 -15.10
CA ALA H 135 -0.78 -39.11 -15.17
C ALA H 135 -1.46 -39.71 -16.39
N THR H 136 -0.98 -40.88 -16.85
CA THR H 136 -1.64 -41.65 -17.89
C THR H 136 -2.10 -42.97 -17.29
N LEU H 137 -3.34 -43.38 -17.57
CA LEU H 137 -3.90 -44.61 -17.03
C LEU H 137 -4.41 -45.49 -18.18
N ILE H 138 -4.02 -46.77 -18.20
CA ILE H 138 -4.48 -47.70 -19.22
C ILE H 138 -5.58 -48.59 -18.61
N TYR H 139 -6.76 -48.61 -19.22
CA TYR H 139 -7.86 -49.41 -18.69
C TYR H 139 -7.70 -50.90 -19.07
N GLN H 140 -7.52 -51.78 -18.08
CA GLN H 140 -7.24 -53.19 -18.30
C GLN H 140 -8.51 -54.02 -18.55
N GLY H 141 -9.69 -53.50 -18.18
CA GLY H 141 -10.90 -54.29 -18.14
C GLY H 141 -11.15 -54.86 -16.75
N LEU I 1 2.34 11.24 11.67
CA LEU I 1 3.81 10.94 11.67
C LEU I 1 4.02 9.47 11.31
N SER I 2 3.26 8.57 11.95
CA SER I 2 3.39 7.10 11.88
C SER I 2 3.52 6.54 10.46
N GLY I 3 2.70 7.04 9.53
CA GLY I 3 2.58 6.54 8.17
C GLY I 3 3.89 6.50 7.37
N ALA I 4 4.69 7.56 7.46
CA ALA I 4 5.93 7.70 6.71
C ALA I 4 7.01 6.75 7.23
N ILE I 5 7.10 6.60 8.56
CA ILE I 5 8.00 5.69 9.25
C ILE I 5 7.74 4.24 8.81
N VAL I 6 6.47 3.83 8.71
CA VAL I 6 6.11 2.51 8.24
C VAL I 6 6.48 2.33 6.76
N ALA I 7 6.23 3.33 5.92
CA ALA I 7 6.56 3.27 4.50
C ALA I 7 8.05 3.04 4.28
N LEU I 8 8.91 3.71 5.07
CA LEU I 8 10.35 3.57 4.98
C LEU I 8 10.84 2.15 5.28
N ILE I 9 10.27 1.51 6.32
CA ILE I 9 10.59 0.13 6.69
C ILE I 9 10.23 -0.83 5.56
N LEU I 10 9.02 -0.69 4.99
CA LEU I 10 8.53 -1.59 3.96
C LEU I 10 9.24 -1.38 2.61
N VAL I 11 9.76 -0.18 2.34
CA VAL I 11 10.59 0.07 1.16
C VAL I 11 11.89 -0.71 1.26
N ILE I 12 12.61 -0.60 2.40
CA ILE I 12 13.90 -1.25 2.56
C ILE I 12 13.77 -2.77 2.59
N ALA I 13 12.77 -3.29 3.29
CA ALA I 13 12.48 -4.72 3.31
C ALA I 13 12.16 -5.25 1.90
N GLY I 14 11.42 -4.48 1.10
CA GLY I 14 11.07 -4.82 -0.27
C GLY I 14 12.30 -5.05 -1.14
N VAL I 15 13.30 -4.16 -1.06
CA VAL I 15 14.55 -4.30 -1.80
C VAL I 15 15.27 -5.58 -1.38
N ILE I 16 15.39 -5.84 -0.08
CA ILE I 16 16.10 -6.99 0.46
C ILE I 16 15.47 -8.31 -0.02
N ILE I 17 14.14 -8.46 0.07
CA ILE I 17 13.46 -9.67 -0.37
C ILE I 17 13.54 -9.84 -1.89
N ALA I 18 13.37 -8.76 -2.66
CA ALA I 18 13.43 -8.83 -4.11
C ALA I 18 14.81 -9.30 -4.61
N ILE I 19 15.90 -8.77 -4.03
CA ILE I 19 17.24 -9.20 -4.39
C ILE I 19 17.46 -10.68 -4.02
N ALA I 20 16.98 -11.12 -2.86
CA ALA I 20 17.10 -12.51 -2.43
C ALA I 20 16.44 -13.49 -3.41
N VAL I 21 15.27 -13.14 -3.95
CA VAL I 21 14.56 -13.98 -4.91
C VAL I 21 15.30 -14.06 -6.25
N VAL I 22 15.89 -12.94 -6.71
CA VAL I 22 16.67 -12.92 -7.93
C VAL I 22 17.90 -13.81 -7.81
N LEU I 23 18.63 -13.72 -6.68
CA LEU I 23 19.78 -14.58 -6.42
C LEU I 23 19.39 -16.06 -6.36
N PHE I 24 18.24 -16.37 -5.74
CA PHE I 24 17.74 -17.73 -5.70
C PHE I 24 17.51 -18.31 -7.09
N ALA I 25 16.93 -17.53 -8.01
CA ALA I 25 16.70 -17.97 -9.38
C ALA I 25 18.01 -18.37 -10.09
N PHE I 26 19.09 -17.58 -9.93
CA PHE I 26 20.40 -17.97 -10.43
C PHE I 26 21.00 -19.18 -9.69
N GLY I 27 20.65 -19.38 -8.41
CA GLY I 27 21.18 -20.46 -7.59
C GLY I 27 20.58 -21.84 -7.92
N LEU I 28 19.40 -21.90 -8.56
CA LEU I 28 18.77 -23.14 -8.98
C LEU I 28 19.56 -23.85 -10.08
N ILE I 29 20.16 -23.08 -10.98
CA ILE I 29 20.57 -23.54 -12.30
C ILE I 29 21.44 -24.81 -12.26
N PRO I 30 22.52 -24.90 -11.44
CA PRO I 30 23.32 -26.12 -11.33
C PRO I 30 22.54 -27.41 -11.13
N GLY I 31 21.49 -27.38 -10.31
CA GLY I 31 20.68 -28.55 -10.00
C GLY I 31 19.92 -29.14 -11.19
N ILE I 32 19.68 -28.33 -12.24
CA ILE I 32 18.98 -28.77 -13.44
C ILE I 32 19.82 -29.77 -14.25
N SER I 33 21.16 -29.64 -14.20
CA SER I 33 22.10 -30.41 -15.01
C SER I 33 22.01 -31.93 -14.77
N ASN I 34 21.78 -32.34 -13.52
CA ASN I 34 21.86 -33.74 -13.11
C ASN I 34 20.75 -34.62 -13.70
N GLN I 35 19.68 -34.02 -14.20
CA GLN I 35 18.50 -34.69 -14.73
C GLN I 35 18.79 -35.61 -15.93
N GLY I 36 19.97 -35.49 -16.54
CA GLY I 36 20.33 -36.25 -17.72
C GLY I 36 21.54 -37.18 -17.56
N SER I 37 21.91 -37.52 -16.31
CA SER I 37 23.15 -38.21 -15.99
C SER I 37 23.24 -39.63 -16.57
N ILE I 38 22.11 -40.28 -16.83
CA ILE I 38 22.06 -41.70 -17.17
C ILE I 38 21.54 -41.95 -18.59
N GLN I 39 22.07 -42.99 -19.24
CA GLN I 39 21.42 -43.58 -20.40
C GLN I 39 21.57 -45.10 -20.44
N VAL I 40 20.60 -45.76 -21.08
CA VAL I 40 20.50 -47.21 -21.15
C VAL I 40 20.96 -47.68 -22.53
N LEU I 41 21.89 -48.64 -22.57
CA LEU I 41 22.54 -49.05 -23.81
C LEU I 41 22.08 -50.45 -24.23
N GLY I 42 21.54 -50.56 -25.46
CA GLY I 42 21.09 -51.82 -26.05
C GLY I 42 19.85 -52.43 -25.38
N SER I 43 19.48 -53.63 -25.83
CA SER I 43 18.43 -54.42 -25.20
C SER I 43 18.91 -55.02 -23.88
N GLY I 44 17.99 -55.18 -22.92
CA GLY I 44 18.21 -55.98 -21.74
C GLY I 44 17.50 -57.33 -21.83
N THR I 45 17.55 -58.11 -20.74
CA THR I 45 16.96 -59.43 -20.70
C THR I 45 16.13 -59.62 -19.43
N ILE I 46 14.92 -60.20 -19.54
CA ILE I 46 14.12 -60.67 -18.42
C ILE I 46 14.30 -62.19 -18.31
N THR I 47 14.34 -62.72 -17.08
CA THR I 47 14.44 -64.15 -16.83
C THR I 47 13.57 -64.52 -15.63
N ASN I 48 12.76 -65.59 -15.74
CA ASN I 48 11.99 -66.10 -14.63
C ASN I 48 12.94 -66.67 -13.58
N SER I 49 12.83 -66.19 -12.34
CA SER I 49 13.84 -66.37 -11.31
C SER I 49 13.32 -67.17 -10.09
N THR I 50 11.99 -67.30 -9.97
CA THR I 50 11.38 -67.89 -8.78
C THR I 50 11.67 -69.39 -8.65
N ALA I 51 11.84 -69.84 -7.39
CA ALA I 51 12.06 -71.25 -7.06
C ALA I 51 10.78 -72.08 -7.20
N SER I 52 10.95 -73.39 -7.41
CA SER I 52 9.88 -74.38 -7.58
C SER I 52 8.88 -74.34 -6.42
N GLY I 53 7.59 -74.21 -6.76
CA GLY I 53 6.49 -74.20 -5.80
C GLY I 53 6.30 -72.90 -5.01
N SER I 54 7.18 -71.90 -5.20
CA SER I 54 7.13 -70.64 -4.45
C SER I 54 5.92 -69.79 -4.86
N SER I 55 5.35 -69.05 -3.90
CA SER I 55 4.17 -68.23 -4.08
C SER I 55 4.43 -67.00 -4.95
N ARG I 56 5.57 -66.32 -4.72
CA ARG I 56 5.96 -65.11 -5.43
C ARG I 56 6.51 -65.44 -6.82
N THR I 57 5.94 -64.81 -7.87
CA THR I 57 6.65 -64.71 -9.14
C THR I 57 7.70 -63.59 -9.03
N ILE I 58 8.96 -63.91 -9.35
CA ILE I 58 10.08 -62.97 -9.30
C ILE I 58 10.89 -63.13 -10.59
N TYR I 59 11.33 -62.02 -11.18
CA TYR I 59 12.10 -62.02 -12.41
C TYR I 59 13.43 -61.30 -12.22
N ASN I 60 14.45 -61.80 -12.91
CA ASN I 60 15.73 -61.13 -12.96
C ASN I 60 15.77 -60.26 -14.19
N ILE I 61 16.15 -59.00 -14.02
CA ILE I 61 16.29 -58.09 -15.15
C ILE I 61 17.74 -57.65 -15.24
N THR I 62 18.31 -57.67 -16.45
CA THR I 62 19.68 -57.23 -16.70
C THR I 62 19.71 -56.23 -17.85
N ILE I 63 20.39 -55.09 -17.65
CA ILE I 63 20.53 -54.02 -18.64
C ILE I 63 21.93 -53.41 -18.53
N THR I 64 22.45 -52.82 -19.62
CA THR I 64 23.65 -52.00 -19.50
C THR I 64 23.26 -50.55 -19.26
N VAL I 65 23.82 -49.94 -18.20
CA VAL I 65 23.54 -48.56 -17.85
C VAL I 65 24.86 -47.78 -17.80
N LYS I 66 24.88 -46.58 -18.37
CA LYS I 66 26.02 -45.68 -18.34
C LYS I 66 25.68 -44.48 -17.45
N ASN I 67 26.55 -44.20 -16.47
CA ASN I 67 26.43 -43.02 -15.62
C ASN I 67 27.49 -42.00 -16.04
N THR I 68 27.07 -40.74 -16.24
CA THR I 68 27.94 -39.64 -16.64
C THR I 68 27.93 -38.50 -15.63
N GLY I 69 27.21 -38.67 -14.52
CA GLY I 69 27.19 -37.68 -13.44
C GLY I 69 28.45 -37.75 -12.58
N THR I 70 28.41 -37.04 -11.45
CA THR I 70 29.53 -36.95 -10.51
C THR I 70 29.26 -37.76 -9.22
N THR I 71 28.14 -38.49 -9.17
CA THR I 71 27.68 -39.26 -8.01
C THR I 71 27.07 -40.58 -8.44
N SER I 72 27.07 -41.58 -7.54
CA SER I 72 26.38 -42.85 -7.75
C SER I 72 24.87 -42.62 -7.82
N ILE I 73 24.19 -43.39 -8.69
CA ILE I 73 22.75 -43.31 -8.91
C ILE I 73 22.18 -44.73 -8.85
N SER I 74 20.94 -44.89 -8.37
CA SER I 74 20.31 -46.20 -8.18
C SER I 74 18.99 -46.30 -8.94
N VAL I 75 18.58 -47.54 -9.28
CA VAL I 75 17.26 -47.80 -9.88
C VAL I 75 16.18 -47.69 -8.80
N THR I 76 15.04 -47.04 -9.11
CA THR I 76 13.98 -46.83 -8.12
C THR I 76 12.65 -47.48 -8.52
N SER I 77 12.38 -47.60 -9.83
CA SER I 77 11.17 -48.25 -10.33
C SER I 77 11.37 -48.71 -11.78
N ILE I 78 10.54 -49.67 -12.22
CA ILE I 78 10.44 -50.04 -13.62
C ILE I 78 8.98 -50.24 -13.99
N ASN I 79 8.61 -49.81 -15.19
CA ASN I 79 7.32 -50.09 -15.80
C ASN I 79 7.58 -50.93 -17.04
N ILE I 80 6.99 -52.14 -17.13
CA ILE I 80 7.23 -53.05 -18.24
C ILE I 80 5.92 -53.31 -18.98
N ASN I 81 5.87 -53.04 -20.29
CA ASN I 81 4.69 -53.32 -21.12
C ASN I 81 3.44 -52.59 -20.60
N GLY I 82 3.62 -51.52 -19.83
CA GLY I 82 2.53 -50.75 -19.22
C GLY I 82 2.26 -51.10 -17.75
N GLN I 83 2.66 -52.30 -17.31
CA GLN I 83 2.50 -52.75 -15.92
C GLN I 83 3.54 -52.07 -15.02
N PRO I 84 3.14 -51.49 -13.86
CA PRO I 84 4.12 -51.14 -12.82
C PRO I 84 4.61 -52.40 -12.10
N PHE I 85 5.92 -52.44 -11.85
CA PHE I 85 6.56 -53.50 -11.10
C PHE I 85 7.20 -52.96 -9.82
N ASN I 86 7.21 -53.79 -8.79
CA ASN I 86 7.91 -53.55 -7.55
C ASN I 86 9.33 -54.13 -7.65
N ILE I 87 10.31 -53.49 -6.98
CA ILE I 87 11.69 -53.97 -7.00
C ILE I 87 12.00 -54.67 -5.68
N ASN I 88 12.62 -55.85 -5.77
CA ASN I 88 12.76 -56.62 -4.55
C ASN I 88 14.17 -56.49 -4.00
N GLY I 89 14.31 -56.52 -2.67
CA GLY I 89 15.58 -56.37 -1.96
C GLY I 89 16.17 -54.95 -2.09
N THR I 90 17.51 -54.88 -2.02
CA THR I 90 18.23 -53.63 -2.27
C THR I 90 18.20 -53.27 -3.76
N ALA I 91 18.00 -51.99 -4.05
CA ALA I 91 18.21 -51.47 -5.40
C ALA I 91 19.67 -51.59 -5.80
N PRO I 92 19.99 -51.81 -7.10
CA PRO I 92 21.37 -51.71 -7.58
C PRO I 92 21.75 -50.24 -7.76
N SER I 93 23.06 -49.98 -7.90
CA SER I 93 23.55 -48.64 -8.18
C SER I 93 24.71 -48.68 -9.17
N ILE I 94 24.87 -47.57 -9.92
CA ILE I 94 25.90 -47.43 -10.93
C ILE I 94 26.91 -46.39 -10.44
N PRO I 95 28.20 -46.75 -10.23
CA PRO I 95 29.23 -45.79 -9.82
C PRO I 95 29.37 -44.62 -10.79
N ALA I 96 29.88 -43.49 -10.29
CA ALA I 96 29.75 -42.18 -10.92
C ALA I 96 30.21 -42.13 -12.38
N GLY I 97 31.39 -42.68 -12.70
CA GLY I 97 31.96 -42.50 -14.04
C GLY I 97 31.84 -43.73 -14.95
N ARG I 98 31.07 -44.75 -14.57
CA ARG I 98 31.20 -46.09 -15.14
C ARG I 98 30.02 -46.50 -16.03
N THR I 99 30.29 -47.48 -16.92
CA THR I 99 29.28 -48.18 -17.72
C THR I 99 29.29 -49.65 -17.32
N GLN I 100 28.11 -50.21 -16.95
CA GLN I 100 28.07 -51.58 -16.43
C GLN I 100 26.78 -52.29 -16.84
N PRO I 101 26.83 -53.62 -17.10
CA PRO I 101 25.65 -54.48 -16.93
C PRO I 101 25.24 -54.51 -15.46
N ILE I 102 23.98 -54.14 -15.21
CA ILE I 102 23.35 -54.06 -13.90
C ILE I 102 22.26 -55.13 -13.84
N THR I 103 22.18 -55.88 -12.73
CA THR I 103 21.13 -56.89 -12.54
C THR I 103 20.33 -56.64 -11.26
N PHE I 104 19.01 -56.83 -11.34
CA PHE I 104 18.11 -56.66 -10.20
C PHE I 104 16.86 -57.54 -10.31
N GLU I 105 16.17 -57.74 -9.18
CA GLU I 105 15.00 -58.60 -9.09
C GLU I 105 13.72 -57.75 -9.00
N VAL I 106 12.67 -58.17 -9.71
CA VAL I 106 11.39 -57.45 -9.72
C VAL I 106 10.23 -58.43 -9.56
N THR I 107 9.09 -57.89 -9.10
CA THR I 107 7.85 -58.65 -8.92
C THR I 107 6.67 -57.76 -9.31
N PRO I 108 5.63 -58.28 -10.00
CA PRO I 108 4.58 -57.41 -10.54
C PRO I 108 3.65 -56.87 -9.46
N ALA I 109 3.27 -55.60 -9.61
CA ALA I 109 2.40 -54.93 -8.65
C ALA I 109 0.92 -54.97 -9.07
N SER I 110 0.63 -54.85 -10.38
CA SER I 110 -0.71 -54.58 -10.89
C SER I 110 -1.52 -55.86 -11.19
N GLY I 111 -0.90 -57.05 -11.14
CA GLY I 111 -1.57 -58.29 -11.48
C GLY I 111 -0.59 -59.39 -11.89
N LYS I 112 -0.93 -60.12 -12.98
CA LYS I 112 -0.13 -61.23 -13.50
C LYS I 112 0.37 -60.88 -14.91
N PRO I 113 1.71 -60.76 -15.15
CA PRO I 113 2.25 -60.63 -16.49
C PRO I 113 2.35 -62.01 -17.14
N ASN I 114 2.24 -62.04 -18.47
CA ASN I 114 2.30 -63.29 -19.23
C ASN I 114 3.35 -63.15 -20.33
N PHE I 115 4.63 -63.11 -19.92
CA PHE I 115 5.72 -63.03 -20.87
C PHE I 115 5.83 -64.32 -21.70
N SER I 116 6.24 -64.15 -22.96
CA SER I 116 6.38 -65.24 -23.93
C SER I 116 7.83 -65.38 -24.35
N PRO I 117 8.43 -66.61 -24.35
CA PRO I 117 9.83 -66.80 -24.74
C PRO I 117 10.23 -66.13 -26.05
N GLY I 118 11.29 -65.32 -25.98
CA GLY I 118 11.83 -64.61 -27.13
C GLY I 118 11.08 -63.33 -27.51
N ALA I 119 9.93 -63.05 -26.87
CA ALA I 119 9.20 -61.82 -27.16
C ALA I 119 9.92 -60.59 -26.59
N SER I 120 9.68 -59.44 -27.23
CA SER I 120 10.35 -58.18 -26.92
C SER I 120 9.35 -57.20 -26.31
N TYR I 121 9.69 -56.65 -25.14
CA TYR I 121 8.82 -55.76 -24.36
C TYR I 121 9.47 -54.39 -24.20
N THR I 122 8.72 -53.31 -24.41
CA THR I 122 9.24 -51.99 -24.03
C THR I 122 9.08 -51.78 -22.52
N ALA I 123 10.02 -51.05 -21.94
CA ALA I 123 10.00 -50.70 -20.52
C ALA I 123 10.47 -49.26 -20.34
N THR I 124 10.11 -48.65 -19.21
CA THR I 124 10.74 -47.42 -18.78
C THR I 124 11.37 -47.67 -17.42
N ILE I 125 12.69 -47.45 -17.31
CA ILE I 125 13.40 -47.54 -16.05
C ILE I 125 13.39 -46.15 -15.41
N TYR I 126 13.33 -46.06 -14.07
CA TYR I 126 13.41 -44.81 -13.35
C TYR I 126 14.53 -44.84 -12.32
N PHE I 127 15.25 -43.70 -12.20
CA PHE I 127 16.50 -43.62 -11.46
C PHE I 127 16.43 -42.58 -10.34
N SER I 128 17.32 -42.70 -9.35
CA SER I 128 17.31 -41.89 -8.13
C SER I 128 17.61 -40.40 -8.36
N ASN I 129 18.13 -40.04 -9.54
CA ASN I 129 18.30 -38.65 -9.95
C ASN I 129 17.00 -38.06 -10.54
N GLY I 130 15.89 -38.80 -10.50
CA GLY I 130 14.60 -38.35 -10.99
C GLY I 130 14.39 -38.54 -12.50
N GLN I 131 15.37 -39.14 -13.19
CA GLN I 131 15.31 -39.39 -14.62
C GLN I 131 14.56 -40.69 -14.94
N GLY I 132 13.83 -40.70 -16.07
CA GLY I 132 13.30 -41.90 -16.69
C GLY I 132 13.98 -42.16 -18.05
N ALA I 133 14.07 -43.43 -18.45
CA ALA I 133 14.72 -43.79 -19.71
C ALA I 133 14.00 -44.96 -20.40
N PRO I 134 13.69 -44.87 -21.72
CA PRO I 134 13.12 -46.00 -22.45
C PRO I 134 14.10 -47.16 -22.60
N ALA I 135 13.59 -48.39 -22.60
CA ALA I 135 14.40 -49.59 -22.73
C ALA I 135 13.62 -50.68 -23.47
N THR I 136 14.35 -51.63 -24.08
CA THR I 136 13.77 -52.83 -24.67
C THR I 136 14.28 -54.03 -23.90
N LEU I 137 13.38 -54.96 -23.53
CA LEU I 137 13.75 -56.15 -22.77
C LEU I 137 13.28 -57.41 -23.51
N ILE I 138 14.18 -58.39 -23.71
CA ILE I 138 13.83 -59.64 -24.36
C ILE I 138 13.65 -60.72 -23.29
N TYR I 139 12.49 -61.36 -23.25
CA TYR I 139 12.23 -62.39 -22.24
C TYR I 139 12.89 -63.72 -22.63
N GLN I 140 13.86 -64.19 -21.83
CA GLN I 140 14.65 -65.38 -22.14
C GLN I 140 13.95 -66.68 -21.74
N GLY I 141 12.94 -66.62 -20.85
CA GLY I 141 12.38 -67.80 -20.21
C GLY I 141 13.05 -68.07 -18.87
N LEU J 1 4.52 2.57 -1.51
CA LEU J 1 5.81 2.88 -2.20
C LEU J 1 6.50 1.58 -2.60
N SER J 2 6.60 0.62 -1.66
CA SER J 2 7.36 -0.63 -1.76
C SER J 2 7.13 -1.41 -3.06
N GLY J 3 5.86 -1.52 -3.48
CA GLY J 3 5.44 -2.34 -4.62
C GLY J 3 6.13 -2.04 -5.94
N ALA J 4 6.29 -0.75 -6.26
CA ALA J 4 6.88 -0.31 -7.52
C ALA J 4 8.39 -0.59 -7.57
N ILE J 5 9.09 -0.37 -6.45
CA ILE J 5 10.51 -0.64 -6.27
C ILE J 5 10.79 -2.14 -6.50
N VAL J 6 9.95 -3.03 -5.97
CA VAL J 6 10.09 -4.47 -6.20
C VAL J 6 9.85 -4.82 -7.66
N ALA J 7 8.83 -4.24 -8.30
CA ALA J 7 8.51 -4.49 -9.70
C ALA J 7 9.69 -4.14 -10.61
N LEU J 8 10.38 -3.03 -10.34
CA LEU J 8 11.53 -2.58 -11.12
C LEU J 8 12.69 -3.58 -11.06
N ILE J 9 12.99 -4.12 -9.87
CA ILE J 9 14.04 -5.12 -9.68
C ILE J 9 13.74 -6.39 -10.48
N LEU J 10 12.50 -6.88 -10.40
CA LEU J 10 12.10 -8.12 -11.05
C LEU J 10 11.99 -7.97 -12.58
N VAL J 11 11.71 -6.76 -13.09
CA VAL J 11 11.74 -6.48 -14.52
C VAL J 11 13.17 -6.61 -15.05
N ILE J 12 14.14 -5.97 -14.41
CA ILE J 12 15.52 -5.98 -14.87
C ILE J 12 16.15 -7.37 -14.78
N ALA J 13 15.91 -8.07 -13.66
CA ALA J 13 16.35 -9.45 -13.49
C ALA J 13 15.76 -10.37 -14.56
N GLY J 14 14.49 -10.18 -14.91
CA GLY J 14 13.80 -10.95 -15.94
C GLY J 14 14.50 -10.86 -17.30
N VAL J 15 14.88 -9.65 -17.72
CA VAL J 15 15.62 -9.45 -18.96
C VAL J 15 16.95 -10.19 -18.94
N ILE J 16 17.71 -10.06 -17.84
CA ILE J 16 19.03 -10.67 -17.70
C ILE J 16 18.96 -12.20 -17.80
N ILE J 17 18.02 -12.85 -17.07
CA ILE J 17 17.89 -14.29 -17.11
C ILE J 17 17.38 -14.77 -18.48
N ALA J 18 16.42 -14.06 -19.09
CA ALA J 18 15.89 -14.45 -20.40
C ALA J 18 16.98 -14.43 -21.48
N ILE J 19 17.82 -13.39 -21.51
CA ILE J 19 18.92 -13.31 -22.46
C ILE J 19 19.93 -14.43 -22.22
N ALA J 20 20.24 -14.75 -20.96
CA ALA J 20 21.17 -15.83 -20.63
C ALA J 20 20.70 -17.19 -21.16
N VAL J 21 19.40 -17.48 -21.07
CA VAL J 21 18.83 -18.74 -21.55
C VAL J 21 18.89 -18.83 -23.08
N VAL J 22 18.64 -17.70 -23.78
CA VAL J 22 18.71 -17.66 -25.24
C VAL J 22 20.15 -17.92 -25.71
N LEU J 23 21.14 -17.29 -25.07
CA LEU J 23 22.54 -17.51 -25.39
C LEU J 23 22.96 -18.96 -25.12
N PHE J 24 22.48 -19.56 -24.03
CA PHE J 24 22.74 -20.96 -23.71
C PHE J 24 22.25 -21.89 -24.83
N ALA J 25 21.05 -21.65 -25.36
CA ALA J 25 20.50 -22.46 -26.45
C ALA J 25 21.40 -22.45 -27.69
N PHE J 26 21.95 -21.29 -28.08
CA PHE J 26 22.94 -21.22 -29.14
C PHE J 26 24.28 -21.86 -28.76
N GLY J 27 24.63 -21.88 -27.48
CA GLY J 27 25.89 -22.44 -27.00
C GLY J 27 25.94 -23.96 -26.98
N LEU J 28 24.78 -24.64 -26.97
CA LEU J 28 24.70 -26.10 -27.01
C LEU J 28 25.18 -26.66 -28.34
N ILE J 29 24.91 -25.96 -29.45
CA ILE J 29 24.89 -26.51 -30.78
C ILE J 29 26.17 -27.26 -31.17
N PRO J 30 27.40 -26.73 -30.96
CA PRO J 30 28.64 -27.44 -31.24
C PRO J 30 28.72 -28.86 -30.67
N GLY J 31 28.24 -29.06 -29.44
CA GLY J 31 28.30 -30.35 -28.76
C GLY J 31 27.47 -31.45 -29.43
N ILE J 32 26.48 -31.09 -30.24
CA ILE J 32 25.63 -32.04 -30.94
C ILE J 32 26.40 -32.78 -32.04
N SER J 33 27.40 -32.11 -32.64
CA SER J 33 28.15 -32.61 -33.80
C SER J 33 28.89 -33.92 -33.53
N ASN J 34 29.44 -34.09 -32.31
CA ASN J 34 30.32 -35.19 -31.97
C ASN J 34 29.63 -36.56 -31.94
N GLN J 35 28.29 -36.57 -31.87
CA GLN J 35 27.47 -37.77 -31.75
C GLN J 35 27.62 -38.75 -32.93
N GLY J 36 28.24 -38.31 -34.04
CA GLY J 36 28.37 -39.13 -35.24
C GLY J 36 29.82 -39.42 -35.66
N SER J 37 30.78 -39.27 -34.73
CA SER J 37 32.21 -39.30 -35.05
C SER J 37 32.71 -40.66 -35.58
N ILE J 38 32.02 -41.75 -35.25
CA ILE J 38 32.51 -43.11 -35.51
C ILE J 38 31.62 -43.88 -36.49
N GLN J 39 32.24 -44.75 -37.30
CA GLN J 39 31.52 -45.80 -37.99
C GLN J 39 32.33 -47.09 -38.08
N VAL J 40 31.62 -48.22 -38.17
CA VAL J 40 32.20 -49.56 -38.16
C VAL J 40 32.20 -50.10 -39.58
N LEU J 41 33.35 -50.60 -40.06
CA LEU J 41 33.53 -50.99 -41.45
C LEU J 41 33.65 -52.51 -41.58
N GLY J 42 32.76 -53.12 -42.39
CA GLY J 42 32.76 -54.55 -42.67
C GLY J 42 32.35 -55.42 -41.47
N SER J 43 32.45 -56.75 -41.67
CA SER J 43 32.26 -57.73 -40.60
C SER J 43 33.48 -57.75 -39.67
N GLY J 44 33.24 -58.02 -38.39
CA GLY J 44 34.29 -58.36 -37.44
C GLY J 44 34.32 -59.86 -37.16
N THR J 45 35.19 -60.27 -36.22
CA THR J 45 35.36 -61.67 -35.88
C THR J 45 35.34 -61.87 -34.36
N ILE J 46 34.62 -62.90 -33.87
CA ILE J 46 34.71 -63.37 -32.49
C ILE J 46 35.60 -64.61 -32.46
N THR J 47 36.40 -64.77 -31.40
CA THR J 47 37.25 -65.94 -31.20
C THR J 47 37.25 -66.34 -29.73
N ASN J 48 37.08 -67.63 -29.43
CA ASN J 48 37.18 -68.13 -28.06
C ASN J 48 38.63 -68.00 -27.59
N SER J 49 38.84 -67.32 -26.47
CA SER J 49 40.14 -66.83 -26.05
C SER J 49 40.62 -67.45 -24.73
N THR J 50 39.71 -68.08 -23.97
CA THR J 50 40.01 -68.56 -22.62
C THR J 50 40.99 -69.74 -22.63
N ALA J 51 41.86 -69.78 -21.61
CA ALA J 51 42.83 -70.86 -21.39
C ALA J 51 42.15 -72.14 -20.89
N SER J 52 42.81 -73.28 -21.15
CA SER J 52 42.35 -74.62 -20.77
C SER J 52 42.05 -74.73 -19.28
N GLY J 53 40.83 -75.20 -18.95
CA GLY J 53 40.39 -75.41 -17.58
C GLY J 53 39.98 -74.16 -16.81
N SER J 54 40.11 -72.96 -17.41
CA SER J 54 39.80 -71.69 -16.75
C SER J 54 38.30 -71.53 -16.53
N SER J 55 37.92 -70.86 -15.42
CA SER J 55 36.54 -70.66 -15.01
C SER J 55 35.80 -69.67 -15.93
N ARG J 56 36.47 -68.57 -16.28
CA ARG J 56 35.91 -67.51 -17.11
C ARG J 56 35.90 -67.90 -18.59
N THR J 57 34.73 -67.82 -19.24
CA THR J 57 34.69 -67.75 -20.70
C THR J 57 35.03 -66.32 -21.13
N ILE J 58 36.03 -66.16 -22.01
CA ILE J 58 36.48 -64.88 -22.53
C ILE J 58 36.64 -64.99 -24.03
N TYR J 59 36.21 -63.97 -24.78
CA TYR J 59 36.29 -63.96 -26.23
C TYR J 59 37.06 -62.74 -26.72
N ASN J 60 37.81 -62.93 -27.80
CA ASN J 60 38.47 -61.83 -28.48
C ASN J 60 37.56 -61.34 -29.59
N ILE J 61 37.34 -60.03 -29.65
CA ILE J 61 36.55 -59.44 -30.71
C ILE J 61 37.44 -58.49 -31.50
N THR J 62 37.38 -58.56 -32.84
CA THR J 62 38.14 -57.68 -33.72
C THR J 62 37.20 -57.06 -34.76
N ILE J 63 37.27 -55.73 -34.93
CA ILE J 63 36.47 -54.96 -35.88
C ILE J 63 37.31 -53.83 -36.47
N THR J 64 36.99 -53.36 -37.67
CA THR J 64 37.59 -52.11 -38.17
C THR J 64 36.69 -50.94 -37.78
N VAL J 65 37.30 -49.92 -37.14
CA VAL J 65 36.59 -48.73 -36.72
C VAL J 65 37.27 -47.50 -37.31
N LYS J 66 36.47 -46.56 -37.84
CA LYS J 66 36.94 -45.30 -38.38
C LYS J 66 36.50 -44.17 -37.47
N ASN J 67 37.46 -43.33 -37.02
CA ASN J 67 37.17 -42.14 -36.24
C ASN J 67 37.34 -40.90 -37.14
N THR J 68 36.33 -40.02 -37.12
CA THR J 68 36.32 -38.79 -37.92
C THR J 68 36.21 -37.54 -37.05
N GLY J 69 36.20 -37.71 -35.72
CA GLY J 69 36.18 -36.60 -34.78
C GLY J 69 37.55 -35.94 -34.64
N THR J 70 37.65 -35.06 -33.64
CA THR J 70 38.88 -34.32 -33.35
C THR J 70 39.59 -34.82 -32.09
N THR J 71 39.08 -35.92 -31.49
CA THR J 71 39.58 -36.49 -30.25
C THR J 71 39.54 -38.03 -30.30
N SER J 72 40.40 -38.69 -29.51
CA SER J 72 40.36 -40.14 -29.34
C SER J 72 39.05 -40.56 -28.68
N ILE J 73 38.52 -41.72 -29.09
CA ILE J 73 37.26 -42.29 -28.58
C ILE J 73 37.51 -43.76 -28.25
N SER J 74 36.83 -44.29 -27.21
CA SER J 74 37.04 -45.65 -26.73
C SER J 74 35.73 -46.47 -26.75
N VAL J 75 35.85 -47.80 -26.83
CA VAL J 75 34.71 -48.70 -26.72
C VAL J 75 34.27 -48.77 -25.26
N THR J 76 32.95 -48.75 -24.99
CA THR J 76 32.43 -48.75 -23.62
C THR J 76 31.56 -49.97 -23.32
N SER J 77 30.84 -50.49 -24.32
CA SER J 77 29.99 -51.67 -24.17
C SER J 77 29.75 -52.34 -25.52
N ILE J 78 29.37 -53.62 -25.49
CA ILE J 78 28.88 -54.32 -26.66
C ILE J 78 27.68 -55.18 -26.28
N ASN J 79 26.68 -55.23 -27.16
CA ASN J 79 25.56 -56.15 -27.07
C ASN J 79 25.64 -57.09 -28.27
N ILE J 80 25.70 -58.41 -28.05
CA ILE J 80 25.86 -59.39 -29.13
C ILE J 80 24.64 -60.31 -29.13
N ASN J 81 23.92 -60.41 -30.26
CA ASN J 81 22.80 -61.33 -30.41
C ASN J 81 21.69 -61.08 -29.36
N GLY J 82 21.66 -59.86 -28.78
CA GLY J 82 20.72 -59.49 -27.73
C GLY J 82 21.28 -59.55 -26.32
N GLN J 83 22.34 -60.34 -26.10
CA GLN J 83 23.01 -60.48 -24.81
C GLN J 83 23.88 -59.25 -24.53
N PRO J 84 23.79 -58.62 -23.33
CA PRO J 84 24.82 -57.67 -22.90
C PRO J 84 26.09 -58.40 -22.49
N PHE J 85 27.23 -57.85 -22.90
CA PHE J 85 28.55 -58.36 -22.54
C PHE J 85 29.32 -57.31 -21.73
N ASN J 86 30.15 -57.80 -20.82
CA ASN J 86 31.11 -57.00 -20.08
C ASN J 86 32.44 -56.97 -20.84
N ILE J 87 33.19 -55.85 -20.74
CA ILE J 87 34.48 -55.71 -21.42
C ILE J 87 35.59 -55.90 -20.40
N ASN J 88 36.59 -56.71 -20.76
CA ASN J 88 37.58 -57.05 -19.75
C ASN J 88 38.84 -56.23 -19.96
N GLY J 89 39.52 -55.88 -18.84
CA GLY J 89 40.73 -55.06 -18.85
C GLY J 89 40.48 -53.62 -19.27
N THR J 90 41.51 -52.99 -19.85
CA THR J 90 41.38 -51.65 -20.43
C THR J 90 40.57 -51.71 -21.74
N ALA J 91 39.69 -50.72 -21.92
CA ALA J 91 39.04 -50.48 -23.20
C ALA J 91 40.07 -50.10 -24.25
N PRO J 92 39.87 -50.49 -25.54
CA PRO J 92 40.69 -49.95 -26.63
C PRO J 92 40.23 -48.53 -27.00
N SER J 93 41.06 -47.81 -27.75
CA SER J 93 40.70 -46.50 -28.25
C SER J 93 41.19 -46.29 -29.69
N ILE J 94 40.49 -45.43 -30.43
CA ILE J 94 40.79 -45.12 -31.82
C ILE J 94 41.29 -43.69 -31.89
N PRO J 95 42.56 -43.44 -32.32
CA PRO J 95 43.08 -42.08 -32.48
C PRO J 95 42.23 -41.21 -33.41
N ALA J 96 42.31 -39.89 -33.23
CA ALA J 96 41.32 -38.94 -33.74
C ALA J 96 41.05 -39.06 -35.25
N GLY J 97 42.09 -39.14 -36.09
CA GLY J 97 41.88 -39.08 -37.54
C GLY J 97 41.99 -40.42 -38.27
N ARG J 98 42.03 -41.55 -37.54
CA ARG J 98 42.52 -42.82 -38.09
C ARG J 98 41.41 -43.87 -38.29
N THR J 99 41.71 -44.83 -39.18
CA THR J 99 40.92 -46.04 -39.39
C THR J 99 41.78 -47.25 -39.01
N GLN J 100 41.30 -48.14 -38.12
CA GLN J 100 42.11 -49.23 -37.61
C GLN J 100 41.27 -50.48 -37.34
N PRO J 101 41.83 -51.70 -37.58
CA PRO J 101 41.39 -52.89 -36.85
C PRO J 101 41.70 -52.73 -35.37
N ILE J 102 40.66 -52.86 -34.54
CA ILE J 102 40.68 -52.73 -33.09
C ILE J 102 40.36 -54.10 -32.49
N THR J 103 41.10 -54.54 -31.46
CA THR J 103 40.85 -55.81 -30.79
C THR J 103 40.65 -55.61 -29.28
N PHE J 104 39.67 -56.32 -28.71
CA PHE J 104 39.38 -56.26 -27.28
C PHE J 104 38.78 -57.58 -26.76
N GLU J 105 38.82 -57.76 -25.43
CA GLU J 105 38.33 -58.97 -24.77
C GLU J 105 36.99 -58.72 -24.09
N VAL J 106 36.06 -59.68 -24.20
CA VAL J 106 34.73 -59.56 -23.61
C VAL J 106 34.35 -60.86 -22.89
N THR J 107 33.41 -60.73 -21.94
CA THR J 107 32.88 -61.86 -21.19
C THR J 107 31.38 -61.64 -20.96
N PRO J 108 30.52 -62.69 -21.07
CA PRO J 108 29.08 -62.49 -21.03
C PRO J 108 28.56 -62.12 -19.64
N ALA J 109 27.59 -61.18 -19.61
CA ALA J 109 27.01 -60.71 -18.36
C ALA J 109 25.71 -61.44 -18.01
N SER J 110 24.88 -61.77 -19.02
CA SER J 110 23.49 -62.20 -18.82
C SER J 110 23.32 -63.72 -18.67
N GLY J 111 24.39 -64.50 -18.92
CA GLY J 111 24.31 -65.96 -18.88
C GLY J 111 25.41 -66.63 -19.70
N LYS J 112 25.03 -67.66 -20.47
CA LYS J 112 25.94 -68.45 -21.30
C LYS J 112 25.59 -68.27 -22.78
N PRO J 113 26.47 -67.68 -23.63
CA PRO J 113 26.27 -67.67 -25.08
C PRO J 113 26.73 -69.01 -25.67
N ASN J 114 26.09 -69.39 -26.79
CA ASN J 114 26.40 -70.64 -27.46
C ASN J 114 26.69 -70.37 -28.93
N PHE J 115 27.83 -69.72 -29.19
CA PHE J 115 28.26 -69.43 -30.54
C PHE J 115 28.58 -70.72 -31.30
N SER J 116 28.30 -70.72 -32.61
CA SER J 116 28.51 -71.85 -33.50
C SER J 116 29.53 -71.48 -34.58
N PRO J 117 30.57 -72.32 -34.85
CA PRO J 117 31.58 -72.02 -35.86
C PRO J 117 31.03 -71.59 -37.22
N GLY J 118 31.50 -70.42 -37.68
CA GLY J 118 31.10 -69.85 -38.96
C GLY J 118 29.75 -69.11 -38.95
N ALA J 119 29.00 -69.17 -37.84
CA ALA J 119 27.73 -68.45 -37.75
C ALA J 119 27.96 -66.95 -37.62
N SER J 120 26.97 -66.18 -38.08
CA SER J 120 27.02 -64.72 -38.15
C SER J 120 26.04 -64.11 -37.15
N TYR J 121 26.54 -63.20 -36.29
CA TYR J 121 25.78 -62.59 -35.21
C TYR J 121 25.71 -61.08 -35.40
N THR J 122 24.53 -60.47 -35.24
CA THR J 122 24.48 -59.01 -35.16
C THR J 122 24.90 -58.54 -33.78
N ALA J 123 25.53 -57.36 -33.73
CA ALA J 123 25.95 -56.74 -32.50
C ALA J 123 25.70 -55.22 -32.58
N THR J 124 25.62 -54.57 -31.42
CA THR J 124 25.71 -53.11 -31.36
C THR J 124 26.89 -52.77 -30.48
N ILE J 125 27.87 -52.01 -31.03
CA ILE J 125 28.99 -51.50 -30.26
C ILE J 125 28.60 -50.12 -29.72
N TYR J 126 29.07 -49.76 -28.51
CA TYR J 126 28.85 -48.44 -27.95
C TYR J 126 30.17 -47.76 -27.58
N PHE J 127 30.24 -46.45 -27.84
CA PHE J 127 31.49 -45.70 -27.79
C PHE J 127 31.42 -44.54 -26.80
N SER J 128 32.58 -44.04 -26.36
CA SER J 128 32.70 -43.05 -25.30
C SER J 128 32.14 -41.66 -25.66
N ASN J 129 31.89 -41.41 -26.95
CA ASN J 129 31.19 -40.22 -27.42
C ASN J 129 29.66 -40.36 -27.32
N GLY J 130 29.16 -41.47 -26.73
CA GLY J 130 27.73 -41.70 -26.55
C GLY J 130 27.03 -42.30 -27.76
N GLN J 131 27.79 -42.61 -28.82
CA GLN J 131 27.25 -43.19 -30.05
C GLN J 131 27.14 -44.72 -29.94
N GLY J 132 26.10 -45.29 -30.59
CA GLY J 132 26.01 -46.71 -30.86
C GLY J 132 26.08 -46.99 -32.36
N ALA J 133 26.58 -48.17 -32.75
CA ALA J 133 26.72 -48.53 -34.16
C ALA J 133 26.41 -50.02 -34.40
N PRO J 134 25.58 -50.38 -35.41
CA PRO J 134 25.35 -51.78 -35.76
C PRO J 134 26.59 -52.43 -36.35
N ALA J 135 26.78 -53.73 -36.07
CA ALA J 135 27.92 -54.49 -36.56
C ALA J 135 27.51 -55.94 -36.82
N THR J 136 28.26 -56.63 -37.69
CA THR J 136 28.12 -58.07 -37.90
C THR J 136 29.41 -58.75 -37.46
N LEU J 137 29.31 -59.84 -36.70
CA LEU J 137 30.46 -60.57 -36.20
C LEU J 137 30.37 -62.03 -36.60
N ILE J 138 31.44 -62.59 -37.19
CA ILE J 138 31.49 -63.99 -37.57
C ILE J 138 32.31 -64.76 -36.53
N TYR J 139 31.72 -65.79 -35.91
CA TYR J 139 32.43 -66.56 -34.91
C TYR J 139 33.40 -67.56 -35.54
N GLN J 140 34.71 -67.40 -35.30
CA GLN J 140 35.75 -68.20 -35.94
C GLN J 140 35.98 -69.54 -35.23
N GLY J 141 35.55 -69.68 -33.97
CA GLY J 141 35.94 -70.79 -33.12
C GLY J 141 37.15 -70.45 -32.27
N LEU K 1 4.75 -7.34 -13.94
CA LEU K 1 5.30 -6.71 -15.18
C LEU K 1 6.29 -7.67 -15.84
N SER K 2 7.21 -8.25 -15.06
CA SER K 2 8.35 -9.08 -15.50
C SER K 2 7.98 -10.18 -16.50
N GLY K 3 6.86 -10.88 -16.26
CA GLY K 3 6.44 -12.06 -17.03
C GLY K 3 6.28 -11.81 -18.53
N ALA K 4 5.67 -10.69 -18.91
CA ALA K 4 5.39 -10.36 -20.30
C ALA K 4 6.67 -10.02 -21.07
N ILE K 5 7.58 -9.28 -20.44
CA ILE K 5 8.88 -8.91 -20.95
C ILE K 5 9.70 -10.17 -21.28
N VAL K 6 9.70 -11.16 -20.39
CA VAL K 6 10.38 -12.43 -20.64
C VAL K 6 9.74 -13.20 -21.79
N ALA K 7 8.40 -13.24 -21.86
CA ALA K 7 7.69 -13.92 -22.93
C ALA K 7 8.06 -13.36 -24.31
N LEU K 8 8.18 -12.03 -24.43
CA LEU K 8 8.53 -11.37 -25.66
C LEU K 8 9.93 -11.76 -26.17
N ILE K 9 10.92 -11.83 -25.27
CA ILE K 9 12.29 -12.25 -25.59
C ILE K 9 12.31 -13.68 -26.12
N LEU K 10 11.61 -14.60 -25.45
CA LEU K 10 11.60 -16.01 -25.81
C LEU K 10 10.80 -16.28 -27.08
N VAL K 11 9.80 -15.46 -27.41
CA VAL K 11 9.10 -15.54 -28.68
C VAL K 11 10.05 -15.21 -29.84
N ILE K 12 10.77 -14.09 -29.75
CA ILE K 12 11.64 -13.65 -30.83
C ILE K 12 12.82 -14.60 -31.02
N ALA K 13 13.44 -15.05 -29.93
CA ALA K 13 14.50 -16.05 -29.97
C ALA K 13 14.03 -17.36 -30.61
N GLY K 14 12.80 -17.78 -30.29
CA GLY K 14 12.20 -18.99 -30.86
C GLY K 14 12.13 -18.96 -32.39
N VAL K 15 11.68 -17.83 -32.96
CA VAL K 15 11.62 -17.65 -34.40
C VAL K 15 13.03 -17.76 -35.01
N ILE K 16 14.02 -17.08 -34.43
CA ILE K 16 15.38 -17.05 -34.93
C ILE K 16 16.00 -18.45 -34.96
N ILE K 17 15.89 -19.22 -33.87
CA ILE K 17 16.44 -20.58 -33.82
C ILE K 17 15.69 -21.52 -34.76
N ALA K 18 14.37 -21.43 -34.83
CA ALA K 18 13.59 -22.29 -35.72
C ALA K 18 13.96 -22.10 -37.19
N ILE K 19 14.11 -20.85 -37.64
CA ILE K 19 14.53 -20.56 -39.00
C ILE K 19 15.94 -21.08 -39.28
N ALA K 20 16.87 -20.94 -38.32
CA ALA K 20 18.23 -21.43 -38.45
C ALA K 20 18.28 -22.95 -38.67
N VAL K 21 17.44 -23.72 -37.96
CA VAL K 21 17.39 -25.17 -38.10
C VAL K 21 16.82 -25.59 -39.46
N VAL K 22 15.81 -24.87 -39.97
CA VAL K 22 15.24 -25.14 -41.28
C VAL K 22 16.27 -24.91 -42.38
N LEU K 23 17.03 -23.80 -42.30
CA LEU K 23 18.08 -23.50 -43.27
C LEU K 23 19.19 -24.55 -43.21
N PHE K 24 19.56 -25.01 -42.01
CA PHE K 24 20.55 -26.06 -41.85
C PHE K 24 20.14 -27.36 -42.57
N ALA K 25 18.87 -27.76 -42.46
CA ALA K 25 18.36 -28.96 -43.13
C ALA K 25 18.52 -28.88 -44.65
N PHE K 26 18.24 -27.72 -45.27
CA PHE K 26 18.54 -27.50 -46.69
C PHE K 26 20.04 -27.45 -47.00
N GLY K 27 20.87 -27.01 -46.04
CA GLY K 27 22.30 -26.88 -46.21
C GLY K 27 23.07 -28.21 -46.20
N LEU K 28 22.48 -29.28 -45.62
CA LEU K 28 23.08 -30.61 -45.60
C LEU K 28 23.16 -31.23 -46.99
N ILE K 29 22.15 -30.98 -47.83
CA ILE K 29 21.83 -31.81 -48.99
C ILE K 29 23.02 -32.03 -49.93
N PRO K 30 23.81 -31.01 -50.34
CA PRO K 30 24.99 -31.23 -51.19
C PRO K 30 25.95 -32.29 -50.70
N GLY K 31 26.19 -32.37 -49.39
CA GLY K 31 27.12 -33.33 -48.80
C GLY K 31 26.72 -34.80 -48.98
N ILE K 32 25.43 -35.07 -49.21
CA ILE K 32 24.92 -36.43 -49.39
C ILE K 32 25.42 -37.02 -50.73
N SER K 33 25.62 -36.18 -51.75
CA SER K 33 25.95 -36.58 -53.11
C SER K 33 27.26 -37.38 -53.22
N ASN K 34 28.27 -37.02 -52.41
CA ASN K 34 29.61 -37.55 -52.52
C ASN K 34 29.73 -39.03 -52.14
N GLN K 35 28.74 -39.57 -51.43
CA GLN K 35 28.71 -40.93 -50.91
C GLN K 35 28.80 -42.01 -51.99
N GLY K 36 28.59 -41.65 -53.27
CA GLY K 36 28.57 -42.59 -54.38
C GLY K 36 29.65 -42.36 -55.43
N SER K 37 30.72 -41.62 -55.10
CA SER K 37 31.71 -41.16 -56.07
C SER K 37 32.51 -42.27 -56.75
N ILE K 38 32.62 -43.45 -56.12
CA ILE K 38 33.54 -44.50 -56.56
C ILE K 38 32.79 -45.77 -56.98
N GLN K 39 33.35 -46.49 -57.97
CA GLN K 39 32.98 -47.88 -58.22
C GLN K 39 34.18 -48.70 -58.67
N VAL K 40 34.13 -50.01 -58.37
CA VAL K 40 35.21 -50.95 -58.63
C VAL K 40 34.86 -51.79 -59.86
N LEU K 41 35.79 -51.86 -60.83
CA LEU K 41 35.53 -52.47 -62.13
C LEU K 41 36.28 -53.79 -62.27
N GLY K 42 35.53 -54.88 -62.55
CA GLY K 42 36.09 -56.21 -62.77
C GLY K 42 36.69 -56.86 -61.52
N SER K 43 37.29 -58.05 -61.72
CA SER K 43 38.06 -58.73 -60.67
C SER K 43 39.41 -58.04 -60.45
N GLY K 44 39.88 -58.06 -59.21
CA GLY K 44 41.27 -57.72 -58.88
C GLY K 44 42.11 -58.96 -58.63
N THR K 45 43.37 -58.75 -58.22
CA THR K 45 44.31 -59.83 -57.98
C THR K 45 45.02 -59.65 -56.65
N ILE K 46 45.15 -60.73 -55.85
CA ILE K 46 46.02 -60.79 -54.68
C ILE K 46 47.30 -61.52 -55.06
N THR K 47 48.45 -61.08 -54.52
CA THR K 47 49.74 -61.73 -54.75
C THR K 47 50.56 -61.72 -53.45
N ASN K 48 51.15 -62.86 -53.07
CA ASN K 48 52.03 -62.94 -51.93
C ASN K 48 53.30 -62.13 -52.23
N SER K 49 53.62 -61.17 -51.34
CA SER K 49 54.58 -60.11 -51.62
C SER K 49 55.80 -60.15 -50.69
N THR K 50 55.71 -60.89 -49.57
CA THR K 50 56.74 -60.87 -48.54
C THR K 50 58.05 -61.52 -49.00
N ALA K 51 59.17 -60.95 -48.53
CA ALA K 51 60.52 -61.46 -48.80
C ALA K 51 60.82 -62.74 -48.01
N SER K 52 61.76 -63.53 -48.54
CA SER K 52 62.21 -64.81 -47.97
C SER K 52 62.65 -64.67 -46.51
N GLY K 53 62.06 -65.50 -45.63
CA GLY K 53 62.40 -65.54 -44.21
C GLY K 53 61.80 -64.42 -43.36
N SER K 54 61.08 -63.45 -43.97
CA SER K 54 60.52 -62.31 -43.26
C SER K 54 59.37 -62.72 -42.33
N SER K 55 59.24 -62.02 -41.19
CA SER K 55 58.24 -62.30 -40.16
C SER K 55 56.82 -61.96 -40.63
N ARG K 56 56.67 -60.79 -41.28
CA ARG K 56 55.39 -60.28 -41.75
C ARG K 56 54.94 -60.99 -43.03
N THR K 57 53.71 -61.54 -43.03
CA THR K 57 53.04 -61.84 -44.29
C THR K 57 52.45 -60.55 -44.85
N ILE K 58 52.77 -60.22 -46.11
CA ILE K 58 52.30 -59.02 -46.79
C ILE K 58 51.85 -59.42 -48.19
N TYR K 59 50.72 -58.87 -48.65
CA TYR K 59 50.17 -59.17 -49.96
C TYR K 59 49.99 -57.90 -50.78
N ASN K 60 50.20 -58.03 -52.09
CA ASN K 60 49.91 -56.95 -53.02
C ASN K 60 48.50 -57.16 -53.56
N ILE K 61 47.70 -56.10 -53.51
CA ILE K 61 46.36 -56.15 -54.09
C ILE K 61 46.27 -55.13 -55.21
N THR K 62 45.69 -55.55 -56.34
CA THR K 62 45.50 -54.68 -57.50
C THR K 62 44.04 -54.75 -57.95
N ILE K 63 43.40 -53.58 -58.17
CA ILE K 63 42.01 -53.46 -58.62
C ILE K 63 41.89 -52.26 -59.56
N THR K 64 40.91 -52.26 -60.47
CA THR K 64 40.59 -51.04 -61.20
C THR K 64 39.50 -50.27 -60.46
N VAL K 65 39.76 -48.98 -60.20
CA VAL K 65 38.83 -48.11 -59.50
C VAL K 65 38.54 -46.89 -60.38
N LYS K 66 37.25 -46.51 -60.47
CA LYS K 66 36.80 -45.34 -61.19
C LYS K 66 36.31 -44.29 -60.19
N ASN K 67 36.84 -43.06 -60.28
CA ASN K 67 36.39 -41.95 -59.47
C ASN K 67 35.56 -41.00 -60.35
N THR K 68 34.37 -40.62 -59.87
CA THR K 68 33.45 -39.73 -60.58
C THR K 68 33.14 -38.46 -59.78
N GLY K 69 33.77 -38.31 -58.61
CA GLY K 69 33.63 -37.10 -57.80
C GLY K 69 34.45 -35.93 -58.35
N THR K 70 34.53 -34.88 -57.54
CA THR K 70 35.26 -33.65 -57.89
C THR K 70 36.59 -33.51 -57.12
N THR K 71 36.95 -34.54 -56.34
CA THR K 71 38.14 -34.55 -55.48
C THR K 71 38.80 -35.93 -55.49
N SER K 72 40.12 -35.98 -55.20
CA SER K 72 40.84 -37.24 -55.01
C SER K 72 40.30 -37.98 -53.79
N ILE K 73 40.26 -39.32 -53.87
CA ILE K 73 39.76 -40.20 -52.83
C ILE K 73 40.79 -41.31 -52.62
N SER K 74 40.95 -41.81 -51.38
CA SER K 74 41.94 -42.82 -51.04
C SER K 74 41.31 -44.06 -50.41
N VAL K 75 41.99 -45.22 -50.52
CA VAL K 75 41.58 -46.45 -49.85
C VAL K 75 41.89 -46.34 -48.36
N THR K 76 40.97 -46.78 -47.48
CA THR K 76 41.15 -46.68 -46.03
C THR K 76 41.16 -48.02 -45.33
N SER K 77 40.43 -49.02 -45.86
CA SER K 77 40.38 -50.36 -45.29
C SER K 77 39.94 -51.38 -46.34
N ILE K 78 40.27 -52.66 -46.11
CA ILE K 78 39.72 -53.75 -46.90
C ILE K 78 39.35 -54.91 -45.95
N ASN K 79 38.22 -55.56 -46.25
CA ASN K 79 37.82 -56.80 -45.61
C ASN K 79 37.82 -57.89 -46.68
N ILE K 80 38.58 -58.98 -46.50
CA ILE K 80 38.70 -60.04 -47.49
C ILE K 80 38.20 -61.35 -46.90
N ASN K 81 37.21 -62.00 -47.54
CA ASN K 81 36.70 -63.29 -47.11
C ASN K 81 36.18 -63.26 -45.66
N GLY K 82 35.82 -62.07 -45.17
CA GLY K 82 35.35 -61.87 -43.79
C GLY K 82 36.42 -61.35 -42.83
N GLN K 83 37.71 -61.58 -43.14
CA GLN K 83 38.84 -61.11 -42.34
C GLN K 83 39.05 -59.61 -42.52
N PRO K 84 39.18 -58.81 -41.45
CA PRO K 84 39.72 -57.45 -41.58
C PRO K 84 41.23 -57.49 -41.83
N PHE K 85 41.68 -56.63 -42.76
CA PHE K 85 43.09 -56.47 -43.06
C PHE K 85 43.55 -55.04 -42.76
N ASN K 86 44.81 -54.91 -42.34
CA ASN K 86 45.48 -53.64 -42.17
C ASN K 86 46.18 -53.26 -43.48
N ILE K 87 46.28 -51.95 -43.79
CA ILE K 87 46.93 -51.47 -45.00
C ILE K 87 48.31 -50.94 -44.65
N ASN K 88 49.31 -51.34 -45.44
CA ASN K 88 50.66 -51.00 -45.03
C ASN K 88 51.18 -49.81 -45.83
N GLY K 89 52.01 -48.96 -45.19
CA GLY K 89 52.56 -47.76 -45.80
C GLY K 89 51.51 -46.68 -46.06
N THR K 90 51.76 -45.84 -47.08
CA THR K 90 50.79 -44.86 -47.55
C THR K 90 49.63 -45.55 -48.29
N ALA K 91 48.41 -45.07 -48.04
CA ALA K 91 47.26 -45.43 -48.85
C ALA K 91 47.43 -44.94 -50.28
N PRO K 92 46.91 -45.65 -51.30
CA PRO K 92 46.84 -45.11 -52.66
C PRO K 92 45.66 -44.15 -52.77
N SER K 93 45.65 -43.35 -53.85
CA SER K 93 44.54 -42.45 -54.13
C SER K 93 44.22 -42.41 -55.63
N ILE K 94 42.96 -42.11 -55.95
CA ILE K 94 42.48 -42.06 -57.31
C ILE K 94 42.15 -40.60 -57.64
N PRO K 95 42.83 -39.97 -58.64
CA PRO K 95 42.53 -38.60 -59.05
C PRO K 95 41.07 -38.40 -59.47
N ALA K 96 40.59 -37.16 -59.36
CA ALA K 96 39.17 -36.84 -59.35
C ALA K 96 38.36 -37.42 -60.53
N GLY K 97 38.85 -37.27 -61.77
CA GLY K 97 38.06 -37.64 -62.94
C GLY K 97 38.46 -38.96 -63.61
N ARG K 98 39.33 -39.77 -62.96
CA ARG K 98 40.07 -40.82 -63.67
C ARG K 98 39.63 -42.24 -63.30
N THR K 99 39.94 -43.19 -64.20
CA THR K 99 39.81 -44.63 -63.97
C THR K 99 41.20 -45.26 -64.05
N GLN K 100 41.61 -46.01 -63.02
CA GLN K 100 42.97 -46.54 -62.96
C GLN K 100 43.03 -47.91 -62.28
N PRO K 101 43.92 -48.82 -62.75
CA PRO K 101 44.45 -49.87 -61.88
C PRO K 101 45.24 -49.25 -60.73
N ILE K 102 44.84 -49.59 -59.51
CA ILE K 102 45.42 -49.12 -58.25
C ILE K 102 46.06 -50.32 -57.56
N THR K 103 47.28 -50.16 -57.02
CA THR K 103 47.96 -51.22 -56.29
C THR K 103 48.35 -50.77 -54.87
N PHE K 104 48.17 -51.65 -53.88
CA PHE K 104 48.52 -51.37 -52.49
C PHE K 104 48.89 -52.65 -51.73
N GLU K 105 49.56 -52.50 -50.58
CA GLU K 105 50.03 -53.59 -49.75
C GLU K 105 49.16 -53.75 -48.50
N VAL K 106 48.85 -55.01 -48.14
CA VAL K 106 48.01 -55.28 -46.98
C VAL K 106 48.61 -56.42 -46.14
N THR K 107 48.23 -56.46 -44.86
CA THR K 107 48.67 -57.48 -43.92
C THR K 107 47.50 -57.84 -43.01
N PRO K 108 47.28 -59.14 -42.66
CA PRO K 108 46.07 -59.53 -41.95
C PRO K 108 46.09 -59.09 -40.48
N ALA K 109 44.92 -58.64 -40.00
CA ALA K 109 44.77 -58.17 -38.63
C ALA K 109 44.25 -59.25 -37.68
N SER K 110 43.32 -60.12 -38.16
CA SER K 110 42.54 -61.02 -37.30
C SER K 110 43.20 -62.38 -37.06
N GLY K 111 44.28 -62.70 -37.78
CA GLY K 111 44.92 -64.01 -37.70
C GLY K 111 45.75 -64.36 -38.93
N LYS K 112 45.61 -65.61 -39.41
CA LYS K 112 46.34 -66.13 -40.56
C LYS K 112 45.36 -66.47 -41.69
N PRO K 113 45.41 -65.80 -42.87
CA PRO K 113 44.62 -66.22 -44.03
C PRO K 113 45.36 -67.36 -44.75
N ASN K 114 44.58 -68.22 -45.41
CA ASN K 114 45.12 -69.36 -46.14
C ASN K 114 44.59 -69.35 -47.57
N PHE K 115 45.06 -68.37 -48.35
CA PHE K 115 44.69 -68.28 -49.75
C PHE K 115 45.22 -69.47 -50.55
N SER K 116 44.45 -69.89 -51.56
CA SER K 116 44.76 -71.02 -52.43
C SER K 116 44.93 -70.54 -53.88
N PRO K 117 46.00 -70.94 -54.59
CA PRO K 117 46.23 -70.50 -55.98
C PRO K 117 45.02 -70.66 -56.90
N GLY K 118 44.65 -69.55 -57.55
CA GLY K 118 43.53 -69.51 -58.49
C GLY K 118 42.14 -69.40 -57.83
N ALA K 119 42.06 -69.49 -56.50
CA ALA K 119 40.78 -69.35 -55.81
C ALA K 119 40.29 -67.90 -55.84
N SER K 120 38.97 -67.73 -55.77
CA SER K 120 38.30 -66.44 -55.89
C SER K 120 37.68 -66.05 -54.55
N TYR K 121 37.99 -64.84 -54.05
CA TYR K 121 37.58 -64.35 -52.75
C TYR K 121 36.74 -63.09 -52.91
N THR K 122 35.60 -62.99 -52.20
CA THR K 122 34.90 -61.71 -52.13
C THR K 122 35.60 -60.79 -51.13
N ALA K 123 35.56 -59.48 -51.41
CA ALA K 123 36.11 -58.46 -50.54
C ALA K 123 35.18 -57.24 -50.51
N THR K 124 35.30 -56.41 -49.48
CA THR K 124 34.71 -55.09 -49.49
C THR K 124 35.83 -54.09 -49.29
N ILE K 125 36.00 -53.16 -50.25
CA ILE K 125 36.95 -52.07 -50.13
C ILE K 125 36.24 -50.89 -49.49
N TYR K 126 36.95 -50.09 -48.67
CA TYR K 126 36.39 -48.88 -48.08
C TYR K 126 37.25 -47.66 -48.42
N PHE K 127 36.59 -46.54 -48.70
CA PHE K 127 37.22 -45.36 -49.27
C PHE K 127 37.03 -44.12 -48.38
N SER K 128 37.90 -43.11 -48.57
CA SER K 128 37.98 -41.92 -47.73
C SER K 128 36.74 -41.01 -47.79
N ASN K 129 35.87 -41.20 -48.80
CA ASN K 129 34.57 -40.54 -48.88
C ASN K 129 33.50 -41.26 -48.04
N GLY K 130 33.87 -42.29 -47.28
CA GLY K 130 32.96 -43.04 -46.42
C GLY K 130 32.18 -44.15 -47.14
N GLN K 131 32.46 -44.36 -48.42
CA GLN K 131 31.81 -45.39 -49.22
C GLN K 131 32.48 -46.76 -49.07
N GLY K 132 31.68 -47.83 -49.11
CA GLY K 132 32.15 -49.19 -49.28
C GLY K 132 31.71 -49.77 -50.63
N ALA K 133 32.48 -50.71 -51.18
CA ALA K 133 32.16 -51.31 -52.49
C ALA K 133 32.52 -52.80 -52.52
N PRO K 134 31.62 -53.69 -53.01
CA PRO K 134 31.95 -55.10 -53.18
C PRO K 134 32.99 -55.31 -54.29
N ALA K 135 33.85 -56.31 -54.11
CA ALA K 135 34.89 -56.66 -55.09
C ALA K 135 35.13 -58.17 -55.09
N THR K 136 35.67 -58.68 -56.20
CA THR K 136 36.14 -60.06 -56.30
C THR K 136 37.65 -60.03 -56.53
N LEU K 137 38.40 -60.86 -55.80
CA LEU K 137 39.85 -60.90 -55.91
C LEU K 137 40.29 -62.34 -56.19
N ILE K 138 41.14 -62.54 -57.22
CA ILE K 138 41.67 -63.85 -57.55
C ILE K 138 43.11 -63.95 -57.03
N TYR K 139 43.40 -64.95 -56.19
CA TYR K 139 44.74 -65.10 -55.63
C TYR K 139 45.68 -65.74 -56.65
N GLN K 140 46.73 -65.02 -57.08
CA GLN K 140 47.64 -65.46 -58.12
C GLN K 140 48.75 -66.38 -57.60
N GLY K 141 49.01 -66.37 -56.28
CA GLY K 141 50.19 -67.00 -55.71
C GLY K 141 51.32 -66.01 -55.56
N LEU L 1 4.36 -18.95 -24.81
CA LEU L 1 3.93 -18.49 -26.16
C LEU L 1 4.87 -19.10 -27.21
N SER L 2 6.19 -19.05 -26.97
CA SER L 2 7.27 -19.44 -27.88
C SER L 2 7.07 -20.80 -28.57
N GLY L 3 6.63 -21.81 -27.81
CA GLY L 3 6.53 -23.20 -28.25
C GLY L 3 5.67 -23.41 -29.50
N ALA L 4 4.50 -22.76 -29.55
CA ALA L 4 3.54 -22.92 -30.63
C ALA L 4 4.06 -22.28 -31.94
N ILE L 5 4.69 -21.10 -31.82
CA ILE L 5 5.30 -20.37 -32.92
C ILE L 5 6.40 -21.21 -33.58
N VAL L 6 7.23 -21.90 -32.80
CA VAL L 6 8.25 -22.80 -33.32
C VAL L 6 7.64 -24.01 -34.01
N ALA L 7 6.59 -24.61 -33.42
CA ALA L 7 5.91 -25.75 -34.00
C ALA L 7 5.34 -25.43 -35.39
N LEU L 8 4.77 -24.24 -35.56
CA LEU L 8 4.20 -23.80 -36.84
C LEU L 8 5.26 -23.70 -37.95
N ILE L 9 6.45 -23.15 -37.64
CA ILE L 9 7.56 -23.04 -38.58
C ILE L 9 8.03 -24.42 -39.03
N LEU L 10 8.20 -25.35 -38.08
CA LEU L 10 8.71 -26.69 -38.38
C LEU L 10 7.67 -27.56 -39.11
N VAL L 11 6.37 -27.32 -38.91
CA VAL L 11 5.32 -27.98 -39.69
C VAL L 11 5.43 -27.58 -41.16
N ILE L 12 5.50 -26.28 -41.46
CA ILE L 12 5.50 -25.80 -42.83
C ILE L 12 6.79 -26.20 -43.55
N ALA L 13 7.94 -26.08 -42.88
CA ALA L 13 9.21 -26.55 -43.43
C ALA L 13 9.20 -28.05 -43.73
N GLY L 14 8.57 -28.85 -42.86
CA GLY L 14 8.44 -30.29 -43.05
C GLY L 14 7.72 -30.65 -44.35
N VAL L 15 6.60 -29.99 -44.65
CA VAL L 15 5.86 -30.18 -45.89
C VAL L 15 6.75 -29.86 -47.10
N ILE L 16 7.45 -28.71 -47.07
CA ILE L 16 8.29 -28.26 -48.17
C ILE L 16 9.42 -29.25 -48.47
N ILE L 17 10.15 -29.73 -47.46
CA ILE L 17 11.23 -30.68 -47.65
C ILE L 17 10.70 -32.04 -48.11
N ALA L 18 9.58 -32.52 -47.54
CA ALA L 18 9.01 -33.81 -47.92
C ALA L 18 8.59 -33.83 -49.40
N ILE L 19 7.94 -32.77 -49.88
CA ILE L 19 7.55 -32.66 -51.28
C ILE L 19 8.78 -32.62 -52.18
N ALA L 20 9.83 -31.89 -51.80
CA ALA L 20 11.06 -31.81 -52.57
C ALA L 20 11.72 -33.19 -52.77
N VAL L 21 11.73 -34.03 -51.73
CA VAL L 21 12.31 -35.38 -51.80
C VAL L 21 11.49 -36.29 -52.71
N VAL L 22 10.16 -36.18 -52.68
CA VAL L 22 9.28 -36.97 -53.54
C VAL L 22 9.52 -36.61 -55.02
N LEU L 23 9.61 -35.31 -55.33
CA LEU L 23 9.89 -34.85 -56.68
C LEU L 23 11.27 -35.31 -57.16
N PHE L 24 12.28 -35.28 -56.27
CA PHE L 24 13.61 -35.78 -56.60
C PHE L 24 13.59 -37.25 -57.01
N ALA L 25 12.84 -38.10 -56.30
CA ALA L 25 12.72 -39.51 -56.62
C ALA L 25 12.17 -39.74 -58.04
N PHE L 26 11.15 -38.97 -58.46
CA PHE L 26 10.68 -39.00 -59.84
C PHE L 26 11.70 -38.42 -60.84
N GLY L 27 12.54 -37.47 -60.40
CA GLY L 27 13.53 -36.82 -61.25
C GLY L 27 14.75 -37.68 -61.59
N LEU L 28 15.03 -38.72 -60.78
CA LEU L 28 16.13 -39.66 -61.04
C LEU L 28 15.90 -40.50 -62.29
N ILE L 29 14.64 -40.88 -62.54
CA ILE L 29 14.29 -42.02 -63.39
C ILE L 29 14.93 -41.95 -64.78
N PRO L 30 14.89 -40.83 -65.54
CA PRO L 30 15.54 -40.75 -66.85
C PRO L 30 17.00 -41.18 -66.88
N GLY L 31 17.78 -40.84 -65.84
CA GLY L 31 19.20 -41.17 -65.76
C GLY L 31 19.50 -42.68 -65.70
N ILE L 32 18.52 -43.50 -65.28
CA ILE L 32 18.68 -44.95 -65.19
C ILE L 32 18.79 -45.58 -66.57
N SER L 33 18.12 -44.99 -67.58
CA SER L 33 18.00 -45.54 -68.93
C SER L 33 19.34 -45.74 -69.64
N ASN L 34 20.30 -44.83 -69.43
CA ASN L 34 21.56 -44.77 -70.16
C ASN L 34 22.50 -45.94 -69.87
N GLN L 35 22.27 -46.67 -68.76
CA GLN L 35 23.10 -47.76 -68.27
C GLN L 35 23.22 -48.93 -69.25
N GLY L 36 22.35 -48.99 -70.28
CA GLY L 36 22.32 -50.10 -71.22
C GLY L 36 22.61 -49.70 -72.67
N SER L 37 23.24 -48.53 -72.91
CA SER L 37 23.38 -47.95 -74.23
C SER L 37 24.24 -48.78 -75.20
N ILE L 38 25.14 -49.62 -74.69
CA ILE L 38 26.15 -50.29 -75.50
C ILE L 38 25.99 -51.81 -75.48
N GLN L 39 26.35 -52.45 -76.61
CA GLN L 39 26.61 -53.89 -76.63
C GLN L 39 27.74 -54.24 -77.60
N VAL L 40 28.43 -55.34 -77.30
CA VAL L 40 29.60 -55.80 -78.03
C VAL L 40 29.20 -56.97 -78.93
N LEU L 41 29.56 -56.89 -80.22
CA LEU L 41 29.09 -57.84 -81.22
C LEU L 41 30.23 -58.74 -81.70
N GLY L 42 30.05 -60.06 -81.57
CA GLY L 42 31.00 -61.07 -82.00
C GLY L 42 32.30 -61.11 -81.19
N SER L 43 33.24 -61.96 -81.64
CA SER L 43 34.59 -62.01 -81.09
C SER L 43 35.41 -60.80 -81.56
N GLY L 44 36.32 -60.34 -80.69
CA GLY L 44 37.37 -59.39 -81.08
C GLY L 44 38.71 -60.09 -81.24
N THR L 45 39.76 -59.30 -81.50
CA THR L 45 41.11 -59.83 -81.73
C THR L 45 42.14 -59.06 -80.91
N ILE L 46 43.08 -59.78 -80.26
CA ILE L 46 44.28 -59.20 -79.65
C ILE L 46 45.46 -59.41 -80.60
N THR L 47 46.36 -58.44 -80.68
CA THR L 47 47.58 -58.53 -81.49
C THR L 47 48.75 -57.90 -80.74
N ASN L 48 49.90 -58.58 -80.69
CA ASN L 48 51.11 -58.02 -80.11
C ASN L 48 51.60 -56.87 -80.99
N SER L 49 51.75 -55.68 -80.38
CA SER L 49 51.89 -54.42 -81.10
C SER L 49 53.26 -53.74 -80.87
N THR L 50 54.00 -54.18 -79.83
CA THR L 50 55.22 -53.50 -79.43
C THR L 50 56.35 -53.64 -80.45
N ALA L 51 57.16 -52.59 -80.59
CA ALA L 51 58.33 -52.56 -81.47
C ALA L 51 59.50 -53.39 -80.91
N SER L 52 60.38 -53.84 -81.80
CA SER L 52 61.55 -54.66 -81.49
C SER L 52 62.45 -54.02 -80.43
N GLY L 53 62.75 -54.77 -79.37
CA GLY L 53 63.62 -54.35 -78.28
C GLY L 53 62.99 -53.37 -77.27
N SER L 54 61.73 -52.96 -77.47
CA SER L 54 61.07 -51.99 -76.60
C SER L 54 60.74 -52.60 -75.22
N SER L 55 60.79 -51.76 -74.18
CA SER L 55 60.58 -52.18 -72.79
C SER L 55 59.11 -52.55 -72.52
N ARG L 56 58.18 -51.73 -73.03
CA ARG L 56 56.75 -51.92 -72.83
C ARG L 56 56.19 -53.02 -73.72
N THR L 57 55.50 -54.01 -73.14
CA THR L 57 54.59 -54.84 -73.91
C THR L 57 53.29 -54.07 -74.14
N ILE L 58 52.85 -53.95 -75.40
CA ILE L 58 51.64 -53.24 -75.79
C ILE L 58 50.89 -54.10 -76.80
N TYR L 59 49.57 -54.18 -76.66
CA TYR L 59 48.72 -54.98 -77.54
C TYR L 59 47.64 -54.12 -78.17
N ASN L 60 47.31 -54.46 -79.43
CA ASN L 60 46.21 -53.85 -80.12
C ASN L 60 44.98 -54.72 -79.91
N ILE L 61 43.87 -54.10 -79.51
CA ILE L 61 42.62 -54.81 -79.35
C ILE L 61 41.60 -54.22 -80.31
N THR L 62 40.87 -55.10 -81.02
CA THR L 62 39.82 -54.68 -81.95
C THR L 62 38.53 -55.43 -81.64
N ILE L 63 37.40 -54.72 -81.54
CA ILE L 63 36.07 -55.27 -81.26
C ILE L 63 35.02 -54.47 -82.05
N THR L 64 33.88 -55.10 -82.37
CA THR L 64 32.74 -54.32 -82.88
C THR L 64 31.85 -53.89 -81.71
N VAL L 65 31.56 -52.59 -81.63
CA VAL L 65 30.72 -52.04 -80.58
C VAL L 65 29.56 -51.28 -81.22
N LYS L 66 28.35 -51.48 -80.68
CA LYS L 66 27.14 -50.80 -81.12
C LYS L 66 26.69 -49.84 -80.01
N ASN L 67 26.49 -48.56 -80.37
CA ASN L 67 25.95 -47.56 -79.46
C ASN L 67 24.50 -47.28 -79.85
N THR L 68 23.60 -47.30 -78.86
CA THR L 68 22.17 -47.06 -79.05
C THR L 68 21.67 -45.87 -78.22
N GLY L 69 22.58 -45.20 -77.49
CA GLY L 69 22.25 -44.01 -76.74
C GLY L 69 22.11 -42.77 -77.62
N THR L 70 22.03 -41.61 -76.97
CA THR L 70 21.87 -40.32 -77.64
C THR L 70 23.14 -39.48 -77.62
N THR L 71 24.24 -40.05 -77.09
CA THR L 71 25.54 -39.38 -76.91
C THR L 71 26.69 -40.33 -77.22
N SER L 72 27.86 -39.78 -77.60
CA SER L 72 29.08 -40.54 -77.76
C SER L 72 29.54 -41.13 -76.43
N ILE L 73 30.09 -42.36 -76.46
CA ILE L 73 30.56 -43.09 -75.29
C ILE L 73 31.96 -43.61 -75.59
N SER L 74 32.84 -43.69 -74.57
CA SER L 74 34.24 -44.10 -74.74
C SER L 74 34.58 -45.31 -73.87
N VAL L 75 35.60 -46.08 -74.28
CA VAL L 75 36.13 -47.18 -73.47
C VAL L 75 36.96 -46.60 -72.31
N THR L 76 36.82 -47.16 -71.10
CA THR L 76 37.52 -46.65 -69.92
C THR L 76 38.46 -47.67 -69.29
N SER L 77 38.13 -48.97 -69.39
CA SER L 77 38.96 -50.04 -68.85
C SER L 77 38.65 -51.36 -69.55
N ILE L 78 39.59 -52.31 -69.48
CA ILE L 78 39.35 -53.69 -69.89
C ILE L 78 39.99 -54.64 -68.87
N ASN L 79 39.31 -55.74 -68.58
CA ASN L 79 39.85 -56.84 -67.80
C ASN L 79 39.89 -58.06 -68.73
N ILE L 80 41.07 -58.67 -68.92
CA ILE L 80 41.24 -59.80 -69.84
C ILE L 80 41.72 -61.01 -69.06
N ASN L 81 40.98 -62.13 -69.14
CA ASN L 81 41.37 -63.39 -68.50
C ASN L 81 41.55 -63.24 -66.98
N GLY L 82 40.94 -62.20 -66.38
CA GLY L 82 41.05 -61.89 -64.96
C GLY L 82 42.05 -60.78 -64.64
N GLN L 83 43.02 -60.53 -65.52
CA GLN L 83 44.01 -59.48 -65.36
C GLN L 83 43.40 -58.10 -65.65
N PRO L 84 43.59 -57.08 -64.79
CA PRO L 84 43.32 -55.70 -65.18
C PRO L 84 44.40 -55.18 -66.12
N PHE L 85 43.97 -54.47 -67.16
CA PHE L 85 44.85 -53.82 -68.12
C PHE L 85 44.67 -52.30 -68.08
N ASN L 86 45.76 -51.58 -68.33
CA ASN L 86 45.76 -50.15 -68.54
C ASN L 86 45.57 -49.84 -70.02
N ILE L 87 44.92 -48.71 -70.35
CA ILE L 87 44.69 -48.32 -71.73
C ILE L 87 45.66 -47.21 -72.11
N ASN L 88 46.30 -47.34 -73.27
CA ASN L 88 47.36 -46.39 -73.56
C ASN L 88 46.86 -45.32 -74.53
N GLY L 89 47.38 -44.09 -74.38
CA GLY L 89 46.99 -42.94 -75.19
C GLY L 89 45.57 -42.47 -74.93
N THR L 90 44.94 -41.88 -75.96
CA THR L 90 43.52 -41.51 -75.92
C THR L 90 42.64 -42.76 -76.00
N ALA L 91 41.57 -42.78 -75.19
CA ALA L 91 40.50 -43.76 -75.34
C ALA L 91 39.81 -43.58 -76.69
N PRO L 92 39.31 -44.67 -77.32
CA PRO L 92 38.43 -44.54 -78.49
C PRO L 92 37.01 -44.19 -78.03
N SER L 93 36.18 -43.74 -78.98
CA SER L 93 34.77 -43.46 -78.70
C SER L 93 33.88 -43.90 -79.87
N ILE L 94 32.62 -44.23 -79.54
CA ILE L 94 31.64 -44.70 -80.50
C ILE L 94 30.57 -43.61 -80.66
N PRO L 95 30.39 -43.02 -81.85
CA PRO L 95 29.34 -42.03 -82.10
C PRO L 95 27.94 -42.53 -81.76
N ALA L 96 27.03 -41.62 -81.46
CA ALA L 96 25.78 -41.90 -80.77
C ALA L 96 24.93 -43.01 -81.40
N GLY L 97 24.71 -42.97 -82.72
CA GLY L 97 23.78 -43.90 -83.36
C GLY L 97 24.43 -45.06 -84.12
N ARG L 98 25.75 -45.28 -83.97
CA ARG L 98 26.53 -46.07 -84.92
C ARG L 98 27.01 -47.41 -84.36
N THR L 99 27.32 -48.34 -85.29
CA THR L 99 27.98 -49.61 -85.02
C THR L 99 29.33 -49.62 -85.75
N GLN L 100 30.43 -49.89 -85.02
CA GLN L 100 31.76 -49.78 -85.63
C GLN L 100 32.73 -50.82 -85.05
N PRO L 101 33.65 -51.36 -85.86
CA PRO L 101 34.92 -51.89 -85.35
C PRO L 101 35.73 -50.74 -84.73
N ILE L 102 36.09 -50.92 -83.46
CA ILE L 102 36.85 -49.97 -82.64
C ILE L 102 38.20 -50.61 -82.33
N THR L 103 39.30 -49.85 -82.45
CA THR L 103 40.64 -50.34 -82.12
C THR L 103 41.32 -49.45 -81.07
N PHE L 104 42.02 -50.06 -80.10
CA PHE L 104 42.74 -49.35 -79.06
C PHE L 104 43.94 -50.15 -78.56
N GLU L 105 44.87 -49.47 -77.88
CA GLU L 105 46.10 -50.05 -77.36
C GLU L 105 46.02 -50.26 -75.85
N VAL L 106 46.51 -51.40 -75.36
CA VAL L 106 46.49 -51.72 -73.94
C VAL L 106 47.83 -52.27 -73.47
N THR L 107 48.09 -52.17 -72.17
CA THR L 107 49.31 -52.67 -71.55
C THR L 107 48.95 -53.25 -70.18
N PRO L 108 49.53 -54.39 -69.75
CA PRO L 108 49.08 -55.07 -68.52
C PRO L 108 49.49 -54.32 -67.26
N ALA L 109 48.58 -54.29 -66.28
CA ALA L 109 48.81 -53.60 -65.02
C ALA L 109 49.31 -54.54 -63.91
N SER L 110 48.80 -55.79 -63.88
CA SER L 110 48.97 -56.70 -62.74
C SER L 110 50.22 -57.59 -62.83
N GLY L 111 50.91 -57.61 -63.97
CA GLY L 111 52.05 -58.49 -64.17
C GLY L 111 52.33 -58.75 -65.66
N LYS L 112 52.61 -60.03 -66.00
CA LYS L 112 52.94 -60.46 -67.35
C LYS L 112 51.87 -61.43 -67.86
N PRO L 113 51.09 -61.09 -68.93
CA PRO L 113 50.20 -62.05 -69.57
C PRO L 113 51.00 -62.93 -70.54
N ASN L 114 50.52 -64.16 -70.72
CA ASN L 114 51.17 -65.13 -71.60
C ASN L 114 50.15 -65.66 -72.61
N PHE L 115 49.73 -64.80 -73.54
CA PHE L 115 48.80 -65.20 -74.58
C PHE L 115 49.44 -66.22 -75.53
N SER L 116 48.61 -67.15 -76.03
CA SER L 116 49.03 -68.22 -76.93
C SER L 116 48.32 -68.07 -78.27
N PRO L 117 49.04 -68.15 -79.44
CA PRO L 117 48.43 -68.00 -80.75
C PRO L 117 47.18 -68.84 -80.97
N GLY L 118 46.09 -68.17 -81.38
CA GLY L 118 44.82 -68.81 -81.66
C GLY L 118 43.96 -69.12 -80.42
N ALA L 119 44.49 -68.92 -79.20
CA ALA L 119 43.72 -69.15 -77.99
C ALA L 119 42.65 -68.06 -77.80
N SER L 120 41.57 -68.44 -77.11
CA SER L 120 40.40 -67.60 -76.90
C SER L 120 40.30 -67.19 -75.44
N TYR L 121 40.18 -65.88 -75.17
CA TYR L 121 40.18 -65.31 -73.84
C TYR L 121 38.88 -64.57 -73.59
N THR L 122 38.24 -64.77 -72.42
CA THR L 122 37.12 -63.89 -72.05
C THR L 122 37.66 -62.57 -71.52
N ALA L 123 36.89 -61.50 -71.76
CA ALA L 123 37.22 -60.16 -71.28
C ALA L 123 35.93 -59.46 -70.83
N THR L 124 36.07 -58.44 -69.98
CA THR L 124 34.99 -57.50 -69.73
C THR L 124 35.48 -56.11 -70.11
N ILE L 125 34.77 -55.46 -71.04
CA ILE L 125 35.07 -54.08 -71.42
C ILE L 125 34.22 -53.17 -70.53
N TYR L 126 34.74 -51.98 -70.16
CA TYR L 126 33.99 -51.00 -69.39
C TYR L 126 33.95 -49.65 -70.11
N PHE L 127 32.79 -49.00 -70.06
CA PHE L 127 32.48 -47.83 -70.88
C PHE L 127 32.13 -46.60 -70.02
N SER L 128 32.26 -45.40 -70.63
CA SER L 128 32.12 -44.13 -69.93
C SER L 128 30.70 -43.84 -69.41
N ASN L 129 29.70 -44.60 -69.87
CA ASN L 129 28.34 -44.56 -69.32
C ASN L 129 28.19 -45.43 -68.06
N GLY L 130 29.29 -46.01 -67.55
CA GLY L 130 29.29 -46.84 -66.35
C GLY L 130 28.90 -48.30 -66.59
N GLN L 131 28.69 -48.68 -67.85
CA GLN L 131 28.31 -50.04 -68.23
C GLN L 131 29.54 -50.94 -68.39
N GLY L 132 29.39 -52.23 -68.03
CA GLY L 132 30.33 -53.29 -68.39
C GLY L 132 29.68 -54.29 -69.35
N ALA L 133 30.50 -54.93 -70.21
CA ALA L 133 29.98 -55.89 -71.18
C ALA L 133 30.94 -57.07 -71.36
N PRO L 134 30.45 -58.34 -71.35
CA PRO L 134 31.30 -59.50 -71.65
C PRO L 134 31.74 -59.52 -73.11
N ALA L 135 32.95 -60.02 -73.35
CA ALA L 135 33.51 -60.14 -74.69
C ALA L 135 34.41 -61.37 -74.80
N THR L 136 34.59 -61.87 -76.03
CA THR L 136 35.56 -62.92 -76.32
C THR L 136 36.63 -62.35 -77.25
N LEU L 137 37.91 -62.60 -76.95
CA LEU L 137 39.01 -62.09 -77.75
C LEU L 137 39.91 -63.24 -78.19
N ILE L 138 40.23 -63.31 -79.49
CA ILE L 138 41.11 -64.34 -80.02
C ILE L 138 42.49 -63.73 -80.26
N TYR L 139 43.54 -64.29 -79.65
CA TYR L 139 44.88 -63.76 -79.80
C TYR L 139 45.51 -64.19 -81.14
N GLN L 140 45.79 -63.22 -82.03
CA GLN L 140 46.27 -63.49 -83.38
C GLN L 140 47.78 -63.73 -83.44
N GLY L 141 48.52 -63.31 -82.41
CA GLY L 141 49.98 -63.25 -82.48
C GLY L 141 50.46 -61.88 -82.91
N LEU M 1 -22.31 78.12 79.09
CA LEU M 1 -23.35 77.06 79.01
C LEU M 1 -23.64 76.75 77.54
N SER M 2 -23.94 77.78 76.74
CA SER M 2 -24.39 77.71 75.34
C SER M 2 -23.65 76.67 74.50
N GLY M 3 -22.30 76.72 74.51
CA GLY M 3 -21.43 75.88 73.69
C GLY M 3 -21.69 74.37 73.85
N ALA M 4 -21.92 73.92 75.09
CA ALA M 4 -22.13 72.52 75.41
C ALA M 4 -23.51 72.04 75.00
N ILE M 5 -24.56 72.86 75.18
CA ILE M 5 -25.90 72.52 74.74
C ILE M 5 -25.97 72.40 73.22
N VAL M 6 -25.34 73.32 72.48
CA VAL M 6 -25.25 73.24 71.03
C VAL M 6 -24.47 72.00 70.59
N ALA M 7 -23.34 71.69 71.26
CA ALA M 7 -22.56 70.50 71.00
C ALA M 7 -23.40 69.22 71.15
N LEU M 8 -24.24 69.16 72.20
CA LEU M 8 -25.12 68.03 72.46
C LEU M 8 -26.21 67.88 71.40
N ILE M 9 -26.84 68.99 70.97
CA ILE M 9 -27.85 68.97 69.90
C ILE M 9 -27.25 68.38 68.61
N LEU M 10 -26.05 68.81 68.24
CA LEU M 10 -25.41 68.35 67.00
C LEU M 10 -24.90 66.91 67.10
N VAL M 11 -24.65 66.39 68.32
CA VAL M 11 -24.40 64.97 68.51
C VAL M 11 -25.67 64.17 68.24
N ILE M 12 -26.78 64.51 68.92
CA ILE M 12 -28.04 63.80 68.78
C ILE M 12 -28.54 63.86 67.33
N ALA M 13 -28.53 65.04 66.70
CA ALA M 13 -28.88 65.21 65.30
C ALA M 13 -27.99 64.40 64.36
N GLY M 14 -26.68 64.33 64.67
CA GLY M 14 -25.73 63.52 63.93
C GLY M 14 -26.08 62.03 63.96
N VAL M 15 -26.42 61.50 65.13
CA VAL M 15 -26.88 60.12 65.29
C VAL M 15 -28.13 59.87 64.43
N ILE M 16 -29.11 60.76 64.49
CA ILE M 16 -30.37 60.63 63.77
C ILE M 16 -30.12 60.56 62.26
N ILE M 17 -29.38 61.52 61.70
CA ILE M 17 -29.14 61.60 60.27
C ILE M 17 -28.26 60.44 59.78
N ALA M 18 -27.26 60.04 60.57
CA ALA M 18 -26.42 58.89 60.23
C ALA M 18 -27.22 57.58 60.19
N ILE M 19 -28.06 57.32 61.20
CA ILE M 19 -28.89 56.13 61.23
C ILE M 19 -29.90 56.14 60.07
N ALA M 20 -30.49 57.30 59.73
CA ALA M 20 -31.38 57.42 58.58
C ALA M 20 -30.71 56.97 57.27
N VAL M 21 -29.45 57.33 57.05
CA VAL M 21 -28.69 56.94 55.86
C VAL M 21 -28.33 55.45 55.88
N VAL M 22 -28.03 54.87 57.05
CA VAL M 22 -27.77 53.44 57.17
C VAL M 22 -29.03 52.62 56.85
N LEU M 23 -30.19 53.03 57.37
CA LEU M 23 -31.47 52.41 57.05
C LEU M 23 -31.79 52.54 55.56
N PHE M 24 -31.48 53.69 54.95
CA PHE M 24 -31.63 53.88 53.52
C PHE M 24 -30.79 52.88 52.71
N ALA M 25 -29.52 52.69 53.09
CA ALA M 25 -28.64 51.73 52.43
C ALA M 25 -29.18 50.29 52.50
N PHE M 26 -29.70 49.84 53.66
CA PHE M 26 -30.39 48.56 53.75
C PHE M 26 -31.65 48.49 52.89
N GLY M 27 -32.31 49.63 52.62
CA GLY M 27 -33.49 49.70 51.77
C GLY M 27 -33.20 49.56 50.26
N LEU M 28 -31.95 49.75 49.82
CA LEU M 28 -31.57 49.58 48.42
C LEU M 28 -31.44 48.12 48.02
N ILE M 29 -31.07 47.25 48.97
CA ILE M 29 -30.65 45.88 48.68
C ILE M 29 -31.68 45.09 47.85
N PRO M 30 -33.00 45.13 48.12
CA PRO M 30 -33.98 44.43 47.30
C PRO M 30 -34.06 44.85 45.84
N GLY M 31 -33.79 46.13 45.55
CA GLY M 31 -33.84 46.64 44.18
C GLY M 31 -32.62 46.24 43.35
N ILE M 32 -31.44 46.35 43.95
CA ILE M 32 -30.17 46.10 43.26
C ILE M 32 -29.84 44.62 43.16
N SER M 33 -30.29 43.80 44.13
CA SER M 33 -29.98 42.38 44.16
C SER M 33 -31.21 41.57 43.74
N ASN M 34 -31.04 40.80 42.66
CA ASN M 34 -32.15 40.24 41.92
C ASN M 34 -31.57 39.08 41.11
N GLN M 35 -31.67 37.87 41.67
CA GLN M 35 -31.10 36.71 41.01
C GLN M 35 -32.02 36.21 39.89
N GLY M 36 -31.46 35.39 39.00
CA GLY M 36 -32.27 34.86 37.93
C GLY M 36 -32.39 35.82 36.76
N SER M 37 -32.57 35.23 35.59
CA SER M 37 -32.33 35.86 34.31
C SER M 37 -33.05 35.06 33.23
N ILE M 38 -33.09 35.62 32.01
CA ILE M 38 -33.43 34.79 30.88
C ILE M 38 -32.20 34.03 30.39
N GLN M 39 -32.39 32.71 30.23
CA GLN M 39 -31.39 31.77 29.72
C GLN M 39 -31.84 31.25 28.35
N VAL M 40 -30.90 31.13 27.42
CA VAL M 40 -31.18 30.66 26.06
C VAL M 40 -30.61 29.25 25.90
N LEU M 41 -31.48 28.29 25.50
CA LEU M 41 -31.14 26.88 25.53
C LEU M 41 -31.00 26.28 24.12
N GLY M 42 -29.83 25.67 23.84
CA GLY M 42 -29.54 25.08 22.54
C GLY M 42 -29.40 26.10 21.42
N SER M 43 -29.38 25.62 20.17
CA SER M 43 -29.37 26.48 18.99
C SER M 43 -30.78 26.97 18.65
N GLY M 44 -30.88 28.19 18.12
CA GLY M 44 -32.10 28.66 17.48
C GLY M 44 -32.02 28.51 15.96
N THR M 45 -33.03 29.04 15.25
CA THR M 45 -33.04 29.03 13.79
C THR M 45 -33.50 30.37 13.21
N ILE M 46 -33.00 30.68 12.00
CA ILE M 46 -33.47 31.79 11.17
C ILE M 46 -34.15 31.19 9.94
N THR M 47 -35.32 31.73 9.57
CA THR M 47 -36.06 31.32 8.38
C THR M 47 -36.51 32.57 7.62
N ASN M 48 -36.40 32.53 6.28
CA ASN M 48 -36.86 33.61 5.41
C ASN M 48 -38.39 33.70 5.44
N SER M 49 -38.93 34.84 5.92
CA SER M 49 -40.37 35.11 5.91
C SER M 49 -40.79 35.99 4.72
N THR M 50 -39.82 36.58 4.01
CA THR M 50 -40.06 37.52 2.91
C THR M 50 -40.90 36.88 1.80
N ALA M 51 -41.84 37.68 1.23
CA ALA M 51 -42.77 37.20 0.23
C ALA M 51 -43.08 38.25 -0.85
N SER M 52 -43.47 37.77 -2.05
CA SER M 52 -44.12 38.54 -3.11
C SER M 52 -43.31 39.75 -3.61
N GLY M 53 -41.97 39.65 -3.56
CA GLY M 53 -41.07 40.71 -4.01
C GLY M 53 -41.22 42.03 -3.23
N SER M 54 -41.62 41.92 -1.94
CA SER M 54 -41.82 43.05 -1.04
C SER M 54 -40.54 43.87 -0.84
N SER M 55 -40.71 45.15 -0.48
CA SER M 55 -39.65 46.14 -0.33
C SER M 55 -38.73 45.87 0.87
N ARG M 56 -39.24 45.17 1.90
CA ARG M 56 -38.50 44.82 3.11
C ARG M 56 -38.40 43.30 3.28
N THR M 57 -37.16 42.80 3.50
CA THR M 57 -36.93 41.40 3.86
C THR M 57 -37.23 41.20 5.34
N ILE M 58 -37.95 40.10 5.67
CA ILE M 58 -38.34 39.75 7.03
C ILE M 58 -37.88 38.33 7.33
N TYR M 59 -37.30 38.12 8.51
CA TYR M 59 -36.75 36.82 8.89
C TYR M 59 -37.45 36.31 10.14
N ASN M 60 -37.31 35.00 10.42
CA ASN M 60 -37.98 34.37 11.55
C ASN M 60 -36.95 33.77 12.50
N ILE M 61 -36.91 34.27 13.74
CA ILE M 61 -35.97 33.81 14.75
C ILE M 61 -36.73 32.98 15.78
N THR M 62 -36.64 31.64 15.68
CA THR M 62 -37.20 30.75 16.68
C THR M 62 -36.09 30.27 17.62
N ILE M 63 -36.33 30.33 18.94
CA ILE M 63 -35.32 29.92 19.91
C ILE M 63 -35.98 29.46 21.23
N THR M 64 -35.30 28.60 22.01
CA THR M 64 -35.85 28.10 23.27
C THR M 64 -35.29 28.91 24.44
N VAL M 65 -36.18 29.36 25.32
CA VAL M 65 -35.88 30.38 26.32
C VAL M 65 -36.45 29.98 27.67
N LYS M 66 -35.68 30.18 28.74
CA LYS M 66 -36.08 29.85 30.10
C LYS M 66 -35.95 31.07 31.00
N ASN M 67 -37.07 31.59 31.51
CA ASN M 67 -37.04 32.70 32.43
C ASN M 67 -36.94 32.16 33.86
N THR M 68 -35.78 32.34 34.51
CA THR M 68 -35.58 31.86 35.87
C THR M 68 -35.94 32.90 36.94
N GLY M 69 -36.27 34.13 36.54
CA GLY M 69 -36.66 35.17 37.48
C GLY M 69 -38.13 35.05 37.93
N THR M 70 -38.55 36.02 38.75
CA THR M 70 -39.88 36.05 39.37
C THR M 70 -40.84 37.01 38.65
N THR M 71 -40.42 37.58 37.50
CA THR M 71 -41.20 38.56 36.76
C THR M 71 -41.20 38.26 35.26
N SER M 72 -42.29 38.66 34.57
CA SER M 72 -42.38 38.56 33.12
C SER M 72 -41.41 39.53 32.44
N ILE M 73 -40.79 39.08 31.34
CA ILE M 73 -39.72 39.79 30.62
C ILE M 73 -40.00 39.71 29.12
N SER M 74 -39.45 40.63 28.31
CA SER M 74 -39.63 40.61 26.86
C SER M 74 -38.31 40.85 26.12
N VAL M 75 -38.23 40.42 24.86
CA VAL M 75 -37.11 40.77 23.98
C VAL M 75 -37.24 42.22 23.55
N THR M 76 -36.12 42.87 23.23
CA THR M 76 -36.13 44.27 22.82
C THR M 76 -35.27 44.54 21.57
N SER M 77 -34.27 43.68 21.31
CA SER M 77 -33.40 43.79 20.14
C SER M 77 -32.70 42.47 19.89
N ILE M 78 -32.25 42.26 18.66
CA ILE M 78 -31.30 41.20 18.34
C ILE M 78 -30.21 41.75 17.42
N ASN M 79 -28.98 41.30 17.63
CA ASN M 79 -27.86 41.58 16.75
C ASN M 79 -27.39 40.23 16.19
N ILE M 80 -27.24 40.10 14.85
CA ILE M 80 -26.87 38.82 14.24
C ILE M 80 -25.68 39.04 13.32
N ASN M 81 -24.61 38.25 13.47
CA ASN M 81 -23.44 38.37 12.60
C ASN M 81 -22.91 39.82 12.58
N GLY M 82 -22.95 40.50 13.74
CA GLY M 82 -22.50 41.87 13.91
C GLY M 82 -23.47 42.97 13.44
N GLN M 83 -24.59 42.60 12.82
CA GLN M 83 -25.55 43.54 12.23
C GLN M 83 -26.77 43.69 13.13
N PRO M 84 -27.26 44.93 13.40
CA PRO M 84 -28.47 45.14 14.18
C PRO M 84 -29.75 44.86 13.39
N PHE M 85 -30.73 44.25 14.06
CA PHE M 85 -32.06 44.00 13.51
C PHE M 85 -33.14 44.58 14.43
N ASN M 86 -34.21 45.11 13.83
CA ASN M 86 -35.39 45.55 14.56
C ASN M 86 -36.38 44.40 14.69
N ILE M 87 -37.08 44.28 15.83
CA ILE M 87 -38.12 43.27 15.98
C ILE M 87 -39.44 43.83 15.48
N ASN M 88 -39.77 43.59 14.19
CA ASN M 88 -41.04 44.06 13.64
C ASN M 88 -42.20 43.37 14.36
N GLY M 89 -43.28 44.11 14.64
CA GLY M 89 -44.45 43.60 15.35
C GLY M 89 -44.18 43.43 16.85
N THR M 90 -45.25 43.33 17.64
CA THR M 90 -45.14 43.15 19.08
C THR M 90 -44.02 42.17 19.45
N ALA M 91 -43.13 42.61 20.35
CA ALA M 91 -42.07 41.78 20.89
C ALA M 91 -42.65 40.73 21.83
N PRO M 92 -42.27 39.43 21.73
CA PRO M 92 -42.81 38.38 22.61
C PRO M 92 -42.25 38.48 24.02
N SER M 93 -42.98 37.86 24.95
CA SER M 93 -42.72 37.98 26.38
C SER M 93 -42.80 36.61 27.04
N ILE M 94 -41.88 36.37 27.99
CA ILE M 94 -41.69 35.08 28.65
C ILE M 94 -42.15 35.23 30.11
N PRO M 95 -43.21 34.51 30.56
CA PRO M 95 -43.65 34.57 31.96
C PRO M 95 -42.59 34.07 32.92
N ALA M 96 -42.72 34.45 34.19
CA ALA M 96 -41.83 34.02 35.25
C ALA M 96 -41.76 32.48 35.35
N GLY M 97 -40.57 31.94 35.65
CA GLY M 97 -40.36 30.54 35.94
C GLY M 97 -40.61 29.55 34.79
N ARG M 98 -40.81 30.04 33.56
CA ARG M 98 -41.29 29.21 32.45
C ARG M 98 -40.22 28.98 31.38
N THR M 99 -40.22 27.76 30.80
CA THR M 99 -39.42 27.41 29.63
C THR M 99 -40.35 27.34 28.41
N GLN M 100 -39.97 27.99 27.30
CA GLN M 100 -40.79 28.05 26.10
C GLN M 100 -39.92 28.08 24.85
N PRO M 101 -40.37 27.49 23.73
CA PRO M 101 -39.92 27.95 22.41
C PRO M 101 -40.66 29.25 22.11
N ILE M 102 -39.93 30.30 21.72
CA ILE M 102 -40.53 31.55 21.26
C ILE M 102 -40.14 31.80 19.81
N THR M 103 -41.03 32.47 19.07
CA THR M 103 -40.78 32.87 17.69
C THR M 103 -41.13 34.35 17.53
N PHE M 104 -40.30 35.09 16.79
CA PHE M 104 -40.58 36.48 16.47
C PHE M 104 -39.98 36.85 15.12
N GLU M 105 -40.55 37.88 14.49
CA GLU M 105 -40.09 38.35 13.18
C GLU M 105 -39.16 39.55 13.33
N VAL M 106 -38.16 39.65 12.44
CA VAL M 106 -37.17 40.71 12.48
C VAL M 106 -36.86 41.22 11.08
N THR M 107 -36.39 42.48 11.00
CA THR M 107 -35.92 43.10 9.77
C THR M 107 -34.56 43.76 10.03
N PRO M 108 -33.61 43.73 9.07
CA PRO M 108 -32.34 44.45 9.22
C PRO M 108 -32.57 45.95 9.42
N ALA M 109 -31.77 46.57 10.30
CA ALA M 109 -31.87 48.00 10.52
C ALA M 109 -31.23 48.81 9.38
N SER M 110 -30.14 48.27 8.80
CA SER M 110 -29.45 48.83 7.63
C SER M 110 -28.72 47.71 6.87
N GLY M 111 -28.42 47.96 5.58
CA GLY M 111 -27.78 46.98 4.71
C GLY M 111 -28.66 45.76 4.40
N LYS M 112 -28.02 44.63 4.04
CA LYS M 112 -28.70 43.35 3.87
C LYS M 112 -27.89 42.22 4.49
N PRO M 113 -28.53 41.16 5.04
CA PRO M 113 -27.82 39.94 5.44
C PRO M 113 -27.34 39.16 4.23
N ASN M 114 -26.39 38.25 4.48
CA ASN M 114 -25.86 37.34 3.48
C ASN M 114 -25.81 35.91 4.03
N PHE M 115 -26.90 35.48 4.65
CA PHE M 115 -27.01 34.14 5.20
C PHE M 115 -26.91 33.05 4.12
N SER M 116 -26.47 31.85 4.53
CA SER M 116 -26.27 30.70 3.66
C SER M 116 -26.94 29.48 4.28
N PRO M 117 -27.71 28.65 3.52
CA PRO M 117 -28.40 27.49 4.10
C PRO M 117 -27.47 26.55 4.88
N GLY M 118 -27.89 26.25 6.11
CA GLY M 118 -27.16 25.36 7.01
C GLY M 118 -25.98 26.01 7.74
N ALA M 119 -25.62 27.25 7.41
CA ALA M 119 -24.57 27.97 8.13
C ALA M 119 -25.07 28.43 9.50
N SER M 120 -24.15 28.53 10.48
CA SER M 120 -24.46 28.93 11.84
C SER M 120 -23.85 30.29 12.16
N TYR M 121 -24.71 31.21 12.63
CA TYR M 121 -24.35 32.60 12.93
C TYR M 121 -24.46 32.85 14.43
N THR M 122 -23.47 33.54 15.02
CA THR M 122 -23.60 34.01 16.38
C THR M 122 -24.53 35.22 16.42
N ALA M 123 -25.37 35.28 17.47
CA ALA M 123 -26.33 36.33 17.66
C ALA M 123 -26.35 36.74 19.13
N THR M 124 -26.85 37.94 19.43
CA THR M 124 -27.05 38.36 20.81
C THR M 124 -28.47 38.88 20.94
N ILE M 125 -29.24 38.33 21.89
CA ILE M 125 -30.61 38.78 22.15
C ILE M 125 -30.58 39.67 23.40
N TYR M 126 -31.21 40.84 23.33
CA TYR M 126 -31.27 41.77 24.45
C TYR M 126 -32.70 41.82 25.01
N PHE M 127 -32.82 41.60 26.32
CA PHE M 127 -34.09 41.56 27.01
C PHE M 127 -34.38 42.90 27.71
N SER M 128 -35.63 43.09 28.18
CA SER M 128 -36.08 44.32 28.82
C SER M 128 -35.26 44.68 30.06
N ASN M 129 -34.58 43.70 30.68
CA ASN M 129 -33.65 43.88 31.79
C ASN M 129 -32.43 44.74 31.43
N GLY M 130 -32.11 44.87 30.14
CA GLY M 130 -30.78 45.33 29.72
C GLY M 130 -29.76 44.20 29.60
N GLN M 131 -30.00 43.10 30.33
CA GLN M 131 -29.28 41.84 30.21
C GLN M 131 -29.39 41.30 28.78
N GLY M 132 -28.27 40.83 28.22
CA GLY M 132 -28.25 40.18 26.92
C GLY M 132 -27.63 38.77 27.00
N ALA M 133 -27.97 37.91 26.03
CA ALA M 133 -27.48 36.55 26.00
C ALA M 133 -26.91 36.21 24.62
N PRO M 134 -25.67 35.69 24.51
CA PRO M 134 -25.17 35.19 23.23
C PRO M 134 -25.85 33.87 22.87
N ALA M 135 -26.09 33.68 21.57
CA ALA M 135 -26.81 32.55 21.03
C ALA M 135 -26.20 32.14 19.68
N THR M 136 -26.48 30.90 19.25
CA THR M 136 -26.13 30.44 17.91
C THR M 136 -27.42 30.15 17.15
N LEU M 137 -27.54 30.70 15.94
CA LEU M 137 -28.69 30.51 15.09
C LEU M 137 -28.26 29.80 13.81
N ILE M 138 -29.01 28.77 13.37
CA ILE M 138 -28.72 28.10 12.11
C ILE M 138 -29.72 28.60 11.07
N TYR M 139 -29.23 29.08 9.92
CA TYR M 139 -30.12 29.55 8.86
C TYR M 139 -30.68 28.37 8.07
N GLN M 140 -32.01 28.22 8.08
CA GLN M 140 -32.67 27.06 7.49
C GLN M 140 -32.91 27.23 5.99
N GLY M 141 -33.37 28.43 5.59
CA GLY M 141 -33.76 28.74 4.22
C GLY M 141 -34.98 29.64 4.15
N LEU N 1 -30.75 101.41 98.18
CA LEU N 1 -31.48 101.60 96.89
C LEU N 1 -30.53 101.34 95.72
N SER N 2 -29.37 102.01 95.71
CA SER N 2 -28.39 102.04 94.61
C SER N 2 -28.13 100.67 93.96
N GLY N 3 -27.83 99.66 94.79
CA GLY N 3 -27.47 98.31 94.35
C GLY N 3 -28.48 97.67 93.40
N ALA N 4 -29.77 97.84 93.69
CA ALA N 4 -30.86 97.24 92.94
C ALA N 4 -31.09 97.96 91.60
N ILE N 5 -30.98 99.29 91.57
CA ILE N 5 -31.11 100.06 90.35
C ILE N 5 -29.97 99.73 89.38
N VAL N 6 -28.74 99.63 89.89
CA VAL N 6 -27.59 99.21 89.08
C VAL N 6 -27.76 97.78 88.55
N ALA N 7 -28.25 96.86 89.41
CA ALA N 7 -28.53 95.48 89.01
C ALA N 7 -29.54 95.43 87.86
N LEU N 8 -30.59 96.27 87.92
CA LEU N 8 -31.61 96.35 86.89
C LEU N 8 -31.07 96.91 85.57
N ILE N 9 -30.24 97.96 85.61
CA ILE N 9 -29.60 98.51 84.42
C ILE N 9 -28.77 97.45 83.70
N LEU N 10 -27.97 96.67 84.44
CA LEU N 10 -27.11 95.67 83.85
C LEU N 10 -27.88 94.44 83.36
N VAL N 11 -29.09 94.17 83.88
CA VAL N 11 -29.99 93.18 83.29
C VAL N 11 -30.48 93.66 81.93
N ILE N 12 -31.07 94.87 81.86
CA ILE N 12 -31.61 95.42 80.63
C ILE N 12 -30.52 95.56 79.56
N ALA N 13 -29.35 96.10 79.92
CA ALA N 13 -28.21 96.20 79.01
C ALA N 13 -27.72 94.83 78.55
N GLY N 14 -27.73 93.84 79.43
CA GLY N 14 -27.38 92.46 79.11
C GLY N 14 -28.30 91.87 78.05
N VAL N 15 -29.62 92.06 78.18
CA VAL N 15 -30.61 91.64 77.20
C VAL N 15 -30.32 92.29 75.85
N ILE N 16 -30.08 93.61 75.83
CA ILE N 16 -29.83 94.37 74.60
C ILE N 16 -28.60 93.82 73.86
N ILE N 17 -27.47 93.70 74.55
CA ILE N 17 -26.22 93.27 73.95
C ILE N 17 -26.29 91.81 73.50
N ALA N 18 -26.93 90.94 74.29
CA ALA N 18 -27.11 89.54 73.91
C ALA N 18 -27.98 89.39 72.66
N ILE N 19 -29.11 90.09 72.58
CA ILE N 19 -29.96 90.05 71.40
C ILE N 19 -29.25 90.61 70.17
N ALA N 20 -28.46 91.68 70.32
CA ALA N 20 -27.66 92.22 69.22
C ALA N 20 -26.70 91.18 68.62
N VAL N 21 -26.06 90.35 69.46
CA VAL N 21 -25.15 89.30 69.00
C VAL N 21 -25.92 88.14 68.35
N VAL N 22 -27.11 87.80 68.85
CA VAL N 22 -27.96 86.77 68.22
C VAL N 22 -28.42 87.21 66.82
N LEU N 23 -28.86 88.47 66.67
CA LEU N 23 -29.22 89.04 65.37
C LEU N 23 -28.01 89.08 64.43
N PHE N 24 -26.82 89.39 64.95
CA PHE N 24 -25.59 89.33 64.17
C PHE N 24 -25.32 87.92 63.64
N ALA N 25 -25.46 86.89 64.48
CA ALA N 25 -25.28 85.50 64.06
C ALA N 25 -26.24 85.10 62.93
N PHE N 26 -27.54 85.46 63.02
CA PHE N 26 -28.47 85.27 61.91
C PHE N 26 -28.08 86.04 60.64
N GLY N 27 -27.37 87.17 60.78
CA GLY N 27 -26.88 87.97 59.67
C GLY N 27 -25.70 87.36 58.91
N LEU N 28 -24.97 86.40 59.50
CA LEU N 28 -23.85 85.73 58.84
C LEU N 28 -24.32 84.68 57.82
N ILE N 29 -25.48 84.08 58.05
CA ILE N 29 -25.92 82.88 57.34
C ILE N 29 -25.90 83.06 55.82
N PRO N 30 -26.37 84.17 55.22
CA PRO N 30 -26.32 84.35 53.77
C PRO N 30 -24.92 84.38 53.16
N GLY N 31 -23.92 84.85 53.91
CA GLY N 31 -22.55 84.93 53.42
C GLY N 31 -21.84 83.58 53.43
N ILE N 32 -22.02 82.83 54.52
CA ILE N 32 -21.32 81.56 54.75
C ILE N 32 -21.99 80.40 54.00
N SER N 33 -23.33 80.47 53.79
CA SER N 33 -24.07 79.39 53.15
C SER N 33 -24.43 79.79 51.72
N ASN N 34 -23.94 78.99 50.77
CA ASN N 34 -23.90 79.37 49.37
C ASN N 34 -23.78 78.07 48.58
N GLN N 35 -24.91 77.53 48.14
CA GLN N 35 -24.93 76.26 47.44
C GLN N 35 -24.49 76.46 45.98
N GLY N 36 -24.11 75.35 45.34
CA GLY N 36 -23.72 75.44 43.94
C GLY N 36 -22.28 75.91 43.77
N SER N 37 -21.71 75.48 42.64
CA SER N 37 -20.27 75.40 42.44
C SER N 37 -20.00 75.27 40.94
N ILE N 38 -18.73 75.39 40.57
CA ILE N 38 -18.34 74.95 39.25
C ILE N 38 -18.12 73.44 39.25
N GLN N 39 -18.76 72.77 38.27
CA GLN N 39 -18.65 71.34 38.02
C GLN N 39 -17.94 71.11 36.69
N VAL N 40 -17.06 70.10 36.63
CA VAL N 40 -16.29 69.78 35.44
C VAL N 40 -16.84 68.47 34.85
N LEU N 41 -17.21 68.50 33.56
CA LEU N 41 -17.96 67.42 32.93
C LEU N 41 -17.11 66.67 31.89
N GLY N 42 -16.99 65.35 32.06
CA GLY N 42 -16.21 64.51 31.15
C GLY N 42 -14.70 64.78 31.20
N SER N 43 -13.96 64.22 30.23
CA SER N 43 -12.53 64.48 30.10
C SER N 43 -12.29 65.80 29.37
N GLY N 44 -11.20 66.50 29.73
CA GLY N 44 -10.68 67.61 28.93
C GLY N 44 -9.53 67.14 28.04
N THR N 45 -8.87 68.11 27.36
CA THR N 45 -7.71 67.81 26.54
C THR N 45 -6.59 68.84 26.74
N ILE N 46 -5.35 68.39 26.53
CA ILE N 46 -4.17 69.25 26.44
C ILE N 46 -3.64 69.18 25.01
N THR N 47 -3.31 70.34 24.43
CA THR N 47 -2.73 70.44 23.09
C THR N 47 -1.52 71.38 23.14
N ASN N 48 -0.44 71.00 22.43
CA ASN N 48 0.76 71.82 22.31
C ASN N 48 0.46 73.07 21.49
N SER N 49 0.60 74.27 22.10
CA SER N 49 0.46 75.55 21.41
C SER N 49 1.81 76.16 21.03
N THR N 50 2.93 75.60 21.54
CA THR N 50 4.27 76.12 21.34
C THR N 50 4.64 76.18 19.85
N ALA N 51 5.34 77.27 19.45
CA ALA N 51 5.69 77.51 18.06
C ALA N 51 7.07 78.15 17.90
N SER N 52 7.69 77.94 16.72
CA SER N 52 8.83 78.69 16.20
C SER N 52 10.08 78.67 17.10
N GLY N 53 10.26 77.57 17.87
CA GLY N 53 11.41 77.41 18.76
C GLY N 53 11.46 78.45 19.89
N SER N 54 10.29 78.96 20.30
CA SER N 54 10.15 79.97 21.36
C SER N 54 10.71 79.49 22.71
N SER N 55 11.09 80.45 23.55
CA SER N 55 11.76 80.23 24.83
C SER N 55 10.84 79.59 25.88
N ARG N 56 9.50 79.78 25.75
CA ARG N 56 8.49 79.25 26.66
C ARG N 56 7.53 78.30 25.92
N THR N 57 7.35 77.09 26.47
CA THR N 57 6.32 76.16 25.99
C THR N 57 4.95 76.56 26.51
N ILE N 58 3.93 76.54 25.63
CA ILE N 58 2.56 76.93 25.95
C ILE N 58 1.64 75.78 25.57
N TYR N 59 0.68 75.44 26.43
CA TYR N 59 -0.22 74.32 26.21
C TYR N 59 -1.67 74.81 26.20
N ASN N 60 -2.58 73.99 25.67
CA ASN N 60 -3.98 74.38 25.54
C ASN N 60 -4.86 73.41 26.32
N ILE N 61 -5.58 73.92 27.33
CA ILE N 61 -6.45 73.11 28.17
C ILE N 61 -7.90 73.44 27.82
N THR N 62 -8.54 72.55 27.03
CA THR N 62 -9.95 72.66 26.73
C THR N 62 -10.74 71.70 27.61
N ILE N 63 -11.82 72.19 28.24
CA ILE N 63 -12.63 71.35 29.13
C ILE N 63 -14.07 71.87 29.22
N THR N 64 -15.04 70.98 29.55
CA THR N 64 -16.45 71.37 29.65
C THR N 64 -16.81 71.64 31.10
N VAL N 65 -17.47 72.79 31.34
CA VAL N 65 -17.63 73.36 32.67
C VAL N 65 -19.07 73.84 32.85
N LYS N 66 -19.65 73.57 34.03
CA LYS N 66 -21.02 73.96 34.35
C LYS N 66 -21.03 74.75 35.66
N ASN N 67 -21.39 76.04 35.59
CA ASN N 67 -21.51 76.86 36.78
C ASN N 67 -22.94 76.74 37.31
N THR N 68 -23.12 76.07 38.46
CA THR N 68 -24.43 75.90 39.07
C THR N 68 -24.81 77.01 40.06
N GLY N 69 -23.87 77.91 40.37
CA GLY N 69 -24.12 79.03 41.26
C GLY N 69 -24.87 80.18 40.60
N THR N 70 -25.08 81.25 41.38
CA THR N 70 -25.83 82.43 40.97
C THR N 70 -24.93 83.61 40.57
N THR N 71 -23.60 83.39 40.51
CA THR N 71 -22.62 84.43 40.21
C THR N 71 -21.58 83.95 39.20
N SER N 72 -21.04 84.89 38.41
CA SER N 72 -19.95 84.62 37.48
C SER N 72 -18.65 84.30 38.23
N ILE N 73 -17.89 83.32 37.72
CA ILE N 73 -16.69 82.77 38.37
C ILE N 73 -15.59 82.64 37.32
N SER N 74 -14.30 82.58 37.72
CA SER N 74 -13.19 82.42 36.78
C SER N 74 -12.17 81.38 37.29
N VAL N 75 -11.38 80.81 36.38
CA VAL N 75 -10.26 79.96 36.76
C VAL N 75 -9.13 80.84 37.29
N THR N 76 -8.27 80.27 38.15
CA THR N 76 -7.16 81.02 38.74
C THR N 76 -5.83 80.25 38.70
N SER N 77 -5.88 78.91 38.64
CA SER N 77 -4.70 78.07 38.55
C SER N 77 -5.09 76.69 38.05
N ILE N 78 -4.11 75.95 37.51
CA ILE N 78 -4.25 74.53 37.26
C ILE N 78 -2.97 73.82 37.70
N ASN N 79 -3.13 72.63 38.27
CA ASN N 79 -2.04 71.74 38.60
C ASN N 79 -2.23 70.46 37.77
N ILE N 80 -1.21 70.00 37.03
CA ILE N 80 -1.34 68.84 36.15
C ILE N 80 -0.22 67.85 36.47
N ASN N 81 -0.55 66.57 36.71
CA ASN N 81 0.45 65.56 36.99
C ASN N 81 1.39 65.99 38.13
N GLY N 82 0.82 66.66 39.15
CA GLY N 82 1.55 67.14 40.32
C GLY N 82 2.33 68.44 40.14
N GLN N 83 2.39 68.99 38.92
CA GLN N 83 3.18 70.17 38.58
C GLN N 83 2.28 71.40 38.45
N PRO N 84 2.65 72.56 39.04
CA PRO N 84 1.88 73.80 38.89
C PRO N 84 2.09 74.48 37.54
N PHE N 85 1.01 75.03 36.98
CA PHE N 85 1.02 75.81 35.75
C PHE N 85 0.39 77.17 35.97
N ASN N 86 0.94 78.21 35.31
CA ASN N 86 0.35 79.53 35.29
C ASN N 86 -0.60 79.66 34.11
N ILE N 87 -1.74 80.36 34.28
CA ILE N 87 -2.64 80.61 33.17
C ILE N 87 -2.20 81.88 32.43
N ASN N 88 -1.37 81.75 31.38
CA ASN N 88 -0.94 82.90 30.61
C ASN N 88 -2.14 83.54 29.93
N GLY N 89 -2.18 84.89 29.89
CA GLY N 89 -3.29 85.64 29.30
C GLY N 89 -4.53 85.64 30.20
N THR N 90 -5.44 86.57 29.95
CA THR N 90 -6.68 86.67 30.72
C THR N 90 -7.28 85.30 31.00
N ALA N 91 -7.58 85.04 32.28
CA ALA N 91 -8.25 83.82 32.71
C ALA N 91 -9.71 83.84 32.28
N PRO N 92 -10.27 82.76 31.68
CA PRO N 92 -11.67 82.75 31.26
C PRO N 92 -12.65 82.66 32.42
N SER N 93 -13.89 83.04 32.15
CA SER N 93 -14.92 83.19 33.16
C SER N 93 -16.23 82.58 32.70
N ILE N 94 -16.93 81.92 33.62
CA ILE N 94 -18.13 81.14 33.34
C ILE N 94 -19.32 81.87 33.98
N PRO N 95 -20.31 82.37 33.19
CA PRO N 95 -21.49 83.04 33.74
C PRO N 95 -22.33 82.09 34.61
N ALA N 96 -23.16 82.69 35.47
CA ALA N 96 -24.07 81.93 36.33
C ALA N 96 -24.98 81.01 35.52
N GLY N 97 -25.27 79.82 36.07
CA GLY N 97 -26.24 78.87 35.54
C GLY N 97 -25.91 78.27 34.16
N ARG N 98 -24.69 78.46 33.64
CA ARG N 98 -24.36 78.13 32.25
C ARG N 98 -23.40 76.94 32.14
N THR N 99 -23.62 76.10 31.11
CA THR N 99 -22.70 75.04 30.70
C THR N 99 -21.96 75.48 29.44
N GLN N 100 -20.62 75.35 29.43
CA GLN N 100 -19.79 75.78 28.30
C GLN N 100 -18.59 74.86 28.13
N PRO N 101 -18.11 74.65 26.89
CA PRO N 101 -16.71 74.29 26.69
C PRO N 101 -15.90 75.59 26.85
N ILE N 102 -14.85 75.54 27.68
CA ILE N 102 -13.91 76.65 27.81
C ILE N 102 -12.51 76.21 27.37
N THR N 103 -11.72 77.15 26.83
CA THR N 103 -10.34 76.91 26.45
C THR N 103 -9.47 78.03 27.01
N PHE N 104 -8.30 77.67 27.52
CA PHE N 104 -7.32 78.65 27.99
C PHE N 104 -5.90 78.12 27.81
N GLU N 105 -4.94 79.04 27.73
CA GLU N 105 -3.54 78.69 27.56
C GLU N 105 -2.78 78.72 28.89
N VAL N 106 -1.81 77.81 29.02
CA VAL N 106 -1.04 77.67 30.26
C VAL N 106 0.44 77.44 29.95
N THR N 107 1.29 77.80 30.92
CA THR N 107 2.72 77.54 30.88
C THR N 107 3.17 76.92 32.20
N PRO N 108 4.12 75.96 32.21
CA PRO N 108 4.67 75.42 33.46
C PRO N 108 5.30 76.52 34.31
N ALA N 109 5.11 76.44 35.63
CA ALA N 109 5.71 77.41 36.55
C ALA N 109 7.20 77.15 36.76
N SER N 110 7.60 75.86 36.75
CA SER N 110 9.00 75.42 36.83
C SER N 110 9.15 74.04 36.18
N GLY N 111 10.38 73.70 35.77
CA GLY N 111 10.67 72.43 35.09
C GLY N 111 10.05 72.35 33.70
N LYS N 112 9.86 71.11 33.19
CA LYS N 112 9.13 70.85 31.95
C LYS N 112 8.18 69.67 32.10
N PRO N 113 7.02 69.66 31.41
CA PRO N 113 6.16 68.47 31.34
C PRO N 113 6.81 67.39 30.48
N ASN N 114 6.30 66.17 30.64
CA ASN N 114 6.72 65.02 29.85
C ASN N 114 5.49 64.24 29.36
N PHE N 115 4.52 64.97 28.80
CA PHE N 115 3.30 64.38 28.26
C PHE N 115 3.59 63.45 27.08
N SER N 116 2.70 62.46 26.87
CA SER N 116 2.80 61.46 25.80
C SER N 116 1.48 61.40 25.04
N PRO N 117 1.46 61.36 23.69
CA PRO N 117 0.21 61.31 22.93
C PRO N 117 -0.75 60.21 23.36
N GLY N 118 -1.99 60.59 23.63
CA GLY N 118 -3.05 59.68 24.03
C GLY N 118 -3.04 59.29 25.51
N ALA N 119 -2.00 59.68 26.27
CA ALA N 119 -1.96 59.42 27.71
C ALA N 119 -2.91 60.36 28.46
N SER N 120 -3.45 59.89 29.59
CA SER N 120 -4.39 60.64 30.41
C SER N 120 -3.76 61.05 31.75
N TYR N 121 -3.81 62.35 32.06
CA TYR N 121 -3.21 62.94 33.24
C TYR N 121 -4.30 63.49 34.16
N THR N 122 -4.17 63.22 35.47
CA THR N 122 -5.04 63.88 36.44
C THR N 122 -4.60 65.33 36.62
N ALA N 123 -5.59 66.22 36.76
CA ALA N 123 -5.36 67.65 36.91
C ALA N 123 -6.32 68.19 37.96
N THR N 124 -6.00 69.35 38.55
CA THR N 124 -6.92 70.02 39.45
C THR N 124 -7.03 71.47 39.00
N ILE N 125 -8.26 71.95 38.75
CA ILE N 125 -8.51 73.34 38.37
C ILE N 125 -9.01 74.08 39.60
N TYR N 126 -8.44 75.26 39.90
CA TYR N 126 -8.85 76.08 41.02
C TYR N 126 -9.56 77.34 40.53
N PHE N 127 -10.76 77.56 41.06
CA PHE N 127 -11.61 78.68 40.67
C PHE N 127 -11.49 79.83 41.68
N SER N 128 -12.03 81.00 41.32
CA SER N 128 -11.96 82.21 42.14
C SER N 128 -12.59 82.04 43.53
N ASN N 129 -13.48 81.05 43.69
CA ASN N 129 -14.07 80.65 44.97
C ASN N 129 -13.05 80.13 45.99
N GLY N 130 -11.87 79.70 45.53
CA GLY N 130 -10.99 78.85 46.33
C GLY N 130 -11.32 77.36 46.20
N GLN N 131 -12.57 77.04 45.83
CA GLN N 131 -13.02 75.71 45.44
C GLN N 131 -12.19 75.20 44.25
N GLY N 132 -11.76 73.93 44.33
CA GLY N 132 -11.07 73.27 43.23
C GLY N 132 -11.78 71.97 42.82
N ALA N 133 -11.55 71.54 41.58
CA ALA N 133 -12.19 70.34 41.04
C ALA N 133 -11.15 69.43 40.39
N PRO N 134 -11.09 68.12 40.75
CA PRO N 134 -10.23 67.18 40.04
C PRO N 134 -10.82 66.86 38.66
N ALA N 135 -9.93 66.69 37.69
CA ALA N 135 -10.27 66.47 36.29
C ALA N 135 -9.29 65.48 35.66
N THR N 136 -9.68 64.87 34.53
CA THR N 136 -8.78 64.06 33.71
C THR N 136 -8.61 64.74 32.36
N LEU N 137 -7.35 64.92 31.94
CA LEU N 137 -7.02 65.54 30.67
C LEU N 137 -6.30 64.52 29.79
N ILE N 138 -6.67 64.41 28.51
CA ILE N 138 -5.96 63.54 27.58
C ILE N 138 -5.06 64.41 26.70
N TYR N 139 -3.77 64.08 26.63
CA TYR N 139 -2.84 64.84 25.80
C TYR N 139 -2.98 64.43 24.33
N GLN N 140 -3.36 65.38 23.48
CA GLN N 140 -3.66 65.10 22.08
C GLN N 140 -2.41 65.09 21.20
N GLY N 141 -1.52 66.08 21.40
CA GLY N 141 -0.33 66.28 20.60
C GLY N 141 -0.03 67.76 20.37
N LEU O 1 -26.93 89.38 88.89
CA LEU O 1 -28.13 88.94 88.12
C LEU O 1 -27.77 88.83 86.64
N SER O 2 -27.20 89.89 86.05
CA SER O 2 -26.91 90.06 84.63
C SER O 2 -26.34 88.81 83.95
N GLY O 3 -25.29 88.23 84.54
CA GLY O 3 -24.55 87.09 83.99
C GLY O 3 -25.43 85.88 83.66
N ALA O 4 -26.39 85.58 84.55
CA ALA O 4 -27.27 84.42 84.42
C ALA O 4 -28.35 84.64 83.35
N ILE O 5 -28.90 85.86 83.26
CA ILE O 5 -29.89 86.20 82.24
C ILE O 5 -29.25 86.14 80.85
N VAL O 6 -28.04 86.66 80.69
CA VAL O 6 -27.29 86.58 79.43
C VAL O 6 -26.98 85.12 79.08
N ALA O 7 -26.55 84.31 80.07
CA ALA O 7 -26.30 82.89 79.88
C ALA O 7 -27.54 82.16 79.37
N LEU O 8 -28.72 82.48 79.91
CA LEU O 8 -29.99 81.89 79.51
C LEU O 8 -30.38 82.29 78.07
N ILE O 9 -30.21 83.57 77.69
CA ILE O 9 -30.49 84.03 76.34
C ILE O 9 -29.65 83.26 75.32
N LEU O 10 -28.36 83.08 75.59
CA LEU O 10 -27.45 82.40 74.68
C LEU O 10 -27.68 80.88 74.63
N VAL O 11 -28.28 80.28 75.68
CA VAL O 11 -28.76 78.90 75.62
C VAL O 11 -29.94 78.81 74.66
N ILE O 12 -30.99 79.62 74.87
CA ILE O 12 -32.19 79.58 74.04
C ILE O 12 -31.86 79.88 72.58
N ALA O 13 -31.06 80.93 72.32
CA ALA O 13 -30.60 81.27 70.97
C ALA O 13 -29.77 80.14 70.34
N GLY O 14 -28.93 79.46 71.14
CA GLY O 14 -28.16 78.31 70.70
C GLY O 14 -29.05 77.17 70.23
N VAL O 15 -30.09 76.84 70.99
CA VAL O 15 -31.09 75.84 70.61
C VAL O 15 -31.75 76.21 69.28
N ILE O 16 -32.18 77.46 69.12
CA ILE O 16 -32.86 77.95 67.92
C ILE O 16 -31.96 77.79 66.68
N ILE O 17 -30.73 78.29 66.74
CA ILE O 17 -29.82 78.28 65.60
C ILE O 17 -29.37 76.84 65.28
N ALA O 18 -29.13 76.00 66.29
CA ALA O 18 -28.78 74.61 66.08
C ALA O 18 -29.91 73.83 65.40
N ILE O 19 -31.15 73.98 65.87
CA ILE O 19 -32.30 73.31 65.25
C ILE O 19 -32.52 73.80 63.82
N ALA O 20 -32.34 75.11 63.55
CA ALA O 20 -32.43 75.65 62.19
C ALA O 20 -31.46 74.97 61.21
N VAL O 21 -30.22 74.70 61.65
CA VAL O 21 -29.22 74.02 60.82
C VAL O 21 -29.55 72.53 60.65
N VAL O 22 -30.10 71.86 61.66
CA VAL O 22 -30.55 70.47 61.53
C VAL O 22 -31.70 70.34 60.53
N LEU O 23 -32.69 71.24 60.59
CA LEU O 23 -33.78 71.29 59.62
C LEU O 23 -33.26 71.59 58.22
N PHE O 24 -32.26 72.47 58.09
CA PHE O 24 -31.60 72.73 56.81
C PHE O 24 -30.97 71.46 56.24
N ALA O 25 -30.24 70.69 57.05
CA ALA O 25 -29.63 69.43 56.61
C ALA O 25 -30.66 68.43 56.10
N PHE O 26 -31.80 68.25 56.80
CA PHE O 26 -32.90 67.43 56.28
C PHE O 26 -33.50 67.98 54.97
N GLY O 27 -33.41 69.30 54.74
CA GLY O 27 -33.88 69.93 53.51
C GLY O 27 -33.00 69.69 52.28
N LEU O 28 -31.73 69.28 52.46
CA LEU O 28 -30.83 68.98 51.34
C LEU O 28 -31.13 67.62 50.71
N ILE O 29 -31.65 66.67 51.49
CA ILE O 29 -31.73 65.27 51.10
C ILE O 29 -32.45 65.05 49.75
N PRO O 30 -33.59 65.71 49.43
CA PRO O 30 -34.25 65.55 48.13
C PRO O 30 -33.43 65.99 46.93
N GLY O 31 -32.55 67.00 47.09
CA GLY O 31 -31.73 67.50 45.99
C GLY O 31 -30.55 66.58 45.68
N ILE O 32 -29.87 66.11 46.73
CA ILE O 32 -28.65 65.32 46.61
C ILE O 32 -28.94 63.85 46.30
N SER O 33 -30.09 63.33 46.76
CA SER O 33 -30.45 61.93 46.60
C SER O 33 -31.52 61.79 45.50
N ASN O 34 -31.17 61.04 44.45
CA ASN O 34 -31.90 61.07 43.21
C ASN O 34 -31.53 59.79 42.47
N GLN O 35 -32.37 58.75 42.62
CA GLN O 35 -32.10 57.46 42.00
C GLN O 35 -32.46 57.48 40.53
N GLY O 36 -31.92 56.51 39.78
CA GLY O 36 -32.23 56.43 38.38
C GLY O 36 -31.37 57.36 37.54
N SER O 37 -31.20 56.94 36.29
CA SER O 37 -30.13 57.40 35.42
C SER O 37 -30.49 57.05 33.98
N ILE O 38 -29.71 57.58 33.04
CA ILE O 38 -29.76 57.03 31.70
C ILE O 38 -28.87 55.78 31.62
N GLN O 39 -29.47 54.70 31.08
CA GLN O 39 -28.84 53.43 30.83
C GLN O 39 -28.73 53.19 29.32
N VAL O 40 -27.59 52.65 28.86
CA VAL O 40 -27.35 52.39 27.45
C VAL O 40 -27.41 50.88 27.21
N LEU O 41 -28.27 50.44 26.27
CA LEU O 41 -28.60 49.04 26.10
C LEU O 41 -28.04 48.47 24.79
N GLY O 42 -27.25 47.38 24.88
CA GLY O 42 -26.64 46.74 23.73
C GLY O 42 -25.57 47.60 23.05
N SER O 43 -25.13 47.18 21.84
CA SER O 43 -24.21 47.96 21.03
C SER O 43 -24.94 49.05 20.26
N GLY O 44 -24.28 50.19 20.05
CA GLY O 44 -24.73 51.18 19.08
C GLY O 44 -24.00 51.04 17.74
N THR O 45 -24.21 51.98 16.82
CA THR O 45 -23.53 52.00 15.54
C THR O 45 -23.06 53.41 15.15
N ILE O 46 -21.97 53.46 14.38
CA ILE O 46 -21.50 54.67 13.72
C ILE O 46 -21.66 54.48 12.21
N THR O 47 -22.18 55.51 11.52
CA THR O 47 -22.34 55.52 10.07
C THR O 47 -21.82 56.83 9.52
N ASN O 48 -21.10 56.77 8.38
CA ASN O 48 -20.61 57.95 7.68
C ASN O 48 -21.77 58.75 7.09
N SER O 49 -21.98 60.00 7.54
CA SER O 49 -22.97 60.92 6.99
C SER O 49 -22.37 61.91 5.98
N THR O 50 -21.03 61.99 5.91
CA THR O 50 -20.31 62.95 5.07
C THR O 50 -20.68 62.80 3.59
N ALA O 51 -20.82 63.94 2.90
CA ALA O 51 -21.25 63.97 1.51
C ALA O 51 -20.55 65.06 0.68
N SER O 52 -20.46 64.84 -0.65
CA SER O 52 -20.15 65.84 -1.67
C SER O 52 -18.79 66.54 -1.48
N GLY O 53 -17.81 65.83 -0.90
CA GLY O 53 -16.47 66.36 -0.66
C GLY O 53 -16.44 67.58 0.28
N SER O 54 -17.41 67.65 1.20
CA SER O 54 -17.55 68.72 2.19
C SER O 54 -16.32 68.84 3.10
N SER O 55 -16.12 70.06 3.64
CA SER O 55 -14.95 70.42 4.45
C SER O 55 -14.93 69.74 5.82
N ARG O 56 -16.10 69.34 6.35
CA ARG O 56 -16.26 68.67 7.64
C ARG O 56 -16.87 67.27 7.48
N THR O 57 -16.21 66.26 8.06
CA THR O 57 -16.77 64.91 8.15
C THR O 57 -17.80 64.84 9.26
N ILE O 58 -18.95 64.20 8.99
CA ILE O 58 -20.07 64.07 9.93
C ILE O 58 -20.42 62.58 10.05
N TYR O 59 -20.64 62.11 11.29
CA TYR O 59 -20.90 60.70 11.52
C TYR O 59 -22.26 60.55 12.21
N ASN O 60 -22.81 59.32 12.21
CA ASN O 60 -24.13 59.07 12.77
C ASN O 60 -24.03 58.04 13.88
N ILE O 61 -24.39 58.45 15.12
CA ILE O 61 -24.34 57.58 16.27
C ILE O 61 -25.77 57.20 16.67
N THR O 62 -26.18 55.97 16.29
CA THR O 62 -27.46 55.42 16.72
C THR O 62 -27.25 54.47 17.89
N ILE O 63 -28.05 54.61 18.97
CA ILE O 63 -27.91 53.76 20.14
C ILE O 63 -29.23 53.65 20.91
N THR O 64 -29.43 52.56 21.68
CA THR O 64 -30.66 52.35 22.43
C THR O 64 -30.46 52.79 23.89
N VAL O 65 -31.41 53.59 24.39
CA VAL O 65 -31.24 54.34 25.62
C VAL O 65 -32.50 54.23 26.48
N LYS O 66 -32.33 54.03 27.79
CA LYS O 66 -33.43 53.91 28.73
C LYS O 66 -33.28 54.92 29.86
N ASN O 67 -34.19 55.89 29.96
CA ASN O 67 -34.17 56.85 31.05
C ASN O 67 -34.99 56.30 32.21
N THR O 68 -34.33 55.91 33.30
CA THR O 68 -35.01 55.36 34.48
C THR O 68 -35.40 56.43 35.50
N GLY O 69 -34.96 57.68 35.31
CA GLY O 69 -35.31 58.77 36.20
C GLY O 69 -36.72 59.34 35.97
N THR O 70 -37.05 60.39 36.74
CA THR O 70 -38.36 61.03 36.73
C THR O 70 -38.38 62.33 35.92
N THR O 71 -37.28 62.66 35.22
CA THR O 71 -37.13 63.91 34.47
C THR O 71 -36.52 63.66 33.09
N SER O 72 -36.87 64.53 32.13
CA SER O 72 -36.29 64.50 30.79
C SER O 72 -34.81 64.92 30.83
N ILE O 73 -33.98 64.25 30.03
CA ILE O 73 -32.52 64.39 30.03
C ILE O 73 -32.04 64.48 28.57
N SER O 74 -30.85 65.04 28.31
CA SER O 74 -30.30 65.13 26.95
C SER O 74 -28.82 64.73 26.92
N VAL O 75 -28.32 64.33 25.74
CA VAL O 75 -26.89 64.13 25.54
C VAL O 75 -26.20 65.49 25.45
N THR O 76 -24.90 65.53 25.79
CA THR O 76 -24.14 66.78 25.76
C THR O 76 -22.78 66.64 25.10
N SER O 77 -22.21 65.42 25.09
CA SER O 77 -20.93 65.13 24.45
C SER O 77 -20.80 63.63 24.21
N ILE O 78 -19.93 63.25 23.28
CA ILE O 78 -19.47 61.88 23.15
C ILE O 78 -17.95 61.88 22.92
N ASN O 79 -17.28 60.89 23.51
CA ASN O 79 -15.87 60.62 23.28
C ASN O 79 -15.78 59.23 22.67
N ILE O 80 -15.07 59.06 21.54
CA ILE O 80 -15.01 57.77 20.85
C ILE O 80 -13.55 57.42 20.61
N ASN O 81 -13.10 56.21 20.99
CA ASN O 81 -11.72 55.79 20.76
C ASN O 81 -10.71 56.81 21.31
N GLY O 82 -11.04 57.41 22.46
CA GLY O 82 -10.21 58.42 23.12
C GLY O 82 -10.29 59.85 22.57
N GLN O 83 -11.02 60.06 21.47
CA GLN O 83 -11.10 61.33 20.77
C GLN O 83 -12.43 62.04 21.07
N PRO O 84 -12.43 63.36 21.40
CA PRO O 84 -13.67 64.09 21.62
C PRO O 84 -14.40 64.46 20.32
N PHE O 85 -15.74 64.38 20.36
CA PHE O 85 -16.60 64.77 19.25
C PHE O 85 -17.65 65.79 19.74
N ASN O 86 -17.98 66.76 18.88
CA ASN O 86 -19.07 67.69 19.13
C ASN O 86 -20.37 67.13 18.55
N ILE O 87 -21.50 67.34 19.24
CA ILE O 87 -22.79 66.93 18.69
C ILE O 87 -23.35 68.05 17.83
N ASN O 88 -23.08 68.02 16.51
CA ASN O 88 -23.62 69.03 15.61
C ASN O 88 -25.14 68.95 15.58
N GLY O 89 -25.83 70.11 15.56
CA GLY O 89 -27.28 70.18 15.56
C GLY O 89 -27.86 69.89 16.95
N THR O 90 -29.11 70.30 17.17
CA THR O 90 -29.80 70.06 18.43
C THR O 90 -29.50 68.67 18.99
N ALA O 91 -29.07 68.64 20.26
CA ALA O 91 -28.84 67.39 20.97
C ALA O 91 -30.17 66.71 21.31
N PRO O 92 -30.34 65.39 21.07
CA PRO O 92 -31.60 64.71 21.37
C PRO O 92 -31.83 64.51 22.86
N SER O 93 -33.09 64.30 23.22
CA SER O 93 -33.53 64.25 24.61
C SER O 93 -34.46 63.06 24.83
N ILE O 94 -34.30 62.41 25.99
CA ILE O 94 -34.99 61.19 26.35
C ILE O 94 -35.99 61.50 27.46
N PRO O 95 -37.32 61.36 27.24
CA PRO O 95 -38.32 61.60 28.29
C PRO O 95 -38.16 60.64 29.47
N ALA O 96 -38.72 61.02 30.61
CA ALA O 96 -38.71 60.20 31.82
C ALA O 96 -39.33 58.82 31.57
N GLY O 97 -38.76 57.78 32.20
CA GLY O 97 -39.30 56.42 32.21
C GLY O 97 -39.34 55.70 30.86
N ARG O 98 -38.70 56.24 29.82
CA ARG O 98 -38.87 55.74 28.45
C ARG O 98 -37.62 55.05 27.90
N THR O 99 -37.83 53.98 27.12
CA THR O 99 -36.79 53.32 26.34
C THR O 99 -36.96 53.71 24.86
N GLN O 100 -35.86 54.13 24.21
CA GLN O 100 -35.90 54.57 22.82
C GLN O 100 -34.60 54.22 22.09
N PRO O 101 -34.65 53.92 20.78
CA PRO O 101 -33.49 54.13 19.93
C PRO O 101 -33.40 55.64 19.66
N ILE O 102 -32.20 56.23 19.88
CA ILE O 102 -31.94 57.62 19.53
C ILE O 102 -30.83 57.68 18.47
N THR O 103 -30.90 58.71 17.61
CA THR O 103 -29.88 58.96 16.60
C THR O 103 -29.48 60.43 16.66
N PHE O 104 -28.18 60.71 16.55
CA PHE O 104 -27.68 62.08 16.47
C PHE O 104 -26.41 62.14 15.63
N GLU O 105 -26.13 63.33 15.08
CA GLU O 105 -24.96 63.54 14.25
C GLU O 105 -23.82 64.18 15.06
N VAL O 106 -22.58 63.80 14.73
CA VAL O 106 -21.39 64.28 15.43
C VAL O 106 -20.27 64.61 14.45
N THR O 107 -19.36 65.50 14.88
CA THR O 107 -18.16 65.84 14.15
C THR O 107 -16.96 65.78 15.10
N PRO O 108 -15.76 65.33 14.66
CA PRO O 108 -14.56 65.36 15.49
C PRO O 108 -14.23 66.79 15.92
N ALA O 109 -13.78 66.96 17.17
CA ALA O 109 -13.38 68.28 17.67
C ALA O 109 -12.01 68.70 17.13
N SER O 110 -11.10 67.73 16.94
CA SER O 110 -9.78 67.92 16.35
C SER O 110 -9.29 66.61 15.72
N GLY O 111 -8.34 66.69 14.78
CA GLY O 111 -7.82 65.54 14.05
C GLY O 111 -8.84 64.88 13.13
N LYS O 112 -8.63 63.59 12.81
CA LYS O 112 -9.60 62.78 12.08
C LYS O 112 -9.71 61.38 12.69
N PRO O 113 -10.90 60.74 12.66
CA PRO O 113 -11.04 59.33 13.02
C PRO O 113 -10.40 58.42 11.97
N ASN O 114 -10.15 57.18 12.37
CA ASN O 114 -9.62 56.14 11.49
C ASN O 114 -10.41 54.85 11.68
N PHE O 115 -11.75 54.97 11.64
CA PHE O 115 -12.64 53.82 11.77
C PHE O 115 -12.48 52.84 10.61
N SER O 116 -12.81 51.56 10.87
CA SER O 116 -12.70 50.46 9.91
C SER O 116 -14.01 49.68 9.88
N PRO O 117 -14.59 49.32 8.70
CA PRO O 117 -15.86 48.60 8.64
C PRO O 117 -15.90 47.34 9.50
N GLY O 118 -16.94 47.25 10.34
CA GLY O 118 -17.16 46.11 11.20
C GLY O 118 -16.33 46.11 12.50
N ALA O 119 -15.39 47.05 12.65
CA ALA O 119 -14.64 47.18 13.90
C ALA O 119 -15.50 47.81 15.00
N SER O 120 -15.22 47.44 16.26
CA SER O 120 -15.96 47.92 17.43
C SER O 120 -15.09 48.85 18.28
N TYR O 121 -15.61 50.05 18.56
CA TYR O 121 -14.93 51.11 19.29
C TYR O 121 -15.64 51.37 20.61
N THR O 122 -14.87 51.49 21.70
CA THR O 122 -15.44 51.95 22.96
C THR O 122 -15.70 53.46 22.89
N ALA O 123 -16.82 53.87 23.47
CA ALA O 123 -17.24 55.26 23.48
C ALA O 123 -17.80 55.61 24.86
N THR O 124 -17.86 56.90 25.19
CA THR O 124 -18.50 57.35 26.42
C THR O 124 -19.46 58.47 26.07
N ILE O 125 -20.74 58.33 26.44
CA ILE O 125 -21.75 59.36 26.20
C ILE O 125 -21.96 60.11 27.51
N TYR O 126 -21.95 61.45 27.47
CA TYR O 126 -22.17 62.28 28.64
C TYR O 126 -23.52 62.98 28.54
N PHE O 127 -24.34 62.83 29.58
CA PHE O 127 -25.69 63.38 29.65
C PHE O 127 -25.70 64.69 30.45
N SER O 128 -26.82 65.42 30.37
CA SER O 128 -27.00 66.71 31.04
C SER O 128 -26.81 66.64 32.57
N ASN O 129 -26.97 65.44 33.15
CA ASN O 129 -26.71 65.14 34.56
C ASN O 129 -25.24 65.34 34.97
N GLY O 130 -24.31 65.33 34.00
CA GLY O 130 -22.90 65.12 34.29
C GLY O 130 -22.51 63.65 34.36
N GLN O 131 -23.49 62.77 34.64
CA GLN O 131 -23.37 61.32 34.54
C GLN O 131 -22.99 60.92 33.11
N GLY O 132 -22.03 59.98 32.98
CA GLY O 132 -21.66 59.42 31.69
C GLY O 132 -21.77 57.90 31.69
N ALA O 133 -21.91 57.30 30.50
CA ALA O 133 -22.07 55.87 30.36
C ALA O 133 -21.11 55.32 29.30
N PRO O 134 -20.30 54.28 29.61
CA PRO O 134 -19.49 53.62 28.58
C PRO O 134 -20.38 52.79 27.66
N ALA O 135 -20.01 52.75 26.38
CA ALA O 135 -20.77 52.10 25.33
C ALA O 135 -19.81 51.47 24.30
N THR O 136 -20.31 50.51 23.52
CA THR O 136 -19.58 49.96 22.39
C THR O 136 -20.33 50.31 21.11
N LEU O 137 -19.62 50.88 20.14
CA LEU O 137 -20.19 51.25 18.85
C LEU O 137 -19.52 50.44 17.74
N ILE O 138 -20.29 49.89 16.81
CA ILE O 138 -19.73 49.18 15.66
C ILE O 138 -19.80 50.11 14.44
N TYR O 139 -18.68 50.32 13.76
CA TYR O 139 -18.66 51.17 12.57
C TYR O 139 -19.20 50.40 11.37
N GLN O 140 -20.30 50.88 10.78
CA GLN O 140 -20.99 50.17 9.72
C GLN O 140 -20.38 50.47 8.34
N GLY O 141 -20.08 51.74 8.07
CA GLY O 141 -19.58 52.21 6.79
C GLY O 141 -20.14 53.59 6.44
N LEU P 1 -17.53 67.72 68.45
CA LEU P 1 -17.87 66.34 68.90
C LEU P 1 -18.60 65.59 67.78
N SER P 2 -19.66 66.18 67.21
CA SER P 2 -20.56 65.60 66.22
C SER P 2 -19.85 64.79 65.12
N GLY P 3 -18.84 65.39 64.48
CA GLY P 3 -18.11 64.80 63.35
C GLY P 3 -17.54 63.41 63.64
N ALA P 4 -16.98 63.21 64.84
CA ALA P 4 -16.34 61.97 65.24
C ALA P 4 -17.36 60.87 65.57
N ILE P 5 -18.49 61.23 66.19
CA ILE P 5 -19.56 60.28 66.49
C ILE P 5 -20.20 59.77 65.18
N VAL P 6 -20.45 60.67 64.22
CA VAL P 6 -20.95 60.30 62.91
C VAL P 6 -19.94 59.41 62.16
N ALA P 7 -18.65 59.75 62.22
CA ALA P 7 -17.59 58.95 61.61
C ALA P 7 -17.58 57.53 62.17
N LEU P 8 -17.76 57.38 63.49
CA LEU P 8 -17.80 56.08 64.16
C LEU P 8 -19.04 55.27 63.77
N ILE P 9 -20.22 55.88 63.68
CA ILE P 9 -21.44 55.21 63.23
C ILE P 9 -21.25 54.62 61.83
N LEU P 10 -20.67 55.39 60.90
CA LEU P 10 -20.49 54.95 59.53
C LEU P 10 -19.37 53.91 59.39
N VAL P 11 -18.42 53.84 60.33
CA VAL P 11 -17.47 52.73 60.40
C VAL P 11 -18.20 51.45 60.79
N ILE P 12 -18.93 51.47 61.92
CA ILE P 12 -19.65 50.29 62.42
C ILE P 12 -20.67 49.80 61.39
N ALA P 13 -21.48 50.70 60.81
CA ALA P 13 -22.42 50.38 59.75
C ALA P 13 -21.74 49.80 58.51
N GLY P 14 -20.56 50.33 58.16
CA GLY P 14 -19.76 49.83 57.05
C GLY P 14 -19.33 48.38 57.26
N VAL P 15 -18.84 48.05 58.48
CA VAL P 15 -18.49 46.69 58.85
C VAL P 15 -19.70 45.76 58.71
N ILE P 16 -20.86 46.17 59.23
CA ILE P 16 -22.08 45.36 59.20
C ILE P 16 -22.48 45.03 57.76
N ILE P 17 -22.60 46.06 56.90
CA ILE P 17 -23.05 45.89 55.52
C ILE P 17 -22.03 45.10 54.70
N ALA P 18 -20.73 45.33 54.90
CA ALA P 18 -19.68 44.58 54.21
C ALA P 18 -19.70 43.10 54.59
N ILE P 19 -19.81 42.77 55.89
CA ILE P 19 -19.89 41.38 56.33
C ILE P 19 -21.16 40.70 55.80
N ALA P 20 -22.30 41.41 55.77
CA ALA P 20 -23.53 40.88 55.19
C ALA P 20 -23.36 40.44 53.73
N VAL P 21 -22.64 41.23 52.92
CA VAL P 21 -22.37 40.90 51.51
C VAL P 21 -21.38 39.73 51.38
N VAL P 22 -20.39 39.62 52.27
CA VAL P 22 -19.47 38.49 52.27
C VAL P 22 -20.19 37.18 52.61
N LEU P 23 -21.07 37.20 53.62
CA LEU P 23 -21.90 36.05 53.97
C LEU P 23 -22.85 35.69 52.82
N PHE P 24 -23.41 36.69 52.13
CA PHE P 24 -24.22 36.45 50.93
C PHE P 24 -23.42 35.72 49.85
N ALA P 25 -22.19 36.15 49.57
CA ALA P 25 -21.34 35.50 48.57
C ALA P 25 -21.06 34.03 48.92
N PHE P 26 -20.76 33.70 50.19
CA PHE P 26 -20.66 32.31 50.62
C PHE P 26 -21.97 31.53 50.48
N GLY P 27 -23.12 32.22 50.54
CA GLY P 27 -24.44 31.60 50.37
C GLY P 27 -24.77 31.22 48.92
N LEU P 28 -24.08 31.79 47.92
CA LEU P 28 -24.30 31.47 46.51
C LEU P 28 -23.68 30.13 46.11
N ILE P 29 -22.59 29.74 46.79
CA ILE P 29 -21.73 28.64 46.35
C ILE P 29 -22.52 27.33 46.13
N PRO P 30 -23.46 26.90 47.00
CA PRO P 30 -24.23 25.67 46.77
C PRO P 30 -25.10 25.67 45.52
N GLY P 31 -25.60 26.84 45.11
CA GLY P 31 -26.47 26.94 43.93
C GLY P 31 -25.69 26.88 42.62
N ILE P 32 -24.56 27.60 42.58
CA ILE P 32 -23.76 27.74 41.37
C ILE P 32 -22.84 26.53 41.14
N SER P 33 -22.40 25.85 42.22
CA SER P 33 -21.48 24.74 42.13
C SER P 33 -22.23 23.43 42.35
N ASN P 34 -22.19 22.56 41.35
CA ASN P 34 -23.10 21.44 41.24
C ASN P 34 -22.45 20.46 40.28
N GLN P 35 -21.73 19.46 40.82
CA GLN P 35 -21.01 18.50 40.00
C GLN P 35 -21.98 17.45 39.46
N GLY P 36 -21.54 16.73 38.43
CA GLY P 36 -22.36 15.67 37.88
C GLY P 36 -23.40 16.21 36.90
N SER P 37 -23.77 15.33 35.98
CA SER P 37 -24.40 15.68 34.72
C SER P 37 -25.05 14.44 34.14
N ILE P 38 -25.85 14.61 33.09
CA ILE P 38 -26.21 13.47 32.28
C ILE P 38 -25.09 13.19 31.26
N GLN P 39 -24.69 11.91 31.23
CA GLN P 39 -23.70 11.36 30.32
C GLN P 39 -24.37 10.40 29.34
N VAL P 40 -23.97 10.45 28.07
CA VAL P 40 -24.55 9.60 27.03
C VAL P 40 -23.53 8.54 26.64
N LEU P 41 -23.91 7.25 26.72
CA LEU P 41 -22.98 6.14 26.61
C LEU P 41 -23.18 5.35 25.32
N GLY P 42 -22.11 5.20 24.51
CA GLY P 42 -22.15 4.48 23.25
C GLY P 42 -22.99 5.18 22.18
N SER P 43 -23.27 4.47 21.07
CA SER P 43 -24.17 4.96 20.03
C SER P 43 -25.63 4.74 20.41
N GLY P 44 -26.51 5.64 19.97
CA GLY P 44 -27.95 5.42 20.00
C GLY P 44 -28.45 4.95 18.63
N THR P 45 -29.79 4.85 18.48
CA THR P 45 -30.40 4.49 17.21
C THR P 45 -31.63 5.35 16.90
N ILE P 46 -31.90 5.53 15.61
CA ILE P 46 -33.13 6.12 15.09
C ILE P 46 -33.90 5.03 14.34
N THR P 47 -35.22 4.94 14.58
CA THR P 47 -36.10 4.00 13.90
C THR P 47 -37.35 4.74 13.44
N ASN P 48 -37.82 4.44 12.21
CA ASN P 48 -39.04 5.00 11.65
C ASN P 48 -40.25 4.47 12.42
N SER P 49 -41.02 5.36 13.08
CA SER P 49 -42.26 5.03 13.76
C SER P 49 -43.50 5.35 12.92
N THR P 50 -43.32 6.10 11.81
CA THR P 50 -44.41 6.57 10.95
C THR P 50 -45.24 5.41 10.40
N ALA P 51 -46.57 5.60 10.34
CA ALA P 51 -47.51 4.55 9.92
C ALA P 51 -48.68 5.11 9.11
N SER P 52 -49.27 4.24 8.26
CA SER P 52 -50.59 4.41 7.63
C SER P 52 -50.73 5.68 6.78
N GLY P 53 -49.63 6.16 6.18
CA GLY P 53 -49.62 7.34 5.34
C GLY P 53 -50.01 8.63 6.08
N SER P 54 -49.73 8.67 7.39
CA SER P 54 -50.03 9.82 8.26
C SER P 54 -49.33 11.10 7.81
N SER P 55 -49.92 12.24 8.19
CA SER P 55 -49.49 13.57 7.79
C SER P 55 -48.15 14.00 8.39
N ARG P 56 -47.78 13.42 9.56
CA ARG P 56 -46.53 13.69 10.27
C ARG P 56 -45.66 12.44 10.38
N THR P 57 -44.38 12.55 9.99
CA THR P 57 -43.40 11.49 10.21
C THR P 57 -42.91 11.54 11.66
N ILE P 58 -42.81 10.36 12.31
CA ILE P 58 -42.39 10.21 13.70
C ILE P 58 -41.24 9.22 13.75
N TYR P 59 -40.19 9.54 14.53
CA TYR P 59 -39.00 8.70 14.60
C TYR P 59 -38.77 8.27 16.04
N ASN P 60 -37.93 7.24 16.23
CA ASN P 60 -37.69 6.69 17.57
C ASN P 60 -36.20 6.79 17.90
N ILE P 61 -35.89 7.55 18.95
CA ILE P 61 -34.51 7.74 19.40
C ILE P 61 -34.29 6.96 20.69
N THR P 62 -33.64 5.79 20.57
CA THR P 62 -33.22 5.01 21.72
C THR P 62 -31.74 5.26 22.02
N ILE P 63 -31.40 5.53 23.29
CA ILE P 63 -30.02 5.81 23.66
C ILE P 63 -29.76 5.45 25.14
N THR P 64 -28.50 5.15 25.51
CA THR P 64 -28.16 4.79 26.89
C THR P 64 -27.61 6.01 27.62
N VAL P 65 -28.14 6.25 28.83
CA VAL P 65 -27.97 7.51 29.53
C VAL P 65 -27.65 7.25 31.00
N LYS P 66 -26.69 8.00 31.55
CA LYS P 66 -26.28 7.86 32.95
C LYS P 66 -26.38 9.21 33.65
N ASN P 67 -27.27 9.33 34.63
CA ASN P 67 -27.39 10.55 35.42
C ASN P 67 -26.45 10.45 36.62
N THR P 68 -25.36 11.23 36.63
CA THR P 68 -24.40 11.22 37.72
C THR P 68 -24.72 12.24 38.82
N GLY P 69 -25.72 13.10 38.61
CA GLY P 69 -26.13 14.08 39.61
C GLY P 69 -27.01 13.50 40.72
N THR P 70 -27.45 14.37 41.62
CA THR P 70 -28.24 14.02 42.80
C THR P 70 -29.74 14.30 42.62
N THR P 71 -30.15 14.70 41.41
CA THR P 71 -31.54 15.07 41.12
C THR P 71 -32.03 14.46 39.81
N SER P 72 -33.35 14.21 39.73
CA SER P 72 -33.97 13.73 38.50
C SER P 72 -33.98 14.82 37.42
N ILE P 73 -33.74 14.42 36.17
CA ILE P 73 -33.55 15.31 35.02
C ILE P 73 -34.36 14.77 33.83
N SER P 74 -34.70 15.61 32.85
CA SER P 74 -35.45 15.16 31.66
C SER P 74 -34.84 15.73 30.37
N VAL P 75 -35.11 15.08 29.23
CA VAL P 75 -34.76 15.64 27.93
C VAL P 75 -35.73 16.77 27.59
N THR P 76 -35.30 17.72 26.75
CA THR P 76 -36.14 18.85 26.38
C THR P 76 -36.12 19.14 24.87
N SER P 77 -35.05 18.74 24.17
CA SER P 77 -34.92 18.90 22.74
C SER P 77 -33.87 17.94 22.19
N ILE P 78 -33.93 17.65 20.89
CA ILE P 78 -32.83 17.03 20.18
C ILE P 78 -32.64 17.73 18.83
N ASN P 79 -31.38 17.88 18.43
CA ASN P 79 -31.00 18.37 17.12
C ASN P 79 -30.25 17.23 16.42
N ILE P 80 -30.63 16.85 15.18
CA ILE P 80 -30.00 15.73 14.49
C ILE P 80 -29.57 16.19 13.10
N ASN P 81 -28.30 15.96 12.73
CA ASN P 81 -27.82 16.33 11.39
C ASN P 81 -28.09 17.82 11.10
N GLY P 82 -27.96 18.67 12.13
CA GLY P 82 -28.17 20.11 12.03
C GLY P 82 -29.64 20.58 12.07
N GLN P 83 -30.60 19.65 12.08
CA GLN P 83 -32.03 19.96 12.02
C GLN P 83 -32.68 19.81 13.39
N PRO P 84 -33.52 20.78 13.83
CA PRO P 84 -34.23 20.65 15.11
C PRO P 84 -35.43 19.70 15.04
N PHE P 85 -35.62 18.93 16.12
CA PHE P 85 -36.77 18.04 16.27
C PHE P 85 -37.50 18.34 17.59
N ASN P 86 -38.83 18.23 17.57
CA ASN P 86 -39.65 18.31 18.77
C ASN P 86 -39.81 16.92 19.38
N ILE P 87 -39.81 16.82 20.72
CA ILE P 87 -40.09 15.54 21.37
C ILE P 87 -41.60 15.37 21.56
N ASN P 88 -42.29 14.73 20.60
CA ASN P 88 -43.71 14.50 20.73
C ASN P 88 -43.99 13.59 21.92
N GLY P 89 -45.06 13.88 22.68
CA GLY P 89 -45.43 13.12 23.87
C GLY P 89 -44.51 13.44 25.05
N THR P 90 -44.96 13.11 26.26
CA THR P 90 -44.18 13.34 27.47
C THR P 90 -42.70 13.02 27.27
N ALA P 91 -41.84 13.98 27.63
CA ALA P 91 -40.40 13.80 27.60
C ALA P 91 -39.96 12.85 28.72
N PRO P 92 -39.10 11.84 28.46
CA PRO P 92 -38.66 10.91 29.51
C PRO P 92 -37.68 11.55 30.48
N SER P 93 -37.57 10.93 31.65
CA SER P 93 -36.82 11.47 32.78
C SER P 93 -35.96 10.40 33.42
N ILE P 94 -34.73 10.78 33.81
CA ILE P 94 -33.70 9.88 34.31
C ILE P 94 -33.52 10.17 35.81
N PRO P 95 -33.82 9.21 36.72
CA PRO P 95 -33.60 9.42 38.16
C PRO P 95 -32.13 9.63 38.50
N ALA P 96 -31.88 10.23 39.67
CA ALA P 96 -30.52 10.45 40.17
C ALA P 96 -29.72 9.15 40.26
N GLY P 97 -28.43 9.22 39.95
CA GLY P 97 -27.47 8.13 40.12
C GLY P 97 -27.69 6.89 39.24
N ARG P 98 -28.59 6.95 38.25
CA ARG P 98 -29.05 5.76 37.53
C ARG P 98 -28.56 5.72 36.07
N THR P 99 -28.22 4.52 35.60
CA THR P 99 -27.94 4.24 34.19
C THR P 99 -29.13 3.51 33.57
N GLN P 100 -29.62 3.99 32.41
CA GLN P 100 -30.78 3.42 31.75
C GLN P 100 -30.65 3.50 30.23
N PRO P 101 -31.19 2.53 29.47
CA PRO P 101 -31.61 2.81 28.10
C PRO P 101 -32.93 3.58 28.18
N ILE P 102 -33.01 4.72 27.47
CA ILE P 102 -34.25 5.48 27.34
C ILE P 102 -34.69 5.51 25.87
N THR P 103 -36.00 5.57 25.64
CA THR P 103 -36.57 5.69 24.30
C THR P 103 -37.61 6.81 24.32
N PHE P 104 -37.62 7.62 23.25
CA PHE P 104 -38.62 8.66 23.09
C PHE P 104 -38.90 8.91 21.61
N GLU P 105 -40.08 9.44 21.32
CA GLU P 105 -40.50 9.74 19.95
C GLU P 105 -40.28 11.22 19.61
N VAL P 106 -39.92 11.48 18.35
CA VAL P 106 -39.63 12.83 17.89
C VAL P 106 -40.22 13.08 16.50
N THR P 107 -40.48 14.35 16.18
CA THR P 107 -40.91 14.80 14.88
C THR P 107 -40.06 15.99 14.43
N PRO P 108 -39.71 16.12 13.13
CA PRO P 108 -38.99 17.31 12.64
C PRO P 108 -39.80 18.58 12.90
N ALA P 109 -39.10 19.67 13.28
CA ALA P 109 -39.76 20.94 13.50
C ALA P 109 -40.12 21.65 12.18
N SER P 110 -39.27 21.47 11.15
CA SER P 110 -39.48 21.96 9.79
C SER P 110 -38.72 21.09 8.78
N GLY P 111 -39.14 21.12 7.51
CA GLY P 111 -38.54 20.31 6.45
C GLY P 111 -38.78 18.80 6.63
N LYS P 112 -37.91 17.98 6.02
CA LYS P 112 -37.92 16.53 6.22
C LYS P 112 -36.49 16.01 6.38
N PRO P 113 -36.26 14.94 7.19
CA PRO P 113 -34.97 14.25 7.22
C PRO P 113 -34.74 13.46 5.93
N ASN P 114 -33.47 13.10 5.71
CA ASN P 114 -33.06 12.27 4.59
C ASN P 114 -32.11 11.17 5.07
N PHE P 115 -32.51 10.48 6.14
CA PHE P 115 -31.73 9.39 6.71
C PHE P 115 -31.60 8.21 5.73
N SER P 116 -30.51 7.43 5.88
CA SER P 116 -30.19 6.29 5.04
C SER P 116 -29.88 5.08 5.94
N PRO P 117 -30.41 3.86 5.65
CA PRO P 117 -30.14 2.69 6.51
C PRO P 117 -28.66 2.43 6.77
N GLY P 118 -28.33 2.29 8.05
CA GLY P 118 -26.97 2.00 8.50
C GLY P 118 -26.05 3.23 8.55
N ALA P 119 -26.49 4.39 8.07
CA ALA P 119 -25.70 5.62 8.18
C ALA P 119 -25.73 6.16 9.62
N SER P 120 -24.65 6.85 10.02
CA SER P 120 -24.50 7.40 11.36
C SER P 120 -24.55 8.93 11.33
N TYR P 121 -25.44 9.51 12.14
CA TYR P 121 -25.69 10.94 12.22
C TYR P 121 -25.26 11.48 13.58
N THR P 122 -24.56 12.62 13.60
CA THR P 122 -24.32 13.32 14.85
C THR P 122 -25.59 14.02 15.32
N ALA P 123 -25.81 13.98 16.63
CA ALA P 123 -26.99 14.56 17.26
C ALA P 123 -26.56 15.27 18.55
N THR P 124 -27.38 16.20 19.03
CA THR P 124 -27.16 16.81 20.32
C THR P 124 -28.45 16.74 21.12
N ILE P 125 -28.40 16.16 22.34
CA ILE P 125 -29.56 16.08 23.21
C ILE P 125 -29.42 17.16 24.28
N TYR P 126 -30.50 17.94 24.51
CA TYR P 126 -30.50 18.99 25.50
C TYR P 126 -31.40 18.60 26.68
N PHE P 127 -30.84 18.66 27.88
CA PHE P 127 -31.53 18.28 29.11
C PHE P 127 -32.08 19.50 29.84
N SER P 128 -32.94 19.28 30.85
CA SER P 128 -33.60 20.34 31.61
C SER P 128 -32.60 21.29 32.31
N ASN P 129 -31.37 20.84 32.52
CA ASN P 129 -30.26 21.64 33.04
C ASN P 129 -29.85 22.81 32.12
N GLY P 130 -30.22 22.75 30.83
CA GLY P 130 -29.58 23.58 29.83
C GLY P 130 -28.31 22.97 29.25
N GLN P 131 -27.67 22.08 30.02
CA GLN P 131 -26.57 21.22 29.58
C GLN P 131 -27.01 20.35 28.40
N GLY P 132 -26.14 20.27 27.36
CA GLY P 132 -26.36 19.40 26.22
C GLY P 132 -25.20 18.43 26.02
N ALA P 133 -25.47 17.30 25.35
CA ALA P 133 -24.45 16.28 25.10
C ALA P 133 -24.45 15.89 23.63
N PRO P 134 -23.29 15.90 22.94
CA PRO P 134 -23.20 15.35 21.59
C PRO P 134 -23.26 13.82 21.62
N ALA P 135 -23.91 13.26 20.61
CA ALA P 135 -24.16 11.83 20.49
C ALA P 135 -24.06 11.39 19.03
N THR P 136 -23.88 10.08 18.79
CA THR P 136 -23.96 9.50 17.46
C THR P 136 -25.14 8.54 17.43
N LEU P 137 -26.01 8.70 16.42
CA LEU P 137 -27.17 7.85 16.23
C LEU P 137 -27.03 7.10 14.91
N ILE P 138 -27.32 5.79 14.90
CA ILE P 138 -27.32 5.01 13.67
C ILE P 138 -28.76 4.80 13.23
N TYR P 139 -29.10 5.15 11.98
CA TYR P 139 -30.44 4.96 11.48
C TYR P 139 -30.67 3.50 11.09
N GLN P 140 -31.62 2.82 11.73
CA GLN P 140 -31.83 1.39 11.55
C GLN P 140 -32.74 1.10 10.35
N GLY P 141 -33.84 1.87 10.21
CA GLY P 141 -34.84 1.66 9.18
C GLY P 141 -36.25 1.96 9.71
N LEU Q 1 -13.41 57.92 56.94
CA LEU Q 1 -12.84 56.68 57.53
C LEU Q 1 -13.53 55.46 56.92
N SER Q 2 -14.88 55.41 56.93
CA SER Q 2 -15.72 54.30 56.52
C SER Q 2 -15.26 53.61 55.22
N GLY Q 3 -15.02 54.39 54.15
CA GLY Q 3 -14.65 53.90 52.83
C GLY Q 3 -13.44 52.97 52.82
N ALA Q 4 -12.41 53.30 53.60
CA ALA Q 4 -11.15 52.56 53.67
C ALA Q 4 -11.31 51.26 54.46
N ILE Q 5 -12.09 51.26 55.55
CA ILE Q 5 -12.35 50.06 56.34
C ILE Q 5 -13.15 49.05 55.52
N VAL Q 6 -14.17 49.52 54.78
CA VAL Q 6 -14.94 48.67 53.87
C VAL Q 6 -14.06 48.11 52.75
N ALA Q 7 -13.20 48.96 52.17
CA ALA Q 7 -12.25 48.53 51.14
C ALA Q 7 -11.34 47.41 51.64
N LEU Q 8 -10.86 47.52 52.88
CA LEU Q 8 -10.00 46.52 53.52
C LEU Q 8 -10.74 45.20 53.78
N ILE Q 9 -11.98 45.25 54.26
CA ILE Q 9 -12.80 44.05 54.47
C ILE Q 9 -12.96 43.28 53.16
N LEU Q 10 -13.28 43.98 52.06
CA LEU Q 10 -13.50 43.33 50.77
C LEU Q 10 -12.20 42.83 50.13
N VAL Q 11 -11.04 43.38 50.49
CA VAL Q 11 -9.76 42.79 50.10
C VAL Q 11 -9.55 41.46 50.82
N ILE Q 12 -9.65 41.45 52.16
CA ILE Q 12 -9.45 40.25 52.96
C ILE Q 12 -10.45 39.15 52.57
N ALA Q 13 -11.74 39.48 52.44
CA ALA Q 13 -12.77 38.55 51.97
C ALA Q 13 -12.48 38.02 50.56
N GLY Q 14 -11.97 38.89 49.67
CA GLY Q 14 -11.59 38.51 48.33
C GLY Q 14 -10.48 37.46 48.32
N VAL Q 15 -9.44 37.66 49.14
CA VAL Q 15 -8.37 36.68 49.33
C VAL Q 15 -8.93 35.34 49.80
N ILE Q 16 -9.80 35.35 50.81
CA ILE Q 16 -10.39 34.14 51.38
C ILE Q 16 -11.16 33.35 50.34
N ILE Q 17 -12.08 34.00 49.62
CA ILE Q 17 -12.94 33.34 48.65
C ILE Q 17 -12.12 32.85 47.43
N ALA Q 18 -11.14 33.63 46.98
CA ALA Q 18 -10.27 33.22 45.88
C ALA Q 18 -9.43 32.00 46.25
N ILE Q 19 -8.80 31.98 47.43
CA ILE Q 19 -8.03 30.82 47.88
C ILE Q 19 -8.93 29.58 48.04
N ALA Q 20 -10.15 29.74 48.55
CA ALA Q 20 -11.11 28.64 48.65
C ALA Q 20 -11.40 27.98 47.30
N VAL Q 21 -11.54 28.76 46.23
CA VAL Q 21 -11.77 28.26 44.88
C VAL Q 21 -10.51 27.59 44.30
N VAL Q 22 -9.30 28.10 44.59
CA VAL Q 22 -8.07 27.46 44.17
C VAL Q 22 -7.88 26.11 44.84
N LEU Q 23 -8.14 26.01 46.15
CA LEU Q 23 -8.10 24.74 46.87
C LEU Q 23 -9.15 23.76 46.33
N PHE Q 24 -10.35 24.25 45.97
CA PHE Q 24 -11.37 23.44 45.32
C PHE Q 24 -10.87 22.86 44.00
N ALA Q 25 -10.23 23.67 43.15
CA ALA Q 25 -9.68 23.19 41.88
C ALA Q 25 -8.62 22.09 42.07
N PHE Q 26 -7.71 22.22 43.04
CA PHE Q 26 -6.80 21.13 43.39
C PHE Q 26 -7.52 19.89 43.91
N GLY Q 27 -8.70 20.04 44.51
CA GLY Q 27 -9.51 18.92 45.00
C GLY Q 27 -10.21 18.12 43.90
N LEU Q 28 -10.35 18.66 42.69
CA LEU Q 28 -10.97 17.95 41.57
C LEU Q 28 -10.02 16.92 40.94
N ILE Q 29 -8.71 17.17 41.00
CA ILE Q 29 -7.72 16.44 40.22
C ILE Q 29 -7.80 14.92 40.42
N PRO Q 30 -7.96 14.36 41.65
CA PRO Q 30 -8.09 12.93 41.84
C PRO Q 30 -9.29 12.28 41.16
N GLY Q 31 -10.40 13.01 41.04
CA GLY Q 31 -11.62 12.48 40.43
C GLY Q 31 -11.53 12.42 38.91
N ILE Q 32 -11.02 13.50 38.30
CA ILE Q 32 -10.97 13.65 36.85
C ILE Q 32 -9.79 12.90 36.23
N SER Q 33 -8.68 12.74 36.97
CA SER Q 33 -7.48 12.10 36.45
C SER Q 33 -7.34 10.69 37.04
N ASN Q 34 -7.35 9.70 36.14
CA ASN Q 34 -7.57 8.32 36.52
C ASN Q 34 -7.01 7.48 35.38
N GLN Q 35 -5.76 7.04 35.51
CA GLN Q 35 -5.11 6.28 34.46
C GLN Q 35 -5.57 4.83 34.48
N GLY Q 36 -5.33 4.13 33.36
CA GLY Q 36 -5.71 2.73 33.32
C GLY Q 36 -7.17 2.55 32.95
N SER Q 37 -7.43 1.39 32.33
CA SER Q 37 -8.62 1.15 31.54
C SER Q 37 -8.78 -0.35 31.35
N ILE Q 38 -9.93 -0.76 30.82
CA ILE Q 38 -10.01 -2.11 30.30
C ILE Q 38 -9.44 -2.15 28.88
N GLN Q 39 -8.54 -3.12 28.68
CA GLN Q 39 -7.90 -3.43 27.41
C GLN Q 39 -8.38 -4.79 26.90
N VAL Q 40 -8.63 -4.88 25.58
CA VAL Q 40 -9.12 -6.11 24.97
C VAL Q 40 -7.99 -6.73 24.15
N LEU Q 41 -7.66 -8.01 24.42
CA LEU Q 41 -6.45 -8.64 23.89
C LEU Q 41 -6.79 -9.72 22.87
N GLY Q 42 -6.22 -9.61 21.65
CA GLY Q 42 -6.46 -10.57 20.58
C GLY Q 42 -7.89 -10.54 20.04
N SER Q 43 -8.25 -11.54 19.22
CA SER Q 43 -9.60 -11.72 18.73
C SER Q 43 -10.48 -12.41 19.77
N GLY Q 44 -11.78 -12.07 19.80
CA GLY Q 44 -12.76 -12.86 20.52
C GLY Q 44 -13.52 -13.79 19.58
N THR Q 45 -14.57 -14.45 20.10
CA THR Q 45 -15.42 -15.32 19.28
C THR Q 45 -16.90 -15.13 19.59
N ILE Q 46 -17.74 -15.39 18.59
CA ILE Q 46 -19.19 -15.49 18.73
C ILE Q 46 -19.60 -16.93 18.46
N THR Q 47 -20.48 -17.48 19.31
CA THR Q 47 -21.01 -18.84 19.15
C THR Q 47 -22.52 -18.79 19.34
N ASN Q 48 -23.25 -19.55 18.50
CA ASN Q 48 -24.70 -19.68 18.60
C ASN Q 48 -25.08 -20.46 19.87
N SER Q 49 -25.81 -19.82 20.80
CA SER Q 49 -26.33 -20.46 22.00
C SER Q 49 -27.80 -20.88 21.86
N THR Q 50 -28.48 -20.40 20.80
CA THR Q 50 -29.91 -20.63 20.55
C THR Q 50 -30.23 -22.12 20.50
N ALA Q 51 -31.38 -22.50 21.09
CA ALA Q 51 -31.80 -23.90 21.19
C ALA Q 51 -33.32 -24.08 21.05
N SER Q 52 -33.73 -25.29 20.59
CA SER Q 52 -35.09 -25.82 20.69
C SER Q 52 -36.15 -24.94 19.99
N GLY Q 53 -35.77 -24.23 18.92
CA GLY Q 53 -36.67 -23.38 18.16
C GLY Q 53 -37.27 -22.23 18.98
N SER Q 54 -36.52 -21.75 20.00
CA SER Q 54 -36.92 -20.67 20.89
C SER Q 54 -37.18 -19.35 20.14
N SER Q 55 -38.00 -18.49 20.74
CA SER Q 55 -38.47 -17.23 20.16
C SER Q 55 -37.37 -16.17 20.04
N ARG Q 56 -36.32 -16.27 20.88
CA ARG Q 56 -35.18 -15.35 20.90
C ARG Q 56 -33.87 -16.09 20.59
N THR Q 57 -33.09 -15.57 19.62
CA THR Q 57 -31.74 -16.05 19.36
C THR Q 57 -30.76 -15.47 20.39
N ILE Q 58 -29.87 -16.31 20.92
CA ILE Q 58 -28.89 -15.94 21.93
C ILE Q 58 -27.51 -16.34 21.43
N TYR Q 59 -26.51 -15.45 21.60
CA TYR Q 59 -25.17 -15.68 21.09
C TYR Q 59 -24.17 -15.64 22.26
N ASN Q 60 -22.97 -16.16 22.04
CA ASN Q 60 -21.96 -16.24 23.08
C ASN Q 60 -20.71 -15.47 22.67
N ILE Q 61 -20.37 -14.42 23.42
CA ILE Q 61 -19.21 -13.58 23.14
C ILE Q 61 -18.12 -13.88 24.17
N THR Q 62 -17.12 -14.68 23.76
CA THR Q 62 -15.95 -14.92 24.59
C THR Q 62 -14.79 -14.03 24.12
N ILE Q 63 -14.12 -13.36 25.07
CA ILE Q 63 -13.01 -12.47 24.72
C ILE Q 63 -12.03 -12.32 25.90
N THR Q 64 -10.75 -12.00 25.62
CA THR Q 64 -9.74 -11.85 26.66
C THR Q 64 -9.57 -10.37 27.02
N VAL Q 65 -9.58 -10.09 28.33
CA VAL Q 65 -9.75 -8.74 28.83
C VAL Q 65 -8.75 -8.49 29.97
N LYS Q 66 -8.13 -7.31 29.99
CA LYS Q 66 -7.16 -6.94 31.01
C LYS Q 66 -7.57 -5.61 31.65
N ASN Q 67 -7.91 -5.64 32.94
CA ASN Q 67 -8.23 -4.42 33.66
C ASN Q 67 -6.95 -3.85 34.26
N THR Q 68 -6.47 -2.71 33.73
CA THR Q 68 -5.25 -2.08 34.22
C THR Q 68 -5.51 -1.04 35.32
N GLY Q 69 -6.79 -0.73 35.61
CA GLY Q 69 -7.14 0.21 36.67
C GLY Q 69 -7.08 -0.40 38.07
N THR Q 70 -7.46 0.42 39.06
CA THR Q 70 -7.40 0.07 40.48
C THR Q 70 -8.77 -0.33 41.04
N THR Q 71 -9.80 -0.44 40.18
CA THR Q 71 -11.17 -0.74 40.59
C THR Q 71 -11.82 -1.79 39.71
N SER Q 72 -12.75 -2.57 40.27
CA SER Q 72 -13.54 -3.53 39.51
C SER Q 72 -14.50 -2.82 38.54
N ILE Q 73 -14.66 -3.39 37.33
CA ILE Q 73 -15.41 -2.80 36.23
C ILE Q 73 -16.29 -3.88 35.59
N SER Q 74 -17.36 -3.51 34.87
CA SER Q 74 -18.23 -4.49 34.21
C SER Q 74 -18.58 -4.04 32.78
N VAL Q 75 -18.95 -5.00 31.93
CA VAL Q 75 -19.50 -4.68 30.61
C VAL Q 75 -20.93 -4.16 30.77
N THR Q 76 -21.39 -3.33 29.81
CA THR Q 76 -22.74 -2.76 29.87
C THR Q 76 -23.48 -2.86 28.54
N SER Q 77 -22.76 -2.96 27.42
CA SER Q 77 -23.34 -3.11 26.09
C SER Q 77 -22.30 -3.64 25.12
N ILE Q 78 -22.76 -4.24 24.02
CA ILE Q 78 -21.92 -4.53 22.87
C ILE Q 78 -22.66 -4.14 21.59
N ASN Q 79 -21.93 -3.60 20.63
CA ASN Q 79 -22.41 -3.33 19.29
C ASN Q 79 -21.60 -4.19 18.32
N ILE Q 80 -22.24 -4.98 17.44
CA ILE Q 80 -21.52 -5.88 16.55
C ILE Q 80 -21.98 -5.62 15.12
N ASN Q 81 -21.05 -5.41 14.18
CA ASN Q 81 -21.40 -5.19 12.78
C ASN Q 81 -22.44 -4.06 12.63
N GLY Q 82 -22.30 -3.01 13.44
CA GLY Q 82 -23.19 -1.85 13.45
C GLY Q 82 -24.52 -2.02 14.18
N GLN Q 83 -24.84 -3.23 14.67
CA GLN Q 83 -26.11 -3.55 15.29
C GLN Q 83 -25.96 -3.61 16.82
N PRO Q 84 -26.89 -3.00 17.60
CA PRO Q 84 -26.83 -3.09 19.06
C PRO Q 84 -27.36 -4.42 19.60
N PHE Q 85 -26.70 -4.93 20.64
CA PHE Q 85 -27.10 -6.14 21.34
C PHE Q 85 -27.25 -5.87 22.84
N ASN Q 86 -28.24 -6.51 23.48
CA ASN Q 86 -28.41 -6.47 24.92
C ASN Q 86 -27.64 -7.63 25.56
N ILE Q 87 -27.02 -7.40 26.73
CA ILE Q 87 -26.36 -8.48 27.45
C ILE Q 87 -27.37 -9.19 28.35
N ASN Q 88 -28.01 -10.26 27.85
CA ASN Q 88 -28.96 -11.02 28.66
C ASN Q 88 -28.24 -11.65 29.86
N GLY Q 89 -28.88 -11.65 31.04
CA GLY Q 89 -28.31 -12.17 32.27
C GLY Q 89 -27.26 -11.24 32.85
N THR Q 90 -26.94 -11.42 34.14
CA THR Q 90 -25.92 -10.62 34.82
C THR Q 90 -24.71 -10.36 33.93
N ALA Q 91 -24.34 -9.07 33.80
CA ALA Q 91 -23.15 -8.67 33.07
C ALA Q 91 -21.90 -9.06 33.86
N PRO Q 92 -20.86 -9.66 33.23
CA PRO Q 92 -19.65 -10.06 33.95
C PRO Q 92 -18.77 -8.86 34.31
N SER Q 93 -17.90 -9.08 35.29
CA SER Q 93 -17.10 -8.04 35.91
C SER Q 93 -15.65 -8.49 36.06
N ILE Q 94 -14.72 -7.56 35.81
CA ILE Q 94 -13.29 -7.82 35.77
C ILE Q 94 -12.65 -7.13 36.98
N PRO Q 95 -12.05 -7.87 37.94
CA PRO Q 95 -11.37 -7.27 39.09
C PRO Q 95 -10.18 -6.40 38.67
N ALA Q 96 -9.77 -5.50 39.56
CA ALA Q 96 -8.62 -4.64 39.34
C ALA Q 96 -7.35 -5.45 39.04
N GLY Q 97 -6.51 -4.92 38.14
CA GLY Q 97 -5.18 -5.46 37.84
C GLY Q 97 -5.14 -6.86 37.22
N ARG Q 98 -6.28 -7.41 36.78
CA ARG Q 98 -6.38 -8.82 36.38
C ARG Q 98 -6.60 -8.99 34.87
N THR Q 99 -5.98 -10.05 34.31
CA THR Q 99 -6.23 -10.50 32.94
C THR Q 99 -7.08 -11.78 32.99
N GLN Q 100 -8.16 -11.83 32.21
CA GLN Q 100 -9.08 -12.96 32.20
C GLN Q 100 -9.66 -13.20 30.81
N PRO Q 101 -9.94 -14.46 30.43
CA PRO Q 101 -10.97 -14.70 29.42
C PRO Q 101 -12.32 -14.53 30.12
N ILE Q 102 -13.22 -13.73 29.51
CA ILE Q 102 -14.59 -13.60 29.99
C ILE Q 102 -15.57 -14.08 28.92
N THR Q 103 -16.71 -14.63 29.35
CA THR Q 103 -17.77 -15.07 28.46
C THR Q 103 -19.11 -14.49 28.96
N PHE Q 104 -19.93 -14.03 28.02
CA PHE Q 104 -21.28 -13.55 28.34
C PHE Q 104 -22.23 -13.80 27.18
N GLU Q 105 -23.53 -13.88 27.50
CA GLU Q 105 -24.55 -14.11 26.48
C GLU Q 105 -25.22 -12.80 26.07
N VAL Q 106 -25.60 -12.72 24.78
CA VAL Q 106 -26.20 -11.52 24.22
C VAL Q 106 -27.36 -11.86 23.29
N THR Q 107 -28.29 -10.91 23.12
CA THR Q 107 -29.39 -11.01 22.18
C THR Q 107 -29.47 -9.73 21.37
N PRO Q 108 -29.81 -9.77 20.06
CA PRO Q 108 -30.02 -8.55 19.26
C PRO Q 108 -31.12 -7.69 19.85
N ALA Q 109 -30.94 -6.36 19.83
CA ALA Q 109 -31.95 -5.44 20.32
C ALA Q 109 -33.11 -5.28 19.33
N SER Q 110 -32.80 -5.33 18.03
CA SER Q 110 -33.77 -5.31 16.93
C SER Q 110 -33.20 -6.01 15.70
N GLY Q 111 -34.08 -6.46 14.79
CA GLY Q 111 -33.69 -7.19 13.58
C GLY Q 111 -33.09 -8.57 13.88
N LYS Q 112 -32.28 -9.10 12.93
CA LYS Q 112 -31.52 -10.33 13.13
C LYS Q 112 -30.10 -10.19 12.58
N PRO Q 113 -29.09 -10.84 13.20
CA PRO Q 113 -27.75 -10.92 12.61
C PRO Q 113 -27.74 -11.83 11.39
N ASN Q 114 -26.69 -11.68 10.59
CA ASN Q 114 -26.44 -12.53 9.42
C ASN Q 114 -25.00 -13.00 9.40
N PHE Q 115 -24.52 -13.51 10.54
CA PHE Q 115 -23.17 -14.03 10.67
C PHE Q 115 -22.93 -15.25 9.77
N SER Q 116 -21.66 -15.46 9.39
CA SER Q 116 -21.23 -16.55 8.52
C SER Q 116 -20.05 -17.28 9.16
N PRO Q 117 -20.00 -18.63 9.19
CA PRO Q 117 -18.89 -19.35 9.82
C PRO Q 117 -17.52 -18.93 9.34
N GLY Q 118 -16.64 -18.61 10.29
CA GLY Q 118 -15.27 -18.21 10.03
C GLY Q 118 -15.10 -16.74 9.62
N ALA Q 119 -16.19 -16.01 9.40
CA ALA Q 119 -16.11 -14.57 9.09
C ALA Q 119 -15.78 -13.77 10.36
N SER Q 120 -15.08 -12.64 10.17
CA SER Q 120 -14.67 -11.77 11.27
C SER Q 120 -15.43 -10.44 11.24
N TYR Q 121 -16.05 -10.09 12.36
CA TYR Q 121 -16.89 -8.91 12.53
C TYR Q 121 -16.23 -7.93 13.51
N THR Q 122 -16.22 -6.64 13.17
CA THR Q 122 -15.82 -5.62 14.14
C THR Q 122 -16.93 -5.41 15.15
N ALA Q 123 -16.54 -5.24 16.42
CA ALA Q 123 -17.45 -5.04 17.53
C ALA Q 123 -16.92 -3.94 18.43
N THR Q 124 -17.79 -3.34 19.24
CA THR Q 124 -17.36 -2.38 20.26
C THR Q 124 -17.99 -2.78 21.58
N ILE Q 125 -17.17 -2.98 22.63
CA ILE Q 125 -17.65 -3.32 23.95
C ILE Q 125 -17.61 -2.04 24.80
N TYR Q 126 -18.72 -1.74 25.51
CA TYR Q 126 -18.79 -0.57 26.38
C TYR Q 126 -18.81 -1.00 27.84
N PHE Q 127 -17.89 -0.44 28.63
CA PHE Q 127 -17.72 -0.76 30.04
C PHE Q 127 -18.43 0.27 30.92
N SER Q 128 -18.57 -0.03 32.22
CA SER Q 128 -19.24 0.83 33.20
C SER Q 128 -18.63 2.23 33.31
N ASN Q 129 -17.36 2.38 32.91
CA ASN Q 129 -16.66 3.66 32.81
C ASN Q 129 -17.28 4.63 31.79
N GLY Q 130 -18.07 4.13 30.85
CA GLY Q 130 -18.41 4.88 29.64
C GLY Q 130 -17.37 4.71 28.52
N GLN Q 131 -16.12 4.36 28.91
CA GLN Q 131 -15.06 3.95 27.99
C GLN Q 131 -15.50 2.73 27.19
N GLY Q 132 -15.22 2.75 25.88
CA GLY Q 132 -15.46 1.62 24.99
C GLY Q 132 -14.19 1.19 24.27
N ALA Q 133 -14.15 -0.07 23.82
CA ALA Q 133 -12.99 -0.63 23.13
C ALA Q 133 -13.43 -1.33 21.85
N PRO Q 134 -12.81 -1.01 20.69
CA PRO Q 134 -13.06 -1.77 19.46
C PRO Q 134 -12.38 -3.13 19.54
N ALA Q 135 -13.04 -4.15 18.98
CA ALA Q 135 -12.61 -5.54 19.02
C ALA Q 135 -12.95 -6.23 17.70
N THR Q 136 -12.30 -7.37 17.43
CA THR Q 136 -12.64 -8.24 16.31
C THR Q 136 -13.14 -9.57 16.87
N LEU Q 137 -14.31 -10.02 16.39
CA LEU Q 137 -14.89 -11.28 16.80
C LEU Q 137 -15.00 -12.21 15.60
N ILE Q 138 -14.60 -13.47 15.75
CA ILE Q 138 -14.76 -14.46 14.68
C ILE Q 138 -15.97 -15.33 15.00
N TYR Q 139 -16.92 -15.46 14.07
CA TYR Q 139 -18.09 -16.29 14.28
C TYR Q 139 -17.74 -17.76 14.07
N GLN Q 140 -17.90 -18.59 15.11
CA GLN Q 140 -17.46 -19.98 15.07
C GLN Q 140 -18.54 -20.89 14.47
N GLY Q 141 -19.81 -20.69 14.86
CA GLY Q 141 -20.93 -21.52 14.46
C GLY Q 141 -21.93 -21.71 15.59
N LEU R 1 -10.53 48.19 45.07
CA LEU R 1 -9.26 47.46 45.34
C LEU R 1 -9.48 45.95 45.16
N SER R 2 -10.51 45.38 45.82
CA SER R 2 -10.82 43.94 45.89
C SER R 2 -10.68 43.21 44.54
N GLY R 3 -11.30 43.75 43.48
CA GLY R 3 -11.35 43.14 42.16
C GLY R 3 -9.97 42.82 41.57
N ALA R 4 -9.00 43.72 41.75
CA ALA R 4 -7.65 43.59 41.21
C ALA R 4 -6.82 42.56 42.00
N ILE R 5 -6.97 42.51 43.33
CA ILE R 5 -6.28 41.53 44.16
C ILE R 5 -6.78 40.12 43.84
N VAL R 6 -8.10 39.94 43.69
CA VAL R 6 -8.68 38.66 43.27
C VAL R 6 -8.20 38.26 41.87
N ALA R 7 -8.18 39.22 40.93
CA ALA R 7 -7.68 38.98 39.58
C ALA R 7 -6.23 38.48 39.60
N LEU R 8 -5.38 39.07 40.45
CA LEU R 8 -3.99 38.68 40.60
C LEU R 8 -3.82 37.28 41.20
N ILE R 9 -4.61 36.93 42.23
CA ILE R 9 -4.60 35.59 42.82
C ILE R 9 -4.92 34.53 41.77
N LEU R 10 -5.95 34.76 40.95
CA LEU R 10 -6.36 33.80 39.94
C LEU R 10 -5.39 33.72 38.75
N VAL R 11 -4.59 34.76 38.49
CA VAL R 11 -3.48 34.69 37.55
C VAL R 11 -2.40 33.75 38.10
N ILE R 12 -1.90 34.02 39.32
CA ILE R 12 -0.85 33.24 39.94
C ILE R 12 -1.27 31.76 40.08
N ALA R 13 -2.49 31.51 40.59
CA ALA R 13 -3.04 30.16 40.70
C ALA R 13 -3.17 29.47 39.33
N GLY R 14 -3.56 30.23 38.30
CA GLY R 14 -3.65 29.74 36.93
C GLY R 14 -2.28 29.25 36.41
N VAL R 15 -1.23 30.04 36.63
CA VAL R 15 0.13 29.65 36.29
C VAL R 15 0.54 28.35 36.99
N ILE R 16 0.28 28.25 38.29
CA ILE R 16 0.63 27.09 39.10
C ILE R 16 -0.04 25.82 38.56
N ILE R 17 -1.36 25.86 38.37
CA ILE R 17 -2.13 24.69 37.93
C ILE R 17 -1.79 24.30 36.50
N ALA R 18 -1.57 25.29 35.61
CA ALA R 18 -1.16 25.02 34.24
C ALA R 18 0.22 24.36 34.17
N ILE R 19 1.21 24.87 34.91
CA ILE R 19 2.54 24.26 34.94
C ILE R 19 2.49 22.85 35.54
N ALA R 20 1.67 22.61 36.58
CA ALA R 20 1.49 21.28 37.14
C ALA R 20 1.01 20.26 36.11
N VAL R 21 0.08 20.64 35.22
CA VAL R 21 -0.43 19.78 34.16
C VAL R 21 0.62 19.56 33.06
N VAL R 22 1.44 20.57 32.72
CA VAL R 22 2.52 20.41 31.76
C VAL R 22 3.59 19.44 32.28
N LEU R 23 3.98 19.56 33.55
CA LEU R 23 4.90 18.63 34.18
C LEU R 23 4.32 17.21 34.23
N PHE R 24 3.01 17.08 34.49
CA PHE R 24 2.33 15.79 34.43
C PHE R 24 2.43 15.16 33.05
N ALA R 25 2.18 15.93 31.97
CA ALA R 25 2.29 15.44 30.60
C ALA R 25 3.71 14.94 30.27
N PHE R 26 4.77 15.65 30.67
CA PHE R 26 6.14 15.15 30.55
C PHE R 26 6.39 13.87 31.37
N GLY R 27 5.66 13.67 32.48
CA GLY R 27 5.76 12.48 33.31
C GLY R 27 5.13 11.22 32.69
N LEU R 28 4.24 11.35 31.70
CA LEU R 28 3.62 10.21 31.03
C LEU R 28 4.58 9.54 30.04
N ILE R 29 5.50 10.30 29.45
CA ILE R 29 6.28 9.88 28.30
C ILE R 29 7.01 8.55 28.54
N PRO R 30 7.67 8.28 29.70
CA PRO R 30 8.33 6.99 29.94
C PRO R 30 7.42 5.78 29.95
N GLY R 31 6.16 5.95 30.36
CA GLY R 31 5.20 4.84 30.42
C GLY R 31 4.65 4.46 29.04
N ILE R 32 4.29 5.48 28.25
CA ILE R 32 3.65 5.29 26.96
C ILE R 32 4.66 4.96 25.85
N SER R 33 5.91 5.45 25.96
CA SER R 33 6.93 5.25 24.94
C SER R 33 7.93 4.19 25.41
N ASN R 34 8.02 3.10 24.64
CA ASN R 34 8.66 1.89 25.09
C ASN R 34 9.01 1.10 23.83
N GLN R 35 10.25 1.25 23.36
CA GLN R 35 10.67 0.59 22.13
C GLN R 35 10.98 -0.87 22.39
N GLY R 36 11.03 -1.66 21.32
CA GLY R 36 11.37 -3.06 21.48
C GLY R 36 10.17 -3.90 21.87
N SER R 37 10.23 -5.17 21.46
CA SER R 37 9.10 -6.06 21.36
C SER R 37 9.61 -7.49 21.29
N ILE R 38 8.68 -8.44 21.39
CA ILE R 38 9.01 -9.80 20.99
C ILE R 38 8.89 -9.94 19.48
N GLN R 39 9.95 -10.48 18.88
CA GLN R 39 10.07 -10.79 17.46
C GLN R 39 10.11 -12.31 17.26
N VAL R 40 9.41 -12.80 16.23
CA VAL R 40 9.35 -14.23 15.95
C VAL R 40 10.17 -14.52 14.69
N LEU R 41 11.14 -15.45 14.79
CA LEU R 41 12.15 -15.64 13.76
C LEU R 41 11.97 -16.98 13.04
N GLY R 42 11.85 -16.94 11.70
CA GLY R 42 11.67 -18.14 10.89
C GLY R 42 10.31 -18.82 11.11
N SER R 43 10.16 -20.04 10.58
CA SER R 43 8.97 -20.86 10.80
C SER R 43 9.06 -21.59 12.14
N GLY R 44 7.91 -21.80 12.79
CA GLY R 44 7.81 -22.72 13.92
C GLY R 44 7.26 -24.08 13.47
N THR R 45 6.97 -24.96 14.43
CA THR R 45 6.39 -26.26 14.14
C THR R 45 5.28 -26.62 15.13
N ILE R 46 4.31 -27.43 14.66
CA ILE R 46 3.30 -28.07 15.48
C ILE R 46 3.55 -29.58 15.46
N THR R 47 3.48 -30.22 16.63
CA THR R 47 3.64 -31.66 16.78
C THR R 47 2.52 -32.19 17.67
N ASN R 48 1.95 -33.35 17.30
CA ASN R 48 0.93 -34.04 18.09
C ASN R 48 1.54 -34.57 19.39
N SER R 49 1.06 -34.08 20.55
CA SER R 49 1.46 -34.57 21.86
C SER R 49 0.45 -35.56 22.46
N THR R 50 -0.74 -35.68 21.85
CA THR R 50 -1.84 -36.50 22.33
C THR R 50 -1.43 -37.97 22.46
N ALA R 51 -1.89 -38.64 23.53
CA ALA R 51 -1.51 -40.02 23.84
C ALA R 51 -2.66 -40.82 24.45
N SER R 52 -2.60 -42.16 24.27
CA SER R 52 -3.38 -43.16 25.02
C SER R 52 -4.90 -42.99 24.92
N GLY R 53 -5.39 -42.46 23.78
CA GLY R 53 -6.82 -42.26 23.56
C GLY R 53 -7.48 -41.28 24.54
N SER R 54 -6.69 -40.32 25.05
CA SER R 54 -7.13 -39.31 26.01
C SER R 54 -8.26 -38.43 25.46
N SER R 55 -9.06 -37.86 26.37
CA SER R 55 -10.25 -37.07 26.06
C SER R 55 -9.94 -35.72 25.41
N ARG R 56 -8.73 -35.18 25.64
CA ARG R 56 -8.27 -33.90 25.09
C ARG R 56 -7.04 -34.08 24.20
N THR R 57 -7.08 -33.55 22.98
CA THR R 57 -5.91 -33.49 22.10
C THR R 57 -5.00 -32.34 22.52
N ILE R 58 -3.68 -32.60 22.56
CA ILE R 58 -2.68 -31.63 22.98
C ILE R 58 -1.62 -31.54 21.87
N TYR R 59 -1.20 -30.32 21.54
CA TYR R 59 -0.25 -30.10 20.44
C TYR R 59 0.99 -29.38 20.97
N ASN R 60 2.08 -29.41 20.21
CA ASN R 60 3.34 -28.81 20.64
C ASN R 60 3.76 -27.73 19.66
N ILE R 61 3.86 -26.49 20.15
CA ILE R 61 4.25 -25.35 19.32
C ILE R 61 5.67 -24.93 19.70
N THR R 62 6.65 -25.32 18.87
CA THR R 62 8.03 -24.87 19.04
C THR R 62 8.31 -23.73 18.06
N ILE R 63 8.91 -22.63 18.55
CA ILE R 63 9.21 -21.48 17.70
C ILE R 63 10.40 -20.68 18.25
N THR R 64 11.12 -19.94 17.39
CA THR R 64 12.27 -19.15 17.81
C THR R 64 11.86 -17.70 18.02
N VAL R 65 12.26 -17.14 19.17
CA VAL R 65 11.72 -15.89 19.68
C VAL R 65 12.86 -15.00 20.19
N LYS R 66 12.79 -13.70 19.88
CA LYS R 66 13.81 -12.73 20.30
C LYS R 66 13.13 -11.57 21.03
N ASN R 67 13.42 -11.43 22.33
CA ASN R 67 12.90 -10.32 23.10
C ASN R 67 13.88 -9.14 23.00
N THR R 68 13.50 -8.08 22.29
CA THR R 68 14.35 -6.91 22.13
C THR R 68 14.12 -5.83 23.20
N GLY R 69 13.11 -6.01 24.06
CA GLY R 69 12.85 -5.07 25.14
C GLY R 69 13.77 -5.26 26.35
N THR R 70 13.50 -4.45 27.39
CA THR R 70 14.31 -4.39 28.61
C THR R 70 13.67 -5.17 29.77
N THR R 71 12.57 -5.88 29.51
CA THR R 71 11.81 -6.61 30.55
C THR R 71 11.43 -8.01 30.09
N SER R 72 11.31 -8.94 31.04
CA SER R 72 10.83 -10.28 30.77
C SER R 72 9.35 -10.28 30.38
N ILE R 73 8.97 -11.13 29.40
CA ILE R 73 7.65 -11.18 28.79
C ILE R 73 7.21 -12.64 28.68
N SER R 74 5.89 -12.92 28.57
CA SER R 74 5.40 -14.29 28.41
C SER R 74 4.32 -14.38 27.33
N VAL R 75 4.11 -15.58 26.78
CA VAL R 75 2.98 -15.84 25.88
C VAL R 75 1.70 -15.90 26.71
N THR R 76 0.55 -15.60 26.07
CA THR R 76 -0.73 -15.61 26.76
C THR R 76 -1.83 -16.32 25.97
N SER R 77 -1.69 -16.38 24.64
CA SER R 77 -2.64 -17.06 23.76
C SER R 77 -1.98 -17.35 22.41
N ILE R 78 -2.53 -18.33 21.68
CA ILE R 78 -2.22 -18.50 20.27
C ILE R 78 -3.52 -18.77 19.50
N ASN R 79 -3.60 -18.23 18.30
CA ASN R 79 -4.67 -18.50 17.36
C ASN R 79 -4.04 -19.16 16.13
N ILE R 80 -4.54 -20.33 15.68
CA ILE R 80 -3.93 -21.05 14.56
C ILE R 80 -5.01 -21.34 13.52
N ASN R 81 -4.79 -21.00 12.25
CA ASN R 81 -5.75 -21.28 11.19
C ASN R 81 -7.15 -20.74 11.54
N GLY R 82 -7.19 -19.57 12.18
CA GLY R 82 -8.42 -18.89 12.59
C GLY R 82 -9.07 -19.41 13.88
N GLN R 83 -8.54 -20.49 14.48
CA GLN R 83 -9.12 -21.14 15.65
C GLN R 83 -8.33 -20.78 16.91
N PRO R 84 -9.01 -20.42 18.03
CA PRO R 84 -8.31 -20.14 19.29
C PRO R 84 -7.86 -21.40 20.03
N PHE R 85 -6.66 -21.34 20.63
CA PHE R 85 -6.12 -22.40 21.46
C PHE R 85 -5.73 -21.86 22.84
N ASN R 86 -5.94 -22.67 23.88
CA ASN R 86 -5.48 -22.36 25.23
C ASN R 86 -4.06 -22.92 25.43
N ILE R 87 -3.21 -22.19 26.15
CA ILE R 87 -1.88 -22.71 26.48
C ILE R 87 -1.96 -23.53 27.76
N ASN R 88 -2.16 -24.85 27.65
CA ASN R 88 -2.21 -25.72 28.83
C ASN R 88 -0.84 -25.69 29.54
N GLY R 89 -0.85 -25.67 30.88
CA GLY R 89 0.36 -25.62 31.69
C GLY R 89 0.99 -24.22 31.68
N THR R 90 1.86 -23.95 32.66
CA THR R 90 2.55 -22.67 32.75
C THR R 90 2.99 -22.16 31.38
N ALA R 91 2.63 -20.91 31.08
CA ALA R 91 3.06 -20.24 29.86
C ALA R 91 4.55 -19.89 29.94
N PRO R 92 5.37 -20.15 28.90
CA PRO R 92 6.80 -19.84 28.94
C PRO R 92 7.07 -18.35 28.83
N SER R 93 8.27 -17.96 29.27
CA SER R 93 8.65 -16.56 29.40
C SER R 93 10.06 -16.34 28.85
N ILE R 94 10.24 -15.20 28.16
CA ILE R 94 11.45 -14.87 27.44
C ILE R 94 12.14 -13.71 28.18
N PRO R 95 13.36 -13.90 28.74
CA PRO R 95 14.09 -12.81 29.41
C PRO R 95 14.43 -11.67 28.46
N ALA R 96 14.69 -10.49 29.03
CA ALA R 96 15.09 -9.32 28.27
C ALA R 96 16.34 -9.59 27.41
N GLY R 97 16.37 -9.01 26.20
CA GLY R 97 17.52 -9.01 25.31
C GLY R 97 17.95 -10.38 24.76
N ARG R 98 17.13 -11.44 24.94
CA ARG R 98 17.55 -12.81 24.66
C ARG R 98 16.83 -13.41 23.45
N THR R 99 17.57 -14.22 22.66
CA THR R 99 17.01 -15.05 21.60
C THR R 99 16.98 -16.50 22.07
N GLN R 100 15.82 -17.17 21.90
CA GLN R 100 15.64 -18.55 22.36
C GLN R 100 14.71 -19.32 21.42
N PRO R 101 14.92 -20.64 21.25
CA PRO R 101 13.81 -21.52 20.87
C PRO R 101 12.97 -21.75 22.13
N ILE R 102 11.65 -21.54 22.02
CA ILE R 102 10.72 -21.86 23.10
C ILE R 102 9.75 -22.95 22.63
N THR R 103 9.29 -23.78 23.57
CA THR R 103 8.29 -24.81 23.31
C THR R 103 7.21 -24.73 24.37
N PHE R 104 5.95 -24.88 23.96
CA PHE R 104 4.82 -24.92 24.88
C PHE R 104 3.71 -25.80 24.33
N GLU R 105 2.86 -26.32 25.23
CA GLU R 105 1.75 -27.18 24.84
C GLU R 105 0.45 -26.39 24.79
N VAL R 106 -0.43 -26.78 23.85
CA VAL R 106 -1.70 -26.09 23.62
C VAL R 106 -2.83 -27.09 23.37
N THR R 107 -4.06 -26.66 23.66
CA THR R 107 -5.27 -27.42 23.37
C THR R 107 -6.28 -26.52 22.68
N PRO R 108 -7.08 -27.01 21.69
CA PRO R 108 -8.14 -26.20 21.08
C PRO R 108 -9.15 -25.74 22.12
N ALA R 109 -9.63 -24.50 21.99
CA ALA R 109 -10.64 -23.97 22.90
C ALA R 109 -12.04 -24.54 22.58
N SER R 110 -12.32 -24.78 21.30
CA SER R 110 -13.55 -25.40 20.81
C SER R 110 -13.30 -26.08 19.46
N GLY R 111 -14.15 -27.06 19.09
CA GLY R 111 -14.01 -27.83 17.86
C GLY R 111 -12.78 -28.74 17.85
N LYS R 112 -12.31 -29.10 16.64
CA LYS R 112 -11.06 -29.83 16.46
C LYS R 112 -10.25 -29.26 15.30
N PRO R 113 -8.89 -29.28 15.35
CA PRO R 113 -8.06 -28.96 14.20
C PRO R 113 -8.14 -30.05 13.13
N ASN R 114 -7.73 -29.69 11.92
CA ASN R 114 -7.64 -30.61 10.80
C ASN R 114 -6.31 -30.43 10.08
N PHE R 115 -5.21 -30.43 10.86
CA PHE R 115 -3.87 -30.30 10.33
C PHE R 115 -3.49 -31.50 9.44
N SER R 116 -2.56 -31.27 8.49
CA SER R 116 -2.08 -32.26 7.54
C SER R 116 -0.56 -32.27 7.54
N PRO R 117 0.13 -33.44 7.57
CA PRO R 117 1.60 -33.48 7.59
C PRO R 117 2.27 -32.66 6.48
N GLY R 118 3.20 -31.79 6.90
CA GLY R 118 3.96 -30.95 6.01
C GLY R 118 3.23 -29.68 5.54
N ALA R 119 1.93 -29.53 5.86
CA ALA R 119 1.22 -28.31 5.55
C ALA R 119 1.62 -27.16 6.48
N SER R 120 1.55 -25.92 5.97
CA SER R 120 1.92 -24.72 6.72
C SER R 120 0.70 -23.86 7.03
N TYR R 121 0.53 -23.54 8.32
CA TYR R 121 -0.61 -22.80 8.86
C TYR R 121 -0.13 -21.43 9.37
N THR R 122 -0.88 -20.37 9.06
CA THR R 122 -0.64 -19.08 9.69
C THR R 122 -1.17 -19.11 11.12
N ALA R 123 -0.42 -18.48 12.03
CA ALA R 123 -0.76 -18.43 13.44
C ALA R 123 -0.47 -17.02 13.97
N THR R 124 -1.10 -16.64 15.09
CA THR R 124 -0.77 -15.39 15.75
C THR R 124 -0.52 -15.69 17.22
N ILE R 125 0.65 -15.28 17.74
CA ILE R 125 0.98 -15.46 19.15
C ILE R 125 0.78 -14.12 19.84
N TYR R 126 0.09 -14.12 21.00
CA TYR R 126 -0.16 -12.92 21.78
C TYR R 126 0.64 -12.96 23.07
N PHE R 127 1.42 -11.90 23.30
CA PHE R 127 2.29 -11.78 24.46
C PHE R 127 1.64 -10.95 25.56
N SER R 128 2.22 -10.96 26.77
CA SER R 128 1.70 -10.25 27.94
C SER R 128 1.56 -8.73 27.73
N ASN R 129 2.31 -8.19 26.76
CA ASN R 129 2.22 -6.79 26.32
C ASN R 129 0.85 -6.42 25.71
N GLY R 130 0.07 -7.42 25.27
CA GLY R 130 -1.04 -7.17 24.36
C GLY R 130 -0.63 -7.17 22.89
N GLN R 131 0.66 -6.88 22.63
CA GLN R 131 1.30 -7.02 21.32
C GLN R 131 1.19 -8.48 20.84
N GLY R 132 0.83 -8.65 19.56
CA GLY R 132 0.81 -9.96 18.92
C GLY R 132 1.69 -10.01 17.67
N ALA R 133 2.13 -11.20 17.29
CA ALA R 133 3.00 -11.39 16.13
C ALA R 133 2.45 -12.49 15.23
N PRO R 134 2.29 -12.24 13.90
CA PRO R 134 1.95 -13.31 12.97
C PRO R 134 3.15 -14.22 12.73
N ALA R 135 2.86 -15.51 12.58
CA ALA R 135 3.86 -16.57 12.42
C ALA R 135 3.37 -17.62 11.44
N THR R 136 4.30 -18.43 10.90
CA THR R 136 3.96 -19.59 10.10
C THR R 136 4.44 -20.84 10.84
N LEU R 137 3.55 -21.81 11.00
CA LEU R 137 3.86 -23.07 11.67
C LEU R 137 3.71 -24.22 10.67
N ILE R 138 4.66 -25.15 10.63
CA ILE R 138 4.56 -26.33 9.79
C ILE R 138 4.16 -27.52 10.66
N TYR R 139 3.10 -28.23 10.30
CA TYR R 139 2.66 -29.39 11.07
C TYR R 139 3.53 -30.60 10.73
N GLN R 140 4.23 -31.14 11.72
CA GLN R 140 5.20 -32.21 11.51
C GLN R 140 4.55 -33.59 11.50
N GLY R 141 3.63 -33.83 12.46
CA GLY R 141 2.98 -35.12 12.66
C GLY R 141 2.76 -35.42 14.15
N LEU S 1 -8.71 37.94 33.39
CA LEU S 1 -7.27 37.86 33.02
C LEU S 1 -6.81 36.39 33.00
N SER S 2 -7.06 35.64 34.08
CA SER S 2 -6.60 34.26 34.30
C SER S 2 -6.72 33.35 33.08
N GLY S 3 -7.91 33.32 32.45
CA GLY S 3 -8.22 32.46 31.31
C GLY S 3 -7.24 32.58 30.13
N ALA S 4 -6.83 33.81 29.81
CA ALA S 4 -5.94 34.10 28.69
C ALA S 4 -4.49 33.71 29.00
N ILE S 5 -4.02 33.93 30.24
CA ILE S 5 -2.68 33.54 30.65
C ILE S 5 -2.54 32.01 30.62
N VAL S 6 -3.55 31.29 31.12
CA VAL S 6 -3.58 29.83 31.07
C VAL S 6 -3.62 29.33 29.62
N ALA S 7 -4.43 29.97 28.76
CA ALA S 7 -4.50 29.64 27.34
C ALA S 7 -3.14 29.79 26.68
N LEU S 8 -2.39 30.84 27.00
CA LEU S 8 -1.06 31.10 26.46
C LEU S 8 -0.03 30.07 26.93
N ILE S 9 -0.04 29.69 28.23
CA ILE S 9 0.84 28.65 28.75
C ILE S 9 0.64 27.33 28.00
N LEU S 10 -0.60 26.93 27.77
CA LEU S 10 -0.91 25.67 27.11
C LEU S 10 -0.62 25.71 25.60
N VAL S 11 -0.59 26.90 24.97
CA VAL S 11 -0.08 27.05 23.61
C VAL S 11 1.42 26.80 23.59
N ILE S 12 2.20 27.51 24.41
CA ILE S 12 3.65 27.39 24.45
C ILE S 12 4.07 25.96 24.81
N ALA S 13 3.46 25.36 25.84
CA ALA S 13 3.70 23.97 26.22
C ALA S 13 3.34 22.99 25.10
N GLY S 14 2.25 23.26 24.38
CA GLY S 14 1.85 22.46 23.23
C GLY S 14 2.91 22.46 22.12
N VAL S 15 3.45 23.63 21.78
CA VAL S 15 4.55 23.76 20.84
C VAL S 15 5.76 22.94 21.28
N ILE S 16 6.16 23.06 22.55
CA ILE S 16 7.31 22.36 23.10
C ILE S 16 7.16 20.84 22.97
N ILE S 17 6.03 20.29 23.45
CA ILE S 17 5.80 18.85 23.45
C ILE S 17 5.64 18.31 22.02
N ALA S 18 4.98 19.05 21.13
CA ALA S 18 4.84 18.65 19.74
C ALA S 18 6.20 18.61 19.02
N ILE S 19 7.04 19.64 19.18
CA ILE S 19 8.37 19.65 18.58
C ILE S 19 9.24 18.52 19.15
N ALA S 20 9.16 18.23 20.45
CA ALA S 20 9.87 17.11 21.06
C ALA S 20 9.55 15.77 20.39
N VAL S 21 8.28 15.52 20.07
CA VAL S 21 7.84 14.30 19.38
C VAL S 21 8.29 14.27 17.92
N VAL S 22 8.31 15.41 17.23
CA VAL S 22 8.83 15.49 15.85
C VAL S 22 10.33 15.19 15.81
N LEU S 23 11.11 15.75 16.73
CA LEU S 23 12.53 15.44 16.86
C LEU S 23 12.77 13.97 17.20
N PHE S 24 11.92 13.39 18.06
CA PHE S 24 11.96 11.97 18.36
C PHE S 24 11.76 11.11 17.10
N ALA S 25 10.75 11.45 16.26
CA ALA S 25 10.50 10.74 15.02
C ALA S 25 11.69 10.78 14.06
N PHE S 26 12.35 11.93 13.89
CA PHE S 26 13.60 12.01 13.13
C PHE S 26 14.74 11.18 13.75
N GLY S 27 14.72 10.98 15.07
CA GLY S 27 15.71 10.15 15.77
C GLY S 27 15.56 8.64 15.56
N LEU S 28 14.38 8.17 15.11
CA LEU S 28 14.16 6.75 14.84
C LEU S 28 14.79 6.30 13.52
N ILE S 29 14.91 7.21 12.55
CA ILE S 29 15.24 6.88 11.17
C ILE S 29 16.53 6.05 11.05
N PRO S 30 17.65 6.36 11.74
CA PRO S 30 18.87 5.55 11.67
C PRO S 30 18.73 4.10 12.13
N GLY S 31 17.84 3.84 13.10
CA GLY S 31 17.65 2.49 13.63
C GLY S 31 16.81 1.62 12.70
N ILE S 32 15.72 2.18 12.15
CA ILE S 32 14.77 1.45 11.33
C ILE S 32 15.25 1.29 9.88
N SER S 33 16.05 2.26 9.38
CA SER S 33 16.50 2.24 7.99
C SER S 33 17.98 1.83 7.94
N ASN S 34 18.24 0.72 7.24
CA ASN S 34 19.49 0.00 7.35
C ASN S 34 19.59 -0.85 6.08
N GLN S 35 20.28 -0.33 5.07
CA GLN S 35 20.39 -1.04 3.81
C GLN S 35 21.45 -2.15 3.90
N GLY S 36 21.39 -3.07 2.95
CA GLY S 36 22.38 -4.13 2.94
C GLY S 36 22.01 -5.27 3.89
N SER S 37 22.48 -6.45 3.52
CA SER S 37 21.97 -7.72 3.97
C SER S 37 23.01 -8.80 3.69
N ILE S 38 22.77 -9.99 4.24
CA ILE S 38 23.50 -11.14 3.75
C ILE S 38 22.84 -11.68 2.49
N GLN S 39 23.66 -11.87 1.45
CA GLN S 39 23.29 -12.44 0.16
C GLN S 39 23.96 -13.80 -0.01
N VAL S 40 23.22 -14.78 -0.57
CA VAL S 40 23.72 -16.12 -0.76
C VAL S 40 23.96 -16.34 -2.26
N LEU S 41 25.19 -16.75 -2.62
CA LEU S 41 25.63 -16.76 -4.01
C LEU S 41 25.82 -18.18 -4.54
N GLY S 42 25.13 -18.51 -5.65
CA GLY S 42 25.21 -19.84 -6.26
C GLY S 42 24.57 -20.94 -5.39
N SER S 43 24.81 -22.21 -5.78
CA SER S 43 24.36 -23.36 -5.00
C SER S 43 25.34 -23.64 -3.85
N GLY S 44 24.82 -24.14 -2.72
CA GLY S 44 25.63 -24.73 -1.67
C GLY S 44 25.66 -26.25 -1.79
N THR S 45 26.26 -26.92 -0.78
CA THR S 45 26.29 -28.38 -0.74
C THR S 45 26.01 -28.90 0.66
N ILE S 46 25.43 -30.12 0.73
CA ILE S 46 25.30 -30.90 1.95
C ILE S 46 26.20 -32.13 1.84
N THR S 47 26.93 -32.45 2.91
CA THR S 47 27.78 -33.63 2.98
C THR S 47 27.55 -34.34 4.31
N ASN S 48 27.49 -35.68 4.27
CA ASN S 48 27.35 -36.51 5.47
C ASN S 48 28.62 -36.43 6.32
N SER S 49 28.51 -35.91 7.56
CA SER S 49 29.59 -35.87 8.53
C SER S 49 29.53 -37.01 9.55
N THR S 50 28.40 -37.74 9.59
CA THR S 50 28.13 -38.81 10.55
C THR S 50 29.20 -39.91 10.49
N ALA S 51 29.60 -40.43 11.66
CA ALA S 51 30.67 -41.42 11.77
C ALA S 51 30.40 -42.46 12.87
N SER S 52 31.00 -43.65 12.71
CA SER S 52 31.18 -44.66 13.75
C SER S 52 29.87 -45.16 14.39
N GLY S 53 28.76 -45.16 13.63
CA GLY S 53 27.46 -45.61 14.11
C GLY S 53 26.91 -44.77 15.27
N SER S 54 27.29 -43.49 15.33
CA SER S 54 26.88 -42.54 16.37
C SER S 54 25.35 -42.36 16.42
N SER S 55 24.86 -41.96 17.60
CA SER S 55 23.43 -41.82 17.89
C SER S 55 22.77 -40.65 17.15
N ARG S 56 23.55 -39.62 16.77
CA ARG S 56 23.08 -38.45 16.04
C ARG S 56 23.76 -38.32 14.67
N THR S 57 22.95 -38.15 13.61
CA THR S 57 23.46 -37.84 12.28
C THR S 57 23.81 -36.35 12.19
N ILE S 58 24.97 -36.04 11.58
CA ILE S 58 25.47 -34.68 11.45
C ILE S 58 25.79 -34.44 9.98
N TYR S 59 25.39 -33.26 9.46
CA TYR S 59 25.57 -32.95 8.04
C TYR S 59 26.42 -31.69 7.90
N ASN S 60 26.96 -31.45 6.70
CA ASN S 60 27.84 -30.32 6.47
C ASN S 60 27.26 -29.43 5.39
N ILE S 61 26.96 -28.17 5.75
CA ILE S 61 26.38 -27.20 4.82
C ILE S 61 27.44 -26.17 4.47
N THR S 62 28.04 -26.31 3.27
CA THR S 62 28.96 -25.32 2.74
C THR S 62 28.24 -24.43 1.73
N ILE S 63 28.41 -23.10 1.85
CA ILE S 63 27.75 -22.17 0.95
C ILE S 63 28.52 -20.85 0.84
N THR S 64 28.37 -20.11 -0.27
CA THR S 64 29.07 -18.85 -0.48
C THR S 64 28.17 -17.68 -0.11
N VAL S 65 28.70 -16.74 0.69
CA VAL S 65 27.91 -15.74 1.38
C VAL S 65 28.58 -14.38 1.27
N LYS S 66 27.80 -13.33 1.01
CA LYS S 66 28.31 -11.96 0.87
C LYS S 66 27.55 -11.04 1.82
N ASN S 67 28.26 -10.48 2.82
CA ASN S 67 27.65 -9.53 3.73
C ASN S 67 27.82 -8.12 3.15
N THR S 68 26.73 -7.50 2.70
CA THR S 68 26.77 -6.16 2.12
C THR S 68 26.55 -5.05 3.16
N GLY S 69 26.20 -5.41 4.40
CA GLY S 69 26.01 -4.43 5.46
C GLY S 69 27.33 -3.94 6.07
N THR S 70 27.18 -3.08 7.10
CA THR S 70 28.30 -2.43 7.77
C THR S 70 28.65 -3.08 9.12
N THR S 71 28.01 -4.23 9.44
CA THR S 71 28.20 -4.92 10.72
C THR S 71 28.37 -6.43 10.51
N SER S 72 29.11 -7.07 11.43
CA SER S 72 29.25 -8.52 11.44
C SER S 72 27.93 -9.20 11.81
N ILE S 73 27.63 -10.34 11.16
CA ILE S 73 26.36 -11.06 11.26
C ILE S 73 26.66 -12.55 11.39
N SER S 74 25.73 -13.36 11.94
CA SER S 74 25.92 -14.81 12.06
C SER S 74 24.67 -15.58 11.63
N VAL S 75 24.83 -16.85 11.26
CA VAL S 75 23.70 -17.75 11.03
C VAL S 75 23.07 -18.13 12.37
N THR S 76 21.77 -18.47 12.37
CA THR S 76 21.08 -18.84 13.59
C THR S 76 20.22 -20.10 13.43
N SER S 77 19.79 -20.41 12.20
CA SER S 77 19.01 -21.61 11.89
C SER S 77 19.08 -21.92 10.41
N ILE S 78 18.81 -23.17 10.05
CA ILE S 78 18.54 -23.54 8.67
C ILE S 78 17.34 -24.49 8.62
N ASN S 79 16.51 -24.32 7.59
CA ASN S 79 15.41 -25.23 7.30
C ASN S 79 15.70 -25.83 5.93
N ILE S 80 15.66 -27.17 5.79
CA ILE S 80 15.99 -27.84 4.54
C ILE S 80 14.86 -28.78 4.15
N ASN S 81 14.34 -28.69 2.92
CA ASN S 81 13.28 -29.58 2.45
C ASN S 81 12.09 -29.59 3.44
N GLY S 82 11.77 -28.40 4.00
CA GLY S 82 10.67 -28.21 4.95
C GLY S 82 10.95 -28.63 6.39
N GLN S 83 12.12 -29.22 6.68
CA GLN S 83 12.47 -29.76 7.99
C GLN S 83 13.44 -28.81 8.71
N PRO S 84 13.22 -28.51 10.01
CA PRO S 84 14.16 -27.68 10.77
C PRO S 84 15.41 -28.44 11.22
N PHE S 85 16.56 -27.75 11.17
CA PHE S 85 17.83 -28.28 11.65
C PHE S 85 18.46 -27.31 12.67
N ASN S 86 19.12 -27.87 13.68
CA ASN S 86 19.90 -27.09 14.64
C ASN S 86 21.34 -26.96 14.15
N ILE S 87 21.97 -25.80 14.35
CA ILE S 87 23.38 -25.64 14.01
C ILE S 87 24.25 -26.09 15.18
N ASN S 88 24.66 -27.37 15.20
CA ASN S 88 25.53 -27.87 16.26
C ASN S 88 26.87 -27.14 16.23
N GLY S 89 27.42 -26.79 17.41
CA GLY S 89 28.68 -26.07 17.54
C GLY S 89 28.51 -24.58 17.20
N THR S 90 29.47 -23.77 17.63
CA THR S 90 29.44 -22.33 17.36
C THR S 90 28.98 -22.03 15.94
N ALA S 91 27.98 -21.14 15.83
CA ALA S 91 27.48 -20.66 14.54
C ALA S 91 28.52 -19.73 13.89
N PRO S 92 28.85 -19.88 12.58
CA PRO S 92 29.83 -19.02 11.93
C PRO S 92 29.28 -17.62 11.67
N SER S 93 30.22 -16.68 11.47
CA SER S 93 29.92 -15.27 11.39
C SER S 93 30.68 -14.63 10.23
N ILE S 94 30.00 -13.72 9.51
CA ILE S 94 30.49 -13.10 8.29
C ILE S 94 30.78 -11.63 8.59
N PRO S 95 32.06 -11.17 8.50
CA PRO S 95 32.40 -9.76 8.72
C PRO S 95 31.72 -8.84 7.70
N ALA S 96 31.63 -7.56 8.05
CA ALA S 96 31.07 -6.53 7.17
C ALA S 96 31.79 -6.48 5.83
N GLY S 97 31.03 -6.23 4.75
CA GLY S 97 31.57 -5.99 3.41
C GLY S 97 32.30 -7.15 2.74
N ARG S 98 32.23 -8.37 3.31
CA ARG S 98 33.08 -9.48 2.88
C ARG S 98 32.29 -10.60 2.18
N THR S 99 32.92 -11.20 1.15
CA THR S 99 32.43 -12.40 0.49
C THR S 99 33.28 -13.60 0.95
N GLN S 100 32.62 -14.70 1.37
CA GLN S 100 33.32 -15.88 1.88
C GLN S 100 32.57 -17.15 1.52
N PRO S 101 33.27 -18.27 1.28
CA PRO S 101 32.67 -19.58 1.50
C PRO S 101 32.65 -19.82 3.00
N ILE S 102 31.49 -20.21 3.55
CA ILE S 102 31.37 -20.62 4.94
C ILE S 102 30.92 -22.08 5.02
N THR S 103 31.36 -22.77 6.08
CA THR S 103 30.94 -24.15 6.35
C THR S 103 30.51 -24.25 7.81
N PHE S 104 29.42 -25.00 8.05
CA PHE S 104 28.96 -25.28 9.41
C PHE S 104 28.26 -26.63 9.47
N GLU S 105 28.24 -27.22 10.67
CA GLU S 105 27.61 -28.52 10.88
C GLU S 105 26.20 -28.36 11.45
N VAL S 106 25.31 -29.27 11.05
CA VAL S 106 23.91 -29.24 11.46
C VAL S 106 23.40 -30.64 11.80
N THR S 107 22.36 -30.69 12.65
CA THR S 107 21.64 -31.92 12.98
C THR S 107 20.14 -31.69 12.86
N PRO S 108 19.35 -32.67 12.38
CA PRO S 108 17.89 -32.54 12.35
C PRO S 108 17.32 -32.30 13.75
N ALA S 109 16.31 -31.42 13.84
CA ALA S 109 15.66 -31.15 15.12
C ALA S 109 14.71 -32.29 15.52
N SER S 110 14.05 -32.93 14.54
CA SER S 110 13.19 -34.09 14.71
C SER S 110 13.14 -34.90 13.41
N GLY S 111 12.77 -36.20 13.52
CA GLY S 111 12.73 -37.11 12.38
C GLY S 111 14.10 -37.42 11.79
N LYS S 112 14.14 -37.84 10.50
CA LYS S 112 15.38 -38.03 9.76
C LYS S 112 15.25 -37.46 8.35
N PRO S 113 16.34 -36.93 7.74
CA PRO S 113 16.34 -36.58 6.32
C PRO S 113 16.35 -37.82 5.45
N ASN S 114 15.99 -37.63 4.17
CA ASN S 114 16.01 -38.68 3.17
C ASN S 114 16.68 -38.16 1.89
N PHE S 115 17.84 -37.52 2.05
CA PHE S 115 18.61 -36.99 0.93
C PHE S 115 19.09 -38.11 -0.01
N SER S 116 19.31 -37.75 -1.29
CA SER S 116 19.74 -38.66 -2.35
C SER S 116 20.93 -38.06 -3.08
N PRO S 117 22.03 -38.81 -3.37
CA PRO S 117 23.20 -38.24 -4.04
C PRO S 117 22.87 -37.51 -5.35
N GLY S 118 23.37 -36.27 -5.45
CA GLY S 118 23.19 -35.44 -6.62
C GLY S 118 21.83 -34.72 -6.69
N ALA S 119 20.89 -35.03 -5.79
CA ALA S 119 19.61 -34.32 -5.74
C ALA S 119 19.79 -32.92 -5.13
N SER S 120 18.94 -31.97 -5.56
CA SER S 120 18.98 -30.58 -5.11
C SER S 120 17.76 -30.25 -4.25
N TYR S 121 18.02 -29.72 -3.05
CA TYR S 121 17.01 -29.39 -2.05
C TYR S 121 16.96 -27.89 -1.83
N THR S 122 15.76 -27.32 -1.77
CA THR S 122 15.60 -25.93 -1.35
C THR S 122 15.79 -25.83 0.16
N ALA S 123 16.47 -24.76 0.58
CA ALA S 123 16.77 -24.50 1.98
C ALA S 123 16.55 -23.03 2.28
N THR S 124 16.37 -22.68 3.56
CA THR S 124 16.31 -21.29 3.96
C THR S 124 17.26 -21.09 5.13
N ILE S 125 18.19 -20.14 5.02
CA ILE S 125 19.13 -19.82 6.09
C ILE S 125 18.64 -18.56 6.79
N TYR S 126 18.59 -18.56 8.13
CA TYR S 126 18.16 -17.42 8.90
C TYR S 126 19.34 -16.82 9.66
N PHE S 127 19.55 -15.52 9.47
CA PHE S 127 20.67 -14.79 10.07
C PHE S 127 20.22 -14.05 11.33
N SER S 128 21.19 -13.54 12.11
CA SER S 128 20.95 -12.84 13.37
C SER S 128 20.04 -11.61 13.22
N ASN S 129 19.96 -11.05 12.01
CA ASN S 129 19.05 -9.96 11.64
C ASN S 129 17.56 -10.34 11.77
N GLY S 130 17.23 -11.63 11.78
CA GLY S 130 15.87 -12.08 11.52
C GLY S 130 15.57 -12.25 10.02
N GLN S 131 16.32 -11.55 9.18
CA GLN S 131 16.34 -11.72 7.72
C GLN S 131 16.74 -13.16 7.37
N GLY S 132 16.01 -13.78 6.42
CA GLY S 132 16.33 -15.10 5.90
C GLY S 132 16.50 -15.08 4.38
N ALA S 133 17.25 -16.06 3.85
CA ALA S 133 17.52 -16.13 2.42
C ALA S 133 17.23 -17.54 1.91
N PRO S 134 16.43 -17.71 0.83
CA PRO S 134 16.27 -19.01 0.20
C PRO S 134 17.54 -19.38 -0.58
N ALA S 135 17.85 -20.67 -0.58
CA ALA S 135 19.06 -21.24 -1.17
C ALA S 135 18.76 -22.60 -1.78
N THR S 136 19.65 -23.06 -2.68
CA THR S 136 19.59 -24.42 -3.20
C THR S 136 20.85 -25.15 -2.77
N LEU S 137 20.69 -26.34 -2.18
CA LEU S 137 21.79 -27.17 -1.73
C LEU S 137 21.79 -28.48 -2.51
N ILE S 138 22.96 -28.92 -3.00
CA ILE S 138 23.07 -30.21 -3.67
C ILE S 138 23.69 -31.21 -2.69
N TYR S 139 23.04 -32.35 -2.48
CA TYR S 139 23.57 -33.37 -1.58
C TYR S 139 24.67 -34.18 -2.28
N GLN S 140 25.89 -34.13 -1.74
CA GLN S 140 27.05 -34.73 -2.38
C GLN S 140 27.19 -36.22 -2.04
N GLY S 141 26.99 -36.57 -0.77
CA GLY S 141 27.17 -37.93 -0.25
C GLY S 141 27.77 -37.93 1.15
N LEU T 1 -7.39 26.85 22.49
CA LEU T 1 -6.41 27.27 21.46
C LEU T 1 -5.39 26.15 21.24
N SER T 2 -4.77 25.63 22.31
CA SER T 2 -3.68 24.66 22.31
C SER T 2 -3.86 23.51 21.29
N GLY T 3 -5.04 22.86 21.31
CA GLY T 3 -5.34 21.70 20.49
C GLY T 3 -5.14 21.92 18.99
N ALA T 4 -5.53 23.09 18.49
CA ALA T 4 -5.46 23.46 17.08
C ALA T 4 -4.02 23.77 16.64
N ILE T 5 -3.24 24.44 17.49
CA ILE T 5 -1.84 24.74 17.21
C ILE T 5 -1.02 23.44 17.15
N VAL T 6 -1.26 22.51 18.08
CA VAL T 6 -0.61 21.20 18.07
C VAL T 6 -1.03 20.41 16.82
N ALA T 7 -2.32 20.42 16.46
CA ALA T 7 -2.82 19.77 15.26
C ALA T 7 -2.11 20.30 14.01
N LEU T 8 -1.89 21.62 13.92
CA LEU T 8 -1.20 22.24 12.81
C LEU T 8 0.28 21.87 12.73
N ILE T 9 0.98 21.83 13.87
CA ILE T 9 2.38 21.40 13.92
C ILE T 9 2.53 19.98 13.38
N LEU T 10 1.66 19.05 13.79
CA LEU T 10 1.74 17.67 13.37
C LEU T 10 1.30 17.47 11.91
N VAL T 11 0.51 18.37 11.33
CA VAL T 11 0.25 18.39 9.89
C VAL T 11 1.54 18.76 9.14
N ILE T 12 2.14 19.91 9.49
CA ILE T 12 3.35 20.40 8.81
C ILE T 12 4.49 19.38 8.95
N ALA T 13 4.73 18.85 10.16
CA ALA T 13 5.74 17.82 10.40
C ALA T 13 5.45 16.54 9.60
N GLY T 14 4.17 16.16 9.49
CA GLY T 14 3.74 15.02 8.70
C GLY T 14 4.11 15.18 7.22
N VAL T 15 3.84 16.35 6.64
CA VAL T 15 4.22 16.69 5.27
C VAL T 15 5.73 16.55 5.08
N ILE T 16 6.52 17.12 6.00
CA ILE T 16 7.97 17.11 5.94
C ILE T 16 8.52 15.68 5.92
N ILE T 17 8.10 14.85 6.89
CA ILE T 17 8.60 13.48 7.03
C ILE T 17 8.12 12.60 5.86
N ALA T 18 6.89 12.78 5.40
CA ALA T 18 6.38 12.03 4.25
C ALA T 18 7.16 12.36 2.96
N ILE T 19 7.39 13.65 2.68
CA ILE T 19 8.17 14.06 1.51
C ILE T 19 9.61 13.55 1.60
N ALA T 20 10.24 13.58 2.79
CA ALA T 20 11.57 13.03 2.98
C ALA T 20 11.66 11.55 2.59
N VAL T 21 10.65 10.73 2.92
CA VAL T 21 10.60 9.32 2.56
C VAL T 21 10.36 9.13 1.06
N VAL T 22 9.54 9.97 0.42
CA VAL T 22 9.32 9.92 -1.02
C VAL T 22 10.61 10.24 -1.79
N LEU T 23 11.35 11.28 -1.37
CA LEU T 23 12.63 11.62 -1.95
C LEU T 23 13.65 10.49 -1.74
N PHE T 24 13.64 9.84 -0.57
CA PHE T 24 14.46 8.67 -0.30
C PHE T 24 14.17 7.55 -1.29
N ALA T 25 12.89 7.23 -1.54
CA ALA T 25 12.50 6.20 -2.50
C ALA T 25 13.01 6.49 -3.91
N PHE T 26 12.90 7.73 -4.40
CA PHE T 26 13.51 8.12 -5.67
C PHE T 26 15.04 8.00 -5.66
N GLY T 27 15.68 8.13 -4.50
CA GLY T 27 17.13 7.97 -4.36
C GLY T 27 17.63 6.53 -4.44
N LEU T 28 16.76 5.52 -4.26
CA LEU T 28 17.14 4.12 -4.37
C LEU T 28 17.29 3.66 -5.82
N ILE T 29 16.54 4.28 -6.74
CA ILE T 29 16.37 3.79 -8.10
C ILE T 29 17.70 3.56 -8.82
N PRO T 30 18.73 4.45 -8.75
CA PRO T 30 20.01 4.21 -9.41
C PRO T 30 20.78 2.99 -8.91
N GLY T 31 20.62 2.63 -7.63
CA GLY T 31 21.32 1.49 -7.05
C GLY T 31 20.70 0.15 -7.46
N ILE T 32 19.37 0.08 -7.41
CA ILE T 32 18.63 -1.15 -7.66
C ILE T 32 18.45 -1.43 -9.16
N SER T 33 18.41 -0.39 -10.00
CA SER T 33 18.18 -0.53 -11.43
C SER T 33 19.50 -0.32 -12.18
N ASN T 34 19.91 -1.36 -12.91
CA ASN T 34 21.27 -1.47 -13.41
C ASN T 34 21.21 -2.48 -14.55
N GLN T 35 21.10 -1.98 -15.78
CA GLN T 35 20.97 -2.86 -16.93
C GLN T 35 22.34 -3.39 -17.34
N GLY T 36 22.34 -4.46 -18.14
CA GLY T 36 23.60 -5.01 -18.61
C GLY T 36 24.24 -5.93 -17.58
N SER T 37 25.01 -6.87 -18.12
CA SER T 37 25.40 -8.09 -17.43
C SER T 37 26.60 -8.69 -18.17
N ILE T 38 27.20 -9.71 -17.57
CA ILE T 38 28.11 -10.55 -18.33
C ILE T 38 27.30 -11.59 -19.10
N GLN T 39 27.60 -11.67 -20.41
CA GLN T 39 27.04 -12.63 -21.35
C GLN T 39 28.13 -13.61 -21.80
N VAL T 40 27.77 -14.90 -21.91
CA VAL T 40 28.71 -15.94 -22.31
C VAL T 40 28.37 -16.39 -23.73
N LEU T 41 29.36 -16.33 -24.63
CA LEU T 41 29.13 -16.51 -26.07
C LEU T 41 29.72 -17.82 -26.59
N GLY T 42 28.88 -18.65 -27.24
CA GLY T 42 29.29 -19.93 -27.79
C GLY T 42 29.68 -20.95 -26.72
N SER T 43 30.31 -22.06 -27.15
CA SER T 43 30.83 -23.07 -26.23
C SER T 43 32.20 -22.66 -25.69
N GLY T 44 32.49 -23.04 -24.44
CA GLY T 44 33.85 -22.98 -23.91
C GLY T 44 34.53 -24.34 -24.00
N THR T 45 35.74 -24.45 -23.41
CA THR T 45 36.47 -25.71 -23.36
C THR T 45 37.08 -25.96 -21.98
N ILE T 46 37.23 -27.24 -21.63
CA ILE T 46 38.01 -27.70 -20.48
C ILE T 46 39.23 -28.45 -21.00
N THR T 47 40.41 -28.18 -20.41
CA THR T 47 41.66 -28.85 -20.74
C THR T 47 42.36 -29.26 -19.46
N ASN T 48 42.94 -30.48 -19.44
CA ASN T 48 43.71 -30.98 -18.31
C ASN T 48 45.02 -30.19 -18.18
N SER T 49 45.21 -29.48 -17.05
CA SER T 49 46.45 -28.77 -16.74
C SER T 49 47.36 -29.58 -15.80
N THR T 50 46.84 -30.67 -15.20
CA THR T 50 47.55 -31.48 -14.21
C THR T 50 48.85 -32.04 -14.77
N ALA T 51 49.91 -32.06 -13.93
CA ALA T 51 51.25 -32.47 -14.34
C ALA T 51 52.00 -33.22 -13.24
N SER T 52 52.95 -34.08 -13.65
CA SER T 52 54.01 -34.65 -12.81
C SER T 52 53.50 -35.46 -11.61
N GLY T 53 52.32 -36.09 -11.74
CA GLY T 53 51.72 -36.89 -10.69
C GLY T 53 51.39 -36.11 -9.42
N SER T 54 51.11 -34.80 -9.56
CA SER T 54 50.78 -33.89 -8.47
C SER T 54 49.53 -34.33 -7.69
N SER T 55 49.46 -33.90 -6.42
CA SER T 55 48.42 -34.28 -5.47
C SER T 55 47.04 -33.71 -5.82
N ARG T 56 46.99 -32.57 -6.56
CA ARG T 56 45.77 -31.89 -6.97
C ARG T 56 45.65 -31.85 -8.50
N THR T 57 44.50 -32.27 -9.04
CA THR T 57 44.19 -32.12 -10.46
C THR T 57 43.72 -30.68 -10.73
N ILE T 58 44.23 -30.07 -11.81
CA ILE T 58 43.92 -28.70 -12.20
C ILE T 58 43.44 -28.71 -13.65
N TYR T 59 42.36 -27.96 -13.93
CA TYR T 59 41.75 -27.94 -15.25
C TYR T 59 41.76 -26.52 -15.80
N ASN T 60 41.56 -26.38 -17.12
CA ASN T 60 41.61 -25.08 -17.78
C ASN T 60 40.28 -24.79 -18.45
N ILE T 61 39.61 -23.71 -18.00
CA ILE T 61 38.31 -23.30 -18.55
C ILE T 61 38.51 -22.05 -19.39
N THR T 62 38.54 -22.22 -20.72
CA THR T 62 38.57 -21.10 -21.65
C THR T 62 37.17 -20.85 -22.20
N ILE T 63 36.72 -19.58 -22.19
CA ILE T 63 35.40 -19.24 -22.68
C ILE T 63 35.33 -17.79 -23.16
N THR T 64 34.39 -17.46 -24.08
CA THR T 64 34.26 -16.10 -24.62
C THR T 64 33.16 -15.35 -23.87
N VAL T 65 33.48 -14.12 -23.44
CA VAL T 65 32.68 -13.40 -22.47
C VAL T 65 32.53 -11.94 -22.92
N LYS T 66 31.31 -11.39 -22.78
CA LYS T 66 31.02 -10.02 -23.16
C LYS T 66 30.39 -9.28 -21.98
N ASN T 67 31.09 -8.27 -21.45
CA ASN T 67 30.56 -7.45 -20.38
C ASN T 67 29.79 -6.28 -20.99
N THR T 68 28.46 -6.29 -20.87
CA THR T 68 27.62 -5.22 -21.40
C THR T 68 27.36 -4.09 -20.41
N GLY T 69 27.79 -4.24 -19.15
CA GLY T 69 27.63 -3.20 -18.15
C GLY T 69 28.67 -2.08 -18.25
N THR T 70 28.59 -1.14 -17.29
CA THR T 70 29.44 0.06 -17.26
C THR T 70 30.59 -0.07 -16.24
N THR T 71 30.75 -1.26 -15.63
CA THR T 71 31.76 -1.50 -14.59
C THR T 71 32.51 -2.80 -14.83
N SER T 72 33.78 -2.85 -14.38
CA SER T 72 34.57 -4.07 -14.42
C SER T 72 34.03 -5.12 -13.44
N ILE T 73 34.06 -6.40 -13.86
CA ILE T 73 33.46 -7.53 -13.14
C ILE T 73 34.44 -8.70 -13.15
N SER T 74 34.32 -9.65 -12.21
CA SER T 74 35.20 -10.82 -12.17
C SER T 74 34.41 -12.12 -11.93
N VAL T 75 34.99 -13.26 -12.31
CA VAL T 75 34.42 -14.56 -11.96
C VAL T 75 34.69 -14.84 -10.48
N THR T 76 33.83 -15.66 -9.84
CA THR T 76 33.98 -15.98 -8.43
C THR T 76 33.85 -17.48 -8.13
N SER T 77 33.14 -18.22 -9.00
CA SER T 77 32.96 -19.66 -8.87
C SER T 77 32.55 -20.26 -10.21
N ILE T 78 32.77 -21.57 -10.37
CA ILE T 78 32.15 -22.32 -11.44
C ILE T 78 31.64 -23.65 -10.89
N ASN T 79 30.48 -24.09 -11.39
CA ASN T 79 29.93 -25.41 -11.10
C ASN T 79 29.86 -26.16 -12.43
N ILE T 80 30.40 -27.38 -12.51
CA ILE T 80 30.44 -28.13 -13.77
C ILE T 80 29.84 -29.52 -13.54
N ASN T 81 28.87 -29.93 -14.36
CA ASN T 81 28.28 -31.26 -14.24
C ASN T 81 27.76 -31.51 -12.81
N GLY T 82 27.21 -30.48 -12.18
CA GLY T 82 26.66 -30.52 -10.83
C GLY T 82 27.68 -30.43 -9.68
N GLN T 83 28.98 -30.41 -9.99
CA GLN T 83 30.06 -30.43 -9.01
C GLN T 83 30.68 -29.04 -8.86
N PRO T 84 30.91 -28.54 -7.62
CA PRO T 84 31.58 -27.25 -7.42
C PRO T 84 33.09 -27.31 -7.62
N PHE T 85 33.64 -26.24 -8.23
CA PHE T 85 35.07 -26.08 -8.42
C PHE T 85 35.53 -24.74 -7.84
N ASN T 86 36.73 -24.72 -7.26
CA ASN T 86 37.38 -23.49 -6.83
C ASN T 86 38.23 -22.91 -7.96
N ILE T 87 38.27 -21.58 -8.09
CA ILE T 87 39.14 -20.95 -9.08
C ILE T 87 40.52 -20.71 -8.47
N ASN T 88 41.45 -21.67 -8.63
CA ASN T 88 42.80 -21.52 -8.11
C ASN T 88 43.48 -20.33 -8.81
N GLY T 89 44.24 -19.53 -8.04
CA GLY T 89 44.94 -18.35 -8.55
C GLY T 89 43.97 -17.19 -8.79
N THR T 90 44.51 -15.98 -8.89
CA THR T 90 43.71 -14.78 -9.14
C THR T 90 42.60 -15.05 -10.16
N ALA T 91 41.36 -14.69 -9.79
CA ALA T 91 40.21 -14.77 -10.67
C ALA T 91 40.31 -13.68 -11.75
N PRO T 92 40.08 -14.00 -13.06
CA PRO T 92 40.16 -12.99 -14.11
C PRO T 92 38.97 -12.04 -14.10
N SER T 93 39.18 -10.88 -14.73
CA SER T 93 38.24 -9.77 -14.68
C SER T 93 38.05 -9.18 -16.09
N ILE T 94 36.79 -8.82 -16.39
CA ILE T 94 36.36 -8.38 -17.70
C ILE T 94 36.02 -6.88 -17.61
N PRO T 95 36.76 -5.98 -18.31
CA PRO T 95 36.45 -4.55 -18.30
C PRO T 95 35.07 -4.24 -18.88
N ALA T 96 34.53 -3.07 -18.55
CA ALA T 96 33.25 -2.60 -19.05
C ALA T 96 33.23 -2.59 -20.59
N GLY T 97 32.06 -2.93 -21.18
CA GLY T 97 31.80 -2.81 -22.60
C GLY T 97 32.64 -3.71 -23.53
N ARG T 98 33.39 -4.67 -22.98
CA ARG T 98 34.39 -5.41 -23.74
C ARG T 98 34.01 -6.88 -23.97
N THR T 99 34.35 -7.40 -25.16
CA THR T 99 34.26 -8.83 -25.48
C THR T 99 35.67 -9.43 -25.47
N GLN T 100 35.86 -10.56 -24.77
CA GLN T 100 37.16 -11.20 -24.65
C GLN T 100 37.02 -12.72 -24.59
N PRO T 101 38.00 -13.48 -25.12
CA PRO T 101 38.24 -14.83 -24.62
C PRO T 101 38.97 -14.70 -23.28
N ILE T 102 38.47 -15.37 -22.24
CA ILE T 102 39.17 -15.46 -20.95
C ILE T 102 39.53 -16.90 -20.66
N THR T 103 40.64 -17.09 -19.92
CA THR T 103 41.09 -18.41 -19.47
C THR T 103 41.40 -18.33 -17.98
N PHE T 104 41.02 -19.37 -17.23
CA PHE T 104 41.35 -19.47 -15.82
C PHE T 104 41.49 -20.94 -15.41
N GLU T 105 42.24 -21.18 -14.34
CA GLU T 105 42.45 -22.53 -13.82
C GLU T 105 41.52 -22.82 -12.65
N VAL T 106 41.09 -24.09 -12.55
CA VAL T 106 40.16 -24.52 -11.51
C VAL T 106 40.56 -25.88 -10.95
N THR T 107 40.14 -26.15 -9.71
CA THR T 107 40.31 -27.44 -9.05
C THR T 107 38.98 -27.87 -8.45
N PRO T 108 38.61 -29.18 -8.45
CA PRO T 108 37.41 -29.67 -7.78
C PRO T 108 37.45 -29.34 -6.29
N ALA T 109 36.30 -28.96 -5.72
CA ALA T 109 36.20 -28.67 -4.29
C ALA T 109 36.17 -29.97 -3.46
N SER T 110 35.54 -31.02 -4.00
CA SER T 110 35.49 -32.36 -3.42
C SER T 110 35.28 -33.42 -4.52
N GLY T 111 35.64 -34.68 -4.22
CA GLY T 111 35.56 -35.78 -5.18
C GLY T 111 36.52 -35.63 -6.36
N LYS T 112 36.21 -36.30 -7.49
CA LYS T 112 36.94 -36.14 -8.74
C LYS T 112 35.99 -36.02 -9.93
N PRO T 113 36.32 -35.26 -10.99
CA PRO T 113 35.57 -35.29 -12.24
C PRO T 113 35.79 -36.60 -12.99
N ASN T 114 34.88 -36.88 -13.93
CA ASN T 114 34.96 -38.03 -14.81
C ASN T 114 34.69 -37.61 -16.26
N PHE T 115 35.37 -36.53 -16.69
CA PHE T 115 35.25 -36.03 -18.06
C PHE T 115 35.74 -37.04 -19.09
N SER T 116 35.20 -36.95 -20.32
CA SER T 116 35.53 -37.82 -21.43
C SER T 116 35.86 -36.98 -22.67
N PRO T 117 36.94 -37.27 -23.43
CA PRO T 117 37.29 -36.46 -24.61
C PRO T 117 36.15 -36.27 -25.60
N GLY T 118 35.91 -35.00 -25.94
CA GLY T 118 34.88 -34.60 -26.90
C GLY T 118 33.46 -34.53 -26.31
N ALA T 119 33.26 -34.97 -25.06
CA ALA T 119 31.96 -34.84 -24.41
C ALA T 119 31.69 -33.39 -23.99
N SER T 120 30.40 -33.01 -23.97
CA SER T 120 29.98 -31.65 -23.62
C SER T 120 29.24 -31.64 -22.28
N TYR T 121 29.70 -30.79 -21.35
CA TYR T 121 29.19 -30.67 -20.00
C TYR T 121 28.53 -29.30 -19.80
N THR T 122 27.36 -29.27 -19.18
CA THR T 122 26.76 -28.01 -18.76
C THR T 122 27.49 -27.48 -17.53
N ALA T 123 27.70 -26.16 -17.50
CA ALA T 123 28.40 -25.49 -16.42
C ALA T 123 27.67 -24.19 -16.08
N THR T 124 27.90 -23.66 -14.87
CA THR T 124 27.37 -22.36 -14.51
C THR T 124 28.50 -21.52 -13.95
N ILE T 125 28.73 -20.33 -14.51
CA ILE T 125 29.77 -19.41 -14.03
C ILE T 125 29.09 -18.33 -13.21
N TYR T 126 29.62 -18.05 -12.01
CA TYR T 126 29.08 -17.02 -11.14
C TYR T 126 30.03 -15.83 -11.06
N PHE T 127 29.50 -14.64 -11.34
CA PHE T 127 30.28 -13.40 -11.38
C PHE T 127 30.12 -12.63 -10.06
N SER T 128 30.96 -11.60 -9.86
CA SER T 128 30.97 -10.79 -8.64
C SER T 128 29.64 -10.10 -8.36
N ASN T 129 28.79 -9.93 -9.40
CA ASN T 129 27.43 -9.43 -9.28
C ASN T 129 26.50 -10.32 -8.45
N GLY T 130 26.85 -11.59 -8.26
CA GLY T 130 25.90 -12.60 -7.82
C GLY T 130 25.12 -13.24 -8.97
N GLN T 131 25.01 -12.52 -10.10
CA GLN T 131 24.49 -13.01 -11.37
C GLN T 131 25.33 -14.21 -11.85
N GLY T 132 24.65 -15.27 -12.32
CA GLY T 132 25.29 -16.43 -12.91
C GLY T 132 24.78 -16.70 -14.32
N ALA T 133 25.58 -17.39 -15.14
CA ALA T 133 25.24 -17.69 -16.52
C ALA T 133 25.47 -19.17 -16.81
N PRO T 134 24.47 -19.88 -17.37
CA PRO T 134 24.69 -21.26 -17.84
C PRO T 134 25.52 -21.27 -19.12
N ALA T 135 26.38 -22.27 -19.23
CA ALA T 135 27.32 -22.42 -20.34
C ALA T 135 27.48 -23.90 -20.70
N THR T 136 27.98 -24.17 -21.92
CA THR T 136 28.37 -25.51 -22.32
C THR T 136 29.87 -25.55 -22.54
N LEU T 137 30.55 -26.52 -21.93
CA LEU T 137 31.99 -26.70 -22.06
C LEU T 137 32.27 -28.04 -22.73
N ILE T 138 33.18 -28.08 -23.71
CA ILE T 138 33.59 -29.33 -24.34
C ILE T 138 34.95 -29.72 -23.77
N TYR T 139 35.07 -30.96 -23.24
CA TYR T 139 36.34 -31.42 -22.70
C TYR T 139 37.27 -31.86 -23.82
N GLN T 140 38.43 -31.20 -23.95
CA GLN T 140 39.35 -31.41 -25.06
C GLN T 140 40.28 -32.60 -24.81
N GLY T 141 40.83 -32.67 -23.59
CA GLY T 141 41.82 -33.67 -23.21
C GLY T 141 42.88 -33.10 -22.27
N LEU U 1 -5.81 14.93 12.45
CA LEU U 1 -5.67 15.47 11.06
C LEU U 1 -4.45 14.85 10.40
N SER U 2 -3.27 14.91 11.04
CA SER U 2 -1.97 14.49 10.52
C SER U 2 -2.00 13.16 9.75
N GLY U 3 -2.60 12.11 10.34
CA GLY U 3 -2.64 10.76 9.78
C GLY U 3 -3.22 10.68 8.37
N ALA U 4 -4.29 11.45 8.11
CA ALA U 4 -4.99 11.46 6.83
C ALA U 4 -4.20 12.21 5.75
N ILE U 5 -3.55 13.32 6.10
CA ILE U 5 -2.72 14.08 5.17
C ILE U 5 -1.51 13.26 4.74
N VAL U 6 -0.85 12.57 5.69
CA VAL U 6 0.25 11.65 5.39
C VAL U 6 -0.22 10.50 4.51
N ALA U 7 -1.38 9.91 4.81
CA ALA U 7 -1.97 8.84 4.00
C ALA U 7 -2.19 9.30 2.56
N LEU U 8 -2.67 10.53 2.36
CA LEU U 8 -2.90 11.10 1.04
C LEU U 8 -1.61 11.34 0.27
N ILE U 9 -0.56 11.86 0.93
CA ILE U 9 0.75 12.06 0.31
C ILE U 9 1.30 10.73 -0.23
N LEU U 10 1.23 9.67 0.58
CA LEU U 10 1.76 8.37 0.19
C LEU U 10 0.90 7.67 -0.88
N VAL U 11 -0.39 8.02 -1.02
CA VAL U 11 -1.20 7.59 -2.16
C VAL U 11 -0.68 8.25 -3.43
N ILE U 12 -0.61 9.59 -3.45
CA ILE U 12 -0.18 10.35 -4.61
C ILE U 12 1.24 9.95 -5.03
N ALA U 13 2.18 9.87 -4.09
CA ALA U 13 3.54 9.41 -4.35
C ALA U 13 3.59 7.98 -4.89
N GLY U 14 2.73 7.10 -4.36
CA GLY U 14 2.60 5.73 -4.83
C GLY U 14 2.18 5.67 -6.30
N VAL U 15 1.18 6.47 -6.70
CA VAL U 15 0.74 6.58 -8.09
C VAL U 15 1.90 7.03 -8.98
N ILE U 16 2.63 8.07 -8.57
CA ILE U 16 3.74 8.64 -9.33
C ILE U 16 4.82 7.58 -9.58
N ILE U 17 5.29 6.91 -8.53
CA ILE U 17 6.38 5.95 -8.62
C ILE U 17 5.94 4.70 -9.40
N ALA U 18 4.70 4.23 -9.21
CA ALA U 18 4.17 3.11 -9.96
C ALA U 18 4.07 3.41 -11.46
N ILE U 19 3.53 4.58 -11.84
CA ILE U 19 3.45 4.96 -13.25
C ILE U 19 4.85 5.12 -13.87
N ALA U 20 5.82 5.68 -13.12
CA ALA U 20 7.20 5.78 -13.58
C ALA U 20 7.80 4.41 -13.96
N VAL U 21 7.53 3.37 -13.16
CA VAL U 21 8.01 2.01 -13.44
C VAL U 21 7.28 1.38 -14.63
N VAL U 22 5.97 1.65 -14.81
CA VAL U 22 5.23 1.17 -15.96
C VAL U 22 5.75 1.79 -17.26
N LEU U 23 6.01 3.11 -17.26
CA LEU U 23 6.61 3.79 -18.40
C LEU U 23 8.02 3.27 -18.69
N PHE U 24 8.80 2.96 -17.65
CA PHE U 24 10.10 2.32 -17.80
C PHE U 24 9.99 0.97 -18.52
N ALA U 25 9.04 0.12 -18.10
CA ALA U 25 8.82 -1.18 -18.74
C ALA U 25 8.47 -1.05 -20.23
N PHE U 26 7.60 -0.11 -20.62
CA PHE U 26 7.36 0.18 -22.03
C PHE U 26 8.61 0.69 -22.76
N GLY U 27 9.54 1.34 -22.05
CA GLY U 27 10.80 1.82 -22.63
C GLY U 27 11.82 0.73 -22.92
N LEU U 28 11.70 -0.48 -22.32
CA LEU U 28 12.60 -1.59 -22.58
C LEU U 28 12.31 -2.28 -23.92
N ILE U 29 11.06 -2.25 -24.38
CA ILE U 29 10.59 -3.08 -25.48
C ILE U 29 11.42 -2.90 -26.75
N PRO U 30 11.83 -1.69 -27.20
CA PRO U 30 12.67 -1.55 -28.39
C PRO U 30 14.04 -2.19 -28.31
N GLY U 31 14.63 -2.26 -27.11
CA GLY U 31 15.96 -2.86 -26.93
C GLY U 31 15.93 -4.38 -26.96
N ILE U 32 14.95 -4.97 -26.27
CA ILE U 32 14.84 -6.42 -26.11
C ILE U 32 14.22 -7.09 -27.33
N SER U 33 13.34 -6.39 -28.06
CA SER U 33 12.63 -6.95 -29.21
C SER U 33 13.23 -6.41 -30.51
N ASN U 34 13.75 -7.33 -31.33
CA ASN U 34 14.64 -7.00 -32.42
C ASN U 34 14.59 -8.18 -33.38
N GLN U 35 13.74 -8.09 -34.40
CA GLN U 35 13.57 -9.19 -35.34
C GLN U 35 14.71 -9.20 -36.36
N GLY U 36 14.87 -10.34 -37.03
CA GLY U 36 15.91 -10.43 -38.04
C GLY U 36 17.28 -10.75 -37.43
N SER U 37 18.09 -11.39 -38.26
CA SER U 37 19.25 -12.14 -37.84
C SER U 37 20.15 -12.37 -39.05
N ILE U 38 21.35 -12.87 -38.80
CA ILE U 38 22.12 -13.43 -39.89
C ILE U 38 21.66 -14.87 -40.17
N GLN U 39 21.39 -15.14 -41.45
CA GLN U 39 21.01 -16.42 -41.99
C GLN U 39 22.11 -16.96 -42.89
N VAL U 40 22.39 -18.27 -42.80
CA VAL U 40 23.44 -18.91 -43.59
C VAL U 40 22.79 -19.78 -44.66
N LEU U 41 23.15 -19.54 -45.94
CA LEU U 41 22.45 -20.12 -47.08
C LEU U 41 23.30 -21.17 -47.81
N GLY U 42 22.77 -22.39 -47.94
CA GLY U 42 23.47 -23.49 -48.59
C GLY U 42 24.69 -23.99 -47.83
N SER U 43 25.51 -24.83 -48.49
CA SER U 43 26.78 -25.28 -47.92
C SER U 43 27.87 -24.23 -48.13
N GLY U 44 28.81 -24.15 -47.17
CA GLY U 44 30.06 -23.42 -47.36
C GLY U 44 31.20 -24.38 -47.75
N THR U 45 32.43 -23.85 -47.81
CA THR U 45 33.60 -24.66 -48.11
C THR U 45 34.78 -24.29 -47.20
N ILE U 46 35.65 -25.29 -46.94
CA ILE U 46 36.95 -25.11 -46.29
C ILE U 46 38.04 -25.40 -47.34
N THR U 47 39.07 -24.54 -47.40
CA THR U 47 40.21 -24.72 -48.28
C THR U 47 41.49 -24.49 -47.48
N ASN U 48 42.51 -25.33 -47.73
CA ASN U 48 43.83 -25.19 -47.11
C ASN U 48 44.53 -23.93 -47.64
N SER U 49 44.83 -22.96 -46.75
CA SER U 49 45.59 -21.76 -47.09
C SER U 49 47.07 -21.88 -46.69
N THR U 50 47.42 -22.91 -45.90
CA THR U 50 48.77 -23.11 -45.36
C THR U 50 49.81 -23.21 -46.48
N ALA U 51 50.99 -22.59 -46.25
CA ALA U 51 52.06 -22.52 -47.24
C ALA U 51 53.45 -22.63 -46.63
N SER U 52 54.43 -23.09 -47.44
CA SER U 52 55.87 -22.97 -47.21
C SER U 52 56.35 -23.62 -45.89
N GLY U 53 55.67 -24.67 -45.43
CA GLY U 53 56.02 -25.38 -44.20
C GLY U 53 55.94 -24.52 -42.93
N SER U 54 55.04 -23.52 -42.95
CA SER U 54 54.83 -22.57 -41.85
C SER U 54 54.39 -23.27 -40.56
N SER U 55 54.66 -22.63 -39.42
CA SER U 55 54.43 -23.16 -38.08
C SER U 55 52.94 -23.28 -37.72
N ARG U 56 52.07 -22.48 -38.37
CA ARG U 56 50.62 -22.46 -38.16
C ARG U 56 49.87 -22.83 -39.45
N THR U 57 48.95 -23.80 -39.35
CA THR U 57 48.03 -24.12 -40.45
C THR U 57 46.89 -23.11 -40.48
N ILE U 58 46.54 -22.62 -41.68
CA ILE U 58 45.49 -21.63 -41.89
C ILE U 58 44.51 -22.18 -42.92
N TYR U 59 43.20 -22.02 -42.66
CA TYR U 59 42.18 -22.57 -43.53
C TYR U 59 41.28 -21.44 -44.04
N ASN U 60 40.50 -21.71 -45.10
CA ASN U 60 39.66 -20.69 -45.71
C ASN U 60 38.20 -21.13 -45.66
N ILE U 61 37.37 -20.35 -44.95
CA ILE U 61 35.94 -20.64 -44.81
C ILE U 61 35.15 -19.65 -45.67
N THR U 62 34.70 -20.10 -46.84
CA THR U 62 33.81 -19.33 -47.70
C THR U 62 32.36 -19.79 -47.50
N ILE U 63 31.43 -18.86 -47.30
CA ILE U 63 30.03 -19.21 -47.08
C ILE U 63 29.10 -18.07 -47.51
N THR U 64 27.84 -18.37 -47.86
CA THR U 64 26.87 -17.36 -48.29
C THR U 64 25.98 -16.96 -47.12
N VAL U 65 25.83 -15.64 -46.91
CA VAL U 65 25.28 -15.09 -45.68
C VAL U 65 24.30 -13.97 -46.01
N LYS U 66 23.15 -13.95 -45.32
CA LYS U 66 22.11 -12.95 -45.54
C LYS U 66 21.78 -12.26 -44.20
N ASN U 67 22.06 -10.96 -44.10
CA ASN U 67 21.72 -10.20 -42.92
C ASN U 67 20.32 -9.62 -43.10
N THR U 68 19.33 -10.13 -42.34
CA THR U 68 17.95 -9.66 -42.44
C THR U 68 17.64 -8.53 -41.45
N GLY U 69 18.57 -8.19 -40.56
CA GLY U 69 18.39 -7.09 -39.61
C GLY U 69 18.63 -5.71 -40.22
N THR U 70 18.52 -4.68 -39.37
CA THR U 70 18.64 -3.28 -39.75
C THR U 70 20.01 -2.68 -39.42
N THR U 71 20.97 -3.52 -38.95
CA THR U 71 22.30 -3.08 -38.52
C THR U 71 23.40 -3.98 -39.08
N SER U 72 24.59 -3.41 -39.28
CA SER U 72 25.77 -4.17 -39.68
C SER U 72 26.24 -5.08 -38.55
N ILE U 73 26.69 -6.30 -38.91
CA ILE U 73 27.05 -7.37 -37.97
C ILE U 73 28.36 -8.01 -38.44
N SER U 74 29.11 -8.68 -37.55
CA SER U 74 30.35 -9.35 -37.92
C SER U 74 30.44 -10.75 -37.31
N VAL U 75 31.27 -11.63 -37.90
CA VAL U 75 31.60 -12.92 -37.30
C VAL U 75 32.55 -12.70 -36.13
N THR U 76 32.54 -13.63 -35.16
CA THR U 76 33.40 -13.51 -33.99
C THR U 76 34.11 -14.82 -33.64
N SER U 77 33.55 -15.96 -34.04
CA SER U 77 34.14 -17.28 -33.82
C SER U 77 33.53 -18.29 -34.78
N ILE U 78 34.24 -19.40 -35.01
CA ILE U 78 33.68 -20.57 -35.63
C ILE U 78 34.14 -21.82 -34.88
N ASN U 79 33.23 -22.80 -34.75
CA ASN U 79 33.53 -24.11 -34.21
C ASN U 79 33.28 -25.12 -35.34
N ILE U 80 34.23 -26.01 -35.66
CA ILE U 80 34.08 -26.95 -36.77
C ILE U 80 34.37 -28.36 -36.25
N ASN U 81 33.47 -29.32 -36.50
CA ASN U 81 33.67 -30.70 -36.08
C ASN U 81 34.00 -30.79 -34.58
N GLY U 82 33.34 -29.95 -33.77
CA GLY U 82 33.50 -29.88 -32.33
C GLY U 82 34.74 -29.11 -31.82
N GLN U 83 35.62 -28.65 -32.72
CA GLN U 83 36.87 -27.99 -32.38
C GLN U 83 36.76 -26.48 -32.57
N PRO U 84 37.23 -25.66 -31.60
CA PRO U 84 37.23 -24.21 -31.77
C PRO U 84 38.35 -23.69 -32.67
N PHE U 85 38.02 -22.68 -33.49
CA PHE U 85 38.97 -21.99 -34.35
C PHE U 85 38.95 -20.48 -34.09
N ASN U 86 40.12 -19.84 -34.16
CA ASN U 86 40.23 -18.40 -34.10
C ASN U 86 40.15 -17.81 -35.51
N ILE U 87 39.49 -16.65 -35.67
CA ILE U 87 39.46 -15.98 -36.97
C ILE U 87 40.68 -15.07 -37.09
N ASN U 88 41.78 -15.57 -37.68
CA ASN U 88 42.98 -14.76 -37.87
C ASN U 88 42.66 -13.61 -38.83
N GLY U 89 43.20 -12.41 -38.54
CA GLY U 89 42.97 -11.21 -39.34
C GLY U 89 41.58 -10.63 -39.10
N THR U 90 41.39 -9.36 -39.47
CA THR U 90 40.09 -8.69 -39.32
C THR U 90 38.93 -9.62 -39.67
N ALA U 91 37.96 -9.71 -38.75
CA ALA U 91 36.72 -10.46 -38.98
C ALA U 91 35.84 -9.73 -39.98
N PRO U 92 35.26 -10.40 -41.01
CA PRO U 92 34.41 -9.72 -41.98
C PRO U 92 33.05 -9.35 -41.41
N SER U 93 32.40 -8.41 -42.09
CA SER U 93 31.17 -7.79 -41.62
C SER U 93 30.15 -7.69 -42.74
N ILE U 94 28.88 -7.94 -42.41
CA ILE U 94 27.78 -8.03 -43.36
C ILE U 94 26.87 -6.83 -43.14
N PRO U 95 26.72 -5.91 -44.13
CA PRO U 95 25.81 -4.76 -43.99
C PRO U 95 24.35 -5.19 -43.84
N ALA U 96 23.53 -4.28 -43.30
CA ALA U 96 22.10 -4.51 -43.13
C ALA U 96 21.42 -4.87 -44.46
N GLY U 97 20.43 -5.78 -44.40
CA GLY U 97 19.58 -6.14 -45.53
C GLY U 97 20.26 -6.81 -46.73
N ARG U 98 21.53 -7.22 -46.60
CA ARG U 98 22.33 -7.65 -47.74
C ARG U 98 22.62 -9.16 -47.73
N THR U 99 22.63 -9.77 -48.93
CA THR U 99 23.10 -11.14 -49.14
C THR U 99 24.47 -11.10 -49.81
N GLN U 100 25.44 -11.86 -49.27
CA GLN U 100 26.82 -11.87 -49.79
C GLN U 100 27.44 -13.24 -49.65
N PRO U 101 28.33 -13.65 -50.57
CA PRO U 101 29.35 -14.63 -50.23
C PRO U 101 30.43 -13.89 -49.42
N ILE U 102 30.80 -14.46 -48.26
CA ILE U 102 31.91 -13.94 -47.46
C ILE U 102 33.01 -14.99 -47.36
N THR U 103 34.26 -14.54 -47.24
CA THR U 103 35.41 -15.41 -47.04
C THR U 103 36.25 -14.86 -45.88
N PHE U 104 36.74 -15.76 -45.03
CA PHE U 104 37.65 -15.38 -43.95
C PHE U 104 38.61 -16.52 -43.64
N GLU U 105 39.77 -16.18 -43.06
CA GLU U 105 40.77 -17.15 -42.69
C GLU U 105 40.69 -17.51 -41.21
N VAL U 106 40.98 -18.78 -40.90
CA VAL U 106 40.90 -19.30 -39.54
C VAL U 106 42.09 -20.20 -39.21
N THR U 107 42.41 -20.31 -37.92
CA THR U 107 43.42 -21.23 -37.41
C THR U 107 42.84 -22.01 -36.23
N PRO U 108 43.17 -23.31 -36.04
CA PRO U 108 42.74 -24.06 -34.86
C PRO U 108 43.25 -23.41 -33.58
N ALA U 109 42.41 -23.41 -32.53
CA ALA U 109 42.81 -22.86 -31.24
C ALA U 109 43.74 -23.81 -30.47
N SER U 110 43.52 -25.13 -30.63
CA SER U 110 44.35 -26.19 -30.07
C SER U 110 44.22 -27.47 -30.91
N GLY U 111 45.22 -28.36 -30.82
CA GLY U 111 45.25 -29.59 -31.60
C GLY U 111 45.44 -29.36 -33.11
N LYS U 112 45.03 -30.33 -33.94
CA LYS U 112 45.01 -30.19 -35.39
C LYS U 112 43.71 -30.77 -35.97
N PRO U 113 43.16 -30.20 -37.07
CA PRO U 113 42.06 -30.83 -37.79
C PRO U 113 42.54 -32.08 -38.54
N ASN U 114 41.57 -32.92 -38.92
CA ASN U 114 41.80 -34.11 -39.72
C ASN U 114 40.79 -34.20 -40.85
N PHE U 115 40.63 -33.08 -41.58
CA PHE U 115 39.72 -33.00 -42.72
C PHE U 115 40.15 -33.94 -43.85
N SER U 116 39.16 -34.36 -44.67
CA SER U 116 39.36 -35.27 -45.80
C SER U 116 38.71 -34.69 -47.04
N PRO U 117 39.35 -34.69 -48.24
CA PRO U 117 38.76 -34.12 -49.44
C PRO U 117 37.36 -34.63 -49.76
N GLY U 118 36.44 -33.69 -49.97
CA GLY U 118 35.05 -33.99 -50.30
C GLY U 118 34.16 -34.36 -49.11
N ALA U 119 34.74 -34.54 -47.91
CA ALA U 119 33.94 -34.79 -46.72
C ALA U 119 33.23 -33.51 -46.24
N SER U 120 32.06 -33.68 -45.61
CA SER U 120 31.24 -32.58 -45.11
C SER U 120 31.23 -32.55 -43.58
N TYR U 121 31.57 -31.40 -43.01
CA TYR U 121 31.70 -31.17 -41.57
C TYR U 121 30.62 -30.18 -41.12
N THR U 122 29.96 -30.49 -39.99
CA THR U 122 29.08 -29.51 -39.36
C THR U 122 29.91 -28.46 -38.64
N ALA U 123 29.47 -27.20 -38.73
CA ALA U 123 30.15 -26.06 -38.15
C ALA U 123 29.12 -25.14 -37.49
N THR U 124 29.55 -24.29 -36.56
CA THR U 124 28.68 -23.26 -36.01
C THR U 124 29.41 -21.94 -36.09
N ILE U 125 28.80 -20.91 -36.71
CA ILE U 125 29.38 -19.58 -36.80
C ILE U 125 28.69 -18.70 -35.76
N TYR U 126 29.46 -17.95 -34.98
CA TYR U 126 28.94 -17.05 -33.96
C TYR U 126 29.15 -15.60 -34.38
N PHE U 127 28.06 -14.83 -34.39
CA PHE U 127 28.07 -13.43 -34.81
C PHE U 127 28.14 -12.50 -33.59
N SER U 128 28.40 -11.21 -33.84
CA SER U 128 28.54 -10.19 -32.80
C SER U 128 27.29 -10.05 -31.90
N ASN U 129 26.13 -10.49 -32.40
CA ASN U 129 24.89 -10.57 -31.66
C ASN U 129 24.93 -11.54 -30.46
N GLY U 130 25.88 -12.48 -30.46
CA GLY U 130 25.79 -13.65 -29.59
C GLY U 130 24.99 -14.80 -30.22
N GLN U 131 24.10 -14.46 -31.17
CA GLN U 131 23.40 -15.42 -32.02
C GLN U 131 24.40 -16.25 -32.83
N GLY U 132 24.17 -17.56 -32.90
CA GLY U 132 24.97 -18.47 -33.71
C GLY U 132 24.10 -19.25 -34.69
N ALA U 133 24.72 -19.74 -35.78
CA ALA U 133 24.01 -20.47 -36.82
C ALA U 133 24.74 -21.75 -37.16
N PRO U 134 24.07 -22.93 -37.16
CA PRO U 134 24.68 -24.16 -37.65
C PRO U 134 24.80 -24.13 -39.17
N ALA U 135 25.89 -24.71 -39.68
CA ALA U 135 26.23 -24.72 -41.10
C ALA U 135 26.89 -26.05 -41.47
N THR U 136 26.90 -26.37 -42.77
CA THR U 136 27.66 -27.50 -43.28
C THR U 136 28.75 -26.98 -44.21
N LEU U 137 29.99 -27.42 -43.99
CA LEU U 137 31.14 -27.03 -44.80
C LEU U 137 31.70 -28.26 -45.50
N ILE U 138 32.01 -28.16 -46.80
CA ILE U 138 32.65 -29.25 -47.52
C ILE U 138 34.14 -28.91 -47.67
N TYR U 139 35.02 -29.82 -47.25
CA TYR U 139 36.46 -29.60 -47.38
C TYR U 139 36.91 -29.87 -48.82
N GLN U 140 37.45 -28.84 -49.49
CA GLN U 140 37.79 -28.93 -50.91
C GLN U 140 39.18 -29.53 -51.13
N GLY U 141 40.16 -29.10 -50.32
CA GLY U 141 41.56 -29.49 -50.45
C GLY U 141 42.51 -28.34 -50.15
N LEU V 1 -3.18 2.74 3.06
CA LEU V 1 -3.92 2.92 1.79
C LEU V 1 -2.96 2.73 0.61
N SER V 2 -1.80 3.40 0.60
CA SER V 2 -0.80 3.43 -0.46
C SER V 2 -0.54 2.06 -1.11
N GLY V 3 -0.26 1.04 -0.29
CA GLY V 3 0.11 -0.31 -0.73
C GLY V 3 -0.91 -0.95 -1.69
N ALA V 4 -2.20 -0.76 -1.42
CA ALA V 4 -3.29 -1.35 -2.19
C ALA V 4 -3.49 -0.62 -3.53
N ILE V 5 -3.36 0.71 -3.55
CA ILE V 5 -3.46 1.49 -4.78
C ILE V 5 -2.31 1.14 -5.73
N VAL V 6 -1.08 1.03 -5.21
CA VAL V 6 0.07 0.60 -5.99
C VAL V 6 -0.12 -0.83 -6.52
N ALA V 7 -0.62 -1.75 -5.68
CA ALA V 7 -0.91 -3.12 -6.08
C ALA V 7 -1.90 -3.15 -7.24
N LEU V 8 -2.94 -2.31 -7.20
CA LEU V 8 -3.94 -2.22 -8.25
C LEU V 8 -3.38 -1.66 -9.56
N ILE V 9 -2.53 -0.61 -9.50
CA ILE V 9 -1.88 -0.06 -10.69
C ILE V 9 -1.05 -1.13 -11.40
N LEU V 10 -0.27 -1.92 -10.65
CA LEU V 10 0.59 -2.93 -11.23
C LEU V 10 -0.19 -4.15 -11.73
N VAL V 11 -1.42 -4.41 -11.23
CA VAL V 11 -2.31 -5.39 -11.83
C VAL V 11 -2.78 -4.89 -13.20
N ILE V 12 -3.35 -3.68 -13.27
CA ILE V 12 -3.88 -3.13 -14.51
C ILE V 12 -2.77 -3.00 -15.57
N ALA V 13 -1.60 -2.47 -15.18
CA ALA V 13 -0.44 -2.38 -16.07
C ALA V 13 0.05 -3.74 -16.54
N GLY V 14 0.02 -4.75 -15.65
CA GLY V 14 0.36 -6.12 -15.98
C GLY V 14 -0.56 -6.71 -17.07
N VAL V 15 -1.87 -6.50 -16.94
CA VAL V 15 -2.85 -6.90 -17.94
C VAL V 15 -2.54 -6.24 -19.30
N ILE V 16 -2.29 -4.94 -19.30
CA ILE V 16 -2.01 -4.17 -20.51
C ILE V 16 -0.78 -4.71 -21.24
N ILE V 17 0.35 -4.87 -20.53
CA ILE V 17 1.60 -5.31 -21.13
C ILE V 17 1.52 -6.77 -21.57
N ALA V 18 0.85 -7.63 -20.81
CA ALA V 18 0.65 -9.02 -21.19
C ALA V 18 -0.20 -9.16 -22.46
N ILE V 19 -1.32 -8.43 -22.55
CA ILE V 19 -2.16 -8.46 -23.75
C ILE V 19 -1.41 -7.90 -24.96
N ALA V 20 -0.60 -6.84 -24.80
CA ALA V 20 0.22 -6.30 -25.87
C ALA V 20 1.17 -7.36 -26.46
N VAL V 21 1.79 -8.20 -25.63
CA VAL V 21 2.68 -9.26 -26.07
C VAL V 21 1.91 -10.41 -26.75
N VAL V 22 0.70 -10.73 -26.28
CA VAL V 22 -0.14 -11.73 -26.93
C VAL V 22 -0.58 -11.29 -28.32
N LEU V 23 -1.00 -10.02 -28.46
CA LEU V 23 -1.32 -9.44 -29.76
C LEU V 23 -0.11 -9.41 -30.69
N PHE V 24 1.08 -9.12 -30.15
CA PHE V 24 2.32 -9.19 -30.91
C PHE V 24 2.57 -10.60 -31.46
N ALA V 25 2.41 -11.64 -30.62
CA ALA V 25 2.58 -13.02 -31.05
C ALA V 25 1.62 -13.41 -32.19
N PHE V 26 0.34 -13.02 -32.12
CA PHE V 26 -0.58 -13.20 -33.25
C PHE V 26 -0.16 -12.42 -34.50
N GLY V 27 0.56 -11.30 -34.34
CA GLY V 27 1.07 -10.51 -35.46
C GLY V 27 2.26 -11.13 -36.20
N LEU V 28 2.97 -12.09 -35.60
CA LEU V 28 4.09 -12.78 -36.25
C LEU V 28 3.62 -13.82 -37.26
N ILE V 29 2.44 -14.41 -37.05
CA ILE V 29 2.00 -15.60 -37.77
C ILE V 29 2.04 -15.42 -39.30
N PRO V 30 1.59 -14.29 -39.91
CA PRO V 30 1.66 -14.10 -41.36
C PRO V 30 3.07 -14.10 -41.94
N GLY V 31 4.07 -13.63 -41.18
CA GLY V 31 5.45 -13.57 -41.65
C GLY V 31 6.13 -14.94 -41.65
N ILE V 32 5.94 -15.70 -40.55
CA ILE V 32 6.60 -16.97 -40.34
C ILE V 32 5.93 -18.12 -41.08
N SER V 33 4.60 -18.03 -41.31
CA SER V 33 3.84 -19.09 -41.97
C SER V 33 3.51 -18.68 -43.40
N ASN V 34 4.00 -19.48 -44.35
CA ASN V 34 4.07 -19.08 -45.74
C ASN V 34 4.17 -20.37 -46.54
N GLN V 35 3.04 -20.88 -47.03
CA GLN V 35 3.03 -22.14 -47.75
C GLN V 35 3.49 -21.93 -49.20
N GLY V 36 3.86 -23.03 -49.85
CA GLY V 36 4.28 -22.94 -51.23
C GLY V 36 5.74 -22.52 -51.36
N SER V 37 6.33 -22.96 -52.47
CA SER V 37 7.76 -23.06 -52.65
C SER V 37 8.05 -23.17 -54.14
N ILE V 38 9.34 -23.08 -54.50
CA ILE V 38 9.73 -23.52 -55.82
C ILE V 38 9.94 -25.03 -55.81
N GLN V 39 9.30 -25.69 -56.80
CA GLN V 39 9.40 -27.12 -57.06
C GLN V 39 10.13 -27.35 -58.39
N VAL V 40 10.98 -28.37 -58.42
CA VAL V 40 11.77 -28.69 -59.61
C VAL V 40 11.21 -29.99 -60.22
N LEU V 41 10.85 -29.94 -61.52
CA LEU V 41 10.11 -31.02 -62.16
C LEU V 41 10.95 -31.77 -63.20
N GLY V 42 11.05 -33.10 -63.04
CA GLY V 42 11.84 -33.95 -63.92
C GLY V 42 13.34 -33.71 -63.84
N SER V 43 14.10 -34.27 -64.80
CA SER V 43 15.53 -34.02 -64.92
C SER V 43 15.80 -32.70 -65.64
N GLY V 44 16.89 -32.02 -65.27
CA GLY V 44 17.44 -30.92 -66.05
C GLY V 44 18.61 -31.39 -66.92
N THR V 45 19.28 -30.45 -67.57
CA THR V 45 20.45 -30.75 -68.39
C THR V 45 21.58 -29.74 -68.17
N ILE V 46 22.84 -30.21 -68.35
CA ILE V 46 24.02 -29.36 -68.43
C ILE V 46 24.57 -29.43 -69.85
N THR V 47 24.93 -28.27 -70.41
CA THR V 47 25.53 -28.17 -71.74
C THR V 47 26.76 -27.25 -71.67
N ASN V 48 27.83 -27.65 -72.36
CA ASN V 48 29.05 -26.85 -72.46
C ASN V 48 28.78 -25.58 -73.29
N SER V 49 28.93 -24.39 -72.66
CA SER V 49 28.82 -23.11 -73.35
C SER V 49 30.19 -22.51 -73.71
N THR V 50 31.28 -23.09 -73.18
CA THR V 50 32.64 -22.60 -73.36
C THR V 50 33.04 -22.53 -74.84
N ALA V 51 33.75 -21.45 -75.22
CA ALA V 51 34.13 -21.21 -76.61
C ALA V 51 35.52 -20.58 -76.75
N SER V 52 36.15 -20.79 -77.92
CA SER V 52 37.31 -20.05 -78.41
C SER V 52 38.55 -20.10 -77.48
N GLY V 53 38.70 -21.21 -76.73
CA GLY V 53 39.83 -21.39 -75.83
C GLY V 53 39.88 -20.37 -74.69
N SER V 54 38.71 -19.84 -74.29
CA SER V 54 38.57 -18.84 -73.23
C SER V 54 39.10 -19.33 -71.88
N SER V 55 39.49 -18.37 -71.02
CA SER V 55 40.12 -18.62 -69.73
C SER V 55 39.18 -19.24 -68.69
N ARG V 56 37.86 -19.03 -68.85
CA ARG V 56 36.82 -19.55 -67.96
C ARG V 56 35.87 -20.49 -68.72
N THR V 57 35.64 -21.70 -68.17
CA THR V 57 34.62 -22.61 -68.68
C THR V 57 33.25 -22.19 -68.17
N ILE V 58 32.24 -22.20 -69.07
CA ILE V 58 30.88 -21.78 -68.76
C ILE V 58 29.93 -22.91 -69.17
N TYR V 59 28.96 -23.23 -68.31
CA TYR V 59 28.05 -24.35 -68.57
C TYR V 59 26.60 -23.83 -68.59
N ASN V 60 25.69 -24.64 -69.14
CA ASN V 60 24.30 -24.24 -69.28
C ASN V 60 23.40 -25.19 -68.52
N ILE V 61 22.68 -24.68 -67.52
CA ILE V 61 21.77 -25.48 -66.70
C ILE V 61 20.33 -25.13 -67.08
N THR V 62 19.70 -26.00 -67.88
CA THR V 62 18.28 -25.86 -68.21
C THR V 62 17.46 -26.82 -67.34
N ILE V 63 16.38 -26.32 -66.73
CA ILE V 63 15.55 -27.15 -65.86
C ILE V 63 14.12 -26.61 -65.79
N THR V 64 13.13 -27.49 -65.48
CA THR V 64 11.72 -27.07 -65.40
C THR V 64 11.34 -26.80 -63.95
N VAL V 65 10.70 -25.65 -63.72
CA VAL V 65 10.52 -25.09 -62.38
C VAL V 65 9.09 -24.58 -62.22
N LYS V 66 8.48 -24.86 -61.06
CA LYS V 66 7.12 -24.45 -60.76
C LYS V 66 7.09 -23.66 -59.44
N ASN V 67 6.76 -22.37 -59.51
CA ASN V 67 6.63 -21.55 -58.32
C ASN V 67 5.20 -21.64 -57.80
N THR V 68 4.99 -22.32 -56.67
CA THR V 68 3.66 -22.48 -56.08
C THR V 68 3.29 -21.37 -55.09
N GLY V 69 4.24 -20.48 -54.76
CA GLY V 69 3.99 -19.37 -53.85
C GLY V 69 3.26 -18.20 -54.53
N THR V 70 3.06 -17.13 -53.74
CA THR V 70 2.33 -15.93 -54.16
C THR V 70 3.26 -14.77 -54.54
N THR V 71 4.58 -15.01 -54.58
CA THR V 71 5.58 -13.99 -54.86
C THR V 71 6.63 -14.46 -55.87
N SER V 72 7.20 -13.53 -56.63
CA SER V 72 8.30 -13.81 -57.54
C SER V 72 9.57 -14.16 -56.77
N ILE V 73 10.34 -15.14 -57.27
CA ILE V 73 11.52 -15.72 -56.62
C ILE V 73 12.63 -15.86 -57.65
N SER V 74 13.91 -15.94 -57.22
CA SER V 74 15.04 -16.11 -58.14
C SER V 74 16.03 -17.17 -57.63
N VAL V 75 16.82 -17.75 -58.53
CA VAL V 75 17.93 -18.61 -58.15
C VAL V 75 19.07 -17.75 -57.58
N THR V 76 19.90 -18.34 -56.71
CA THR V 76 21.01 -17.61 -56.11
C THR V 76 22.33 -18.40 -56.13
N SER V 77 22.25 -19.74 -56.19
CA SER V 77 23.42 -20.60 -56.26
C SER V 77 23.03 -21.98 -56.79
N ILE V 78 24.00 -22.72 -57.33
CA ILE V 78 23.85 -24.14 -57.57
C ILE V 78 25.10 -24.87 -57.12
N ASN V 79 24.91 -26.07 -56.56
CA ASN V 79 26.00 -26.97 -56.21
C ASN V 79 25.80 -28.24 -57.06
N ILE V 80 26.83 -28.71 -57.78
CA ILE V 80 26.68 -29.87 -58.67
C ILE V 80 27.78 -30.88 -58.34
N ASN V 81 27.43 -32.15 -58.10
CA ASN V 81 28.41 -33.19 -57.82
C ASN V 81 29.33 -32.77 -56.65
N GLY V 82 28.76 -32.10 -55.65
CA GLY V 82 29.48 -31.63 -54.46
C GLY V 82 30.28 -30.34 -54.63
N GLN V 83 30.37 -29.79 -55.85
CA GLN V 83 31.18 -28.62 -56.17
C GLN V 83 30.30 -27.37 -56.30
N PRO V 84 30.69 -26.22 -55.69
CA PRO V 84 29.93 -24.98 -55.87
C PRO V 84 30.18 -24.29 -57.20
N PHE V 85 29.11 -23.72 -57.77
CA PHE V 85 29.17 -22.93 -59.00
C PHE V 85 28.55 -21.56 -58.78
N ASN V 86 29.12 -20.53 -59.42
CA ASN V 86 28.56 -19.19 -59.44
C ASN V 86 27.62 -19.05 -60.64
N ILE V 87 26.51 -18.34 -60.48
CA ILE V 87 25.62 -18.06 -61.61
C ILE V 87 26.08 -16.80 -62.33
N ASN V 88 26.93 -16.94 -63.36
CA ASN V 88 27.39 -15.79 -64.13
C ASN V 88 26.21 -15.12 -64.82
N GLY V 89 26.18 -13.78 -64.85
CA GLY V 89 25.10 -13.00 -65.45
C GLY V 89 23.85 -13.00 -64.58
N THR V 90 22.95 -12.04 -64.83
CA THR V 90 21.70 -11.93 -64.09
C THR V 90 21.08 -13.30 -63.82
N ALA V 91 20.76 -13.55 -62.55
CA ALA V 91 20.06 -14.76 -62.13
C ALA V 91 18.60 -14.72 -62.60
N PRO V 92 18.04 -15.79 -63.20
CA PRO V 92 16.64 -15.78 -63.65
C PRO V 92 15.65 -15.87 -62.50
N SER V 93 14.43 -15.46 -62.79
CA SER V 93 13.39 -15.29 -61.79
C SER V 93 12.06 -15.88 -62.29
N ILE V 94 11.33 -16.54 -61.37
CA ILE V 94 10.13 -17.29 -61.68
C ILE V 94 8.94 -16.55 -61.06
N PRO V 95 7.98 -16.03 -61.86
CA PRO V 95 6.80 -15.35 -61.32
C PRO V 95 5.93 -16.28 -60.47
N ALA V 96 5.09 -15.70 -59.62
CA ALA V 96 4.16 -16.43 -58.77
C ALA V 96 3.24 -17.34 -59.60
N GLY V 97 2.93 -18.53 -59.06
CA GLY V 97 1.95 -19.46 -59.63
C GLY V 97 2.30 -20.06 -61.00
N ARG V 98 3.53 -19.88 -61.50
CA ARG V 98 3.87 -20.21 -62.87
C ARG V 98 4.82 -21.41 -62.99
N THR V 99 4.60 -22.24 -64.02
CA THR V 99 5.52 -23.31 -64.42
C THR V 99 6.28 -22.88 -65.67
N GLN V 100 7.62 -23.02 -65.66
CA GLN V 100 8.46 -22.61 -66.77
C GLN V 100 9.66 -23.54 -66.93
N PRO V 101 10.16 -23.77 -68.17
CA PRO V 101 11.55 -24.13 -68.34
C PRO V 101 12.38 -22.86 -68.17
N ILE V 102 13.42 -22.91 -67.33
CA ILE V 102 14.38 -21.81 -67.17
C ILE V 102 15.77 -22.28 -67.60
N THR V 103 16.57 -21.35 -68.11
CA THR V 103 17.97 -21.60 -68.47
C THR V 103 18.84 -20.51 -67.88
N PHE V 104 20.01 -20.89 -67.35
CA PHE V 104 20.98 -19.93 -66.86
C PHE V 104 22.40 -20.47 -67.03
N GLU V 105 23.38 -19.57 -67.09
CA GLU V 105 24.78 -19.93 -67.24
C GLU V 105 25.50 -19.93 -65.91
N VAL V 106 26.47 -20.86 -65.75
CA VAL V 106 27.21 -21.01 -64.51
C VAL V 106 28.70 -21.25 -64.79
N THR V 107 29.54 -20.91 -63.81
CA THR V 107 30.97 -21.20 -63.83
C THR V 107 31.38 -21.83 -62.51
N PRO V 108 32.32 -22.81 -62.49
CA PRO V 108 32.84 -23.37 -61.23
C PRO V 108 33.47 -22.28 -60.37
N ALA V 109 33.27 -22.37 -59.05
CA ALA V 109 33.86 -21.41 -58.12
C ALA V 109 35.35 -21.69 -57.88
N SER V 110 35.73 -22.97 -57.90
CA SER V 110 37.11 -23.45 -57.80
C SER V 110 37.26 -24.83 -58.45
N GLY V 111 38.49 -25.19 -58.84
CA GLY V 111 38.76 -26.44 -59.53
C GLY V 111 38.17 -26.52 -60.94
N LYS V 112 37.96 -27.75 -61.45
CA LYS V 112 37.25 -27.98 -62.71
C LYS V 112 36.28 -29.15 -62.57
N PRO V 113 35.12 -29.14 -63.28
CA PRO V 113 34.26 -30.32 -63.37
C PRO V 113 34.90 -31.41 -64.23
N ASN V 114 34.38 -32.63 -64.09
CA ASN V 114 34.78 -33.78 -64.88
C ASN V 114 33.56 -34.53 -65.39
N PHE V 115 32.60 -33.79 -65.95
CA PHE V 115 31.38 -34.36 -66.51
C PHE V 115 31.68 -35.28 -67.70
N SER V 116 30.77 -36.25 -67.93
CA SER V 116 30.88 -37.25 -68.99
C SER V 116 29.57 -37.30 -69.78
N PRO V 117 29.57 -37.32 -71.14
CA PRO V 117 28.34 -37.34 -71.91
C PRO V 117 27.36 -38.44 -71.51
N GLY V 118 26.12 -38.03 -71.25
CA GLY V 118 25.03 -38.93 -70.88
C GLY V 118 25.02 -39.33 -69.40
N ALA V 119 26.06 -38.97 -68.62
CA ALA V 119 26.06 -39.23 -67.19
C ALA V 119 25.11 -38.29 -66.44
N SER V 120 24.54 -38.75 -65.32
CA SER V 120 23.60 -37.99 -64.51
C SER V 120 24.22 -37.61 -63.16
N TYR V 121 24.18 -36.30 -62.85
CA TYR V 121 24.77 -35.72 -61.65
C TYR V 121 23.68 -35.16 -60.75
N THR V 122 23.78 -35.44 -59.44
CA THR V 122 22.90 -34.78 -58.48
C THR V 122 23.36 -33.34 -58.27
N ALA V 123 22.39 -32.44 -58.15
CA ALA V 123 22.63 -31.01 -57.98
C ALA V 123 21.66 -30.46 -56.94
N THR V 124 22.00 -29.31 -56.35
CA THR V 124 21.06 -28.62 -55.45
C THR V 124 20.99 -27.17 -55.89
N ILE V 125 19.76 -26.68 -56.15
CA ILE V 125 19.55 -25.28 -56.54
C ILE V 125 19.04 -24.53 -55.31
N TYR V 126 19.62 -23.36 -55.01
CA TYR V 126 19.21 -22.55 -53.88
C TYR V 126 18.53 -21.27 -54.37
N PHE V 127 17.32 -21.03 -53.85
CA PHE V 127 16.50 -19.90 -54.25
C PHE V 127 16.61 -18.76 -53.24
N SER V 128 16.11 -17.57 -53.59
CA SER V 128 16.18 -16.36 -52.77
C SER V 128 15.52 -16.53 -51.38
N ASN V 129 14.62 -17.51 -51.25
CA ASN V 129 14.00 -17.91 -49.98
C ASN V 129 15.00 -18.46 -48.95
N GLY V 130 16.17 -18.91 -49.40
CA GLY V 130 17.03 -19.77 -48.59
C GLY V 130 16.68 -21.25 -48.72
N GLN V 131 15.43 -21.55 -49.12
CA GLN V 131 14.97 -22.88 -49.52
C GLN V 131 15.80 -23.39 -50.70
N GLY V 132 16.21 -24.67 -50.62
CA GLY V 132 16.91 -25.33 -51.72
C GLY V 132 16.20 -26.62 -52.15
N ALA V 133 16.44 -27.06 -53.39
CA ALA V 133 15.78 -28.23 -53.95
C ALA V 133 16.82 -29.16 -54.58
N PRO V 134 16.84 -30.47 -54.23
CA PRO V 134 17.69 -31.42 -54.94
C PRO V 134 17.13 -31.71 -56.33
N ALA V 135 18.04 -31.91 -57.28
CA ALA V 135 17.71 -32.12 -58.69
C ALA V 135 18.69 -33.11 -59.31
N THR V 136 18.30 -33.71 -60.45
CA THR V 136 19.20 -34.52 -61.26
C THR V 136 19.41 -33.84 -62.60
N LEU V 137 20.68 -33.66 -63.00
CA LEU V 137 21.05 -33.05 -64.26
C LEU V 137 21.77 -34.08 -65.13
N ILE V 138 21.41 -34.17 -66.42
CA ILE V 138 22.12 -35.05 -67.35
C ILE V 138 23.05 -34.19 -68.20
N TYR V 139 24.34 -34.54 -68.26
CA TYR V 139 25.29 -33.78 -69.06
C TYR V 139 25.16 -34.19 -70.53
N GLN V 140 24.82 -33.23 -71.40
CA GLN V 140 24.54 -33.50 -72.80
C GLN V 140 25.80 -33.53 -73.66
N GLY V 141 26.69 -32.55 -73.43
CA GLY V 141 27.91 -32.36 -74.22
C GLY V 141 28.22 -30.88 -74.43
N LEU W 1 0.63 -9.28 -6.22
CA LEU W 1 -0.58 -9.69 -6.99
C LEU W 1 -0.25 -9.76 -8.49
N SER W 2 0.33 -8.69 -9.07
CA SER W 2 0.63 -8.52 -10.49
C SER W 2 1.22 -9.78 -11.16
N GLY W 3 2.26 -10.37 -10.55
CA GLY W 3 2.98 -11.52 -11.10
C GLY W 3 2.10 -12.72 -11.45
N ALA W 4 1.12 -13.01 -10.58
CA ALA W 4 0.23 -14.15 -10.72
C ALA W 4 -0.83 -13.91 -11.81
N ILE W 5 -1.37 -12.69 -11.91
CA ILE W 5 -2.33 -12.33 -12.94
C ILE W 5 -1.67 -12.40 -14.32
N VAL W 6 -0.45 -11.88 -14.46
CA VAL W 6 0.32 -11.98 -15.70
C VAL W 6 0.62 -13.44 -16.05
N ALA W 7 1.01 -14.26 -15.06
CA ALA W 7 1.26 -15.68 -15.24
C ALA W 7 0.02 -16.39 -15.79
N LEU W 8 -1.16 -16.06 -15.26
CA LEU W 8 -2.43 -16.63 -15.70
C LEU W 8 -2.80 -16.22 -17.13
N ILE W 9 -2.62 -14.93 -17.49
CA ILE W 9 -2.86 -14.47 -18.85
C ILE W 9 -2.02 -15.24 -19.86
N LEU W 10 -0.73 -15.45 -19.58
CA LEU W 10 0.18 -16.13 -20.48
C LEU W 10 -0.08 -17.65 -20.53
N VAL W 11 -0.69 -18.25 -19.49
CA VAL W 11 -1.19 -19.62 -19.57
C VAL W 11 -2.35 -19.69 -20.55
N ILE W 12 -3.40 -18.87 -20.35
CA ILE W 12 -4.58 -18.89 -21.19
C ILE W 12 -4.23 -18.57 -22.65
N ALA W 13 -3.41 -17.54 -22.90
CA ALA W 13 -2.93 -17.21 -24.23
C ALA W 13 -2.11 -18.34 -24.85
N GLY W 14 -1.29 -19.02 -24.05
CA GLY W 14 -0.52 -20.18 -24.48
C GLY W 14 -1.41 -21.32 -24.98
N VAL W 15 -2.48 -21.63 -24.24
CA VAL W 15 -3.47 -22.62 -24.64
C VAL W 15 -4.11 -22.23 -25.98
N ILE W 16 -4.53 -20.97 -26.13
CA ILE W 16 -5.18 -20.47 -27.33
C ILE W 16 -4.28 -20.64 -28.55
N ILE W 17 -3.04 -20.15 -28.47
CA ILE W 17 -2.11 -20.17 -29.61
C ILE W 17 -1.68 -21.61 -29.93
N ALA W 18 -1.47 -22.45 -28.92
CA ALA W 18 -1.12 -23.85 -29.15
C ALA W 18 -2.26 -24.62 -29.84
N ILE W 19 -3.51 -24.46 -29.39
CA ILE W 19 -4.65 -25.10 -30.03
C ILE W 19 -4.85 -24.59 -31.46
N ALA W 20 -4.65 -23.29 -31.72
CA ALA W 20 -4.70 -22.74 -33.07
C ALA W 20 -3.73 -23.43 -34.03
N VAL W 21 -2.50 -23.72 -33.59
CA VAL W 21 -1.49 -24.41 -34.39
C VAL W 21 -1.85 -25.89 -34.59
N VAL W 22 -2.43 -26.56 -33.59
CA VAL W 22 -2.89 -27.94 -33.73
C VAL W 22 -4.03 -28.05 -34.75
N LEU W 23 -5.01 -27.14 -34.70
CA LEU W 23 -6.08 -27.06 -35.67
C LEU W 23 -5.54 -26.77 -37.08
N PHE W 24 -4.53 -25.90 -37.19
CA PHE W 24 -3.85 -25.64 -38.45
C PHE W 24 -3.22 -26.92 -39.03
N ALA W 25 -2.51 -27.71 -38.20
CA ALA W 25 -1.91 -28.96 -38.64
C ALA W 25 -2.96 -29.96 -39.17
N PHE W 26 -4.11 -30.12 -38.50
CA PHE W 26 -5.21 -30.91 -39.04
C PHE W 26 -5.78 -30.35 -40.34
N GLY W 27 -5.67 -29.04 -40.58
CA GLY W 27 -6.12 -28.39 -41.80
C GLY W 27 -5.22 -28.65 -43.03
N LEU W 28 -3.96 -29.07 -42.82
CA LEU W 28 -3.05 -29.38 -43.93
C LEU W 28 -3.36 -30.72 -44.58
N ILE W 29 -3.91 -31.67 -43.81
CA ILE W 29 -4.00 -33.07 -44.21
C ILE W 29 -4.69 -33.26 -45.56
N PRO W 30 -5.82 -32.59 -45.90
CA PRO W 30 -6.46 -32.74 -47.20
C PRO W 30 -5.61 -32.31 -48.41
N GLY W 31 -4.73 -31.32 -48.22
CA GLY W 31 -3.89 -30.83 -49.30
C GLY W 31 -2.71 -31.75 -49.60
N ILE W 32 -2.06 -32.23 -48.54
CA ILE W 32 -0.84 -33.04 -48.65
C ILE W 32 -1.14 -34.51 -48.95
N SER W 33 -2.30 -35.02 -48.52
CA SER W 33 -2.67 -36.41 -48.71
C SER W 33 -3.72 -36.53 -49.82
N ASN W 34 -3.37 -37.26 -50.88
CA ASN W 34 -4.09 -37.22 -52.13
C ASN W 34 -3.75 -38.50 -52.86
N GLN W 35 -4.61 -39.52 -52.73
CA GLN W 35 -4.34 -40.81 -53.36
C GLN W 35 -4.68 -40.78 -54.84
N GLY W 36 -4.16 -41.75 -55.57
CA GLY W 36 -4.46 -41.83 -57.00
C GLY W 36 -3.57 -40.90 -57.82
N SER W 37 -3.38 -41.32 -59.06
CA SER W 37 -2.29 -40.86 -59.91
C SER W 37 -2.64 -41.21 -61.35
N ILE W 38 -1.84 -40.68 -62.29
CA ILE W 38 -1.88 -41.23 -63.63
C ILE W 38 -1.01 -42.48 -63.71
N GLN W 39 -1.61 -43.55 -64.25
CA GLN W 39 -0.98 -44.83 -64.51
C GLN W 39 -0.86 -45.06 -66.01
N VAL W 40 0.27 -45.63 -66.45
CA VAL W 40 0.53 -45.88 -67.87
C VAL W 40 0.46 -47.39 -68.11
N LEU W 41 -0.39 -47.80 -69.07
CA LEU W 41 -0.74 -49.20 -69.26
C LEU W 41 -0.17 -49.77 -70.56
N GLY W 42 0.60 -50.87 -70.44
CA GLY W 42 1.23 -51.52 -71.58
C GLY W 42 2.32 -50.67 -72.26
N SER W 43 2.76 -51.09 -73.45
CA SER W 43 3.71 -50.33 -74.24
C SER W 43 3.00 -49.22 -75.02
N GLY W 44 3.70 -48.09 -75.23
CA GLY W 44 3.27 -47.08 -76.20
C GLY W 44 4.03 -47.24 -77.52
N THR W 45 3.84 -46.27 -78.44
CA THR W 45 4.55 -46.28 -79.71
C THR W 45 5.04 -44.87 -80.08
N ILE W 46 6.15 -44.82 -80.84
CA ILE W 46 6.65 -43.62 -81.48
C ILE W 46 6.49 -43.80 -83.00
N THR W 47 6.01 -42.76 -83.69
CA THR W 47 5.86 -42.74 -85.14
C THR W 47 6.42 -41.43 -85.68
N ASN W 48 7.15 -41.49 -86.80
CA ASN W 48 7.68 -40.32 -87.49
C ASN W 48 6.53 -39.50 -88.10
N SER W 49 6.35 -38.24 -87.64
CA SER W 49 5.38 -37.32 -88.20
C SER W 49 6.00 -36.33 -89.20
N THR W 50 7.36 -36.27 -89.24
CA THR W 50 8.11 -35.33 -90.08
C THR W 50 7.75 -35.47 -91.55
N ALA W 51 7.65 -34.32 -92.26
CA ALA W 51 7.23 -34.28 -93.65
C ALA W 51 7.97 -33.19 -94.45
N SER W 52 8.06 -33.40 -95.78
CA SER W 52 8.41 -32.40 -96.79
C SER W 52 9.78 -31.73 -96.57
N GLY W 53 10.74 -32.45 -95.98
CA GLY W 53 12.09 -31.95 -95.72
C GLY W 53 12.12 -30.74 -94.77
N SER W 54 11.13 -30.65 -93.86
CA SER W 54 11.00 -29.58 -92.88
C SER W 54 12.20 -29.48 -91.95
N SER W 55 12.42 -28.27 -91.40
CA SER W 55 13.57 -27.93 -90.57
C SER W 55 13.57 -28.61 -89.20
N ARG W 56 12.38 -29.00 -88.69
CA ARG W 56 12.19 -29.67 -87.40
C ARG W 56 11.58 -31.06 -87.59
N THR W 57 12.20 -32.09 -86.99
CA THR W 57 11.61 -33.43 -86.93
C THR W 57 10.57 -33.49 -85.84
N ILE W 58 9.40 -34.12 -86.13
CA ILE W 58 8.28 -34.23 -85.21
C ILE W 58 7.90 -35.71 -85.10
N TYR W 59 7.66 -36.19 -83.87
CA TYR W 59 7.37 -37.59 -83.63
C TYR W 59 6.00 -37.72 -82.96
N ASN W 60 5.43 -38.94 -82.98
CA ASN W 60 4.11 -39.17 -82.45
C ASN W 60 4.17 -40.21 -81.33
N ILE W 61 3.80 -39.80 -80.11
CA ILE W 61 3.81 -40.68 -78.94
C ILE W 61 2.37 -41.05 -78.58
N THR W 62 1.94 -42.25 -78.97
CA THR W 62 0.65 -42.79 -78.58
C THR W 62 0.82 -43.76 -77.41
N ILE W 63 0.00 -43.62 -76.36
CA ILE W 63 0.11 -44.47 -75.18
C ILE W 63 -1.23 -44.57 -74.43
N THR W 64 -1.45 -45.66 -73.68
CA THR W 64 -2.70 -45.85 -72.93
C THR W 64 -2.52 -45.41 -71.48
N VAL W 65 -3.46 -44.59 -70.98
CA VAL W 65 -3.29 -43.85 -69.75
C VAL W 65 -4.57 -43.95 -68.92
N LYS W 66 -4.42 -44.16 -67.60
CA LYS W 66 -5.54 -44.27 -66.67
C LYS W 66 -5.38 -43.28 -65.53
N ASN W 67 -6.28 -42.29 -65.44
CA ASN W 67 -6.26 -41.34 -64.36
C ASN W 67 -7.11 -41.88 -63.21
N THR W 68 -6.48 -42.29 -62.10
CA THR W 68 -7.19 -42.83 -60.94
C THR W 68 -7.58 -41.75 -59.91
N GLY W 69 -7.12 -40.51 -60.10
CA GLY W 69 -7.46 -39.41 -59.21
C GLY W 69 -8.85 -38.83 -59.45
N THR W 70 -9.18 -37.78 -58.68
CA THR W 70 -10.48 -37.12 -58.71
C THR W 70 -10.47 -35.81 -59.52
N THR W 71 -9.34 -35.50 -60.19
CA THR W 71 -9.17 -34.24 -60.93
C THR W 71 -8.56 -34.49 -62.31
N SER W 72 -8.88 -33.62 -63.27
CA SER W 72 -8.26 -33.65 -64.59
C SER W 72 -6.79 -33.25 -64.53
N ILE W 73 -5.94 -33.93 -65.33
CA ILE W 73 -4.49 -33.80 -65.31
C ILE W 73 -3.99 -33.73 -66.76
N SER W 74 -2.78 -33.18 -66.99
CA SER W 74 -2.20 -33.10 -68.34
C SER W 74 -0.73 -33.51 -68.34
N VAL W 75 -0.21 -33.92 -69.52
CA VAL W 75 1.22 -34.14 -69.70
C VAL W 75 1.93 -32.79 -69.77
N THR W 76 3.22 -32.77 -69.41
CA THR W 76 4.00 -31.53 -69.42
C THR W 76 5.37 -31.69 -70.06
N SER W 77 5.92 -32.92 -70.07
CA SER W 77 7.21 -33.23 -70.68
C SER W 77 7.32 -34.73 -70.93
N ILE W 78 8.20 -35.12 -71.86
CA ILE W 78 8.64 -36.50 -71.98
C ILE W 78 10.16 -36.53 -72.19
N ASN W 79 10.81 -37.52 -71.58
CA ASN W 79 12.21 -37.81 -71.79
C ASN W 79 12.29 -39.21 -72.40
N ILE W 80 13.01 -39.38 -73.54
CA ILE W 80 13.07 -40.68 -74.22
C ILE W 80 14.53 -41.04 -74.45
N ASN W 81 14.95 -42.25 -74.06
CA ASN W 81 16.33 -42.70 -74.27
C ASN W 81 17.34 -41.69 -73.70
N GLY W 82 17.01 -41.08 -72.56
CA GLY W 82 17.84 -40.10 -71.87
C GLY W 82 17.79 -38.67 -72.43
N GLN W 83 17.08 -38.43 -73.54
CA GLN W 83 17.03 -37.16 -74.23
C GLN W 83 15.70 -36.44 -73.94
N PRO W 84 15.73 -35.12 -73.62
CA PRO W 84 14.48 -34.36 -73.41
C PRO W 84 13.79 -33.98 -74.71
N PHE W 85 12.46 -34.04 -74.70
CA PHE W 85 11.61 -33.62 -75.82
C PHE W 85 10.58 -32.60 -75.34
N ASN W 86 10.28 -31.62 -76.20
CA ASN W 86 9.20 -30.66 -75.96
C ASN W 86 7.89 -31.21 -76.56
N ILE W 87 6.76 -30.98 -75.89
CA ILE W 87 5.47 -31.37 -76.46
C ILE W 87 4.93 -30.23 -77.33
N ASN W 88 5.22 -30.27 -78.64
CA ASN W 88 4.72 -29.24 -79.55
C ASN W 88 3.20 -29.29 -79.60
N GLY W 89 2.53 -28.13 -79.62
CA GLY W 89 1.08 -28.02 -79.64
C GLY W 89 0.47 -28.31 -78.28
N THR W 90 -0.78 -27.89 -78.08
CA THR W 90 -1.49 -28.13 -76.82
C THR W 90 -1.22 -29.52 -76.26
N ALA W 91 -0.81 -29.58 -74.99
CA ALA W 91 -0.61 -30.83 -74.27
C ALA W 91 -1.97 -31.48 -73.98
N PRO W 92 -2.15 -32.81 -74.22
CA PRO W 92 -3.44 -33.46 -73.95
C PRO W 92 -3.67 -33.67 -72.46
N SER W 93 -4.95 -33.86 -72.12
CA SER W 93 -5.41 -33.90 -70.74
C SER W 93 -6.37 -35.08 -70.53
N ILE W 94 -6.25 -35.74 -69.37
CA ILE W 94 -6.96 -36.96 -69.04
C ILE W 94 -7.97 -36.63 -67.94
N PRO W 95 -9.30 -36.76 -68.18
CA PRO W 95 -10.30 -36.51 -67.14
C PRO W 95 -10.18 -37.49 -65.97
N ALA W 96 -10.75 -37.09 -64.83
CA ALA W 96 -10.78 -37.92 -63.63
C ALA W 96 -11.41 -39.30 -63.89
N GLY W 97 -10.86 -40.34 -63.25
CA GLY W 97 -11.42 -41.69 -63.27
C GLY W 97 -11.45 -42.41 -64.62
N ARG W 98 -10.79 -41.88 -65.65
CA ARG W 98 -10.96 -42.36 -67.03
C ARG W 98 -9.70 -43.06 -67.56
N THR W 99 -9.92 -44.12 -68.36
CA THR W 99 -8.87 -44.79 -69.13
C THR W 99 -9.01 -44.39 -70.60
N GLN W 100 -7.90 -43.98 -71.23
CA GLN W 100 -7.91 -43.53 -72.62
C GLN W 100 -6.60 -43.91 -73.32
N PRO W 101 -6.64 -44.21 -74.64
CA PRO W 101 -5.46 -44.02 -75.47
C PRO W 101 -5.33 -42.51 -75.74
N ILE W 102 -4.15 -41.94 -75.51
CA ILE W 102 -3.86 -40.55 -75.85
C ILE W 102 -2.73 -40.50 -76.88
N THR W 103 -2.76 -39.47 -77.73
CA THR W 103 -1.71 -39.22 -78.72
C THR W 103 -1.29 -37.76 -78.63
N PHE W 104 0.02 -37.49 -78.73
CA PHE W 104 0.53 -36.13 -78.79
C PHE W 104 1.81 -36.08 -79.62
N GLU W 105 2.13 -34.90 -80.15
CA GLU W 105 3.32 -34.71 -80.96
C GLU W 105 4.44 -34.09 -80.13
N VAL W 106 5.69 -34.48 -80.45
CA VAL W 106 6.86 -34.02 -79.72
C VAL W 106 8.02 -33.70 -80.69
N THR W 107 8.93 -32.83 -80.24
CA THR W 107 10.16 -32.50 -80.95
C THR W 107 11.33 -32.59 -79.98
N PRO W 108 12.53 -33.06 -80.39
CA PRO W 108 13.72 -33.05 -79.55
C PRO W 108 14.07 -31.62 -79.11
N ALA W 109 14.50 -31.47 -77.84
CA ALA W 109 14.90 -30.17 -77.34
C ALA W 109 16.29 -29.76 -77.85
N SER W 110 17.19 -30.75 -78.02
CA SER W 110 18.52 -30.59 -78.59
C SER W 110 19.00 -31.89 -79.22
N GLY W 111 19.97 -31.81 -80.15
CA GLY W 111 20.48 -32.97 -80.87
C GLY W 111 19.47 -33.61 -81.81
N LYS W 112 19.66 -34.91 -82.15
CA LYS W 112 18.69 -35.69 -82.90
C LYS W 112 18.54 -37.09 -82.29
N PRO W 113 17.34 -37.72 -82.36
CA PRO W 113 17.17 -39.12 -82.01
C PRO W 113 17.82 -40.04 -83.05
N ASN W 114 18.05 -41.29 -82.65
CA ASN W 114 18.58 -42.33 -83.52
C ASN W 114 17.76 -43.61 -83.36
N PHE W 115 16.42 -43.47 -83.42
CA PHE W 115 15.51 -44.60 -83.31
C PHE W 115 15.68 -45.58 -84.47
N SER W 116 15.33 -46.85 -84.23
CA SER W 116 15.43 -47.95 -85.19
C SER W 116 14.09 -48.70 -85.24
N PRO W 117 13.54 -49.04 -86.44
CA PRO W 117 12.27 -49.75 -86.52
C PRO W 117 12.19 -51.01 -85.67
N GLY W 118 11.13 -51.10 -84.85
CA GLY W 118 10.89 -52.24 -83.98
C GLY W 118 11.69 -52.25 -82.68
N ALA W 119 12.64 -51.33 -82.51
CA ALA W 119 13.38 -51.21 -81.25
C ALA W 119 12.51 -50.59 -80.16
N SER W 120 12.77 -50.96 -78.89
CA SER W 120 12.01 -50.47 -77.73
C SER W 120 12.88 -49.56 -76.86
N TYR W 121 12.38 -48.36 -76.58
CA TYR W 121 13.07 -47.31 -75.84
C TYR W 121 12.34 -47.06 -74.52
N THR W 122 13.09 -46.95 -73.42
CA THR W 122 12.51 -46.49 -72.16
C THR W 122 12.28 -44.98 -72.22
N ALA W 123 11.15 -44.55 -71.66
CA ALA W 123 10.75 -43.16 -71.65
C ALA W 123 10.18 -42.80 -70.27
N THR W 124 10.14 -41.52 -69.93
CA THR W 124 9.48 -41.07 -68.72
C THR W 124 8.54 -39.93 -69.08
N ILE W 125 7.25 -40.03 -68.73
CA ILE W 125 6.27 -38.99 -68.98
C ILE W 125 6.04 -38.25 -67.67
N TYR W 126 6.08 -36.90 -67.70
CA TYR W 126 5.84 -36.08 -66.53
C TYR W 126 4.52 -35.35 -66.65
N PHE W 127 3.68 -35.50 -65.62
CA PHE W 127 2.34 -34.93 -65.59
C PHE W 127 2.33 -33.63 -64.77
N SER W 128 1.22 -32.87 -64.86
CA SER W 128 1.06 -31.58 -64.19
C SER W 128 1.22 -31.67 -62.65
N ASN W 129 1.02 -32.86 -62.09
CA ASN W 129 1.26 -33.17 -60.67
C ASN W 129 2.73 -33.00 -60.25
N GLY W 130 3.67 -33.02 -61.20
CA GLY W 130 5.08 -33.25 -60.89
C GLY W 130 5.44 -34.73 -60.82
N GLN W 131 4.44 -35.60 -60.56
CA GLN W 131 4.54 -37.05 -60.66
C GLN W 131 4.93 -37.45 -62.09
N GLY W 132 5.88 -38.39 -62.21
CA GLY W 132 6.27 -38.96 -63.48
C GLY W 132 6.12 -40.48 -63.49
N ALA W 133 5.98 -41.07 -64.69
CA ALA W 133 5.81 -42.51 -64.85
C ALA W 133 6.78 -43.05 -65.89
N PRO W 134 7.56 -44.12 -65.58
CA PRO W 134 8.37 -44.78 -66.60
C PRO W 134 7.49 -45.60 -67.54
N ALA W 135 7.88 -45.63 -68.81
CA ALA W 135 7.14 -46.28 -69.88
C ALA W 135 8.11 -46.92 -70.88
N THR W 136 7.61 -47.87 -71.68
CA THR W 136 8.35 -48.41 -72.82
C THR W 136 7.63 -48.05 -74.10
N LEU W 137 8.36 -47.48 -75.06
CA LEU W 137 7.82 -47.08 -76.36
C LEU W 137 8.50 -47.91 -77.45
N ILE W 138 7.72 -48.44 -78.41
CA ILE W 138 8.29 -49.15 -79.55
C ILE W 138 8.25 -48.21 -80.75
N TYR W 139 9.39 -48.01 -81.42
CA TYR W 139 9.44 -47.16 -82.60
C TYR W 139 8.91 -47.92 -83.82
N GLN W 140 7.83 -47.41 -84.42
CA GLN W 140 7.14 -48.11 -85.50
C GLN W 140 7.77 -47.81 -86.87
N GLY W 141 8.11 -46.54 -87.12
CA GLY W 141 8.62 -46.07 -88.40
C GLY W 141 8.09 -44.69 -88.76
N LEU X 1 5.24 -20.51 -15.99
CA LEU X 1 4.20 -21.55 -16.08
C LEU X 1 3.88 -21.84 -17.55
N SER X 2 3.57 -20.80 -18.35
CA SER X 2 3.13 -20.86 -19.75
C SER X 2 3.89 -21.90 -20.60
N GLY X 3 5.24 -21.85 -20.56
CA GLY X 3 6.11 -22.70 -21.37
C GLY X 3 5.84 -24.20 -21.23
N ALA X 4 5.58 -24.66 -20.00
CA ALA X 4 5.37 -26.06 -19.68
C ALA X 4 3.97 -26.53 -20.12
N ILE X 5 2.94 -25.70 -19.96
CA ILE X 5 1.59 -26.01 -20.41
C ILE X 5 1.55 -26.13 -21.93
N VAL X 6 2.21 -25.21 -22.65
CA VAL X 6 2.31 -25.29 -24.11
C VAL X 6 3.09 -26.54 -24.54
N ALA X 7 4.20 -26.85 -23.85
CA ALA X 7 4.98 -28.06 -24.12
C ALA X 7 4.12 -29.31 -23.98
N LEU X 8 3.27 -29.38 -22.95
CA LEU X 8 2.38 -30.50 -22.71
C LEU X 8 1.28 -30.62 -23.78
N ILE X 9 0.68 -29.51 -24.21
CA ILE X 9 -0.31 -29.51 -25.30
C ILE X 9 0.28 -30.10 -26.57
N LEU X 10 1.50 -29.68 -26.94
CA LEU X 10 2.13 -30.14 -28.16
C LEU X 10 2.64 -31.59 -28.06
N VAL X 11 2.87 -32.12 -26.86
CA VAL X 11 3.11 -33.56 -26.66
C VAL X 11 1.83 -34.33 -26.95
N ILE X 12 0.72 -33.98 -26.28
CA ILE X 12 -0.56 -34.66 -26.45
C ILE X 12 -1.05 -34.60 -27.90
N ALA X 13 -1.00 -33.41 -28.52
CA ALA X 13 -1.34 -33.23 -29.93
C ALA X 13 -0.43 -34.05 -30.86
N GLY X 14 0.86 -34.14 -30.53
CA GLY X 14 1.81 -34.95 -31.27
C GLY X 14 1.44 -36.44 -31.26
N VAL X 15 1.08 -36.97 -30.09
CA VAL X 15 0.60 -38.34 -29.94
C VAL X 15 -0.64 -38.57 -30.81
N ILE X 16 -1.62 -37.66 -30.76
CA ILE X 16 -2.87 -37.77 -31.50
C ILE X 16 -2.61 -37.84 -33.02
N ILE X 17 -1.84 -36.88 -33.55
CA ILE X 17 -1.58 -36.80 -34.99
C ILE X 17 -0.71 -37.97 -35.46
N ALA X 18 0.28 -38.40 -34.67
CA ALA X 18 1.10 -39.55 -35.00
C ALA X 18 0.28 -40.85 -35.05
N ILE X 19 -0.57 -41.10 -34.06
CA ILE X 19 -1.43 -42.28 -34.05
C ILE X 19 -2.43 -42.25 -35.22
N ALA X 20 -2.98 -41.09 -35.56
CA ALA X 20 -3.87 -40.95 -36.73
C ALA X 20 -3.19 -41.39 -38.03
N VAL X 21 -1.91 -41.05 -38.23
CA VAL X 21 -1.15 -41.44 -39.41
C VAL X 21 -0.80 -42.94 -39.39
N VAL X 22 -0.52 -43.53 -38.22
CA VAL X 22 -0.29 -44.97 -38.11
C VAL X 22 -1.56 -45.76 -38.44
N LEU X 23 -2.72 -45.34 -37.94
CA LEU X 23 -4.00 -45.95 -38.28
C LEU X 23 -4.30 -45.80 -39.78
N PHE X 24 -3.98 -44.65 -40.37
CA PHE X 24 -4.10 -44.44 -41.81
C PHE X 24 -3.26 -45.45 -42.60
N ALA X 25 -1.98 -45.67 -42.21
CA ALA X 25 -1.11 -46.64 -42.86
C ALA X 25 -1.68 -48.07 -42.80
N PHE X 26 -2.22 -48.51 -41.66
CA PHE X 26 -2.93 -49.79 -41.58
C PHE X 26 -4.18 -49.83 -42.47
N GLY X 27 -4.82 -48.68 -42.73
CA GLY X 27 -5.98 -48.58 -43.60
C GLY X 27 -5.68 -48.72 -45.10
N LEU X 28 -4.41 -48.55 -45.53
CA LEU X 28 -4.01 -48.71 -46.92
C LEU X 28 -3.91 -50.18 -47.34
N ILE X 29 -3.58 -51.06 -46.39
CA ILE X 29 -3.16 -52.43 -46.67
C ILE X 29 -4.18 -53.20 -47.52
N PRO X 30 -5.52 -53.14 -47.26
CA PRO X 30 -6.49 -53.84 -48.10
C PRO X 30 -6.54 -53.40 -49.57
N GLY X 31 -6.24 -52.12 -49.85
CA GLY X 31 -6.28 -51.60 -51.21
C GLY X 31 -5.05 -52.02 -52.02
N ILE X 32 -3.87 -51.93 -51.41
CA ILE X 32 -2.59 -52.18 -52.07
C ILE X 32 -2.28 -53.68 -52.18
N SER X 33 -2.76 -54.49 -51.22
CA SER X 33 -2.47 -55.92 -51.20
C SER X 33 -3.70 -56.70 -51.66
N ASN X 34 -3.52 -57.46 -52.74
CA ASN X 34 -4.63 -58.00 -53.50
C ASN X 34 -4.07 -59.19 -54.28
N GLN X 35 -4.21 -60.39 -53.74
CA GLN X 35 -3.67 -61.58 -54.38
C GLN X 35 -4.58 -62.05 -55.51
N GLY X 36 -4.03 -62.88 -56.40
CA GLY X 36 -4.83 -63.39 -57.49
C GLY X 36 -4.90 -62.42 -58.65
N SER X 37 -5.09 -63.00 -59.83
CA SER X 37 -4.81 -62.37 -61.10
C SER X 37 -5.52 -63.15 -62.20
N ILE X 38 -5.55 -62.59 -63.41
CA ILE X 38 -5.89 -63.41 -64.56
C ILE X 38 -4.65 -64.18 -65.03
N GLN X 39 -4.85 -65.49 -65.20
CA GLN X 39 -3.86 -66.44 -65.70
C GLN X 39 -4.30 -66.95 -67.08
N VAL X 40 -3.35 -67.09 -68.01
CA VAL X 40 -3.62 -67.55 -69.36
C VAL X 40 -3.07 -68.97 -69.52
N LEU X 41 -3.95 -69.90 -69.94
CA LEU X 41 -3.64 -71.33 -69.91
C LEU X 41 -3.47 -71.91 -71.32
N GLY X 42 -2.31 -72.55 -71.57
CA GLY X 42 -1.98 -73.14 -72.86
C GLY X 42 -1.83 -72.11 -73.99
N SER X 43 -1.78 -72.59 -75.24
CA SER X 43 -1.74 -71.72 -76.41
C SER X 43 -3.14 -71.22 -76.77
N GLY X 44 -3.23 -69.98 -77.30
CA GLY X 44 -4.43 -69.49 -77.96
C GLY X 44 -4.32 -69.63 -79.48
N THR X 45 -5.31 -69.08 -80.20
CA THR X 45 -5.29 -69.10 -81.67
C THR X 45 -5.72 -67.74 -82.24
N ILE X 46 -5.20 -67.43 -83.44
CA ILE X 46 -5.64 -66.32 -84.28
C ILE X 46 -6.32 -66.90 -85.52
N THR X 47 -7.47 -66.35 -85.90
CA THR X 47 -8.20 -66.73 -87.11
C THR X 47 -8.61 -65.48 -87.86
N ASN X 48 -8.49 -65.52 -89.20
CA ASN X 48 -8.91 -64.42 -90.08
C ASN X 48 -10.44 -64.31 -90.06
N SER X 49 -10.97 -63.16 -89.60
CA SER X 49 -12.41 -62.86 -89.64
C SER X 49 -12.79 -61.98 -90.82
N THR X 50 -11.80 -61.39 -91.51
CA THR X 50 -12.00 -60.45 -92.62
C THR X 50 -12.84 -61.07 -93.75
N ALA X 51 -13.75 -60.26 -94.32
CA ALA X 51 -14.68 -60.72 -95.34
C ALA X 51 -14.95 -59.66 -96.42
N SER X 52 -15.33 -60.12 -97.63
CA SER X 52 -15.96 -59.32 -98.69
C SER X 52 -15.11 -58.13 -99.17
N GLY X 53 -13.78 -58.25 -99.10
CA GLY X 53 -12.85 -57.21 -99.53
C GLY X 53 -12.98 -55.90 -98.74
N SER X 54 -13.41 -56.00 -97.46
CA SER X 54 -13.61 -54.87 -96.56
C SER X 54 -12.32 -54.08 -96.32
N SER X 55 -12.49 -52.79 -95.97
CA SER X 55 -11.41 -51.82 -95.81
C SER X 55 -10.51 -52.10 -94.59
N ARG X 56 -11.05 -52.80 -93.57
CA ARG X 56 -10.34 -53.16 -92.35
C ARG X 56 -10.25 -54.69 -92.19
N THR X 57 -9.03 -55.21 -91.95
CA THR X 57 -8.84 -56.61 -91.60
C THR X 57 -9.16 -56.83 -90.12
N ILE X 58 -9.89 -57.91 -89.82
CA ILE X 58 -10.33 -58.25 -88.46
C ILE X 58 -9.88 -59.68 -88.16
N TYR X 59 -9.33 -59.91 -86.96
CA TYR X 59 -8.80 -61.21 -86.59
C TYR X 59 -9.52 -61.73 -85.34
N ASN X 60 -9.40 -63.04 -85.07
CA ASN X 60 -10.10 -63.64 -83.95
C ASN X 60 -9.10 -64.27 -82.99
N ILE X 61 -9.06 -63.77 -81.74
CA ILE X 61 -8.16 -64.27 -80.71
C ILE X 61 -8.96 -65.09 -79.70
N THR X 62 -8.88 -66.42 -79.82
CA THR X 62 -9.48 -67.33 -78.84
C THR X 62 -8.40 -67.83 -77.89
N ILE X 63 -8.66 -67.78 -76.57
CA ILE X 63 -7.68 -68.22 -75.59
C ILE X 63 -8.36 -68.66 -74.28
N THR X 64 -7.71 -69.54 -73.49
CA THR X 64 -8.28 -70.03 -72.24
C THR X 64 -7.72 -69.23 -71.06
N VAL X 65 -8.63 -68.77 -70.18
CA VAL X 65 -8.33 -67.75 -69.19
C VAL X 65 -8.93 -68.15 -67.84
N LYS X 66 -8.17 -67.96 -66.75
CA LYS X 66 -8.60 -68.30 -65.41
C LYS X 66 -8.45 -67.08 -64.50
N ASN X 67 -9.57 -66.55 -64.01
CA ASN X 67 -9.55 -65.43 -63.08
C ASN X 67 -9.48 -65.99 -61.65
N THR X 68 -8.32 -65.83 -60.98
CA THR X 68 -8.14 -66.32 -59.62
C THR X 68 -8.51 -65.29 -58.55
N GLY X 69 -8.80 -64.04 -58.95
CA GLY X 69 -9.20 -63.00 -58.02
C GLY X 69 -10.67 -63.10 -57.58
N THR X 70 -11.09 -62.12 -56.76
CA THR X 70 -12.43 -62.07 -56.16
C THR X 70 -13.36 -61.10 -56.89
N THR X 71 -12.92 -60.53 -58.03
CA THR X 71 -13.68 -59.53 -58.78
C THR X 71 -13.66 -59.82 -60.28
N SER X 72 -14.72 -59.40 -60.98
CA SER X 72 -14.80 -59.51 -62.43
C SER X 72 -13.80 -58.55 -63.10
N ILE X 73 -13.16 -59.00 -64.19
CA ILE X 73 -12.09 -58.29 -64.88
C ILE X 73 -12.34 -58.36 -66.39
N SER X 74 -11.76 -57.45 -67.19
CA SER X 74 -11.91 -57.47 -68.65
C SER X 74 -10.58 -57.24 -69.36
N VAL X 75 -10.48 -57.67 -70.62
CA VAL X 75 -9.34 -57.34 -71.48
C VAL X 75 -9.45 -55.87 -71.90
N THR X 76 -8.30 -55.24 -72.21
CA THR X 76 -8.29 -53.84 -72.61
C THR X 76 -7.40 -53.58 -73.84
N SER X 77 -6.41 -54.45 -74.10
CA SER X 77 -5.52 -54.35 -75.25
C SER X 77 -4.83 -55.69 -75.49
N ILE X 78 -4.37 -55.89 -76.72
CA ILE X 78 -3.43 -56.97 -77.02
C ILE X 78 -2.32 -56.43 -77.94
N ASN X 79 -1.10 -56.91 -77.71
CA ASN X 79 0.04 -56.65 -78.56
C ASN X 79 0.50 -58.00 -79.12
N ILE X 80 0.66 -58.13 -80.45
CA ILE X 80 1.02 -59.41 -81.06
C ILE X 80 2.23 -59.20 -81.96
N ASN X 81 3.30 -60.01 -81.80
CA ASN X 81 4.49 -59.90 -82.64
C ASN X 81 5.03 -58.46 -82.66
N GLY X 82 4.98 -57.79 -81.50
CA GLY X 82 5.46 -56.41 -81.32
C GLY X 82 4.52 -55.30 -81.80
N GLN X 83 3.39 -55.65 -82.44
CA GLN X 83 2.46 -54.70 -83.03
C GLN X 83 1.22 -54.54 -82.15
N PRO X 84 0.75 -53.29 -81.89
CA PRO X 84 -0.48 -53.07 -81.12
C PRO X 84 -1.75 -53.32 -81.94
N PHE X 85 -2.75 -53.91 -81.28
CA PHE X 85 -4.08 -54.14 -81.86
C PHE X 85 -5.16 -53.54 -80.96
N ASN X 86 -6.21 -53.00 -81.58
CA ASN X 86 -7.39 -52.53 -80.86
C ASN X 86 -8.41 -53.68 -80.76
N ILE X 87 -9.11 -53.78 -79.62
CA ILE X 87 -10.17 -54.78 -79.50
C ILE X 87 -11.48 -54.20 -80.01
N ASN X 88 -11.79 -54.42 -81.30
CA ASN X 88 -13.05 -53.92 -81.87
C ASN X 88 -14.23 -54.60 -81.17
N GLY X 89 -15.30 -53.83 -80.90
CA GLY X 89 -16.48 -54.34 -80.21
C GLY X 89 -16.24 -54.52 -78.72
N THR X 90 -17.33 -54.60 -77.94
CA THR X 90 -17.25 -54.79 -76.50
C THR X 90 -16.16 -55.79 -76.12
N ALA X 91 -15.27 -55.36 -75.20
CA ALA X 91 -14.24 -56.23 -74.65
C ALA X 91 -14.86 -57.28 -73.72
N PRO X 92 -14.49 -58.58 -73.83
CA PRO X 92 -15.06 -59.61 -72.96
C PRO X 92 -14.52 -59.54 -71.54
N SER X 93 -15.29 -60.15 -70.62
CA SER X 93 -15.04 -60.05 -69.19
C SER X 93 -15.16 -61.42 -68.52
N ILE X 94 -14.26 -61.68 -67.57
CA ILE X 94 -14.10 -62.96 -66.91
C ILE X 94 -14.57 -62.82 -65.46
N PRO X 95 -15.65 -63.52 -65.03
CA PRO X 95 -16.12 -63.46 -63.64
C PRO X 95 -15.08 -63.99 -62.66
N ALA X 96 -15.21 -63.61 -61.39
CA ALA X 96 -14.34 -64.06 -60.31
C ALA X 96 -14.31 -65.60 -60.21
N GLY X 97 -13.13 -66.14 -59.91
CA GLY X 97 -12.91 -67.57 -59.63
C GLY X 97 -13.19 -68.54 -60.79
N ARG X 98 -13.36 -68.04 -62.02
CA ARG X 98 -13.84 -68.86 -63.13
C ARG X 98 -12.77 -69.10 -64.20
N THR X 99 -12.77 -70.32 -64.78
CA THR X 99 -11.97 -70.68 -65.94
C THR X 99 -12.87 -70.73 -67.17
N GLN X 100 -12.48 -70.06 -68.27
CA GLN X 100 -13.27 -70.01 -69.49
C GLN X 100 -12.38 -69.98 -70.73
N PRO X 101 -12.83 -70.58 -71.85
CA PRO X 101 -12.34 -70.12 -73.15
C PRO X 101 -13.06 -68.81 -73.48
N ILE X 102 -12.30 -67.77 -73.85
CA ILE X 102 -12.88 -66.51 -74.31
C ILE X 102 -12.46 -66.25 -75.76
N THR X 103 -13.32 -65.56 -76.51
CA THR X 103 -13.03 -65.14 -77.88
C THR X 103 -13.37 -63.67 -78.03
N PHE X 104 -12.51 -62.93 -78.76
CA PHE X 104 -12.77 -61.54 -79.08
C PHE X 104 -12.14 -61.16 -80.42
N GLU X 105 -12.68 -60.12 -81.05
CA GLU X 105 -12.18 -59.66 -82.34
C GLU X 105 -11.25 -58.46 -82.17
N VAL X 106 -10.23 -58.38 -83.04
CA VAL X 106 -9.22 -57.33 -82.98
C VAL X 106 -8.89 -56.81 -84.38
N THR X 107 -8.40 -55.57 -84.44
CA THR X 107 -7.88 -54.95 -85.66
C THR X 107 -6.52 -54.33 -85.39
N PRO X 108 -5.54 -54.37 -86.33
CA PRO X 108 -4.27 -53.67 -86.15
C PRO X 108 -4.47 -52.17 -85.96
N ALA X 109 -3.68 -51.56 -85.07
CA ALA X 109 -3.77 -50.13 -84.83
C ALA X 109 -3.09 -49.33 -85.95
N SER X 110 -2.00 -49.88 -86.53
CA SER X 110 -1.28 -49.32 -87.68
C SER X 110 -0.57 -50.45 -88.43
N GLY X 111 -0.24 -50.21 -89.73
CA GLY X 111 0.40 -51.20 -90.59
C GLY X 111 -0.50 -52.40 -90.90
N LYS X 112 0.12 -53.53 -91.27
CA LYS X 112 -0.58 -54.81 -91.44
C LYS X 112 0.21 -55.96 -90.82
N PRO X 113 -0.46 -57.01 -90.28
CA PRO X 113 0.22 -58.23 -89.88
C PRO X 113 0.70 -59.03 -91.09
N ASN X 114 1.64 -59.95 -90.83
CA ASN X 114 2.17 -60.87 -91.83
C ASN X 114 2.20 -62.30 -91.28
N PHE X 115 1.08 -62.72 -90.68
CA PHE X 115 0.94 -64.05 -90.13
C PHE X 115 1.03 -65.14 -91.21
N SER X 116 1.47 -66.34 -90.81
CA SER X 116 1.64 -67.49 -91.69
C SER X 116 0.94 -68.71 -91.08
N PRO X 117 0.17 -69.52 -91.85
CA PRO X 117 -0.53 -70.68 -91.29
C PRO X 117 0.36 -71.63 -90.49
N GLY X 118 -0.07 -71.94 -89.27
CA GLY X 118 0.62 -72.84 -88.37
C GLY X 118 1.81 -72.22 -87.62
N ALA X 119 2.19 -70.98 -87.94
CA ALA X 119 3.25 -70.28 -87.19
C ALA X 119 2.72 -69.80 -85.83
N SER X 120 3.63 -69.74 -84.84
CA SER X 120 3.31 -69.33 -83.47
C SER X 120 3.93 -67.98 -83.14
N TYR X 121 3.09 -67.04 -82.67
CA TYR X 121 3.46 -65.67 -82.37
C TYR X 121 3.32 -65.42 -80.87
N THR X 122 4.32 -64.76 -80.27
CA THR X 122 4.18 -64.29 -78.90
C THR X 122 3.27 -63.06 -78.86
N ALA X 123 2.43 -63.00 -77.84
CA ALA X 123 1.46 -61.93 -77.65
C ALA X 123 1.43 -61.52 -76.18
N THR X 124 0.95 -60.31 -75.88
CA THR X 124 0.73 -59.90 -74.50
C THR X 124 -0.68 -59.34 -74.39
N ILE X 125 -1.48 -59.88 -73.46
CA ILE X 125 -2.84 -59.41 -73.21
C ILE X 125 -2.82 -58.53 -71.97
N TYR X 126 -3.42 -57.35 -72.03
CA TYR X 126 -3.50 -56.42 -70.91
C TYR X 126 -4.93 -56.34 -70.38
N PHE X 127 -5.08 -56.58 -69.07
CA PHE X 127 -6.37 -56.60 -68.40
C PHE X 127 -6.65 -55.26 -67.71
N SER X 128 -7.90 -55.06 -67.25
CA SER X 128 -8.34 -53.82 -66.61
C SER X 128 -7.53 -53.47 -65.35
N ASN X 129 -6.88 -54.47 -64.74
CA ASN X 129 -5.97 -54.30 -63.61
C ASN X 129 -4.72 -53.46 -63.95
N GLY X 130 -4.38 -53.33 -65.24
CA GLY X 130 -3.05 -52.89 -65.64
C GLY X 130 -2.04 -54.05 -65.74
N GLN X 131 -2.31 -55.14 -65.01
CA GLN X 131 -1.60 -56.41 -65.13
C GLN X 131 -1.71 -56.95 -66.56
N GLY X 132 -0.58 -57.44 -67.10
CA GLY X 132 -0.55 -58.09 -68.41
C GLY X 132 0.05 -59.49 -68.32
N ALA X 133 -0.29 -60.35 -69.29
CA ALA X 133 0.17 -61.73 -69.32
C ALA X 133 0.75 -62.06 -70.69
N PRO X 134 1.99 -62.61 -70.78
CA PRO X 134 2.51 -63.12 -72.06
C PRO X 134 1.80 -64.42 -72.44
N ALA X 135 1.59 -64.59 -73.74
CA ALA X 135 0.87 -65.73 -74.31
C ALA X 135 1.51 -66.13 -75.64
N THR X 136 1.22 -67.37 -76.09
CA THR X 136 1.58 -67.82 -77.43
C THR X 136 0.29 -68.09 -78.20
N LEU X 137 0.19 -67.52 -79.41
CA LEU X 137 -0.96 -67.70 -80.29
C LEU X 137 -0.51 -68.41 -81.57
N ILE X 138 -1.26 -69.42 -82.02
CA ILE X 138 -0.97 -70.08 -83.28
C ILE X 138 -1.95 -69.57 -84.34
N TYR X 139 -1.43 -69.10 -85.47
CA TYR X 139 -2.29 -68.59 -86.54
C TYR X 139 -2.86 -69.77 -87.34
N GLN X 140 -4.20 -69.90 -87.35
CA GLN X 140 -4.86 -71.05 -87.96
C GLN X 140 -5.07 -70.86 -89.47
N GLY X 141 -5.52 -69.66 -89.86
CA GLY X 141 -5.87 -69.34 -91.24
C GLY X 141 -7.08 -68.42 -91.32
N LEU Y 1 -17.79 84.92 80.72
CA LEU Y 1 -16.52 84.34 81.25
C LEU Y 1 -16.50 82.84 80.97
N SER Y 2 -17.57 82.12 81.35
CA SER Y 2 -17.71 80.67 81.23
C SER Y 2 -17.59 80.15 79.79
N GLY Y 3 -18.11 80.91 78.81
CA GLY Y 3 -18.19 80.52 77.41
C GLY Y 3 -16.85 80.12 76.79
N ALA Y 4 -15.78 80.83 77.16
CA ALA Y 4 -14.43 80.55 76.69
C ALA Y 4 -13.88 79.24 77.29
N ILE Y 5 -14.12 79.01 78.59
CA ILE Y 5 -13.69 77.79 79.28
C ILE Y 5 -14.37 76.56 78.66
N VAL Y 6 -15.67 76.64 78.40
CA VAL Y 6 -16.43 75.58 77.74
C VAL Y 6 -15.88 75.33 76.34
N ALA Y 7 -15.60 76.39 75.57
CA ALA Y 7 -15.03 76.26 74.23
C ALA Y 7 -13.68 75.52 74.27
N LEU Y 8 -12.81 75.85 75.24
CA LEU Y 8 -11.52 75.20 75.40
C LEU Y 8 -11.64 73.70 75.68
N ILE Y 9 -12.53 73.32 76.62
CA ILE Y 9 -12.78 71.93 76.97
C ILE Y 9 -13.27 71.13 75.76
N LEU Y 10 -14.18 71.71 74.96
CA LEU Y 10 -14.71 71.04 73.77
C LEU Y 10 -13.70 70.96 72.63
N VAL Y 11 -12.76 71.91 72.53
CA VAL Y 11 -11.65 71.83 71.58
C VAL Y 11 -10.73 70.67 71.95
N ILE Y 12 -10.29 70.59 73.22
CA ILE Y 12 -9.41 69.53 73.70
C ILE Y 12 -10.09 68.16 73.56
N ALA Y 13 -11.31 68.03 74.08
CA ALA Y 13 -12.10 66.80 73.97
C ALA Y 13 -12.31 66.37 72.51
N GLY Y 14 -12.52 67.33 71.60
CA GLY Y 14 -12.62 67.07 70.17
C GLY Y 14 -11.38 66.35 69.63
N VAL Y 15 -10.18 66.82 69.98
CA VAL Y 15 -8.93 66.17 69.58
C VAL Y 15 -8.88 64.73 70.10
N ILE Y 16 -9.20 64.53 71.39
CA ILE Y 16 -9.17 63.21 72.02
C ILE Y 16 -10.14 62.23 71.33
N ILE Y 17 -11.40 62.63 71.12
CA ILE Y 17 -12.43 61.78 70.56
C ILE Y 17 -12.09 61.42 69.10
N ALA Y 18 -11.60 62.37 68.31
CA ALA Y 18 -11.23 62.13 66.93
C ALA Y 18 -10.11 61.07 66.83
N ILE Y 19 -9.09 61.18 67.68
CA ILE Y 19 -8.00 60.20 67.75
C ILE Y 19 -8.53 58.83 68.20
N ALA Y 20 -9.41 58.78 69.21
CA ALA Y 20 -9.99 57.55 69.70
C ALA Y 20 -10.77 56.80 68.60
N VAL Y 21 -11.53 57.52 67.78
CA VAL Y 21 -12.26 56.97 66.64
C VAL Y 21 -11.32 56.39 65.58
N VAL Y 22 -10.19 57.06 65.31
CA VAL Y 22 -9.18 56.55 64.39
C VAL Y 22 -8.56 55.25 64.91
N LEU Y 23 -8.20 55.18 66.21
CA LEU Y 23 -7.66 53.96 66.81
C LEU Y 23 -8.67 52.82 66.81
N PHE Y 24 -9.94 53.11 67.11
CA PHE Y 24 -11.01 52.11 67.09
C PHE Y 24 -11.11 51.42 65.73
N ALA Y 25 -11.00 52.18 64.65
CA ALA Y 25 -11.09 51.67 63.28
C ALA Y 25 -10.05 50.57 63.00
N PHE Y 26 -8.79 50.76 63.39
CA PHE Y 26 -7.76 49.73 63.26
C PHE Y 26 -8.05 48.49 64.10
N GLY Y 27 -8.67 48.66 65.28
CA GLY Y 27 -9.02 47.56 66.18
C GLY Y 27 -9.98 46.53 65.59
N LEU Y 28 -10.68 46.87 64.51
CA LEU Y 28 -11.58 45.96 63.81
C LEU Y 28 -10.83 45.00 62.89
N ILE Y 29 -9.64 45.38 62.41
CA ILE Y 29 -8.92 44.69 61.34
C ILE Y 29 -8.53 43.26 61.73
N PRO Y 30 -7.93 42.99 62.92
CA PRO Y 30 -7.69 41.61 63.36
C PRO Y 30 -8.97 40.78 63.42
N GLY Y 31 -10.06 41.34 63.97
CA GLY Y 31 -11.32 40.65 64.14
C GLY Y 31 -11.95 40.13 62.84
N ILE Y 32 -11.96 40.94 61.77
CA ILE Y 32 -12.53 40.57 60.48
C ILE Y 32 -11.74 39.44 59.80
N SER Y 33 -10.44 39.30 60.10
CA SER Y 33 -9.59 38.26 59.51
C SER Y 33 -9.99 36.85 59.97
N ASN Y 34 -10.64 36.72 61.14
CA ASN Y 34 -11.14 35.45 61.65
C ASN Y 34 -12.14 34.78 60.71
N GLN Y 35 -12.77 35.55 59.82
CA GLN Y 35 -13.70 35.07 58.81
C GLN Y 35 -13.04 34.07 57.84
N GLY Y 36 -11.70 34.07 57.76
CA GLY Y 36 -10.96 33.22 56.84
C GLY Y 36 -10.18 32.10 57.53
N SER Y 37 -10.55 31.73 58.77
CA SER Y 37 -9.74 30.85 59.61
C SER Y 37 -9.57 29.45 59.02
N ILE Y 38 -10.55 28.96 58.25
CA ILE Y 38 -10.58 27.55 57.87
C ILE Y 38 -10.30 27.35 56.37
N GLN Y 39 -9.50 26.33 56.08
CA GLN Y 39 -9.30 25.82 54.73
C GLN Y 39 -9.62 24.33 54.71
N VAL Y 40 -10.32 23.88 53.66
CA VAL Y 40 -10.57 22.46 53.42
C VAL Y 40 -9.67 22.03 52.27
N LEU Y 41 -8.87 20.98 52.48
CA LEU Y 41 -7.78 20.65 51.57
C LEU Y 41 -7.69 19.14 51.32
N GLY Y 42 -7.01 18.78 50.22
CA GLY Y 42 -7.09 17.45 49.64
C GLY Y 42 -8.45 17.23 48.98
N SER Y 43 -8.91 15.97 48.92
CA SER Y 43 -10.28 15.66 48.55
C SER Y 43 -10.88 14.71 49.59
N GLY Y 44 -12.18 14.86 49.81
CA GLY Y 44 -12.87 14.08 50.84
C GLY Y 44 -13.48 12.80 50.29
N THR Y 45 -14.11 12.03 51.18
CA THR Y 45 -14.88 10.87 50.75
C THR Y 45 -16.21 10.83 51.47
N ILE Y 46 -17.19 10.19 50.81
CA ILE Y 46 -18.50 9.95 51.37
C ILE Y 46 -18.80 8.45 51.26
N THR Y 47 -19.27 7.85 52.36
CA THR Y 47 -19.46 6.40 52.38
C THR Y 47 -20.73 6.04 53.13
N ASN Y 48 -21.44 5.00 52.66
CA ASN Y 48 -22.61 4.48 53.35
C ASN Y 48 -22.27 4.26 54.83
N SER Y 49 -23.22 4.57 55.73
CA SER Y 49 -22.99 4.43 57.16
C SER Y 49 -24.15 3.71 57.85
N THR Y 50 -25.22 3.41 57.09
CA THR Y 50 -26.37 2.69 57.63
C THR Y 50 -26.22 1.17 57.48
N ALA Y 51 -27.02 0.43 58.26
CA ALA Y 51 -26.93 -1.03 58.33
C ALA Y 51 -28.29 -1.68 58.57
N SER Y 52 -28.37 -3.01 58.33
CA SER Y 52 -29.43 -3.92 58.75
C SER Y 52 -30.84 -3.54 58.25
N GLY Y 53 -30.94 -2.79 57.14
CA GLY Y 53 -32.19 -2.31 56.60
C GLY Y 53 -32.90 -1.30 57.51
N SER Y 54 -32.13 -0.54 58.30
CA SER Y 54 -32.61 0.51 59.18
C SER Y 54 -33.30 1.64 58.41
N SER Y 55 -34.24 2.34 59.08
CA SER Y 55 -35.17 3.29 58.48
C SER Y 55 -34.50 4.55 57.90
N ARG Y 56 -33.31 4.91 58.40
CA ARG Y 56 -32.54 6.06 57.92
C ARG Y 56 -31.37 5.62 57.05
N THR Y 57 -31.22 6.25 55.86
CA THR Y 57 -29.94 6.32 55.19
C THR Y 57 -29.04 7.32 55.91
N ILE Y 58 -27.82 6.90 56.27
CA ILE Y 58 -26.84 7.73 56.96
C ILE Y 58 -25.51 7.55 56.24
N TYR Y 59 -24.70 8.62 56.14
CA TYR Y 59 -23.45 8.56 55.40
C TYR Y 59 -22.30 9.09 56.25
N ASN Y 60 -21.07 9.01 55.72
CA ASN Y 60 -19.89 9.49 56.42
C ASN Y 60 -19.15 10.50 55.54
N ILE Y 61 -18.94 11.72 56.08
CA ILE Y 61 -18.24 12.77 55.34
C ILE Y 61 -16.84 12.92 55.94
N THR Y 62 -15.82 12.30 55.32
CA THR Y 62 -14.46 12.52 55.79
C THR Y 62 -13.77 13.57 54.91
N ILE Y 63 -13.15 14.58 55.55
CA ILE Y 63 -12.44 15.69 54.92
C ILE Y 63 -11.20 16.05 55.75
N THR Y 64 -10.21 16.74 55.15
CA THR Y 64 -9.07 17.27 55.91
C THR Y 64 -9.23 18.79 56.05
N VAL Y 65 -9.10 19.30 57.28
CA VAL Y 65 -9.39 20.68 57.60
C VAL Y 65 -8.19 21.30 58.34
N LYS Y 66 -7.85 22.54 57.98
CA LYS Y 66 -6.79 23.30 58.61
C LYS Y 66 -7.40 24.56 59.25
N ASN Y 67 -7.18 24.75 60.55
CA ASN Y 67 -7.68 25.91 61.28
C ASN Y 67 -6.50 26.82 61.61
N THR Y 68 -6.52 28.05 61.06
CA THR Y 68 -5.50 29.09 61.27
C THR Y 68 -5.89 30.07 62.38
N GLY Y 69 -7.14 30.01 62.86
CA GLY Y 69 -7.65 30.91 63.89
C GLY Y 69 -7.15 30.58 65.30
N THR Y 70 -7.55 31.43 66.26
CA THR Y 70 -7.11 31.33 67.66
C THR Y 70 -8.08 30.54 68.54
N THR Y 71 -9.20 30.08 67.96
CA THR Y 71 -10.28 29.40 68.68
C THR Y 71 -10.67 28.10 67.98
N SER Y 72 -11.16 27.13 68.76
CA SER Y 72 -11.79 25.93 68.22
C SER Y 72 -13.06 26.30 67.46
N ILE Y 73 -13.25 25.74 66.26
CA ILE Y 73 -14.32 26.11 65.33
C ILE Y 73 -15.02 24.83 64.85
N SER Y 74 -16.36 24.86 64.72
CA SER Y 74 -17.15 23.65 64.49
C SER Y 74 -18.03 23.73 63.23
N VAL Y 75 -18.37 22.55 62.67
CA VAL Y 75 -19.24 22.43 61.51
C VAL Y 75 -20.69 22.73 61.92
N THR Y 76 -21.29 23.77 61.35
CA THR Y 76 -22.68 24.12 61.65
C THR Y 76 -23.67 23.41 60.73
N SER Y 77 -23.35 23.32 59.43
CA SER Y 77 -24.23 22.72 58.43
C SER Y 77 -23.45 22.28 57.21
N ILE Y 78 -24.07 21.40 56.41
CA ILE Y 78 -23.50 20.92 55.16
C ILE Y 78 -24.59 20.86 54.09
N ASN Y 79 -24.20 21.23 52.87
CA ASN Y 79 -25.04 21.10 51.69
C ASN Y 79 -24.26 20.25 50.69
N ILE Y 80 -24.87 19.20 50.13
CA ILE Y 80 -24.18 18.33 49.18
C ILE Y 80 -24.84 18.46 47.82
N ASN Y 81 -24.08 18.93 46.82
CA ASN Y 81 -24.50 19.03 45.44
C ASN Y 81 -25.81 19.83 45.30
N GLY Y 82 -25.92 20.94 46.04
CA GLY Y 82 -27.10 21.78 46.10
C GLY Y 82 -28.16 21.34 47.12
N GLN Y 83 -28.16 20.06 47.54
CA GLN Y 83 -29.18 19.50 48.42
C GLN Y 83 -28.83 19.78 49.89
N PRO Y 84 -29.82 20.18 50.74
CA PRO Y 84 -29.60 20.31 52.18
C PRO Y 84 -29.50 18.96 52.89
N PHE Y 85 -28.63 18.91 53.91
CA PHE Y 85 -28.35 17.72 54.71
C PHE Y 85 -28.22 18.09 56.19
N ASN Y 86 -28.50 17.14 57.10
CA ASN Y 86 -28.41 17.34 58.54
C ASN Y 86 -27.32 16.45 59.14
N ILE Y 87 -26.42 17.03 59.95
CA ILE Y 87 -25.40 16.23 60.64
C ILE Y 87 -26.05 15.51 61.81
N ASN Y 88 -26.34 14.20 61.66
CA ASN Y 88 -27.03 13.46 62.72
C ASN Y 88 -26.29 13.62 64.04
N GLY Y 89 -25.04 13.16 64.06
CA GLY Y 89 -24.19 13.21 65.25
C GLY Y 89 -23.90 14.65 65.67
N THR Y 90 -23.30 14.82 66.85
CA THR Y 90 -22.87 16.13 67.34
C THR Y 90 -21.90 16.75 66.33
N ALA Y 91 -21.86 18.10 66.28
CA ALA Y 91 -20.94 18.82 65.40
C ALA Y 91 -19.51 18.46 65.75
N PRO Y 92 -18.67 18.08 64.76
CA PRO Y 92 -17.22 18.00 64.95
C PRO Y 92 -16.62 19.39 65.03
N SER Y 93 -15.46 19.50 65.69
CA SER Y 93 -14.78 20.76 65.95
C SER Y 93 -13.28 20.62 65.72
N ILE Y 94 -12.65 21.66 65.14
CA ILE Y 94 -11.24 21.66 64.82
C ILE Y 94 -10.53 22.59 65.80
N PRO Y 95 -9.58 22.10 66.63
CA PRO Y 95 -8.85 22.95 67.59
C PRO Y 95 -8.02 24.04 66.91
N ALA Y 96 -7.75 25.12 67.64
CA ALA Y 96 -6.96 26.24 67.15
C ALA Y 96 -5.58 25.79 66.62
N GLY Y 97 -5.19 26.29 65.44
CA GLY Y 97 -3.86 26.02 64.88
C GLY Y 97 -3.66 24.63 64.27
N ARG Y 98 -4.60 23.68 64.43
CA ARG Y 98 -4.41 22.30 63.98
C ARG Y 98 -4.79 22.08 62.51
N THR Y 99 -4.07 21.14 61.87
CA THR Y 99 -4.52 20.48 60.64
C THR Y 99 -4.82 19.02 60.97
N GLN Y 100 -6.03 18.54 60.62
CA GLN Y 100 -6.39 17.15 60.91
C GLN Y 100 -7.51 16.65 60.00
N PRO Y 101 -7.64 15.32 59.81
CA PRO Y 101 -8.88 14.73 59.29
C PRO Y 101 -10.04 14.97 60.26
N ILE Y 102 -11.23 15.16 59.69
CA ILE Y 102 -12.50 15.33 60.40
C ILE Y 102 -13.50 14.37 59.77
N THR Y 103 -14.25 13.64 60.60
CA THR Y 103 -15.25 12.67 60.14
C THR Y 103 -16.55 12.84 60.92
N PHE Y 104 -17.69 12.80 60.21
CA PHE Y 104 -18.99 12.98 60.84
C PHE Y 104 -20.11 12.28 60.05
N GLU Y 105 -21.21 11.95 60.75
CA GLU Y 105 -22.36 11.28 60.18
C GLU Y 105 -23.37 12.32 59.67
N VAL Y 106 -24.00 12.03 58.52
CA VAL Y 106 -24.92 12.98 57.90
C VAL Y 106 -26.12 12.26 57.27
N THR Y 107 -27.27 12.95 57.21
CA THR Y 107 -28.52 12.40 56.67
C THR Y 107 -29.18 13.43 55.74
N PRO Y 108 -29.90 13.00 54.66
CA PRO Y 108 -30.60 13.93 53.78
C PRO Y 108 -31.73 14.66 54.51
N ALA Y 109 -31.88 15.96 54.24
CA ALA Y 109 -32.93 16.75 54.85
C ALA Y 109 -34.31 16.46 54.22
N SER Y 110 -34.31 16.04 52.95
CA SER Y 110 -35.51 15.72 52.18
C SER Y 110 -35.19 14.78 51.02
N GLY Y 111 -36.20 14.03 50.55
CA GLY Y 111 -36.05 13.10 49.44
C GLY Y 111 -35.08 11.95 49.73
N LYS Y 112 -34.45 11.45 48.65
CA LYS Y 112 -33.60 10.26 48.68
C LYS Y 112 -32.49 10.41 47.65
N PRO Y 113 -31.22 10.66 48.05
CA PRO Y 113 -30.11 10.74 47.12
C PRO Y 113 -29.69 9.33 46.68
N ASN Y 114 -28.90 9.29 45.61
CA ASN Y 114 -28.46 8.02 45.05
C ASN Y 114 -27.05 8.20 44.49
N PHE Y 115 -26.07 8.30 45.40
CA PHE Y 115 -24.67 8.43 45.00
C PHE Y 115 -24.23 7.17 44.26
N SER Y 116 -23.44 7.35 43.18
CA SER Y 116 -22.94 6.26 42.36
C SER Y 116 -21.45 6.05 42.63
N PRO Y 117 -20.97 4.80 42.87
CA PRO Y 117 -19.56 4.53 43.16
C PRO Y 117 -18.56 5.23 42.23
N GLY Y 118 -17.59 5.92 42.85
CA GLY Y 118 -16.50 6.59 42.16
C GLY Y 118 -16.86 7.96 41.58
N ALA Y 119 -18.13 8.40 41.64
CA ALA Y 119 -18.51 9.73 41.20
C ALA Y 119 -18.14 10.79 42.23
N SER Y 120 -17.96 12.05 41.75
CA SER Y 120 -17.61 13.21 42.55
C SER Y 120 -18.80 14.12 42.77
N TYR Y 121 -18.97 14.61 44.01
CA TYR Y 121 -20.03 15.52 44.44
C TYR Y 121 -19.41 16.71 45.15
N THR Y 122 -19.99 17.93 45.02
CA THR Y 122 -19.44 19.05 45.78
C THR Y 122 -20.21 19.23 47.08
N ALA Y 123 -19.55 19.04 48.22
CA ALA Y 123 -20.07 19.56 49.47
C ALA Y 123 -19.73 21.05 49.59
N THR Y 124 -20.58 21.83 50.27
CA THR Y 124 -20.10 23.04 50.91
C THR Y 124 -20.34 22.86 52.41
N ILE Y 125 -19.28 23.03 53.20
CA ILE Y 125 -19.37 22.90 54.64
C ILE Y 125 -19.38 24.33 55.21
N TYR Y 126 -20.33 24.62 56.12
CA TYR Y 126 -20.40 25.92 56.77
C TYR Y 126 -19.93 25.78 58.21
N PHE Y 127 -18.91 26.56 58.57
CA PHE Y 127 -18.32 26.54 59.90
C PHE Y 127 -18.89 27.65 60.77
N SER Y 128 -18.62 27.61 62.08
CA SER Y 128 -19.20 28.54 63.05
C SER Y 128 -18.79 30.02 62.85
N ASN Y 129 -17.80 30.27 61.97
CA ASN Y 129 -17.49 31.62 61.49
C ASN Y 129 -18.57 32.21 60.57
N GLY Y 130 -19.51 31.39 60.09
CA GLY Y 130 -20.34 31.75 58.93
C GLY Y 130 -19.62 31.54 57.59
N GLN Y 131 -18.32 31.23 57.63
CA GLN Y 131 -17.52 30.90 56.44
C GLN Y 131 -18.00 29.57 55.83
N GLY Y 132 -18.14 29.55 54.49
CA GLY Y 132 -18.46 28.34 53.77
C GLY Y 132 -17.30 27.93 52.85
N ALA Y 133 -16.94 26.65 52.86
CA ALA Y 133 -15.86 26.15 52.01
C ALA Y 133 -16.41 25.09 51.06
N PRO Y 134 -16.28 25.24 49.72
CA PRO Y 134 -16.59 24.16 48.79
C PRO Y 134 -15.50 23.09 48.83
N ALA Y 135 -15.91 21.83 48.72
CA ALA Y 135 -15.03 20.67 48.77
C ALA Y 135 -15.58 19.56 47.86
N THR Y 136 -14.70 18.75 47.27
CA THR Y 136 -15.14 17.62 46.46
C THR Y 136 -15.06 16.35 47.29
N LEU Y 137 -16.17 15.60 47.33
CA LEU Y 137 -16.22 14.29 47.96
C LEU Y 137 -16.37 13.23 46.87
N ILE Y 138 -15.60 12.14 46.96
CA ILE Y 138 -15.78 10.99 46.06
C ILE Y 138 -16.53 9.90 46.82
N TYR Y 139 -17.59 9.36 46.21
CA TYR Y 139 -18.40 8.34 46.86
C TYR Y 139 -17.75 6.96 46.78
N GLN Y 140 -17.56 6.33 47.96
CA GLN Y 140 -16.82 5.09 48.11
C GLN Y 140 -17.72 3.86 48.39
N GLY Y 141 -19.03 4.07 48.62
CA GLY Y 141 -19.95 3.05 49.13
C GLY Y 141 -20.59 2.19 48.04
N LEU Z 1 -27.40 102.13 105.88
CA LEU Z 1 -27.87 100.88 106.53
C LEU Z 1 -28.43 99.93 105.47
N SER Z 2 -29.35 100.44 104.63
CA SER Z 2 -30.10 99.66 103.64
C SER Z 2 -29.21 98.97 102.58
N GLY Z 3 -28.12 99.64 102.18
CA GLY Z 3 -27.21 99.20 101.11
C GLY Z 3 -26.66 97.79 101.31
N ALA Z 4 -26.33 97.44 102.56
CA ALA Z 4 -25.81 96.12 102.92
C ALA Z 4 -26.89 95.05 102.81
N ILE Z 5 -28.12 95.35 103.26
CA ILE Z 5 -29.25 94.43 103.19
C ILE Z 5 -29.58 94.10 101.73
N VAL Z 6 -29.63 95.13 100.87
CA VAL Z 6 -29.85 94.97 99.43
C VAL Z 6 -28.74 94.12 98.81
N ALA Z 7 -27.47 94.38 99.16
CA ALA Z 7 -26.35 93.59 98.65
C ALA Z 7 -26.48 92.11 99.02
N LEU Z 8 -26.89 91.80 100.26
CA LEU Z 8 -27.09 90.43 100.73
C LEU Z 8 -28.18 89.71 99.93
N ILE Z 9 -29.34 90.37 99.72
CA ILE Z 9 -30.45 89.80 98.96
C ILE Z 9 -30.03 89.48 97.53
N LEU Z 10 -29.27 90.39 96.89
CA LEU Z 10 -28.80 90.18 95.52
C LEU Z 10 -27.70 89.11 95.42
N VAL Z 11 -26.89 88.92 96.46
CA VAL Z 11 -25.94 87.81 96.54
C VAL Z 11 -26.69 86.48 96.59
N ILE Z 12 -27.65 86.34 97.52
CA ILE Z 12 -28.43 85.12 97.67
C ILE Z 12 -29.23 84.82 96.40
N ALA Z 13 -29.99 85.80 95.89
CA ALA Z 13 -30.74 85.67 94.65
C ALA Z 13 -29.85 85.28 93.46
N GLY Z 14 -28.64 85.85 93.38
CA GLY Z 14 -27.65 85.49 92.38
C GLY Z 14 -27.34 83.99 92.37
N VAL Z 15 -27.10 83.39 93.54
CA VAL Z 15 -26.87 81.96 93.67
C VAL Z 15 -28.08 81.17 93.15
N ILE Z 16 -29.30 81.54 93.56
CA ILE Z 16 -30.53 80.87 93.15
C ILE Z 16 -30.72 80.91 91.64
N ILE Z 17 -30.60 82.10 91.02
CA ILE Z 17 -30.85 82.28 89.60
C ILE Z 17 -29.80 81.53 88.77
N ALA Z 18 -28.52 81.56 89.17
CA ALA Z 18 -27.47 80.84 88.47
C ALA Z 18 -27.74 79.33 88.44
N ILE Z 19 -28.14 78.75 89.59
CA ILE Z 19 -28.51 77.34 89.68
C ILE Z 19 -29.74 77.03 88.82
N ALA Z 20 -30.76 77.90 88.85
CA ALA Z 20 -31.98 77.71 88.05
C ALA Z 20 -31.68 77.68 86.55
N VAL Z 21 -30.77 78.52 86.07
CA VAL Z 21 -30.33 78.55 84.68
C VAL Z 21 -29.59 77.26 84.29
N VAL Z 22 -28.76 76.73 85.19
CA VAL Z 22 -28.08 75.45 84.96
C VAL Z 22 -29.09 74.30 84.85
N LEU Z 23 -30.09 74.23 85.75
CA LEU Z 23 -31.13 73.21 85.69
C LEU Z 23 -31.99 73.33 84.43
N PHE Z 24 -32.34 74.55 84.02
CA PHE Z 24 -33.11 74.79 82.81
C PHE Z 24 -32.43 74.20 81.57
N ALA Z 25 -31.10 74.35 81.49
CA ALA Z 25 -30.31 73.85 80.36
C ALA Z 25 -30.46 72.34 80.16
N PHE Z 26 -30.40 71.54 81.24
CA PHE Z 26 -30.63 70.09 81.15
C PHE Z 26 -32.07 69.76 80.73
N GLY Z 27 -33.05 70.57 81.13
CA GLY Z 27 -34.46 70.37 80.78
C GLY Z 27 -34.77 70.40 79.29
N LEU Z 28 -33.86 70.95 78.47
CA LEU Z 28 -34.01 70.97 77.02
C LEU Z 28 -33.64 69.63 76.37
N ILE Z 29 -32.78 68.83 77.03
CA ILE Z 29 -32.14 67.65 76.43
C ILE Z 29 -33.16 66.58 76.04
N PRO Z 30 -34.14 66.19 76.90
CA PRO Z 30 -35.20 65.26 76.48
C PRO Z 30 -35.99 65.79 75.28
N GLY Z 31 -36.35 67.08 75.28
CA GLY Z 31 -37.15 67.70 74.23
C GLY Z 31 -36.52 67.64 72.84
N ILE Z 32 -35.22 67.91 72.71
CA ILE Z 32 -34.52 67.89 71.43
C ILE Z 32 -34.43 66.47 70.84
N SER Z 33 -34.46 65.43 71.69
CA SER Z 33 -34.38 64.04 71.22
C SER Z 33 -35.62 63.61 70.43
N ASN Z 34 -36.77 64.27 70.63
CA ASN Z 34 -37.99 64.01 69.89
C ASN Z 34 -37.82 64.21 68.38
N GLN Z 35 -36.82 64.99 67.97
CA GLN Z 35 -36.47 65.24 66.57
C GLN Z 35 -36.11 63.95 65.82
N GLY Z 36 -35.76 62.88 66.54
CA GLY Z 36 -35.34 61.61 65.97
C GLY Z 36 -36.33 60.48 66.16
N SER Z 37 -37.61 60.79 66.43
CA SER Z 37 -38.60 59.80 66.85
C SER Z 37 -38.86 58.73 65.79
N ILE Z 38 -38.73 59.06 64.51
CA ILE Z 38 -39.21 58.16 63.44
C ILE Z 38 -38.06 57.55 62.65
N GLN Z 39 -38.22 56.26 62.34
CA GLN Z 39 -37.37 55.53 61.40
C GLN Z 39 -38.25 54.90 60.33
N VAL Z 40 -37.82 54.98 59.06
CA VAL Z 40 -38.47 54.29 57.96
C VAL Z 40 -37.57 53.11 57.58
N LEU Z 41 -38.15 51.90 57.55
CA LEU Z 41 -37.35 50.69 57.47
C LEU Z 41 -37.97 49.67 56.50
N GLY Z 42 -37.15 48.71 56.08
CA GLY Z 42 -37.44 47.88 54.92
C GLY Z 42 -37.32 48.68 53.62
N SER Z 43 -38.07 48.27 52.58
CA SER Z 43 -38.25 49.09 51.40
C SER Z 43 -39.74 49.20 51.09
N GLY Z 44 -40.13 50.36 50.53
CA GLY Z 44 -41.53 50.64 50.25
C GLY Z 44 -41.93 50.25 48.84
N THR Z 45 -43.20 50.45 48.51
CA THR Z 45 -43.67 50.29 47.15
C THR Z 45 -44.56 51.46 46.74
N ILE Z 46 -44.59 51.73 45.43
CA ILE Z 46 -45.47 52.71 44.85
C ILE Z 46 -46.27 52.05 43.73
N THR Z 47 -47.59 52.27 43.73
CA THR Z 47 -48.44 51.56 42.77
C THR Z 47 -49.52 52.50 42.25
N ASN Z 48 -49.88 52.34 40.97
CA ASN Z 48 -50.98 53.09 40.37
C ASN Z 48 -52.21 52.97 41.26
N SER Z 49 -52.98 54.09 41.40
CA SER Z 49 -54.16 54.10 42.25
C SER Z 49 -55.35 54.72 41.54
N THR Z 50 -55.14 55.23 40.32
CA THR Z 50 -56.23 55.81 39.54
C THR Z 50 -56.92 54.76 38.64
N ALA Z 51 -58.13 55.10 38.18
CA ALA Z 51 -58.98 54.18 37.41
C ALA Z 51 -59.83 54.91 36.37
N SER Z 52 -60.39 54.14 35.42
CA SER Z 52 -61.47 54.51 34.50
C SER Z 52 -61.17 55.74 33.64
N GLY Z 53 -59.88 56.05 33.39
CA GLY Z 53 -59.46 57.22 32.64
C GLY Z 53 -59.78 58.55 33.33
N SER Z 54 -59.83 58.53 34.67
CA SER Z 54 -60.05 59.70 35.51
C SER Z 54 -58.95 60.77 35.33
N SER Z 55 -59.31 62.04 35.58
CA SER Z 55 -58.50 63.21 35.24
C SER Z 55 -57.20 63.32 36.04
N ARG Z 56 -57.13 62.70 37.23
CA ARG Z 56 -55.94 62.69 38.07
C ARG Z 56 -55.22 61.34 38.02
N THR Z 57 -53.90 61.38 37.80
CA THR Z 57 -53.03 60.27 38.20
C THR Z 57 -52.86 60.30 39.72
N ILE Z 58 -53.12 59.17 40.39
CA ILE Z 58 -53.00 59.02 41.83
C ILE Z 58 -52.22 57.73 42.10
N TYR Z 59 -51.39 57.71 43.14
CA TYR Z 59 -50.55 56.56 43.42
C TYR Z 59 -50.69 56.13 44.88
N ASN Z 60 -50.04 55.01 45.24
CA ASN Z 60 -50.08 54.51 46.61
C ASN Z 60 -48.65 54.37 47.15
N ILE Z 61 -48.36 55.02 48.28
CA ILE Z 61 -47.04 54.94 48.89
C ILE Z 61 -47.12 54.06 50.13
N THR Z 62 -46.74 52.78 50.00
CA THR Z 62 -46.71 51.93 51.20
C THR Z 62 -45.27 51.83 51.72
N ILE Z 63 -45.10 52.06 53.03
CA ILE Z 63 -43.82 52.05 53.74
C ILE Z 63 -44.02 51.45 55.14
N THR Z 64 -42.93 50.97 55.78
CA THR Z 64 -43.00 50.55 57.18
C THR Z 64 -42.31 51.58 58.06
N VAL Z 65 -42.99 52.01 59.13
CA VAL Z 65 -42.55 53.13 59.95
C VAL Z 65 -42.54 52.71 61.42
N LYS Z 66 -41.49 53.10 62.15
CA LYS Z 66 -41.34 52.84 63.57
C LYS Z 66 -41.28 54.17 64.31
N ASN Z 67 -42.18 54.38 65.27
CA ASN Z 67 -42.22 55.59 66.08
C ASN Z 67 -41.72 55.28 67.49
N THR Z 68 -40.61 55.91 67.90
CA THR Z 68 -39.98 55.76 69.21
C THR Z 68 -40.42 56.86 70.19
N GLY Z 69 -41.10 57.90 69.69
CA GLY Z 69 -41.55 59.04 70.50
C GLY Z 69 -42.75 58.72 71.39
N THR Z 70 -43.14 59.71 72.20
CA THR Z 70 -44.21 59.60 73.19
C THR Z 70 -45.58 60.05 72.66
N THR Z 71 -45.61 60.54 71.41
CA THR Z 71 -46.81 61.13 70.79
C THR Z 71 -47.06 60.52 69.41
N SER Z 72 -48.33 60.49 68.99
CA SER Z 72 -48.70 60.16 67.62
C SER Z 72 -48.15 61.24 66.67
N ILE Z 73 -47.53 60.83 65.55
CA ILE Z 73 -46.82 61.71 64.62
C ILE Z 73 -47.29 61.40 63.19
N SER Z 74 -47.46 62.44 62.35
CA SER Z 74 -48.12 62.30 61.05
C SER Z 74 -47.26 62.79 59.87
N VAL Z 75 -47.54 62.26 58.68
CA VAL Z 75 -46.86 62.65 57.45
C VAL Z 75 -47.34 64.04 57.02
N THR Z 76 -46.43 65.02 56.95
CA THR Z 76 -46.78 66.37 56.52
C THR Z 76 -46.66 66.55 55.01
N SER Z 77 -45.59 65.99 54.41
CA SER Z 77 -45.32 66.13 52.98
C SER Z 77 -44.40 65.01 52.49
N ILE Z 78 -44.39 64.83 51.16
CA ILE Z 78 -43.52 63.85 50.51
C ILE Z 78 -42.93 64.46 49.24
N ASN Z 79 -41.66 64.14 48.99
CA ASN Z 79 -40.96 64.49 47.77
C ASN Z 79 -40.47 63.18 47.16
N ILE Z 80 -40.73 62.92 45.88
CA ILE Z 80 -40.30 61.68 45.23
C ILE Z 80 -39.28 62.02 44.15
N ASN Z 81 -38.06 61.50 44.32
CA ASN Z 81 -36.98 61.63 43.34
C ASN Z 81 -36.71 63.10 42.97
N GLY Z 82 -36.71 63.98 43.98
CA GLY Z 82 -36.55 65.42 43.81
C GLY Z 82 -37.85 66.19 43.51
N GLN Z 83 -38.89 65.50 43.00
CA GLN Z 83 -40.14 66.14 42.58
C GLN Z 83 -41.08 66.33 43.77
N PRO Z 84 -41.76 67.50 43.90
CA PRO Z 84 -42.79 67.69 44.92
C PRO Z 84 -44.10 66.95 44.59
N PHE Z 85 -44.75 66.44 45.64
CA PHE Z 85 -45.99 65.68 45.55
C PHE Z 85 -46.95 66.07 46.69
N ASN Z 86 -48.26 65.92 46.47
CA ASN Z 86 -49.29 66.24 47.45
C ASN Z 86 -50.04 64.98 47.91
N ILE Z 87 -50.17 64.76 49.23
CA ILE Z 87 -50.93 63.63 49.73
C ILE Z 87 -52.42 63.95 49.60
N ASN Z 88 -53.09 63.38 48.57
CA ASN Z 88 -54.50 63.69 48.33
C ASN Z 88 -55.32 63.46 49.60
N GLY Z 89 -55.31 62.20 50.07
CA GLY Z 89 -56.05 61.80 51.26
C GLY Z 89 -55.52 62.50 52.51
N THR Z 90 -56.25 62.36 53.63
CA THR Z 90 -55.81 62.88 54.92
C THR Z 90 -54.45 62.30 55.29
N ALA Z 91 -53.66 63.06 56.06
CA ALA Z 91 -52.36 62.60 56.52
C ALA Z 91 -52.52 61.33 57.35
N PRO Z 92 -51.75 60.25 57.05
CA PRO Z 92 -51.63 59.11 57.96
C PRO Z 92 -50.79 59.48 59.17
N SER Z 93 -51.02 58.74 60.28
CA SER Z 93 -50.38 59.03 61.56
C SER Z 93 -49.94 57.71 62.23
N ILE Z 94 -48.77 57.73 62.87
CA ILE Z 94 -48.19 56.56 63.52
C ILE Z 94 -48.31 56.74 65.03
N PRO Z 95 -49.04 55.86 65.76
CA PRO Z 95 -49.18 55.99 67.22
C PRO Z 95 -47.86 55.85 67.95
N ALA Z 96 -47.79 56.41 69.16
CA ALA Z 96 -46.61 56.37 70.01
C ALA Z 96 -46.13 54.92 70.24
N GLY Z 97 -44.81 54.67 70.10
CA GLY Z 97 -44.23 53.37 70.39
C GLY Z 97 -44.46 52.26 69.35
N ARG Z 98 -45.32 52.47 68.34
CA ARG Z 98 -45.68 51.43 67.39
C ARG Z 98 -44.70 51.30 66.22
N THR Z 99 -44.55 50.07 65.72
CA THR Z 99 -44.03 49.79 64.38
C THR Z 99 -45.17 49.23 63.54
N GLN Z 100 -45.42 49.81 62.36
CA GLN Z 100 -46.50 49.34 61.49
C GLN Z 100 -46.29 49.74 60.03
N PRO Z 101 -46.90 49.02 59.06
CA PRO Z 101 -47.08 49.54 57.72
C PRO Z 101 -47.98 50.78 57.72
N ILE Z 102 -47.68 51.72 56.82
CA ILE Z 102 -48.43 52.94 56.58
C ILE Z 102 -48.67 53.03 55.07
N THR Z 103 -49.91 53.36 54.68
CA THR Z 103 -50.30 53.47 53.27
C THR Z 103 -51.11 54.76 53.05
N PHE Z 104 -50.81 55.49 51.97
CA PHE Z 104 -51.51 56.73 51.65
C PHE Z 104 -51.50 57.03 50.16
N GLU Z 105 -52.49 57.84 49.72
CA GLU Z 105 -52.66 58.24 48.33
C GLU Z 105 -51.88 59.54 48.07
N VAL Z 106 -51.25 59.64 46.89
CA VAL Z 106 -50.44 60.81 46.57
C VAL Z 106 -50.58 61.19 45.08
N THR Z 107 -50.41 62.49 44.79
CA THR Z 107 -50.55 63.04 43.44
C THR Z 107 -49.38 63.98 43.13
N PRO Z 108 -48.91 64.08 41.85
CA PRO Z 108 -47.84 65.01 41.49
C PRO Z 108 -48.26 66.47 41.68
N ALA Z 109 -47.35 67.30 42.20
CA ALA Z 109 -47.64 68.72 42.40
C ALA Z 109 -47.60 69.49 41.07
N SER Z 110 -46.80 69.00 40.11
CA SER Z 110 -46.61 69.61 38.80
C SER Z 110 -46.13 68.57 37.78
N GLY Z 111 -46.39 68.84 36.49
CA GLY Z 111 -45.98 67.95 35.40
C GLY Z 111 -46.64 66.57 35.45
N LYS Z 112 -45.92 65.57 34.92
CA LYS Z 112 -46.42 64.22 34.73
C LYS Z 112 -45.26 63.22 34.88
N PRO Z 113 -45.18 62.46 36.00
CA PRO Z 113 -44.14 61.44 36.17
C PRO Z 113 -44.47 60.22 35.33
N ASN Z 114 -43.46 59.35 35.16
CA ASN Z 114 -43.62 58.15 34.35
C ASN Z 114 -42.77 57.04 34.97
N PHE Z 115 -43.22 56.52 36.12
CA PHE Z 115 -42.54 55.42 36.78
C PHE Z 115 -42.53 54.18 35.88
N SER Z 116 -41.39 53.46 35.84
CA SER Z 116 -41.24 52.26 35.02
C SER Z 116 -41.25 51.02 35.91
N PRO Z 117 -42.03 49.95 35.60
CA PRO Z 117 -42.09 48.74 36.42
C PRO Z 117 -40.75 48.20 36.89
N GLY Z 118 -40.65 47.96 38.21
CA GLY Z 118 -39.49 47.38 38.84
C GLY Z 118 -38.33 48.35 39.13
N ALA Z 119 -38.43 49.60 38.68
CA ALA Z 119 -37.41 50.61 38.99
C ALA Z 119 -37.57 51.15 40.42
N SER Z 120 -36.45 51.66 40.97
CA SER Z 120 -36.38 52.22 42.33
C SER Z 120 -36.31 53.74 42.28
N TYR Z 121 -37.07 54.39 43.17
CA TYR Z 121 -37.14 55.85 43.32
C TYR Z 121 -36.92 56.21 44.79
N THR Z 122 -36.28 57.35 45.09
CA THR Z 122 -36.14 57.73 46.49
C THR Z 122 -37.25 58.71 46.88
N ALA Z 123 -38.12 58.29 47.80
CA ALA Z 123 -38.95 59.26 48.50
C ALA Z 123 -38.15 59.88 49.64
N THR Z 124 -38.45 61.14 49.98
CA THR Z 124 -38.20 61.60 51.34
C THR Z 124 -39.55 61.98 51.94
N ILE Z 125 -39.86 61.40 53.11
CA ILE Z 125 -41.11 61.69 53.79
C ILE Z 125 -40.78 62.65 54.93
N TYR Z 126 -41.55 63.74 55.06
CA TYR Z 126 -41.38 64.68 56.15
C TYR Z 126 -42.51 64.51 57.15
N PHE Z 127 -42.14 64.26 58.41
CA PHE Z 127 -43.08 64.03 59.49
C PHE Z 127 -43.30 65.31 60.30
N SER Z 128 -44.33 65.34 61.17
CA SER Z 128 -44.71 66.52 61.93
C SER Z 128 -43.63 67.03 62.91
N ASN Z 129 -42.57 66.24 63.14
CA ASN Z 129 -41.37 66.69 63.84
C ASN Z 129 -40.54 67.70 63.05
N GLY Z 130 -40.81 67.86 61.75
CA GLY Z 130 -39.87 68.49 60.82
C GLY Z 130 -38.75 67.55 60.35
N GLN Z 131 -38.66 66.36 60.96
CA GLN Z 131 -37.72 65.31 60.57
C GLN Z 131 -38.07 64.78 59.17
N GLY Z 132 -37.04 64.62 58.32
CA GLY Z 132 -37.19 64.00 57.01
C GLY Z 132 -36.44 62.67 56.95
N ALA Z 133 -37.07 61.63 56.40
CA ALA Z 133 -36.45 60.33 56.26
C ALA Z 133 -36.40 59.95 54.78
N PRO Z 134 -35.19 59.67 54.20
CA PRO Z 134 -35.12 59.09 52.85
C PRO Z 134 -35.51 57.62 52.88
N ALA Z 135 -36.20 57.17 51.84
CA ALA Z 135 -36.69 55.81 51.69
C ALA Z 135 -36.69 55.42 50.21
N THR Z 136 -36.47 54.13 49.92
CA THR Z 136 -36.54 53.65 48.55
C THR Z 136 -37.89 53.00 48.32
N LEU Z 137 -38.58 53.43 47.24
CA LEU Z 137 -39.82 52.83 46.79
C LEU Z 137 -39.56 52.10 45.48
N ILE Z 138 -40.07 50.88 45.33
CA ILE Z 138 -40.02 50.16 44.06
C ILE Z 138 -41.40 50.25 43.41
N TYR Z 139 -41.44 50.64 42.13
CA TYR Z 139 -42.71 50.81 41.42
C TYR Z 139 -43.27 49.47 40.94
N GLN Z 140 -44.51 49.18 41.34
CA GLN Z 140 -45.17 47.89 41.13
C GLN Z 140 -46.27 47.93 40.04
N GLY Z 141 -46.62 49.12 39.53
CA GLY Z 141 -47.79 49.34 38.69
C GLY Z 141 -47.54 49.12 37.20
N LEU AA 1 -21.43 93.22 93.94
CA LEU AA 1 -20.91 92.10 94.79
C LEU AA 1 -21.37 90.76 94.17
N SER AA 2 -22.68 90.64 93.89
CA SER AA 2 -23.32 89.42 93.37
C SER AA 2 -22.76 88.93 92.02
N GLY AA 3 -22.37 89.87 91.14
CA GLY AA 3 -21.91 89.59 89.78
C GLY AA 3 -20.75 88.60 89.70
N ALA AA 4 -19.80 88.72 90.65
CA ALA AA 4 -18.64 87.85 90.73
C ALA AA 4 -19.03 86.43 91.17
N ILE AA 5 -19.93 86.31 92.15
CA ILE AA 5 -20.43 85.03 92.65
C ILE AA 5 -21.15 84.27 91.53
N VAL AA 6 -22.02 84.96 90.79
CA VAL AA 6 -22.71 84.39 89.63
C VAL AA 6 -21.71 83.93 88.57
N ALA AA 7 -20.70 84.75 88.25
CA ALA AA 7 -19.67 84.38 87.29
C ALA AA 7 -18.93 83.10 87.72
N LEU AA 8 -18.59 82.96 89.00
CA LEU AA 8 -17.91 81.78 89.53
C LEU AA 8 -18.77 80.52 89.37
N ILE AA 9 -20.05 80.58 89.73
CA ILE AA 9 -20.98 79.46 89.60
C ILE AA 9 -21.10 79.00 88.15
N LEU AA 10 -21.20 79.96 87.21
CA LEU AA 10 -21.31 79.64 85.78
C LEU AA 10 -20.00 79.10 85.19
N VAL AA 11 -18.83 79.51 85.71
CA VAL AA 11 -17.54 78.93 85.35
C VAL AA 11 -17.48 77.47 85.77
N ILE AA 12 -17.78 77.17 87.05
CA ILE AA 12 -17.75 75.81 87.58
C ILE AA 12 -18.78 74.93 86.86
N ALA AA 13 -20.03 75.38 86.75
CA ALA AA 13 -21.09 74.66 86.03
C ALA AA 13 -20.72 74.40 84.57
N GLY AA 14 -20.06 75.37 83.91
CA GLY AA 14 -19.54 75.21 82.56
C GLY AA 14 -18.61 74.00 82.42
N VAL AA 15 -17.66 73.84 83.34
CA VAL AA 15 -16.76 72.70 83.37
C VAL AA 15 -17.54 71.39 83.51
N ILE AA 16 -18.49 71.33 84.46
CA ILE AA 16 -19.31 70.15 84.71
C ILE AA 16 -20.12 69.75 83.46
N ILE AA 17 -20.84 70.70 82.85
CA ILE AA 17 -21.72 70.42 81.72
C ILE AA 17 -20.90 69.97 80.49
N ALA AA 18 -19.75 70.61 80.24
CA ALA AA 18 -18.88 70.24 79.12
C ALA AA 18 -18.40 68.79 79.26
N ILE AA 19 -17.98 68.39 80.46
CA ILE AA 19 -17.56 67.01 80.74
C ILE AA 19 -18.74 66.04 80.59
N ALA AA 20 -19.93 66.40 81.09
CA ALA AA 20 -21.12 65.57 80.98
C ALA AA 20 -21.50 65.29 79.52
N VAL AA 21 -21.39 66.29 78.64
CA VAL AA 21 -21.65 66.16 77.22
C VAL AA 21 -20.64 65.23 76.54
N VAL AA 22 -19.35 65.30 76.93
CA VAL AA 22 -18.32 64.39 76.44
C VAL AA 22 -18.62 62.95 76.83
N LEU AA 23 -19.00 62.69 78.10
CA LEU AA 23 -19.35 61.36 78.56
C LEU AA 23 -20.61 60.82 77.88
N PHE AA 24 -21.62 61.67 77.67
CA PHE AA 24 -22.85 61.28 76.99
C PHE AA 24 -22.55 60.75 75.58
N ALA AA 25 -21.63 61.38 74.85
CA ALA AA 25 -21.26 60.99 73.50
C ALA AA 25 -20.76 59.54 73.42
N PHE AA 26 -19.88 59.11 74.35
CA PHE AA 26 -19.42 57.73 74.41
C PHE AA 26 -20.56 56.75 74.73
N GLY AA 27 -21.54 57.16 75.55
CA GLY AA 27 -22.68 56.35 75.93
C GLY AA 27 -23.57 55.89 74.76
N LEU AA 28 -23.46 56.55 73.60
CA LEU AA 28 -24.19 56.17 72.40
C LEU AA 28 -23.55 54.98 71.68
N ILE AA 29 -22.24 54.76 71.85
CA ILE AA 29 -21.44 53.84 71.04
C ILE AA 29 -21.90 52.38 71.22
N PRO AA 30 -22.12 51.85 72.44
CA PRO AA 30 -22.69 50.51 72.59
C PRO AA 30 -24.05 50.37 71.92
N GLY AA 31 -24.93 51.37 72.08
CA GLY AA 31 -26.29 51.35 71.54
C GLY AA 31 -26.36 51.20 70.00
N ILE AA 32 -25.52 51.95 69.26
CA ILE AA 32 -25.50 51.89 67.80
C ILE AA 32 -25.01 50.55 67.27
N SER AA 33 -24.20 49.80 68.04
CA SER AA 33 -23.68 48.51 67.62
C SER AA 33 -24.78 47.43 67.54
N ASN AA 34 -25.89 47.61 68.25
CA ASN AA 34 -27.03 46.71 68.20
C ASN AA 34 -27.63 46.60 66.78
N GLN AA 35 -27.39 47.59 65.93
CA GLN AA 35 -27.83 47.62 64.54
C GLN AA 35 -27.25 46.46 63.72
N GLY AA 36 -26.17 45.82 64.21
CA GLY AA 36 -25.49 44.73 63.52
C GLY AA 36 -25.66 43.37 64.18
N SER AA 37 -26.69 43.20 65.03
CA SER AA 37 -26.83 42.03 65.89
C SER AA 37 -26.98 40.72 65.11
N ILE AA 38 -27.57 40.75 63.91
CA ILE AA 38 -27.97 39.53 63.23
C ILE AA 38 -27.13 39.25 61.98
N GLN AA 39 -26.76 37.98 61.81
CA GLN AA 39 -26.17 37.46 60.60
C GLN AA 39 -27.01 36.28 60.09
N VAL AA 40 -27.24 36.23 58.77
CA VAL AA 40 -27.88 35.09 58.13
C VAL AA 40 -26.79 34.32 57.38
N LEU AA 41 -26.70 33.01 57.66
CA LEU AA 41 -25.55 32.23 57.23
C LEU AA 41 -25.96 30.86 56.70
N GLY AA 42 -25.04 30.23 55.94
CA GLY AA 42 -25.37 29.12 55.07
C GLY AA 42 -26.20 29.56 53.87
N SER AA 43 -27.02 28.65 53.33
CA SER AA 43 -28.05 29.02 52.37
C SER AA 43 -29.39 28.46 52.80
N GLY AA 44 -30.46 29.19 52.48
CA GLY AA 44 -31.80 28.81 52.91
C GLY AA 44 -32.52 27.96 51.86
N THR AA 45 -33.75 27.56 52.19
CA THR AA 45 -34.61 26.91 51.22
C THR AA 45 -36.01 27.49 51.28
N ILE AA 46 -36.71 27.39 50.14
CA ILE AA 46 -38.10 27.78 50.04
C ILE AA 46 -38.89 26.60 49.45
N THR AA 47 -40.03 26.27 50.08
CA THR AA 47 -40.75 25.07 49.67
C THR AA 47 -42.26 25.35 49.71
N ASN AA 48 -43.00 24.77 48.76
CA ASN AA 48 -44.46 24.84 48.75
C ASN AA 48 -45.00 24.46 50.12
N SER AA 49 -46.05 25.17 50.60
CA SER AA 49 -46.61 24.91 51.92
C SER AA 49 -48.14 24.80 51.86
N THR AA 50 -48.72 25.05 50.68
CA THR AA 50 -50.16 24.95 50.49
C THR AA 50 -50.59 23.54 50.07
N ALA AA 51 -51.88 23.24 50.23
CA ALA AA 51 -52.43 21.90 49.99
C ALA AA 51 -53.88 21.96 49.47
N SER AA 52 -54.35 20.83 48.92
CA SER AA 52 -55.75 20.51 48.63
C SER AA 52 -56.47 21.52 47.71
N GLY AA 53 -55.70 22.25 46.86
CA GLY AA 53 -56.24 23.27 45.98
C GLY AA 53 -56.81 24.49 46.71
N SER AA 54 -56.27 24.77 47.91
CA SER AA 54 -56.64 25.92 48.73
C SER AA 54 -56.36 27.25 48.03
N SER AA 55 -57.12 28.29 48.40
CA SER AA 55 -57.18 29.58 47.71
C SER AA 55 -55.88 30.39 47.77
N ARG AA 56 -55.04 30.13 48.79
CA ARG AA 56 -53.75 30.81 48.96
C ARG AA 56 -52.59 29.89 48.60
N THR AA 57 -51.66 30.40 47.77
CA THR AA 57 -50.31 29.86 47.73
C THR AA 57 -49.55 30.32 48.97
N ILE AA 58 -48.95 29.37 49.69
CA ILE AA 58 -48.18 29.63 50.91
C ILE AA 58 -46.86 28.85 50.79
N TYR AA 59 -45.77 29.43 51.30
CA TYR AA 59 -44.45 28.80 51.16
C TYR AA 59 -43.76 28.72 52.52
N ASN AA 60 -42.57 28.07 52.55
CA ASN AA 60 -41.80 27.94 53.77
C ASN AA 60 -40.40 28.51 53.55
N ILE AA 61 -40.00 29.47 54.39
CA ILE AA 61 -38.67 30.08 54.29
C ILE AA 61 -37.81 29.56 55.44
N THR AA 62 -36.97 28.55 55.17
CA THR AA 62 -36.04 28.10 56.20
C THR AA 62 -34.66 28.71 55.98
N ILE AA 63 -34.09 29.30 57.04
CA ILE AA 63 -32.78 29.96 57.05
C ILE AA 63 -32.06 29.69 58.38
N THR AA 64 -30.74 29.84 58.43
CA THR AA 64 -30.00 29.77 59.70
C THR AA 64 -29.57 31.19 60.11
N VAL AA 65 -29.86 31.54 61.37
CA VAL AA 65 -29.69 32.90 61.86
C VAL AA 65 -28.87 32.88 63.15
N LYS AA 66 -27.93 33.81 63.27
CA LYS AA 66 -27.10 33.99 64.45
C LYS AA 66 -27.37 35.37 65.04
N ASN AA 67 -27.75 35.43 66.33
CA ASN AA 67 -28.02 36.67 67.03
C ASN AA 67 -26.89 36.93 68.03
N THR AA 68 -26.14 38.03 67.84
CA THR AA 68 -25.03 38.46 68.69
C THR AA 68 -25.47 39.49 69.74
N GLY AA 69 -26.71 40.01 69.62
CA GLY AA 69 -27.24 41.03 70.53
C GLY AA 69 -27.65 40.49 71.89
N THR AA 70 -28.09 41.40 72.78
CA THR AA 70 -28.45 41.09 74.16
C THR AA 70 -29.95 40.84 74.33
N THR AA 71 -30.73 40.95 73.25
CA THR AA 71 -32.19 40.84 73.27
C THR AA 71 -32.69 39.89 72.19
N SER AA 72 -33.84 39.24 72.44
CA SER AA 72 -34.55 38.47 71.41
C SER AA 72 -35.02 39.43 70.30
N ILE AA 73 -34.82 39.04 69.03
CA ILE AA 73 -35.06 39.89 67.86
C ILE AA 73 -35.88 39.09 66.85
N SER AA 74 -36.85 39.74 66.17
CA SER AA 74 -37.84 39.05 65.35
C SER AA 74 -37.89 39.55 63.89
N VAL AA 75 -38.37 38.68 62.99
CA VAL AA 75 -38.53 39.00 61.57
C VAL AA 75 -39.74 39.93 61.40
N THR AA 76 -39.51 41.15 60.90
CA THR AA 76 -40.60 42.10 60.66
C THR AA 76 -41.20 41.95 59.27
N SER AA 77 -40.37 41.74 58.25
CA SER AA 77 -40.82 41.64 56.86
C SER AA 77 -39.80 40.90 56.01
N ILE AA 78 -40.25 40.42 54.84
CA ILE AA 78 -39.40 39.75 53.87
C ILE AA 78 -39.75 40.23 52.47
N ASN AA 79 -38.72 40.40 51.63
CA ASN AA 79 -38.85 40.70 50.23
C ASN AA 79 -38.10 39.59 49.48
N ILE AA 80 -38.73 38.96 48.48
CA ILE AA 80 -38.09 37.88 47.73
C ILE AA 80 -37.90 38.33 46.29
N ASN AA 81 -36.64 38.40 45.85
CA ASN AA 81 -36.26 38.71 44.48
C ASN AA 81 -36.90 40.03 44.00
N GLY AA 82 -36.88 41.05 44.87
CA GLY AA 82 -37.50 42.34 44.62
C GLY AA 82 -38.99 42.43 44.97
N GLN AA 83 -39.70 41.30 45.03
CA GLN AA 83 -41.15 41.26 45.25
C GLN AA 83 -41.48 41.33 46.74
N PRO AA 84 -42.49 42.13 47.16
CA PRO AA 84 -42.96 42.12 48.55
C PRO AA 84 -43.77 40.87 48.91
N PHE AA 85 -43.60 40.40 50.15
CA PHE AA 85 -44.26 39.21 50.68
C PHE AA 85 -44.70 39.44 52.13
N ASN AA 86 -45.75 38.72 52.57
CA ASN AA 86 -46.29 38.84 53.93
C ASN AA 86 -46.09 37.53 54.70
N ILE AA 87 -45.53 37.60 55.92
CA ILE AA 87 -45.40 36.41 56.76
C ILE AA 87 -46.76 36.06 57.35
N ASN AA 88 -47.45 35.04 56.78
CA ASN AA 88 -48.79 34.69 57.24
C ASN AA 88 -48.78 34.47 58.75
N GLY AA 89 -48.00 33.47 59.19
CA GLY AA 89 -47.89 33.09 60.59
C GLY AA 89 -47.28 34.22 61.42
N THR AA 90 -47.31 34.07 62.76
CA THR AA 90 -46.69 35.02 63.67
C THR AA 90 -45.20 35.14 63.35
N ALA AA 91 -44.61 36.31 63.63
CA ALA AA 91 -43.18 36.53 63.42
C ALA AA 91 -42.37 35.54 64.24
N PRO AA 92 -41.40 34.82 63.62
CA PRO AA 92 -40.40 34.07 64.38
C PRO AA 92 -39.39 35.02 65.04
N SER AA 93 -38.76 34.55 66.13
CA SER AA 93 -37.87 35.35 66.94
C SER AA 93 -36.64 34.54 67.33
N ILE AA 94 -35.46 35.17 67.33
CA ILE AA 94 -34.20 34.53 67.64
C ILE AA 94 -33.74 34.99 69.02
N PRO AA 95 -33.60 34.09 70.03
CA PRO AA 95 -33.15 34.49 71.37
C PRO AA 95 -31.74 35.08 71.38
N ALA AA 96 -31.45 35.89 72.41
CA ALA AA 96 -30.15 36.53 72.57
C ALA AA 96 -29.01 35.49 72.57
N GLY AA 97 -27.93 35.76 71.82
CA GLY AA 97 -26.73 34.93 71.81
C GLY AA 97 -26.83 33.60 71.03
N ARG AA 98 -28.03 33.21 70.56
CA ARG AA 98 -28.23 31.90 69.92
C ARG AA 98 -27.90 31.90 68.42
N THR AA 99 -27.42 30.76 67.93
CA THR AA 99 -27.44 30.41 66.51
C THR AA 99 -28.41 29.25 66.33
N GLN AA 100 -29.38 29.39 65.40
CA GLN AA 100 -30.36 28.34 65.18
C GLN AA 100 -31.00 28.42 63.79
N PRO AA 101 -31.55 27.30 63.25
CA PRO AA 101 -32.50 27.39 62.14
C PRO AA 101 -33.78 28.11 62.56
N ILE AA 102 -34.35 28.85 61.61
CA ILE AA 102 -35.60 29.58 61.74
C ILE AA 102 -36.46 29.21 60.53
N THR AA 103 -37.75 28.90 60.78
CA THR AA 103 -38.70 28.52 59.73
C THR AA 103 -40.01 29.28 59.91
N PHE AA 104 -40.57 29.78 58.80
CA PHE AA 104 -41.83 30.53 58.84
C PHE AA 104 -42.60 30.44 57.53
N GLU AA 105 -43.92 30.67 57.60
CA GLU AA 105 -44.82 30.62 56.45
C GLU AA 105 -44.93 32.01 55.83
N VAL AA 106 -44.98 32.08 54.49
CA VAL AA 106 -45.02 33.36 53.80
C VAL AA 106 -45.94 33.30 52.56
N THR AA 107 -46.54 34.43 52.19
CA THR AA 107 -47.47 34.55 51.06
C THR AA 107 -47.12 35.78 50.21
N PRO AA 108 -47.34 35.75 48.87
CA PRO AA 108 -47.07 36.91 48.02
C PRO AA 108 -48.01 38.08 48.37
N ALA AA 109 -47.47 39.30 48.37
CA ALA AA 109 -48.27 40.49 48.66
C ALA AA 109 -49.16 40.88 47.47
N SER AA 110 -48.72 40.54 46.24
CA SER AA 110 -49.41 40.83 45.00
C SER AA 110 -48.97 39.86 43.89
N GLY AA 111 -49.84 39.68 42.89
CA GLY AA 111 -49.57 38.80 41.74
C GLY AA 111 -49.41 37.33 42.13
N LYS AA 112 -48.60 36.61 41.33
CA LYS AA 112 -48.43 35.17 41.43
C LYS AA 112 -47.01 34.79 41.03
N PRO AA 113 -46.12 34.41 41.98
CA PRO AA 113 -44.77 33.98 41.64
C PRO AA 113 -44.80 32.55 41.09
N ASN AA 114 -43.69 32.15 40.47
CA ASN AA 114 -43.58 30.85 39.86
C ASN AA 114 -42.15 30.34 40.01
N PHE AA 115 -41.78 29.97 41.24
CA PHE AA 115 -40.46 29.43 41.51
C PHE AA 115 -40.25 28.12 40.74
N SER AA 116 -39.05 27.93 40.17
CA SER AA 116 -38.71 26.74 39.39
C SER AA 116 -37.76 25.86 40.21
N PRO AA 117 -38.00 24.52 40.33
CA PRO AA 117 -37.15 23.63 41.10
C PRO AA 117 -35.65 23.78 40.88
N GLY AA 118 -34.92 23.93 41.98
CA GLY AA 118 -33.46 24.02 42.00
C GLY AA 118 -32.90 25.42 41.67
N ALA AA 119 -33.76 26.39 41.29
CA ALA AA 119 -33.30 27.75 41.06
C ALA AA 119 -33.07 28.51 42.37
N SER AA 120 -32.21 29.53 42.32
CA SER AA 120 -31.84 30.38 43.45
C SER AA 120 -32.51 31.75 43.36
N TYR AA 121 -33.04 32.23 44.50
CA TYR AA 121 -33.71 33.53 44.64
C TYR AA 121 -33.09 34.29 45.80
N THR AA 122 -32.99 35.63 45.74
CA THR AA 122 -32.48 36.35 46.90
C THR AA 122 -33.62 36.85 47.76
N ALA AA 123 -33.73 36.36 48.99
CA ALA AA 123 -34.53 37.04 49.99
C ALA AA 123 -33.73 38.19 50.59
N THR AA 124 -34.40 39.27 51.01
CA THR AA 124 -33.86 40.10 52.07
C THR AA 124 -34.83 40.04 53.24
N ILE AA 125 -34.31 39.68 54.42
CA ILE AA 125 -35.14 39.59 55.62
C ILE AA 125 -34.85 40.84 56.45
N TYR AA 126 -35.90 41.54 56.92
CA TYR AA 126 -35.75 42.69 57.77
C TYR AA 126 -36.13 42.33 59.20
N PHE AA 127 -35.19 42.54 60.12
CA PHE AA 127 -35.38 42.22 61.53
C PHE AA 127 -35.80 43.47 62.32
N SER AA 128 -36.25 43.28 63.57
CA SER AA 128 -36.78 44.35 64.40
C SER AA 128 -35.77 45.46 64.74
N ASN AA 129 -34.48 45.25 64.45
CA ASN AA 129 -33.46 46.29 64.48
C ASN AA 129 -33.61 47.34 63.36
N GLY AA 130 -34.44 47.06 62.35
CA GLY AA 130 -34.39 47.78 61.08
C GLY AA 130 -33.27 47.29 60.15
N GLN AA 131 -32.39 46.41 60.65
CA GLN AA 131 -31.35 45.75 59.87
C GLN AA 131 -31.95 44.82 58.81
N GLY AA 132 -31.43 44.89 57.58
CA GLY AA 132 -31.81 43.97 56.53
C GLY AA 132 -30.64 43.09 56.11
N ALA AA 133 -30.88 41.79 55.96
CA ALA AA 133 -29.83 40.86 55.55
C ALA AA 133 -30.23 40.18 54.24
N PRO AA 134 -29.41 40.28 53.16
CA PRO AA 134 -29.65 39.48 51.96
C PRO AA 134 -29.25 38.03 52.19
N ALA AA 135 -30.03 37.11 51.63
CA ALA AA 135 -29.82 35.67 51.75
C ALA AA 135 -30.26 34.97 50.47
N THR AA 136 -29.63 33.85 50.13
CA THR AA 136 -30.03 33.07 48.96
C THR AA 136 -30.88 31.90 49.42
N LEU AA 137 -32.06 31.75 48.81
CA LEU AA 137 -32.94 30.62 49.02
C LEU AA 137 -32.95 29.76 47.75
N ILE AA 138 -32.84 28.44 47.90
CA ILE AA 138 -33.01 27.52 46.77
C ILE AA 138 -34.40 26.89 46.86
N TYR AA 139 -35.14 26.91 45.75
CA TYR AA 139 -36.50 26.39 45.73
C TYR AA 139 -36.52 24.86 45.60
N GLN AA 140 -37.19 24.20 46.57
CA GLN AA 140 -37.19 22.75 46.72
C GLN AA 140 -38.51 22.08 46.30
N GLY AA 141 -39.56 22.87 45.99
CA GLY AA 141 -40.92 22.40 45.81
C GLY AA 141 -41.25 21.95 44.39
N LEU BA 1 -16.53 75.94 67.59
CA LEU BA 1 -15.04 76.08 67.43
C LEU BA 1 -14.43 74.69 67.21
N SER BA 2 -14.77 73.72 68.09
CA SER BA 2 -14.24 72.35 68.07
C SER BA 2 -14.52 71.59 66.77
N GLY BA 3 -15.70 71.81 66.15
CA GLY BA 3 -16.18 71.10 64.98
C GLY BA 3 -15.22 71.14 63.79
N ALA BA 4 -14.57 72.28 63.58
CA ALA BA 4 -13.59 72.47 62.51
C ALA BA 4 -12.30 71.68 62.79
N ILE BA 5 -11.81 71.69 64.04
CA ILE BA 5 -10.62 70.96 64.46
C ILE BA 5 -10.83 69.45 64.26
N VAL BA 6 -11.99 68.93 64.68
CA VAL BA 6 -12.36 67.54 64.47
C VAL BA 6 -12.41 67.19 62.98
N ALA BA 7 -13.03 68.06 62.16
CA ALA BA 7 -13.09 67.85 60.72
C ALA BA 7 -11.68 67.76 60.11
N LEU BA 8 -10.75 68.62 60.52
CA LEU BA 8 -9.37 68.62 60.04
C LEU BA 8 -8.65 67.30 60.37
N ILE BA 9 -8.76 66.84 61.62
CA ILE BA 9 -8.15 65.59 62.07
C ILE BA 9 -8.67 64.40 61.27
N LEU BA 10 -9.98 64.35 61.00
CA LEU BA 10 -10.59 63.27 60.23
C LEU BA 10 -10.25 63.34 58.74
N VAL BA 11 -10.01 64.53 58.18
CA VAL BA 11 -9.51 64.68 56.81
C VAL BA 11 -8.09 64.11 56.71
N ILE BA 12 -7.18 64.53 57.60
CA ILE BA 12 -5.80 64.06 57.61
C ILE BA 12 -5.74 62.54 57.84
N ALA BA 13 -6.42 62.05 58.89
CA ALA BA 13 -6.48 60.63 59.19
C ALA BA 13 -7.06 59.81 58.03
N GLY BA 14 -8.07 60.35 57.33
CA GLY BA 14 -8.62 59.75 56.13
C GLY BA 14 -7.57 59.48 55.06
N VAL BA 15 -6.71 60.46 54.77
CA VAL BA 15 -5.60 60.30 53.83
C VAL BA 15 -4.66 59.18 54.28
N ILE BA 16 -4.27 59.17 55.55
CA ILE BA 16 -3.36 58.18 56.11
C ILE BA 16 -3.93 56.75 55.99
N ILE BA 17 -5.18 56.56 56.42
CA ILE BA 17 -5.82 55.24 56.44
C ILE BA 17 -6.01 54.71 55.01
N ALA BA 18 -6.42 55.56 54.07
CA ALA BA 18 -6.60 55.16 52.68
C ALA BA 18 -5.29 54.66 52.07
N ILE BA 19 -4.18 55.38 52.31
CA ILE BA 19 -2.85 54.97 51.85
C ILE BA 19 -2.42 53.65 52.52
N ALA BA 20 -2.66 53.50 53.82
CA ALA BA 20 -2.31 52.30 54.56
C ALA BA 20 -3.02 51.06 53.99
N VAL BA 21 -4.30 51.20 53.62
CA VAL BA 21 -5.10 50.13 53.01
C VAL BA 21 -4.54 49.74 51.64
N VAL BA 22 -4.11 50.73 50.83
CA VAL BA 22 -3.48 50.46 49.54
C VAL BA 22 -2.16 49.69 49.71
N LEU BA 23 -1.30 50.09 50.67
CA LEU BA 23 -0.06 49.38 50.94
C LEU BA 23 -0.30 47.96 51.46
N PHE BA 24 -1.29 47.77 52.33
CA PHE BA 24 -1.65 46.46 52.86
C PHE BA 24 -1.99 45.48 51.73
N ALA BA 25 -2.72 45.94 50.71
CA ALA BA 25 -3.13 45.12 49.58
C ALA BA 25 -1.93 44.50 48.83
N PHE BA 26 -0.88 45.28 48.55
CA PHE BA 26 0.34 44.76 47.95
C PHE BA 26 1.06 43.74 48.85
N GLY BA 27 1.01 43.92 50.17
CA GLY BA 27 1.65 43.03 51.13
C GLY BA 27 1.14 41.59 51.11
N LEU BA 28 -0.04 41.35 50.51
CA LEU BA 28 -0.60 40.01 50.36
C LEU BA 28 0.04 39.25 49.19
N ILE BA 29 0.58 39.95 48.18
CA ILE BA 29 1.00 39.37 46.91
C ILE BA 29 2.15 38.37 47.07
N PRO BA 30 3.24 38.66 47.83
CA PRO BA 30 4.26 37.64 48.09
C PRO BA 30 3.69 36.41 48.79
N GLY BA 31 2.81 36.60 49.79
CA GLY BA 31 2.24 35.51 50.57
C GLY BA 31 1.44 34.49 49.75
N ILE BA 32 0.60 34.95 48.82
CA ILE BA 32 -0.22 34.08 47.98
C ILE BA 32 0.64 33.24 47.01
N SER BA 33 1.83 33.71 46.63
CA SER BA 33 2.72 32.99 45.72
C SER BA 33 3.28 31.71 46.33
N ASN BA 34 3.34 31.60 47.68
CA ASN BA 34 3.77 30.40 48.38
C ASN BA 34 2.91 29.18 48.05
N GLN BA 35 1.67 29.40 47.58
CA GLN BA 35 0.75 28.35 47.16
C GLN BA 35 1.32 27.50 46.01
N GLY BA 36 2.32 28.01 45.29
CA GLY BA 36 2.91 27.35 44.13
C GLY BA 36 4.33 26.84 44.36
N SER BA 37 4.74 26.66 45.63
CA SER BA 37 6.14 26.42 45.99
C SER BA 37 6.68 25.11 45.41
N ILE BA 38 5.82 24.09 45.23
CA ILE BA 38 6.29 22.74 44.92
C ILE BA 38 5.97 22.33 43.49
N GLN BA 39 6.95 21.67 42.85
CA GLN BA 39 6.77 20.98 41.58
C GLN BA 39 7.21 19.53 41.75
N VAL BA 40 6.44 18.60 41.18
CA VAL BA 40 6.82 17.19 41.10
C VAL BA 40 7.21 16.90 39.67
N LEU BA 41 8.43 16.36 39.48
CA LEU BA 41 9.03 16.28 38.16
C LEU BA 41 9.72 14.93 37.92
N GLY BA 42 9.94 14.62 36.63
CA GLY BA 42 10.25 13.28 36.19
C GLY BA 42 9.01 12.38 36.27
N SER BA 43 9.24 11.06 36.44
CA SER BA 43 8.16 10.15 36.80
C SER BA 43 8.58 9.32 38.00
N GLY BA 44 7.60 8.96 38.84
CA GLY BA 44 7.87 8.26 40.07
C GLY BA 44 7.76 6.74 39.91
N THR BA 45 8.02 6.02 41.00
CA THR BA 45 7.79 4.58 41.01
C THR BA 45 7.07 4.18 42.29
N ILE BA 46 6.35 3.07 42.21
CA ILE BA 46 5.69 2.46 43.34
C ILE BA 46 6.11 0.99 43.41
N THR BA 47 6.49 0.53 44.60
CA THR BA 47 7.03 -0.82 44.72
C THR BA 47 6.53 -1.47 46.01
N ASN BA 48 6.27 -2.79 45.96
CA ASN BA 48 5.91 -3.56 47.14
C ASN BA 48 6.90 -3.27 48.26
N SER BA 49 6.40 -3.16 49.52
CA SER BA 49 7.26 -2.85 50.65
C SER BA 49 6.99 -3.80 51.83
N THR BA 50 5.98 -4.67 51.69
CA THR BA 50 5.66 -5.63 52.73
C THR BA 50 6.43 -6.95 52.55
N ALA BA 51 6.49 -7.75 53.62
CA ALA BA 51 7.28 -8.98 53.66
C ALA BA 51 6.63 -10.05 54.55
N SER BA 52 7.11 -11.30 54.40
CA SER BA 52 6.89 -12.44 55.30
C SER BA 52 5.41 -12.79 55.55
N GLY BA 53 4.52 -12.43 54.62
CA GLY BA 53 3.08 -12.65 54.76
C GLY BA 53 2.43 -11.83 55.88
N SER BA 54 3.03 -10.66 56.18
CA SER BA 54 2.53 -9.70 57.16
C SER BA 54 1.13 -9.18 56.81
N SER BA 55 0.37 -8.78 57.84
CA SER BA 55 -1.05 -8.47 57.75
C SER BA 55 -1.38 -7.23 56.90
N ARG BA 56 -0.42 -6.30 56.75
CA ARG BA 56 -0.58 -5.09 55.95
C ARG BA 56 0.17 -5.21 54.62
N THR BA 57 -0.52 -4.88 53.51
CA THR BA 57 0.16 -4.46 52.29
C THR BA 57 0.67 -3.04 52.47
N ILE BA 58 1.98 -2.84 52.19
CA ILE BA 58 2.64 -1.54 52.30
C ILE BA 58 3.45 -1.34 51.02
N TYR BA 59 3.53 -0.09 50.54
CA TYR BA 59 4.21 0.18 49.28
C TYR BA 59 5.21 1.32 49.45
N ASN BA 60 5.98 1.62 48.39
CA ASN BA 60 6.97 2.70 48.43
C ASN BA 60 6.69 3.68 47.30
N ILE BA 61 6.50 4.97 47.63
CA ILE BA 61 6.25 6.00 46.64
C ILE BA 61 7.51 6.84 46.48
N THR BA 62 8.32 6.56 45.45
CA THR BA 62 9.47 7.42 45.19
C THR BA 62 9.15 8.41 44.08
N ILE BA 63 9.42 9.70 44.33
CA ILE BA 63 9.19 10.82 43.41
C ILE BA 63 10.32 11.84 43.52
N THR BA 64 10.52 12.70 42.51
CA THR BA 64 11.46 13.82 42.62
C THR BA 64 10.68 15.12 42.80
N VAL BA 65 11.07 15.91 43.81
CA VAL BA 65 10.33 17.10 44.21
C VAL BA 65 11.29 18.30 44.26
N LYS BA 66 10.82 19.44 43.76
CA LYS BA 66 11.54 20.71 43.79
C LYS BA 66 10.74 21.71 44.62
N ASN BA 67 11.38 22.28 45.66
CA ASN BA 67 10.77 23.28 46.51
C ASN BA 67 11.38 24.65 46.21
N THR BA 68 10.55 25.60 45.72
CA THR BA 68 10.94 26.96 45.39
C THR BA 68 10.66 27.94 46.54
N GLY BA 69 9.92 27.50 47.56
CA GLY BA 69 9.55 28.33 48.70
C GLY BA 69 10.69 28.60 49.69
N THR BA 70 10.38 29.41 50.72
CA THR BA 70 11.36 29.84 51.72
C THR BA 70 11.36 28.96 52.98
N THR BA 71 10.46 27.95 53.03
CA THR BA 71 10.25 27.09 54.19
C THR BA 71 10.27 25.62 53.79
N SER BA 72 10.68 24.74 54.72
CA SER BA 72 10.52 23.30 54.58
C SER BA 72 9.03 22.94 54.52
N ILE BA 73 8.64 22.08 53.57
CA ILE BA 73 7.24 21.75 53.28
C ILE BA 73 7.10 20.22 53.22
N SER BA 74 6.00 19.67 53.75
CA SER BA 74 5.86 18.23 53.94
C SER BA 74 4.61 17.64 53.28
N VAL BA 75 4.66 16.33 52.98
CA VAL BA 75 3.55 15.60 52.38
C VAL BA 75 2.47 15.37 53.44
N THR BA 76 1.26 15.91 53.23
CA THR BA 76 0.15 15.73 54.16
C THR BA 76 -0.67 14.48 53.85
N SER BA 77 -0.93 14.22 52.56
CA SER BA 77 -1.75 13.10 52.13
C SER BA 77 -1.47 12.73 50.68
N ILE BA 78 -1.87 11.51 50.30
CA ILE BA 78 -1.73 11.02 48.93
C ILE BA 78 -3.01 10.28 48.52
N ASN BA 79 -3.40 10.46 47.26
CA ASN BA 79 -4.50 9.74 46.65
C ASN BA 79 -3.92 9.06 45.41
N ILE BA 80 -4.13 7.75 45.22
CA ILE BA 80 -3.58 7.04 44.08
C ILE BA 80 -4.74 6.55 43.21
N ASN BA 81 -4.79 7.04 41.96
CA ASN BA 81 -5.76 6.62 40.95
C ASN BA 81 -7.20 6.77 41.46
N GLY BA 82 -7.49 7.89 42.15
CA GLY BA 82 -8.78 8.16 42.77
C GLY BA 82 -8.95 7.59 44.18
N GLN BA 83 -8.18 6.57 44.56
CA GLN BA 83 -8.32 5.86 45.83
C GLN BA 83 -7.57 6.60 46.94
N PRO BA 84 -8.16 6.76 48.15
CA PRO BA 84 -7.43 7.31 49.30
C PRO BA 84 -6.42 6.33 49.89
N PHE BA 85 -5.30 6.87 50.37
CA PHE BA 85 -4.19 6.12 50.95
C PHE BA 85 -3.62 6.86 52.17
N ASN BA 86 -3.01 6.13 53.11
CA ASN BA 86 -2.42 6.68 54.33
C ASN BA 86 -0.90 6.49 54.34
N ILE BA 87 -0.14 7.56 54.59
CA ILE BA 87 1.31 7.43 54.70
C ILE BA 87 1.66 6.81 56.06
N ASN BA 88 1.99 5.50 56.08
CA ASN BA 88 2.25 4.82 57.35
C ASN BA 88 3.30 5.58 58.15
N GLY BA 89 4.51 5.68 57.55
CA GLY BA 89 5.64 6.35 58.18
C GLY BA 89 5.36 7.84 58.39
N THR BA 90 6.25 8.52 59.12
CA THR BA 90 6.18 9.97 59.32
C THR BA 90 6.21 10.68 57.96
N ALA BA 91 5.58 11.85 57.88
CA ALA BA 91 5.57 12.65 56.66
C ALA BA 91 7.01 13.00 56.27
N PRO BA 92 7.42 12.76 54.99
CA PRO BA 92 8.65 13.32 54.46
C PRO BA 92 8.50 14.82 54.21
N SER BA 93 9.63 15.53 54.23
CA SER BA 93 9.67 16.99 54.11
C SER BA 93 10.81 17.42 53.18
N ILE BA 94 10.55 18.44 52.36
CA ILE BA 94 11.51 18.95 51.39
C ILE BA 94 12.03 20.30 51.88
N PRO BA 95 13.36 20.45 52.15
CA PRO BA 95 13.92 21.71 52.62
C PRO BA 95 13.77 22.84 51.61
N ALA BA 96 13.78 24.09 52.11
CA ALA BA 96 13.66 25.28 51.28
C ALA BA 96 14.71 25.30 50.15
N GLY BA 97 14.28 25.62 48.92
CA GLY BA 97 15.19 25.79 47.79
C GLY BA 97 15.75 24.49 47.16
N ARG BA 98 15.53 23.32 47.79
CA ARG BA 98 16.13 22.07 47.32
C ARG BA 98 15.32 21.37 46.22
N THR BA 99 16.04 20.68 45.33
CA THR BA 99 15.49 19.62 44.49
C THR BA 99 16.07 18.29 44.94
N GLN BA 100 15.23 17.30 45.24
CA GLN BA 100 15.72 16.00 45.68
C GLN BA 100 14.70 14.88 45.44
N PRO BA 101 15.14 13.61 45.35
CA PRO BA 101 14.24 12.46 45.51
C PRO BA 101 13.64 12.43 46.91
N ILE BA 102 12.39 11.98 47.00
CA ILE BA 102 11.63 11.79 48.22
C ILE BA 102 11.04 10.38 48.18
N THR BA 103 11.15 9.64 49.28
CA THR BA 103 10.64 8.27 49.38
C THR BA 103 9.89 8.09 50.69
N PHE BA 104 8.71 7.42 50.62
CA PHE BA 104 7.89 7.19 51.81
C PHE BA 104 7.02 5.93 51.67
N GLU BA 105 6.62 5.37 52.81
CA GLU BA 105 5.80 4.17 52.89
C GLU BA 105 4.32 4.56 52.91
N VAL BA 106 3.48 3.78 52.23
CA VAL BA 106 2.05 4.10 52.13
C VAL BA 106 1.20 2.83 52.16
N THR BA 107 -0.04 2.95 52.66
CA THR BA 107 -0.98 1.84 52.80
C THR BA 107 -2.37 2.24 52.31
N PRO BA 108 -3.18 1.32 51.72
CA PRO BA 108 -4.54 1.65 51.28
C PRO BA 108 -5.43 2.01 52.45
N ALA BA 109 -6.28 3.03 52.26
CA ALA BA 109 -7.22 3.45 53.31
C ALA BA 109 -8.41 2.50 53.44
N SER BA 110 -8.76 1.81 52.33
CA SER BA 110 -9.86 0.86 52.26
C SER BA 110 -9.65 -0.12 51.10
N GLY BA 111 -10.29 -1.30 51.20
CA GLY BA 111 -10.20 -2.33 50.17
C GLY BA 111 -8.79 -2.88 49.96
N LYS BA 112 -8.52 -3.32 48.71
CA LYS BA 112 -7.30 -4.02 48.34
C LYS BA 112 -6.94 -3.68 46.89
N PRO BA 113 -5.90 -2.85 46.63
CA PRO BA 113 -5.49 -2.56 45.26
C PRO BA 113 -4.69 -3.73 44.69
N ASN BA 114 -4.51 -3.71 43.37
CA ASN BA 114 -3.82 -4.78 42.68
C ASN BA 114 -3.04 -4.18 41.51
N PHE BA 115 -1.94 -3.47 41.83
CA PHE BA 115 -1.10 -2.91 40.79
C PHE BA 115 -0.47 -4.01 39.95
N SER BA 116 -0.41 -3.79 38.62
CA SER BA 116 0.16 -4.75 37.68
C SER BA 116 1.51 -4.27 37.18
N PRO BA 117 2.58 -5.11 37.18
CA PRO BA 117 3.92 -4.72 36.75
C PRO BA 117 3.97 -3.92 35.44
N GLY BA 118 4.66 -2.78 35.51
CA GLY BA 118 4.89 -1.90 34.36
C GLY BA 118 3.73 -0.97 34.01
N ALA BA 119 2.57 -1.09 34.68
CA ALA BA 119 1.46 -0.17 34.45
C ALA BA 119 1.68 1.17 35.15
N SER BA 120 1.02 2.22 34.64
CA SER BA 120 1.10 3.59 35.16
C SER BA 120 -0.17 3.96 35.91
N TYR BA 121 0.01 4.62 37.07
CA TYR BA 121 -1.07 5.09 37.95
C TYR BA 121 -0.85 6.57 38.25
N THR BA 122 -1.92 7.37 38.40
CA THR BA 122 -1.70 8.77 38.78
C THR BA 122 -1.84 8.94 40.29
N ALA BA 123 -0.75 9.31 40.97
CA ALA BA 123 -0.86 9.86 42.31
C ALA BA 123 -1.25 11.33 42.22
N THR BA 124 -1.98 11.83 43.22
CA THR BA 124 -1.91 13.24 43.55
C THR BA 124 -1.37 13.36 44.97
N ILE BA 125 -0.29 14.12 45.14
CA ILE BA 125 0.31 14.33 46.44
C ILE BA 125 -0.13 15.70 46.93
N TYR BA 126 -0.62 15.80 48.18
CA TYR BA 126 -1.00 17.06 48.77
C TYR BA 126 0.04 17.48 49.80
N PHE BA 127 0.61 18.66 49.60
CA PHE BA 127 1.65 19.21 50.47
C PHE BA 127 1.04 20.17 51.51
N SER BA 128 1.83 20.55 52.53
CA SER BA 128 1.37 21.38 53.63
C SER BA 128 0.91 22.80 53.24
N ASN BA 129 1.17 23.21 51.99
CA ASN BA 129 0.58 24.41 51.39
C ASN BA 129 -0.92 24.27 51.10
N GLY BA 130 -1.47 23.05 51.16
CA GLY BA 130 -2.76 22.76 50.55
C GLY BA 130 -2.70 22.54 49.03
N GLN BA 131 -1.52 22.80 48.43
CA GLN BA 131 -1.25 22.55 47.02
C GLN BA 131 -1.26 21.05 46.73
N GLY BA 132 -1.94 20.65 45.63
CA GLY BA 132 -1.91 19.28 45.16
C GLY BA 132 -1.21 19.18 43.80
N ALA BA 133 -0.33 18.18 43.65
CA ALA BA 133 0.39 17.98 42.41
C ALA BA 133 0.05 16.59 41.85
N PRO BA 134 -0.48 16.46 40.61
CA PRO BA 134 -0.61 15.16 39.97
C PRO BA 134 0.75 14.66 39.47
N ALA BA 135 0.97 13.35 39.60
CA ALA BA 135 2.22 12.70 39.22
C ALA BA 135 1.93 11.29 38.72
N THR BA 136 2.74 10.78 37.79
CA THR BA 136 2.59 9.42 37.31
C THR BA 136 3.60 8.53 38.01
N LEU BA 137 3.11 7.42 38.59
CA LEU BA 137 3.95 6.39 39.18
C LEU BA 137 3.87 5.14 38.31
N ILE BA 138 5.02 4.50 38.04
CA ILE BA 138 5.04 3.21 37.36
C ILE BA 138 5.29 2.12 38.40
N TYR BA 139 4.47 1.07 38.39
CA TYR BA 139 4.59 0.00 39.37
C TYR BA 139 5.71 -0.98 39.00
N GLN BA 140 6.65 -1.18 39.94
CA GLN BA 140 7.88 -1.95 39.74
C GLN BA 140 7.87 -3.32 40.42
N GLY BA 141 6.86 -3.61 41.26
CA GLY BA 141 6.84 -4.75 42.17
C GLY BA 141 6.30 -6.03 41.55
N LEU CA 1 -16.91 65.37 55.61
CA LEU CA 1 -15.88 66.06 54.76
C LEU CA 1 -14.85 65.03 54.29
N SER CA 2 -14.29 64.25 55.23
CA SER CA 2 -13.25 63.23 54.98
C SER CA 2 -13.66 62.13 54.00
N GLY CA 3 -14.93 61.72 54.02
CA GLY CA 3 -15.46 60.61 53.22
C GLY CA 3 -15.23 60.75 51.72
N ALA CA 4 -15.36 61.99 51.21
CA ALA CA 4 -15.14 62.29 49.80
C ALA CA 4 -13.65 62.18 49.43
N ILE CA 5 -12.75 62.67 50.30
CA ILE CA 5 -11.30 62.61 50.10
C ILE CA 5 -10.84 61.14 50.05
N VAL CA 6 -11.33 60.32 50.98
CA VAL CA 6 -11.04 58.88 50.99
C VAL CA 6 -11.55 58.21 49.71
N ALA CA 7 -12.77 58.53 49.29
CA ALA CA 7 -13.33 57.99 48.05
C ALA CA 7 -12.45 58.33 46.84
N LEU CA 8 -11.97 59.56 46.74
CA LEU CA 8 -11.10 60.00 45.66
C LEU CA 8 -9.78 59.22 45.62
N ILE CA 9 -9.12 59.05 46.77
CA ILE CA 9 -7.87 58.31 46.88
C ILE CA 9 -8.06 56.85 46.45
N LEU CA 10 -9.17 56.22 46.85
CA LEU CA 10 -9.44 54.83 46.49
C LEU CA 10 -9.84 54.67 45.01
N VAL CA 11 -10.45 55.69 44.39
CA VAL CA 11 -10.70 55.70 42.95
C VAL CA 11 -9.38 55.75 42.18
N ILE CA 12 -8.50 56.70 42.52
CA ILE CA 12 -7.20 56.84 41.87
C ILE CA 12 -6.34 55.60 42.07
N ALA CA 13 -6.19 55.13 43.31
CA ALA CA 13 -5.45 53.91 43.63
C ALA CA 13 -6.01 52.69 42.90
N GLY CA 14 -7.34 52.59 42.76
CA GLY CA 14 -8.00 51.55 41.99
C GLY CA 14 -7.49 51.48 40.55
N VAL CA 15 -7.41 52.63 39.87
CA VAL CA 15 -6.88 52.71 38.51
C VAL CA 15 -5.43 52.20 38.47
N ILE CA 16 -4.58 52.66 39.39
CA ILE CA 16 -3.17 52.28 39.46
C ILE CA 16 -3.01 50.78 39.66
N ILE CA 17 -3.69 50.19 40.64
CA ILE CA 17 -3.57 48.77 40.98
C ILE CA 17 -4.07 47.90 39.82
N ALA CA 18 -5.19 48.26 39.19
CA ALA CA 18 -5.73 47.50 38.06
C ALA CA 18 -4.73 47.45 36.90
N ILE CA 19 -4.10 48.57 36.57
CA ILE CA 19 -3.07 48.65 35.54
C ILE CA 19 -1.83 47.83 35.93
N ALA CA 20 -1.40 47.91 37.19
CA ALA CA 20 -0.25 47.14 37.68
C ALA CA 20 -0.46 45.63 37.54
N VAL CA 21 -1.68 45.14 37.84
CA VAL CA 21 -2.05 43.74 37.70
C VAL CA 21 -2.02 43.30 36.23
N VAL CA 22 -2.47 44.15 35.31
CA VAL CA 22 -2.41 43.87 33.88
C VAL CA 22 -0.96 43.75 33.40
N LEU CA 23 -0.08 44.67 33.82
CA LEU CA 23 1.33 44.62 33.46
C LEU CA 23 2.04 43.39 34.06
N PHE CA 24 1.71 43.03 35.30
CA PHE CA 24 2.28 41.85 35.95
C PHE CA 24 2.00 40.58 35.14
N ALA CA 25 0.79 40.45 34.60
CA ALA CA 25 0.37 39.29 33.83
C ALA CA 25 1.28 39.06 32.61
N PHE CA 26 1.62 40.11 31.84
CA PHE CA 26 2.56 39.98 30.73
C PHE CA 26 3.97 39.60 31.18
N GLY CA 27 4.40 40.05 32.37
CA GLY CA 27 5.72 39.75 32.91
C GLY CA 27 5.98 38.25 33.16
N LEU CA 28 4.93 37.43 33.20
CA LEU CA 28 5.06 35.99 33.36
C LEU CA 28 5.43 35.29 32.04
N ILE CA 29 5.09 35.89 30.90
CA ILE CA 29 5.15 35.25 29.58
C ILE CA 29 6.58 34.87 29.19
N PRO CA 30 7.62 35.73 29.32
CA PRO CA 30 9.00 35.32 29.08
C PRO CA 30 9.43 34.16 29.98
N GLY CA 31 9.08 34.22 31.27
CA GLY CA 31 9.47 33.21 32.26
C GLY CA 31 8.98 31.79 31.93
N ILE CA 32 7.71 31.63 31.51
CA ILE CA 32 7.14 30.33 31.18
C ILE CA 32 7.79 29.70 29.94
N SER CA 33 8.34 30.52 29.02
CA SER CA 33 8.98 30.02 27.81
C SER CA 33 10.29 29.26 28.10
N ASN CA 34 10.93 29.51 29.25
CA ASN CA 34 12.12 28.79 29.67
C ASN CA 34 11.89 27.28 29.82
N GLN CA 35 10.64 26.87 30.00
CA GLN CA 35 10.23 25.46 30.09
C GLN CA 35 10.57 24.67 28.82
N GLY CA 36 10.81 25.36 27.70
CA GLY CA 36 11.10 24.74 26.42
C GLY CA 36 12.54 24.92 25.95
N SER CA 37 13.48 25.23 26.86
CA SER CA 37 14.82 25.67 26.49
C SER CA 37 15.61 24.58 25.74
N ILE CA 38 15.35 23.30 26.02
CA ILE CA 38 16.23 22.23 25.54
C ILE CA 38 15.56 21.38 24.45
N GLN CA 39 16.36 21.05 23.43
CA GLN CA 39 16.02 20.07 22.42
C GLN CA 39 17.11 19.00 22.36
N VAL CA 40 16.70 17.72 22.25
CA VAL CA 40 17.62 16.62 22.03
C VAL CA 40 17.47 16.19 20.57
N LEU CA 41 18.59 16.14 19.84
CA LEU CA 41 18.54 16.01 18.39
C LEU CA 41 19.60 15.04 17.87
N GLY CA 42 19.37 14.56 16.64
CA GLY CA 42 20.06 13.38 16.12
C GLY CA 42 19.56 12.11 16.81
N SER CA 43 20.42 11.09 16.87
CA SER CA 43 20.16 9.92 17.71
C SER CA 43 21.38 9.64 18.57
N GLY CA 44 21.14 9.13 19.78
CA GLY CA 44 22.20 8.90 20.75
C GLY CA 44 22.76 7.48 20.68
N THR CA 45 23.75 7.21 21.53
CA THR CA 45 24.24 5.85 21.67
C THR CA 45 24.41 5.50 23.14
N ILE CA 46 24.32 4.20 23.43
CA ILE CA 46 24.57 3.66 24.75
C ILE CA 46 25.62 2.55 24.64
N THR CA 47 26.63 2.59 25.51
CA THR CA 47 27.74 1.64 25.37
C THR CA 47 28.19 1.16 26.75
N ASN CA 48 28.59 -0.10 26.85
CA ASN CA 48 29.16 -0.66 28.07
C ASN CA 48 30.27 0.27 28.57
N SER CA 49 30.35 0.45 29.90
CA SER CA 49 31.34 1.35 30.49
C SER CA 49 32.07 0.68 31.66
N THR CA 50 31.63 -0.52 32.04
CA THR CA 50 32.27 -1.27 33.12
C THR CA 50 33.41 -2.16 32.62
N ALA CA 51 34.29 -2.58 33.55
CA ALA CA 51 35.48 -3.35 33.22
C ALA CA 51 35.86 -4.34 34.33
N SER CA 52 36.75 -5.29 33.98
CA SER CA 52 37.49 -6.18 34.89
C SER CA 52 36.60 -7.02 35.83
N GLY CA 53 35.35 -7.30 35.43
CA GLY CA 53 34.38 -8.03 36.25
C GLY CA 53 33.97 -7.30 37.53
N SER CA 54 34.01 -5.95 37.49
CA SER CA 54 33.59 -5.07 38.58
C SER CA 54 32.11 -5.26 38.93
N SER CA 55 31.75 -4.98 40.20
CA SER CA 55 30.46 -5.30 40.81
C SER CA 55 29.27 -4.53 40.20
N ARG CA 56 29.53 -3.36 39.58
CA ARG CA 56 28.51 -2.55 38.93
C ARG CA 56 28.59 -2.66 37.41
N THR CA 57 27.44 -2.91 36.77
CA THR CA 57 27.26 -2.56 35.36
C THR CA 57 27.08 -1.06 35.25
N ILE CA 58 27.88 -0.40 34.38
CA ILE CA 58 27.84 1.03 34.13
C ILE CA 58 27.83 1.23 32.63
N TYR CA 59 27.11 2.25 32.14
CA TYR CA 59 26.98 2.48 30.71
C TYR CA 59 27.30 3.93 30.36
N ASN CA 60 27.32 4.25 29.06
CA ASN CA 60 27.60 5.60 28.59
C ASN CA 60 26.44 6.09 27.72
N ILE CA 61 25.84 7.23 28.08
CA ILE CA 61 24.74 7.80 27.32
C ILE CA 61 25.26 9.03 26.56
N THR CA 62 25.59 8.86 25.27
CA THR CA 62 25.97 10.02 24.48
C THR CA 62 24.79 10.51 23.65
N ILE CA 63 24.51 11.82 23.71
CA ILE CA 63 23.42 12.49 23.01
C ILE CA 63 23.87 13.88 22.55
N THR CA 64 23.20 14.48 21.56
CA THR CA 64 23.45 15.87 21.18
C THR CA 64 22.31 16.75 21.69
N VAL CA 65 22.67 17.85 22.37
CA VAL CA 65 21.70 18.70 23.06
C VAL CA 65 21.90 20.15 22.64
N LYS CA 66 20.79 20.85 22.40
CA LYS CA 66 20.78 22.27 22.06
C LYS CA 66 20.04 23.03 23.16
N ASN CA 67 20.71 24.04 23.74
CA ASN CA 67 20.11 24.88 24.78
C ASN CA 67 19.83 26.27 24.19
N THR CA 68 18.54 26.65 24.15
CA THR CA 68 18.06 27.94 23.65
C THR CA 68 17.87 28.97 24.78
N GLY CA 69 17.93 28.52 26.04
CA GLY CA 69 17.72 29.37 27.21
C GLY CA 69 18.91 30.29 27.52
N THR CA 70 18.72 31.13 28.55
CA THR CA 70 19.70 32.15 28.96
C THR CA 70 20.63 31.66 30.08
N THR CA 71 20.43 30.42 30.56
CA THR CA 71 21.15 29.86 31.70
C THR CA 71 21.70 28.46 31.36
N SER CA 72 22.80 28.08 31.99
CA SER CA 72 23.30 26.70 31.96
C SER CA 72 22.29 25.77 32.64
N ILE CA 73 21.98 24.62 32.00
CA ILE CA 73 20.94 23.69 32.43
C ILE CA 73 21.51 22.28 32.46
N SER CA 74 21.13 21.47 33.47
CA SER CA 74 21.78 20.19 33.73
C SER CA 74 20.80 19.00 33.76
N VAL CA 75 21.33 17.80 33.49
CA VAL CA 75 20.56 16.56 33.51
C VAL CA 75 20.27 16.17 34.97
N THR CA 76 18.98 16.12 35.35
CA THR CA 76 18.60 15.73 36.70
C THR CA 76 18.41 14.22 36.84
N SER CA 77 17.78 13.58 35.84
CA SER CA 77 17.49 12.14 35.88
C SER CA 77 17.28 11.60 34.47
N ILE CA 78 17.38 10.27 34.35
CA ILE CA 78 17.14 9.57 33.10
C ILE CA 78 16.33 8.30 33.36
N ASN CA 79 15.41 8.00 32.46
CA ASN CA 79 14.64 6.78 32.45
C ASN CA 79 14.88 6.12 31.09
N ILE CA 80 15.26 4.83 31.04
CA ILE CA 80 15.54 4.15 29.79
C ILE CA 80 14.49 3.05 29.59
N ASN CA 81 13.70 3.16 28.52
CA ASN CA 81 12.72 2.16 28.11
C ASN CA 81 11.74 1.83 29.24
N GLY CA 82 11.29 2.86 29.97
CA GLY CA 82 10.41 2.74 31.14
C GLY CA 82 11.13 2.50 32.46
N GLN CA 83 12.38 1.99 32.43
CA GLN CA 83 13.12 1.61 33.63
C GLN CA 83 13.83 2.83 34.23
N PRO CA 84 13.81 3.02 35.57
CA PRO CA 84 14.59 4.07 36.22
C PRO CA 84 16.09 3.75 36.27
N PHE CA 85 16.91 4.81 36.13
CA PHE CA 85 18.37 4.72 36.11
C PHE CA 85 18.97 5.90 36.90
N ASN CA 86 20.19 5.72 37.46
CA ASN CA 86 20.89 6.73 38.22
C ASN CA 86 22.17 7.18 37.51
N ILE CA 87 22.38 8.49 37.34
CA ILE CA 87 23.61 8.99 36.74
C ILE CA 87 24.74 8.90 37.77
N ASN CA 88 25.62 7.89 37.67
CA ASN CA 88 26.66 7.68 38.66
C ASN CA 88 27.47 8.97 38.84
N GLY CA 89 28.10 9.41 37.73
CA GLY CA 89 28.94 10.61 37.73
C GLY CA 89 28.11 11.86 38.02
N THR CA 90 28.80 13.00 38.23
CA THR CA 90 28.15 14.29 38.42
C THR CA 90 27.27 14.61 37.20
N ALA CA 91 26.20 15.38 37.41
CA ALA CA 91 25.32 15.79 36.34
C ALA CA 91 26.10 16.59 35.29
N PRO CA 92 25.99 16.23 33.98
CA PRO CA 92 26.47 17.11 32.91
C PRO CA 92 25.54 18.31 32.74
N SER CA 93 26.09 19.40 32.20
CA SER CA 93 25.39 20.67 32.06
C SER CA 93 25.69 21.29 30.69
N ILE CA 94 24.66 21.91 30.08
CA ILE CA 94 24.76 22.50 28.76
C ILE CA 94 24.76 24.02 28.93
N PRO CA 95 25.82 24.75 28.51
CA PRO CA 95 25.87 26.21 28.65
C PRO CA 95 24.80 26.91 27.82
N ALA CA 96 24.43 28.13 28.23
CA ALA CA 96 23.44 28.94 27.54
C ALA CA 96 23.77 29.12 26.05
N GLY CA 97 22.77 28.94 25.16
CA GLY CA 97 22.93 29.18 23.74
C GLY CA 97 23.70 28.12 22.94
N ARG CA 98 24.35 27.14 23.61
CA ARG CA 98 25.20 26.16 22.93
C ARG CA 98 24.44 24.97 22.36
N THR CA 99 24.94 24.43 21.24
CA THR CA 99 24.65 23.07 20.79
C THR CA 99 25.93 22.25 20.93
N GLN CA 100 25.86 21.09 21.61
CA GLN CA 100 27.03 20.24 21.78
C GLN CA 100 26.65 18.79 22.07
N PRO CA 101 27.56 17.82 21.80
CA PRO CA 101 27.46 16.48 22.39
C PRO CA 101 27.60 16.54 23.91
N ILE CA 102 26.86 15.66 24.59
CA ILE CA 102 26.87 15.47 26.04
C ILE CA 102 27.06 13.98 26.30
N THR CA 103 27.95 13.63 27.23
CA THR CA 103 28.25 12.24 27.58
C THR CA 103 28.28 12.08 29.09
N PHE CA 104 27.67 11.00 29.61
CA PHE CA 104 27.62 10.74 31.05
C PHE CA 104 27.48 9.26 31.36
N GLU CA 105 27.91 8.87 32.56
CA GLU CA 105 27.88 7.50 33.05
C GLU CA 105 26.55 7.25 33.78
N VAL CA 106 25.96 6.05 33.59
CA VAL CA 106 24.66 5.74 34.18
C VAL CA 106 24.61 4.27 34.64
N THR CA 107 23.80 3.99 35.68
CA THR CA 107 23.64 2.67 36.27
C THR CA 107 22.16 2.35 36.48
N PRO CA 108 21.72 1.07 36.38
CA PRO CA 108 20.32 0.71 36.64
C PRO CA 108 19.94 0.95 38.10
N ALA CA 109 18.73 1.46 38.33
CA ALA CA 109 18.25 1.71 39.69
C ALA CA 109 17.83 0.41 40.39
N SER CA 110 17.41 -0.60 39.59
CA SER CA 110 16.96 -1.90 40.07
C SER CA 110 17.09 -2.96 38.97
N GLY CA 111 17.19 -4.23 39.38
CA GLY CA 111 17.31 -5.36 38.45
C GLY CA 111 18.58 -5.32 37.60
N LYS CA 112 18.47 -5.90 36.38
CA LYS CA 112 19.60 -6.11 35.49
C LYS CA 112 19.11 -6.02 34.03
N PRO CA 113 19.42 -4.92 33.29
CA PRO CA 113 19.03 -4.81 31.88
C PRO CA 113 19.97 -5.67 31.02
N ASN CA 114 19.55 -5.89 29.78
CA ASN CA 114 20.30 -6.72 28.86
C ASN CA 114 20.14 -6.15 27.46
N PHE CA 115 20.78 -5.01 27.18
CA PHE CA 115 20.75 -4.41 25.87
C PHE CA 115 21.39 -5.34 24.83
N SER CA 116 20.78 -5.43 23.64
CA SER CA 116 21.27 -6.28 22.56
C SER CA 116 21.90 -5.41 21.47
N PRO CA 117 23.12 -5.73 20.97
CA PRO CA 117 23.79 -4.94 19.94
C PRO CA 117 22.92 -4.53 18.76
N GLY CA 118 22.95 -3.22 18.46
CA GLY CA 118 22.24 -2.63 17.34
C GLY CA 118 20.75 -2.35 17.57
N ALA CA 119 20.18 -2.76 18.72
CA ALA CA 119 18.79 -2.46 19.04
C ALA CA 119 18.64 -1.01 19.53
N SER CA 120 17.41 -0.48 19.38
CA SER CA 120 17.05 0.88 19.76
C SER CA 120 16.21 0.88 21.05
N TYR CA 121 16.51 1.81 21.96
CA TYR CA 121 15.83 2.00 23.23
C TYR CA 121 15.44 3.46 23.38
N THR CA 122 14.29 3.78 24.01
CA THR CA 122 13.97 5.18 24.22
C THR CA 122 14.42 5.63 25.61
N ALA CA 123 15.37 6.56 25.67
CA ALA CA 123 15.58 7.31 26.89
C ALA CA 123 14.56 8.45 26.98
N THR CA 124 14.17 8.83 28.20
CA THR CA 124 13.70 10.19 28.43
C THR CA 124 14.67 10.84 29.41
N ILE CA 125 15.22 12.00 29.03
CA ILE CA 125 16.14 12.71 29.88
C ILE CA 125 15.35 13.88 30.50
N TYR CA 126 15.46 14.05 31.82
CA TYR CA 126 14.81 15.17 32.51
C TYR CA 126 15.86 16.19 32.91
N PHE CA 127 15.67 17.43 32.44
CA PHE CA 127 16.59 18.53 32.70
C PHE CA 127 16.10 19.38 33.88
N SER CA 128 16.96 20.28 34.39
CA SER CA 128 16.68 21.09 35.57
C SER CA 128 15.49 22.05 35.42
N ASN CA 129 14.98 22.23 34.18
CA ASN CA 129 13.72 22.91 33.93
C ASN CA 129 12.49 22.13 34.41
N GLY CA 130 12.65 20.84 34.73
CA GLY CA 130 11.53 19.92 34.84
C GLY CA 130 11.04 19.38 33.47
N GLN CA 131 11.59 19.95 32.37
CA GLN CA 131 11.33 19.50 31.00
C GLN CA 131 11.89 18.10 30.79
N GLY CA 132 11.10 17.22 30.16
CA GLY CA 132 11.57 15.91 29.75
C GLY CA 132 11.59 15.78 28.23
N ALA CA 133 12.67 15.21 27.69
CA ALA CA 133 12.80 15.02 26.25
C ALA CA 133 12.96 13.53 25.94
N PRO CA 134 12.07 12.91 25.12
CA PRO CA 134 12.32 11.55 24.64
C PRO CA 134 13.39 11.55 23.56
N ALA CA 135 14.23 10.51 23.58
CA ALA CA 135 15.36 10.36 22.66
C ALA CA 135 15.59 8.87 22.38
N THR CA 136 16.07 8.53 21.18
CA THR CA 136 16.38 7.15 20.85
C THR CA 136 17.88 6.93 21.00
N LEU CA 137 18.26 5.90 21.76
CA LEU CA 137 19.64 5.46 21.89
C LEU CA 137 19.80 4.12 21.18
N ILE CA 138 20.88 3.96 20.40
CA ILE CA 138 21.21 2.67 19.82
C ILE CA 138 22.35 2.05 20.61
N TYR CA 139 22.20 0.78 21.02
CA TYR CA 139 23.21 0.12 21.84
C TYR CA 139 24.39 -0.38 20.99
N GLN CA 140 25.60 0.04 21.37
CA GLN CA 140 26.84 -0.18 20.61
C GLN CA 140 27.77 -1.23 21.24
N GLY CA 141 27.46 -1.71 22.46
CA GLY CA 141 28.36 -2.50 23.28
C GLY CA 141 28.27 -4.00 23.02
N LEU DA 1 -17.25 53.04 45.48
CA LEU DA 1 -17.14 53.86 44.23
C LEU DA 1 -16.06 53.27 43.33
N SER DA 2 -14.86 53.03 43.89
CA SER DA 2 -13.68 52.50 43.20
C SER DA 2 -13.91 51.13 42.54
N GLY DA 3 -14.69 50.24 43.18
CA GLY DA 3 -14.90 48.87 42.76
C GLY DA 3 -15.44 48.73 41.34
N ALA DA 4 -16.32 49.64 40.93
CA ALA DA 4 -16.88 49.66 39.59
C ALA DA 4 -15.83 50.08 38.54
N ILE DA 5 -15.00 51.09 38.85
CA ILE DA 5 -13.94 51.56 37.98
C ILE DA 5 -12.92 50.44 37.73
N VAL DA 6 -12.51 49.74 38.80
CA VAL DA 6 -11.61 48.60 38.70
C VAL DA 6 -12.23 47.49 37.83
N ALA DA 7 -13.51 47.17 38.04
CA ALA DA 7 -14.21 46.18 37.24
C ALA DA 7 -14.20 46.54 35.75
N LEU DA 8 -14.44 47.82 35.42
CA LEU DA 8 -14.43 48.29 34.03
C LEU DA 8 -13.05 48.12 33.38
N ILE DA 9 -11.97 48.52 34.07
CA ILE DA 9 -10.61 48.40 33.58
C ILE DA 9 -10.26 46.92 33.31
N LEU DA 10 -10.66 46.01 34.20
CA LEU DA 10 -10.37 44.59 34.03
C LEU DA 10 -11.22 43.94 32.95
N VAL DA 11 -12.44 44.44 32.68
CA VAL DA 11 -13.25 44.01 31.55
C VAL DA 11 -12.57 44.39 30.24
N ILE DA 12 -12.18 45.67 30.08
CA ILE DA 12 -11.52 46.17 28.88
C ILE DA 12 -10.19 45.46 28.66
N ALA DA 13 -9.32 45.41 29.68
CA ALA DA 13 -8.05 44.70 29.62
C ALA DA 13 -8.22 43.23 29.27
N GLY DA 14 -9.26 42.58 29.80
CA GLY DA 14 -9.59 41.20 29.46
C GLY DA 14 -9.79 41.00 27.95
N VAL DA 15 -10.55 41.89 27.31
CA VAL DA 15 -10.75 41.84 25.86
C VAL DA 15 -9.41 41.97 25.13
N ILE DA 16 -8.57 42.94 25.51
CA ILE DA 16 -7.28 43.20 24.89
C ILE DA 16 -6.36 41.98 25.00
N ILE DA 17 -6.20 41.41 26.21
CA ILE DA 17 -5.30 40.30 26.46
C ILE DA 17 -5.76 39.05 25.71
N ALA DA 18 -7.07 38.76 25.69
CA ALA DA 18 -7.60 37.61 24.98
C ALA DA 18 -7.30 37.69 23.48
N ILE DA 19 -7.48 38.86 22.87
CA ILE DA 19 -7.14 39.08 21.46
C ILE DA 19 -5.63 38.95 21.23
N ALA DA 20 -4.80 39.50 22.12
CA ALA DA 20 -3.34 39.41 22.00
C ALA DA 20 -2.86 37.95 22.01
N VAL DA 21 -3.45 37.11 22.86
CA VAL DA 21 -3.14 35.68 22.94
C VAL DA 21 -3.53 34.95 21.65
N VAL DA 22 -4.67 35.30 21.04
CA VAL DA 22 -5.10 34.74 19.77
C VAL DA 22 -4.11 35.10 18.65
N LEU DA 23 -3.69 36.37 18.57
CA LEU DA 23 -2.71 36.81 17.58
C LEU DA 23 -1.34 36.15 17.78
N PHE DA 24 -0.90 36.00 19.03
CA PHE DA 24 0.36 35.35 19.34
C PHE DA 24 0.41 33.92 18.79
N ALA DA 25 -0.70 33.18 18.91
CA ALA DA 25 -0.81 31.80 18.44
C ALA DA 25 -0.51 31.67 16.93
N PHE DA 26 -1.06 32.55 16.08
CA PHE DA 26 -0.75 32.56 14.66
C PHE DA 26 0.72 32.88 14.39
N GLY DA 27 1.35 33.75 15.20
CA GLY DA 27 2.75 34.14 15.05
C GLY DA 27 3.75 32.99 15.16
N LEU DA 28 3.34 31.85 15.71
CA LEU DA 28 4.19 30.66 15.81
C LEU DA 28 4.24 29.88 14.49
N ILE DA 29 3.21 30.00 13.64
CA ILE DA 29 3.00 29.15 12.48
C ILE DA 29 4.13 29.29 11.44
N PRO DA 30 4.58 30.51 11.05
CA PRO DA 30 5.74 30.63 10.16
C PRO DA 30 6.99 30.00 10.77
N GLY DA 31 7.25 30.22 12.07
CA GLY DA 31 8.43 29.72 12.75
C GLY DA 31 8.58 28.20 12.73
N ILE DA 32 7.50 27.45 12.98
CA ILE DA 32 7.53 25.99 12.99
C ILE DA 32 7.80 25.39 11.59
N SER DA 33 7.46 26.11 10.51
CA SER DA 33 7.68 25.65 9.15
C SER DA 33 9.16 25.57 8.78
N ASN DA 34 10.04 26.33 9.47
CA ASN DA 34 11.48 26.28 9.27
C ASN DA 34 12.07 24.89 9.54
N GLN DA 35 11.36 24.06 10.31
CA GLN DA 35 11.74 22.68 10.60
C GLN DA 35 11.85 21.81 9.34
N GLY DA 36 11.24 22.25 8.23
CA GLY DA 36 11.20 21.52 6.97
C GLY DA 36 12.04 22.14 5.86
N SER DA 37 13.01 23.01 6.21
CA SER DA 37 13.70 23.84 5.23
C SER DA 37 14.50 23.04 4.21
N ILE DA 38 15.02 21.86 4.60
CA ILE DA 38 15.99 21.15 3.78
C ILE DA 38 15.41 19.88 3.15
N GLN DA 39 15.77 19.66 1.88
CA GLN DA 39 15.52 18.42 1.17
C GLN DA 39 16.85 17.91 0.61
N VAL DA 40 17.09 16.59 0.74
CA VAL DA 40 18.23 15.93 0.11
C VAL DA 40 17.70 15.14 -1.09
N LEU DA 41 18.28 15.37 -2.27
CA LEU DA 41 17.68 14.89 -3.51
C LEU DA 41 18.75 14.34 -4.46
N GLY DA 42 18.28 13.53 -5.43
CA GLY DA 42 19.14 12.65 -6.20
C GLY DA 42 19.64 11.47 -5.34
N SER DA 43 20.81 10.94 -5.68
CA SER DA 43 21.51 10.01 -4.81
C SER DA 43 22.95 10.47 -4.63
N GLY DA 44 23.51 10.19 -3.45
CA GLY DA 44 24.84 10.65 -3.11
C GLY DA 44 25.92 9.61 -3.43
N THR DA 45 27.17 9.96 -3.16
CA THR DA 45 28.25 9.00 -3.26
C THR DA 45 29.17 9.12 -2.05
N ILE DA 46 29.84 8.00 -1.73
CA ILE DA 46 30.84 7.95 -0.69
C ILE DA 46 32.12 7.36 -1.29
N THR DA 47 33.26 8.00 -1.02
CA THR DA 47 34.50 7.58 -1.66
C THR DA 47 35.65 7.68 -0.67
N ASN DA 48 36.61 6.74 -0.76
CA ASN DA 48 37.82 6.77 0.05
C ASN DA 48 38.47 8.16 -0.06
N SER DA 49 39.00 8.68 1.05
CA SER DA 49 39.60 10.00 1.07
C SER DA 49 40.97 9.99 1.75
N THR DA 50 41.36 8.82 2.32
CA THR DA 50 42.66 8.69 2.97
C THR DA 50 43.75 8.24 1.98
N ALA DA 51 45.02 8.45 2.37
CA ALA DA 51 46.17 8.18 1.51
C ALA DA 51 47.38 7.71 2.31
N SER DA 52 48.38 7.15 1.60
CA SER DA 52 49.76 6.89 2.04
C SER DA 52 49.87 6.01 3.31
N GLY DA 53 48.85 5.17 3.57
CA GLY DA 53 48.81 4.32 4.76
C GLY DA 53 48.68 5.11 6.07
N SER DA 54 48.05 6.30 6.00
CA SER DA 54 47.77 7.17 7.14
C SER DA 54 46.87 6.49 8.18
N SER DA 55 46.99 6.91 9.45
CA SER DA 55 46.40 6.24 10.61
C SER DA 55 44.86 6.29 10.64
N ARG DA 56 44.25 7.28 9.97
CA ARG DA 56 42.80 7.43 9.88
C ARG DA 56 42.27 7.00 8.52
N THR DA 57 41.23 6.16 8.52
CA THR DA 57 40.33 6.06 7.37
C THR DA 57 39.43 7.30 7.33
N ILE DA 58 39.38 7.98 6.18
CA ILE DA 58 38.58 9.17 5.97
C ILE DA 58 37.84 8.99 4.65
N TYR DA 59 36.59 9.48 4.56
CA TYR DA 59 35.78 9.28 3.37
C TYR DA 59 35.20 10.61 2.88
N ASN DA 60 34.51 10.59 1.73
CA ASN DA 60 33.90 11.79 1.17
C ASN DA 60 32.41 11.55 0.96
N ILE DA 61 31.56 12.40 1.56
CA ILE DA 61 30.11 12.28 1.41
C ILE DA 61 29.63 13.39 0.48
N THR DA 62 29.42 13.06 -0.81
CA THR DA 62 28.83 14.05 -1.71
C THR DA 62 27.33 13.81 -1.87
N ILE DA 63 26.53 14.87 -1.69
CA ILE DA 63 25.07 14.85 -1.79
C ILE DA 63 24.58 16.16 -2.43
N THR DA 64 23.35 16.17 -2.98
CA THR DA 64 22.74 17.42 -3.45
C THR DA 64 21.65 17.86 -2.47
N VAL DA 65 21.70 19.14 -2.06
CA VAL DA 65 20.86 19.65 -1.00
C VAL DA 65 20.16 20.92 -1.49
N LYS DA 66 18.86 21.04 -1.17
CA LYS DA 66 18.05 22.20 -1.49
C LYS DA 66 17.57 22.84 -0.18
N ASN DA 67 17.86 24.14 0.00
CA ASN DA 67 17.44 24.88 1.18
C ASN DA 67 16.33 25.86 0.79
N THR DA 68 15.13 25.66 1.36
CA THR DA 68 13.94 26.50 1.14
C THR DA 68 13.79 27.59 2.21
N GLY DA 69 14.58 27.52 3.29
CA GLY DA 69 14.51 28.47 4.40
C GLY DA 69 15.14 29.83 4.08
N THR DA 70 15.03 30.75 5.05
CA THR DA 70 15.48 32.13 4.93
C THR DA 70 16.90 32.35 5.46
N THR DA 71 17.53 31.29 5.99
CA THR DA 71 18.84 31.35 6.64
C THR DA 71 19.77 30.26 6.11
N SER DA 72 21.08 30.52 6.13
CA SER DA 72 22.09 29.50 5.88
C SER DA 72 22.03 28.43 6.98
N ILE DA 73 22.07 27.14 6.60
CA ILE DA 73 21.87 26.00 7.49
C ILE DA 73 22.99 24.99 7.26
N SER DA 74 23.50 24.35 8.33
CA SER DA 74 24.72 23.55 8.26
C SER DA 74 24.53 22.12 8.78
N VAL DA 75 25.40 21.20 8.31
CA VAL DA 75 25.39 19.81 8.72
C VAL DA 75 25.95 19.69 10.14
N THR DA 76 25.14 19.22 11.10
CA THR DA 76 25.59 19.04 12.48
C THR DA 76 26.22 17.67 12.71
N SER DA 77 25.62 16.61 12.15
CA SER DA 77 26.07 15.24 12.35
C SER DA 77 25.57 14.33 11.23
N ILE DA 78 26.22 13.16 11.09
CA ILE DA 78 25.84 12.15 10.12
C ILE DA 78 25.91 10.77 10.77
N ASN DA 79 24.94 9.92 10.42
CA ASN DA 79 24.92 8.52 10.80
C ASN DA 79 24.85 7.72 9.51
N ILE DA 80 25.73 6.72 9.31
CA ILE DA 80 25.73 5.93 8.10
C ILE DA 80 25.35 4.49 8.44
N ASN DA 81 24.24 4.01 7.89
CA ASN DA 81 23.77 2.63 8.02
C ASN DA 81 23.65 2.22 9.49
N GLY DA 82 23.11 3.13 10.33
CA GLY DA 82 22.98 2.94 11.77
C GLY DA 82 24.22 3.33 12.58
N GLN DA 83 25.40 3.38 11.96
CA GLN DA 83 26.67 3.63 12.66
C GLN DA 83 26.91 5.14 12.82
N PRO DA 84 27.37 5.62 14.00
CA PRO DA 84 27.75 7.02 14.17
C PRO DA 84 29.08 7.36 13.49
N PHE DA 85 29.18 8.58 12.96
CA PHE DA 85 30.33 9.09 12.23
C PHE DA 85 30.58 10.56 12.62
N ASN DA 86 31.84 11.01 12.51
CA ASN DA 86 32.24 12.39 12.83
C ASN DA 86 32.72 13.12 11.57
N ILE DA 87 32.18 14.33 11.30
CA ILE DA 87 32.67 15.12 10.17
C ILE DA 87 34.01 15.74 10.53
N ASN DA 88 35.12 15.17 10.02
CA ASN DA 88 36.46 15.66 10.39
C ASN DA 88 36.55 17.16 10.13
N GLY DA 89 36.36 17.55 8.86
CA GLY DA 89 36.46 18.94 8.43
C GLY DA 89 35.35 19.77 9.06
N THR DA 90 35.43 21.11 8.90
CA THR DA 90 34.40 22.03 9.36
C THR DA 90 33.06 21.67 8.71
N ALA DA 91 31.96 21.97 9.41
CA ALA DA 91 30.62 21.71 8.89
C ALA DA 91 30.42 22.48 7.59
N PRO DA 92 29.95 21.82 6.51
CA PRO DA 92 29.46 22.53 5.32
C PRO DA 92 28.10 23.18 5.60
N SER DA 93 27.79 24.23 4.84
CA SER DA 93 26.59 25.04 5.04
C SER DA 93 25.95 25.38 3.70
N ILE DA 94 24.60 25.36 3.65
CA ILE DA 94 23.85 25.61 2.44
C ILE DA 94 23.20 26.99 2.57
N PRO DA 95 23.52 27.97 1.68
CA PRO DA 95 22.92 29.31 1.74
C PRO DA 95 21.41 29.30 1.53
N ALA DA 96 20.72 30.32 2.04
CA ALA DA 96 19.28 30.47 1.92
C ALA DA 96 18.83 30.41 0.45
N GLY DA 97 17.77 29.64 0.16
CA GLY DA 97 17.18 29.58 -1.16
C GLY DA 97 17.94 28.76 -2.22
N ARG DA 98 19.18 28.31 -1.94
CA ARG DA 98 20.01 27.64 -2.93
C ARG DA 98 19.74 26.13 -3.03
N THR DA 99 19.92 25.59 -4.25
CA THR DA 99 20.13 24.16 -4.48
C THR DA 99 21.56 23.98 -4.98
N GLN DA 100 22.34 23.09 -4.33
CA GLN DA 100 23.73 22.87 -4.73
C GLN DA 100 24.24 21.50 -4.27
N PRO DA 101 25.28 20.94 -4.94
CA PRO DA 101 26.08 19.86 -4.35
C PRO DA 101 26.79 20.34 -3.09
N ILE DA 102 26.93 19.42 -2.12
CA ILE DA 102 27.64 19.61 -0.86
C ILE DA 102 28.59 18.42 -0.69
N THR DA 103 29.84 18.70 -0.32
CA THR DA 103 30.86 17.67 -0.14
C THR DA 103 31.61 17.90 1.17
N PHE DA 104 31.85 16.83 1.94
CA PHE DA 104 32.55 16.93 3.22
C PHE DA 104 33.27 15.63 3.58
N GLU DA 105 34.29 15.75 4.44
CA GLU DA 105 35.11 14.64 4.90
C GLU DA 105 34.50 14.05 6.18
N VAL DA 106 34.53 12.72 6.32
CA VAL DA 106 33.93 12.06 7.48
C VAL DA 106 34.76 10.85 7.93
N THR DA 107 34.70 10.53 9.23
CA THR DA 107 35.46 9.44 9.84
C THR DA 107 34.55 8.61 10.76
N PRO DA 108 34.76 7.28 10.89
CA PRO DA 108 33.95 6.46 11.80
C PRO DA 108 34.16 6.86 13.27
N ALA DA 109 33.07 6.89 14.05
CA ALA DA 109 33.17 7.22 15.46
C ALA DA 109 33.74 6.08 16.30
N SER DA 110 33.55 4.83 15.82
CA SER DA 110 34.01 3.61 16.48
C SER DA 110 34.14 2.47 15.47
N GLY DA 111 34.99 1.48 15.79
CA GLY DA 111 35.22 0.32 14.94
C GLY DA 111 35.83 0.65 13.58
N LYS DA 112 35.50 -0.19 12.58
CA LYS DA 112 36.09 -0.14 11.26
C LYS DA 112 35.06 -0.59 10.22
N PRO DA 113 34.47 0.32 9.41
CA PRO DA 113 33.53 -0.07 8.36
C PRO DA 113 34.29 -0.66 7.17
N ASN DA 114 33.54 -1.33 6.29
CA ASN DA 114 34.12 -1.98 5.13
C ASN DA 114 33.14 -1.88 3.97
N PHE DA 115 32.99 -0.67 3.40
CA PHE DA 115 32.12 -0.47 2.26
C PHE DA 115 32.62 -1.28 1.06
N SER DA 116 31.69 -1.88 0.30
CA SER DA 116 32.01 -2.70 -0.86
C SER DA 116 31.64 -1.94 -2.14
N PRO DA 117 32.52 -1.85 -3.16
CA PRO DA 117 32.23 -1.12 -4.40
C PRO DA 117 30.86 -1.40 -5.01
N GLY DA 118 30.14 -0.30 -5.30
CA GLY DA 118 28.84 -0.33 -5.95
C GLY DA 118 27.66 -0.63 -5.03
N ALA DA 119 27.90 -0.95 -3.74
CA ALA DA 119 26.81 -1.17 -2.79
C ALA DA 119 26.22 0.16 -2.31
N SER DA 120 24.96 0.11 -1.86
CA SER DA 120 24.20 1.26 -1.36
C SER DA 120 24.09 1.22 0.16
N TYR DA 121 24.28 2.38 0.80
CA TYR DA 121 24.20 2.58 2.25
C TYR DA 121 23.26 3.75 2.55
N THR DA 122 22.50 3.72 3.65
CA THR DA 122 21.68 4.88 3.97
C THR DA 122 22.40 5.79 4.95
N ALA DA 123 22.72 7.01 4.53
CA ALA DA 123 23.06 8.05 5.49
C ALA DA 123 21.77 8.66 6.05
N THR DA 124 21.80 9.13 7.29
CA THR DA 124 20.90 10.20 7.70
C THR DA 124 21.76 11.39 8.08
N ILE DA 125 21.49 12.54 7.46
CA ILE DA 125 22.22 13.77 7.76
C ILE DA 125 21.33 14.62 8.66
N TYR DA 126 21.89 15.13 9.77
CA TYR DA 126 21.15 16.01 10.66
C TYR DA 126 21.65 17.44 10.48
N PHE DA 127 20.73 18.35 10.15
CA PHE DA 127 21.03 19.74 9.91
C PHE DA 127 20.76 20.59 11.16
N SER DA 128 21.22 21.85 11.18
CA SER DA 128 21.12 22.73 12.34
C SER DA 128 19.68 23.07 12.76
N ASN DA 129 18.68 22.73 11.93
CA ASN DA 129 17.27 22.77 12.32
C ASN DA 129 16.89 21.67 13.34
N GLY DA 130 17.75 20.68 13.56
CA GLY DA 130 17.36 19.44 14.21
C GLY DA 130 16.65 18.45 13.26
N GLN DA 131 16.35 18.90 12.03
CA GLN DA 131 15.78 18.08 10.97
C GLN DA 131 16.78 17.01 10.51
N GLY DA 132 16.32 15.77 10.36
CA GLY DA 132 17.12 14.69 9.80
C GLY DA 132 16.56 14.24 8.46
N ALA DA 133 17.43 14.05 7.47
CA ALA DA 133 17.01 13.58 6.15
C ALA DA 133 17.71 12.26 5.83
N PRO DA 134 16.97 11.16 5.56
CA PRO DA 134 17.59 9.93 5.04
C PRO DA 134 17.98 10.11 3.57
N ALA DA 135 19.12 9.54 3.19
CA ALA DA 135 19.67 9.62 1.85
C ALA DA 135 20.43 8.34 1.51
N THR DA 136 20.45 7.95 0.24
CA THR DA 136 21.21 6.78 -0.18
C THR DA 136 22.53 7.23 -0.77
N LEU DA 137 23.63 6.65 -0.28
CA LEU DA 137 24.96 6.85 -0.83
C LEU DA 137 25.41 5.56 -1.51
N ILE DA 138 26.00 5.66 -2.70
CA ILE DA 138 26.61 4.52 -3.37
C ILE DA 138 28.13 4.64 -3.21
N TYR DA 139 28.78 3.55 -2.76
CA TYR DA 139 30.21 3.56 -2.52
C TYR DA 139 31.00 3.40 -3.83
N GLN DA 140 31.90 4.35 -4.10
CA GLN DA 140 32.65 4.47 -5.36
C GLN DA 140 34.12 4.06 -5.24
N GLY DA 141 34.62 3.82 -4.02
CA GLY DA 141 36.06 3.67 -3.73
C GLY DA 141 36.57 2.24 -3.89
N LEU EA 1 -16.04 39.62 36.96
CA LEU EA 1 -16.87 40.09 35.79
C LEU EA 1 -16.13 39.78 34.49
N SER EA 2 -14.85 40.19 34.39
CA SER EA 2 -13.97 40.02 33.23
C SER EA 2 -13.78 38.56 32.79
N GLY EA 3 -13.71 37.62 33.76
CA GLY EA 3 -13.42 36.21 33.51
C GLY EA 3 -14.36 35.54 32.51
N ALA EA 4 -15.65 35.89 32.58
CA ALA EA 4 -16.66 35.37 31.67
C ALA EA 4 -16.48 35.91 30.24
N ILE EA 5 -16.17 37.21 30.10
CA ILE EA 5 -15.93 37.85 28.82
C ILE EA 5 -14.72 37.21 28.12
N VAL EA 6 -13.63 37.01 28.86
CA VAL EA 6 -12.44 36.33 28.37
C VAL EA 6 -12.77 34.90 27.92
N ALA EA 7 -13.53 34.15 28.74
CA ALA EA 7 -13.95 32.80 28.38
C ALA EA 7 -14.73 32.78 27.06
N LEU EA 8 -15.65 33.72 26.86
CA LEU EA 8 -16.45 33.83 25.64
C LEU EA 8 -15.58 34.07 24.41
N ILE EA 9 -14.63 35.02 24.49
CA ILE EA 9 -13.72 35.34 23.39
C ILE EA 9 -12.88 34.13 23.01
N LEU EA 10 -12.38 33.37 24.00
CA LEU EA 10 -11.56 32.19 23.74
C LEU EA 10 -12.38 31.01 23.20
N VAL EA 11 -13.67 30.90 23.56
CA VAL EA 11 -14.58 29.92 22.96
C VAL EA 11 -14.79 30.23 21.47
N ILE EA 12 -15.15 31.47 21.14
CA ILE EA 12 -15.37 31.89 19.76
C ILE EA 12 -14.09 31.76 18.93
N ALA EA 13 -12.97 32.30 19.41
CA ALA EA 13 -11.67 32.19 18.74
C ALA EA 13 -11.26 30.73 18.54
N GLY EA 14 -11.54 29.85 19.51
CA GLY EA 14 -11.30 28.43 19.40
C GLY EA 14 -11.99 27.81 18.18
N VAL EA 15 -13.27 28.13 17.97
CA VAL EA 15 -14.02 27.67 16.80
C VAL EA 15 -13.35 28.16 15.51
N ILE EA 16 -12.98 29.44 15.43
CA ILE EA 16 -12.35 30.04 14.25
C ILE EA 16 -11.02 29.36 13.93
N ILE EA 17 -10.13 29.21 14.92
CA ILE EA 17 -8.81 28.65 14.72
C ILE EA 17 -8.89 27.17 14.30
N ALA EA 18 -9.78 26.40 14.92
CA ALA EA 18 -9.96 24.99 14.57
C ALA EA 18 -10.39 24.83 13.11
N ILE EA 19 -11.34 25.65 12.64
CA ILE EA 19 -11.78 25.65 11.25
C ILE EA 19 -10.64 26.08 10.32
N ALA EA 20 -9.87 27.12 10.68
CA ALA EA 20 -8.74 27.59 9.89
C ALA EA 20 -7.69 26.50 9.68
N VAL EA 21 -7.39 25.72 10.72
CA VAL EA 21 -6.45 24.59 10.66
C VAL EA 21 -6.96 23.49 9.73
N VAL EA 22 -8.27 23.19 9.75
CA VAL EA 22 -8.86 22.22 8.84
C VAL EA 22 -8.74 22.68 7.38
N LEU EA 23 -9.04 23.96 7.09
CA LEU EA 23 -8.90 24.50 5.75
C LEU EA 23 -7.44 24.51 5.27
N PHE EA 24 -6.50 24.86 6.15
CA PHE EA 24 -5.08 24.86 5.82
C PHE EA 24 -4.61 23.49 5.34
N ALA EA 25 -5.09 22.42 5.99
CA ALA EA 25 -4.72 21.05 5.65
C ALA EA 25 -5.05 20.70 4.19
N PHE EA 26 -6.25 21.05 3.70
CA PHE EA 26 -6.61 20.84 2.30
C PHE EA 26 -5.74 21.66 1.35
N GLY EA 27 -5.32 22.87 1.75
CA GLY EA 27 -4.48 23.74 0.94
C GLY EA 27 -3.11 23.17 0.56
N LEU EA 28 -2.66 22.11 1.27
CA LEU EA 28 -1.41 21.43 0.96
C LEU EA 28 -1.56 20.45 -0.21
N ILE EA 29 -2.78 19.94 -0.46
CA ILE EA 29 -3.02 18.82 -1.38
C ILE EA 29 -2.66 19.16 -2.82
N PRO EA 30 -3.04 20.32 -3.41
CA PRO EA 30 -2.57 20.70 -4.74
C PRO EA 30 -1.04 20.79 -4.81
N GLY EA 31 -0.41 21.39 -3.79
CA GLY EA 31 1.05 21.60 -3.76
C GLY EA 31 1.87 20.30 -3.83
N ILE EA 32 1.48 19.26 -3.08
CA ILE EA 32 2.18 17.98 -3.07
C ILE EA 32 2.08 17.24 -4.41
N SER EA 33 1.03 17.48 -5.20
CA SER EA 33 0.85 16.84 -6.50
C SER EA 33 1.89 17.28 -7.54
N ASN EA 34 2.50 18.47 -7.35
CA ASN EA 34 3.56 18.96 -8.23
C ASN EA 34 4.78 18.03 -8.26
N GLN EA 35 4.95 17.20 -7.24
CA GLN EA 35 6.01 16.20 -7.13
C GLN EA 35 5.96 15.18 -8.28
N GLY EA 36 4.82 15.05 -8.96
CA GLY EA 36 4.61 14.09 -10.04
C GLY EA 36 4.50 14.72 -11.43
N SER EA 37 4.99 15.96 -11.61
CA SER EA 37 4.73 16.75 -12.80
C SER EA 37 5.31 16.12 -14.07
N ILE EA 38 6.41 15.37 -13.97
CA ILE EA 38 7.16 14.95 -15.15
C ILE EA 38 7.04 13.44 -15.39
N GLN EA 39 6.88 13.09 -16.68
CA GLN EA 39 6.99 11.72 -17.16
C GLN EA 39 8.02 11.68 -18.29
N VAL EA 40 8.87 10.64 -18.27
CA VAL EA 40 9.79 10.36 -19.36
C VAL EA 40 9.25 9.17 -20.13
N LEU EA 41 9.09 9.33 -21.45
CA LEU EA 41 8.33 8.37 -22.25
C LEU EA 41 9.02 8.08 -23.59
N GLY EA 42 8.63 6.95 -24.20
CA GLY EA 42 9.39 6.34 -25.27
C GLY EA 42 10.68 5.72 -24.75
N SER EA 43 11.70 5.62 -25.61
CA SER EA 43 13.05 5.28 -25.16
C SER EA 43 14.04 6.32 -25.71
N GLY EA 44 15.09 6.59 -24.94
CA GLY EA 44 16.06 7.61 -25.30
C GLY EA 44 17.24 7.04 -26.07
N THR EA 45 18.16 7.93 -26.46
CA THR EA 45 19.42 7.49 -27.04
C THR EA 45 20.59 8.25 -26.43
N ILE EA 46 21.75 7.61 -26.46
CA ILE EA 46 23.00 8.21 -26.03
C ILE EA 46 24.02 8.06 -27.16
N THR EA 47 24.72 9.16 -27.49
CA THR EA 47 25.61 9.13 -28.64
C THR EA 47 26.88 9.92 -28.33
N ASN EA 48 28.02 9.45 -28.85
CA ASN EA 48 29.29 10.15 -28.74
C ASN EA 48 29.10 11.61 -29.16
N SER EA 49 29.74 12.55 -28.45
CA SER EA 49 29.59 13.98 -28.75
C SER EA 49 30.95 14.68 -28.80
N THR EA 50 32.02 13.94 -28.48
CA THR EA 50 33.38 14.50 -28.54
C THR EA 50 34.02 14.31 -29.92
N ALA EA 51 35.08 15.09 -30.18
CA ALA EA 51 35.74 15.12 -31.49
C ALA EA 51 37.24 15.38 -31.37
N SER EA 52 37.98 15.12 -32.47
CA SER EA 52 39.35 15.54 -32.73
C SER EA 52 40.38 15.10 -31.67
N GLY EA 53 40.10 14.02 -30.94
CA GLY EA 53 40.95 13.54 -29.85
C GLY EA 53 41.04 14.49 -28.66
N SER EA 54 39.97 15.27 -28.44
CA SER EA 54 39.84 16.20 -27.32
C SER EA 54 39.87 15.48 -25.96
N SER EA 55 40.31 16.20 -24.92
CA SER EA 55 40.64 15.66 -23.60
C SER EA 55 39.44 15.09 -22.83
N ARG EA 56 38.22 15.56 -23.14
CA ARG EA 56 36.98 15.08 -22.53
C ARG EA 56 36.20 14.16 -23.46
N THR EA 57 35.78 13.00 -22.95
CA THR EA 57 34.65 12.28 -23.51
C THR EA 57 33.35 13.00 -23.13
N ILE EA 58 32.52 13.31 -24.12
CA ILE EA 58 31.24 13.99 -23.95
C ILE EA 58 30.19 13.21 -24.74
N TYR EA 59 28.96 13.13 -24.22
CA TYR EA 59 27.92 12.34 -24.88
C TYR EA 59 26.65 13.17 -25.04
N ASN EA 60 25.63 12.60 -25.72
CA ASN EA 60 24.36 13.28 -25.93
C ASN EA 60 23.23 12.41 -25.39
N ILE EA 61 22.42 12.96 -24.47
CA ILE EA 61 21.29 12.24 -23.90
C ILE EA 61 20.01 12.80 -24.50
N THR EA 62 19.45 12.13 -25.51
CA THR EA 62 18.16 12.56 -26.03
C THR EA 62 17.03 11.69 -25.45
N ILE EA 63 15.99 12.35 -24.92
CA ILE EA 63 14.82 11.72 -24.30
C ILE EA 63 13.56 12.53 -24.65
N THR EA 64 12.37 11.92 -24.53
CA THR EA 64 11.11 12.65 -24.67
C THR EA 64 10.47 12.84 -23.29
N VAL EA 65 10.08 14.08 -22.99
CA VAL EA 65 9.63 14.46 -21.66
C VAL EA 65 8.29 15.17 -21.76
N LYS EA 66 7.37 14.83 -20.85
CA LYS EA 66 6.05 15.45 -20.76
C LYS EA 66 5.93 16.13 -19.40
N ASN EA 67 5.63 17.45 -19.39
CA ASN EA 67 5.45 18.22 -18.18
C ASN EA 67 3.97 18.53 -17.99
N THR EA 68 3.37 18.02 -16.91
CA THR EA 68 1.96 18.22 -16.54
C THR EA 68 1.77 19.38 -15.54
N GLY EA 69 2.88 19.89 -14.98
CA GLY EA 69 2.84 20.96 -13.99
C GLY EA 69 2.56 22.35 -14.58
N THR EA 70 2.46 23.35 -13.69
CA THR EA 70 2.11 24.72 -14.04
C THR EA 70 3.34 25.61 -14.27
N THR EA 71 4.55 25.05 -14.08
CA THR EA 71 5.81 25.79 -14.14
C THR EA 71 6.82 25.07 -15.05
N SER EA 72 7.73 25.83 -15.67
CA SER EA 72 8.88 25.28 -16.36
C SER EA 72 9.81 24.57 -15.35
N ILE EA 73 10.27 23.36 -15.70
CA ILE EA 73 11.02 22.47 -14.80
C ILE EA 73 12.27 21.98 -15.53
N SER EA 74 13.41 21.89 -14.83
CA SER EA 74 14.72 21.65 -15.45
C SER EA 74 15.45 20.42 -14.89
N VAL EA 75 16.35 19.86 -15.70
CA VAL EA 75 17.17 18.72 -15.31
C VAL EA 75 18.27 19.18 -14.35
N THR EA 76 18.26 18.66 -13.11
CA THR EA 76 19.27 19.01 -12.12
C THR EA 76 20.50 18.10 -12.19
N SER EA 77 20.29 16.79 -12.38
CA SER EA 77 21.36 15.81 -12.40
C SER EA 77 20.93 14.54 -13.14
N ILE EA 78 21.92 13.74 -13.55
CA ILE EA 78 21.69 12.47 -14.21
C ILE EA 78 22.66 11.42 -13.66
N ASN EA 79 22.16 10.20 -13.49
CA ASN EA 79 22.96 9.05 -13.12
C ASN EA 79 22.74 7.99 -14.20
N ILE EA 80 23.81 7.44 -14.79
CA ILE EA 80 23.66 6.44 -15.85
C ILE EA 80 24.19 5.11 -15.34
N ASN EA 81 23.31 4.09 -15.27
CA ASN EA 81 23.65 2.73 -14.93
C ASN EA 81 24.37 2.65 -13.57
N GLY EA 82 23.88 3.43 -12.58
CA GLY EA 82 24.48 3.56 -11.26
C GLY EA 82 25.60 4.59 -11.14
N GLN EA 83 26.23 4.97 -12.26
CA GLN EA 83 27.39 5.87 -12.27
C GLN EA 83 26.94 7.33 -12.26
N PRO EA 84 27.57 8.22 -11.45
CA PRO EA 84 27.29 9.66 -11.51
C PRO EA 84 27.88 10.33 -12.75
N PHE EA 85 27.15 11.32 -13.28
CA PHE EA 85 27.50 12.07 -14.48
C PHE EA 85 27.17 13.56 -14.29
N ASN EA 86 27.89 14.45 -14.99
CA ASN EA 86 27.69 15.90 -14.94
C ASN EA 86 27.19 16.44 -16.28
N ILE EA 87 26.11 17.24 -16.27
CA ILE EA 87 25.63 17.86 -17.50
C ILE EA 87 26.54 19.04 -17.84
N ASN EA 88 27.46 18.86 -18.81
CA ASN EA 88 28.42 19.91 -19.14
C ASN EA 88 27.68 21.22 -19.43
N GLY EA 89 26.82 21.18 -20.46
CA GLY EA 89 26.06 22.35 -20.91
C GLY EA 89 25.08 22.79 -19.83
N THR EA 90 24.45 23.96 -20.04
CA THR EA 90 23.41 24.47 -19.15
C THR EA 90 22.27 23.46 -19.06
N ALA EA 91 21.56 23.44 -17.92
CA ALA EA 91 20.42 22.55 -17.73
C ALA EA 91 19.36 22.85 -18.78
N PRO EA 92 18.85 21.82 -19.49
CA PRO EA 92 17.63 21.96 -20.30
C PRO EA 92 16.39 22.06 -19.41
N SER EA 93 15.34 22.68 -19.95
CA SER EA 93 14.11 22.96 -19.20
C SER EA 93 12.90 22.68 -20.07
N ILE EA 94 11.84 22.12 -19.47
CA ILE EA 94 10.62 21.74 -20.17
C ILE EA 94 9.52 22.73 -19.76
N PRO EA 95 8.94 23.51 -20.71
CA PRO EA 95 7.88 24.47 -20.38
C PRO EA 95 6.62 23.79 -19.84
N ALA EA 96 5.82 24.56 -19.07
CA ALA EA 96 4.58 24.08 -18.49
C ALA EA 96 3.63 23.48 -19.56
N GLY EA 97 3.05 22.31 -19.29
CA GLY EA 97 2.06 21.71 -20.17
C GLY EA 97 2.60 21.04 -21.45
N ARG EA 98 3.89 21.21 -21.78
CA ARG EA 98 4.44 20.72 -23.05
C ARG EA 98 4.89 19.25 -22.99
N THR EA 99 4.76 18.55 -24.13
CA THR EA 99 5.50 17.32 -24.41
C THR EA 99 6.50 17.62 -25.53
N GLN EA 100 7.78 17.31 -25.32
CA GLN EA 100 8.79 17.57 -26.34
C GLN EA 100 10.02 16.67 -26.17
N PRO EA 101 10.82 16.44 -27.25
CA PRO EA 101 12.18 15.95 -27.10
C PRO EA 101 13.06 16.96 -26.34
N ILE EA 102 13.99 16.43 -25.56
CA ILE EA 102 14.98 17.18 -24.79
C ILE EA 102 16.34 16.56 -25.10
N THR EA 103 17.35 17.39 -25.37
CA THR EA 103 18.70 16.94 -25.69
C THR EA 103 19.73 17.76 -24.91
N PHE EA 104 20.74 17.09 -24.35
CA PHE EA 104 21.77 17.76 -23.55
C PHE EA 104 23.10 16.99 -23.56
N GLU EA 105 24.20 17.72 -23.32
CA GLU EA 105 25.54 17.17 -23.28
C GLU EA 105 25.88 16.71 -21.86
N VAL EA 106 26.58 15.58 -21.74
CA VAL EA 106 26.90 15.02 -20.43
C VAL EA 106 28.31 14.40 -20.42
N THR EA 107 28.96 14.40 -19.24
CA THR EA 107 30.31 13.89 -19.04
C THR EA 107 30.38 13.00 -17.80
N PRO EA 108 31.23 11.94 -17.77
CA PRO EA 108 31.37 11.11 -16.57
C PRO EA 108 31.95 11.90 -15.39
N ALA EA 109 31.43 11.66 -14.18
CA ALA EA 109 31.94 12.34 -13.00
C ALA EA 109 33.27 11.74 -12.53
N SER EA 110 33.50 10.46 -12.83
CA SER EA 110 34.70 9.72 -12.45
C SER EA 110 34.92 8.53 -13.39
N GLY EA 111 36.18 8.07 -13.50
CA GLY EA 111 36.54 6.93 -14.33
C GLY EA 111 36.28 7.15 -15.82
N LYS EA 112 36.01 6.04 -16.53
CA LYS EA 112 35.88 6.00 -17.98
C LYS EA 112 34.86 4.94 -18.38
N PRO EA 113 33.64 5.32 -18.83
CA PRO EA 113 32.65 4.34 -19.29
C PRO EA 113 33.02 3.85 -20.69
N ASN EA 114 32.37 2.75 -21.08
CA ASN EA 114 32.64 2.14 -22.37
C ASN EA 114 31.34 1.56 -22.91
N PHE EA 115 30.43 2.43 -23.36
CA PHE EA 115 29.17 2.00 -23.94
C PHE EA 115 29.44 1.20 -25.23
N SER EA 116 28.68 0.10 -25.43
CA SER EA 116 28.82 -0.76 -26.59
C SER EA 116 27.63 -0.55 -27.53
N PRO EA 117 27.85 -0.36 -28.86
CA PRO EA 117 26.77 -0.12 -29.82
C PRO EA 117 25.57 -1.06 -29.69
N GLY EA 118 24.37 -0.45 -29.61
CA GLY EA 118 23.10 -1.16 -29.55
C GLY EA 118 22.72 -1.69 -28.16
N ALA EA 119 23.59 -1.57 -27.16
CA ALA EA 119 23.25 -1.97 -25.80
C ALA EA 119 22.37 -0.92 -25.11
N SER EA 120 21.60 -1.37 -24.10
CA SER EA 120 20.69 -0.55 -23.31
C SER EA 120 21.26 -0.26 -21.93
N TYR EA 121 21.13 1.00 -21.48
CA TYR EA 121 21.59 1.48 -20.17
C TYR EA 121 20.44 2.21 -19.48
N THR EA 122 20.32 2.13 -18.14
CA THR EA 122 19.28 2.90 -17.48
C THR EA 122 19.82 4.23 -16.99
N ALA EA 123 19.32 5.35 -17.53
CA ALA EA 123 19.50 6.62 -16.87
C ALA EA 123 18.45 6.77 -15.76
N THR EA 124 18.78 7.50 -14.69
CA THR EA 124 17.74 8.17 -13.92
C THR EA 124 18.01 9.67 -14.01
N ILE EA 125 17.00 10.42 -14.44
CA ILE EA 125 17.13 11.87 -14.55
C ILE EA 125 16.42 12.48 -13.35
N TYR EA 126 17.07 13.42 -12.65
CA TYR EA 126 16.46 14.11 -11.54
C TYR EA 126 16.11 15.54 -11.95
N PHE EA 127 14.83 15.88 -11.80
CA PHE EA 127 14.32 17.19 -12.17
C PHE EA 127 14.23 18.11 -10.96
N SER EA 128 14.00 19.42 -11.19
CA SER EA 128 14.01 20.43 -10.14
C SER EA 128 12.91 20.25 -9.07
N ASN EA 129 11.94 19.35 -9.31
CA ASN EA 129 10.99 18.91 -8.30
C ASN EA 129 11.63 18.03 -7.21
N GLY EA 130 12.86 17.55 -7.41
CA GLY EA 130 13.40 16.44 -6.64
C GLY EA 130 12.92 15.07 -7.12
N GLN EA 131 11.95 15.05 -8.06
CA GLN EA 131 11.45 13.84 -8.70
C GLN EA 131 12.54 13.20 -9.56
N GLY EA 132 12.70 11.88 -9.45
CA GLY EA 132 13.59 11.11 -10.32
C GLY EA 132 12.81 10.17 -11.21
N ALA EA 133 13.16 10.11 -12.50
CA ALA EA 133 12.49 9.23 -13.45
C ALA EA 133 13.52 8.27 -14.04
N PRO EA 134 13.34 6.92 -13.92
CA PRO EA 134 14.18 5.97 -14.64
C PRO EA 134 13.78 5.94 -16.12
N ALA EA 135 14.78 5.80 -17.00
CA ALA EA 135 14.60 5.78 -18.44
C ALA EA 135 15.65 4.88 -19.08
N THR EA 136 15.30 4.24 -20.21
CA THR EA 136 16.27 3.41 -20.91
C THR EA 136 16.84 4.20 -22.09
N LEU EA 137 18.17 4.24 -22.17
CA LEU EA 137 18.88 4.84 -23.29
C LEU EA 137 19.55 3.72 -24.09
N ILE EA 138 19.45 3.76 -25.43
CA ILE EA 138 20.19 2.84 -26.28
C ILE EA 138 21.39 3.59 -26.88
N TYR EA 139 22.58 3.00 -26.79
CA TYR EA 139 23.79 3.65 -27.27
C TYR EA 139 23.93 3.51 -28.79
N GLN EA 140 24.08 4.65 -29.48
CA GLN EA 140 24.07 4.76 -30.93
C GLN EA 140 25.46 5.03 -31.54
N GLY EA 141 26.48 5.30 -30.71
CA GLY EA 141 27.78 5.81 -31.15
C GLY EA 141 28.78 4.72 -31.52
N LEU FA 1 -12.38 26.17 29.09
CA LEU FA 1 -13.74 25.98 28.47
C LEU FA 1 -13.58 25.72 26.97
N SER FA 2 -12.81 26.57 26.28
CA SER FA 2 -12.54 26.50 24.83
C SER FA 2 -11.90 25.18 24.38
N GLY FA 3 -11.00 24.61 25.19
CA GLY FA 3 -10.21 23.42 24.87
C GLY FA 3 -11.06 22.21 24.46
N ALA FA 4 -12.20 22.02 25.13
CA ALA FA 4 -13.13 20.94 24.83
C ALA FA 4 -13.84 21.16 23.48
N ILE FA 5 -14.26 22.40 23.20
CA ILE FA 5 -14.92 22.75 21.94
C ILE FA 5 -13.96 22.51 20.76
N VAL FA 6 -12.71 22.95 20.88
CA VAL FA 6 -11.67 22.70 19.88
C VAL FA 6 -11.44 21.21 19.68
N ALA FA 7 -11.35 20.43 20.77
CA ALA FA 7 -11.19 18.99 20.68
C ALA FA 7 -12.34 18.33 19.90
N LEU FA 8 -13.59 18.75 20.16
CA LEU FA 8 -14.76 18.24 19.47
C LEU FA 8 -14.71 18.50 17.96
N ILE FA 9 -14.39 19.74 17.57
CA ILE FA 9 -14.29 20.15 16.16
C ILE FA 9 -13.23 19.31 15.44
N LEU FA 10 -12.07 19.07 16.08
CA LEU FA 10 -10.99 18.30 15.48
C LEU FA 10 -11.30 16.80 15.42
N VAL FA 11 -12.11 16.28 16.35
CA VAL FA 11 -12.61 14.90 16.28
C VAL FA 11 -13.53 14.74 15.07
N ILE FA 12 -14.54 15.61 14.93
CA ILE FA 12 -15.49 15.57 13.82
C ILE FA 12 -14.77 15.77 12.48
N ALA FA 13 -13.95 16.81 12.36
CA ALA FA 13 -13.16 17.07 11.16
C ALA FA 13 -12.25 15.90 10.80
N GLY FA 14 -11.65 15.24 11.80
CA GLY FA 14 -10.85 14.05 11.61
C GLY FA 14 -11.60 12.94 10.88
N VAL FA 15 -12.85 12.66 11.31
CA VAL FA 15 -13.70 11.67 10.65
C VAL FA 15 -13.95 12.06 9.19
N ILE FA 16 -14.30 13.32 8.92
CA ILE FA 16 -14.58 13.82 7.59
C ILE FA 16 -13.36 13.68 6.66
N ILE FA 17 -12.19 14.15 7.11
CA ILE FA 17 -10.97 14.14 6.29
C ILE FA 17 -10.53 12.70 6.00
N ALA FA 18 -10.59 11.80 6.98
CA ALA FA 18 -10.22 10.40 6.78
C ALA FA 18 -11.10 9.74 5.71
N ILE FA 19 -12.41 9.96 5.75
CA ILE FA 19 -13.34 9.46 4.74
C ILE FA 19 -13.05 10.07 3.36
N ALA FA 20 -12.79 11.39 3.31
CA ALA FA 20 -12.47 12.08 2.06
C ALA FA 20 -11.23 11.49 1.37
N VAL FA 21 -10.19 11.16 2.16
CA VAL FA 21 -8.97 10.54 1.67
C VAL FA 21 -9.23 9.13 1.12
N VAL FA 22 -10.11 8.36 1.77
CA VAL FA 22 -10.50 7.03 1.28
C VAL FA 22 -11.24 7.14 -0.06
N LEU FA 23 -12.18 8.09 -0.20
CA LEU FA 23 -12.90 8.29 -1.45
C LEU FA 23 -11.97 8.79 -2.57
N PHE FA 24 -11.03 9.68 -2.26
CA PHE FA 24 -10.06 10.17 -3.23
C PHE FA 24 -9.26 9.03 -3.86
N ALA FA 25 -8.85 8.06 -3.05
CA ALA FA 25 -8.06 6.91 -3.50
C ALA FA 25 -8.77 6.12 -4.61
N PHE FA 26 -10.08 5.83 -4.46
CA PHE FA 26 -10.85 5.17 -5.51
C PHE FA 26 -10.96 6.01 -6.79
N GLY FA 27 -11.03 7.34 -6.66
CA GLY FA 27 -11.13 8.26 -7.79
C GLY FA 27 -9.95 8.21 -8.76
N LEU FA 28 -8.82 7.64 -8.35
CA LEU FA 28 -7.65 7.46 -9.22
C LEU FA 28 -7.80 6.27 -10.15
N ILE FA 29 -8.61 5.26 -9.78
CA ILE FA 29 -8.66 3.96 -10.43
C ILE FA 29 -9.15 4.06 -11.89
N PRO FA 30 -10.23 4.79 -12.23
CA PRO FA 30 -10.60 5.00 -13.63
C PRO FA 30 -9.50 5.68 -14.43
N GLY FA 31 -8.85 6.71 -13.87
CA GLY FA 31 -7.81 7.48 -14.54
C GLY FA 31 -6.60 6.66 -14.98
N ILE FA 32 -6.09 5.76 -14.11
CA ILE FA 32 -4.94 4.92 -14.43
C ILE FA 32 -5.23 3.91 -15.54
N SER FA 33 -6.49 3.51 -15.73
CA SER FA 33 -6.88 2.55 -16.76
C SER FA 33 -6.72 3.12 -18.18
N ASN FA 34 -6.73 4.45 -18.34
CA ASN FA 34 -6.50 5.11 -19.62
C ASN FA 34 -5.13 4.77 -20.23
N GLN FA 35 -4.18 4.35 -19.39
CA GLN FA 35 -2.84 3.92 -19.82
C GLN FA 35 -2.88 2.73 -20.78
N GLY FA 36 -4.00 1.99 -20.82
CA GLY FA 36 -4.16 0.81 -21.64
C GLY FA 36 -5.13 0.98 -22.82
N SER FA 37 -5.40 2.23 -23.23
CA SER FA 37 -6.49 2.54 -24.16
C SER FA 37 -6.28 1.92 -25.55
N ILE FA 38 -5.02 1.74 -25.98
CA ILE FA 38 -4.75 1.37 -27.36
C ILE FA 38 -4.23 -0.06 -27.50
N GLN FA 39 -4.73 -0.74 -28.54
CA GLN FA 39 -4.22 -2.03 -28.99
C GLN FA 39 -3.86 -1.92 -30.46
N VAL FA 40 -2.70 -2.48 -30.85
CA VAL FA 40 -2.32 -2.61 -32.25
C VAL FA 40 -2.50 -4.08 -32.65
N LEU FA 41 -3.25 -4.31 -33.72
CA LEU FA 41 -3.72 -5.66 -34.04
C LEU FA 41 -3.62 -5.96 -35.54
N GLY FA 42 -3.65 -7.26 -35.87
CA GLY FA 42 -3.23 -7.74 -37.17
C GLY FA 42 -1.70 -7.65 -37.33
N SER FA 43 -1.24 -7.52 -38.58
CA SER FA 43 0.15 -7.16 -38.83
C SER FA 43 0.20 -5.98 -39.80
N GLY FA 44 1.22 -5.13 -39.63
CA GLY FA 44 1.33 -3.92 -40.43
C GLY FA 44 2.20 -4.14 -41.68
N THR FA 45 2.33 -3.07 -42.47
CA THR FA 45 3.26 -3.09 -43.60
C THR FA 45 4.07 -1.80 -43.63
N ILE FA 46 5.27 -1.90 -44.21
CA ILE FA 46 6.13 -0.76 -44.45
C ILE FA 46 6.51 -0.74 -45.93
N THR FA 47 6.39 0.42 -46.57
CA THR FA 47 6.62 0.49 -48.01
C THR FA 47 7.36 1.77 -48.36
N ASN FA 48 8.25 1.70 -49.37
CA ASN FA 48 8.94 2.86 -49.90
C ASN FA 48 7.93 3.96 -50.19
N SER FA 49 8.29 5.22 -49.89
CA SER FA 49 7.38 6.35 -50.10
C SER FA 49 8.07 7.50 -50.82
N THR FA 50 9.39 7.37 -51.06
CA THR FA 50 10.16 8.39 -51.77
C THR FA 50 10.16 8.15 -53.28
N ALA FA 51 10.50 9.21 -54.04
CA ALA FA 51 10.44 9.19 -55.51
C ALA FA 51 11.54 10.06 -56.14
N SER FA 52 11.77 9.85 -57.45
CA SER FA 52 12.53 10.73 -58.35
C SER FA 52 13.97 11.02 -57.91
N GLY FA 53 14.57 10.12 -57.11
CA GLY FA 53 15.92 10.30 -56.58
C GLY FA 53 16.04 11.47 -55.59
N SER FA 54 14.93 11.77 -54.89
CA SER FA 54 14.86 12.80 -53.85
C SER FA 54 15.80 12.50 -52.68
N SER FA 55 16.24 13.58 -51.99
CA SER FA 55 17.31 13.54 -50.99
C SER FA 55 16.98 12.74 -49.73
N ARG FA 56 15.67 12.58 -49.42
CA ARG FA 56 15.22 11.81 -48.26
C ARG FA 56 14.63 10.46 -48.69
N THR FA 57 15.08 9.39 -48.01
CA THR FA 57 14.30 8.15 -47.96
C THR FA 57 13.13 8.35 -47.01
N ILE FA 58 11.91 8.05 -47.47
CA ILE FA 58 10.67 8.17 -46.71
C ILE FA 58 9.89 6.88 -46.89
N TYR FA 59 9.19 6.43 -45.83
CA TYR FA 59 8.48 5.16 -45.89
C TYR FA 59 7.03 5.33 -45.43
N ASN FA 60 6.24 4.25 -45.52
CA ASN FA 60 4.84 4.28 -45.10
C ASN FA 60 4.60 3.20 -44.06
N ILE FA 61 4.10 3.58 -42.88
CA ILE FA 61 3.80 2.61 -41.81
C ILE FA 61 2.29 2.44 -41.72
N THR FA 62 1.74 1.38 -42.34
CA THR FA 62 0.32 1.11 -42.17
C THR FA 62 0.11 0.03 -41.11
N ILE FA 63 -0.80 0.32 -40.15
CA ILE FA 63 -1.14 -0.56 -39.03
C ILE FA 63 -2.64 -0.45 -38.73
N THR FA 64 -3.23 -1.44 -38.05
CA THR FA 64 -4.61 -1.34 -37.57
C THR FA 64 -4.62 -1.11 -36.07
N VAL FA 65 -5.37 -0.08 -35.62
CA VAL FA 65 -5.34 0.37 -34.24
C VAL FA 65 -6.76 0.44 -33.69
N LYS FA 66 -6.94 -0.02 -32.46
CA LYS FA 66 -8.21 0.03 -31.74
C LYS FA 66 -8.04 0.90 -30.50
N ASN FA 67 -8.89 1.93 -30.37
CA ASN FA 67 -8.87 2.84 -29.23
C ASN FA 67 -10.10 2.55 -28.36
N THR FA 68 -9.87 2.12 -27.11
CA THR FA 68 -10.90 1.81 -26.11
C THR FA 68 -11.16 3.00 -25.17
N GLY FA 69 -10.31 4.03 -25.22
CA GLY FA 69 -10.42 5.20 -24.35
C GLY FA 69 -11.55 6.17 -24.75
N THR FA 70 -11.72 7.22 -23.94
CA THR FA 70 -12.79 8.21 -24.09
C THR FA 70 -12.34 9.43 -24.90
N THR FA 71 -11.07 9.48 -25.31
CA THR FA 71 -10.46 10.63 -25.99
C THR FA 71 -9.73 10.19 -27.26
N SER FA 72 -9.64 11.08 -28.25
CA SER FA 72 -8.77 10.90 -29.41
C SER FA 72 -7.31 10.88 -28.97
N ILE FA 73 -6.52 9.92 -29.47
CA ILE FA 73 -5.14 9.66 -29.03
C ILE FA 73 -4.25 9.56 -30.27
N SER FA 74 -3.02 10.11 -30.20
CA SER FA 74 -2.16 10.27 -31.39
C SER FA 74 -0.79 9.63 -31.23
N VAL FA 75 -0.16 9.30 -32.37
CA VAL FA 75 1.18 8.72 -32.41
C VAL FA 75 2.22 9.80 -32.09
N THR FA 76 2.98 9.64 -31.00
CA THR FA 76 4.01 10.59 -30.64
C THR FA 76 5.36 10.27 -31.27
N SER FA 77 5.73 8.98 -31.31
CA SER FA 77 7.02 8.55 -31.86
C SER FA 77 6.97 7.07 -32.25
N ILE FA 78 7.94 6.68 -33.09
CA ILE FA 78 8.09 5.30 -33.53
C ILE FA 78 9.56 4.90 -33.52
N ASN FA 79 9.83 3.67 -33.10
CA ASN FA 79 11.15 3.06 -33.14
C ASN FA 79 11.01 1.78 -33.98
N ILE FA 80 11.85 1.58 -34.99
CA ILE FA 80 11.77 0.38 -35.83
C ILE FA 80 13.02 -0.46 -35.62
N ASN FA 81 12.83 -1.69 -35.13
CA ASN FA 81 13.88 -2.68 -34.96
C ASN FA 81 15.05 -2.12 -34.12
N GLY FA 82 14.72 -1.40 -33.04
CA GLY FA 82 15.68 -0.73 -32.17
C GLY FA 82 16.11 0.67 -32.63
N GLN FA 83 15.96 0.99 -33.93
CA GLN FA 83 16.42 2.25 -34.50
C GLN FA 83 15.38 3.37 -34.29
N PRO FA 84 15.80 4.60 -33.90
CA PRO FA 84 14.88 5.74 -33.84
C PRO FA 84 14.50 6.27 -35.23
N PHE FA 85 13.24 6.72 -35.35
CA PHE FA 85 12.66 7.24 -36.59
C PHE FA 85 11.79 8.47 -36.27
N ASN FA 86 11.63 9.37 -37.25
CA ASN FA 86 10.82 10.58 -37.12
C ASN FA 86 9.62 10.54 -38.06
N ILE FA 87 8.40 10.80 -37.55
CA ILE FA 87 7.22 10.86 -38.40
C ILE FA 87 7.23 12.19 -39.16
N ASN FA 88 7.61 12.17 -40.45
CA ASN FA 88 7.72 13.41 -41.23
C ASN FA 88 6.41 14.19 -41.14
N GLY FA 89 5.33 13.56 -41.63
CA GLY FA 89 4.01 14.18 -41.67
C GLY FA 89 3.49 14.43 -40.25
N THR FA 90 2.36 15.17 -40.14
CA THR FA 90 1.69 15.40 -38.88
C THR FA 90 1.32 14.06 -38.23
N ALA FA 91 1.27 14.04 -36.88
CA ALA FA 91 0.88 12.84 -36.15
C ALA FA 91 -0.53 12.41 -36.55
N PRO FA 92 -0.75 11.12 -36.92
CA PRO FA 92 -2.09 10.56 -37.04
C PRO FA 92 -2.72 10.36 -35.66
N SER FA 93 -4.06 10.36 -35.63
CA SER FA 93 -4.83 10.29 -34.39
C SER FA 93 -6.01 9.34 -34.56
N ILE FA 94 -6.30 8.55 -33.51
CA ILE FA 94 -7.37 7.57 -33.53
C ILE FA 94 -8.52 8.08 -32.66
N PRO FA 95 -9.73 8.32 -33.21
CA PRO FA 95 -10.87 8.81 -32.43
C PRO FA 95 -11.30 7.84 -31.33
N ALA FA 96 -11.96 8.37 -30.29
CA ALA FA 96 -12.44 7.58 -29.17
C ALA FA 96 -13.34 6.42 -29.64
N GLY FA 97 -13.14 5.21 -29.09
CA GLY FA 97 -13.99 4.06 -29.39
C GLY FA 97 -13.80 3.38 -30.75
N ARG FA 98 -13.02 3.98 -31.68
CA ARG FA 98 -12.89 3.46 -33.04
C ARG FA 98 -11.83 2.36 -33.18
N THR FA 99 -12.08 1.43 -34.11
CA THR FA 99 -11.05 0.57 -34.69
C THR FA 99 -10.90 0.97 -36.16
N GLN FA 100 -9.66 1.26 -36.60
CA GLN FA 100 -9.43 1.65 -37.98
C GLN FA 100 -7.98 1.40 -38.42
N PRO FA 101 -7.70 1.27 -39.75
CA PRO FA 101 -6.36 1.43 -40.27
C PRO FA 101 -5.84 2.85 -40.05
N ILE FA 102 -4.54 2.95 -39.81
CA ILE FA 102 -3.79 4.20 -39.63
C ILE FA 102 -2.57 4.12 -40.54
N THR FA 103 -2.30 5.21 -41.28
CA THR FA 103 -1.17 5.28 -42.20
C THR FA 103 -0.43 6.61 -42.03
N PHE FA 104 0.91 6.57 -42.01
CA PHE FA 104 1.72 7.76 -41.84
C PHE FA 104 3.10 7.62 -42.47
N GLU FA 105 3.72 8.77 -42.80
CA GLU FA 105 5.03 8.83 -43.41
C GLU FA 105 6.11 8.91 -42.33
N VAL FA 106 7.25 8.22 -42.53
CA VAL FA 106 8.31 8.17 -41.54
C VAL FA 106 9.69 8.19 -42.20
N THR FA 107 10.69 8.75 -41.49
CA THR FA 107 12.07 8.88 -41.97
C THR FA 107 13.06 8.43 -40.90
N PRO FA 108 14.23 7.85 -41.26
CA PRO FA 108 15.24 7.45 -40.27
C PRO FA 108 15.82 8.66 -39.54
N ALA FA 109 16.02 8.54 -38.22
CA ALA FA 109 16.61 9.62 -37.44
C ALA FA 109 18.11 9.76 -37.66
N SER FA 110 18.77 8.64 -38.03
CA SER FA 110 20.21 8.56 -38.27
C SER FA 110 20.54 7.38 -39.17
N GLY FA 111 21.69 7.46 -39.87
CA GLY FA 111 22.16 6.40 -40.75
C GLY FA 111 21.22 6.13 -41.94
N LYS FA 112 21.23 4.86 -42.41
CA LYS FA 112 20.54 4.44 -43.61
C LYS FA 112 20.08 2.99 -43.45
N PRO FA 113 18.76 2.72 -43.26
CA PRO FA 113 18.27 1.35 -43.17
C PRO FA 113 18.19 0.73 -44.56
N ASN FA 114 18.05 -0.59 -44.58
CA ASN FA 114 17.99 -1.33 -45.83
C ASN FA 114 17.03 -2.50 -45.67
N PHE FA 115 15.73 -2.21 -45.61
CA PHE FA 115 14.72 -3.24 -45.51
C PHE FA 115 14.76 -4.15 -46.75
N SER FA 116 14.60 -5.47 -46.54
CA SER FA 116 14.62 -6.45 -47.62
C SER FA 116 13.22 -6.97 -47.87
N PRO FA 117 12.73 -7.03 -49.14
CA PRO FA 117 11.38 -7.50 -49.46
C PRO FA 117 10.95 -8.78 -48.75
N GLY FA 118 9.76 -8.71 -48.12
CA GLY FA 118 9.14 -9.83 -47.44
C GLY FA 118 9.67 -10.12 -46.03
N ALA FA 119 10.71 -9.42 -45.58
CA ALA FA 119 11.21 -9.59 -44.21
C ALA FA 119 10.33 -8.85 -43.19
N SER FA 120 10.37 -9.32 -41.93
CA SER FA 120 9.60 -8.78 -40.82
C SER FA 120 10.49 -7.96 -39.88
N TYR FA 121 9.99 -6.79 -39.45
CA TYR FA 121 10.67 -5.87 -38.54
C TYR FA 121 9.72 -5.52 -37.38
N THR FA 122 10.23 -5.32 -36.15
CA THR FA 122 9.33 -4.90 -35.08
C THR FA 122 9.34 -3.39 -34.94
N ALA FA 123 8.21 -2.74 -35.19
CA ALA FA 123 8.02 -1.39 -34.71
C ALA FA 123 7.60 -1.42 -33.24
N THR FA 124 7.96 -0.39 -32.48
CA THR FA 124 7.17 -0.02 -31.31
C THR FA 124 6.64 1.38 -31.55
N ILE FA 125 5.31 1.54 -31.44
CA ILE FA 125 4.68 2.84 -31.63
C ILE FA 125 4.35 3.37 -30.23
N TYR FA 126 4.71 4.63 -29.95
CA TYR FA 126 4.39 5.27 -28.69
C TYR FA 126 3.27 6.28 -28.91
N PHE FA 127 2.17 6.10 -28.16
CA PHE FA 127 1.00 6.96 -28.26
C PHE FA 127 1.01 8.03 -27.17
N SER FA 128 0.13 9.04 -27.28
CA SER FA 128 0.10 10.19 -26.37
C SER FA 128 -0.23 9.84 -24.91
N ASN FA 129 -0.65 8.60 -24.64
CA ASN FA 129 -0.75 8.06 -23.29
C ASN FA 129 0.62 7.81 -22.62
N GLY FA 130 1.71 7.83 -23.40
CA GLY FA 130 2.99 7.26 -22.96
C GLY FA 130 3.05 5.73 -23.13
N GLN FA 131 1.92 5.11 -23.47
CA GLN FA 131 1.82 3.68 -23.78
C GLN FA 131 2.61 3.36 -25.05
N GLY FA 132 3.40 2.27 -25.01
CA GLY FA 132 4.08 1.75 -26.18
C GLY FA 132 3.54 0.39 -26.58
N ALA FA 133 3.28 0.18 -27.88
CA ALA FA 133 2.80 -1.10 -28.37
C ALA FA 133 3.79 -1.69 -29.37
N PRO FA 134 4.33 -2.91 -29.15
CA PRO FA 134 5.12 -3.59 -30.19
C PRO FA 134 4.21 -4.13 -31.29
N ALA FA 135 4.68 -4.05 -32.52
CA ALA FA 135 3.95 -4.49 -33.71
C ALA FA 135 4.92 -5.02 -34.76
N THR FA 136 4.48 -5.99 -35.57
CA THR FA 136 5.33 -6.50 -36.65
C THR FA 136 4.90 -5.85 -37.96
N LEU FA 137 5.87 -5.29 -38.68
CA LEU FA 137 5.67 -4.74 -40.01
C LEU FA 137 6.37 -5.65 -41.01
N ILE FA 138 5.73 -5.97 -42.13
CA ILE FA 138 6.37 -6.69 -43.23
C ILE FA 138 6.70 -5.70 -44.34
N TYR FA 139 7.94 -5.71 -44.83
CA TYR FA 139 8.37 -4.76 -45.85
C TYR FA 139 7.90 -5.19 -47.24
N GLN FA 140 7.19 -4.29 -47.94
CA GLN FA 140 6.52 -4.55 -49.20
C GLN FA 140 7.21 -3.90 -50.41
N GLY FA 141 8.22 -3.05 -50.18
CA GLY FA 141 8.81 -2.17 -51.20
C GLY FA 141 9.94 -2.81 -52.00
N LEU GA 1 -6.59 13.90 20.68
CA LEU GA 1 -7.81 13.04 20.80
C LEU GA 1 -8.20 12.51 19.40
N SER GA 2 -8.31 13.41 18.41
CA SER GA 2 -8.67 13.11 17.02
C SER GA 2 -7.73 12.11 16.33
N GLY GA 3 -6.42 12.16 16.62
CA GLY GA 3 -5.39 11.36 15.98
C GLY GA 3 -5.65 9.85 16.04
N ALA GA 4 -6.16 9.38 17.18
CA ALA GA 4 -6.50 7.97 17.37
C ALA GA 4 -7.72 7.55 16.54
N ILE GA 5 -8.75 8.40 16.47
CA ILE GA 5 -9.95 8.15 15.69
C ILE GA 5 -9.60 8.05 14.19
N VAL GA 6 -8.77 8.98 13.69
CA VAL GA 6 -8.27 8.94 12.32
C VAL GA 6 -7.48 7.66 12.05
N ALA GA 7 -6.59 7.27 12.97
CA ALA GA 7 -5.82 6.04 12.84
C ALA GA 7 -6.74 4.81 12.72
N LEU GA 8 -7.80 4.74 13.54
CA LEU GA 8 -8.76 3.65 13.52
C LEU GA 8 -9.47 3.54 12.17
N ILE GA 9 -9.98 4.68 11.64
CA ILE GA 9 -10.67 4.74 10.37
C ILE GA 9 -9.76 4.26 9.23
N LEU GA 10 -8.48 4.67 9.23
CA LEU GA 10 -7.54 4.27 8.20
C LEU GA 10 -7.11 2.81 8.32
N VAL GA 11 -7.09 2.24 9.54
CA VAL GA 11 -6.86 0.81 9.74
C VAL GA 11 -8.02 0.01 9.13
N ILE GA 12 -9.27 0.34 9.48
CA ILE GA 12 -10.44 -0.35 8.97
C ILE GA 12 -10.55 -0.21 7.45
N ALA GA 13 -10.45 1.02 6.92
CA ALA GA 13 -10.48 1.28 5.49
C ALA GA 13 -9.35 0.53 4.75
N GLY GA 14 -8.17 0.44 5.35
CA GLY GA 14 -7.07 -0.34 4.81
C GLY GA 14 -7.44 -1.81 4.56
N VAL GA 15 -8.09 -2.45 5.53
CA VAL GA 15 -8.56 -3.82 5.38
C VAL GA 15 -9.56 -3.92 4.22
N ILE GA 16 -10.53 -3.01 4.15
CA ILE GA 16 -11.55 -3.00 3.09
C ILE GA 16 -10.93 -2.86 1.71
N ILE GA 17 -10.05 -1.87 1.51
CA ILE GA 17 -9.45 -1.57 0.22
C ILE GA 17 -8.55 -2.74 -0.24
N ALA GA 18 -7.77 -3.32 0.67
CA ALA GA 18 -6.91 -4.45 0.34
C ALA GA 18 -7.72 -5.65 -0.17
N ILE GA 19 -8.84 -5.97 0.50
CA ILE GA 19 -9.75 -7.03 0.07
C ILE GA 19 -10.39 -6.70 -1.28
N ALA GA 20 -10.83 -5.45 -1.48
CA ALA GA 20 -11.42 -5.01 -2.74
C ALA GA 20 -10.47 -5.19 -3.93
N VAL GA 21 -9.19 -4.87 -3.74
CA VAL GA 21 -8.14 -5.05 -4.75
C VAL GA 21 -7.92 -6.52 -5.08
N VAL GA 22 -7.96 -7.41 -4.08
CA VAL GA 22 -7.86 -8.84 -4.30
C VAL GA 22 -9.04 -9.37 -5.12
N LEU GA 23 -10.28 -8.96 -4.80
CA LEU GA 23 -11.46 -9.35 -5.55
C LEU GA 23 -11.45 -8.82 -6.98
N PHE GA 24 -10.99 -7.57 -7.18
CA PHE GA 24 -10.90 -6.97 -8.50
C PHE GA 24 -10.00 -7.80 -9.42
N ALA GA 25 -8.88 -8.31 -8.90
CA ALA GA 25 -7.92 -9.11 -9.66
C ALA GA 25 -8.56 -10.35 -10.27
N PHE GA 26 -9.38 -11.10 -9.51
CA PHE GA 26 -10.11 -12.25 -10.05
C PHE GA 26 -11.13 -11.85 -11.12
N GLY GA 27 -11.75 -10.68 -10.99
CA GLY GA 27 -12.74 -10.17 -11.95
C GLY GA 27 -12.22 -9.97 -13.37
N LEU GA 28 -10.89 -9.93 -13.55
CA LEU GA 28 -10.28 -9.81 -14.86
C LEU GA 28 -10.22 -11.15 -15.60
N ILE GA 29 -10.22 -12.28 -14.86
CA ILE GA 29 -9.93 -13.61 -15.40
C ILE GA 29 -10.96 -14.05 -16.44
N PRO GA 30 -12.29 -13.93 -16.22
CA PRO GA 30 -13.26 -14.23 -17.27
C PRO GA 30 -13.06 -13.36 -18.52
N GLY GA 31 -12.81 -12.06 -18.34
CA GLY GA 31 -12.65 -11.12 -19.44
C GLY GA 31 -11.50 -11.46 -20.41
N ILE GA 32 -10.32 -11.85 -19.88
CA ILE GA 32 -9.16 -12.19 -20.71
C ILE GA 32 -9.38 -13.46 -21.52
N SER GA 33 -10.26 -14.38 -21.07
CA SER GA 33 -10.55 -15.62 -21.78
C SER GA 33 -11.28 -15.39 -23.11
N ASN GA 34 -11.98 -14.26 -23.26
CA ASN GA 34 -12.66 -13.89 -24.50
C ASN GA 34 -11.69 -13.77 -25.69
N GLN GA 35 -10.39 -13.56 -25.41
CA GLN GA 35 -9.33 -13.50 -26.42
C GLN GA 35 -9.22 -14.79 -27.24
N GLY GA 36 -9.75 -15.91 -26.72
CA GLY GA 36 -9.67 -17.21 -27.34
C GLY GA 36 -11.00 -17.73 -27.91
N SER GA 37 -11.97 -16.83 -28.14
CA SER GA 37 -13.34 -17.23 -28.45
C SER GA 37 -13.48 -18.02 -29.75
N ILE GA 38 -12.59 -17.78 -30.73
CA ILE GA 38 -12.80 -18.31 -32.08
C ILE GA 38 -11.78 -19.40 -32.43
N GLN GA 39 -12.28 -20.45 -33.09
CA GLN GA 39 -11.47 -21.48 -33.71
C GLN GA 39 -11.87 -21.60 -35.18
N VAL GA 40 -10.87 -21.73 -36.07
CA VAL GA 40 -11.11 -22.01 -37.47
C VAL GA 40 -10.72 -23.46 -37.71
N LEU GA 41 -11.65 -24.24 -38.29
CA LEU GA 41 -11.52 -25.69 -38.32
C LEU GA 41 -11.93 -26.26 -39.68
N GLY GA 42 -11.48 -27.51 -39.93
CA GLY GA 42 -11.48 -28.08 -41.27
C GLY GA 42 -10.40 -27.43 -42.14
N SER GA 43 -10.63 -27.41 -43.46
CA SER GA 43 -9.82 -26.59 -44.36
C SER GA 43 -10.75 -25.76 -45.24
N GLY GA 44 -10.29 -24.55 -45.61
CA GLY GA 44 -11.10 -23.63 -46.38
C GLY GA 44 -10.86 -23.77 -47.88
N THR GA 45 -11.57 -22.96 -48.67
CA THR GA 45 -11.32 -22.86 -50.09
C THR GA 45 -11.31 -21.41 -50.53
N ILE GA 46 -10.57 -21.15 -51.61
CA ILE GA 46 -10.54 -19.85 -52.26
C ILE GA 46 -10.87 -20.03 -53.74
N THR GA 47 -11.77 -19.20 -54.26
CA THR GA 47 -12.24 -19.40 -55.62
C THR GA 47 -12.41 -18.05 -56.31
N ASN GA 48 -12.10 -17.99 -57.62
CA ASN GA 48 -12.33 -16.81 -58.43
C ASN GA 48 -13.77 -16.31 -58.21
N SER GA 49 -13.95 -14.98 -58.15
CA SER GA 49 -15.26 -14.40 -57.91
C SER GA 49 -15.56 -13.27 -58.89
N THR GA 50 -14.58 -12.91 -59.73
CA THR GA 50 -14.76 -11.86 -60.74
C THR GA 50 -15.29 -12.43 -62.06
N ALA GA 51 -15.83 -11.54 -62.91
CA ALA GA 51 -16.48 -11.93 -64.16
C ALA GA 51 -16.30 -10.85 -65.25
N SER GA 52 -16.58 -11.25 -66.51
CA SER GA 52 -16.78 -10.39 -67.68
C SER GA 52 -15.60 -9.44 -67.99
N GLY GA 53 -14.38 -9.81 -67.57
CA GLY GA 53 -13.20 -8.98 -67.75
C GLY GA 53 -13.23 -7.67 -66.96
N SER GA 54 -13.94 -7.67 -65.82
CA SER GA 54 -14.04 -6.54 -64.89
C SER GA 54 -12.68 -6.15 -64.31
N SER GA 55 -12.54 -4.88 -63.94
CA SER GA 55 -11.28 -4.23 -63.58
C SER GA 55 -10.62 -4.78 -62.29
N ARG GA 56 -11.44 -5.38 -61.39
CA ARG GA 56 -10.95 -5.97 -60.15
C ARG GA 56 -10.95 -7.50 -60.23
N THR GA 57 -9.82 -8.11 -59.84
CA THR GA 57 -9.82 -9.50 -59.39
C THR GA 57 -10.44 -9.57 -57.99
N ILE GA 58 -11.43 -10.45 -57.81
CA ILE GA 58 -12.13 -10.65 -56.54
C ILE GA 58 -12.21 -12.15 -56.31
N TYR GA 59 -12.10 -12.58 -55.04
CA TYR GA 59 -12.09 -14.01 -54.73
C TYR GA 59 -13.09 -14.33 -53.63
N ASN GA 60 -13.25 -15.62 -53.31
CA ASN GA 60 -14.17 -16.06 -52.27
C ASN GA 60 -13.41 -16.89 -51.23
N ILE GA 61 -13.48 -16.47 -49.96
CA ILE GA 61 -12.81 -17.19 -48.87
C ILE GA 61 -13.87 -17.93 -48.06
N THR GA 62 -14.06 -19.24 -48.32
CA THR GA 62 -14.97 -20.00 -47.49
C THR GA 62 -14.18 -20.79 -46.44
N ILE GA 63 -14.61 -20.68 -45.16
CA ILE GA 63 -13.99 -21.33 -44.00
C ILE GA 63 -15.09 -21.77 -43.02
N THR GA 64 -14.80 -22.72 -42.12
CA THR GA 64 -15.72 -23.07 -41.04
C THR GA 64 -15.20 -22.51 -39.72
N VAL GA 65 -16.08 -21.82 -38.98
CA VAL GA 65 -15.68 -21.06 -37.80
C VAL GA 65 -16.59 -21.45 -36.63
N LYS GA 66 -15.99 -21.64 -35.46
CA LYS GA 66 -16.69 -21.94 -34.22
C LYS GA 66 -16.46 -20.80 -33.23
N ASN GA 67 -17.54 -20.20 -32.72
CA ASN GA 67 -17.48 -19.13 -31.74
C ASN GA 67 -17.93 -19.67 -30.37
N THR GA 68 -17.02 -19.66 -29.39
CA THR GA 68 -17.26 -20.11 -28.01
C THR GA 68 -17.63 -18.95 -27.08
N GLY GA 69 -17.46 -17.70 -27.55
CA GLY GA 69 -17.74 -16.51 -26.75
C GLY GA 69 -19.23 -16.21 -26.57
N THR GA 70 -19.50 -15.15 -25.79
CA THR GA 70 -20.86 -14.74 -25.43
C THR GA 70 -21.44 -13.67 -26.35
N THR GA 71 -20.64 -13.21 -27.35
CA THR GA 71 -20.99 -12.11 -28.25
C THR GA 71 -20.75 -12.50 -29.70
N SER GA 72 -21.51 -11.92 -30.63
CA SER GA 72 -21.25 -12.01 -32.06
C SER GA 72 -19.91 -11.32 -32.37
N ILE GA 73 -19.06 -11.97 -33.18
CA ILE GA 73 -17.68 -11.54 -33.47
C ILE GA 73 -17.46 -11.57 -34.98
N SER GA 74 -16.74 -10.56 -35.52
CA SER GA 74 -16.65 -10.36 -36.97
C SER GA 74 -15.20 -10.33 -37.49
N VAL GA 75 -15.04 -10.63 -38.78
CA VAL GA 75 -13.75 -10.62 -39.46
C VAL GA 75 -13.32 -9.17 -39.70
N THR GA 76 -12.19 -8.75 -39.11
CA THR GA 76 -11.68 -7.40 -39.30
C THR GA 76 -10.75 -7.29 -40.51
N SER GA 77 -9.87 -8.29 -40.70
CA SER GA 77 -8.90 -8.29 -41.79
C SER GA 77 -8.42 -9.70 -42.10
N ILE GA 78 -7.82 -9.86 -43.29
CA ILE GA 78 -7.25 -11.12 -43.72
C ILE GA 78 -5.91 -10.87 -44.41
N ASN GA 79 -4.95 -11.76 -44.16
CA ASN GA 79 -3.67 -11.77 -44.83
C ASN GA 79 -3.53 -13.16 -45.47
N ILE GA 80 -3.21 -13.24 -46.77
CA ILE GA 80 -3.07 -14.52 -47.45
C ILE GA 80 -1.61 -14.71 -47.86
N ASN GA 81 -0.97 -15.76 -47.31
CA ASN GA 81 0.38 -16.17 -47.66
C ASN GA 81 1.38 -15.02 -47.50
N GLY GA 82 1.24 -14.25 -46.40
CA GLY GA 82 2.04 -13.06 -46.12
C GLY GA 82 1.53 -11.76 -46.75
N GLN GA 83 0.71 -11.84 -47.81
CA GLN GA 83 0.24 -10.68 -48.56
C GLN GA 83 -0.99 -10.06 -47.89
N PRO GA 84 -1.09 -8.72 -47.78
CA PRO GA 84 -2.31 -8.07 -47.30
C PRO GA 84 -3.44 -8.07 -48.32
N PHE GA 85 -4.67 -8.21 -47.83
CA PHE GA 85 -5.89 -8.28 -48.63
C PHE GA 85 -7.01 -7.47 -47.95
N ASN GA 86 -7.97 -6.97 -48.75
CA ASN GA 86 -9.11 -6.20 -48.26
C ASN GA 86 -10.43 -6.95 -48.50
N ILE GA 87 -11.27 -7.09 -47.47
CA ILE GA 87 -12.58 -7.71 -47.66
C ILE GA 87 -13.51 -6.71 -48.33
N ASN GA 88 -13.75 -6.88 -49.65
CA ASN GA 88 -14.56 -5.92 -50.40
C ASN GA 88 -15.92 -5.73 -49.70
N GLY GA 89 -16.67 -6.84 -49.60
CA GLY GA 89 -18.00 -6.84 -48.99
C GLY GA 89 -17.93 -6.50 -47.51
N THR GA 90 -19.10 -6.28 -46.89
CA THR GA 90 -19.20 -6.03 -45.45
C THR GA 90 -18.59 -7.21 -44.70
N ALA GA 91 -18.06 -6.94 -43.49
CA ALA GA 91 -17.49 -7.98 -42.64
C ALA GA 91 -18.56 -9.03 -42.32
N PRO GA 92 -18.27 -10.33 -42.51
CA PRO GA 92 -19.10 -11.41 -41.96
C PRO GA 92 -18.91 -11.51 -40.45
N SER GA 93 -19.94 -12.05 -39.77
CA SER GA 93 -19.99 -12.12 -38.32
C SER GA 93 -20.54 -13.48 -37.88
N ILE GA 94 -19.95 -14.05 -36.81
CA ILE GA 94 -20.33 -15.36 -36.29
C ILE GA 94 -21.09 -15.16 -34.98
N PRO GA 95 -22.38 -15.57 -34.89
CA PRO GA 95 -23.17 -15.41 -33.66
C PRO GA 95 -22.59 -16.19 -32.48
N ALA GA 96 -22.90 -15.73 -31.26
CA ALA GA 96 -22.44 -16.37 -30.03
C ALA GA 96 -22.80 -17.86 -29.99
N GLY GA 97 -21.83 -18.71 -29.60
CA GLY GA 97 -22.07 -20.15 -29.42
C GLY GA 97 -22.19 -20.99 -30.70
N ARG GA 98 -22.26 -20.37 -31.90
CA ARG GA 98 -22.49 -21.10 -33.14
C ARG GA 98 -21.22 -21.67 -33.76
N THR GA 99 -21.36 -22.83 -34.44
CA THR GA 99 -20.42 -23.30 -35.44
C THR GA 99 -21.09 -23.23 -36.81
N GLN GA 100 -20.45 -22.59 -37.79
CA GLN GA 100 -21.04 -22.47 -39.13
C GLN GA 100 -19.97 -22.21 -40.19
N PRO GA 101 -20.26 -22.53 -41.49
CA PRO GA 101 -19.50 -21.96 -42.60
C PRO GA 101 -19.67 -20.45 -42.67
N ILE GA 102 -18.60 -19.78 -43.09
CA ILE GA 102 -18.53 -18.33 -43.31
C ILE GA 102 -17.93 -18.12 -44.70
N THR GA 103 -18.55 -17.23 -45.50
CA THR GA 103 -18.09 -16.93 -46.85
C THR GA 103 -18.07 -15.42 -47.07
N PHE GA 104 -17.00 -14.90 -47.71
CA PHE GA 104 -16.85 -13.48 -47.96
C PHE GA 104 -15.97 -13.19 -49.18
N GLU GA 105 -16.17 -12.01 -49.78
CA GLU GA 105 -15.44 -11.57 -50.96
C GLU GA 105 -14.18 -10.80 -50.53
N VAL GA 106 -13.07 -11.01 -51.25
CA VAL GA 106 -11.79 -10.39 -50.88
C VAL GA 106 -11.01 -9.97 -52.13
N THR GA 107 -10.20 -8.91 -52.00
CA THR GA 107 -9.39 -8.34 -53.09
C THR GA 107 -7.96 -8.08 -52.62
N PRO GA 108 -6.92 -8.22 -53.49
CA PRO GA 108 -5.54 -7.92 -53.10
C PRO GA 108 -5.35 -6.45 -52.76
N ALA GA 109 -4.57 -6.16 -51.71
CA ALA GA 109 -4.30 -4.78 -51.31
C ALA GA 109 -3.29 -4.11 -52.24
N SER GA 110 -2.40 -4.92 -52.85
CA SER GA 110 -1.35 -4.46 -53.75
C SER GA 110 -0.92 -5.60 -54.70
N GLY GA 111 -0.35 -5.23 -55.86
CA GLY GA 111 0.13 -6.18 -56.85
C GLY GA 111 -0.97 -7.07 -57.43
N LYS GA 112 -0.58 -8.30 -57.82
CA LYS GA 112 -1.43 -9.24 -58.55
C LYS GA 112 -1.02 -10.66 -58.16
N PRO GA 113 -1.84 -11.39 -57.35
CA PRO GA 113 -1.55 -12.78 -57.01
C PRO GA 113 -1.91 -13.69 -58.19
N ASN GA 114 -1.41 -14.92 -58.12
CA ASN GA 114 -1.62 -15.89 -59.18
C ASN GA 114 -1.76 -17.27 -58.55
N PHE GA 115 -2.89 -17.53 -57.90
CA PHE GA 115 -3.15 -18.83 -57.30
C PHE GA 115 -3.21 -19.91 -58.39
N SER GA 116 -2.63 -21.08 -58.12
CA SER GA 116 -2.61 -22.20 -59.06
C SER GA 116 -3.57 -23.29 -58.59
N PRO GA 117 -4.45 -23.84 -59.46
CA PRO GA 117 -5.42 -24.87 -59.09
C PRO GA 117 -4.86 -26.01 -58.24
N GLY GA 118 -5.54 -26.27 -57.11
CA GLY GA 118 -5.22 -27.36 -56.20
C GLY GA 118 -4.08 -27.08 -55.22
N ALA GA 119 -3.40 -25.92 -55.33
CA ALA GA 119 -2.36 -25.54 -54.38
C ALA GA 119 -2.97 -25.01 -53.07
N SER GA 120 -2.18 -25.11 -51.98
CA SER GA 120 -2.56 -24.68 -50.64
C SER GA 120 -1.86 -23.37 -50.27
N TYR GA 121 -2.61 -22.44 -49.66
CA TYR GA 121 -2.14 -21.14 -49.20
C TYR GA 121 -2.54 -20.94 -47.74
N THR GA 122 -1.73 -20.27 -46.91
CA THR GA 122 -2.17 -20.00 -45.55
C THR GA 122 -2.81 -18.63 -45.45
N ALA GA 123 -4.10 -18.57 -45.12
CA ALA GA 123 -4.68 -17.33 -44.63
C ALA GA 123 -4.38 -17.19 -43.14
N THR GA 124 -4.25 -15.94 -42.66
CA THR GA 124 -4.55 -15.68 -41.26
C THR GA 124 -5.71 -14.70 -41.23
N ILE GA 125 -6.77 -15.07 -40.50
CA ILE GA 125 -7.95 -14.22 -40.38
C ILE GA 125 -7.88 -13.55 -39.01
N TYR GA 126 -8.07 -12.22 -38.96
CA TYR GA 126 -8.08 -11.50 -37.70
C TYR GA 126 -9.51 -11.10 -37.37
N PHE GA 127 -9.97 -11.52 -36.18
CA PHE GA 127 -11.32 -11.27 -35.72
C PHE GA 127 -11.35 -10.05 -34.78
N SER GA 128 -12.56 -9.54 -34.47
CA SER GA 128 -12.74 -8.34 -33.67
C SER GA 128 -12.21 -8.43 -32.23
N ASN GA 129 -11.84 -9.63 -31.77
CA ASN GA 129 -11.10 -9.82 -30.53
C ASN GA 129 -9.64 -9.34 -30.60
N GLY GA 130 -9.13 -9.05 -31.81
CA GLY GA 130 -7.69 -8.94 -32.03
C GLY GA 130 -7.00 -10.30 -32.19
N GLN GA 131 -7.73 -11.40 -31.94
CA GLN GA 131 -7.26 -12.77 -32.15
C GLN GA 131 -7.04 -13.05 -33.63
N GLY GA 132 -5.90 -13.67 -33.96
CA GLY GA 132 -5.62 -14.12 -35.32
C GLY GA 132 -5.56 -15.65 -35.38
N ALA GA 133 -6.20 -16.24 -36.39
CA ALA GA 133 -6.20 -17.69 -36.57
C ALA GA 133 -5.57 -18.04 -37.91
N PRO GA 134 -4.50 -18.85 -37.97
CA PRO GA 134 -4.01 -19.38 -39.25
C PRO GA 134 -4.92 -20.49 -39.76
N ALA GA 135 -5.12 -20.52 -41.08
CA ALA GA 135 -5.98 -21.48 -41.75
C ALA GA 135 -5.41 -21.81 -43.13
N THR GA 136 -5.63 -23.03 -43.61
CA THR GA 136 -5.20 -23.40 -44.96
C THR GA 136 -6.38 -23.31 -45.91
N LEU GA 137 -6.20 -22.59 -47.02
CA LEU GA 137 -7.17 -22.52 -48.09
C LEU GA 137 -6.61 -23.26 -49.30
N ILE GA 138 -7.44 -24.08 -49.96
CA ILE GA 138 -7.07 -24.71 -51.22
C ILE GA 138 -7.75 -23.95 -52.37
N TYR GA 139 -6.98 -23.59 -53.39
CA TYR GA 139 -7.52 -22.82 -54.50
C TYR GA 139 -8.26 -23.71 -55.50
N GLN GA 140 -9.54 -23.37 -55.77
CA GLN GA 140 -10.46 -24.17 -56.56
C GLN GA 140 -10.74 -23.60 -57.96
N GLY GA 141 -10.26 -22.38 -58.25
CA GLY GA 141 -10.63 -21.61 -59.44
C GLY GA 141 -9.79 -21.91 -60.67
N LEU HA 1 0.12 3.45 10.63
CA LEU HA 1 -0.38 2.23 11.35
C LEU HA 1 -1.01 1.27 10.33
N SER HA 2 -1.93 1.79 9.50
CA SER HA 2 -2.67 1.05 8.48
C SER HA 2 -1.76 0.37 7.42
N GLY HA 3 -0.65 1.02 7.05
CA GLY HA 3 0.25 0.57 5.99
C GLY HA 3 0.79 -0.85 6.19
N ALA HA 4 1.10 -1.20 7.45
CA ALA HA 4 1.58 -2.53 7.80
C ALA HA 4 0.48 -3.59 7.67
N ILE HA 5 -0.75 -3.28 8.09
CA ILE HA 5 -1.90 -4.17 7.99
C ILE HA 5 -2.20 -4.48 6.52
N VAL HA 6 -2.20 -3.45 5.68
CA VAL HA 6 -2.39 -3.61 4.23
C VAL HA 6 -1.28 -4.48 3.63
N ALA HA 7 -0.02 -4.24 4.01
CA ALA HA 7 1.10 -5.05 3.54
C ALA HA 7 0.92 -6.52 3.90
N LEU HA 8 0.48 -6.83 5.13
CA LEU HA 8 0.24 -8.19 5.59
C LEU HA 8 -0.84 -8.90 4.77
N ILE HA 9 -1.98 -8.23 4.53
CA ILE HA 9 -3.09 -8.77 3.75
C ILE HA 9 -2.64 -9.09 2.33
N LEU HA 10 -1.84 -8.21 1.70
CA LEU HA 10 -1.36 -8.42 0.34
C LEU HA 10 -0.28 -9.50 0.26
N VAL HA 11 0.52 -9.71 1.33
CA VAL HA 11 1.45 -10.83 1.40
C VAL HA 11 0.68 -12.14 1.44
N ILE HA 12 -0.29 -12.27 2.36
CA ILE HA 12 -1.10 -13.49 2.49
C ILE HA 12 -1.89 -13.76 1.21
N ALA HA 13 -2.62 -12.77 0.69
CA ALA HA 13 -3.36 -12.90 -0.56
C ALA HA 13 -2.46 -13.28 -1.74
N GLY HA 14 -1.24 -12.73 -1.79
CA GLY HA 14 -0.24 -13.11 -2.79
C GLY HA 14 0.05 -14.61 -2.81
N VAL HA 15 0.26 -15.21 -1.63
CA VAL HA 15 0.48 -16.65 -1.51
C VAL HA 15 -0.74 -17.42 -2.05
N ILE HA 16 -1.95 -17.03 -1.66
CA ILE HA 16 -3.20 -17.68 -2.07
C ILE HA 16 -3.37 -17.64 -3.60
N ILE HA 17 -3.23 -16.45 -4.20
CA ILE HA 17 -3.44 -16.25 -5.63
C ILE HA 17 -2.40 -17.02 -6.44
N ALA HA 18 -1.13 -17.01 -6.02
CA ALA HA 18 -0.07 -17.73 -6.72
C ALA HA 18 -0.36 -19.24 -6.75
N ILE HA 19 -0.79 -19.82 -5.62
CA ILE HA 19 -1.17 -21.23 -5.54
C ILE HA 19 -2.40 -21.51 -6.42
N ALA HA 20 -3.41 -20.63 -6.40
CA ALA HA 20 -4.61 -20.79 -7.22
C ALA HA 20 -4.29 -20.84 -8.72
N VAL HA 21 -3.37 -19.99 -9.17
CA VAL HA 21 -2.90 -19.96 -10.56
C VAL HA 21 -2.18 -21.26 -10.94
N VAL HA 22 -1.37 -21.81 -10.04
CA VAL HA 22 -0.70 -23.10 -10.25
C VAL HA 22 -1.73 -24.24 -10.40
N LEU HA 23 -2.74 -24.29 -9.51
CA LEU HA 23 -3.79 -25.30 -9.60
C LEU HA 23 -4.63 -25.17 -10.86
N PHE HA 24 -4.96 -23.93 -11.27
CA PHE HA 24 -5.71 -23.68 -12.48
C PHE HA 24 -5.02 -24.26 -13.72
N ALA HA 25 -3.69 -24.14 -13.79
CA ALA HA 25 -2.89 -24.63 -14.91
C ALA HA 25 -3.06 -26.15 -15.12
N PHE HA 26 -3.02 -26.96 -14.05
CA PHE HA 26 -3.27 -28.39 -14.15
C PHE HA 26 -4.71 -28.71 -14.59
N GLY HA 27 -5.69 -27.89 -14.20
CA GLY HA 27 -7.09 -28.08 -14.55
C GLY HA 27 -7.38 -28.03 -16.07
N LEU HA 28 -6.45 -27.49 -16.86
CA LEU HA 28 -6.57 -27.45 -18.31
C LEU HA 28 -6.21 -28.79 -18.97
N ILE HA 29 -5.38 -29.60 -18.31
CA ILE HA 29 -4.75 -30.79 -18.90
C ILE HA 29 -5.79 -31.84 -19.31
N PRO HA 30 -6.77 -32.23 -18.47
CA PRO HA 30 -7.83 -33.14 -18.91
C PRO HA 30 -8.60 -32.59 -20.11
N GLY HA 31 -8.95 -31.29 -20.10
CA GLY HA 31 -9.74 -30.65 -21.15
C GLY HA 31 -9.09 -30.72 -22.55
N ILE HA 32 -7.78 -30.46 -22.65
CA ILE HA 32 -7.07 -30.49 -23.93
C ILE HA 32 -6.98 -31.90 -24.53
N SER HA 33 -7.03 -32.95 -23.69
CA SER HA 33 -6.97 -34.34 -24.15
C SER HA 33 -8.22 -34.75 -24.96
N ASN HA 34 -9.35 -34.07 -24.77
CA ASN HA 34 -10.57 -34.31 -25.54
C ASN HA 34 -10.37 -34.11 -27.04
N GLN HA 35 -9.35 -33.32 -27.44
CA GLN HA 35 -8.98 -33.07 -28.83
C GLN HA 35 -8.62 -34.37 -29.58
N GLY HA 36 -8.30 -35.44 -28.85
CA GLY HA 36 -7.89 -36.72 -29.42
C GLY HA 36 -8.91 -37.85 -29.27
N SER HA 37 -10.19 -37.50 -29.01
CA SER HA 37 -11.20 -38.48 -28.61
C SER HA 37 -11.47 -39.55 -29.67
N ILE HA 38 -11.32 -39.21 -30.96
CA ILE HA 38 -11.79 -40.09 -32.04
C ILE HA 38 -10.64 -40.72 -32.81
N GLN HA 39 -10.81 -42.01 -33.13
CA GLN HA 39 -9.95 -42.74 -34.05
C GLN HA 39 -10.83 -43.35 -35.15
N VAL HA 40 -10.37 -43.27 -36.40
CA VAL HA 40 -11.01 -43.95 -37.52
C VAL HA 40 -10.13 -45.14 -37.89
N LEU HA 41 -10.72 -46.34 -37.94
CA LEU HA 41 -9.95 -47.57 -38.01
C LEU HA 41 -10.58 -48.57 -38.99
N GLY HA 42 -9.76 -49.55 -39.41
CA GLY HA 42 -10.05 -50.37 -40.58
C GLY HA 42 -9.90 -49.56 -41.87
N SER HA 43 -10.64 -49.95 -42.91
CA SER HA 43 -10.78 -49.12 -44.10
C SER HA 43 -12.26 -48.97 -44.43
N GLY HA 44 -12.61 -47.80 -44.99
CA GLY HA 44 -14.00 -47.50 -45.29
C GLY HA 44 -14.38 -47.89 -46.72
N THR HA 45 -15.65 -47.66 -47.07
CA THR HA 45 -16.09 -47.81 -48.45
C THR HA 45 -16.96 -46.63 -48.85
N ILE HA 46 -16.96 -46.36 -50.16
CA ILE HA 46 -17.81 -45.34 -50.75
C ILE HA 46 -18.61 -46.00 -51.89
N THR HA 47 -19.92 -45.75 -51.91
CA THR HA 47 -20.77 -46.44 -52.88
C THR HA 47 -21.83 -45.48 -53.42
N ASN HA 48 -22.17 -45.62 -54.71
CA ASN HA 48 -23.25 -44.87 -55.33
C ASN HA 48 -24.50 -44.96 -54.46
N SER HA 49 -25.24 -43.84 -54.33
CA SER HA 49 -26.43 -43.81 -53.49
C SER HA 49 -27.61 -43.16 -54.22
N THR HA 50 -27.36 -42.65 -55.43
CA THR HA 50 -28.43 -42.04 -56.24
C THR HA 50 -29.13 -43.07 -57.14
N ALA HA 51 -30.33 -42.72 -57.63
CA ALA HA 51 -31.17 -43.62 -58.40
C ALA HA 51 -32.00 -42.86 -59.46
N SER HA 52 -32.55 -43.62 -60.42
CA SER HA 52 -33.61 -43.22 -61.36
C SER HA 52 -33.28 -41.99 -62.22
N GLY HA 53 -31.98 -41.71 -62.44
CA GLY HA 53 -31.51 -40.54 -63.18
C GLY HA 53 -31.83 -39.21 -62.49
N SER HA 54 -31.89 -39.24 -61.15
CA SER HA 54 -32.11 -38.06 -60.30
C SER HA 54 -31.00 -37.03 -60.46
N SER HA 55 -31.34 -35.74 -60.21
CA SER HA 55 -30.51 -34.57 -60.53
C SER HA 55 -29.22 -34.49 -59.71
N ARG HA 56 -29.18 -35.13 -58.52
CA ARG HA 56 -28.00 -35.15 -57.66
C ARG HA 56 -27.31 -36.53 -57.71
N THR HA 57 -25.99 -36.51 -57.90
CA THR HA 57 -25.15 -37.64 -57.49
C THR HA 57 -25.00 -37.61 -55.97
N ILE HA 58 -25.28 -38.74 -55.32
CA ILE HA 58 -25.19 -38.89 -53.87
C ILE HA 58 -24.44 -40.21 -53.60
N TYR HA 59 -23.62 -40.24 -52.54
CA TYR HA 59 -22.80 -41.41 -52.26
C TYR HA 59 -22.97 -41.85 -50.80
N ASN HA 60 -22.35 -42.97 -50.43
CA ASN HA 60 -22.42 -43.48 -49.07
C ASN HA 60 -21.01 -43.65 -48.51
N ILE HA 61 -20.71 -43.00 -47.36
CA ILE HA 61 -19.41 -43.10 -46.73
C ILE HA 61 -19.53 -43.99 -45.49
N THR HA 62 -19.18 -45.28 -45.62
CA THR HA 62 -19.17 -46.14 -44.44
C THR HA 62 -17.75 -46.27 -43.89
N ILE HA 63 -17.59 -46.04 -42.56
CA ILE HA 63 -16.33 -46.08 -41.84
C ILE HA 63 -16.56 -46.67 -40.45
N THR HA 64 -15.50 -47.18 -39.78
CA THR HA 64 -15.59 -47.61 -38.40
C THR HA 64 -14.90 -46.59 -37.49
N VAL HA 65 -15.60 -46.16 -36.44
CA VAL HA 65 -15.14 -45.05 -35.60
C VAL HA 65 -15.18 -45.49 -34.13
N LYS HA 66 -14.13 -45.12 -33.39
CA LYS HA 66 -14.00 -45.38 -31.96
C LYS HA 66 -13.95 -44.04 -31.22
N ASN HA 67 -14.85 -43.83 -30.26
CA ASN HA 67 -14.89 -42.62 -29.45
C ASN HA 67 -14.42 -42.95 -28.04
N THR HA 68 -13.30 -42.34 -27.62
CA THR HA 68 -12.68 -42.51 -26.29
C THR HA 68 -13.12 -41.41 -25.31
N GLY HA 69 -13.78 -40.36 -25.81
CA GLY HA 69 -14.23 -39.22 -25.00
C GLY HA 69 -15.45 -39.51 -24.13
N THR HA 70 -15.84 -38.51 -23.33
CA THR HA 70 -16.92 -38.62 -22.36
C THR HA 70 -18.27 -38.13 -22.91
N THR HA 71 -18.27 -37.64 -24.17
CA THR HA 71 -19.45 -37.03 -24.80
C THR HA 71 -19.69 -37.62 -26.19
N SER HA 72 -20.95 -37.63 -26.63
CA SER HA 72 -21.29 -37.95 -28.02
C SER HA 72 -20.72 -36.87 -28.95
N ILE HA 73 -20.09 -37.29 -30.06
CA ILE HA 73 -19.35 -36.42 -30.98
C ILE HA 73 -19.81 -36.72 -32.40
N SER HA 74 -19.94 -35.67 -33.25
CA SER HA 74 -20.58 -35.79 -34.55
C SER HA 74 -19.70 -35.31 -35.71
N VAL HA 75 -19.96 -35.82 -36.92
CA VAL HA 75 -19.26 -35.45 -38.13
C VAL HA 75 -19.71 -34.05 -38.58
N THR HA 76 -18.78 -33.08 -38.61
CA THR HA 76 -19.10 -31.72 -39.05
C THR HA 76 -18.94 -31.54 -40.56
N SER HA 77 -17.88 -32.11 -41.14
CA SER HA 77 -17.57 -31.97 -42.55
C SER HA 77 -16.67 -33.10 -43.05
N ILE HA 78 -16.63 -33.29 -44.37
CA ILE HA 78 -15.78 -34.28 -45.01
C ILE HA 78 -15.16 -33.67 -46.26
N ASN HA 79 -13.89 -34.01 -46.50
CA ASN HA 79 -13.17 -33.66 -47.69
C ASN HA 79 -12.68 -34.97 -48.31
N ILE HA 80 -12.93 -35.23 -49.60
CA ILE HA 80 -12.51 -36.47 -50.24
C ILE HA 80 -11.46 -36.14 -51.30
N ASN HA 81 -10.25 -36.68 -51.13
CA ASN HA 81 -9.15 -36.57 -52.08
C ASN HA 81 -8.85 -35.11 -52.43
N GLY HA 82 -8.86 -34.23 -51.41
CA GLY HA 82 -8.68 -32.78 -51.58
C GLY HA 82 -9.95 -32.00 -51.89
N GLN HA 83 -10.99 -32.66 -52.43
CA GLN HA 83 -12.22 -32.00 -52.87
C GLN HA 83 -13.18 -31.80 -51.70
N PRO HA 84 -13.85 -30.62 -51.57
CA PRO HA 84 -14.90 -30.42 -50.56
C PRO HA 84 -16.20 -31.14 -50.92
N PHE HA 85 -16.88 -31.63 -49.89
CA PHE HA 85 -18.13 -32.38 -50.00
C PHE HA 85 -19.10 -31.96 -48.88
N ASN HA 86 -20.41 -32.10 -49.12
CA ASN HA 86 -21.45 -31.77 -48.15
C ASN HA 86 -22.22 -33.02 -47.71
N ILE HA 87 -22.38 -33.24 -46.40
CA ILE HA 87 -23.18 -34.36 -45.91
C ILE HA 87 -24.65 -34.02 -46.08
N ASN HA 88 -25.32 -34.58 -47.11
CA ASN HA 88 -26.72 -34.25 -47.38
C ASN HA 88 -27.55 -34.46 -46.12
N GLY HA 89 -27.58 -35.72 -45.65
CA GLY HA 89 -28.35 -36.12 -44.48
C GLY HA 89 -27.83 -35.44 -43.22
N THR HA 90 -28.58 -35.57 -42.11
CA THR HA 90 -28.17 -35.05 -40.82
C THR HA 90 -26.82 -35.66 -40.42
N ALA HA 91 -26.02 -34.91 -39.63
CA ALA HA 91 -24.74 -35.40 -39.15
C ALA HA 91 -24.94 -36.67 -38.33
N PRO HA 92 -24.18 -37.77 -38.62
CA PRO HA 92 -24.09 -38.91 -37.73
C PRO HA 92 -23.26 -38.57 -36.49
N SER HA 93 -23.52 -39.29 -35.40
CA SER HA 93 -22.90 -39.03 -34.10
C SER HA 93 -22.50 -40.35 -33.43
N ILE HA 94 -21.33 -40.36 -32.77
CA ILE HA 94 -20.80 -41.54 -32.11
C ILE HA 94 -20.94 -41.36 -30.60
N PRO HA 95 -21.69 -42.24 -29.89
CA PRO HA 95 -21.86 -42.11 -28.44
C PRO HA 95 -20.55 -42.28 -27.68
N ALA HA 96 -20.49 -41.71 -26.47
CA ALA HA 96 -19.31 -41.80 -25.60
C ALA HA 96 -18.88 -43.24 -25.37
N GLY HA 97 -17.56 -43.51 -25.48
CA GLY HA 97 -17.01 -44.84 -25.19
C GLY HA 97 -17.24 -45.93 -26.24
N ARG HA 98 -18.07 -45.69 -27.27
CA ARG HA 98 -18.44 -46.73 -28.23
C ARG HA 98 -17.45 -46.88 -29.38
N THR HA 99 -17.30 -48.11 -29.89
CA THR HA 99 -16.76 -48.38 -31.21
C THR HA 99 -17.89 -48.93 -32.08
N GLN HA 100 -18.12 -48.34 -33.27
CA GLN HA 100 -19.18 -48.79 -34.15
C GLN HA 100 -18.94 -48.39 -35.60
N PRO HA 101 -19.56 -49.08 -36.58
CA PRO HA 101 -19.70 -48.54 -37.93
C PRO HA 101 -20.58 -47.29 -37.94
N ILE HA 102 -20.24 -46.37 -38.83
CA ILE HA 102 -20.96 -45.12 -39.09
C ILE HA 102 -21.19 -45.03 -40.58
N THR HA 103 -22.41 -44.67 -41.00
CA THR HA 103 -22.77 -44.54 -42.41
C THR HA 103 -23.56 -43.25 -42.63
N PHE HA 104 -23.23 -42.51 -43.71
CA PHE HA 104 -23.89 -41.26 -44.03
C PHE HA 104 -23.86 -40.95 -45.53
N GLU HA 105 -24.83 -40.12 -45.97
CA GLU HA 105 -24.97 -39.71 -47.36
C GLU HA 105 -24.17 -38.43 -47.61
N VAL HA 106 -23.51 -38.33 -48.77
CA VAL HA 106 -22.67 -37.18 -49.08
C VAL HA 106 -22.79 -36.79 -50.56
N THR HA 107 -22.59 -35.49 -50.85
CA THR HA 107 -22.69 -34.92 -52.20
C THR HA 107 -21.51 -34.00 -52.48
N PRO HA 108 -21.01 -33.90 -53.75
CA PRO HA 108 -19.92 -32.99 -54.09
C PRO HA 108 -20.32 -31.53 -53.90
N ALA HA 109 -19.41 -30.72 -53.36
CA ALA HA 109 -19.68 -29.29 -53.17
C ALA HA 109 -19.60 -28.51 -54.48
N SER HA 110 -18.79 -29.01 -55.43
CA SER HA 110 -18.57 -28.40 -56.74
C SER HA 110 -18.10 -29.45 -57.75
N GLY HA 111 -18.32 -29.17 -59.05
CA GLY HA 111 -17.92 -30.06 -60.14
C GLY HA 111 -18.59 -31.42 -60.11
N LYS HA 112 -17.88 -32.44 -60.63
CA LYS HA 112 -18.40 -33.78 -60.84
C LYS HA 112 -17.26 -34.79 -60.67
N PRO HA 113 -17.20 -35.57 -59.55
CA PRO HA 113 -16.19 -36.59 -59.37
C PRO HA 113 -16.53 -37.82 -60.21
N ASN HA 114 -15.54 -38.70 -60.38
CA ASN HA 114 -15.70 -39.89 -61.19
C ASN HA 114 -14.88 -41.01 -60.56
N PHE HA 115 -15.35 -41.54 -59.43
CA PHE HA 115 -14.70 -42.65 -58.77
C PHE HA 115 -14.71 -43.89 -59.67
N SER HA 116 -13.58 -44.63 -59.70
CA SER HA 116 -13.43 -45.83 -60.51
C SER HA 116 -13.47 -47.06 -59.63
N PRO HA 117 -14.27 -48.12 -59.96
CA PRO HA 117 -14.37 -49.33 -59.14
C PRO HA 117 -13.04 -49.91 -58.66
N GLY HA 118 -12.98 -50.15 -57.34
CA GLY HA 118 -11.82 -50.76 -56.68
C GLY HA 118 -10.66 -49.80 -56.38
N ALA HA 119 -10.73 -48.53 -56.83
CA ALA HA 119 -9.69 -47.56 -56.49
C ALA HA 119 -9.86 -47.02 -55.07
N SER HA 120 -8.75 -46.52 -54.49
CA SER HA 120 -8.69 -45.98 -53.14
C SER HA 120 -8.61 -44.46 -53.16
N TYR HA 121 -9.36 -43.79 -52.28
CA TYR HA 121 -9.41 -42.34 -52.13
C TYR HA 121 -9.21 -41.99 -50.66
N THR HA 122 -8.55 -40.86 -50.34
CA THR HA 122 -8.43 -40.49 -48.94
C THR HA 122 -9.53 -39.51 -48.56
N ALA HA 123 -10.43 -39.91 -47.65
CA ALA HA 123 -11.25 -38.94 -46.96
C ALA HA 123 -10.45 -38.32 -45.81
N THR HA 124 -10.74 -37.07 -45.46
CA THR HA 124 -10.51 -36.60 -44.10
C THR HA 124 -11.86 -36.21 -43.53
N ILE HA 125 -12.21 -36.79 -42.36
CA ILE HA 125 -13.46 -36.49 -41.70
C ILE HA 125 -13.14 -35.54 -40.55
N TYR HA 126 -13.89 -34.44 -40.43
CA TYR HA 126 -13.72 -33.50 -39.33
C TYR HA 126 -14.87 -33.65 -38.34
N PHE HA 127 -14.52 -33.92 -37.09
CA PHE HA 127 -15.49 -34.13 -36.03
C PHE HA 127 -15.70 -32.85 -35.21
N SER HA 128 -16.74 -32.82 -34.36
CA SER HA 128 -17.11 -31.62 -33.60
C SER HA 128 -16.05 -31.15 -32.59
N ASN HA 129 -15.01 -31.96 -32.36
CA ASN HA 129 -13.81 -31.54 -31.63
C ASN HA 129 -12.95 -30.53 -32.41
N GLY HA 130 -13.19 -30.36 -33.71
CA GLY HA 130 -12.22 -29.74 -34.61
C GLY HA 130 -11.11 -30.69 -35.06
N GLN HA 131 -11.06 -31.90 -34.47
CA GLN HA 131 -10.14 -32.96 -34.85
C GLN HA 131 -10.46 -33.48 -36.26
N GLY HA 132 -9.43 -33.64 -37.09
CA GLY HA 132 -9.56 -34.26 -38.41
C GLY HA 132 -8.83 -35.59 -38.46
N ALA HA 133 -9.47 -36.62 -39.02
CA ALA HA 133 -8.87 -37.93 -39.15
C ALA HA 133 -8.79 -38.31 -40.63
N PRO HA 134 -7.58 -38.62 -41.19
CA PRO HA 134 -7.50 -39.18 -42.55
C PRO HA 134 -7.91 -40.65 -42.52
N ALA HA 135 -8.59 -41.07 -43.60
CA ALA HA 135 -9.09 -42.44 -43.75
C ALA HA 135 -9.08 -42.82 -45.23
N THR HA 136 -8.87 -44.10 -45.53
CA THR HA 136 -8.93 -44.57 -46.91
C THR HA 136 -10.29 -45.20 -47.17
N LEU HA 137 -10.94 -44.76 -48.24
CA LEU HA 137 -12.20 -45.33 -48.72
C LEU HA 137 -11.93 -46.06 -50.03
N ILE HA 138 -12.46 -47.27 -50.19
CA ILE HA 138 -12.41 -47.98 -51.46
C ILE HA 138 -13.77 -47.86 -52.14
N TYR HA 139 -13.78 -47.47 -53.42
CA TYR HA 139 -15.03 -47.28 -54.14
C TYR HA 139 -15.61 -48.60 -54.64
N GLN HA 140 -16.86 -48.87 -54.26
CA GLN HA 140 -17.54 -50.15 -54.49
C GLN HA 140 -18.61 -50.09 -55.59
N GLY HA 141 -18.94 -48.90 -56.11
CA GLY HA 141 -20.09 -48.65 -56.97
C GLY HA 141 -19.81 -48.87 -58.46
N LEU IA 1 6.03 -5.47 -1.20
CA LEU IA 1 6.52 -6.57 -0.31
C LEU IA 1 6.04 -7.91 -0.89
N SER IA 2 4.73 -8.03 -1.17
CA SER IA 2 4.08 -9.24 -1.71
C SER IA 2 4.65 -9.72 -3.05
N GLY IA 3 5.04 -8.78 -3.93
CA GLY IA 3 5.51 -9.07 -5.28
C GLY IA 3 6.68 -10.06 -5.35
N ALA IA 4 7.61 -9.95 -4.39
CA ALA IA 4 8.76 -10.83 -4.30
C ALA IA 4 8.36 -12.24 -3.87
N ILE IA 5 7.44 -12.37 -2.90
CA ILE IA 5 6.92 -13.65 -2.43
C ILE IA 5 6.21 -14.38 -3.56
N VAL IA 6 5.36 -13.69 -4.33
CA VAL IA 6 4.69 -14.24 -5.49
C VAL IA 6 5.70 -14.71 -6.53
N ALA IA 7 6.73 -13.90 -6.83
CA ALA IA 7 7.77 -14.27 -7.77
C ALA IA 7 8.48 -15.56 -7.34
N LEU IA 8 8.80 -15.70 -6.05
CA LEU IA 8 9.45 -16.90 -5.51
C LEU IA 8 8.60 -18.15 -5.69
N ILE IA 9 7.30 -18.08 -5.36
CA ILE IA 9 6.36 -19.19 -5.50
C ILE IA 9 6.26 -19.63 -6.96
N LEU IA 10 6.20 -18.68 -7.90
CA LEU IA 10 6.10 -18.99 -9.32
C LEU IA 10 7.41 -19.54 -9.90
N VAL IA 11 8.58 -19.14 -9.36
CA VAL IA 11 9.85 -19.73 -9.72
C VAL IA 11 9.90 -21.20 -9.30
N ILE IA 12 9.59 -21.49 -8.03
CA ILE IA 12 9.59 -22.85 -7.50
C ILE IA 12 8.57 -23.73 -8.23
N ALA IA 13 7.31 -23.27 -8.35
CA ALA IA 13 6.27 -23.97 -9.09
C ALA IA 13 6.65 -24.22 -10.55
N GLY IA 14 7.32 -23.27 -11.20
CA GLY IA 14 7.84 -23.42 -12.54
C GLY IA 14 8.77 -24.64 -12.67
N VAL IA 15 9.71 -24.81 -11.74
CA VAL IA 15 10.60 -25.96 -11.72
C VAL IA 15 9.79 -27.26 -11.60
N ILE IA 16 8.83 -27.31 -10.66
CA ILE IA 16 8.00 -28.50 -10.42
C ILE IA 16 7.20 -28.88 -11.67
N ILE IA 17 6.50 -27.92 -12.28
CA ILE IA 17 5.64 -28.17 -13.43
C ILE IA 17 6.45 -28.62 -14.64
N ALA IA 18 7.61 -28.00 -14.89
CA ALA IA 18 8.47 -28.37 -16.00
C ALA IA 18 8.95 -29.83 -15.86
N ILE IA 19 9.36 -30.25 -14.66
CA ILE IA 19 9.76 -31.63 -14.38
C ILE IA 19 8.57 -32.59 -14.55
N ALA IA 20 7.39 -32.22 -14.06
CA ALA IA 20 6.18 -33.03 -14.19
C ALA IA 20 5.82 -33.30 -15.65
N VAL IA 21 5.94 -32.29 -16.52
CA VAL IA 21 5.70 -32.41 -17.95
C VAL IA 21 6.71 -33.35 -18.62
N VAL IA 22 7.98 -33.30 -18.22
CA VAL IA 22 9.01 -34.21 -18.71
C VAL IA 22 8.69 -35.66 -18.32
N LEU IA 23 8.30 -35.92 -17.06
CA LEU IA 23 7.93 -37.25 -16.61
C LEU IA 23 6.67 -37.77 -17.32
N PHE IA 24 5.67 -36.91 -17.53
CA PHE IA 24 4.45 -37.28 -18.23
C PHE IA 24 4.75 -37.81 -19.63
N ALA IA 25 5.68 -37.17 -20.35
CA ALA IA 25 6.07 -37.56 -21.70
C ALA IA 25 6.56 -39.00 -21.78
N PHE IA 26 7.41 -39.46 -20.86
CA PHE IA 26 7.86 -40.84 -20.81
C PHE IA 26 6.71 -41.81 -20.50
N GLY IA 27 5.73 -41.40 -19.69
CA GLY IA 27 4.58 -42.21 -19.31
C GLY IA 27 3.68 -42.64 -20.49
N LEU IA 28 3.82 -41.98 -21.65
CA LEU IA 28 3.09 -42.34 -22.85
C LEU IA 28 3.72 -43.53 -23.58
N ILE IA 29 5.03 -43.76 -23.41
CA ILE IA 29 5.82 -44.68 -24.21
C ILE IA 29 5.35 -46.13 -24.06
N PRO IA 30 5.11 -46.68 -22.84
CA PRO IA 30 4.53 -48.01 -22.70
C PRO IA 30 3.17 -48.12 -23.37
N GLY IA 31 2.30 -47.11 -23.22
CA GLY IA 31 0.95 -47.13 -23.77
C GLY IA 31 0.89 -47.26 -25.30
N ILE IA 32 1.73 -46.51 -26.03
CA ILE IA 32 1.76 -46.56 -27.49
C ILE IA 32 2.25 -47.92 -28.03
N SER IA 33 3.04 -48.66 -27.26
CA SER IA 33 3.55 -49.97 -27.68
C SER IA 33 2.44 -51.03 -27.77
N ASN IA 34 1.31 -50.84 -27.07
CA ASN IA 34 0.16 -51.73 -27.15
C ASN IA 34 -0.42 -51.82 -28.57
N GLN IA 35 -0.16 -50.83 -29.41
CA GLN IA 35 -0.58 -50.78 -30.81
C GLN IA 35 0.00 -51.96 -31.62
N GLY IA 36 1.06 -52.61 -31.12
CA GLY IA 36 1.74 -53.70 -31.81
C GLY IA 36 1.53 -55.07 -31.16
N SER IA 37 0.50 -55.22 -30.32
CA SER IA 37 0.34 -56.40 -29.47
C SER IA 37 0.18 -57.70 -30.25
N ILE IA 38 -0.41 -57.66 -31.46
CA ILE IA 38 -0.82 -58.88 -32.15
C ILE IA 38 0.05 -59.15 -33.38
N GLN IA 39 0.39 -60.43 -33.56
CA GLN IA 39 1.00 -60.95 -34.77
C GLN IA 39 0.15 -62.11 -35.29
N VAL IA 40 -0.06 -62.15 -36.62
CA VAL IA 40 -0.71 -63.28 -37.27
C VAL IA 40 0.37 -64.06 -38.01
N LEU IA 41 0.45 -65.37 -37.75
CA LEU IA 41 1.60 -66.16 -38.17
C LEU IA 41 1.17 -67.53 -38.71
N GLY IA 42 2.09 -68.16 -39.46
CA GLY IA 42 1.77 -69.29 -40.33
C GLY IA 42 0.96 -68.82 -41.54
N SER IA 43 0.12 -69.72 -42.09
CA SER IA 43 -0.88 -69.32 -43.07
C SER IA 43 -2.25 -69.86 -42.65
N GLY IA 44 -3.29 -69.11 -42.98
CA GLY IA 44 -4.64 -69.48 -42.58
C GLY IA 44 -5.36 -70.31 -43.64
N THR IA 45 -6.60 -70.70 -43.33
CA THR IA 45 -7.45 -71.34 -44.33
C THR IA 45 -8.85 -70.73 -44.28
N ILE IA 46 -9.54 -70.81 -45.42
CA ILE IA 46 -10.92 -70.40 -45.55
C ILE IA 46 -11.71 -71.56 -46.15
N THR IA 47 -12.86 -71.89 -45.54
CA THR IA 47 -13.60 -73.07 -45.97
C THR IA 47 -15.10 -72.78 -45.94
N ASN IA 48 -15.84 -73.35 -46.90
CA ASN IA 48 -17.29 -73.26 -46.93
C ASN IA 48 -17.86 -73.63 -45.57
N SER IA 49 -18.90 -72.92 -45.11
CA SER IA 49 -19.49 -73.17 -43.80
C SER IA 49 -21.02 -73.25 -43.88
N THR IA 50 -21.58 -72.98 -45.07
CA THR IA 50 -23.02 -73.06 -45.27
C THR IA 50 -23.46 -74.47 -45.70
N ALA IA 51 -24.76 -74.76 -45.56
CA ALA IA 51 -25.33 -76.07 -45.83
C ALA IA 51 -26.76 -75.99 -46.37
N SER IA 52 -27.24 -77.12 -46.93
CA SER IA 52 -28.65 -77.41 -47.24
C SER IA 52 -29.33 -76.39 -48.17
N GLY IA 53 -28.55 -75.68 -49.00
CA GLY IA 53 -29.06 -74.63 -49.89
C GLY IA 53 -29.62 -73.42 -49.15
N SER IA 54 -29.11 -73.15 -47.94
CA SER IA 54 -29.47 -72.00 -47.11
C SER IA 54 -29.15 -70.66 -47.80
N SER IA 55 -29.92 -69.62 -47.45
CA SER IA 55 -29.94 -68.33 -48.13
C SER IA 55 -28.62 -67.53 -48.04
N ARG IA 56 -27.81 -67.80 -47.01
CA ARG IA 56 -26.51 -67.15 -46.81
C ARG IA 56 -25.36 -68.08 -47.18
N THR IA 57 -24.41 -67.58 -47.99
CA THR IA 57 -23.06 -68.14 -48.02
C THR IA 57 -22.32 -67.70 -46.76
N ILE IA 58 -21.73 -68.66 -46.03
CA ILE IA 58 -20.98 -68.42 -44.81
C ILE IA 58 -19.67 -69.21 -44.91
N TYR IA 59 -18.58 -68.65 -44.38
CA TYR IA 59 -17.27 -69.29 -44.51
C TYR IA 59 -16.59 -69.40 -43.15
N ASN IA 60 -15.42 -70.06 -43.11
CA ASN IA 60 -14.66 -70.21 -41.87
C ASN IA 60 -13.25 -69.66 -42.06
N ILE IA 61 -12.85 -68.70 -41.22
CA ILE IA 61 -11.52 -68.11 -41.30
C ILE IA 61 -10.67 -68.65 -40.14
N THR IA 62 -9.84 -69.67 -40.40
CA THR IA 62 -8.94 -70.14 -39.35
C THR IA 62 -7.55 -69.56 -39.56
N ILE IA 63 -6.98 -68.98 -38.48
CA ILE IA 63 -5.66 -68.33 -38.46
C ILE IA 63 -4.98 -68.62 -37.12
N THR IA 64 -3.64 -68.48 -37.05
CA THR IA 64 -2.92 -68.58 -35.77
C THR IA 64 -2.49 -67.17 -35.34
N VAL IA 65 -2.78 -66.82 -34.08
CA VAL IA 65 -2.59 -65.46 -33.59
C VAL IA 65 -1.80 -65.51 -32.28
N LYS IA 66 -0.84 -64.58 -32.14
CA LYS IA 66 -0.02 -64.42 -30.95
C LYS IA 66 -0.29 -63.04 -30.35
N ASN IA 67 -0.69 -62.99 -29.07
CA ASN IA 67 -0.95 -61.75 -28.37
C ASN IA 67 0.17 -61.51 -27.34
N THR IA 68 0.93 -60.41 -27.53
CA THR IA 68 2.04 -60.00 -26.66
C THR IA 68 1.60 -58.98 -25.61
N GLY IA 69 0.38 -58.43 -25.75
CA GLY IA 69 -0.15 -57.41 -24.84
C GLY IA 69 -0.60 -57.96 -23.47
N THR IA 70 -1.03 -57.04 -22.60
CA THR IA 70 -1.42 -57.35 -21.23
C THR IA 70 -2.92 -57.59 -21.07
N THR IA 71 -3.69 -57.46 -22.16
CA THR IA 71 -5.14 -57.54 -22.17
C THR IA 71 -5.64 -58.49 -23.26
N SER IA 72 -6.81 -59.12 -23.03
CA SER IA 72 -7.51 -59.87 -24.08
C SER IA 72 -7.96 -58.91 -25.19
N ILE IA 73 -7.74 -59.28 -26.45
CA ILE IA 73 -7.95 -58.44 -27.62
C ILE IA 73 -8.77 -59.21 -28.66
N SER IA 74 -9.72 -58.55 -29.34
CA SER IA 74 -10.71 -59.22 -30.18
C SER IA 74 -10.74 -58.72 -31.62
N VAL IA 75 -11.22 -59.57 -32.54
CA VAL IA 75 -11.36 -59.24 -33.95
C VAL IA 75 -12.55 -58.29 -34.14
N THR IA 76 -12.30 -57.07 -34.64
CA THR IA 76 -13.36 -56.10 -34.88
C THR IA 76 -13.96 -56.24 -36.28
N SER IA 77 -13.11 -56.45 -37.30
CA SER IA 77 -13.54 -56.54 -38.68
C SER IA 77 -12.51 -57.29 -39.53
N ILE IA 78 -12.95 -57.76 -40.71
CA ILE IA 78 -12.10 -58.42 -41.66
C ILE IA 78 -12.43 -57.94 -43.07
N ASN IA 79 -11.38 -57.78 -43.88
CA ASN IA 79 -11.49 -57.47 -45.30
C ASN IA 79 -10.75 -58.59 -46.04
N ILE IA 80 -11.37 -59.21 -47.04
CA ILE IA 80 -10.73 -60.29 -47.79
C ILE IA 80 -10.52 -59.84 -49.23
N ASN IA 81 -9.25 -59.78 -49.66
CA ASN IA 81 -8.86 -59.47 -51.03
C ASN IA 81 -9.46 -58.14 -51.50
N GLY IA 82 -9.45 -57.12 -50.62
CA GLY IA 82 -10.05 -55.81 -50.88
C GLY IA 82 -11.54 -55.71 -50.55
N GLN IA 83 -12.26 -56.84 -50.50
CA GLN IA 83 -13.72 -56.87 -50.30
C GLN IA 83 -14.06 -56.80 -48.81
N PRO IA 84 -15.07 -55.98 -48.41
CA PRO IA 84 -15.55 -55.99 -47.02
C PRO IA 84 -16.38 -57.23 -46.69
N PHE IA 85 -16.24 -57.71 -45.45
CA PHE IA 85 -16.91 -58.89 -44.92
C PHE IA 85 -17.39 -58.65 -43.49
N ASN IA 86 -18.45 -59.36 -43.05
CA ASN IA 86 -19.02 -59.25 -41.71
C ASN IA 86 -18.83 -60.57 -40.94
N ILE IA 87 -18.30 -60.51 -39.71
CA ILE IA 87 -18.19 -61.71 -38.89
C ILE IA 87 -19.56 -62.04 -38.31
N ASN IA 88 -20.26 -63.06 -38.89
CA ASN IA 88 -21.61 -63.38 -38.45
C ASN IA 88 -21.63 -63.61 -36.94
N GLY IA 89 -20.86 -64.62 -36.51
CA GLY IA 89 -20.78 -65.01 -35.11
C GLY IA 89 -20.17 -63.89 -34.26
N THR IA 90 -20.22 -64.05 -32.93
CA THR IA 90 -19.59 -63.11 -32.00
C THR IA 90 -18.10 -63.02 -32.30
N ALA IA 91 -17.49 -61.85 -31.99
CA ALA IA 91 -16.06 -61.64 -32.19
C ALA IA 91 -15.28 -62.66 -31.36
N PRO IA 92 -14.31 -63.39 -31.97
CA PRO IA 92 -13.32 -64.16 -31.20
C PRO IA 92 -12.32 -63.22 -30.53
N SER IA 93 -11.71 -63.70 -29.44
CA SER IA 93 -10.81 -62.92 -28.61
C SER IA 93 -9.60 -63.76 -28.20
N ILE IA 94 -8.42 -63.13 -28.18
CA ILE IA 94 -7.17 -63.81 -27.85
C ILE IA 94 -6.72 -63.35 -26.47
N PRO IA 95 -6.60 -64.25 -25.46
CA PRO IA 95 -6.17 -63.88 -24.11
C PRO IA 95 -4.75 -63.30 -24.08
N ALA IA 96 -4.46 -62.50 -23.05
CA ALA IA 96 -3.15 -61.89 -22.86
C ALA IA 96 -2.03 -62.94 -22.85
N GLY IA 97 -0.93 -62.67 -23.58
CA GLY IA 97 0.24 -63.54 -23.58
C GLY IA 97 0.13 -64.85 -24.36
N ARG IA 98 -1.06 -65.23 -24.86
CA ARG IA 98 -1.26 -66.52 -25.51
C ARG IA 98 -0.91 -66.51 -27.00
N THR IA 99 -0.43 -67.67 -27.49
CA THR IA 99 -0.45 -68.01 -28.91
C THR IA 99 -1.44 -69.16 -29.11
N GLN IA 100 -2.39 -69.01 -30.05
CA GLN IA 100 -3.38 -70.05 -30.31
C GLN IA 100 -3.99 -69.94 -31.70
N PRO IA 101 -4.55 -71.03 -32.25
CA PRO IA 101 -5.48 -70.94 -33.37
C PRO IA 101 -6.75 -70.20 -32.97
N ILE IA 102 -7.30 -69.45 -33.93
CA ILE IA 102 -8.56 -68.69 -33.81
C ILE IA 102 -9.41 -69.06 -35.03
N THR IA 103 -10.70 -69.34 -34.80
CA THR IA 103 -11.63 -69.71 -35.87
C THR IA 103 -12.94 -68.94 -35.70
N PHE IA 104 -13.49 -68.41 -36.81
CA PHE IA 104 -14.73 -67.65 -36.78
C PHE IA 104 -15.48 -67.72 -38.11
N GLU IA 105 -16.81 -67.49 -38.06
CA GLU IA 105 -17.68 -67.51 -39.21
C GLU IA 105 -17.77 -66.11 -39.82
N VAL IA 106 -17.79 -66.04 -41.17
CA VAL IA 106 -17.81 -64.75 -41.86
C VAL IA 106 -18.71 -64.80 -43.11
N THR IA 107 -19.29 -63.64 -43.48
CA THR IA 107 -20.20 -63.51 -44.60
C THR IA 107 -19.83 -62.29 -45.45
N PRO IA 108 -20.02 -62.29 -46.79
CA PRO IA 108 -19.75 -61.13 -47.63
C PRO IA 108 -20.66 -59.95 -47.29
N ALA IA 109 -20.10 -58.74 -47.27
CA ALA IA 109 -20.90 -57.54 -46.99
C ALA IA 109 -21.75 -57.13 -48.19
N SER IA 110 -21.29 -57.48 -49.41
CA SER IA 110 -21.95 -57.15 -50.67
C SER IA 110 -21.53 -58.13 -51.78
N GLY IA 111 -22.38 -58.28 -52.79
CA GLY IA 111 -22.11 -59.16 -53.94
C GLY IA 111 -21.98 -60.64 -53.56
N LYS IA 112 -21.17 -61.36 -54.35
CA LYS IA 112 -21.03 -62.81 -54.26
C LYS IA 112 -19.60 -63.20 -54.65
N PRO IA 113 -18.73 -63.60 -53.69
CA PRO IA 113 -17.38 -64.06 -54.01
C PRO IA 113 -17.42 -65.48 -54.56
N ASN IA 114 -16.31 -65.89 -55.17
CA ASN IA 114 -16.22 -67.20 -55.78
C ASN IA 114 -14.79 -67.72 -55.62
N PHE IA 115 -14.45 -68.11 -54.39
CA PHE IA 115 -13.14 -68.67 -54.11
C PHE IA 115 -12.95 -69.98 -54.88
N SER IA 116 -11.73 -70.18 -55.43
CA SER IA 116 -11.40 -71.38 -56.21
C SER IA 116 -10.49 -72.28 -55.39
N PRO IA 117 -10.75 -73.61 -55.28
CA PRO IA 117 -9.92 -74.53 -54.50
C PRO IA 117 -8.41 -74.39 -54.71
N GLY IA 118 -7.69 -74.25 -53.58
CA GLY IA 118 -6.24 -74.18 -53.56
C GLY IA 118 -5.65 -72.80 -53.87
N ALA IA 119 -6.47 -71.82 -54.24
CA ALA IA 119 -6.00 -70.45 -54.47
C ALA IA 119 -5.77 -69.71 -53.14
N SER IA 120 -4.90 -68.69 -53.18
CA SER IA 120 -4.54 -67.86 -52.04
C SER IA 120 -5.20 -66.48 -52.13
N TYR IA 121 -5.72 -66.00 -51.00
CA TYR IA 121 -6.37 -64.69 -50.86
C TYR IA 121 -5.77 -63.95 -49.68
N THR IA 122 -5.63 -62.61 -49.73
CA THR IA 122 -5.13 -61.90 -48.56
C THR IA 122 -6.28 -61.38 -47.71
N ALA IA 123 -6.42 -61.88 -46.49
CA ALA IA 123 -7.23 -61.19 -45.50
C ALA IA 123 -6.41 -60.05 -44.88
N THR IA 124 -7.07 -58.98 -44.45
CA THR IA 124 -6.53 -58.16 -43.38
C THR IA 124 -7.52 -58.22 -42.23
N ILE IA 125 -7.03 -58.58 -41.05
CA ILE IA 125 -7.87 -58.67 -39.86
C ILE IA 125 -7.57 -57.43 -39.02
N TYR IA 126 -8.63 -56.73 -38.57
CA TYR IA 126 -8.47 -55.56 -37.70
C TYR IA 126 -8.88 -55.92 -36.29
N PHE IA 127 -7.95 -55.74 -35.35
CA PHE IA 127 -8.16 -56.06 -33.94
C PHE IA 127 -8.58 -54.81 -33.15
N SER IA 128 -9.04 -55.00 -31.91
CA SER IA 128 -9.57 -53.91 -31.08
C SER IA 128 -8.54 -52.82 -30.72
N ASN IA 129 -7.25 -53.06 -31.00
CA ASN IA 129 -6.22 -52.03 -30.94
C ASN IA 129 -6.34 -50.97 -32.06
N GLY IA 130 -7.17 -51.24 -33.10
CA GLY IA 130 -7.09 -50.51 -34.35
C GLY IA 130 -5.96 -51.02 -35.27
N GLN IA 131 -5.10 -51.92 -34.76
CA GLN IA 131 -4.05 -52.58 -35.52
C GLN IA 131 -4.65 -53.50 -36.59
N GLY IA 132 -4.12 -53.43 -37.82
CA GLY IA 132 -4.49 -54.35 -38.88
C GLY IA 132 -3.32 -55.25 -39.27
N ALA IA 133 -3.57 -56.55 -39.44
CA ALA IA 133 -2.55 -57.50 -39.83
C ALA IA 133 -2.94 -58.16 -41.16
N PRO IA 134 -2.10 -58.06 -42.22
CA PRO IA 134 -2.33 -58.85 -43.43
C PRO IA 134 -1.96 -60.31 -43.21
N ALA IA 135 -2.74 -61.21 -43.79
CA ALA IA 135 -2.56 -62.65 -43.67
C ALA IA 135 -3.00 -63.34 -44.96
N THR IA 136 -2.35 -64.47 -45.32
CA THR IA 136 -2.76 -65.22 -46.49
C THR IA 136 -3.63 -66.40 -46.05
N LEU IA 137 -4.80 -66.52 -46.67
CA LEU IA 137 -5.70 -67.65 -46.48
C LEU IA 137 -5.70 -68.49 -47.76
N ILE IA 138 -5.62 -69.82 -47.62
CA ILE IA 138 -5.79 -70.72 -48.75
C ILE IA 138 -7.18 -71.33 -48.69
N TYR IA 139 -7.92 -71.29 -49.80
CA TYR IA 139 -9.28 -71.79 -49.84
C TYR IA 139 -9.32 -73.32 -49.97
N GLN IA 140 -10.02 -73.98 -49.03
CA GLN IA 140 -10.04 -75.43 -48.88
C GLN IA 140 -11.36 -76.08 -49.33
N GLY IA 141 -12.40 -75.26 -49.64
CA GLY IA 141 -13.76 -75.73 -49.85
C GLY IA 141 -14.07 -76.16 -51.28
N LEU JA 1 9.81 -13.76 -14.31
CA LEU JA 1 11.08 -14.34 -13.75
C LEU JA 1 11.09 -15.86 -14.01
N SER JA 2 10.01 -16.55 -13.63
CA SER JA 2 9.85 -18.00 -13.77
C SER JA 2 9.97 -18.52 -15.21
N GLY JA 3 9.46 -17.75 -16.19
CA GLY JA 3 9.40 -18.13 -17.59
C GLY JA 3 10.75 -18.55 -18.19
N ALA JA 4 11.82 -17.84 -17.80
CA ALA JA 4 13.17 -18.14 -18.26
C ALA JA 4 13.69 -19.46 -17.66
N ILE JA 5 13.43 -19.70 -16.37
CA ILE JA 5 13.83 -20.93 -15.68
C ILE JA 5 13.14 -22.14 -16.33
N VAL JA 6 11.84 -22.05 -16.60
CA VAL JA 6 11.09 -23.08 -17.29
C VAL JA 6 11.66 -23.33 -18.69
N ALA JA 7 11.95 -22.27 -19.44
CA ALA JA 7 12.55 -22.41 -20.76
C ALA JA 7 13.89 -23.16 -20.71
N LEU JA 8 14.74 -22.85 -19.73
CA LEU JA 8 16.02 -23.52 -19.55
C LEU JA 8 15.88 -25.02 -19.28
N ILE JA 9 14.96 -25.40 -18.36
CA ILE JA 9 14.69 -26.79 -18.01
C ILE JA 9 14.21 -27.56 -19.25
N LEU JA 10 13.33 -26.97 -20.06
CA LEU JA 10 12.80 -27.62 -21.25
C LEU JA 10 13.83 -27.71 -22.38
N VAL JA 11 14.78 -26.76 -22.47
CA VAL JA 11 15.91 -26.86 -23.39
C VAL JA 11 16.81 -28.03 -23.01
N ILE JA 12 17.23 -28.12 -21.74
CA ILE JA 12 18.09 -29.20 -21.26
C ILE JA 12 17.39 -30.56 -21.40
N ALA JA 13 16.15 -30.68 -20.91
CA ALA JA 13 15.36 -31.90 -21.04
C ALA JA 13 15.16 -32.32 -22.50
N GLY JA 14 14.96 -31.35 -23.41
CA GLY JA 14 14.89 -31.60 -24.84
C GLY JA 14 16.11 -32.34 -25.38
N VAL JA 15 17.32 -31.89 -25.01
CA VAL JA 15 18.56 -32.54 -25.40
C VAL JA 15 18.58 -33.98 -24.88
N ILE JA 16 18.25 -34.20 -23.61
CA ILE JA 16 18.26 -35.52 -22.98
C ILE JA 16 17.30 -36.47 -23.67
N ILE JA 17 16.04 -36.05 -23.89
CA ILE JA 17 15.00 -36.90 -24.48
C ILE JA 17 15.35 -37.25 -25.93
N ALA JA 18 15.86 -36.30 -26.71
CA ALA JA 18 16.24 -36.55 -28.09
C ALA JA 18 17.34 -37.61 -28.18
N ILE JA 19 18.37 -37.52 -27.32
CA ILE JA 19 19.43 -38.52 -27.24
C ILE JA 19 18.88 -39.88 -26.80
N ALA JA 20 17.99 -39.92 -25.81
CA ALA JA 20 17.38 -41.15 -25.32
C ALA JA 20 16.62 -41.88 -26.43
N VAL JA 21 15.88 -41.15 -27.26
CA VAL JA 21 15.14 -41.69 -28.41
C VAL JA 21 16.09 -42.27 -29.45
N VAL JA 22 17.23 -41.62 -29.72
CA VAL JA 22 18.24 -42.14 -30.63
C VAL JA 22 18.84 -43.45 -30.11
N LEU JA 23 19.19 -43.53 -28.81
CA LEU JA 23 19.70 -44.76 -28.22
C LEU JA 23 18.67 -45.89 -28.22
N PHE JA 24 17.41 -45.58 -27.94
CA PHE JA 24 16.33 -46.56 -27.97
C PHE JA 24 16.22 -47.25 -29.33
N ALA JA 25 16.36 -46.47 -30.41
CA ALA JA 25 16.27 -46.98 -31.78
C ALA JA 25 17.30 -48.09 -32.07
N PHE JA 26 18.56 -47.92 -31.66
CA PHE JA 26 19.57 -48.96 -31.80
C PHE JA 26 19.25 -50.20 -30.95
N GLY JA 27 18.63 -50.04 -29.78
CA GLY JA 27 18.26 -51.13 -28.89
C GLY JA 27 17.28 -52.14 -29.50
N LEU JA 28 16.60 -51.78 -30.59
CA LEU JA 28 15.69 -52.68 -31.29
C LEU JA 28 16.44 -53.66 -32.20
N ILE JA 29 17.64 -53.28 -32.67
CA ILE JA 29 18.36 -53.98 -33.73
C ILE JA 29 18.74 -55.42 -33.35
N PRO JA 30 19.31 -55.71 -32.16
CA PRO JA 30 19.53 -57.09 -31.73
C PRO JA 30 18.24 -57.90 -31.68
N GLY JA 31 17.16 -57.32 -31.14
CA GLY JA 31 15.88 -58.00 -30.98
C GLY JA 31 15.25 -58.50 -32.28
N ILE JA 32 15.26 -57.68 -33.34
CA ILE JA 32 14.71 -58.05 -34.64
C ILE JA 32 15.49 -59.18 -35.32
N SER JA 33 16.78 -59.34 -35.01
CA SER JA 33 17.60 -60.39 -35.59
C SER JA 33 17.19 -61.80 -35.14
N ASN JA 34 16.52 -61.92 -33.99
CA ASN JA 34 16.00 -63.19 -33.48
C ASN JA 34 15.00 -63.84 -34.44
N GLN JA 35 14.39 -63.05 -35.33
CA GLN JA 35 13.47 -63.51 -36.36
C GLN JA 35 14.12 -64.51 -37.33
N GLY JA 36 15.46 -64.55 -37.39
CA GLY JA 36 16.21 -65.41 -38.29
C GLY JA 36 16.95 -66.54 -37.60
N SER JA 37 16.56 -66.90 -36.36
CA SER JA 37 17.34 -67.80 -35.52
C SER JA 37 17.50 -69.21 -36.11
N ILE JA 38 16.52 -69.68 -36.89
CA ILE JA 38 16.48 -71.09 -37.29
C ILE JA 38 16.77 -71.28 -38.77
N GLN JA 39 17.57 -72.31 -39.07
CA GLN JA 39 17.78 -72.82 -40.42
C GLN JA 39 17.44 -74.31 -40.45
N VAL JA 40 16.74 -74.75 -41.50
CA VAL JA 40 16.49 -76.15 -41.75
C VAL JA 40 17.38 -76.59 -42.90
N LEU JA 41 18.17 -77.65 -42.69
CA LEU JA 41 19.26 -77.99 -43.60
C LEU JA 41 19.34 -79.50 -43.84
N GLY JA 42 20.03 -79.88 -44.93
CA GLY JA 42 19.93 -81.21 -45.50
C GLY JA 42 18.59 -81.41 -46.20
N SER JA 43 18.12 -82.67 -46.26
CA SER JA 43 16.74 -82.95 -46.65
C SER JA 43 16.11 -83.87 -45.62
N GLY JA 44 14.80 -83.71 -45.42
CA GLY JA 44 14.09 -84.48 -44.42
C GLY JA 44 13.48 -85.76 -44.99
N THR JA 45 12.81 -86.52 -44.11
CA THR JA 45 12.03 -87.67 -44.56
C THR JA 45 10.68 -87.68 -43.87
N ILE JA 46 9.70 -88.29 -44.54
CA ILE JA 46 8.38 -88.53 -43.99
C ILE JA 46 8.06 -90.01 -44.11
N THR JA 47 7.56 -90.61 -43.02
CA THR JA 47 7.35 -92.06 -43.02
C THR JA 47 6.07 -92.40 -42.29
N ASN JA 48 5.35 -93.43 -42.77
CA ASN JA 48 4.16 -93.94 -42.10
C ASN JA 48 4.47 -94.17 -40.62
N SER JA 49 3.50 -93.84 -39.73
CA SER JA 49 3.71 -93.99 -38.29
C SER JA 49 2.53 -94.70 -37.64
N THR JA 50 1.47 -94.97 -38.42
CA THR JA 50 0.30 -95.67 -37.90
C THR JA 50 0.43 -97.20 -38.04
N ALA JA 51 -0.41 -97.93 -37.28
CA ALA JA 51 -0.34 -99.39 -37.22
C ALA JA 51 -1.73 -100.02 -37.02
N SER JA 52 -1.82 -101.34 -37.26
CA SER JA 52 -2.90 -102.24 -36.86
C SER JA 52 -4.29 -101.83 -37.37
N GLY JA 53 -4.36 -101.08 -38.49
CA GLY JA 53 -5.61 -100.57 -39.04
C GLY JA 53 -6.31 -99.55 -38.14
N SER JA 54 -5.53 -98.82 -37.34
CA SER JA 54 -6.01 -97.74 -36.46
C SER JA 54 -6.66 -96.61 -37.24
N SER JA 55 -7.61 -95.90 -36.57
CA SER JA 55 -8.51 -94.92 -37.18
C SER JA 55 -7.82 -93.67 -37.75
N ARG JA 56 -6.62 -93.33 -37.23
CA ARG JA 56 -5.83 -92.20 -37.69
C ARG JA 56 -4.65 -92.66 -38.55
N THR JA 57 -4.47 -92.03 -39.72
CA THR JA 57 -3.18 -91.98 -40.38
C THR JA 57 -2.28 -90.99 -39.65
N ILE JA 58 -1.07 -91.44 -39.27
CA ILE JA 58 -0.08 -90.63 -38.56
C ILE JA 58 1.26 -90.83 -39.26
N TYR JA 59 2.08 -89.78 -39.33
CA TYR JA 59 3.34 -89.85 -40.05
C TYR JA 59 4.50 -89.34 -39.19
N ASN JA 60 5.73 -89.44 -39.70
CA ASN JA 60 6.91 -88.98 -38.98
C ASN JA 60 7.67 -87.98 -39.83
N ILE JA 61 7.90 -86.76 -39.29
CA ILE JA 61 8.63 -85.72 -40.01
C ILE JA 61 10.01 -85.59 -39.39
N THR JA 62 11.03 -86.22 -40.01
CA THR JA 62 12.39 -86.03 -39.51
C THR JA 62 13.12 -84.99 -40.36
N ILE JA 63 13.74 -84.01 -39.71
CA ILE JA 63 14.48 -82.89 -40.33
C ILE JA 63 15.71 -82.56 -39.48
N THR JA 64 16.71 -81.88 -40.06
CA THR JA 64 17.85 -81.37 -39.28
C THR JA 64 17.73 -79.86 -39.13
N VAL JA 65 17.85 -79.36 -37.90
CA VAL JA 65 17.57 -77.97 -37.58
C VAL JA 65 18.76 -77.39 -36.81
N LYS JA 66 19.13 -76.15 -37.17
CA LYS JA 66 20.19 -75.40 -36.51
C LYS JA 66 19.59 -74.14 -35.88
N ASN JA 67 19.79 -73.95 -34.56
CA ASN JA 67 19.31 -72.79 -33.84
C ASN JA 67 20.50 -71.88 -33.49
N THR JA 68 20.49 -70.66 -34.03
CA THR JA 68 21.53 -69.64 -33.82
C THR JA 68 21.14 -68.66 -32.70
N GLY JA 69 19.88 -68.70 -32.24
CA GLY JA 69 19.37 -67.80 -31.21
C GLY JA 69 19.84 -68.14 -29.79
N THR JA 70 19.45 -67.29 -28.83
CA THR JA 70 19.86 -67.39 -27.43
C THR JA 70 18.86 -68.18 -26.57
N THR JA 71 17.75 -68.63 -27.16
CA THR JA 71 16.65 -69.28 -26.46
C THR JA 71 16.26 -70.58 -27.17
N SER JA 72 15.73 -71.55 -26.40
CA SER JA 72 15.09 -72.75 -26.97
C SER JA 72 13.83 -72.34 -27.74
N ILE JA 73 13.65 -72.88 -28.96
CA ILE JA 73 12.60 -72.50 -29.90
C ILE JA 73 11.90 -73.76 -30.40
N SER JA 74 10.56 -73.71 -30.55
CA SER JA 74 9.75 -74.91 -30.80
C SER JA 74 8.89 -74.81 -32.06
N VAL JA 75 8.53 -75.97 -32.62
CA VAL JA 75 7.67 -76.08 -33.80
C VAL JA 75 6.22 -75.75 -33.41
N THR JA 76 5.65 -74.69 -33.99
CA THR JA 76 4.26 -74.32 -33.71
C THR JA 76 3.28 -75.01 -34.65
N SER JA 77 3.61 -75.10 -35.94
CA SER JA 77 2.74 -75.69 -36.95
C SER JA 77 3.54 -76.14 -38.18
N ILE JA 78 2.92 -77.00 -38.99
CA ILE JA 78 3.50 -77.48 -40.22
C ILE JA 78 2.43 -77.52 -41.32
N ASN JA 79 2.84 -77.16 -42.53
CA ASN JA 79 2.02 -77.25 -43.72
C ASN JA 79 2.81 -78.12 -44.72
N ILE JA 80 2.19 -79.17 -45.29
CA ILE JA 80 2.89 -80.04 -46.23
C ILE JA 80 2.23 -79.89 -47.60
N ASN JA 81 3.03 -79.43 -48.58
CA ASN JA 81 2.61 -79.33 -49.98
C ASN JA 81 1.33 -78.50 -50.13
N GLY JA 82 1.23 -77.39 -49.38
CA GLY JA 82 0.05 -76.53 -49.34
C GLY JA 82 -1.03 -76.96 -48.34
N GLN JA 83 -1.05 -78.23 -47.93
CA GLN JA 83 -2.09 -78.80 -47.06
C GLN JA 83 -1.78 -78.53 -45.59
N PRO JA 84 -2.77 -78.12 -44.76
CA PRO JA 84 -2.57 -77.99 -43.31
C PRO JA 84 -2.49 -79.34 -42.60
N PHE JA 85 -1.65 -79.41 -41.57
CA PHE JA 85 -1.40 -80.60 -40.77
C PHE JA 85 -1.28 -80.23 -39.28
N ASN JA 86 -1.60 -81.19 -38.39
CA ASN JA 86 -1.53 -81.00 -36.94
C ASN JA 86 -0.46 -81.91 -36.32
N ILE JA 87 0.45 -81.35 -35.50
CA ILE JA 87 1.45 -82.17 -34.82
C ILE JA 87 0.76 -82.88 -33.65
N ASN JA 88 0.45 -84.19 -33.80
CA ASN JA 88 -0.28 -84.92 -32.76
C ASN JA 88 0.44 -84.78 -31.43
N GLY JA 89 1.70 -85.26 -31.39
CA GLY JA 89 2.53 -85.23 -30.20
C GLY JA 89 2.84 -83.80 -29.77
N THR JA 90 3.43 -83.64 -28.57
CA THR JA 90 3.87 -82.34 -28.07
C THR JA 90 4.87 -81.74 -29.06
N ALA JA 91 4.92 -80.39 -29.10
CA ALA JA 91 5.86 -79.68 -29.96
C ALA JA 91 7.29 -80.06 -29.59
N PRO JA 92 8.13 -80.46 -30.58
CA PRO JA 92 9.58 -80.56 -30.36
C PRO JA 92 10.21 -79.17 -30.27
N SER JA 93 11.36 -79.09 -29.59
CA SER JA 93 12.04 -77.84 -29.31
C SER JA 93 13.55 -78.01 -29.51
N ILE JA 94 14.20 -76.97 -30.09
CA ILE JA 94 15.63 -76.99 -30.39
C ILE JA 94 16.34 -76.07 -29.39
N PRO JA 95 17.27 -76.59 -28.55
CA PRO JA 95 17.99 -75.76 -27.58
C PRO JA 95 18.85 -74.68 -28.23
N ALA JA 96 19.12 -73.61 -27.48
CA ALA JA 96 19.94 -72.49 -27.96
C ALA JA 96 21.31 -72.97 -28.46
N GLY JA 97 21.74 -72.46 -29.64
CA GLY JA 97 23.07 -72.76 -30.18
C GLY JA 97 23.26 -74.15 -30.80
N ARG JA 98 22.30 -75.08 -30.66
CA ARG JA 98 22.47 -76.46 -31.10
C ARG JA 98 22.12 -76.67 -32.58
N THR JA 99 22.83 -77.62 -33.22
CA THR JA 99 22.39 -78.26 -34.46
C THR JA 99 22.06 -79.71 -34.14
N GLN JA 100 20.86 -80.19 -34.51
CA GLN JA 100 20.47 -81.56 -34.24
C GLN JA 100 19.35 -82.04 -35.17
N PRO JA 101 19.20 -83.37 -35.38
CA PRO JA 101 17.96 -83.92 -35.91
C PRO JA 101 16.78 -83.68 -34.96
N ILE JA 102 15.61 -83.47 -35.55
CA ILE JA 102 14.33 -83.29 -34.86
C ILE JA 102 13.33 -84.24 -35.51
N THR JA 103 12.55 -84.96 -34.69
CA THR JA 103 11.55 -85.90 -35.16
C THR JA 103 10.23 -85.70 -34.41
N PHE JA 104 9.09 -85.72 -35.13
CA PHE JA 104 7.79 -85.54 -34.53
C PHE JA 104 6.68 -86.22 -35.33
N GLU JA 105 5.56 -86.53 -34.64
CA GLU JA 105 4.39 -87.18 -35.23
C GLU JA 105 3.42 -86.12 -35.76
N VAL JA 106 2.81 -86.39 -36.92
CA VAL JA 106 1.90 -85.42 -37.54
C VAL JA 106 0.72 -86.11 -38.21
N THR JA 107 -0.44 -85.41 -38.28
CA THR JA 107 -1.68 -85.93 -38.83
C THR JA 107 -2.31 -84.89 -39.78
N PRO JA 108 -3.02 -85.30 -40.87
CA PRO JA 108 -3.69 -84.35 -41.75
C PRO JA 108 -4.81 -83.60 -41.03
N ALA JA 109 -4.94 -82.30 -41.30
CA ALA JA 109 -6.00 -81.49 -40.70
C ALA JA 109 -7.36 -81.76 -41.36
N SER JA 110 -7.34 -82.17 -42.63
CA SER JA 110 -8.54 -82.44 -43.43
C SER JA 110 -8.21 -83.40 -44.59
N GLY JA 111 -9.23 -84.12 -45.08
CA GLY JA 111 -9.09 -85.05 -46.19
C GLY JA 111 -8.15 -86.22 -45.91
N LYS JA 112 -7.50 -86.72 -46.98
CA LYS JA 112 -6.68 -87.92 -46.94
C LYS JA 112 -5.54 -87.79 -47.95
N PRO JA 113 -4.28 -87.57 -47.51
CA PRO JA 113 -3.15 -87.51 -48.43
C PRO JA 113 -2.75 -88.92 -48.87
N ASN JA 114 -1.94 -88.98 -49.93
CA ASN JA 114 -1.51 -90.25 -50.49
C ASN JA 114 -0.09 -90.10 -51.02
N PHE JA 115 0.87 -90.01 -50.09
CA PHE JA 115 2.28 -89.92 -50.47
C PHE JA 115 2.71 -91.17 -51.22
N SER JA 116 3.52 -91.00 -52.28
CA SER JA 116 4.02 -92.12 -53.09
C SER JA 116 5.49 -92.34 -52.80
N PRO JA 117 5.96 -93.60 -52.55
CA PRO JA 117 7.35 -93.90 -52.25
C PRO JA 117 8.38 -93.22 -53.16
N GLY JA 118 9.35 -92.54 -52.52
CA GLY JA 118 10.46 -91.88 -53.20
C GLY JA 118 10.15 -90.50 -53.77
N ALA JA 119 8.88 -90.05 -53.73
CA ALA JA 119 8.52 -88.70 -54.18
C ALA JA 119 8.89 -87.65 -53.13
N SER JA 120 9.09 -86.40 -53.60
CA SER JA 120 9.47 -85.25 -52.79
C SER JA 120 8.27 -84.32 -52.57
N TYR JA 121 8.11 -83.83 -51.33
CA TYR JA 121 7.05 -82.91 -50.93
C TYR JA 121 7.67 -81.73 -50.18
N THR JA 122 7.13 -80.51 -50.33
CA THR JA 122 7.69 -79.39 -49.56
C THR JA 122 6.90 -79.18 -48.29
N ALA JA 123 7.54 -79.39 -47.13
CA ALA JA 123 6.99 -78.88 -45.88
C ALA JA 123 7.36 -77.39 -45.75
N THR JA 124 6.52 -76.61 -45.08
CA THR JA 124 7.01 -75.41 -44.41
C THR JA 124 6.74 -75.59 -42.92
N ILE JA 125 7.79 -75.44 -42.11
CA ILE JA 125 7.67 -75.56 -40.67
C ILE JA 125 7.67 -74.16 -40.08
N TYR JA 126 6.71 -73.84 -39.20
CA TYR JA 126 6.66 -72.55 -38.54
C TYR JA 126 7.10 -72.71 -37.09
N PHE JA 127 8.12 -71.94 -36.71
CA PHE JA 127 8.69 -71.97 -35.38
C PHE JA 127 8.12 -70.85 -34.51
N SER JA 128 8.37 -70.90 -33.19
CA SER JA 128 7.80 -69.96 -32.23
C SER JA 128 8.23 -68.50 -32.43
N ASN JA 129 9.24 -68.26 -33.29
CA ASN JA 129 9.58 -66.92 -33.76
C ASN JA 129 8.52 -66.31 -34.69
N GLY JA 130 7.58 -67.11 -35.19
CA GLY JA 130 6.78 -66.74 -36.35
C GLY JA 130 7.51 -66.96 -37.69
N GLN JA 131 8.81 -67.28 -37.64
CA GLN JA 131 9.62 -67.62 -38.80
C GLN JA 131 9.13 -68.93 -39.43
N GLY JA 132 9.01 -68.94 -40.76
CA GLY JA 132 8.69 -70.16 -41.51
C GLY JA 132 9.86 -70.57 -42.40
N ALA JA 133 10.20 -71.86 -42.39
CA ALA JA 133 11.29 -72.39 -43.20
C ALA JA 133 10.74 -73.44 -44.17
N PRO JA 134 10.91 -73.28 -45.50
CA PRO JA 134 10.59 -74.36 -46.45
C PRO JA 134 11.66 -75.44 -46.40
N ALA JA 135 11.21 -76.70 -46.53
CA ALA JA 135 12.08 -77.87 -46.48
C ALA JA 135 11.51 -78.96 -47.41
N THR JA 136 12.40 -79.77 -48.01
CA THR JA 136 11.94 -80.89 -48.82
C THR JA 136 11.99 -82.17 -47.99
N LEU JA 137 10.88 -82.90 -47.98
CA LEU JA 137 10.78 -84.21 -47.36
C LEU JA 137 10.64 -85.26 -48.45
N ILE JA 138 11.38 -86.37 -48.36
CA ILE JA 138 11.20 -87.51 -49.26
C ILE JA 138 10.42 -88.59 -48.52
N TYR JA 139 9.36 -89.11 -49.15
CA TYR JA 139 8.52 -90.12 -48.52
C TYR JA 139 9.15 -91.51 -48.59
N GLN JA 140 9.30 -92.15 -47.42
CA GLN JA 140 10.02 -93.41 -47.25
C GLN JA 140 9.11 -94.61 -46.99
N GLY JA 141 7.79 -94.39 -46.78
CA GLY JA 141 6.84 -95.40 -46.31
C GLY JA 141 6.21 -96.24 -47.41
N LEU KA 1 11.12 -22.59 -27.48
CA LEU KA 1 12.62 -22.47 -27.60
C LEU KA 1 13.22 -23.86 -27.81
N SER KA 2 12.86 -24.83 -26.95
CA SER KA 2 13.35 -26.21 -26.96
C SER KA 2 13.08 -26.97 -28.27
N GLY KA 3 11.91 -26.72 -28.90
CA GLY KA 3 11.45 -27.43 -30.09
C GLY KA 3 12.44 -27.39 -31.26
N ALA KA 4 13.10 -26.24 -31.45
CA ALA KA 4 14.09 -26.08 -32.50
C ALA KA 4 15.37 -26.88 -32.21
N ILE KA 5 15.83 -26.89 -30.95
CA ILE KA 5 17.00 -27.65 -30.52
C ILE KA 5 16.78 -29.15 -30.73
N VAL KA 6 15.60 -29.66 -30.34
CA VAL KA 6 15.21 -31.04 -30.56
C VAL KA 6 15.17 -31.37 -32.05
N ALA KA 7 14.59 -30.49 -32.88
CA ALA KA 7 14.56 -30.68 -34.32
C ALA KA 7 15.97 -30.79 -34.91
N LEU KA 8 16.91 -29.95 -34.48
CA LEU KA 8 18.30 -29.97 -34.93
C LEU KA 8 18.99 -31.30 -34.60
N ILE KA 9 18.84 -31.78 -33.35
CA ILE KA 9 19.43 -33.03 -32.90
C ILE KA 9 18.90 -34.21 -33.73
N LEU KA 10 17.59 -34.23 -34.02
CA LEU KA 10 16.99 -35.31 -34.80
C LEU KA 10 17.35 -35.23 -36.29
N VAL KA 11 17.62 -34.04 -36.83
CA VAL KA 11 18.14 -33.89 -38.19
C VAL KA 11 19.55 -34.48 -38.27
N ILE KA 12 20.45 -34.08 -37.37
CA ILE KA 12 21.83 -34.57 -37.34
C ILE KA 12 21.86 -36.08 -37.11
N ALA KA 13 21.16 -36.57 -36.08
CA ALA KA 13 21.07 -38.01 -35.79
C ALA KA 13 20.49 -38.80 -36.96
N GLY KA 14 19.51 -38.24 -37.67
CA GLY KA 14 18.96 -38.82 -38.89
C GLY KA 14 20.03 -39.11 -39.94
N VAL KA 15 20.91 -38.14 -40.21
CA VAL KA 15 22.02 -38.31 -41.13
C VAL KA 15 22.93 -39.45 -40.68
N ILE KA 16 23.32 -39.47 -39.39
CA ILE KA 16 24.20 -40.48 -38.83
C ILE KA 16 23.60 -41.89 -38.96
N ILE KA 17 22.34 -42.08 -38.54
CA ILE KA 17 21.69 -43.38 -38.55
C ILE KA 17 21.52 -43.89 -39.97
N ALA KA 18 21.12 -43.03 -40.92
CA ALA KA 18 20.95 -43.43 -42.32
C ALA KA 18 22.28 -43.94 -42.91
N ILE KA 19 23.39 -43.25 -42.66
CA ILE KA 19 24.72 -43.67 -43.09
C ILE KA 19 25.11 -44.99 -42.42
N ALA KA 20 24.86 -45.15 -41.11
CA ALA KA 20 25.17 -46.37 -40.37
C ALA KA 20 24.44 -47.59 -40.96
N VAL KA 21 23.18 -47.43 -41.34
CA VAL KA 21 22.38 -48.49 -41.98
C VAL KA 21 22.95 -48.87 -43.35
N VAL KA 22 23.41 -47.89 -44.14
CA VAL KA 22 24.07 -48.16 -45.42
C VAL KA 22 25.36 -48.95 -45.23
N LEU KA 23 26.21 -48.58 -44.26
CA LEU KA 23 27.43 -49.31 -43.97
C LEU KA 23 27.16 -50.72 -43.45
N PHE KA 24 26.15 -50.90 -42.61
CA PHE KA 24 25.76 -52.21 -42.09
C PHE KA 24 25.42 -53.17 -43.22
N ALA KA 25 24.72 -52.70 -44.26
CA ALA KA 25 24.31 -53.51 -45.40
C ALA KA 25 25.51 -54.14 -46.12
N PHE KA 26 26.59 -53.38 -46.37
CA PHE KA 26 27.81 -53.93 -46.97
C PHE KA 26 28.49 -54.96 -46.05
N GLY KA 27 28.41 -54.78 -44.73
CA GLY KA 27 29.02 -55.68 -43.76
C GLY KA 27 28.48 -57.12 -43.80
N LEU KA 28 27.31 -57.33 -44.43
CA LEU KA 28 26.73 -58.66 -44.59
C LEU KA 28 27.39 -59.43 -45.75
N ILE KA 29 27.96 -58.73 -46.73
CA ILE KA 29 28.39 -59.31 -48.01
C ILE KA 29 29.52 -60.34 -47.82
N PRO KA 30 30.60 -60.08 -47.05
CA PRO KA 30 31.59 -61.11 -46.75
C PRO KA 30 30.99 -62.33 -46.07
N GLY KA 31 30.09 -62.12 -45.09
CA GLY KA 31 29.49 -63.21 -44.32
C GLY KA 31 28.68 -64.21 -45.16
N ILE KA 32 27.87 -63.73 -46.11
CA ILE KA 32 27.06 -64.59 -46.97
C ILE KA 32 27.91 -65.45 -47.92
N SER KA 33 29.13 -64.98 -48.27
CA SER KA 33 30.02 -65.73 -49.16
C SER KA 33 30.55 -67.03 -48.54
N ASN KA 34 30.56 -67.13 -47.20
CA ASN KA 34 30.95 -68.35 -46.49
C ASN KA 34 30.08 -69.55 -46.85
N GLN KA 35 28.86 -69.31 -47.34
CA GLN KA 35 27.92 -70.33 -47.79
C GLN KA 35 28.50 -71.19 -48.93
N GLY KA 36 29.52 -70.69 -49.63
CA GLY KA 36 30.13 -71.36 -50.77
C GLY KA 36 31.54 -71.90 -50.51
N SER KA 37 31.92 -72.08 -49.23
CA SER KA 37 33.30 -72.36 -48.85
C SER KA 37 33.83 -73.68 -49.41
N ILE KA 38 32.97 -74.68 -49.63
CA ILE KA 38 33.43 -76.04 -49.94
C ILE KA 38 33.11 -76.44 -51.37
N GLN KA 39 34.10 -77.10 -52.00
CA GLN KA 39 33.92 -77.78 -53.27
C GLN KA 39 34.35 -79.25 -53.11
N VAL KA 40 33.56 -80.16 -53.69
CA VAL KA 40 33.93 -81.58 -53.76
C VAL KA 40 34.34 -81.87 -55.19
N LEU KA 41 35.53 -82.44 -55.36
CA LEU KA 41 36.17 -82.53 -56.68
C LEU KA 41 36.82 -83.89 -56.90
N GLY KA 42 37.09 -84.19 -58.19
CA GLY KA 42 37.39 -85.54 -58.63
C GLY KA 42 36.15 -86.43 -58.59
N SER KA 43 36.34 -87.74 -58.39
CA SER KA 43 35.24 -88.64 -58.06
C SER KA 43 35.61 -89.46 -56.84
N GLY KA 44 34.60 -89.81 -56.03
CA GLY KA 44 34.83 -90.53 -54.79
C GLY KA 44 34.71 -92.05 -54.98
N THR KA 45 34.92 -92.79 -53.88
CA THR KA 45 34.66 -94.21 -53.88
C THR KA 45 33.91 -94.60 -52.62
N ILE KA 46 33.14 -95.70 -52.73
CA ILE KA 46 32.45 -96.31 -51.61
C ILE KA 46 32.85 -97.78 -51.53
N THR KA 47 33.20 -98.25 -50.33
CA THR KA 47 33.72 -99.60 -50.21
C THR KA 47 33.18 -100.24 -48.93
N ASN KA 48 32.91 -101.56 -48.99
CA ASN KA 48 32.50 -102.33 -47.82
C ASN KA 48 33.46 -102.06 -46.67
N SER KA 49 32.94 -101.95 -45.44
CA SER KA 49 33.76 -101.66 -44.27
C SER KA 49 33.46 -102.60 -43.11
N THR KA 50 32.43 -103.45 -43.28
CA THR KA 50 32.06 -104.43 -42.25
C THR KA 50 32.82 -105.76 -42.41
N ALA KA 51 32.83 -106.56 -41.34
CA ALA KA 51 33.59 -107.81 -41.29
C ALA KA 51 32.90 -108.86 -40.44
N SER KA 52 33.34 -110.13 -40.58
CA SER KA 52 33.09 -111.27 -39.69
C SER KA 52 31.60 -111.59 -39.47
N GLY KA 53 30.73 -111.21 -40.42
CA GLY KA 53 29.28 -111.40 -40.31
C GLY KA 53 28.63 -110.57 -39.20
N SER KA 54 29.24 -109.40 -38.89
CA SER KA 54 28.74 -108.45 -37.91
C SER KA 54 27.36 -107.89 -38.28
N SER KA 55 26.58 -107.49 -37.27
CA SER KA 55 25.17 -107.14 -37.40
C SER KA 55 24.89 -105.89 -38.24
N ARG KA 56 25.88 -104.98 -38.36
CA ARG KA 56 25.77 -103.77 -39.17
C ARG KA 56 26.55 -103.90 -40.49
N THR KA 57 25.89 -103.56 -41.60
CA THR KA 57 26.60 -103.15 -42.80
C THR KA 57 27.15 -101.74 -42.61
N ILE KA 58 28.46 -101.56 -42.86
CA ILE KA 58 29.14 -100.28 -42.72
C ILE KA 58 29.98 -100.08 -43.99
N TYR KA 59 30.10 -98.83 -44.46
CA TYR KA 59 30.81 -98.56 -45.71
C TYR KA 59 31.83 -97.45 -45.51
N ASN KA 60 32.62 -97.16 -46.55
CA ASN KA 60 33.63 -96.10 -46.50
C ASN KA 60 33.39 -95.11 -47.63
N ILE KA 61 33.22 -93.82 -47.28
CA ILE KA 61 33.01 -92.78 -48.29
C ILE KA 61 34.29 -91.96 -48.42
N THR KA 62 35.11 -92.25 -49.43
CA THR KA 62 36.29 -91.42 -49.66
C THR KA 62 36.01 -90.41 -50.77
N ILE KA 63 36.32 -89.12 -50.52
CA ILE KA 63 36.11 -88.00 -51.43
C ILE KA 63 37.26 -87.00 -51.29
N THR KA 64 37.48 -86.14 -52.29
CA THR KA 64 38.46 -85.05 -52.17
C THR KA 64 37.72 -83.72 -52.01
N VAL KA 65 38.11 -82.94 -50.99
CA VAL KA 65 37.37 -81.74 -50.59
C VAL KA 65 38.34 -80.57 -50.52
N LYS KA 66 37.90 -79.41 -51.02
CA LYS KA 66 38.66 -78.16 -50.97
C LYS KA 66 37.86 -77.14 -50.16
N ASN KA 67 38.48 -76.59 -49.11
CA ASN KA 67 37.86 -75.58 -48.26
C ASN KA 67 38.51 -74.22 -48.53
N THR KA 68 37.71 -73.26 -49.03
CA THR KA 68 38.12 -71.89 -49.35
C THR KA 68 37.83 -70.91 -48.20
N GLY KA 69 37.07 -71.35 -47.19
CA GLY KA 69 36.69 -70.51 -46.05
C GLY KA 69 37.81 -70.29 -45.03
N THR KA 70 37.51 -69.47 -44.02
CA THR KA 70 38.46 -69.06 -42.99
C THR KA 70 38.42 -69.94 -41.75
N THR KA 71 37.51 -70.94 -41.72
CA THR KA 71 37.26 -71.79 -40.56
C THR KA 71 37.26 -73.27 -40.97
N SER KA 72 37.63 -74.15 -40.03
CA SER KA 72 37.46 -75.59 -40.19
C SER KA 72 35.95 -75.93 -40.28
N ILE KA 73 35.56 -76.78 -41.24
CA ILE KA 73 34.16 -77.08 -41.56
C ILE KA 73 34.00 -78.59 -41.64
N SER KA 74 32.87 -79.13 -41.13
CA SER KA 74 32.70 -80.58 -40.93
C SER KA 74 31.44 -81.14 -41.62
N VAL KA 75 31.48 -82.44 -41.92
CA VAL KA 75 30.37 -83.15 -42.54
C VAL KA 75 29.25 -83.36 -41.51
N THR KA 76 28.07 -82.79 -41.75
CA THR KA 76 26.94 -82.95 -40.84
C THR KA 76 26.09 -84.19 -41.18
N SER KA 77 25.86 -84.44 -42.48
CA SER KA 77 25.04 -85.55 -42.93
C SER KA 77 25.35 -85.91 -44.37
N ILE KA 78 24.93 -87.12 -44.77
CA ILE KA 78 25.08 -87.61 -46.13
C ILE KA 78 23.81 -88.33 -46.57
N ASN KA 79 23.45 -88.13 -47.84
CA ASN KA 79 22.35 -88.84 -48.48
C ASN KA 79 22.95 -89.52 -49.72
N ILE KA 80 22.73 -90.82 -49.90
CA ILE KA 80 23.28 -91.55 -51.05
C ILE KA 80 22.13 -92.00 -51.94
N ASN KA 81 22.12 -91.52 -53.19
CA ASN KA 81 21.16 -91.92 -54.21
C ASN KA 81 19.71 -91.75 -53.73
N GLY KA 82 19.43 -90.62 -53.06
CA GLY KA 82 18.12 -90.33 -52.46
C GLY KA 82 17.91 -90.91 -51.06
N GLN KA 83 18.66 -91.95 -50.67
CA GLN KA 83 18.49 -92.66 -49.40
C GLN KA 83 19.22 -91.94 -48.26
N PRO KA 84 18.59 -91.78 -47.07
CA PRO KA 84 19.30 -91.23 -45.90
C PRO KA 84 20.29 -92.23 -45.28
N PHE KA 85 21.41 -91.70 -44.79
CA PHE KA 85 22.50 -92.47 -44.19
C PHE KA 85 23.05 -91.74 -42.95
N ASN KA 86 23.62 -92.49 -42.00
CA ASN KA 86 24.20 -91.96 -40.77
C ASN KA 86 25.72 -92.18 -40.74
N ILE KA 87 26.51 -91.13 -40.47
CA ILE KA 87 27.95 -91.29 -40.32
C ILE KA 87 28.24 -91.92 -38.96
N ASN KA 88 28.54 -93.24 -38.93
CA ASN KA 88 28.75 -93.92 -37.65
C ASN KA 88 29.81 -93.19 -36.83
N GLY KA 89 31.02 -93.10 -37.41
CA GLY KA 89 32.16 -92.46 -36.76
C GLY KA 89 31.92 -90.97 -36.56
N THR KA 90 32.80 -90.31 -35.79
CA THR KA 90 32.74 -88.86 -35.59
C THR KA 90 32.83 -88.15 -36.94
N ALA KA 91 32.22 -86.96 -37.03
CA ALA KA 91 32.26 -86.16 -38.24
C ALA KA 91 33.70 -85.83 -38.60
N PRO KA 92 34.13 -86.07 -39.87
CA PRO KA 92 35.40 -85.53 -40.38
C PRO KA 92 35.27 -84.03 -40.62
N SER KA 93 36.42 -83.34 -40.59
CA SER KA 93 36.48 -81.88 -40.70
C SER KA 93 37.65 -81.47 -41.60
N ILE KA 94 37.43 -80.44 -42.42
CA ILE KA 94 38.41 -79.95 -43.38
C ILE KA 94 38.96 -78.61 -42.86
N PRO KA 95 40.28 -78.49 -42.57
CA PRO KA 95 40.86 -77.25 -42.08
C PRO KA 95 40.75 -76.09 -43.09
N ALA KA 96 40.78 -74.86 -42.58
CA ALA KA 96 40.69 -73.66 -43.41
C ALA KA 96 41.77 -73.64 -44.51
N GLY KA 97 41.37 -73.31 -45.75
CA GLY KA 97 42.31 -73.16 -46.86
C GLY KA 97 42.85 -74.46 -47.48
N ARG KA 98 42.60 -75.64 -46.87
CA ARG KA 98 43.19 -76.90 -47.32
C ARG KA 98 42.39 -77.57 -48.44
N THR KA 99 43.11 -78.28 -49.33
CA THR KA 99 42.56 -79.31 -50.18
C THR KA 99 43.12 -80.66 -49.72
N GLN KA 100 42.25 -81.65 -49.46
CA GLN KA 100 42.70 -82.96 -49.01
C GLN KA 100 41.67 -84.05 -49.29
N PRO KA 101 42.08 -85.34 -49.37
CA PRO KA 101 41.15 -86.46 -49.22
C PRO KA 101 40.52 -86.49 -47.83
N ILE KA 102 39.26 -86.92 -47.78
CA ILE KA 102 38.47 -87.10 -46.57
C ILE KA 102 37.87 -88.50 -46.63
N THR KA 103 37.94 -89.26 -45.53
CA THR KA 103 37.40 -90.61 -45.45
C THR KA 103 36.60 -90.78 -44.15
N PHE KA 104 35.43 -91.43 -44.24
CA PHE KA 104 34.58 -91.65 -43.07
C PHE KA 104 33.69 -92.89 -43.23
N GLU KA 105 33.25 -93.44 -42.09
CA GLU KA 105 32.41 -94.62 -42.04
C GLU KA 105 30.93 -94.21 -42.04
N VAL KA 106 30.09 -94.96 -42.76
CA VAL KA 106 28.67 -94.62 -42.89
C VAL KA 106 27.80 -95.88 -42.88
N THR KA 107 26.55 -95.73 -42.40
CA THR KA 107 25.58 -96.83 -42.28
C THR KA 107 24.21 -96.40 -42.81
N PRO KA 108 23.40 -97.29 -43.41
CA PRO KA 108 22.06 -96.94 -43.88
C PRO KA 108 21.14 -96.56 -42.72
N ALA KA 109 20.32 -95.52 -42.92
CA ALA KA 109 19.37 -95.09 -41.89
C ALA KA 109 18.16 -96.02 -41.81
N SER KA 110 17.83 -96.69 -42.93
CA SER KA 110 16.69 -97.61 -43.04
C SER KA 110 16.90 -98.59 -44.20
N GLY KA 111 16.24 -99.75 -44.12
CA GLY KA 111 16.31 -100.79 -45.15
C GLY KA 111 17.71 -101.37 -45.34
N LYS KA 112 18.01 -101.81 -46.57
CA LYS KA 112 19.23 -102.54 -46.92
C LYS KA 112 19.62 -102.21 -48.36
N PRO KA 113 20.69 -101.39 -48.59
CA PRO KA 113 21.15 -101.10 -49.94
C PRO KA 113 21.93 -102.29 -50.49
N ASN KA 114 22.15 -102.27 -51.81
CA ASN KA 114 22.84 -103.36 -52.49
C ASN KA 114 23.65 -102.78 -53.64
N PHE KA 115 24.74 -102.09 -53.30
CA PHE KA 115 25.64 -101.53 -54.31
C PHE KA 115 26.25 -102.64 -55.15
N SER KA 116 26.35 -102.43 -56.48
CA SER KA 116 26.91 -103.40 -57.41
C SER KA 116 28.29 -102.94 -57.87
N PRO KA 117 29.34 -103.80 -57.84
CA PRO KA 117 30.70 -103.42 -58.26
C PRO KA 117 30.80 -102.63 -59.55
N GLY KA 118 31.50 -101.49 -59.48
CA GLY KA 118 31.77 -100.63 -60.61
C GLY KA 118 30.64 -99.67 -60.99
N ALA KA 119 29.46 -99.78 -60.34
CA ALA KA 119 28.37 -98.83 -60.59
C ALA KA 119 28.60 -97.49 -59.87
N SER KA 120 27.98 -96.43 -60.41
CA SER KA 120 28.07 -95.06 -59.88
C SER KA 120 26.80 -94.67 -59.14
N TYR KA 121 26.96 -94.01 -57.98
CA TYR KA 121 25.88 -93.53 -57.13
C TYR KA 121 26.13 -92.06 -56.80
N THR KA 122 25.08 -91.23 -56.68
CA THR KA 122 25.31 -89.83 -56.30
C THR KA 122 25.13 -89.66 -54.80
N ALA KA 123 26.21 -89.32 -54.10
CA ALA KA 123 26.07 -88.78 -52.75
C ALA KA 123 25.73 -87.29 -52.84
N THR KA 124 24.98 -86.78 -51.85
CA THR KA 124 25.08 -85.36 -51.51
C THR KA 124 25.58 -85.27 -50.09
N ILE KA 125 26.68 -84.52 -49.88
CA ILE KA 125 27.25 -84.35 -48.56
C ILE KA 125 26.83 -82.96 -48.08
N TYR KA 126 26.31 -82.87 -46.84
CA TYR KA 126 25.94 -81.58 -46.25
C TYR KA 126 26.96 -81.19 -45.20
N PHE KA 127 27.56 -80.02 -45.38
CA PHE KA 127 28.58 -79.49 -44.48
C PHE KA 127 27.98 -78.53 -43.46
N SER KA 128 28.75 -78.16 -42.43
CA SER KA 128 28.27 -77.33 -41.33
C SER KA 128 27.84 -75.91 -41.72
N ASN KA 129 28.15 -75.50 -42.97
CA ASN KA 129 27.59 -74.28 -43.57
C ASN KA 129 26.09 -74.39 -43.88
N GLY KA 130 25.52 -75.60 -43.86
CA GLY KA 130 24.23 -75.87 -44.50
C GLY KA 130 24.34 -76.10 -46.01
N GLN KA 131 25.52 -75.85 -46.59
CA GLN KA 131 25.83 -76.09 -47.99
C GLN KA 131 25.79 -77.60 -48.29
N GLY KA 132 25.15 -77.98 -49.39
CA GLY KA 132 25.16 -79.36 -49.89
C GLY KA 132 25.89 -79.46 -51.21
N ALA KA 133 26.77 -80.46 -51.34
CA ALA KA 133 27.52 -80.68 -52.58
C ALA KA 133 27.18 -82.06 -53.14
N PRO KA 134 26.68 -82.16 -54.40
CA PRO KA 134 26.53 -83.47 -55.06
C PRO KA 134 27.89 -83.99 -55.50
N ALA KA 135 28.08 -85.31 -55.39
CA ALA KA 135 29.32 -85.99 -55.75
C ALA KA 135 29.00 -87.40 -56.26
N THR KA 136 29.81 -87.91 -57.20
CA THR KA 136 29.63 -89.27 -57.68
C THR KA 136 30.62 -90.19 -56.96
N LEU KA 137 30.10 -91.28 -56.39
CA LEU KA 137 30.90 -92.32 -55.78
C LEU KA 137 30.82 -93.57 -56.66
N ILE KA 138 31.95 -94.22 -56.91
CA ILE KA 138 31.96 -95.52 -57.59
C ILE KA 138 32.18 -96.62 -56.55
N TYR KA 139 31.33 -97.65 -56.59
CA TYR KA 139 31.40 -98.73 -55.61
C TYR KA 139 32.51 -99.73 -55.95
N GLN KA 140 33.43 -99.95 -54.99
CA GLN KA 140 34.64 -100.73 -55.17
C GLN KA 140 34.60 -102.11 -54.48
N GLY KA 141 33.57 -102.39 -53.68
CA GLY KA 141 33.50 -103.54 -52.78
C GLY KA 141 32.94 -104.80 -53.43
C1 NAG LA . 27.74 39.78 16.10
C2 NAG LA . 28.22 38.62 16.99
C3 NAG LA . 29.58 38.95 17.59
C4 NAG LA . 30.57 39.25 16.47
C5 NAG LA . 30.03 40.39 15.60
C6 NAG LA . 30.91 40.67 14.40
C7 NAG LA . 26.36 37.29 17.82
C8 NAG LA . 25.37 37.05 18.93
N2 NAG LA . 27.25 38.28 18.00
O3 NAG LA . 30.03 37.83 18.36
O4 NAG LA . 31.84 39.61 17.02
O5 NAG LA . 28.74 40.03 15.10
O6 NAG LA . 30.18 41.48 13.49
O7 NAG LA . 26.32 36.59 16.81
C1 NAG LA . 32.83 38.61 16.73
C2 NAG LA . 34.23 39.24 16.76
C3 NAG LA . 35.30 38.18 16.49
C4 NAG LA . 35.11 36.95 17.36
C5 NAG LA . 33.68 36.43 17.21
C6 NAG LA . 33.40 35.22 18.06
C7 NAG LA . 34.26 40.16 14.46
C8 NAG LA . 34.45 41.37 13.63
N2 NAG LA . 34.34 40.33 15.79
O3 NAG LA . 36.58 38.76 16.71
O4 NAG LA . 36.01 35.93 16.95
O5 NAG LA . 32.76 37.48 17.58
O6 NAG LA . 31.99 35.13 18.37
O7 NAG LA . 34.06 39.09 13.92
C1 YZT LA . 37.33 38.87 15.52
C2 YZT LA . 38.56 39.62 15.99
C3 YZT LA . 39.35 40.12 14.79
C4 YZT LA . 39.64 38.99 13.82
C5 YZT LA . 38.36 38.26 13.44
C6 YZT LA . 38.59 37.05 12.55
O1S6 YZT LA . 36.63 35.62 13.44
O2 YZT LA . 38.16 40.71 16.82
O2S6 YZT LA . 36.20 37.07 11.53
O3 YZT LA . 40.56 40.72 15.24
O3S6 YZT LA . 37.56 35.04 11.27
O4 YZT LA . 40.25 39.52 12.64
O5 YZT LA . 37.69 37.79 14.64
S6 YZT LA . 37.14 36.14 12.08
C1 MAN LA . 37.15 35.90 17.83
C2 MAN LA . 38.40 35.60 16.98
C3 MAN LA . 38.35 34.16 16.47
C4 MAN LA . 38.12 33.16 17.60
C5 MAN LA . 36.88 33.55 18.39
C6 MAN LA . 36.64 32.68 19.62
O2 MAN LA . 39.60 35.74 17.76
O3 MAN LA . 39.55 33.83 15.74
O4 MAN LA . 37.96 31.86 17.03
O5 MAN LA . 36.98 34.90 18.85
O6 MAN LA . 35.42 33.13 20.23
C1 MAN LA . 31.83 34.18 19.44
C2 MAN LA . 30.33 33.89 19.61
C3 MAN LA . 29.60 35.08 20.24
C4 MAN LA . 30.31 35.55 21.52
C5 MAN LA . 31.76 35.86 21.20
C6 MAN LA . 32.58 36.32 22.38
O2 MAN LA . 30.11 32.75 20.46
O3 MAN LA . 28.23 34.74 20.52
O4 MAN LA . 29.64 36.69 22.03
O5 MAN LA . 32.39 34.69 20.67
O6 MAN LA . 33.89 36.64 21.91
C1 NAG MA . 19.60 47.64 10.59
C2 NAG MA . 19.99 47.25 9.17
C3 NAG MA . 20.67 48.40 8.47
C4 NAG MA . 19.79 49.66 8.56
C5 NAG MA . 19.45 49.95 10.02
C6 NAG MA . 18.48 51.10 10.16
C7 NAG MA . 20.54 44.92 8.61
C8 NAG MA . 21.58 43.85 8.69
N2 NAG MA . 20.87 46.09 9.19
O3 NAG MA . 20.86 48.04 7.10
O4 NAG MA . 20.46 50.76 7.96
O5 NAG MA . 18.80 48.82 10.59
O6 NAG MA . 17.98 51.13 11.50
O7 NAG MA . 19.46 44.75 8.06
C1 NAG MA . 19.88 50.98 6.66
C2 NAG MA . 19.90 52.46 6.30
C3 NAG MA . 19.28 52.65 4.94
C4 NAG MA . 19.92 51.75 3.86
C5 NAG MA . 19.94 50.30 4.35
C6 NAG MA . 20.73 49.39 3.44
C7 NAG MA . 19.72 53.86 8.30
C8 NAG MA . 18.80 54.62 9.20
N2 NAG MA . 19.14 53.22 7.27
O3 NAG MA . 19.41 54.01 4.48
O4 NAG MA . 19.18 51.82 2.66
O5 NAG MA . 20.55 50.21 5.65
O6 NAG MA . 20.97 48.14 4.09
O7 NAG MA . 20.92 53.86 8.50
C1 YZT MA . 19.69 55.33 4.85
C2 YZT MA . 20.47 56.52 4.25
C3 YZT MA . 19.92 57.81 4.86
C4 YZT MA . 18.40 57.89 4.72
C5 YZT MA . 17.75 56.62 5.26
C6 YZT MA . 16.25 56.56 5.04
O1S6 YZT MA . 15.78 54.99 7.07
O2 YZT MA . 21.86 56.41 4.53
O2S6 YZT MA . 16.02 53.97 4.86
O3 YZT MA . 20.55 58.94 4.26
O3S6 YZT MA . 14.04 55.27 5.38
O4 YZT MA . 17.92 59.04 5.41
O5 YZT MA . 18.30 55.50 4.57
S6 YZT MA . 15.43 55.14 5.70
C1 MAN MA . 20.01 52.35 1.59
C2 MAN MA . 19.55 53.80 1.36
C3 MAN MA . 18.13 53.80 0.76
C4 MAN MA . 18.03 52.85 -0.44
C5 MAN MA . 18.57 51.46 -0.08
C6 MAN MA . 18.58 50.50 -1.25
O2 MAN MA . 20.42 54.42 0.41
O3 MAN MA . 17.75 55.12 0.37
O4 MAN MA . 16.67 52.76 -0.83
O5 MAN MA . 19.90 51.54 0.43
O6 MAN MA . 18.79 49.18 -0.76
C1 MAN MA . 21.26 47.15 3.09
C2 MAN MA . 20.67 45.80 3.58
C3 MAN MA . 21.50 45.25 4.75
C4 MAN MA . 22.98 45.21 4.40
C5 MAN MA . 23.44 46.59 3.94
C6 MAN MA . 24.90 46.62 3.52
O2 MAN MA . 20.65 44.82 2.54
O3 MAN MA . 21.05 43.94 5.13
O4 MAN MA . 23.73 44.79 5.54
O5 MAN MA . 22.66 47.01 2.81
O6 MAN MA . 25.27 48.00 3.36
C1 NAG NA . 23.37 53.24 18.46
C2 NAG NA . 24.62 53.73 19.18
C3 NAG NA . 24.93 55.13 18.70
C4 NAG NA . 24.91 55.26 17.16
C5 NAG NA . 23.73 54.51 16.53
C6 NAG NA . 23.85 54.37 15.03
C7 NAG NA . 24.93 52.81 21.44
C8 NAG NA . 24.62 52.98 22.90
N2 NAG NA . 24.41 53.73 20.61
O3 NAG NA . 26.22 55.51 19.21
O4 NAG NA . 24.77 56.64 16.84
O5 NAG NA . 23.60 53.20 17.08
O6 NAG NA . 22.66 53.73 14.52
O7 NAG NA . 25.61 51.90 21.03
C1 NAG NA . 26.03 57.22 16.46
C2 NAG NA . 25.75 58.38 15.52
C3 NAG NA . 27.05 59.10 15.16
C4 NAG NA . 27.83 59.48 16.42
C5 NAG NA . 28.01 58.26 17.33
C6 NAG NA . 28.62 58.64 18.66
C7 NAG NA . 23.79 58.16 14.08
C8 NAG NA . 23.26 57.61 12.78
N2 NAG NA . 25.08 57.94 14.32
O3 NAG NA . 26.73 60.28 14.41
O4 NAG NA . 29.11 59.99 16.03
O5 NAG NA . 26.74 57.67 17.62
O6 NAG NA . 27.91 58.03 19.73
O7 NAG NA . 23.07 58.77 14.85
C1 MAN NA . 28.65 58.18 20.96
C2 MAN NA . 28.78 56.79 21.63
C3 MAN NA . 27.43 56.32 22.17
C4 MAN NA . 26.78 57.40 23.04
C5 MAN NA . 26.70 58.71 22.25
C6 MAN NA . 26.08 59.85 23.04
O2 MAN NA . 29.72 56.80 22.71
O3 MAN NA . 27.57 55.11 22.91
O4 MAN NA . 25.47 56.96 23.42
O5 MAN NA . 28.01 59.10 21.84
O6 MAN NA . 25.73 60.88 22.11
C1 NAG OA . 9.18 26.93 69.68
C2 NAG OA . 7.93 26.06 69.76
C3 NAG OA . 7.90 25.32 71.11
C4 NAG OA . 9.18 24.50 71.24
C5 NAG OA . 10.39 25.41 71.11
C6 NAG OA . 11.70 24.63 71.12
C7 NAG OA . 6.12 26.89 68.35
C8 NAG OA . 4.90 27.75 68.25
N2 NAG OA . 6.72 26.83 69.56
O3 NAG OA . 6.75 24.48 71.15
O4 NAG OA . 9.20 23.83 72.51
O5 NAG OA . 10.33 26.10 69.86
O6 NAG OA . 12.73 25.49 70.62
O7 NAG OA . 6.54 26.30 67.37
C1 NAG OA . 9.09 22.41 72.35
C2 NAG OA . 9.70 21.69 73.56
C3 NAG OA . 9.55 20.17 73.40
C4 NAG OA . 8.12 19.78 73.06
C5 NAG OA . 7.65 20.57 71.83
C6 NAG OA . 6.24 20.24 71.43
C7 NAG OA . 12.06 21.75 72.83
C8 NAG OA . 13.45 22.14 73.20
N2 NAG OA . 11.10 22.05 73.71
O3 NAG OA . 9.96 19.55 74.62
O4 NAG OA . 8.08 18.39 72.77
O5 NAG OA . 7.75 21.97 72.11
O6 NAG OA . 5.65 21.35 70.73
O7 NAG OA . 11.87 21.16 71.78
C1 YZT OA . 11.13 18.80 74.46
C2 YZT OA . 11.44 18.38 75.88
C3 YZT OA . 12.85 17.81 75.97
C4 YZT OA . 13.06 16.71 74.94
C5 YZT OA . 12.68 17.21 73.54
C6 YZT OA . 12.78 16.14 72.47
O1S6 YZT OA . 10.85 17.00 71.00
O2 YZT OA . 11.29 19.49 76.75
O2S6 YZT OA . 13.11 17.81 70.52
O3 YZT OA . 13.08 17.31 77.28
O3S6 YZT OA . 12.49 15.50 69.97
O4 YZT OA . 14.43 16.31 74.94
O5 YZT OA . 11.32 17.70 73.55
S6 YZT OA . 12.35 16.65 70.83
C1 MAN OA . 7.58 17.66 73.90
C2 MAN OA . 8.37 16.34 73.99
C3 MAN OA . 7.97 15.41 72.82
C4 MAN OA . 6.45 15.24 72.73
C5 MAN OA . 5.78 16.60 72.67
C6 MAN OA . 4.26 16.54 72.70
O2 MAN OA . 8.07 15.64 75.20
O3 MAN OA . 8.62 14.15 72.94
O4 MAN OA . 6.16 14.49 71.55
O5 MAN OA . 6.18 17.42 73.78
O6 MAN OA . 3.76 17.87 72.60
C1 MAN OA . 4.23 21.15 70.67
C2 MAN OA . 3.61 22.17 69.71
C3 MAN OA . 3.61 23.58 70.34
C4 MAN OA . 2.99 23.56 71.74
C5 MAN OA . 3.73 22.54 72.60
C6 MAN OA . 3.20 22.41 74.01
O2 MAN OA . 2.26 21.86 69.40
O3 MAN OA . 2.93 24.50 69.49
O4 MAN OA . 3.08 24.86 72.31
O5 MAN OA . 3.64 21.24 71.99
O6 MAN OA . 4.04 21.48 74.70
C1 NAG PA . 16.26 36.84 66.50
C2 NAG PA . 17.27 36.02 65.69
C3 NAG PA . 18.63 36.03 66.37
C4 NAG PA . 19.06 37.47 66.64
C5 NAG PA . 17.98 38.20 67.43
C6 NAG PA . 18.30 39.68 67.61
C7 NAG PA . 16.55 34.10 64.34
C8 NAG PA . 16.12 32.67 64.36
N2 NAG PA . 16.81 34.65 65.54
O3 NAG PA . 19.56 35.37 65.53
O4 NAG PA . 20.31 37.48 67.36
O5 NAG PA . 16.76 38.16 66.72
O6 NAG PA . 17.12 40.36 68.07
O7 NAG PA . 16.67 34.73 63.30
C1 NAG PA . 21.35 37.79 66.41
C2 NAG PA . 22.46 38.58 67.10
C3 NAG PA . 23.52 38.90 66.09
C4 NAG PA . 24.03 37.66 65.34
C5 NAG PA . 22.83 36.88 64.76
C6 NAG PA . 23.23 35.54 64.19
C7 NAG PA . 21.59 39.95 68.93
C8 NAG PA . 21.09 41.31 69.34
N2 NAG PA . 21.94 39.82 67.64
O3 NAG PA . 24.67 39.50 66.70
O4 NAG PA . 24.89 38.02 64.27
O5 NAG PA . 21.86 36.62 65.79
O6 NAG PA . 22.07 34.74 63.96
O7 NAG PA . 21.67 39.05 69.75
C1 YZT PA . 25.16 40.13 67.85
C2 YZT PA . 26.48 40.09 68.69
C3 YZT PA . 26.59 41.40 69.46
C4 YZT PA . 26.45 42.61 68.54
C5 YZT PA . 25.17 42.50 67.72
C6 YZT PA . 25.00 43.59 66.69
O1S6 YZT PA . 22.39 43.45 66.61
O2 YZT PA . 26.45 39.00 69.61
O2S6 YZT PA . 23.65 42.21 64.92
O3 YZT PA . 27.82 41.45 70.18
O3S6 YZT PA . 23.55 44.64 64.81
O4 YZT PA . 26.44 43.81 69.32
O5 YZT PA . 25.20 41.26 66.99
S6 YZT PA . 23.52 43.54 65.72
C1 MAN PA . 26.21 37.47 64.48
C2 MAN PA . 27.10 38.65 64.93
C3 MAN PA . 27.28 39.63 63.76
C4 MAN PA . 27.71 38.90 62.48
C5 MAN PA . 26.76 37.73 62.18
C6 MAN PA . 27.18 36.92 60.97
O2 MAN PA . 28.41 38.14 65.26
O3 MAN PA . 28.25 40.63 64.09
O4 MAN PA . 27.69 39.84 61.40
O5 MAN PA . 26.67 36.85 63.30
O6 MAN PA . 26.09 36.07 60.59
C1 MAN PA . 22.37 33.74 62.98
C2 MAN PA . 21.11 33.50 62.12
C3 MAN PA . 20.04 32.76 62.93
C4 MAN PA . 20.62 31.50 63.58
C5 MAN PA . 21.86 31.86 64.40
C6 MAN PA . 22.53 30.65 65.02
O2 MAN PA . 21.39 32.74 60.95
O3 MAN PA . 18.92 32.42 62.11
O4 MAN PA . 19.63 30.91 64.42
O5 MAN PA . 22.82 32.51 63.56
O6 MAN PA . 23.50 31.13 65.95
C1 NAG QA . 13.84 38.77 76.40
C2 NAG QA . 13.79 38.22 77.81
C3 NAG QA . 15.03 38.70 78.55
C4 NAG QA . 16.33 38.48 77.76
C5 NAG QA . 16.17 38.85 76.28
C6 NAG QA . 17.33 38.35 75.42
C7 NAG QA . 11.53 37.90 78.71
C8 NAG QA . 10.39 38.54 79.45
N2 NAG QA . 12.60 38.68 78.49
O3 NAG QA . 15.10 38.02 79.80
O4 NAG QA . 17.33 39.35 78.30
O5 NAG QA . 14.98 38.28 75.73
O6 NAG QA . 17.14 38.82 74.07
O7 NAG QA . 11.50 36.73 78.35
C1 NAG QA . 18.21 38.63 79.18
C2 NAG QA . 19.56 39.35 79.16
C3 NAG QA . 20.52 38.69 80.15
C4 NAG QA . 19.89 38.56 81.53
C5 NAG QA . 18.53 37.88 81.43
C6 NAG QA . 17.79 37.88 82.76
C7 NAG QA . 20.19 40.44 77.07
C8 NAG QA . 20.82 40.26 75.72
N2 NAG QA . 20.14 39.35 77.83
O3 NAG QA . 21.71 39.48 80.23
O4 NAG QA . 20.75 37.79 82.37
O5 NAG QA . 17.70 38.57 80.50
O6 NAG QA . 16.42 38.29 82.57
O7 NAG QA . 19.76 41.53 77.43
C1 MAN QA . 15.68 38.05 83.78
C2 MAN QA . 14.41 37.26 83.41
C3 MAN QA . 13.42 38.15 82.65
C4 MAN QA . 13.18 39.47 83.39
C5 MAN QA . 14.52 40.15 83.68
C6 MAN QA . 14.39 41.46 84.43
O2 MAN QA . 13.74 36.76 84.57
O3 MAN QA . 12.18 37.47 82.43
O4 MAN QA . 12.35 40.30 82.59
O5 MAN QA . 15.35 39.28 84.44
O6 MAN QA . 15.64 42.15 84.31
C1 NAG RA . 26.91 32.97 45.75
C2 NAG RA . 26.37 31.71 46.44
C3 NAG RA . 27.25 31.36 47.63
C4 NAG RA . 28.69 31.18 47.16
C5 NAG RA . 29.16 32.44 46.44
C6 NAG RA . 30.54 32.29 45.83
C7 NAG RA . 23.99 31.38 46.07
C8 NAG RA . 22.59 31.63 46.55
N2 NAG RA . 24.97 31.86 46.83
O3 NAG RA . 26.78 30.15 48.24
O4 NAG RA . 29.55 30.89 48.26
O5 NAG RA . 28.26 32.75 45.36
O6 NAG RA . 30.74 33.35 44.90
O7 NAG RA . 24.17 30.80 45.01
C1 NAG RA . 30.06 29.56 48.19
C2 NAG RA . 31.38 29.45 48.96
C3 NAG RA . 31.91 28.01 48.92
C4 NAG RA . 30.85 27.00 49.32
C5 NAG RA . 29.59 27.22 48.45
C6 NAG RA . 28.47 26.27 48.79
C7 NAG RA . 32.89 30.28 47.19
C8 NAG RA . 33.94 31.28 46.84
N2 NAG RA . 32.38 30.36 48.42
O3 NAG RA . 33.03 27.91 49.80
O4 NAG RA . 31.34 25.69 49.09
O5 NAG RA . 29.13 28.57 48.63
O6 NAG RA . 27.21 26.84 48.43
O7 NAG RA . 32.58 29.44 46.37
C1 YZT RA . 34.24 27.69 49.11
C2 YZT RA . 35.27 27.76 50.21
C3 YZT RA . 36.66 27.86 49.61
C4 YZT RA . 36.91 26.74 48.62
C5 YZT RA . 35.79 26.69 47.58
C6 YZT RA . 35.92 25.53 46.60
O1S6 YZT RA . 33.40 25.17 46.22
O2 YZT RA . 34.99 28.89 51.03
O2S6 YZT RA . 34.57 26.68 44.70
O3 YZT RA . 37.63 27.83 50.64
O3S6 YZT RA . 34.94 24.27 44.57
O4 YZT RA . 38.17 26.93 47.96
O5 YZT RA . 34.51 26.58 48.23
S6 YZT RA . 34.67 25.42 45.37
C1 MAN RA . 31.76 25.11 50.33
C2 MAN RA . 33.03 24.29 50.05
C3 MAN RA . 32.67 23.03 49.23
C4 MAN RA . 31.53 22.24 49.88
C5 MAN RA . 30.35 23.16 50.15
C6 MAN RA . 29.21 22.49 50.89
O2 MAN RA . 33.64 23.82 51.26
O3 MAN RA . 33.82 22.19 49.04
O4 MAN RA . 31.16 21.19 48.99
O5 MAN RA . 30.73 24.30 50.91
O6 MAN RA . 28.15 23.45 51.03
C1 MAN RA . 26.17 26.08 49.07
C2 MAN RA . 24.81 26.51 48.52
C3 MAN RA . 24.41 27.89 49.04
C4 MAN RA . 24.53 27.96 50.57
C5 MAN RA . 25.94 27.56 50.98
C6 MAN RA . 26.19 27.56 52.47
O2 MAN RA . 23.77 25.61 48.89
O3 MAN RA . 23.09 28.24 48.62
O4 MAN RA . 24.23 29.28 51.01
O5 MAN RA . 26.22 26.24 50.50
O6 MAN RA . 27.56 27.24 52.69
C1 NAG SA . 26.42 43.82 39.39
C2 NAG SA . 27.26 43.31 38.22
C3 NAG SA . 28.59 44.04 38.16
C4 NAG SA . 28.37 45.55 38.16
C5 NAG SA . 27.52 45.95 39.36
C6 NAG SA . 27.15 47.42 39.34
C7 NAG SA . 27.03 41.01 37.41
C8 NAG SA . 27.36 39.57 37.66
N2 NAG SA . 27.47 41.88 38.32
O3 NAG SA . 29.27 43.63 36.97
O4 NAG SA . 29.63 46.22 38.19
O5 NAG SA . 26.28 45.24 39.32
O6 NAG SA . 26.11 47.66 40.30
O7 NAG SA . 26.39 41.36 36.42
C1 NAG SA . 29.90 46.70 36.87
C2 NAG SA . 30.69 48.00 36.92
C3 NAG SA . 30.95 48.48 35.51
C4 NAG SA . 31.60 47.40 34.63
C5 NAG SA . 30.79 46.10 34.70
C6 NAG SA . 31.48 44.93 34.03
C7 NAG SA . 30.14 49.30 38.92
C8 NAG SA . 29.29 50.39 39.50
N2 NAG SA . 29.93 49.02 37.62
O3 NAG SA . 31.82 49.62 35.49
O4 NAG SA . 31.65 47.83 33.28
O5 NAG SA . 30.58 45.72 36.07
O6 NAG SA . 30.86 43.71 34.41
O7 NAG SA . 30.97 48.72 39.61
C1 YZT SA . 32.41 50.64 36.26
C2 YZT SA . 33.78 51.33 36.36
C3 YZT SA . 33.59 52.71 36.98
C4 YZT SA . 32.52 53.51 36.22
C5 YZT SA . 31.24 52.70 36.11
C6 YZT SA . 30.16 53.36 35.27
O1S6 YZT SA . 28.17 52.18 36.45
O2 YZT SA . 34.68 50.57 37.17
O2S6 YZT SA . 29.03 51.19 34.38
O3 YZT SA . 34.82 53.43 37.02
O3S6 YZT SA . 27.77 53.27 34.30
O4 YZT SA . 32.28 54.74 36.90
O5 YZT SA . 31.54 51.45 35.47
S6 YZT SA . 28.62 52.50 35.13
C1 MAN SA . 33.03 47.92 32.84
C2 MAN SA . 33.38 49.42 32.78
C3 MAN SA . 32.58 50.08 31.67
C4 MAN SA . 32.70 49.32 30.34
C5 MAN SA . 32.38 47.84 30.55
C6 MAN SA . 32.59 47.00 29.30
O2 MAN SA . 34.78 49.56 32.48
O3 MAN SA . 33.02 51.43 31.47
O4 MAN SA . 31.79 49.88 29.40
O5 MAN SA . 33.19 47.27 31.59
O6 MAN SA . 31.97 45.73 29.50
C1 MAN SA . 31.17 42.71 33.43
C2 MAN SA . 29.93 41.79 33.28
C3 MAN SA . 29.79 40.90 34.52
C4 MAN SA . 31.09 40.18 34.84
C5 MAN SA . 32.23 41.19 34.97
C6 MAN SA . 33.58 40.55 35.24
O2 MAN SA . 30.04 40.94 32.14
O3 MAN SA . 28.73 39.95 34.35
O4 MAN SA . 30.94 39.45 36.06
O5 MAN SA . 32.34 41.95 33.76
O6 MAN SA . 34.49 41.60 35.58
C1 NAG TA . 27.81 46.88 49.21
C2 NAG TA . 28.62 46.71 50.49
C3 NAG TA . 29.67 47.80 50.53
C4 NAG TA . 30.45 47.95 49.22
C5 NAG TA . 29.52 47.86 47.98
C6 NAG TA . 30.29 47.70 46.68
C7 NAG TA . 27.39 45.72 52.36
C8 NAG TA . 26.50 46.00 53.55
N2 NAG TA . 27.76 46.79 51.65
O3 NAG TA . 30.57 47.52 51.61
O4 NAG TA . 31.05 49.24 49.20
O5 NAG TA . 28.64 46.75 48.08
O6 NAG TA . 29.36 47.73 45.59
O7 NAG TA . 27.76 44.60 52.09
C1 NAG TA . 32.44 49.17 49.55
C2 NAG TA . 33.16 50.34 48.88
C3 NAG TA . 34.62 50.38 49.29
C4 NAG TA . 34.77 50.33 50.81
C5 NAG TA . 33.98 49.16 51.38
C6 NAG TA . 33.96 49.19 52.90
C7 NAG TA . 32.24 51.09 46.73
C8 NAG TA . 32.24 50.88 45.25
N2 NAG TA . 33.04 50.28 47.43
O3 NAG TA . 35.21 51.57 48.78
O4 NAG TA . 36.16 50.19 51.12
O5 NAG TA . 32.62 49.21 50.96
O6 NAG TA . 32.63 48.95 53.39
O7 NAG TA . 31.55 51.95 47.25
C1 MAN TA . 32.67 48.72 54.82
C2 MAN TA . 31.89 47.43 55.11
C3 MAN TA . 30.38 47.64 54.90
C4 MAN TA . 29.89 48.88 55.64
C5 MAN TA . 30.74 50.09 55.24
C6 MAN TA . 30.34 51.38 55.93
O2 MAN TA . 32.09 47.00 56.46
O3 MAN TA . 29.64 46.49 55.31
O4 MAN TA . 28.52 49.10 55.32
O5 MAN TA . 32.11 49.84 55.53
O6 MAN TA . 30.93 52.47 55.21
C1 NAG UA . 12.76 39.09 -10.32
C2 NAG UA . 14.03 38.47 -9.75
C3 NAG UA . 15.19 39.45 -9.89
C4 NAG UA . 15.35 39.85 -11.34
C5 NAG UA . 14.04 40.42 -11.86
C6 NAG UA . 14.09 40.74 -13.35
C7 NAG UA . 13.58 36.73 -8.11
C8 NAG UA . 13.38 36.39 -6.66
N2 NAG UA . 13.87 38.01 -8.38
O3 NAG UA . 16.40 38.83 -9.41
O4 NAG UA . 16.40 40.82 -11.48
O5 NAG UA . 13.00 39.47 -11.68
O6 NAG UA . 12.75 40.94 -13.80
O7 NAG UA . 13.46 35.87 -8.96
C1 NAG UA . 17.52 40.27 -12.21
C2 NAG UA . 18.32 41.39 -12.86
C3 NAG UA . 19.54 40.82 -13.61
C4 NAG UA . 20.33 39.87 -12.73
C5 NAG UA . 19.39 38.80 -12.16
C6 NAG UA . 20.11 37.81 -11.26
C7 NAG UA . 16.94 41.67 -14.90
C8 NAG UA . 16.18 42.62 -15.74
N2 NAG UA . 17.49 42.16 -13.78
O3 NAG UA . 20.35 41.90 -14.04
O4 NAG UA . 21.34 39.24 -13.51
O5 NAG UA . 18.35 39.44 -11.41
O6 NAG UA . 19.19 37.24 -10.32
O7 NAG UA . 17.06 40.51 -15.27
C1 YZT UA . 20.38 42.02 -15.44
C2 YZT UA . 21.17 43.29 -15.65
C3 YZT UA . 21.03 43.76 -17.09
C4 YZT UA . 21.38 42.65 -18.07
C5 YZT UA . 20.58 41.38 -17.75
C6 YZT UA . 20.95 40.20 -18.62
O1S6 YZT UA . 20.50 38.37 -16.87
O2 YZT UA . 20.70 44.29 -14.75
O2S6 YZT UA . 18.66 39.01 -18.35
O3 YZT UA . 21.86 44.90 -17.31
O3S6 YZT UA . 20.55 37.71 -19.21
O4 YZT UA . 21.10 43.08 -19.40
O5 YZT UA . 20.80 41.01 -16.37
S6 YZT UA . 20.06 38.71 -18.32
C1 MAN UA . 22.61 39.87 -13.29
C2 MAN UA . 23.35 39.92 -14.63
C3 MAN UA . 23.78 38.50 -15.04
C4 MAN UA . 24.55 37.79 -13.92
C5 MAN UA . 23.73 37.84 -12.63
C6 MAN UA . 24.47 37.26 -11.43
O2 MAN UA . 24.55 40.71 -14.54
O3 MAN UA . 24.56 38.53 -16.24
O4 MAN UA . 24.78 36.44 -14.32
O5 MAN UA . 23.37 39.17 -12.30
O6 MAN UA . 23.58 37.31 -10.31
C1 MAN UA . 19.96 36.60 -9.28
C2 MAN UA . 19.01 35.77 -8.41
C3 MAN UA . 18.14 36.67 -7.52
C4 MAN UA . 19.01 37.67 -6.75
C5 MAN UA . 19.86 38.47 -7.74
C6 MAN UA . 20.78 39.49 -7.10
O2 MAN UA . 19.73 34.88 -7.54
O3 MAN UA . 17.36 35.89 -6.61
O4 MAN UA . 18.18 38.54 -6.00
O5 MAN UA . 20.67 37.56 -8.49
O6 MAN UA . 21.44 40.18 -8.16
C1 NAG VA . 0.42 41.41 -11.30
C2 NAG VA . 0.32 40.89 -12.73
C3 NAG VA . -0.01 42.01 -13.69
C4 NAG VA . -1.25 42.77 -13.21
C5 NAG VA . -1.03 43.25 -11.78
C6 NAG VA . -2.28 43.89 -11.19
C7 NAG VA . 1.60 38.93 -13.46
C8 NAG VA . 2.96 38.43 -13.88
N2 NAG VA . 1.56 40.23 -13.13
O3 NAG VA . -0.25 41.44 -14.99
O4 NAG VA . -1.49 43.88 -14.07
O5 NAG VA . -0.76 42.12 -10.94
O6 NAG VA . -2.11 44.02 -9.78
O7 NAG VA . 0.63 38.20 -13.42
C1 NAG VA . -2.60 43.53 -14.93
C2 NAG VA . -3.42 44.76 -15.28
C3 NAG VA . -4.56 44.35 -16.16
C4 NAG VA . -4.10 43.56 -17.40
C5 NAG VA . -3.20 42.39 -16.97
C6 NAG VA . -2.54 41.70 -18.14
C7 NAG VA . -3.38 46.39 -13.45
C8 NAG VA . -4.07 46.92 -12.23
N2 NAG VA . -3.96 45.36 -14.06
O3 NAG VA . -5.29 45.50 -16.66
O4 NAG VA . -5.20 43.05 -18.11
O5 NAG VA . -2.14 42.87 -16.12
O6 NAG VA . -1.48 40.86 -17.67
O7 NAG VA . -2.35 46.92 -13.86
C1 YZT VA . -5.51 46.87 -16.49
C2 YZT VA . -5.70 48.10 -17.41
C3 YZT VA . -6.47 49.16 -16.65
C4 YZT VA . -7.76 48.60 -16.05
C5 YZT VA . -7.46 47.35 -15.23
C6 YZT VA . -8.69 46.65 -14.70
O1S6 YZT VA . -7.49 45.54 -12.68
O2 YZT VA . -4.44 48.62 -17.84
O2S6 YZT VA . -7.75 44.21 -14.71
O3 YZT VA . -6.74 50.29 -17.48
O3S6 YZT VA . -9.69 44.71 -13.33
O4 YZT VA . -8.39 49.60 -15.23
O5 YZT VA . -6.79 46.41 -16.08
S6 YZT VA . -8.42 45.21 -13.71
C1 MAN VA . -5.25 43.59 -19.46
C2 MAN VA . -6.39 44.64 -19.46
C3 MAN VA . -7.73 43.92 -19.31
C4 MAN VA . -7.88 42.76 -20.29
C5 MAN VA . -6.66 41.83 -20.21
C6 MAN VA . -6.70 40.72 -21.24
O2 MAN VA . -6.40 45.31 -20.73
O3 MAN VA . -8.81 44.84 -19.49
O4 MAN VA . -9.07 42.03 -19.99
O5 MAN VA . -5.45 42.57 -20.40
O6 MAN VA . -5.71 39.74 -20.88
C1 MAN VA . -1.20 39.86 -18.67
C2 MAN VA . -0.82 38.56 -17.95
C3 MAN VA . 0.57 38.69 -17.31
C4 MAN VA . 1.60 39.18 -18.34
C5 MAN VA . 1.11 40.47 -18.98
C6 MAN VA . 2.03 41.01 -20.06
O2 MAN VA . -0.79 37.44 -18.83
O3 MAN VA . 1.01 37.44 -16.76
O4 MAN VA . 2.85 39.40 -17.69
O5 MAN VA . -0.17 40.26 -19.59
O6 MAN VA . 1.60 42.34 -20.38
C1 NAG WA . 4.05 49.77 -6.33
C2 NAG WA . 5.10 50.88 -6.32
C3 NAG WA . 4.47 52.12 -6.92
C4 NAG WA . 3.76 51.86 -8.25
C5 NAG WA . 2.91 50.58 -8.21
C6 NAG WA . 2.45 50.14 -9.58
C7 NAG WA . 6.71 50.72 -4.48
C8 NAG WA . 7.01 51.09 -3.05
N2 NAG WA . 5.54 51.13 -4.96
O3 NAG WA . 5.52 53.09 -7.10
O4 NAG WA . 2.85 52.94 -8.48
O5 NAG WA . 3.66 49.48 -7.66
O6 NAG WA . 1.60 48.99 -9.44
O7 NAG WA . 7.51 50.09 -5.16
C1 NAG WA . 3.40 53.88 -9.42
C2 NAG WA . 2.25 54.57 -10.13
C3 NAG WA . 2.76 55.64 -11.08
C4 NAG WA . 3.71 56.60 -10.37
C5 NAG WA . 4.81 55.81 -9.64
C6 NAG WA . 5.67 56.71 -8.78
C7 NAG WA . 0.21 53.23 -10.44
C8 NAG WA . -0.50 52.23 -11.31
N2 NAG WA . 1.42 53.62 -10.85
O3 NAG WA . 1.65 56.37 -11.60
O4 NAG WA . 4.30 57.46 -11.34
O5 NAG WA . 4.23 54.84 -8.77
O6 NAG WA . 5.86 56.13 -7.49
O7 NAG WA . -0.30 53.66 -9.42
C1 MAN WA . 6.88 56.86 -6.77
C2 MAN WA . 7.92 55.84 -6.24
C3 MAN WA . 7.31 55.01 -5.10
C4 MAN WA . 6.67 55.90 -4.03
C5 MAN WA . 5.66 56.84 -4.70
C6 MAN WA . 4.98 57.79 -3.74
O2 MAN WA . 9.09 56.48 -5.73
O3 MAN WA . 8.30 54.17 -4.50
O4 MAN WA . 6.02 55.08 -3.06
O5 MAN WA . 6.32 57.62 -5.70
O6 MAN WA . 3.83 58.33 -4.39
C1 NAG XA . -9.69 26.12 -26.18
C2 NAG XA . -8.16 26.22 -26.29
C3 NAG XA . -7.77 27.53 -26.97
C4 NAG XA . -8.46 27.61 -28.34
C5 NAG XA . -9.97 27.46 -28.16
C6 NAG XA . -10.71 27.41 -29.49
C7 NAG XA . -7.01 24.89 -24.61
C8 NAG XA . -6.40 24.86 -23.24
N2 NAG XA . -7.50 26.07 -25.01
O3 NAG XA . -6.36 27.59 -27.13
O4 NAG XA . -8.15 28.85 -28.97
O5 NAG XA . -10.25 26.23 -27.48
O6 NAG XA . -12.03 26.94 -29.24
O7 NAG XA . -7.05 23.88 -25.30
C1 NAG XA . -7.33 28.65 -30.14
C2 NAG XA . -7.52 29.81 -31.12
C3 NAG XA . -6.61 29.62 -32.35
C4 NAG XA . -5.18 29.31 -31.96
C5 NAG XA . -5.17 28.12 -30.98
C6 NAG XA . -3.77 27.75 -30.53
C7 NAG XA . -9.57 29.01 -32.24
C8 NAG XA . -10.97 29.35 -32.63
N2 NAG XA . -8.91 29.94 -31.52
O3 NAG XA . -6.66 30.80 -33.14
O4 NAG XA . -4.43 28.97 -33.12
O5 NAG XA . -5.96 28.44 -29.84
O6 NAG XA . -3.81 27.10 -29.25
O7 NAG XA . -9.10 27.95 -32.59
C1 YZT XA . -7.29 30.58 -34.38
C2 YZT XA . -7.36 31.97 -34.97
C3 YZT XA . -8.30 32.00 -36.16
C4 YZT XA . -7.92 30.92 -37.17
C5 YZT XA . -7.81 29.56 -36.49
C6 YZT XA . -7.35 28.45 -37.41
O1S6 YZT XA . -6.10 27.07 -35.64
O2 YZT XA . -7.81 32.89 -33.96
O2S6 YZT XA . -8.45 26.53 -36.05
O3 YZT XA . -8.27 33.28 -36.77
O3S6 YZT XA . -6.74 25.94 -37.70
O4 YZT XA . -8.90 30.87 -38.20
O5 YZT XA . -6.89 29.63 -35.38
S6 YZT XA . -7.21 26.84 -36.69
C1 MAN XA . -3.65 30.10 -33.55
C2 MAN XA . -3.66 30.12 -35.08
C3 MAN XA . -2.84 28.94 -35.62
C4 MAN XA . -1.44 28.89 -35.01
C5 MAN XA . -1.54 28.90 -33.48
C6 MAN XA . -0.20 28.98 -32.77
O2 MAN XA . -3.06 31.33 -35.58
O3 MAN XA . -2.75 29.00 -37.06
O4 MAN XA . -0.79 27.70 -35.46
O5 MAN XA . -2.32 30.03 -33.03
O6 MAN XA . -0.44 28.93 -31.36
C1 MAN XA . -2.48 27.08 -28.71
C2 MAN XA . -2.47 26.17 -27.46
C3 MAN XA . -3.19 26.84 -26.28
C4 MAN XA . -2.66 28.26 -26.05
C5 MAN XA . -2.79 29.06 -27.33
C6 MAN XA . -2.28 30.49 -27.24
O2 MAN XA . -1.13 25.89 -27.05
O3 MAN XA . -3.06 26.05 -25.10
O4 MAN XA . -3.39 28.87 -24.99
O5 MAN XA . -2.05 28.42 -28.37
O6 MAN XA . -2.54 31.12 -28.49
C1 NAG YA . -20.78 22.97 -21.12
C2 NAG YA . -21.22 22.13 -22.31
C3 NAG YA . -22.40 22.76 -23.01
C4 NAG YA . -23.52 23.05 -21.99
C5 NAG YA . -22.97 23.89 -20.85
C6 NAG YA . -23.99 24.11 -19.76
C7 NAG YA . -19.61 20.74 -23.53
C8 NAG YA . -18.51 20.74 -24.55
N2 NAG YA . -20.13 21.95 -23.24
O3 NAG YA . -22.87 21.86 -24.01
O4 NAG YA . -24.60 23.73 -22.65
O5 NAG YA . -21.88 23.21 -20.24
O6 NAG YA . -23.33 24.63 -18.60
O7 NAG YA . -20.02 19.72 -23.02
C1 NAG YA . -25.65 22.77 -22.87
C2 NAG YA . -27.01 23.44 -22.79
C3 NAG YA . -28.07 22.41 -23.01
C4 NAG YA . -27.87 21.61 -24.31
C5 NAG YA . -26.44 21.05 -24.35
C6 NAG YA . -26.09 20.43 -25.69
C7 NAG YA . -26.98 25.34 -21.24
C8 NAG YA . -27.24 25.81 -19.84
N2 NAG YA . -27.20 24.04 -21.48
O3 NAG YA . -29.38 23.01 -23.11
O4 NAG YA . -28.78 20.54 -24.39
O5 NAG YA . -25.48 22.09 -24.12
O6 NAG YA . -24.69 20.22 -25.77
O7 NAG YA . -26.60 26.12 -22.10
C1 YZT YA . -30.14 24.16 -22.87
C2 YZT YA . -31.25 24.96 -23.60
C3 YZT YA . -32.02 25.76 -22.56
C4 YZT YA . -32.50 24.88 -21.41
C5 YZT YA . -31.33 24.09 -20.82
C6 YZT YA . -31.74 23.10 -19.75
O1S6 YZT YA . -29.43 23.10 -18.55
O2 YZT YA . -30.68 25.84 -24.56
O2S6 YZT YA . -29.86 21.34 -20.19
O3 YZT YA . -33.11 26.45 -23.17
O3S6 YZT YA . -31.01 21.30 -18.04
O4 YZT YA . -33.11 25.70 -20.40
O5 YZT YA . -30.74 23.33 -21.87
S6 YZT YA . -30.42 22.18 -19.00
C1 MAN YA . -29.64 20.69 -25.55
C2 MAN YA . -31.02 21.14 -25.02
C3 MAN YA . -31.66 20.00 -24.21
C4 MAN YA . -31.64 18.67 -24.98
C5 MAN YA . -30.23 18.37 -25.51
C6 MAN YA . -30.16 17.13 -26.37
O2 MAN YA . -31.90 21.42 -26.12
O3 MAN YA . -33.00 20.32 -23.85
O4 MAN YA . -32.06 17.63 -24.12
O5 MAN YA . -29.71 19.47 -26.27
O6 MAN YA . -28.78 16.76 -26.53
C1 MAN YA . -24.42 19.19 -26.76
C2 MAN YA . -23.21 18.37 -26.29
C3 MAN YA . -21.92 19.19 -26.40
C4 MAN YA . -21.78 19.79 -27.80
C5 MAN YA . -23.04 20.58 -28.16
C6 MAN YA . -23.01 21.16 -29.57
O2 MAN YA . -23.05 17.17 -27.05
O3 MAN YA . -20.77 18.40 -26.11
O4 MAN YA . -20.64 20.64 -27.84
O5 MAN YA . -24.19 19.73 -28.06
O6 MAN YA . -24.11 22.08 -29.67
C1 NAG ZA . -19.78 33.00 -18.63
C2 NAG ZA . -19.47 34.40 -19.14
C3 NAG ZA . -20.80 35.11 -19.38
C4 NAG ZA . -21.79 34.28 -20.20
C5 NAG ZA . -21.83 32.81 -19.75
C6 NAG ZA . -22.56 31.91 -20.71
C7 NAG ZA . -17.38 35.36 -18.31
C8 NAG ZA . -16.72 36.13 -17.20
N2 NAG ZA . -18.69 35.12 -18.17
O3 NAG ZA . -20.52 36.34 -20.05
O4 NAG ZA . -23.10 34.81 -19.98
O5 NAG ZA . -20.51 32.27 -19.60
O6 NAG ZA . -22.62 30.58 -20.17
O7 NAG ZA . -16.75 34.96 -19.28
C1 NAG ZA . -23.51 35.63 -21.09
C2 NAG ZA . -25.04 35.60 -21.16
C3 NAG ZA . -25.53 36.55 -22.25
C4 NAG ZA . -24.94 37.94 -22.10
C5 NAG ZA . -23.41 37.86 -21.98
C6 NAG ZA . -22.79 39.21 -21.65
C7 NAG ZA . -26.11 33.53 -20.43
C8 NAG ZA . -26.55 32.15 -20.84
N2 NAG ZA . -25.52 34.26 -21.38
O3 NAG ZA . -26.96 36.61 -22.19
O4 NAG ZA . -25.28 38.72 -23.24
O5 NAG ZA . -23.05 36.97 -20.93
O6 NAG ZA . -21.83 39.07 -20.60
O7 NAG ZA . -26.29 33.95 -19.30
C1 MAN ZA . -21.08 40.29 -20.48
C2 MAN ZA . -19.58 39.94 -20.51
C3 MAN ZA . -19.18 39.23 -19.20
C4 MAN ZA . -19.64 40.02 -17.98
C5 MAN ZA . -21.14 40.29 -18.09
C6 MAN ZA . -21.72 41.08 -16.93
O2 MAN ZA . -18.76 41.11 -20.64
O3 MAN ZA . -17.76 39.04 -19.15
O4 MAN ZA . -19.36 39.27 -16.81
O5 MAN ZA . -21.42 41.01 -19.29
O6 MAN ZA . -23.14 40.95 -16.96
C1 NAG AB . -27.73 1.82 -29.04
C2 NAG AB . -26.64 2.49 -29.88
C3 NAG AB . -27.24 3.64 -30.68
C4 NAG AB . -28.38 3.10 -31.55
C5 NAG AB . -29.42 2.41 -30.66
C6 NAG AB . -30.51 1.75 -31.47
C7 NAG AB . -24.41 2.19 -28.93
C8 NAG AB . -23.35 2.73 -28.04
N2 NAG AB . -25.51 2.93 -29.07
O3 NAG AB . -26.23 4.22 -31.50
O4 NAG AB . -28.98 4.18 -32.27
O5 NAG AB . -28.77 1.38 -29.91
O6 NAG AB . -31.21 0.84 -30.62
O7 NAG AB . -24.27 1.10 -29.49
C1 NAG AB . -28.74 4.04 -33.68
C2 NAG AB . -29.85 4.77 -34.47
C3 NAG AB . -29.58 4.66 -35.98
C4 NAG AB . -28.15 5.07 -36.32
C5 NAG AB . -27.17 4.26 -35.46
C6 NAG AB . -25.72 4.59 -35.73
C7 NAG AB . -31.55 2.97 -34.44
C8 NAG AB . -32.95 2.61 -34.11
N2 NAG AB . -31.16 4.23 -34.16
O3 NAG AB . -30.50 5.50 -36.66
O4 NAG AB . -27.90 4.79 -37.70
O5 NAG AB . -27.45 4.49 -34.08
O6 NAG AB . -24.92 4.31 -34.57
O7 NAG AB . -30.83 2.14 -34.98
C1 YZT AB . -31.40 4.76 -37.45
C2 YZT AB . -32.36 5.83 -37.94
C3 YZT AB . -33.60 5.18 -38.53
C4 YZT AB . -33.23 4.15 -39.59
C5 YZT AB . -32.22 3.14 -39.02
C6 YZT AB . -31.73 2.14 -40.04
O1S6 YZT AB . -29.36 1.84 -39.07
O2 YZT AB . -32.71 6.70 -36.86
O2S6 YZT AB . -31.11 0.32 -38.29
O3 YZT AB . -34.44 6.18 -39.10
O3S6 YZT AB . -30.21 0.10 -40.55
O4 YZT AB . -34.40 3.46 -40.02
O5 YZT AB . -31.07 3.85 -38.50
S6 YZT AB . -30.56 0.94 -39.45
C1 MAN AB . -28.00 6.00 -38.47
C2 MAN AB . -28.66 5.65 -39.81
C3 MAN AB . -27.70 4.82 -40.66
C4 MAN AB . -26.32 5.48 -40.79
C5 MAN AB . -25.78 5.81 -39.40
C6 MAN AB . -24.47 6.59 -39.44
O2 MAN AB . -28.97 6.84 -40.56
O3 MAN AB . -28.26 4.56 -41.95
O4 MAN AB . -25.45 4.60 -41.49
O5 MAN AB . -26.71 6.60 -38.66
O6 MAN AB . -24.05 6.79 -38.09
C1 MAN AB . -23.64 4.97 -34.75
C2 MAN AB . -22.68 4.46 -33.66
C3 MAN AB . -23.06 5.04 -32.29
C4 MAN AB . -23.21 6.56 -32.35
C5 MAN AB . -24.23 6.91 -33.43
C6 MAN AB . -24.45 8.40 -33.61
O2 MAN AB . -21.33 4.84 -33.92
O3 MAN AB . -22.08 4.67 -31.30
O4 MAN AB . -23.62 7.05 -31.09
O5 MAN AB . -23.79 6.39 -34.69
O6 MAN AB . -25.49 8.56 -34.59
C1 NAG BB . -32.72 -4.23 -19.21
C2 NAG BB . -33.16 -5.44 -20.02
C3 NAG BB . -34.68 -5.53 -20.07
C4 NAG BB . -35.26 -5.48 -18.66
C5 NAG BB . -34.74 -4.24 -17.93
C6 NAG BB . -35.17 -4.21 -16.47
C7 NAG BB . -31.80 -6.31 -21.87
C8 NAG BB . -31.37 -6.11 -23.29
N2 NAG BB . -32.62 -5.38 -21.37
O3 NAG BB . -35.05 -6.74 -20.72
O4 NAG BB . -36.69 -5.46 -18.71
O5 NAG BB . -33.32 -4.26 -17.91
O6 NAG BB . -34.41 -3.21 -15.79
O7 NAG BB . -31.41 -7.25 -21.20
C1 NAG BB . -37.14 -6.80 -18.39
C2 NAG BB . -38.49 -6.73 -17.66
C3 NAG BB . -38.91 -8.13 -17.32
C4 NAG BB . -38.93 -9.07 -18.54
C5 NAG BB . -37.58 -8.98 -19.27
C6 NAG BB . -37.59 -9.72 -20.60
C7 NAG BB . -38.69 -4.68 -16.34
C8 NAG BB . -38.52 -4.05 -14.99
N2 NAG BB . -38.35 -5.98 -16.43
O3 NAG BB . -40.26 -8.15 -16.79
O4 NAG BB . -39.16 -10.40 -18.16
O5 NAG BB . -37.23 -7.63 -19.55
O6 NAG BB . -36.43 -9.35 -21.35
O7 NAG BB . -39.12 -4.04 -17.29
C1 YZT BB . -41.28 -7.38 -16.23
C2 YZT BB . -42.83 -7.30 -16.34
C3 YZT BB . -43.37 -6.66 -15.07
C4 YZT BB . -42.85 -7.35 -13.82
C5 YZT BB . -41.32 -7.43 -13.85
C6 YZT BB . -40.72 -8.22 -12.71
O1S6 YZT BB . -38.41 -7.01 -12.77
O2 YZT BB . -43.22 -6.54 -17.48
O2S6 YZT BB . -38.62 -9.13 -13.97
O3 YZT BB . -44.80 -6.63 -15.08
O3S6 YZT BB . -38.60 -9.12 -11.54
O4 YZT BB . -43.28 -6.64 -12.65
O5 YZT BB . -40.94 -8.12 -15.06
S6 YZT BB . -38.95 -8.34 -12.68
C1 MAN BB . -40.39 -10.89 -18.75
C2 MAN BB . -41.45 -10.93 -17.63
C3 MAN BB . -41.06 -12.00 -16.60
C4 MAN BB . -40.76 -13.34 -17.27
C5 MAN BB . -39.74 -13.16 -18.40
C6 MAN BB . -39.47 -14.44 -19.17
O2 MAN BB . -42.71 -11.28 -18.18
O3 MAN BB . -42.12 -12.16 -15.64
O4 MAN BB . -40.26 -14.24 -16.29
O5 MAN BB . -40.18 -12.17 -19.34
O6 MAN BB . -38.30 -14.24 -19.96
C1 MAN BB . -36.16 -10.38 -22.32
C2 MAN BB . -34.63 -10.51 -22.48
C3 MAN BB . -34.08 -9.30 -23.23
C4 MAN BB . -34.83 -9.05 -24.53
C5 MAN BB . -36.33 -8.95 -24.25
C6 MAN BB . -37.17 -8.78 -25.51
O2 MAN BB . -34.26 -11.68 -23.21
O3 MAN BB . -32.68 -9.46 -23.51
O4 MAN BB . -34.36 -7.85 -25.14
O5 MAN BB . -36.79 -10.13 -23.59
O6 MAN BB . -38.50 -8.44 -25.10
C1 NAG CB . -35.61 5.62 -17.66
C2 NAG CB . -36.23 6.85 -18.28
C3 NAG CB . -37.70 6.89 -17.86
C4 NAG CB . -38.42 5.56 -18.08
C5 NAG CB . -37.57 4.36 -17.64
C6 NAG CB . -38.12 3.03 -18.12
C7 NAG CB . -34.72 8.75 -18.59
C8 NAG CB . -34.10 9.97 -17.96
N2 NAG CB . -35.56 8.05 -17.83
O3 NAG CB . -38.35 7.93 -18.60
O4 NAG CB . -39.60 5.55 -17.26
O5 NAG CB . -36.24 4.45 -18.15
O6 NAG CB . -37.32 1.96 -17.59
O7 NAG CB . -34.45 8.42 -19.73
C1 NAG CB . -40.76 5.85 -18.04
C2 NAG CB . -41.97 5.20 -17.36
C3 NAG CB . -43.26 5.56 -18.09
C4 NAG CB . -43.38 7.07 -18.27
C5 NAG CB . -42.12 7.64 -18.91
C6 NAG CB . -42.13 9.16 -18.93
C7 NAG CB . -41.52 3.10 -16.19
C8 NAG CB . -41.39 1.60 -16.31
N2 NAG CB . -41.81 3.75 -17.31
O3 NAG CB . -44.37 5.06 -17.34
O4 NAG CB . -44.52 7.35 -19.10
O5 NAG CB . -40.97 7.25 -18.15
O6 NAG CB . -40.88 9.68 -18.48
O7 NAG CB . -41.37 3.66 -15.11
C1 MAN CB . -40.82 11.09 -18.76
C2 MAN CB . -39.50 11.38 -19.50
C3 MAN CB . -38.30 11.23 -18.55
C4 MAN CB . -38.51 12.03 -17.26
C5 MAN CB . -39.85 11.63 -16.63
C6 MAN CB . -40.17 12.37 -15.35
O2 MAN CB . -39.46 12.71 -20.03
O3 MAN CB . -37.09 11.64 -19.19
O4 MAN CB . -37.43 11.77 -16.36
O5 MAN CB . -40.91 11.87 -17.55
O6 MAN CB . -41.21 11.66 -14.68
C1 NAG DB . -31.54 -27.58 -22.48
C2 NAG DB . -31.35 -26.75 -23.75
C3 NAG DB . -32.69 -26.17 -24.18
C4 NAG DB . -33.70 -27.30 -24.38
C5 NAG DB . -33.80 -28.12 -23.10
C6 NAG DB . -34.69 -29.34 -23.26
C7 NAG DB . -29.09 -25.90 -23.99
C8 NAG DB . -28.12 -24.77 -23.73
N2 NAG DB . -30.35 -25.71 -23.59
O3 NAG DB . -32.52 -25.43 -25.40
O4 NAG DB . -34.98 -26.77 -24.73
O5 NAG DB . -32.50 -28.60 -22.72
O6 NAG DB . -34.44 -30.23 -22.17
O7 NAG DB . -28.70 -26.92 -24.53
C1 NAG DB . -35.32 -27.12 -26.09
C2 NAG DB . -36.85 -27.10 -26.25
C3 NAG DB . -37.23 -27.44 -27.70
C4 NAG DB . -36.45 -26.59 -28.69
C5 NAG DB . -34.95 -26.72 -28.41
C6 NAG DB . -34.09 -25.89 -29.35
C7 NAG DB . -37.32 -29.38 -25.39
C8 NAG DB . -38.10 -30.18 -24.41
N2 NAG DB . -37.48 -28.05 -25.34
O3 NAG DB . -38.62 -27.23 -27.87
O4 NAG DB . -36.70 -27.06 -30.01
O5 NAG DB . -34.69 -26.29 -27.06
O6 NAG DB . -32.85 -25.55 -28.72
O7 NAG DB . -36.59 -29.94 -26.19
C1 YZT DB . -39.31 -28.44 -28.10
C2 YZT DB . -40.76 -27.99 -28.09
C3 YZT DB . -41.68 -29.20 -28.02
C4 YZT DB . -41.35 -30.21 -29.11
C5 YZT DB . -39.86 -30.57 -29.07
C6 YZT DB . -39.44 -31.49 -30.19
O1S6 YZT DB . -37.04 -30.58 -30.47
O2 YZT DB . -40.98 -27.11 -26.99
O2S6 YZT DB . -37.38 -32.44 -28.92
O3 YZT DB . -43.04 -28.78 -28.12
O3S6 YZT DB . -37.52 -32.81 -31.34
O4 YZT DB . -42.12 -31.39 -28.91
O5 YZT DB . -39.07 -29.36 -29.18
S6 YZT DB . -37.72 -31.95 -30.22
C1 MAN DB . -37.67 -26.21 -30.66
C2 MAN DB . -38.58 -27.11 -31.51
C3 MAN DB . -37.81 -27.66 -32.71
C4 MAN DB . -37.10 -26.55 -33.50
C5 MAN DB . -36.25 -25.71 -32.56
C6 MAN DB . -35.60 -24.50 -33.23
O2 MAN DB . -39.70 -26.36 -32.03
O3 MAN DB . -38.67 -28.42 -33.56
O4 MAN DB . -36.29 -27.17 -34.50
O5 MAN DB . -37.02 -25.21 -31.47
O6 MAN DB . -34.80 -23.84 -32.26
C1 MAN DB . -32.24 -24.50 -29.48
C2 MAN DB . -30.79 -24.30 -28.99
C3 MAN DB . -30.77 -23.62 -27.62
C4 MAN DB . -31.63 -22.35 -27.63
C5 MAN DB . -33.04 -22.70 -28.08
C6 MAN DB . -33.98 -21.51 -28.14
O2 MAN DB . -30.03 -23.48 -29.88
O3 MAN DB . -29.43 -23.31 -27.22
O4 MAN DB . -31.65 -21.78 -26.32
O5 MAN DB . -32.98 -23.28 -29.39
O6 MAN DB . -35.28 -22.02 -28.52
C1 NAG EB . -28.46 -32.60 -11.35
C2 NAG EB . -28.58 -34.04 -11.83
C3 NAG EB . -29.73 -34.74 -11.15
C4 NAG EB . -29.61 -34.59 -9.62
C5 NAG EB . -29.49 -33.12 -9.26
C6 NAG EB . -29.22 -32.91 -7.78
C7 NAG EB . -27.87 -34.69 -14.08
C8 NAG EB . -28.21 -34.68 -15.55
N2 NAG EB . -28.74 -34.09 -13.27
O3 NAG EB . -29.72 -36.12 -11.51
O4 NAG EB . -30.75 -35.17 -8.98
O5 NAG EB . -28.36 -32.55 -9.93
O6 NAG EB . -28.81 -31.56 -7.55
O7 NAG EB . -26.84 -35.22 -13.66
C1 NAG EB . -30.35 -36.45 -8.46
C2 NAG EB . -31.11 -36.76 -7.18
C3 NAG EB . -30.66 -38.09 -6.65
C4 NAG EB . -30.74 -39.21 -7.70
C5 NAG EB . -30.03 -38.77 -8.99
C6 NAG EB . -30.26 -39.73 -10.13
C7 NAG EB . -31.69 -34.72 -5.96
C8 NAG EB . -31.29 -33.76 -4.87
N2 NAG EB . -30.86 -35.75 -6.18
O3 NAG EB . -31.46 -38.53 -5.53
O4 NAG EB . -30.14 -40.40 -7.23
O5 NAG EB . -30.51 -37.50 -9.42
O6 NAG EB . -29.84 -39.13 -11.36
O7 NAG EB . -32.72 -34.56 -6.59
C1 YZT EB . -32.39 -38.12 -4.56
C2 YZT EB . -33.66 -38.70 -3.90
C3 YZT EB . -33.85 -38.05 -2.55
C4 YZT EB . -32.58 -38.14 -1.70
C5 YZT EB . -31.39 -37.62 -2.47
C6 YZT EB . -30.06 -37.80 -1.75
O1S6 YZT EB . -28.86 -35.81 -2.94
O2 YZT EB . -34.80 -38.47 -4.72
O2S6 YZT EB . -28.54 -38.05 -3.86
O3 YZT EB . -34.96 -38.61 -1.86
O3S6 YZT EB . -27.49 -37.44 -1.74
O4 YZT EB . -32.75 -37.41 -0.49
O5 YZT EB . -31.27 -38.35 -3.70
S6 YZT EB . -28.62 -37.18 -2.58
C1 MAN EB . -31.11 -41.47 -7.16
C2 MAN EB . -31.45 -41.65 -5.66
C3 MAN EB . -30.23 -42.21 -4.92
C4 MAN EB . -29.63 -43.43 -5.63
C5 MAN EB . -29.41 -43.13 -7.12
C6 MAN EB . -28.92 -44.33 -7.90
O2 MAN EB . -32.51 -42.61 -5.54
O3 MAN EB . -30.57 -42.56 -3.58
O4 MAN EB . -28.39 -43.76 -5.01
O5 MAN EB . -30.60 -42.65 -7.74
O6 MAN EB . -28.44 -43.88 -9.17
C1 MAN EB . -29.57 -40.16 -12.33
C2 MAN EB . -28.38 -39.70 -13.20
C3 MAN EB . -28.81 -38.57 -14.14
C4 MAN EB . -30.06 -38.96 -14.92
C5 MAN EB . -31.17 -39.39 -13.95
C6 MAN EB . -32.44 -39.86 -14.65
O2 MAN EB . -27.85 -40.76 -14.00
O3 MAN EB . -27.76 -38.23 -15.05
O4 MAN EB . -30.51 -37.86 -15.70
O5 MAN EB . -30.70 -40.48 -13.15
O6 MAN EB . -33.45 -39.98 -13.65
C1 NAG FB . -34.65 -24.69 -8.77
C2 NAG FB . -35.97 -23.99 -9.02
C3 NAG FB . -36.96 -24.45 -7.95
C4 NAG FB . -36.99 -25.97 -7.76
C5 NAG FB . -35.58 -26.58 -7.78
C6 NAG FB . -35.59 -28.10 -7.90
C7 NAG FB . -35.79 -21.78 -10.04
C8 NAG FB . -35.63 -20.30 -9.81
N2 NAG FB . -35.81 -22.56 -8.96
O3 NAG FB . -38.26 -23.96 -8.30
O4 NAG FB . -37.56 -26.25 -6.49
O5 NAG FB . -34.80 -26.08 -8.86
O6 NAG FB . -34.24 -28.58 -7.80
O7 NAG FB . -35.91 -22.23 -11.17
C1 NAG FB . -38.94 -26.64 -6.61
C2 NAG FB . -39.28 -27.54 -5.42
C3 NAG FB . -40.76 -27.91 -5.44
C4 NAG FB . -41.63 -26.66 -5.55
C5 NAG FB . -41.19 -25.81 -6.74
C6 NAG FB . -41.92 -24.48 -6.79
C7 NAG FB . -37.45 -28.93 -4.56
C8 NAG FB . -36.71 -30.24 -4.71
N2 NAG FB . -38.46 -28.74 -5.42
O3 NAG FB . -41.07 -28.61 -4.24
O4 NAG FB . -42.99 -27.07 -5.73
O5 NAG FB . -39.79 -25.51 -6.63
O6 NAG FB . -40.99 -23.41 -7.01
O7 NAG FB . -37.14 -28.12 -3.71
C1 MAN FB . -41.72 -22.20 -7.30
C2 MAN FB . -41.14 -21.57 -8.59
C3 MAN FB . -39.73 -21.01 -8.32
C4 MAN FB . -39.73 -20.09 -7.10
C5 MAN FB . -40.32 -20.83 -5.90
C6 MAN FB . -40.38 -20.00 -4.63
O2 MAN FB . -41.96 -20.52 -9.08
O3 MAN FB . -39.25 -20.31 -9.47
O4 MAN FB . -38.39 -19.70 -6.83
O5 MAN FB . -41.65 -21.27 -6.20
O6 MAN FB . -40.58 -20.89 -3.54
C1 NAG GB . -17.96 -53.55 -14.44
C2 NAG GB . -18.74 -53.05 -15.66
C3 NAG GB . -20.24 -53.18 -15.40
C4 NAG GB . -20.57 -54.64 -15.08
C5 NAG GB . -19.73 -55.10 -13.88
C6 NAG GB . -19.91 -56.58 -13.59
C7 NAG GB . -17.48 -51.44 -16.98
C8 NAG GB . -17.15 -50.00 -17.22
N2 NAG GB . -18.38 -51.69 -16.02
O3 NAG GB . -20.96 -52.75 -16.55
O4 NAG GB . -21.96 -54.77 -14.77
O5 NAG GB . -18.35 -54.91 -14.18
O6 NAG GB . -18.85 -57.00 -12.74
O7 NAG GB . -16.92 -52.32 -17.63
C1 NAG GB . -22.63 -55.54 -15.78
C2 NAG GB . -23.89 -56.19 -15.19
C3 NAG GB . -24.64 -56.97 -16.27
C4 NAG GB . -24.86 -56.15 -17.54
C5 NAG GB . -23.51 -55.59 -18.00
C6 NAG GB . -23.63 -54.74 -19.25
C7 NAG GB . -22.83 -58.17 -14.18
C8 NAG GB . -22.65 -58.96 -12.94
N2 NAG GB . -23.56 -57.06 -14.08
O3 NAG GB . -25.89 -57.40 -15.75
O4 NAG GB . -25.39 -56.98 -18.56
O5 NAG GB . -22.94 -54.79 -16.96
O6 NAG GB . -22.55 -53.78 -19.31
O7 NAG GB . -22.34 -58.58 -15.22
C1 YZT GB . -25.96 -58.80 -15.60
C2 YZT GB . -27.30 -58.99 -14.90
C3 YZT GB . -27.41 -60.40 -14.37
C4 YZT GB . -27.13 -61.43 -15.47
C5 YZT GB . -25.80 -61.13 -16.16
C6 YZT GB . -25.51 -62.04 -17.33
O1S6 YZT GB . -24.19 -60.34 -18.73
O2 YZT GB . -27.41 -58.05 -13.84
O2S6 YZT GB . -22.93 -61.75 -17.20
O3 YZT GB . -28.70 -60.62 -13.81
O3S6 YZT GB . -23.90 -62.70 -19.25
O4 YZT GB . -27.10 -62.75 -14.91
O5 YZT GB . -25.80 -59.77 -16.65
S6 YZT GB . -23.97 -61.76 -18.17
C1 MAN GB . -26.81 -56.77 -18.68
C2 MAN GB . -27.46 -58.13 -18.96
C3 MAN GB . -27.10 -58.60 -20.38
C4 MAN GB . -27.41 -57.53 -21.42
C5 MAN GB . -26.75 -56.21 -21.02
C6 MAN GB . -27.09 -55.05 -21.94
O2 MAN GB . -28.88 -58.05 -18.89
O3 MAN GB . -27.77 -59.83 -20.70
O4 MAN GB . -26.93 -57.97 -22.68
O5 MAN GB . -27.12 -55.82 -19.69
O6 MAN GB . -26.36 -53.90 -21.48
C1 MAN GB . -22.90 -52.79 -20.29
C2 MAN GB . -21.66 -51.92 -20.56
C3 MAN GB . -21.39 -50.97 -19.38
C4 MAN GB . -22.65 -50.21 -18.99
C5 MAN GB . -23.77 -51.19 -18.69
C6 MAN GB . -25.09 -50.55 -18.32
O2 MAN GB . -21.83 -51.09 -21.72
O3 MAN GB . -20.31 -50.07 -19.69
O4 MAN GB . -22.37 -49.39 -17.84
O5 MAN GB . -24.01 -51.99 -19.86
O6 MAN GB . -26.01 -51.60 -18.01
C1 NAG HB . -8.55 -54.11 -6.12
C2 NAG HB . -8.17 -55.55 -6.45
C3 NAG HB . -8.46 -56.46 -5.28
C4 NAG HB . -7.80 -55.93 -4.01
C5 NAG HB . -8.24 -54.48 -3.78
C6 NAG HB . -7.51 -53.84 -2.61
C7 NAG HB . -8.26 -56.37 -8.76
C8 NAG HB . -9.17 -56.85 -9.86
N2 NAG HB . -8.89 -56.00 -7.63
O3 NAG HB . -7.96 -57.77 -5.59
O4 NAG HB . -8.15 -56.75 -2.90
O5 NAG HB . -7.91 -53.69 -4.91
O6 NAG HB . -7.74 -52.42 -2.63
O7 NAG HB . -7.05 -56.33 -8.88
C1 NAG HB . -7.01 -57.59 -2.61
C2 NAG HB . -6.92 -57.86 -1.11
C3 NAG HB . -5.72 -58.73 -0.85
C4 NAG HB . -5.70 -60.00 -1.72
C5 NAG HB . -5.89 -59.63 -3.19
C6 NAG HB . -6.10 -60.84 -4.07
C7 NAG HB . -7.81 -56.00 0.20
C8 NAG HB . -7.49 -54.73 0.95
N2 NAG HB . -6.77 -56.63 -0.38
O3 NAG HB . -5.67 -59.17 0.52
O4 NAG HB . -4.46 -60.68 -1.58
O5 NAG HB . -7.05 -58.81 -3.35
O6 NAG HB . -6.57 -60.43 -5.36
O7 NAG HB . -8.96 -56.43 0.15
C1 YZT HB . -6.17 -58.95 1.81
C2 YZT HB . -6.60 -59.84 3.01
C3 YZT HB . -6.50 -59.01 4.29
C4 YZT HB . -5.11 -58.38 4.42
C5 YZT HB . -4.75 -57.61 3.16
C6 YZT HB . -3.33 -57.06 3.15
O1S6 YZT HB . -3.84 -55.10 1.50
O2 YZT HB . -7.95 -60.29 2.84
O2S6 YZT HB . -2.92 -57.17 0.58
O3 YZT HB . -6.81 -59.80 5.43
O3S6 YZT HB . -1.51 -55.71 1.91
O4 YZT HB . -5.08 -57.51 5.55
O5 YZT HB . -4.83 -58.50 2.04
S6 YZT HB . -2.86 -56.12 1.72
C1 MAN HB . -4.68 -62.01 -1.02
C2 MAN HB . -4.23 -61.94 0.45
C3 MAN HB . -2.71 -61.77 0.51
C4 MAN HB . -1.99 -62.78 -0.37
C5 MAN HB . -2.56 -62.77 -1.79
C6 MAN HB . -1.94 -63.83 -2.70
O2 MAN HB . -4.55 -63.20 1.08
O3 MAN HB . -2.25 -61.89 1.87
O4 MAN HB . -0.60 -62.46 -0.40
O5 MAN HB . -3.98 -62.98 -1.77
O6 MAN HB . -2.31 -63.52 -4.04
C1 MAN HB . -6.27 -61.46 -6.32
C2 MAN HB . -5.94 -60.78 -7.66
C3 MAN HB . -7.21 -60.20 -8.29
C4 MAN HB . -8.32 -61.24 -8.36
C5 MAN HB . -8.57 -61.84 -6.97
C6 MAN HB . -9.62 -62.92 -6.96
O2 MAN HB . -5.37 -61.70 -8.60
O3 MAN HB . -6.94 -59.68 -9.60
O4 MAN HB . -9.52 -60.62 -8.84
O5 MAN HB . -7.35 -62.40 -6.48
O6 MAN HB . -9.93 -63.20 -5.59
C1 NAG IB . -15.98 -49.00 -0.97
C2 NAG IB . -17.44 -48.99 -0.56
C3 NAG IB . -17.54 -49.53 0.85
C4 NAG IB . -16.78 -50.84 1.06
C5 NAG IB . -15.40 -50.83 0.37
C6 NAG IB . -14.76 -52.21 0.29
C7 NAG IB . -18.77 -47.20 -1.58
C8 NAG IB . -19.23 -45.77 -1.47
N2 NAG IB . -17.96 -47.64 -0.61
O3 NAG IB . -18.93 -49.71 1.17
O4 NAG IB . -16.55 -51.02 2.46
O5 NAG IB . -15.49 -50.33 -0.96
O6 NAG IB . -13.45 -52.07 -0.28
O7 NAG IB . -19.12 -47.93 -2.50
C1 NAG IB . -17.49 -51.95 3.02
C2 NAG IB . -16.84 -52.59 4.24
C3 NAG IB . -17.81 -53.52 4.95
C4 NAG IB . -19.13 -52.80 5.25
C5 NAG IB . -19.67 -52.14 3.98
C6 NAG IB . -20.89 -51.28 4.27
C7 NAG IB . -14.40 -52.90 4.12
C8 NAG IB . -13.29 -53.78 3.65
N2 NAG IB . -15.64 -53.32 3.86
O3 NAG IB . -17.23 -53.98 6.16
O4 NAG IB . -20.07 -53.74 5.75
O5 NAG IB . -18.69 -51.29 3.40
O6 NAG IB . -20.77 -50.01 3.62
O7 NAG IB . -14.18 -51.85 4.71
C1 MAN IB . -22.03 -49.31 3.69
C2 MAN IB . -22.40 -48.83 2.27
C3 MAN IB . -21.47 -47.71 1.81
C4 MAN IB . -21.39 -46.59 2.86
C5 MAN IB . -20.99 -47.21 4.22
C6 MAN IB . -20.90 -46.19 5.34
O2 MAN IB . -23.74 -48.36 2.21
O3 MAN IB . -21.90 -47.17 0.57
O4 MAN IB . -20.42 -45.64 2.45
O5 MAN IB . -21.94 -48.19 4.60
O6 MAN IB . -20.18 -46.79 6.42
C1 NAG JB . 8.11 -69.12 -13.59
C2 NAG JB . 6.75 -69.28 -14.27
C3 NAG JB . 5.76 -69.93 -13.32
C4 NAG JB . 6.32 -71.28 -12.86
C5 NAG JB . 7.69 -71.06 -12.21
C6 NAG JB . 8.36 -72.37 -11.84
C7 NAG JB . 6.42 -67.67 -16.07
C8 NAG JB . 5.90 -66.31 -16.47
N2 NAG JB . 6.25 -68.02 -14.79
O3 NAG JB . 4.51 -70.13 -13.98
O4 NAG JB . 5.43 -71.88 -11.91
O5 NAG JB . 8.56 -70.41 -13.15
O6 NAG JB . 9.75 -72.12 -11.62
O7 NAG JB . 6.99 -68.37 -16.88
C1 NAG JB . 4.84 -73.08 -12.46
C2 NAG JB . 4.41 -74.01 -11.32
C3 NAG JB . 3.75 -75.28 -11.89
C4 NAG JB . 2.66 -74.93 -12.91
C5 NAG JB . 3.24 -74.00 -13.98
C6 NAG JB . 2.24 -73.59 -15.02
C7 NAG JB . 6.60 -75.10 -10.91
C8 NAG JB . 7.63 -75.43 -9.91
N2 NAG JB . 5.55 -74.38 -10.49
O3 NAG JB . 3.19 -76.03 -10.82
O4 NAG JB . 2.20 -76.13 -13.53
O5 NAG JB . 3.76 -72.82 -13.35
O6 NAG JB . 2.59 -72.33 -15.61
O7 NAG JB . 6.73 -75.51 -12.05
C1 YZT JB . 3.86 -77.26 -10.65
C2 YZT JB . 3.21 -77.80 -9.38
C3 YZT JB . 4.01 -78.96 -8.84
C4 YZT JB . 4.24 -80.01 -9.92
C5 YZT JB . 4.85 -79.38 -11.17
C6 YZT JB . 5.02 -80.34 -12.33
O1S6 YZT JB . 4.63 -78.64 -14.22
O2 YZT JB . 3.13 -76.76 -8.41
O2S6 YZT JB . 6.92 -79.01 -13.46
O3 YZT JB . 3.34 -79.54 -7.73
O3S6 YZT JB . 5.76 -80.73 -14.78
O4 YZT JB . 5.12 -81.03 -9.43
O5 YZT JB . 4.00 -78.30 -11.63
S6 YZT JB . 5.71 -79.68 -13.81
C1 MAN JB . 0.96 -76.54 -12.95
C2 MAN JB . 0.97 -78.07 -12.86
C3 MAN JB . 0.87 -78.67 -14.28
C4 MAN JB . -0.31 -78.09 -15.06
C5 MAN JB . -0.24 -76.57 -15.05
C6 MAN JB . -1.44 -75.90 -15.69
O2 MAN JB . -0.15 -78.56 -12.11
O3 MAN JB . 0.79 -80.11 -14.21
O4 MAN JB . -0.24 -78.59 -16.39
O5 MAN JB . -0.16 -76.06 -13.71
O6 MAN JB . -1.22 -74.49 -15.66
C1 MAN JB . 1.45 -71.82 -16.32
C2 MAN JB . 1.88 -70.61 -17.16
C3 MAN JB . 2.16 -69.40 -16.27
C4 MAN JB . 0.98 -69.13 -15.33
C5 MAN JB . 0.70 -70.39 -14.52
C6 MAN JB . -0.47 -70.26 -13.56
O2 MAN JB . 0.87 -70.24 -18.10
O3 MAN JB . 2.44 -68.24 -17.07
O4 MAN JB . 1.30 -68.04 -14.48
O5 MAN JB . 0.39 -71.46 -15.41
O6 MAN JB . -0.56 -71.48 -12.83
C1 NAG KB . 19.19 -63.81 -10.83
C2 NAG KB . 20.01 -65.01 -11.29
C3 NAG KB . 20.72 -65.65 -10.12
C4 NAG KB . 21.52 -64.61 -9.34
C5 NAG KB . 20.61 -63.45 -8.94
C6 NAG KB . 21.36 -62.31 -8.29
C7 NAG KB . 19.35 -66.32 -13.25
C8 NAG KB . 18.41 -67.36 -13.80
N2 NAG KB . 19.18 -65.97 -11.99
O3 NAG KB . 21.60 -66.67 -10.62
O4 NAG KB . 22.11 -65.20 -8.19
O5 NAG KB . 20.00 -62.89 -10.11
O6 NAG KB . 20.51 -61.16 -8.21
O7 NAG KB . 20.23 -65.81 -13.96
C1 NAG KB . 23.51 -65.42 -8.47
C2 NAG KB . 24.34 -65.27 -7.20
C3 NAG KB . 25.78 -65.50 -7.54
C4 NAG KB . 26.02 -66.82 -8.28
C5 NAG KB . 25.08 -66.91 -9.49
C6 NAG KB . 25.11 -68.28 -10.15
C7 NAG KB . 23.32 -63.68 -5.64
C8 NAG KB . 23.29 -62.26 -5.16
N2 NAG KB . 24.18 -63.95 -6.64
O3 NAG KB . 26.59 -65.54 -6.35
O4 NAG KB . 27.37 -66.91 -8.73
O5 NAG KB . 23.73 -66.69 -9.09
O6 NAG KB . 24.01 -68.41 -11.05
O7 NAG KB . 22.60 -64.54 -5.14
C1 YZT KB . 26.65 -65.24 -4.98
C2 YZT KB . 27.21 -65.92 -3.70
C3 YZT KB . 27.44 -64.85 -2.65
C4 YZT KB . 28.29 -63.70 -3.21
C5 YZT KB . 27.70 -63.17 -4.50
C6 YZT KB . 28.53 -62.12 -5.19
O1S6 YZT KB . 26.53 -60.98 -6.43
O2 YZT KB . 26.29 -66.89 -3.20
O2S6 YZT KB . 27.83 -62.65 -7.65
O3 YZT KB . 28.03 -65.40 -1.48
O3S6 YZT KB . 28.80 -60.48 -7.17
O4 YZT KB . 28.38 -62.65 -2.23
O5 YZT KB . 27.57 -64.26 -5.43
S6 YZT KB . 27.87 -61.43 -6.68
C1 MAN KB . 28.04 -68.04 -8.12
C2 MAN KB . 28.97 -67.45 -7.05
C3 MAN KB . 30.10 -66.66 -7.73
C4 MAN KB . 30.77 -67.47 -8.85
C5 MAN KB . 29.72 -68.04 -9.81
C6 MAN KB . 30.30 -68.94 -10.87
O2 MAN KB . 29.59 -68.53 -6.32
O3 MAN KB . 31.10 -66.26 -6.78
O4 MAN KB . 31.66 -66.62 -9.55
O5 MAN KB . 28.73 -68.78 -9.10
O6 MAN KB . 29.31 -69.15 -11.88
C1 MAN KB . 24.32 -69.44 -12.02
C2 MAN KB . 23.69 -69.03 -13.36
C3 MAN KB . 22.16 -69.16 -13.30
C4 MAN KB . 21.74 -70.54 -12.80
C5 MAN KB . 22.42 -70.83 -11.46
C6 MAN KB . 22.11 -72.21 -10.91
O2 MAN KB . 24.16 -69.84 -14.44
O3 MAN KB . 21.57 -68.91 -14.59
O4 MAN KB . 20.33 -70.59 -12.65
O5 MAN KB . 23.85 -70.73 -11.61
O6 MAN KB . 22.59 -72.25 -9.56
C1 NAG LB . 13.19 -61.09 -2.81
C2 NAG LB . 12.21 -61.56 -1.75
C3 NAG LB . 12.99 -61.75 -0.46
C4 NAG LB . 14.28 -62.55 -0.63
C5 NAG LB . 15.06 -62.13 -1.89
C6 NAG LB . 16.17 -63.10 -2.26
C7 NAG LB . 9.92 -60.76 -2.03
C8 NAG LB . 8.94 -59.65 -1.73
N2 NAG LB . 11.16 -60.59 -1.56
O3 NAG LB . 12.14 -62.39 0.49
O4 NAG LB . 15.13 -62.28 0.48
O5 NAG LB . 14.20 -62.05 -3.03
O6 NAG LB . 16.90 -62.58 -3.38
O7 NAG LB . 9.59 -61.76 -2.65
C1 NAG LB . 15.08 -63.35 1.44
C2 NAG LB . 16.40 -63.37 2.21
C3 NAG LB . 16.36 -64.41 3.31
C4 NAG LB . 15.14 -64.24 4.19
C5 NAG LB . 13.87 -64.19 3.34
C6 NAG LB . 12.65 -63.84 4.18
C7 NAG LB . 18.38 -62.66 0.94
C8 NAG LB . 19.47 -63.11 0.00
N2 NAG LB . 17.51 -63.61 1.30
O3 NAG LB . 17.55 -64.29 4.10
O4 NAG LB . 15.07 -65.35 5.10
O5 NAG LB . 13.99 -63.17 2.36
O6 NAG LB . 11.87 -62.82 3.53
O7 NAG LB . 18.31 -61.52 1.33
C1 MAN LB . 10.60 -62.69 4.19
C2 MAN LB . 9.49 -62.76 3.12
C3 MAN LB . 9.49 -61.48 2.26
C4 MAN LB . 9.49 -60.23 3.12
C5 MAN LB . 10.64 -60.29 4.13
C6 MAN LB . 10.71 -59.10 5.05
O2 MAN LB . 8.19 -62.88 3.71
O3 MAN LB . 8.38 -61.48 1.37
O4 MAN LB . 9.62 -59.09 2.28
O5 MAN LB . 10.52 -61.46 4.94
O6 MAN LB . 12.01 -59.08 5.66
C1 NAG MB . 36.01 -72.12 -25.25
C2 NAG MB . 34.75 -72.98 -25.19
C3 NAG MB . 34.68 -73.72 -23.86
C4 NAG MB . 35.95 -74.58 -23.70
C5 NAG MB . 37.17 -73.67 -23.81
C6 NAG MB . 38.47 -74.46 -23.78
C7 NAG MB . 32.98 -72.10 -26.62
C8 NAG MB . 31.77 -71.22 -26.73
N2 NAG MB . 33.54 -72.19 -25.42
O3 NAG MB . 33.53 -74.55 -23.84
O4 NAG MB . 35.93 -75.24 -22.44
O5 NAG MB . 37.15 -72.97 -25.05
O6 NAG MB . 39.53 -73.61 -24.24
O7 NAG MB . 33.41 -72.69 -27.60
C1 NAG MB . 35.81 -76.66 -22.62
C2 NAG MB . 36.39 -77.39 -21.41
C3 NAG MB . 36.22 -78.91 -21.56
C4 NAG MB . 34.79 -79.28 -21.93
C5 NAG MB . 34.36 -78.48 -23.17
C6 NAG MB . 32.94 -78.78 -23.59
C7 NAG MB . 38.76 -77.38 -22.08
C8 NAG MB . 40.15 -77.01 -21.70
N2 NAG MB . 37.80 -77.07 -21.22
O3 NAG MB . 36.59 -79.55 -20.35
O4 NAG MB . 34.73 -80.67 -22.24
O5 NAG MB . 34.47 -77.08 -22.88
O6 NAG MB . 32.38 -77.66 -24.30
O7 NAG MB . 38.58 -77.95 -23.14
C1 YZT MB . 37.76 -80.33 -20.49
C2 YZT MB . 38.04 -80.76 -19.07
C3 YZT MB . 39.43 -81.34 -18.96
C4 YZT MB . 39.66 -82.43 -20.00
C5 YZT MB . 39.30 -81.92 -21.41
C6 YZT MB . 39.41 -82.98 -22.48
O1S6 YZT MB . 37.51 -82.08 -23.97
O2 YZT MB . 37.89 -79.64 -18.20
O2S6 YZT MB . 39.79 -81.30 -24.42
O3 YZT MB . 39.65 -81.86 -17.65
O3S6 YZT MB . 39.14 -83.60 -24.97
O4 YZT MB . 41.02 -82.86 -19.98
O5 YZT MB . 37.95 -81.42 -21.41
S6 YZT MB . 39.01 -82.46 -24.12
C1 MAN MB . 34.21 -81.40 -21.12
C2 MAN MB . 34.97 -82.74 -21.03
C3 MAN MB . 34.58 -83.64 -22.20
C4 MAN MB . 33.06 -83.80 -22.33
C5 MAN MB . 32.40 -82.41 -22.38
C6 MAN MB . 30.88 -82.47 -22.37
O2 MAN MB . 34.64 -83.45 -19.82
O3 MAN MB . 35.21 -84.93 -22.09
O4 MAN MB . 32.77 -84.54 -23.51
O5 MAN MB . 32.80 -81.62 -21.25
O6 MAN MB . 30.40 -81.13 -22.47
C1 MAN MB . 30.96 -77.84 -24.38
C2 MAN MB . 30.37 -76.80 -25.34
C3 MAN MB . 30.39 -75.40 -24.72
C4 MAN MB . 29.74 -75.43 -23.32
C5 MAN MB . 30.46 -76.45 -22.45
C6 MAN MB . 29.90 -76.58 -21.06
O2 MAN MB . 29.02 -77.10 -25.68
O3 MAN MB . 29.73 -74.46 -25.57
O4 MAN MB . 29.84 -74.12 -22.74
O5 MAN MB . 30.34 -77.74 -23.07
O6 MAN MB . 30.70 -77.53 -20.35
C1 NAG NB . 43.30 -62.30 -28.25
C2 NAG NB . 44.31 -63.14 -29.03
C3 NAG NB . 45.65 -63.15 -28.33
C4 NAG NB . 46.11 -61.72 -28.05
C5 NAG NB . 45.03 -60.97 -27.27
C6 NAG NB . 45.37 -59.51 -27.07
C7 NAG NB . 43.59 -65.02 -30.42
C8 NAG NB . 43.12 -66.45 -30.42
N2 NAG NB . 43.83 -64.49 -29.21
O3 NAG NB . 46.60 -63.81 -29.17
O4 NAG NB . 47.33 -61.73 -27.31
O5 NAG NB . 43.81 -60.99 -28.01
O6 NAG NB . 44.19 -58.82 -26.62
O7 NAG NB . 43.73 -64.39 -31.46
C1 NAG NB . 48.40 -61.43 -28.23
C2 NAG NB . 49.52 -60.66 -27.53
C3 NAG NB . 50.60 -60.35 -28.52
C4 NAG NB . 51.09 -61.60 -29.26
C5 NAG NB . 49.89 -62.36 -29.86
C6 NAG NB . 50.29 -63.70 -30.44
C7 NAG NB . 48.63 -59.30 -25.69
C8 NAG NB . 48.15 -57.93 -25.27
N2 NAG NB . 49.01 -59.42 -26.98
O3 NAG NB . 51.75 -59.77 -27.87
O4 NAG NB . 51.98 -61.24 -30.32
O5 NAG NB . 48.92 -62.61 -28.86
O6 NAG NB . 49.12 -64.47 -30.68
O7 NAG NB . 48.70 -60.21 -24.88
C1 YZT NB . 52.22 -59.16 -26.71
C2 YZT NB . 53.51 -59.22 -25.85
C3 YZT NB . 53.64 -57.92 -25.08
C4 YZT NB . 53.52 -56.70 -25.99
C5 YZT NB . 52.27 -56.79 -26.83
C6 YZT NB . 52.11 -55.69 -27.86
O1S6 YZT NB . 49.52 -55.79 -27.98
O2 YZT NB . 53.47 -60.33 -24.95
O2S6 YZT NB . 50.79 -57.04 -29.65
O3 YZT NB . 54.86 -57.89 -24.33
O3S6 YZT NB . 50.72 -54.61 -29.75
O4 YZT NB . 53.52 -55.51 -25.20
O5 YZT NB . 52.30 -58.02 -27.56
S6 YZT NB . 50.66 -55.71 -28.86
C1 MAN NB . 53.29 -61.81 -30.09
C2 MAN NB . 54.19 -60.66 -29.61
C3 MAN NB . 54.41 -59.66 -30.77
C4 MAN NB . 54.83 -60.39 -32.06
C5 MAN NB . 53.88 -61.54 -32.38
C6 MAN NB . 54.30 -62.34 -33.60
O2 MAN NB . 55.48 -61.18 -29.27
O3 MAN NB . 55.38 -58.68 -30.42
O4 MAN NB . 54.86 -59.44 -33.12
O5 MAN NB . 53.77 -62.43 -31.27
O6 MAN NB . 53.20 -63.17 -33.99
C1 MAN NB . 49.43 -65.47 -31.67
C2 MAN NB . 48.17 -65.68 -32.56
C3 MAN NB . 47.08 -66.41 -31.78
C4 MAN NB . 47.62 -67.68 -31.13
C5 MAN NB . 48.85 -67.36 -30.28
C6 MAN NB . 49.50 -68.59 -29.66
O2 MAN NB . 48.47 -66.44 -33.74
O3 MAN NB . 45.97 -66.73 -32.62
O4 MAN NB . 46.61 -68.26 -30.30
O5 MAN NB . 49.85 -66.72 -31.09
O6 MAN NB . 50.46 -68.13 -28.71
C1 NAG OB . 40.73 -60.41 -18.37
C2 NAG OB . 40.66 -60.97 -16.96
C3 NAG OB . 41.89 -60.50 -16.19
C4 NAG OB . 43.19 -60.74 -16.97
C5 NAG OB . 43.07 -60.36 -18.45
C6 NAG OB . 44.23 -60.86 -19.29
C7 NAG OB . 38.37 -61.26 -16.11
C8 NAG OB . 37.23 -60.61 -15.39
N2 NAG OB . 39.46 -60.49 -16.31
O3 NAG OB . 41.92 -61.20 -14.95
O4 NAG OB . 44.19 -59.88 -16.40
O5 NAG OB . 41.88 -60.90 -19.03
O6 NAG OB . 44.08 -60.39 -20.64
O7 NAG OB . 38.33 -62.42 -16.47
C1 NAG OB . 45.05 -60.62 -15.52
C2 NAG OB . 46.42 -59.93 -15.50
C3 NAG OB . 47.34 -60.60 -14.49
C4 NAG OB . 46.68 -60.73 -13.13
C5 NAG OB . 45.31 -61.40 -13.26
C6 NAG OB . 44.55 -61.39 -11.95
C7 NAG OB . 47.08 -58.81 -17.57
C8 NAG OB . 47.74 -58.99 -18.92
N2 NAG OB . 47.02 -59.91 -16.82
O3 NAG OB . 48.54 -59.82 -14.38
O4 NAG OB . 47.52 -61.52 -12.27
O5 NAG OB . 44.51 -60.68 -14.20
O6 NAG OB . 43.20 -60.96 -12.15
O7 NAG OB . 46.66 -57.73 -17.20
C1 MAN OB . 42.43 -61.20 -10.97
C2 MAN OB . 41.15 -61.97 -11.36
C3 MAN OB . 40.19 -61.05 -12.15
C4 MAN OB . 39.95 -59.74 -11.39
C5 MAN OB . 41.29 -59.08 -11.08
C6 MAN OB . 41.18 -57.77 -10.32
O2 MAN OB . 40.44 -62.46 -10.22
O3 MAN OB . 38.94 -61.71 -12.38
O4 MAN OB . 39.16 -58.88 -12.21
O5 MAN OB . 42.10 -59.97 -10.29
O6 MAN OB . 42.43 -57.09 -10.42
C1 NAG PB . 54.20 -66.25 -48.85
C2 NAG PB . 53.64 -67.51 -48.17
C3 NAG PB . 54.51 -67.87 -46.96
C4 NAG PB . 55.95 -68.07 -47.42
C5 NAG PB . 56.43 -66.81 -48.13
C6 NAG PB . 57.83 -66.97 -48.71
C7 NAG PB . 51.26 -67.81 -48.58
C8 NAG PB . 49.86 -67.53 -48.12
N2 NAG PB . 52.24 -67.36 -47.80
O3 NAG PB . 54.00 -69.07 -46.37
O4 NAG PB . 56.78 -68.37 -46.30
O5 NAG PB . 55.56 -66.50 -49.21
O6 NAG PB . 58.05 -65.90 -49.63
O7 NAG PB . 51.46 -68.39 -49.65
C1 NAG PB . 57.27 -69.71 -46.37
C2 NAG PB . 58.58 -69.84 -45.58
C3 NAG PB . 59.10 -71.28 -45.62
C4 NAG PB . 58.01 -72.28 -45.24
C5 NAG PB . 56.78 -72.04 -46.12
C6 NAG PB . 55.64 -72.98 -45.81
C7 NAG PB . 60.14 -69.02 -47.33
C8 NAG PB . 61.20 -68.04 -47.66
N2 NAG PB . 59.61 -68.93 -46.10
O3 NAG PB . 60.20 -71.40 -44.72
O4 NAG PB . 58.49 -73.60 -45.47
O5 NAG PB . 56.33 -70.68 -45.95
O6 NAG PB . 54.38 -72.38 -46.17
O7 NAG PB . 59.82 -69.85 -48.15
C1 YZT PB . 61.42 -71.64 -45.40
C2 YZT PB . 62.44 -71.58 -44.29
C3 YZT PB . 63.83 -71.50 -44.86
C4 YZT PB . 64.08 -72.63 -45.86
C5 YZT PB . 62.98 -72.65 -46.92
C6 YZT PB . 63.10 -73.81 -47.90
O1S6 YZT PB . 60.57 -74.13 -48.31
O2 YZT PB . 62.16 -70.45 -43.47
O2S6 YZT PB . 61.79 -72.62 -49.80
O3 YZT PB . 64.80 -71.56 -43.81
O3S6 YZT PB . 62.13 -75.05 -49.95
O4 YZT PB . 65.34 -72.45 -46.50
O5 YZT PB . 61.68 -72.75 -46.28
S6 YZT PB . 61.85 -73.90 -49.15
C1 MAN PB . 58.89 -74.19 -44.21
C2 MAN PB . 60.15 -75.03 -44.49
C3 MAN PB . 59.77 -76.27 -45.32
C4 MAN PB . 58.62 -77.05 -44.69
C5 MAN PB . 57.44 -76.12 -44.43
C6 MAN PB . 56.29 -76.77 -43.69
O2 MAN PB . 60.74 -75.50 -43.27
O3 MAN PB . 60.91 -77.13 -45.50
O4 MAN PB . 58.23 -78.09 -45.59
O5 MAN PB . 57.85 -74.98 -43.65
O6 MAN PB . 55.24 -75.80 -43.57
C1 MAN PB . 53.33 -73.14 -45.53
C2 MAN PB . 51.98 -72.68 -46.11
C3 MAN PB . 51.60 -71.29 -45.60
C4 MAN PB . 51.70 -71.23 -44.07
C5 MAN PB . 53.10 -71.65 -43.64
C6 MAN PB . 53.32 -71.66 -42.13
O2 MAN PB . 50.92 -73.57 -45.75
O3 MAN PB . 50.29 -70.93 -46.02
O4 MAN PB . 51.41 -69.92 -43.62
O5 MAN PB . 53.36 -72.98 -44.11
O6 MAN PB . 54.69 -72.01 -41.90
C1 NAG QB . 53.97 -55.35 -55.15
C2 NAG QB . 54.81 -55.87 -56.32
C3 NAG QB . 56.14 -55.16 -56.36
C4 NAG QB . 55.94 -53.65 -56.36
C5 NAG QB . 55.08 -53.24 -55.17
C6 NAG QB . 54.73 -51.76 -55.20
C7 NAG QB . 54.54 -58.16 -57.15
C8 NAG QB . 54.84 -59.60 -56.91
N2 NAG QB . 54.98 -57.30 -56.22
O3 NAG QB . 56.83 -55.58 -57.53
O4 NAG QB . 57.21 -52.99 -56.30
O5 NAG QB . 53.84 -53.93 -55.22
O6 NAG QB . 53.68 -51.52 -54.24
O7 NAG QB . 53.92 -57.79 -58.15
C1 NAG QB . 57.51 -52.51 -57.64
C2 NAG QB . 58.32 -51.22 -57.57
C3 NAG QB . 58.59 -50.75 -58.96
C4 NAG QB . 59.24 -51.83 -59.84
C5 NAG QB . 58.42 -53.12 -59.77
C6 NAG QB . 59.12 -54.29 -60.44
C7 NAG QB . 57.76 -49.93 -55.56
C8 NAG QB . 56.91 -48.82 -54.98
N2 NAG QB . 57.56 -50.20 -56.86
O3 NAG QB . 59.49 -49.62 -58.96
O4 NAG QB . 59.32 -51.40 -61.19
O5 NAG QB . 58.19 -53.50 -58.41
O6 NAG QB . 58.46 -55.51 -60.07
O7 NAG QB . 58.57 -50.53 -54.86
C1 YZT QB . 60.08 -48.62 -58.19
C2 YZT QB . 61.47 -47.94 -58.06
C3 YZT QB . 61.27 -46.55 -57.45
C4 YZT QB . 60.23 -45.74 -58.21
C5 YZT QB . 58.93 -46.53 -58.35
C6 YZT QB . 57.88 -45.86 -59.20
O1S6 YZT QB . 55.85 -47.02 -58.05
O2 YZT QB . 62.33 -48.72 -57.25
O2S6 YZT QB . 56.72 -48.01 -60.11
O3 YZT QB . 62.52 -45.86 -57.39
O3S6 YZT QB . 55.50 -45.91 -60.20
O4 YZT QB . 60.00 -44.50 -57.54
O5 YZT QB . 59.23 -47.78 -58.98
S6 YZT QB . 56.34 -46.71 -59.35
C1 MAN QB . 60.70 -51.33 -61.61
C2 MAN QB . 61.07 -49.84 -61.66
C3 MAN QB . 60.29 -49.15 -62.79
C4 MAN QB . 60.42 -49.91 -64.11
C5 MAN QB . 60.08 -51.38 -63.91
C6 MAN QB . 60.27 -52.22 -65.17
O2 MAN QB . 62.47 -49.71 -61.96
O3 MAN QB . 60.76 -47.80 -62.96
O4 MAN QB . 59.52 -49.33 -65.05
O5 MAN QB . 60.86 -51.97 -62.87
O6 MAN QB . 59.64 -53.49 -64.97
C1 MAN QB . 58.76 -56.51 -61.06
C2 MAN QB . 57.51 -57.41 -61.23
C3 MAN QB . 57.33 -58.30 -60.01
C4 MAN QB . 58.62 -59.05 -59.66
C5 MAN QB . 59.78 -58.07 -59.52
C6 MAN QB . 61.11 -58.74 -59.25
O2 MAN QB . 57.61 -58.25 -62.38
O3 MAN QB . 56.27 -59.23 -60.20
O4 MAN QB . 58.44 -59.78 -58.46
O5 MAN QB . 59.92 -57.31 -60.73
O6 MAN QB . 62.04 -57.72 -58.89
C1 NAG RB . 55.26 -52.37 -45.29
C2 NAG RB . 56.06 -52.55 -44.01
C3 NAG RB . 57.12 -51.47 -43.95
C4 NAG RB . 57.92 -51.32 -45.26
C5 NAG RB . 57.01 -51.39 -46.50
C6 NAG RB . 57.79 -51.56 -47.79
C7 NAG RB . 54.79 -53.52 -42.15
C8 NAG RB . 53.90 -53.24 -40.98
N2 NAG RB . 55.19 -52.46 -42.87
O3 NAG RB . 58.00 -51.77 -42.87
O4 NAG RB . 58.54 -50.04 -45.26
O5 NAG RB . 56.10 -52.48 -46.42
O6 NAG RB . 56.87 -51.51 -48.90
O7 NAG RB . 55.14 -54.66 -42.44
C1 NAG RB . 59.92 -50.13 -44.90
C2 NAG RB . 60.66 -48.96 -45.55
C3 NAG RB . 62.12 -48.94 -45.12
C4 NAG RB . 62.25 -49.01 -43.61
C5 NAG RB . 61.44 -50.17 -43.04
C6 NAG RB . 61.40 -50.15 -41.52
C7 NAG RB . 59.77 -48.20 -47.70
C8 NAG RB . 59.79 -48.40 -49.19
N2 NAG RB . 60.56 -49.02 -46.99
O3 NAG RB . 62.73 -47.76 -45.61
O4 NAG RB . 63.63 -49.16 -43.26
O5 NAG RB . 60.09 -50.10 -43.48
O6 NAG RB . 60.06 -50.37 -41.05
O7 NAG RB . 59.10 -47.32 -47.18
C1 MAN RB . 60.08 -50.60 -39.63
C2 MAN RB . 59.27 -51.89 -39.35
C3 MAN RB . 57.78 -51.65 -39.57
C4 MAN RB . 57.29 -50.40 -38.83
C5 MAN RB . 58.16 -49.21 -39.23
C6 MAN RB . 57.78 -47.92 -38.53
O2 MAN RB . 59.45 -52.33 -38.00
O3 MAN RB . 57.02 -52.80 -39.18
O4 MAN RB . 55.93 -50.16 -39.17
O5 MAN RB . 59.53 -49.49 -38.92
O6 MAN RB . 58.39 -46.84 -39.24
C1 NAG SB . 55.63 -59.35 -78.41
C2 NAG SB . 56.07 -60.53 -77.52
C3 NAG SB . 57.42 -60.22 -76.88
C4 NAG SB . 58.45 -59.92 -77.97
C5 NAG SB . 57.94 -58.77 -78.85
C6 NAG SB . 58.85 -58.50 -80.02
C7 NAG SB . 54.18 -61.84 -76.72
C8 NAG SB . 53.17 -62.06 -75.64
N2 NAG SB . 55.07 -60.87 -76.52
O3 NAG SB . 57.84 -61.33 -76.09
O4 NAG SB . 59.71 -59.57 -77.39
O5 NAG SB . 56.66 -59.11 -79.38
O6 NAG SB . 58.14 -57.65 -80.94
O7 NAG SB . 54.16 -62.53 -77.74
C1 NAG SB . 60.69 -60.58 -77.67
C2 NAG SB . 62.09 -59.98 -77.60
C3 NAG SB . 63.16 -61.05 -77.86
C4 NAG SB . 62.93 -62.28 -77.00
C5 NAG SB . 61.49 -62.78 -77.18
C6 NAG SB . 61.18 -63.99 -76.33
C7 NAG SB . 62.18 -59.05 -79.89
C8 NAG SB . 62.42 -57.83 -80.71
N2 NAG SB . 62.24 -58.88 -78.56
O3 NAG SB . 64.44 -60.50 -77.61
O4 NAG SB . 63.83 -63.32 -77.40
O5 NAG SB . 60.58 -61.73 -76.83
O6 NAG SB . 59.77 -64.05 -76.06
O7 NAG SB . 61.97 -60.10 -80.45
C1 YZT SB . 65.22 -60.39 -78.78
C2 YZT SB . 66.45 -59.65 -78.29
C3 YZT SB . 67.27 -59.17 -79.47
C4 YZT SB . 67.57 -60.30 -80.44
C5 YZT SB . 66.27 -61.01 -80.85
C6 YZT SB . 66.49 -62.21 -81.74
O1S6 YZT SB . 64.50 -63.61 -80.89
O2 YZT SB . 66.04 -58.57 -77.46
O2S6 YZT SB . 64.12 -62.14 -82.81
O3 YZT SB . 68.48 -58.58 -79.01
O3S6 YZT SB . 65.46 -64.19 -83.06
O4 YZT SB . 68.20 -59.78 -81.61
O5 YZT SB . 65.58 -61.46 -79.67
S6 YZT SB . 65.04 -63.09 -82.25
C1 MAN SB . 64.94 -63.38 -76.50
C2 MAN SB . 66.20 -63.69 -77.33
C3 MAN SB . 66.14 -65.12 -77.86
C4 MAN SB . 65.87 -66.13 -76.73
C5 MAN SB . 64.63 -65.72 -75.96
C6 MAN SB . 64.34 -66.59 -74.74
O2 MAN SB . 67.38 -63.57 -76.53
O3 MAN SB . 67.35 -65.46 -78.55
O4 MAN SB . 65.69 -67.42 -77.31
O5 MAN SB . 64.74 -64.37 -75.49
O6 MAN SB . 63.12 -66.12 -74.14
C1 MAN SB . 59.57 -65.01 -74.99
C2 MAN SB . 58.06 -65.29 -74.85
C3 MAN SB . 57.33 -64.08 -74.23
C4 MAN SB . 58.03 -63.64 -72.95
C5 MAN SB . 59.49 -63.34 -73.24
C6 MAN SB . 60.29 -62.89 -72.03
O2 MAN SB . 57.81 -66.41 -74.01
O3 MAN SB . 55.97 -64.40 -73.98
O4 MAN SB . 57.36 -62.48 -72.42
O5 MAN SB . 60.11 -64.52 -73.75
O6 MAN SB . 61.62 -62.60 -72.48
C1 NAG TB . 47.72 -51.29 -83.97
C2 NAG TB . 48.12 -51.68 -85.39
C3 NAG TB . 48.82 -50.53 -86.07
C4 NAG TB . 47.96 -49.26 -86.00
C5 NAG TB . 47.60 -48.98 -84.54
C6 NAG TB . 46.64 -47.80 -84.41
C7 NAG TB . 48.62 -54.01 -85.96
C8 NAG TB . 49.63 -55.11 -85.87
N2 NAG TB . 48.97 -52.86 -85.37
O3 NAG TB . 49.05 -50.89 -87.43
O4 NAG TB . 48.66 -48.16 -86.58
O5 NAG TB . 46.92 -50.10 -83.99
O6 NAG TB . 46.07 -47.80 -83.10
O7 NAG TB . 47.55 -54.15 -86.54
C1 NAG TB . 48.11 -47.92 -87.89
C2 NAG TB . 48.16 -46.45 -88.23
C3 NAG TB . 47.57 -46.25 -89.59
C4 NAG TB . 48.22 -47.14 -90.67
C5 NAG TB . 48.20 -48.60 -90.19
C6 NAG TB . 49.02 -49.51 -91.09
C7 NAG TB . 47.97 -45.06 -86.22
C8 NAG TB . 47.05 -44.28 -85.34
N2 NAG TB . 47.40 -45.67 -87.27
O3 NAG TB . 47.73 -44.88 -90.05
O4 NAG TB . 47.49 -47.06 -91.89
O5 NAG TB . 48.78 -48.71 -88.88
O6 NAG TB . 49.23 -50.77 -90.45
O7 NAG TB . 49.17 -45.08 -86.00
C1 YZT TB . 48.03 -43.58 -89.65
C2 YZT TB . 48.84 -42.39 -90.24
C3 YZT TB . 48.29 -41.09 -89.64
C4 YZT TB . 46.78 -40.99 -89.81
C5 YZT TB . 46.10 -42.25 -89.28
C6 YZT TB . 44.60 -42.28 -89.52
O1S6 YZT TB . 44.07 -43.86 -87.52
O2 YZT TB . 50.22 -42.51 -89.93
O2S6 YZT TB . 44.34 -44.87 -89.73
O3 YZT TB . 48.95 -39.96 -90.22
O3S6 YZT TB . 42.37 -43.55 -89.24
O4 YZT TB . 46.30 -39.83 -89.12
O5 YZT TB . 46.65 -43.38 -89.96
S6 YZT TB . 43.74 -43.70 -88.90
C1 MAN TB . 48.35 -46.53 -92.93
C2 MAN TB . 47.92 -45.08 -93.17
C3 MAN TB . 46.52 -45.06 -93.79
C4 MAN TB . 46.42 -45.99 -94.99
C5 MAN TB . 46.93 -47.39 -94.63
C6 MAN TB . 46.93 -48.35 -95.81
O2 MAN TB . 48.82 -44.47 -94.10
O3 MAN TB . 46.18 -43.72 -94.19
O4 MAN TB . 45.06 -46.05 -95.41
O5 MAN TB . 48.25 -47.33 -94.10
O6 MAN TB . 47.11 -49.68 -95.31
C1 MAN TB . 49.50 -51.77 -91.45
C2 MAN TB . 48.87 -53.10 -90.98
C3 MAN TB . 49.66 -53.68 -89.81
C4 MAN TB . 51.16 -53.74 -90.12
C5 MAN TB . 51.67 -52.38 -90.57
C6 MAN TB . 53.13 -52.37 -90.96
O2 MAN TB . 48.85 -54.07 -92.02
O3 MAN TB . 49.19 -54.98 -89.45
O4 MAN TB . 51.88 -54.18 -88.96
O5 MAN TB . 50.90 -51.92 -91.69
O6 MAN TB . 53.53 -51.01 -91.11
C1 NAG UB . 51.46 -45.80 -76.00
C2 NAG UB . 52.70 -45.34 -75.26
C3 NAG UB . 53.05 -43.94 -75.74
C4 NAG UB . 53.05 -43.80 -77.26
C5 NAG UB . 51.87 -44.52 -77.91
C6 NAG UB . 52.01 -44.67 -79.43
C7 NAG UB . 52.94 -46.27 -73.01
C8 NAG UB . 52.61 -46.10 -71.55
N2 NAG UB . 52.46 -45.34 -73.83
O3 NAG UB . 54.33 -43.59 -75.20
O4 NAG UB . 52.93 -42.42 -77.58
O5 NAG UB . 51.70 -45.84 -77.39
O6 NAG UB . 50.81 -45.25 -79.96
O7 NAG UB . 53.63 -47.20 -73.40
C1 NAG UB . 54.20 -41.84 -77.93
C2 NAG UB . 53.96 -40.68 -78.87
C3 NAG UB . 55.27 -39.97 -79.19
C4 NAG UB . 56.03 -39.60 -77.92
C5 NAG UB . 56.18 -40.83 -77.02
C6 NAG UB . 56.78 -40.48 -75.67
C7 NAG UB . 52.01 -40.86 -80.34
C8 NAG UB . 51.50 -41.40 -81.66
N2 NAG UB . 53.31 -41.10 -80.08
O3 NAG UB . 54.99 -38.79 -79.94
O4 NAG UB . 57.32 -39.11 -78.27
O5 NAG UB . 54.91 -41.41 -76.77
O6 NAG UB . 56.04 -41.10 -74.61
O7 NAG UB . 51.29 -40.24 -79.58
C1 MAN UB . 56.76 -40.97 -73.38
C2 MAN UB . 56.85 -42.36 -72.72
C3 MAN UB . 55.48 -42.81 -72.20
C4 MAN UB . 54.84 -41.73 -71.34
C5 MAN UB . 54.80 -40.41 -72.11
C6 MAN UB . 54.18 -39.26 -71.34
O2 MAN UB . 57.77 -42.36 -71.62
O3 MAN UB . 55.59 -44.03 -71.47
O4 MAN UB . 53.52 -42.14 -70.99
O5 MAN UB . 56.12 -40.03 -72.49
O6 MAN UB . 53.87 -38.22 -72.26
C1 NAG VB . -34.63 35.62 1.49
C2 NAG VB . -33.38 35.47 0.62
C3 NAG VB . -33.12 36.76 -0.15
C4 NAG VB . -34.35 37.21 -0.91
C5 NAG VB . -35.61 37.19 -0.03
C6 NAG VB . -36.87 37.37 -0.87
C7 NAG VB . -31.53 35.74 2.31
C8 NAG VB . -30.34 35.02 2.87
N2 NAG VB . -32.21 35.05 1.38
O3 NAG VB . -32.04 36.54 -1.06
O4 NAG VB . -34.13 38.53 -1.39
O5 NAG VB . -35.74 35.95 0.65
O6 NAG VB . -37.05 36.27 -1.75
O7 NAG VB . -31.83 36.86 2.69
C1 NAG VB . -34.33 38.60 -2.80
C2 NAG VB . -34.61 40.03 -3.23
C3 NAG VB . -34.92 40.10 -4.71
C4 NAG VB . -33.77 39.46 -5.48
C5 NAG VB . -33.43 38.07 -4.98
C6 NAG VB . -32.19 37.50 -5.62
C7 NAG VB . -35.48 41.64 -1.60
C8 NAG VB . -36.69 42.15 -0.88
N2 NAG VB . -35.69 40.62 -2.44
O3 NAG VB . -35.03 41.49 -5.09
O4 NAG VB . -34.09 39.41 -6.86
O5 NAG VB . -33.23 38.06 -3.56
O6 NAG VB . -31.85 36.25 -4.95
O7 NAG VB . -34.38 42.15 -1.44
C1 YZT VB . -36.23 42.09 -5.60
C2 YZT VB . -36.15 43.61 -5.84
C3 YZT VB . -37.50 44.13 -6.30
C4 YZT VB . -38.02 43.33 -7.49
C5 YZT VB . -38.00 41.83 -7.16
C6 YZT VB . -38.45 40.97 -8.32
O1S6 YZT VB . -39.23 38.99 -6.83
O2 YZT VB . -35.73 44.29 -4.66
O2S6 YZT VB . -36.98 38.92 -7.77
O3 YZT VB . -37.41 45.51 -6.64
O3S6 YZT VB . -38.91 38.58 -9.23
O4 YZT VB . -39.35 43.76 -7.81
O5 YZT VB . -36.68 41.43 -6.77
S6 YZT VB . -38.47 39.22 -8.03
C1 MAN VB . -33.49 40.57 -7.30
C2 MAN VB . -34.36 41.00 -8.45
C3 MAN VB . -34.27 39.97 -9.57
C4 MAN VB . -32.84 39.59 -9.93
C5 MAN VB . -32.00 39.28 -8.67
C6 MAN VB . -30.53 39.13 -8.96
O2 MAN VB . -33.85 42.24 -8.86
O3 MAN VB . -34.95 40.48 -10.72
O4 MAN VB . -32.90 38.44 -10.78
O5 MAN VB . -32.15 40.28 -7.65
O6 MAN VB . -29.90 38.62 -7.77
C1 MAN VB . -30.47 35.84 -4.95
C2 MAN VB . -30.17 34.67 -4.00
C3 MAN VB . -29.87 35.18 -2.59
C4 MAN VB . -28.86 36.35 -2.52
C5 MAN VB . -29.24 37.43 -3.54
C6 MAN VB . -28.19 38.53 -3.66
O2 MAN VB . -29.03 33.97 -4.49
O3 MAN VB . -29.41 34.10 -1.77
O4 MAN VB . -28.82 36.91 -1.19
O5 MAN VB . -29.45 36.86 -4.85
O6 MAN VB . -28.78 39.60 -4.40
C1 NAG WB . -42.70 33.49 11.35
C2 NAG WB . -43.32 32.57 10.30
C3 NAG WB . -44.76 32.95 10.03
C4 NAG WB . -45.54 33.00 11.35
C5 NAG WB . -44.82 33.91 12.34
C6 NAG WB . -45.49 33.91 13.71
C7 NAG WB . -41.93 31.50 8.58
C8 NAG WB . -41.20 31.74 7.30
N2 NAG WB . -42.56 32.58 9.06
O3 NAG WB . -45.33 31.99 9.15
O4 NAG WB . -46.86 33.47 11.10
O5 NAG WB . -43.48 33.46 12.53
O6 NAG WB . -44.84 34.85 14.56
O7 NAG WB . -41.96 30.42 9.14
C1 NAG WB . -47.76 32.35 11.01
C2 NAG WB . -49.15 32.73 11.44
C3 NAG WB . -50.06 31.53 11.32
C4 NAG WB . -50.00 30.92 9.91
C5 NAG WB . -48.55 30.61 9.57
C6 NAG WB . -48.38 30.11 8.15
C7 NAG WB . -48.93 34.52 13.09
C8 NAG WB . -48.99 34.90 14.55
N2 NAG WB . -49.16 33.23 12.80
O3 NAG WB . -51.44 31.82 11.64
O4 NAG WB . -50.79 29.73 9.83
O5 NAG WB . -47.79 31.81 9.68
O6 NAG WB . -47.01 30.22 7.74
O7 NAG WB . -48.70 35.37 12.25
C1 YZT WB . -52.23 32.91 12.09
C2 YZT WB . -53.75 33.13 11.90
C3 YZT WB . -54.39 33.50 13.24
C4 YZT WB . -54.07 32.45 14.30
C5 YZT WB . -52.55 32.16 14.34
C6 YZT WB . -52.19 31.08 15.33
O1S6 YZT WB . -49.76 31.96 15.68
O2 YZT WB . -53.99 34.16 10.94
O2S6 YZT WB . -50.08 30.08 14.19
O3 YZT WB . -55.79 33.64 13.10
O3S6 YZT WB . -50.34 29.75 16.58
O4 YZT WB . -54.50 32.91 15.57
O5 YZT WB . -52.07 31.84 13.01
S6 YZT WB . -50.46 30.72 15.54
C1 MAN WB . -46.81 29.44 6.56
C2 MAN WB . -45.38 28.85 6.60
C3 MAN WB . -44.34 29.95 6.40
C4 MAN WB . -44.65 30.81 5.18
C5 MAN WB . -46.09 31.33 5.26
C6 MAN WB . -46.51 32.14 4.05
O2 MAN WB . -45.19 27.88 5.56
O3 MAN WB . -43.04 29.38 6.30
O4 MAN WB . -43.74 31.89 5.10
O5 MAN WB . -46.99 30.22 5.37
O6 MAN WB . -47.76 32.77 4.35
C1 NAG XB . -44.79 44.17 11.16
C2 NAG XB . -45.46 43.35 10.07
C3 NAG XB . -46.80 43.98 9.68
C4 NAG XB . -47.68 44.17 10.91
C5 NAG XB . -46.93 45.00 11.94
C6 NAG XB . -47.69 45.13 13.25
C7 NAG XB . -44.39 42.11 8.25
C8 NAG XB . -43.48 42.24 7.07
N2 NAG XB . -44.60 43.24 8.90
O3 NAG XB . -47.45 43.15 8.72
O4 NAG XB . -48.91 44.81 10.57
O5 NAG XB . -45.69 44.36 12.26
O6 NAG XB . -46.84 45.73 14.22
O7 NAG XB . -44.90 41.06 8.59
C1 NAG XB . -49.94 43.80 10.46
C2 NAG XB . -51.29 44.34 10.91
C3 NAG XB . -52.39 43.30 10.71
C4 NAG XB . -52.37 42.73 9.30
C5 NAG XB . -50.98 42.23 8.95
C6 NAG XB . -50.86 41.79 7.49
C7 NAG XB . -51.12 46.03 12.67
C8 NAG XB . -51.09 46.28 14.16
N2 NAG XB . -51.23 44.75 12.30
O3 NAG XB . -53.65 43.91 10.98
O4 NAG XB . -53.29 41.63 9.24
O5 NAG XB . -50.03 43.28 9.13
O6 NAG XB . -49.59 42.16 6.97
O7 NAG XB . -51.03 46.94 11.87
C1 MAN XB . -49.40 41.58 5.67
C2 MAN XB . -48.01 40.91 5.63
C3 MAN XB . -46.90 41.96 5.61
C4 MAN XB . -47.14 43.01 4.53
C5 MAN XB . -48.54 43.61 4.71
C6 MAN XB . -48.89 44.66 3.67
O2 MAN XB . -47.87 40.09 4.46
O3 MAN XB . -45.62 41.34 5.45
O4 MAN XB . -46.15 44.03 4.63
O5 MAN XB . -49.53 42.58 4.64
O6 MAN XB . -50.00 45.40 4.16
C1 NAG YB . 5.50 70.47 22.60
C2 NAG YB . 6.37 69.22 22.75
C3 NAG YB . 7.77 69.62 23.24
C4 NAG YB . 8.37 70.71 22.36
C5 NAG YB . 7.39 71.86 22.11
C6 NAG YB . 7.90 72.77 21.01
C7 NAG YB . 5.56 68.26 24.93
C8 NAG YB . 4.96 67.01 25.51
N2 NAG YB . 5.78 68.22 23.61
O3 NAG YB . 8.62 68.47 23.24
O4 NAG YB . 9.55 71.21 23.01
O5 NAG YB . 6.12 71.36 21.68
O6 NAG YB . 7.96 72.09 19.75
O7 NAG YB . 5.80 69.23 25.65
C1 NAG YB . 10.68 71.12 22.13
C2 NAG YB . 11.75 72.10 22.58
C3 NAG YB . 12.93 72.08 21.61
C4 NAG YB . 13.43 70.66 21.48
C5 NAG YB . 12.32 69.68 21.12
C6 NAG YB . 12.77 68.24 21.17
C7 NAG YB . 11.16 74.05 23.93
C8 NAG YB . 10.61 75.45 23.92
N2 NAG YB . 11.21 73.44 22.73
O3 NAG YB . 13.98 72.91 22.15
O4 NAG YB . 14.44 70.60 20.48
O5 NAG YB . 11.21 69.79 22.03
O6 NAG YB . 11.62 67.38 21.01
O7 NAG YB . 11.53 73.52 24.96
C1 YZT YB . 14.46 74.11 21.52
C2 YZT YB . 15.51 74.89 22.33
C3 YZT YB . 15.90 76.16 21.59
C4 YZT YB . 16.30 75.86 20.16
C5 YZT YB . 15.21 75.03 19.46
C6 YZT YB . 15.58 74.64 18.04
O1S6 YZT YB . 13.13 74.40 17.24
O2 YZT YB . 15.03 75.19 23.64
O2S6 YZT YB . 14.30 72.40 18.01
O3 YZT YB . 16.97 76.82 22.28
O3S6 YZT YB . 14.90 73.40 15.87
O4 YZT YB . 16.53 77.08 19.44
O5 YZT YB . 14.95 73.84 20.21
S6 YZT YB . 14.37 73.70 17.16
C1 MAN YB . 15.57 70.72 21.28
C2 MAN YB . 16.53 71.43 20.38
C3 MAN YB . 16.89 70.53 19.20
C4 MAN YB . 17.28 69.11 19.62
C5 MAN YB . 16.27 68.53 20.62
C6 MAN YB . 16.72 67.23 21.23
O2 MAN YB . 17.67 71.68 21.17
O3 MAN YB . 17.95 71.13 18.46
O4 MAN YB . 17.33 68.30 18.44
O5 MAN YB . 15.97 69.43 21.70
O6 MAN YB . 15.62 66.67 21.96
C1 MAN YB . 11.68 66.05 21.58
C2 MAN YB . 10.34 65.32 21.60
C3 MAN YB . 9.55 65.67 22.88
C4 MAN YB . 10.35 65.58 24.18
C5 MAN YB . 11.69 66.31 24.02
C6 MAN YB . 12.61 66.12 25.22
O2 MAN YB . 10.59 63.90 21.58
O3 MAN YB . 8.39 64.83 22.95
O4 MAN YB . 9.61 66.14 25.28
O5 MAN YB . 12.38 65.87 22.84
O6 MAN YB . 13.68 67.05 25.09
C1 NAG ZB . -5.30 77.52 22.15
C2 NAG ZB . -5.10 77.25 20.66
C3 NAG ZB . -4.98 78.55 19.90
C4 NAG ZB . -6.18 79.45 20.20
C5 NAG ZB . -6.32 79.63 21.71
C6 NAG ZB . -7.56 80.42 22.08
C7 NAG ZB . -4.01 75.19 19.89
C8 NAG ZB . -2.70 74.50 19.74
N2 NAG ZB . -3.94 76.41 20.42
O3 NAG ZB . -4.92 78.25 18.50
O4 NAG ZB . -6.00 80.72 19.57
O5 NAG ZB . -6.44 78.36 22.34
O6 NAG ZB . -7.58 80.64 23.50
O7 NAG ZB . -5.08 74.68 19.55
C1 NAG ZB . -6.74 80.73 18.34
C2 NAG ZB . -7.17 82.15 17.99
C3 NAG ZB . -7.92 82.12 16.68
C4 NAG ZB . -7.11 81.43 15.57
C5 NAG ZB . -6.72 80.04 16.05
C6 NAG ZB . -5.81 79.33 15.06
C7 NAG ZB . -7.46 83.36 20.09
C8 NAG ZB . -8.42 83.92 21.10
N2 NAG ZB . -7.99 82.72 19.04
O3 NAG ZB . -8.32 83.43 16.22
O4 NAG ZB . -7.89 81.33 14.37
O5 NAG ZB . -5.98 80.19 17.25
O6 NAG ZB . -5.13 78.24 15.69
O7 NAG ZB . -6.25 83.51 20.25
C1 YZT ZB . -8.24 84.79 16.65
C2 YZT ZB . -8.28 86.08 15.79
C3 YZT ZB . -9.30 87.06 16.38
C4 YZT ZB . -10.66 86.41 16.55
C5 YZT ZB . -10.52 85.06 17.29
C6 YZT ZB . -11.85 84.33 17.42
O1S6 YZT ZB . -11.13 83.03 19.55
O2 YZT ZB . -6.98 86.67 15.71
O2S6 YZT ZB . -11.04 81.86 17.42
O3 YZT ZB . -9.39 88.22 15.56
O3S6 YZT ZB . -13.20 82.36 18.41
O4 YZT ZB . -11.51 87.27 17.28
O5 YZT ZB . -9.53 84.22 16.63
S6 YZT ZB . -11.85 82.82 18.34
C1 MAN ZB . -4.58 77.38 14.69
C2 MAN ZB . -4.64 75.93 15.19
C3 MAN ZB . -3.64 75.73 16.34
C4 MAN ZB . -2.24 76.23 15.97
C5 MAN ZB . -2.33 77.68 15.49
C6 MAN ZB . -1.00 78.25 15.05
O2 MAN ZB . -4.30 75.00 14.17
O3 MAN ZB . -3.59 74.34 16.71
O4 MAN ZB . -1.39 76.14 17.11
O5 MAN ZB . -3.23 77.76 14.38
O6 MAN ZB . -1.16 79.65 14.86
C1 NAG AC . 0.34 85.41 27.10
C2 NAG AC . 0.60 85.23 25.61
C3 NAG AC . 0.99 86.56 24.99
C4 NAG AC . -0.07 87.61 25.27
C5 NAG AC . -0.28 87.73 26.78
C6 NAG AC . -1.42 88.66 27.14
C7 NAG AC . 1.62 83.29 24.50
C8 NAG AC . 2.83 82.42 24.45
N2 NAG AC . 1.67 84.25 25.41
O3 NAG AC . 1.18 86.38 23.58
O4 NAG AC . 0.30 88.89 24.75
O5 NAG AC . -0.65 86.43 27.29
O6 NAG AC . -1.69 88.54 28.54
O7 NAG AC . 0.66 83.14 23.77
C1 NAG AC . -0.39 89.06 23.48
C2 NAG AC . -0.75 90.53 23.25
C3 NAG AC . -1.41 90.75 21.90
C4 NAG AC . -0.61 90.09 20.76
C5 NAG AC . -0.28 88.64 21.11
C6 NAG AC . 0.67 88.01 20.10
C7 NAG AC . -1.19 91.76 25.34
C8 NAG AC . -2.22 92.18 26.33
N2 NAG AC . -1.62 91.03 24.31
O3 NAG AC . -1.54 92.15 21.66
O4 NAG AC . -1.40 90.14 19.58
O5 NAG AC . 0.37 88.56 22.38
O6 NAG AC . 1.57 87.13 20.77
O7 NAG AC . -0.01 92.07 25.47
C1 MAN AC . 2.34 86.39 19.80
C2 MAN AC . 2.29 84.90 20.20
C3 MAN AC . 3.13 84.65 21.46
C4 MAN AC . 4.53 85.24 21.33
C5 MAN AC . 4.42 86.72 20.97
C6 MAN AC . 5.77 87.39 20.80
O2 MAN AC . 2.82 84.06 19.16
O3 MAN AC . 3.19 83.25 21.76
O4 MAN AC . 5.22 85.08 22.56
O5 MAN AC . 3.70 86.87 19.74
O6 MAN AC . 5.56 88.80 20.86
C1 NAG BC . -16.18 58.74 5.66
C2 NAG BC . -14.85 58.04 5.38
C3 NAG BC . -13.75 59.07 5.13
C4 NAG BC . -14.16 60.06 4.05
C5 NAG BC . -15.57 60.63 4.30
C6 NAG BC . -16.07 61.38 3.07
C7 NAG BC . -14.12 57.37 7.70
C8 NAG BC . -13.74 56.16 8.49
N2 NAG BC . -14.48 57.12 6.43
O3 NAG BC . -12.56 58.41 4.74
O4 NAG BC . -13.22 61.13 4.04
O5 NAG BC . -16.50 59.58 4.55
O6 NAG BC . -16.23 60.50 1.96
O7 NAG BC . -14.08 58.48 8.20
C1 NAG BC . -12.67 61.31 2.73
C2 NAG BC . -12.10 62.72 2.59
C3 NAG BC . -11.59 62.95 1.18
C4 NAG BC . -10.58 61.86 0.84
C5 NAG BC . -11.13 60.45 1.08
C6 NAG BC . -10.09 59.38 0.92
C7 NAG BC . -12.92 64.52 4.02
C8 NAG BC . -14.00 65.53 4.26
N2 NAG BC . -13.08 63.73 2.96
O3 NAG BC . -10.94 64.23 1.12
O4 NAG BC . -10.18 61.97 -0.52
O5 NAG BC . -11.66 60.34 2.40
O6 NAG BC . -10.65 58.12 1.34
O7 NAG BC . -11.94 64.45 4.76
C1 YZT BC . -11.38 65.34 0.32
C2 YZT BC . -10.60 66.64 0.50
C3 YZT BC . -11.20 67.74 -0.34
C4 YZT BC . -11.36 67.29 -1.79
C5 YZT BC . -12.11 65.96 -1.86
C6 YZT BC . -12.24 65.41 -3.27
O1S6 YZT BC . -14.36 64.01 -2.75
O2 YZT BC . -10.57 67.03 1.87
O2S6 YZT BC . -12.20 62.91 -2.65
O3 YZT BC . -10.40 68.92 -0.28
O3S6 YZT BC . -13.12 63.53 -4.82
O4 YZT BC . -12.06 68.29 -2.54
O5 YZT BC . -11.44 64.98 -1.06
S6 YZT BC . -13.11 63.88 -3.43
C1 MAN BC . -9.04 62.74 -0.37
C2 MAN BC . -9.00 63.53 -1.64
C3 MAN BC . -8.80 62.60 -2.84
C4 MAN BC . -7.66 61.59 -2.64
C5 MAN BC . -7.75 60.92 -1.26
C6 MAN BC . -6.52 60.09 -0.92
O2 MAN BC . -7.91 64.40 -1.50
O3 MAN BC . -8.57 63.38 -4.01
O4 MAN BC . -7.78 60.61 -3.67
O5 MAN BC . -7.95 61.86 -0.20
O6 MAN BC . -6.82 59.33 0.26
C1 MAN BC . -9.74 57.10 1.83
C2 MAN BC . -10.43 55.92 2.51
C3 MAN BC . -10.68 56.21 4.01
C4 MAN BC . -9.46 56.77 4.75
C5 MAN BC . -8.82 57.92 3.96
C6 MAN BC . -7.52 58.40 4.56
O2 MAN BC . -9.58 54.77 2.40
O3 MAN BC . -11.15 55.02 4.64
O4 MAN BC . -9.83 57.23 6.06
O5 MAN BC . -8.59 57.53 2.60
O6 MAN BC . -7.17 59.63 3.92
C1 NAG CC . -28.06 60.50 10.39
C2 NAG CC . -28.41 59.98 9.01
C3 NAG CC . -29.24 61.00 8.26
C4 NAG CC . -30.47 61.38 9.09
C5 NAG CC . -30.03 61.83 10.48
C6 NAG CC . -31.21 62.12 11.40
C7 NAG CC . -26.92 58.42 7.83
C8 NAG CC . -25.64 58.30 7.07
N2 NAG CC . -27.22 59.66 8.25
O3 NAG CC . -29.65 60.42 7.01
O4 NAG CC . -31.20 62.42 8.44
O5 NAG CC . -29.26 60.81 11.10
O6 NAG CC . -30.74 62.64 12.65
O7 NAG CC . -27.66 57.47 8.05
C1 NAG CC . -32.30 61.83 7.72
C2 NAG CC . -33.44 62.83 7.60
C3 NAG CC . -34.57 62.20 6.82
C4 NAG CC . -34.09 61.64 5.48
C5 NAG CC . -32.92 60.69 5.71
C6 NAG CC . -32.30 60.19 4.41
C7 NAG CC . -33.34 64.29 9.56
C8 NAG CC . -33.94 64.63 10.89
N2 NAG CC . -33.90 63.26 8.90
O3 NAG CC . -35.68 63.09 6.58
O4 NAG CC . -35.15 60.95 4.81
O5 NAG CC . -31.90 61.40 6.41
O6 NAG CC . -30.99 59.67 4.66
O7 NAG CC . -32.41 64.94 9.11
C1 YZT CC . -36.06 64.42 6.90
C2 YZT CC . -37.05 65.35 6.14
C3 YZT CC . -38.05 65.95 7.14
C4 YZT CC . -38.73 64.86 7.95
C5 YZT CC . -37.70 63.90 8.56
C6 YZT CC . -38.34 62.76 9.32
O1S6 YZT CC . -36.28 62.38 10.86
O2 YZT CC . -36.35 66.37 5.46
O2S6 YZT CC . -36.56 60.89 8.98
O3 YZT CC . -39.00 66.75 6.46
O3S6 YZT CC . -38.06 60.70 10.88
O4 YZT CC . -39.51 65.46 8.99
O5 YZT CC . -36.82 63.39 7.52
S6 YZT CC . -37.25 61.62 10.15
C1 MAN CC . -30.58 58.90 3.52
C2 MAN CC . -29.72 57.72 4.00
C3 MAN CC . -28.38 58.20 4.54
C4 MAN CC . -27.68 59.13 3.54
C5 MAN CC . -28.64 60.26 3.13
C6 MAN CC . -28.05 61.19 2.09
O2 MAN CC . -29.46 56.78 2.95
O3 MAN CC . -27.54 57.09 4.86
O4 MAN CC . -26.50 59.66 4.11
O5 MAN CC . -29.84 59.71 2.59
O6 MAN CC . -28.91 62.33 1.99
C1 NAG DC . -25.30 70.92 11.89
C2 NAG DC . -25.63 70.51 10.45
C3 NAG DC . -26.23 71.70 9.71
C4 NAG DC . -27.43 72.25 10.47
C5 NAG DC . -27.01 72.62 11.88
C6 NAG DC . -28.18 73.07 12.74
C7 NAG DC . -24.40 68.95 9.03
C8 NAG DC . -23.08 68.66 8.41
N2 NAG DC . -24.43 70.04 9.78
O3 NAG DC . -26.60 71.27 8.40
O4 NAG DC . -27.97 73.39 9.81
O5 NAG DC . -26.45 71.48 12.52
O6 NAG DC . -27.73 73.20 14.10
O7 NAG DC . -25.37 68.24 8.85
C1 NAG DC . -29.12 72.97 9.03
C2 NAG DC . -30.18 74.07 8.99
C3 NAG DC . -31.36 73.66 8.12
C4 NAG DC . -30.90 73.17 6.75
C5 NAG DC . -29.83 72.09 6.90
C6 NAG DC . -29.22 71.70 5.58
C7 NAG DC . -30.22 75.46 11.01
C8 NAG DC . -30.81 75.65 12.38
N2 NAG DC . -30.64 74.39 10.34
O3 NAG DC . -32.23 74.78 7.97
O4 NAG DC . -32.03 72.64 6.05
O5 NAG DC . -28.76 72.58 7.71
O6 NAG DC . -27.82 71.43 5.74
O7 NAG DC . -29.40 76.25 10.56
C1 MAN DC . -27.27 70.87 4.53
C2 MAN DC . -26.44 69.63 4.91
C3 MAN DC . -25.15 70.03 5.63
C4 MAN DC . -24.39 71.10 4.83
C5 MAN DC . -25.33 72.27 4.55
C6 MAN DC . -24.66 73.38 3.73
O2 MAN DC . -26.08 68.85 3.76
O3 MAN DC . -24.32 68.90 5.87
O4 MAN DC . -23.26 71.53 5.57
O5 MAN DC . -26.47 71.82 3.82
O6 MAN DC . -25.47 74.56 3.87
C1 NAG EC . -39.90 6.73 7.11
C2 NAG EC . -39.22 6.89 5.75
C3 NAG EC . -39.95 7.97 4.93
C4 NAG EC . -41.44 7.68 4.86
C5 NAG EC . -42.04 7.36 6.23
C6 NAG EC . -43.45 6.81 6.09
C7 NAG EC . -37.20 8.28 6.35
C8 NAG EC . -35.70 8.25 6.26
N2 NAG EC . -37.80 7.18 5.87
O3 NAG EC . -39.39 8.00 3.62
O4 NAG EC . -42.09 8.83 4.31
O5 NAG EC . -41.26 6.37 6.90
O6 NAG EC . -43.44 5.54 5.42
O7 NAG EC . -37.78 9.25 6.80
C1 NAG EC . -42.87 8.47 3.17
C2 NAG EC . -43.93 9.53 2.93
C3 NAG EC . -44.83 9.11 1.76
C4 NAG EC . -43.96 8.84 0.54
C5 NAG EC . -42.84 7.84 0.84
C6 NAG EC . -41.87 7.70 -0.31
C7 NAG EC . -44.68 10.97 4.73
C8 NAG EC . -45.56 11.10 5.94
N2 NAG EC . -44.71 9.79 4.11
O3 NAG EC . -45.73 10.21 1.47
O4 NAG EC . -44.76 8.32 -0.52
O5 NAG EC . -42.07 8.26 1.98
O6 NAG EC . -40.76 6.90 0.13
O7 NAG EC . -44.00 11.91 4.36
C1 YZT EC . -47.15 10.14 1.60
C2 YZT EC . -47.91 11.45 1.33
C3 YZT EC . -49.40 11.26 1.56
C4 YZT EC . -49.92 10.06 0.78
C5 YZT EC . -49.07 8.82 1.08
C6 YZT EC . -49.50 7.60 0.28
O1S6 YZT EC . -48.56 5.89 1.99
O2 YZT EC . -47.40 12.50 2.14
O2S6 YZT EC . -47.17 6.51 0.09
O3 YZT EC . -50.11 12.44 1.19
O3S6 YZT EC . -49.12 5.10 -0.26
O4 YZT EC . -51.28 9.82 1.13
O5 YZT EC . -47.69 9.09 0.79
S6 YZT EC . -48.58 6.12 0.58
C1 MAN EC . -45.03 9.50 -1.20
C2 MAN EC . -46.38 9.25 -1.79
C3 MAN EC . -46.31 8.11 -2.80
C4 MAN EC . -45.16 8.27 -3.80
C5 MAN EC . -43.85 8.62 -3.09
C6 MAN EC . -42.74 9.02 -4.05
O2 MAN EC . -46.75 10.44 -2.41
O3 MAN EC . -47.56 8.01 -3.49
O4 MAN EC . -45.03 7.05 -4.52
O5 MAN EC . -44.01 9.70 -2.15
O6 MAN EC . -41.52 9.10 -3.32
C1 MAN EC . -39.47 7.09 -0.53
C2 MAN EC . -38.30 6.40 0.17
C3 MAN EC . -37.70 7.32 1.26
C4 MAN EC . -37.45 8.76 0.81
C5 MAN EC . -38.67 9.33 0.09
C6 MAN EC . -38.42 10.69 -0.54
O2 MAN EC . -37.29 6.12 -0.80
O3 MAN EC . -36.52 6.72 1.76
O4 MAN EC . -37.12 9.59 1.94
O5 MAN EC . -39.12 8.43 -0.95
O6 MAN EC . -39.69 11.23 -0.92
C1 NAG FC . -41.01 3.94 19.68
C2 NAG FC . -41.50 2.63 19.08
C3 NAG FC . -42.91 2.33 19.54
C4 NAG FC . -42.99 2.36 21.06
C5 NAG FC . -42.43 3.69 21.58
C6 NAG FC . -42.38 3.74 23.09
C7 NAG FC . -40.66 1.85 16.91
C8 NAG FC . -40.74 2.04 15.43
N2 NAG FC . -41.44 2.66 17.63
O3 NAG FC . -43.28 1.03 19.05
O4 NAG FC . -44.34 2.20 21.48
O5 NAG FC . -41.10 3.88 21.10
O6 NAG FC . -41.95 5.04 23.52
O7 NAG FC . -39.93 1.01 17.43
C1 NAG FC . -44.54 0.81 21.85
C2 NAG FC . -45.63 0.70 22.90
C3 NAG FC . -45.82 -0.75 23.24
C4 NAG FC . -46.08 -1.62 21.99
C5 NAG FC . -44.95 -1.38 20.99
C6 NAG FC . -45.19 -2.09 19.68
C7 NAG FC . -45.60 2.76 24.21
C8 NAG FC . -45.22 3.42 25.50
N2 NAG FC . -45.30 1.46 24.09
O3 NAG FC . -46.90 -0.99 24.19
O4 NAG FC . -46.15 -3.00 22.34
O5 NAG FC . -44.88 0.01 20.71
O6 NAG FC . -44.35 -1.53 18.66
O7 NAG FC . -46.17 3.41 23.34
C1 YZT FC . -47.84 -0.23 24.94
C2 YZT FC . -49.22 -0.69 25.50
C3 YZT FC . -49.31 -0.29 26.97
C4 YZT FC . -48.14 -0.84 27.76
C5 YZT FC . -46.81 -0.47 27.08
C6 YZT FC . -45.60 -1.05 27.79
O1S6 YZT FC . -43.98 0.78 26.92
O2 YZT FC . -50.28 -0.10 24.74
O2S6 YZT FC . -43.97 -1.36 25.79
O3 YZT FC . -50.55 -0.76 27.52
O3S6 YZT FC . -43.03 -1.19 28.03
O4 YZT FC . -48.17 -0.31 29.08
O5 YZT FC . -46.84 -0.89 25.69
S6 YZT FC . -44.00 -0.63 27.16
C1 MAN FC . -44.34 -2.42 17.53
C2 MAN FC . -42.93 -2.37 16.88
C3 MAN FC . -42.72 -1.01 16.20
C4 MAN FC . -43.88 -0.67 15.26
C5 MAN FC . -45.21 -0.76 16.03
C6 MAN FC . -46.43 -0.50 15.17
O2 MAN FC . -42.77 -3.38 15.89
O3 MAN FC . -41.48 -1.02 15.47
O4 MAN FC . -43.71 0.63 14.73
O5 MAN FC . -45.35 -2.08 16.58
O6 MAN FC . -47.56 -0.37 16.03
C1 NAG GC . -47.72 12.50 20.37
C2 NAG GC . -48.31 11.24 19.75
C3 NAG GC . -49.81 11.17 20.04
C4 NAG GC . -50.06 11.27 21.54
C5 NAG GC . -49.43 12.56 22.06
C6 NAG GC . -49.54 12.68 23.58
C7 NAG GC . -47.68 10.16 17.64
C8 NAG GC . -47.53 10.36 16.17
N2 NAG GC . -48.09 11.23 18.31
O3 NAG GC . -50.34 9.94 19.52
O4 NAG GC . -51.46 11.26 21.83
O5 NAG GC . -48.04 12.56 21.76
O6 NAG GC . -48.75 13.79 24.01
O7 NAG GC . -47.44 9.10 18.19
C1 NAG GC . -51.83 9.93 22.25
C2 NAG GC . -52.94 9.96 23.29
C3 NAG GC . -53.39 8.56 23.67
C4 NAG GC . -53.70 7.70 22.44
C5 NAG GC . -52.53 7.76 21.45
C6 NAG GC . -52.87 7.08 20.14
C7 NAG GC . -52.86 11.96 24.72
C8 NAG GC . -52.33 12.54 26.00
N2 NAG GC . -52.51 10.69 24.47
O3 NAG GC . -54.54 8.65 24.51
O4 NAG GC . -53.91 6.37 22.85
O5 NAG GC . -52.22 9.12 21.14
O6 NAG GC . -52.28 7.80 19.05
O7 NAG GC . -53.56 12.61 23.96
C1 MAN GC . -52.42 7.05 17.83
C2 MAN GC . -51.04 7.01 17.13
C3 MAN GC . -50.67 8.38 16.56
C4 MAN GC . -51.81 8.96 15.72
C5 MAN GC . -53.09 8.97 16.54
C6 MAN GC . -54.29 9.51 15.77
O2 MAN GC . -51.02 6.07 16.05
O3 MAN GC . -49.47 8.32 15.80
O4 MAN GC . -51.48 10.28 15.31
O5 MAN GC . -53.40 7.64 16.96
O6 MAN GC . -55.31 9.83 16.73
C1 NAG HC . -28.10 -19.58 15.02
C2 NAG HC . -28.23 -19.49 13.50
C3 NAG HC . -29.63 -19.03 13.12
C4 NAG HC . -30.68 -19.90 13.78
C5 NAG HC . -30.43 -20.11 15.27
C6 NAG HC . -31.32 -21.20 15.84
C7 NAG HC . -27.07 -17.30 13.01
C8 NAG HC . -25.93 -16.74 12.21
N2 NAG HC . -27.22 -18.63 12.90
O3 NAG HC . -29.79 -19.09 11.70
O4 NAG HC . -31.96 -19.28 13.60
O5 NAG HC . -29.08 -20.51 15.51
O6 NAG HC . -31.00 -22.47 15.26
O7 NAG HC . -27.79 -16.57 13.68
C1 NAG HC . -32.89 -20.19 12.98
C2 NAG HC . -34.31 -19.74 13.28
C3 NAG HC . -35.31 -20.75 12.70
C4 NAG HC . -35.01 -20.93 11.22
C5 NAG HC . -33.56 -21.28 10.95
C6 NAG HC . -33.23 -21.29 9.47
C7 NAG HC . -34.81 -18.33 15.20
C8 NAG HC . -35.03 -18.29 16.68
N2 NAG HC . -34.53 -19.54 14.70
O3 NAG HC . -36.64 -20.22 12.86
O4 NAG HC . -35.85 -21.96 10.70
O5 NAG HC . -32.68 -20.33 11.57
O6 NAG HC . -31.79 -21.44 9.32
O7 NAG HC . -34.87 -17.32 14.53
C1 YZT HC . -37.66 -20.82 13.66
C2 YZT HC . -38.97 -20.03 13.78
C3 YZT HC . -39.94 -20.73 14.71
C4 YZT HC . -40.11 -22.19 14.30
C5 YZT HC . -38.74 -22.87 14.17
C6 YZT HC . -38.85 -24.31 13.69
O1S6 YZT HC . -36.60 -25.04 14.75
O2 YZT HC . -38.72 -18.70 14.23
O2S6 YZT HC . -36.61 -24.38 12.42
O3 YZT HC . -41.19 -20.07 14.71
O3S6 YZT HC . -37.61 -26.51 13.07
O4 YZT HC . -40.91 -22.88 15.27
O5 YZT HC . -37.92 -22.16 13.24
S6 YZT HC . -37.31 -25.18 13.53
C1 MAN HC . -36.89 -21.19 10.20
C2 MAN HC . -38.07 -22.10 10.35
C3 MAN HC . -37.92 -23.32 9.45
C4 MAN HC . -37.53 -22.95 8.02
C5 MAN HC . -36.37 -21.94 7.99
C6 MAN HC . -36.11 -21.38 6.61
O2 MAN HC . -39.19 -21.33 9.96
O3 MAN HC . -39.13 -24.07 9.45
O4 MAN HC . -37.15 -24.16 7.34
O5 MAN HC . -36.59 -20.83 8.87
O6 MAN HC . -34.88 -20.63 6.65
C1 MAN HC . -31.18 -20.92 8.12
C2 MAN HC . -29.64 -20.87 8.18
C3 MAN HC . -29.15 -19.57 8.82
C4 MAN HC . -29.82 -18.30 8.29
C5 MAN HC . -31.33 -18.47 8.24
C6 MAN HC . -32.06 -17.31 7.56
O2 MAN HC . -29.15 -20.95 6.83
O3 MAN HC . -27.73 -19.49 8.69
O4 MAN HC . -29.47 -17.17 9.10
O5 MAN HC . -31.70 -19.70 7.57
O6 MAN HC . -33.45 -17.44 7.83
C1 NAG IC . -22.37 -19.50 26.59
C2 NAG IC . -22.38 -21.00 26.33
C3 NAG IC . -23.15 -21.73 27.41
C4 NAG IC . -22.58 -21.37 28.78
C5 NAG IC . -22.56 -19.85 28.95
C6 NAG IC . -21.89 -19.42 30.25
C7 NAG IC . -22.27 -21.88 24.03
C8 NAG IC . -23.04 -22.09 22.78
N2 NAG IC . -22.96 -21.30 25.03
O3 NAG IC . -23.03 -23.14 27.18
O4 NAG IC . -23.36 -21.96 29.81
O5 NAG IC . -21.81 -19.26 27.89
O6 NAG IC . -21.98 -18.00 30.39
O7 NAG IC . -21.10 -22.20 24.15
C1 NAG IC . -22.72 -23.17 30.26
C2 NAG IC . -23.07 -23.46 31.69
C3 NAG IC . -22.39 -24.75 32.12
C4 NAG IC . -22.72 -25.90 31.16
C5 NAG IC . -22.38 -25.49 29.74
C6 NAG IC . -22.80 -26.52 28.71
C7 NAG IC . -23.46 -21.33 32.80
C8 NAG IC . -22.92 -20.27 33.73
N2 NAG IC . -22.67 -22.38 32.57
O3 NAG IC . -22.72 -25.16 33.48
O4 NAG IC . -21.98 -27.08 31.52
O5 NAG IC . -23.10 -24.30 29.44
O6 NAG IC . -22.82 -25.93 27.40
O7 NAG IC . -24.57 -21.19 32.30
C1 YZT IC . -23.48 -24.69 34.57
C2 YZT IC . -24.09 -25.52 35.73
C3 YZT IC . -23.73 -24.87 37.07
C4 YZT IC . -22.22 -24.68 37.19
C5 YZT IC . -21.66 -23.98 35.94
C6 YZT IC . -20.15 -23.84 35.98
O1S6 YZT IC . -20.12 -21.77 34.40
O2 YZT IC . -25.51 -25.61 35.59
O2S6 YZT IC . -19.59 -23.93 33.45
O3 YZT IC . -24.22 -25.65 38.15
O3S6 YZT IC . -17.99 -22.86 34.94
O4 YZT IC . -21.93 -23.90 38.35
O5 YZT IC . -22.08 -24.69 34.75
S6 YZT IC . -19.38 -22.97 34.64
C1 MAN IC . -22.87 -26.98 26.42
C2 MAN IC . -22.08 -26.52 25.19
C3 MAN IC . -22.82 -25.41 24.45
C4 MAN IC . -24.29 -25.79 24.19
C5 MAN IC . -24.95 -26.23 25.49
C6 MAN IC . -26.39 -26.68 25.32
O2 MAN IC . -21.88 -27.59 24.25
O3 MAN IC . -22.17 -25.08 23.23
O4 MAN IC . -24.99 -24.70 23.61
O5 MAN IC . -24.21 -27.32 26.07
O6 MAN IC . -26.96 -26.82 26.62
C1 NAG JC . -31.28 -14.49 30.33
C2 NAG JC . -31.41 -15.99 30.09
C3 NAG JC . -32.43 -16.58 31.07
C4 NAG JC . -32.03 -16.24 32.51
C5 NAG JC . -31.91 -14.73 32.65
C6 NAG JC . -31.42 -14.31 34.02
C7 NAG JC . -31.28 -17.20 27.96
C8 NAG JC . -31.87 -17.31 26.60
N2 NAG JC . -31.83 -16.26 28.73
O3 NAG JC . -32.48 -18.01 30.89
O4 NAG JC . -32.99 -16.74 33.44
O5 NAG JC . -30.97 -14.24 31.71
O6 NAG JC . -31.14 -12.90 34.00
O7 NAG JC . -30.37 -17.90 28.35
C1 NAG JC . -32.48 -17.98 33.99
C2 NAG JC . -32.92 -18.15 35.45
C3 NAG JC . -32.45 -19.49 36.02
C4 NAG JC . -32.83 -20.65 35.10
C5 NAG JC . -32.36 -20.36 33.68
C6 NAG JC . -32.85 -21.41 32.69
C7 NAG JC . -33.18 -16.01 36.64
C8 NAG JC . -32.50 -14.98 37.49
N2 NAG JC . -32.42 -17.05 36.27
O3 NAG JC . -33.03 -19.67 37.31
O4 NAG JC . -32.19 -21.82 35.59
O5 NAG JC . -32.88 -19.11 33.23
O6 NAG JC . -33.18 -20.80 31.45
O7 NAG JC . -34.35 -15.90 36.30
C1 MAN JC . -33.46 -21.80 30.46
C2 MAN JC . -32.65 -21.45 29.18
C3 MAN JC . -33.24 -20.22 28.49
C4 MAN JC . -34.75 -20.37 28.28
C5 MAN JC . -35.41 -20.68 29.62
C6 MAN JC . -36.92 -20.86 29.51
O2 MAN JC . -32.66 -22.54 28.24
O3 MAN JC . -32.58 -19.98 27.25
O4 MAN JC . -35.27 -19.17 27.73
O5 MAN JC . -34.86 -21.88 30.17
O6 MAN JC . -37.47 -20.76 30.83
C1 NAG KC . -3.26 -36.17 16.59
C2 NAG KC . -4.03 -36.50 15.31
C3 NAG KC . -5.50 -36.75 15.66
C4 NAG KC . -5.64 -37.79 16.76
C5 NAG KC . -4.70 -37.52 17.95
C6 NAG KC . -4.65 -38.71 18.89
C7 NAG KC . -4.35 -34.23 14.28
C8 NAG KC . -4.07 -33.49 13.00
N2 NAG KC . -3.89 -35.49 14.28
O3 NAG KC . -6.19 -37.20 14.49
O4 NAG KC . -7.00 -37.80 17.21
O5 NAG KC . -3.37 -37.27 17.50
O6 NAG KC . -4.05 -39.83 18.25
O7 NAG KC . -4.95 -33.71 15.19
C1 NAG KC . -7.55 -39.12 17.13
C2 NAG KC . -8.74 -39.23 18.06
C3 NAG KC . -9.28 -40.67 18.05
C4 NAG KC . -9.60 -41.06 16.61
C5 NAG KC . -8.42 -40.84 15.68
C6 NAG KC . -8.77 -41.06 14.23
C7 NAG KC . -8.97 -37.73 19.96
C8 NAG KC . -8.54 -37.44 21.37
N2 NAG KC . -8.40 -38.81 19.41
O3 NAG KC . -10.51 -40.68 18.83
O4 NAG KC . -9.99 -42.43 16.57
O5 NAG KC . -7.91 -39.51 15.79
O6 NAG KC . -7.65 -40.65 13.41
O7 NAG KC . -9.78 -37.03 19.39
C1 YZT KC . -10.67 -41.44 20.04
C2 YZT KC . -12.02 -41.24 20.75
C3 YZT KC . -12.04 -42.04 22.04
C4 YZT KC . -11.67 -43.50 21.80
C5 YZT KC . -10.34 -43.58 21.03
C6 YZT KC . -9.95 -45.01 20.68
O1S6 YZT KC . -7.41 -44.49 20.53
O2 YZT KC . -12.26 -39.87 21.02
O2S6 YZT KC . -8.72 -44.47 18.48
O3 YZT KC . -13.33 -41.97 22.65
O3S6 YZT KC . -8.22 -46.59 19.57
O4 YZT KC . -11.57 -44.20 23.03
O5 YZT KC . -10.43 -42.83 19.81
S6 YZT KC . -8.42 -45.19 19.81
C1 MAN KC . -11.37 -42.28 16.64
C2 MAN KC . -11.79 -43.53 17.35
C3 MAN KC . -11.49 -44.76 16.50
C4 MAN KC . -11.96 -44.61 15.05
C5 MAN KC . -11.54 -43.27 14.46
C6 MAN KC . -12.19 -42.99 13.11
O2 MAN KC . -13.18 -43.39 17.54
O3 MAN KC . -12.07 -45.91 17.10
O4 MAN KC . -11.38 -45.69 14.30
O5 MAN KC . -11.86 -42.17 15.32
O6 MAN KC . -11.55 -41.82 12.55
C1 MAN KC . -7.92 -40.23 12.06
C2 MAN KC . -6.73 -39.55 11.36
C3 MAN KC . -6.69 -38.06 11.68
C4 MAN KC . -8.03 -37.33 11.51
C5 MAN KC . -9.15 -38.10 12.21
C6 MAN KC . -10.53 -37.53 11.94
O2 MAN KC . -6.88 -39.73 9.94
O3 MAN KC . -5.69 -37.43 10.87
O4 MAN KC . -7.95 -35.99 12.05
O5 MAN KC . -9.14 -39.49 11.80
O6 MAN KC . -11.44 -38.14 12.85
C1 NAG LC . 6.02 -31.02 23.96
C2 NAG LC . 6.60 -32.42 23.74
C3 NAG LC . 6.81 -33.11 25.07
C4 NAG LC . 7.66 -32.23 26.00
C5 NAG LC . 7.04 -30.84 26.11
C6 NAG LC . 7.89 -29.89 26.91
C7 NAG LC . 6.12 -33.69 21.70
C8 NAG LC . 5.08 -34.49 20.98
N2 NAG LC . 5.74 -33.22 22.90
O3 NAG LC . 7.46 -34.36 24.84
O4 NAG LC . 7.76 -32.84 27.28
O5 NAG LC . 6.88 -30.27 24.81
O6 NAG LC . 7.22 -28.63 27.07
O7 NAG LC . 7.22 -33.48 21.24
C1 NAG LC . 9.01 -33.54 27.37
C2 NAG LC . 9.49 -33.60 28.81
C3 NAG LC . 10.79 -34.35 28.87
C4 NAG LC . 10.68 -35.73 28.20
C5 NAG LC . 10.15 -35.56 26.79
C6 NAG LC . 9.89 -36.89 26.09
C7 NAG LC . 8.65 -31.60 29.93
C8 NAG LC . 8.96 -30.23 30.48
N2 NAG LC . 9.66 -32.27 29.36
O3 NAG LC . 11.29 -34.53 30.21
O4 NAG LC . 11.96 -36.38 28.18
O5 NAG LC . 8.91 -34.87 26.84
O6 NAG LC . 9.03 -36.70 24.97
O7 NAG LC . 7.52 -32.04 30.04
C1 YZT LC . 10.95 -34.17 31.54
C2 YZT LC . 11.33 -34.88 32.87
C3 YZT LC . 11.87 -33.83 33.86
C4 YZT LC . 13.01 -33.04 33.25
C5 YZT LC . 12.60 -32.48 31.87
C6 YZT LC . 13.73 -31.73 31.18
O1S6 YZT LC . 12.13 -30.26 29.75
O2 YZT LC . 10.22 -35.57 33.42
O2S6 YZT LC . 13.15 -32.19 28.68
O3 YZT LC . 12.29 -34.47 35.06
O3S6 YZT LC . 14.52 -30.23 29.22
O4 YZT LC . 13.35 -31.96 34.11
O5 YZT LC . 12.11 -33.56 31.03
S6 YZT LC . 13.36 -30.97 29.63
C1 MAN LC . 9.07 -37.87 24.14
C2 MAN LC . 8.94 -37.44 22.68
C3 MAN LC . 7.52 -36.94 22.39
C4 MAN LC . 6.46 -37.93 22.88
C5 MAN LC . 6.71 -38.27 24.34
C6 MAN LC . 5.75 -39.30 24.91
O2 MAN LC . 9.19 -38.53 21.77
O3 MAN LC . 7.35 -36.67 20.99
O4 MAN LC . 5.16 -37.38 22.72
O5 MAN LC . 8.03 -38.80 24.49
O6 MAN LC . 5.92 -39.34 26.32
C1 NAG MC . -1.69 -29.32 31.46
C2 NAG MC . -1.18 -30.76 31.34
C3 NAG MC . -1.28 -31.46 32.68
C4 NAG MC . -0.53 -30.65 33.75
C5 NAG MC . -1.10 -29.24 33.80
C6 NAG MC . -0.35 -28.33 34.75
C7 NAG MC . -1.44 -32.29 29.42
C8 NAG MC . -2.44 -32.94 28.53
N2 NAG MC . -1.97 -31.49 30.35
O3 NAG MC . -0.73 -32.77 32.57
O4 NAG MC . -0.65 -31.27 35.03
O5 NAG MC . -0.99 -28.64 32.51
O6 NAG MC . -0.81 -26.99 34.58
O7 NAG MC . -0.24 -32.44 29.32
C1 NAG MC . 0.56 -32.01 35.29
C2 NAG MC . 0.91 -32.00 36.77
C3 NAG MC . 2.14 -32.84 37.06
C4 NAG MC . 2.05 -34.23 36.44
C5 NAG MC . 1.66 -34.14 34.96
C6 NAG MC . 1.36 -35.50 34.36
C7 NAG MC . 0.19 -29.94 37.92
C8 NAG MC . 0.59 -28.56 38.33
N2 NAG MC . 1.12 -30.63 37.24
O3 NAG MC . 2.31 -32.95 38.48
O4 NAG MC . 3.32 -34.87 36.57
O5 NAG MC . 0.47 -33.36 34.81
O6 NAG MC . 0.28 -35.39 33.42
O7 NAG MC . -0.90 -30.41 38.19
C1 MAN MC . 0.12 -36.63 32.70
C2 MAN MC . 0.02 -36.30 31.20
C3 MAN MC . -1.31 -35.62 30.88
C4 MAN MC . -2.49 -36.42 31.45
C5 MAN MC . -2.27 -36.64 32.95
C6 MAN MC . -3.38 -37.44 33.59
O2 MAN MC . 0.12 -37.48 30.40
O3 MAN MC . -1.45 -35.44 29.47
O4 MAN MC . -3.70 -35.69 31.22
O5 MAN MC . -1.04 -37.33 33.15
O6 MAN MC . -3.29 -37.25 35.01
C1 NAG NC . 24.47 -40.45 6.21
C2 NAG NC . 23.49 -41.37 5.48
C3 NAG NC . 22.61 -42.10 6.48
C4 NAG NC . 23.45 -42.81 7.54
C5 NAG NC . 24.54 -41.91 8.12
C6 NAG NC . 25.53 -42.70 8.94
C7 NAG NC . 21.73 -39.72 4.71
C8 NAG NC . 21.06 -39.25 3.45
N2 NAG NC . 22.68 -40.65 4.50
O3 NAG NC . 21.79 -43.04 5.80
O4 NAG NC . 22.59 -43.26 8.58
O5 NAG NC . 25.27 -41.25 7.08
O6 NAG NC . 26.26 -43.62 8.11
O7 NAG NC . 21.41 -39.29 5.80
C1 NAG NC . 22.74 -44.67 8.79
C2 NAG NC . 22.26 -45.03 10.20
C3 NAG NC . 22.50 -46.51 10.47
C4 NAG NC . 21.83 -47.33 9.37
C5 NAG NC . 22.26 -46.88 7.98
C6 NAG NC . 21.48 -47.56 6.89
C7 NAG NC . 22.18 -43.34 11.95
C8 NAG NC . 22.96 -42.56 12.97
N2 NAG NC . 22.89 -44.19 11.20
O3 NAG NC . 21.89 -46.83 11.74
O4 NAG NC . 22.15 -48.70 9.54
O5 NAG NC . 22.08 -45.47 7.81
O6 NAG NC . 21.82 -46.95 5.61
O7 NAG NC . 20.97 -43.17 11.83
C1 YZT NC . 22.62 -47.28 12.89
C2 YZT NC . 21.79 -47.49 14.17
C3 YZT NC . 22.69 -47.89 15.32
C4 YZT NC . 23.55 -49.08 14.94
C5 YZT NC . 24.30 -48.80 13.63
C6 YZT NC . 25.13 -49.98 13.15
O1S6 YZT NC . 26.79 -48.52 11.78
O2 YZT NC . 21.07 -46.30 14.49
O2S6 YZT NC . 24.90 -49.53 10.62
O3 YZT NC . 21.91 -48.20 16.47
O3S6 YZT NC . 26.75 -50.94 11.37
O4 YZT NC . 24.50 -49.35 15.99
O5 YZT NC . 23.36 -48.47 12.60
S6 YZT NC . 26.05 -49.73 11.65
C1 MAN NC . 21.05 -49.11 10.26
C2 MAN NC . 21.60 -50.22 11.11
C3 MAN NC . 22.06 -51.38 10.23
C4 MAN NC . 21.01 -51.79 9.18
C5 MAN NC . 20.46 -50.57 8.44
C6 MAN NC . 19.25 -50.90 7.58
O2 MAN NC . 20.54 -50.61 11.94
O3 MAN NC . 22.39 -52.49 11.05
O4 MAN NC . 21.67 -52.67 8.26
O5 MAN NC . 20.05 -49.52 9.34
O6 MAN NC . 18.97 -49.75 6.76
C1 MAN NC . 20.83 -47.00 4.56
C2 MAN NC . 21.16 -46.09 3.36
C3 MAN NC . 20.62 -44.67 3.59
C4 MAN NC . 19.17 -44.60 4.08
C5 MAN NC . 18.96 -45.58 5.24
C6 MAN NC . 17.50 -45.69 5.67
O2 MAN NC . 20.53 -46.65 2.19
O3 MAN NC . 20.78 -43.91 2.39
O4 MAN NC . 18.84 -43.27 4.49
O5 MAN NC . 19.44 -46.90 4.91
O6 MAN NC . 17.46 -46.38 6.92
C1 NAG OC . 32.37 -30.41 8.10
C2 NAG OC . 33.39 -31.45 7.66
C3 NAG OC . 34.43 -31.67 8.74
C4 NAG OC . 35.07 -30.33 9.12
C5 NAG OC . 33.97 -29.33 9.51
C6 NAG OC . 34.54 -27.95 9.78
C7 NAG OC . 32.75 -33.25 6.12
C8 NAG OC . 32.02 -34.55 5.99
N2 NAG OC . 32.74 -32.71 7.34
O3 NAG OC . 35.42 -32.56 8.24
O4 NAG OC . 35.96 -30.51 10.21
O5 NAG OC . 33.05 -29.19 8.42
O6 NAG OC . 33.48 -27.08 10.22
O7 NAG OC . 33.32 -32.72 5.18
C1 NAG OC . 37.31 -30.60 9.69
C2 NAG OC . 38.31 -30.12 10.73
C3 NAG OC . 39.70 -30.25 10.17
C4 NAG OC . 39.98 -31.68 9.66
C5 NAG OC . 38.89 -32.08 8.67
C6 NAG OC . 39.01 -33.52 8.22
C7 NAG OC . 37.19 -28.43 12.10
C8 NAG OC . 37.03 -26.97 12.39
N2 NAG OC . 38.05 -28.75 11.12
O3 NAG OC . 40.75 -29.89 11.11
O4 NAG OC . 41.26 -31.76 9.04
O5 NAG OC . 37.63 -31.95 9.31
O6 NAG OC . 37.79 -33.96 7.63
O7 NAG OC . 36.57 -29.26 12.73
C1 YZT OC . 40.85 -29.39 12.43
C2 YZT OC . 42.05 -29.53 13.41
C3 YZT OC . 42.40 -28.17 13.99
C4 YZT OC . 42.65 -27.15 12.89
C5 YZT OC . 41.49 -27.15 11.88
C6 YZT OC . 41.72 -26.21 10.72
O1S6 YZT OC . 39.19 -25.89 10.22
O2 YZT OC . 41.72 -30.46 14.45
O2S6 YZT OC . 40.43 -27.43 8.83
O3 YZT OC . 43.54 -28.27 14.84
O3S6 YZT OC . 40.81 -25.04 8.60
O4 YZT OC . 42.78 -25.86 13.46
O5 YZT OC . 41.26 -28.51 11.40
S6 YZT OC . 40.41 -26.05 9.52
C1 MAN OC . 38.03 -35.18 6.91
C2 MAN OC . 37.10 -35.21 5.68
C3 MAN OC . 35.64 -35.39 6.10
C4 MAN OC . 35.50 -36.58 7.04
C5 MAN OC . 36.45 -36.44 8.21
C6 MAN OC . 36.41 -37.61 9.18
O2 MAN OC . 37.44 -36.27 4.78
O3 MAN OC . 34.81 -35.55 4.95
O4 MAN OC . 34.15 -36.67 7.51
O5 MAN OC . 37.80 -36.34 7.73
O6 MAN OC . 37.17 -37.25 10.34
C1 NAG PC . 28.74 -30.22 18.36
C2 NAG PC . 29.75 -31.31 18.04
C3 NAG PC . 30.58 -31.64 19.27
C4 NAG PC . 31.23 -30.38 19.83
C5 NAG PC . 30.15 -29.35 20.12
C6 NAG PC . 30.73 -28.02 20.57
C7 NAG PC . 29.48 -33.21 16.50
C8 NAG PC . 28.63 -34.40 16.20
N2 NAG PC . 29.08 -32.51 17.56
O3 NAG PC . 31.57 -32.62 18.92
O4 NAG PC . 31.96 -30.66 21.02
O5 NAG PC . 29.41 -29.09 18.93
O6 NAG PC . 29.68 -27.05 20.62
O7 NAG PC . 30.44 -32.89 15.84
C1 NAG PC . 33.37 -30.78 20.67
C2 NAG PC . 34.26 -30.27 21.81
C3 NAG PC . 35.74 -30.46 21.48
C4 NAG PC . 36.03 -31.90 21.04
C5 NAG PC . 35.07 -32.32 19.92
C6 NAG PC . 35.22 -33.78 19.55
C7 NAG PC . 33.23 -28.47 23.11
C8 NAG PC . 33.07 -26.98 23.25
N2 NAG PC . 33.99 -28.87 22.08
O3 NAG PC . 36.51 -30.13 22.63
O4 NAG PC . 37.37 -31.97 20.58
O5 NAG PC . 33.72 -32.12 20.34
O6 NAG PC . 33.93 -34.33 19.24
O7 NAG PC . 32.70 -29.24 23.89
C1 MAN PC . 34.08 -35.66 18.70
C2 MAN PC . 33.22 -35.76 17.43
C3 MAN PC . 31.73 -35.77 17.76
C4 MAN PC . 31.42 -36.81 18.83
C5 MAN PC . 32.31 -36.57 20.05
C6 MAN PC . 32.09 -37.58 21.17
O2 MAN PC . 33.51 -36.95 16.69
O3 MAN PC . 30.95 -35.99 16.60
O4 MAN PC . 30.04 -36.72 19.20
O5 MAN PC . 33.68 -36.65 19.66
O6 MAN PC . 32.67 -37.03 22.36
C1 NAG QC . 43.65 -35.45 -16.22
C2 NAG QC . 43.00 -36.83 -16.38
C3 NAG QC . 43.07 -37.59 -15.05
C4 NAG QC . 44.51 -37.63 -14.54
C5 NAG QC . 45.17 -36.24 -14.56
C6 NAG QC . 46.66 -36.35 -14.31
C7 NAG QC . 40.53 -36.28 -16.24
C8 NAG QC . 39.27 -36.42 -17.03
N2 NAG QC . 41.63 -36.76 -16.86
O3 NAG QC . 42.60 -38.92 -15.25
O4 NAG QC . 44.49 -38.12 -13.19
O5 NAG QC . 45.00 -35.62 -15.83
O6 NAG QC . 47.32 -37.06 -15.37
O7 NAG QC . 40.53 -35.76 -15.12
C1 NAG QC . 45.36 -39.25 -13.06
C2 NAG QC . 45.74 -39.43 -11.59
C3 NAG QC . 46.74 -40.58 -11.45
C4 NAG QC . 46.16 -41.83 -12.09
C5 NAG QC . 45.69 -41.59 -13.51
C6 NAG QC . 44.94 -42.78 -14.09
C7 NAG QC . 45.62 -37.56 -10.04
C8 NAG QC . 46.29 -36.32 -9.53
N2 NAG QC . 46.26 -38.21 -11.02
O3 NAG QC . 46.96 -40.81 -10.04
O4 NAG QC . 47.12 -42.87 -12.07
O5 NAG QC . 44.81 -40.46 -13.59
O6 NAG QC . 44.38 -42.39 -15.36
O7 NAG QC . 44.56 -37.94 -9.57
C1 YZT QC . 48.22 -40.64 -9.38
C2 YZT QC . 48.21 -40.84 -7.86
C3 YZT QC . 49.58 -40.57 -7.28
C4 YZT QC . 50.66 -41.35 -8.01
C5 YZT QC . 50.55 -41.12 -9.52
C6 YZT QC . 51.55 -41.94 -10.33
O1S6 YZT QC . 51.57 -40.30 -12.34
O2 YZT QC . 47.23 -40.01 -7.24
O2S6 YZT QC . 50.09 -42.24 -12.43
O3 YZT QC . 49.60 -40.88 -5.89
O3S6 YZT QC . 52.51 -42.55 -12.66
O4 YZT QC . 51.95 -40.98 -7.54
O5 YZT QC . 49.24 -41.45 -9.98
S6 YZT QC . 51.51 -41.70 -12.08
C1 MAN QC . 46.75 -43.52 -10.89
C2 MAN QC . 48.05 -44.07 -10.41
C3 MAN QC . 48.59 -45.12 -11.38
C4 MAN QC . 47.53 -46.15 -11.77
C5 MAN QC . 46.22 -45.47 -12.17
C6 MAN QC . 45.07 -46.46 -12.35
O2 MAN QC . 47.77 -44.64 -9.16
O3 MAN QC . 49.72 -45.76 -10.80
O4 MAN QC . 48.06 -46.90 -12.88
O5 MAN QC . 45.79 -44.50 -11.21
O6 MAN QC . 43.96 -45.75 -12.93
C1 MAN QC . 43.20 -43.10 -15.82
C2 MAN QC . 42.52 -42.45 -17.04
C3 MAN QC . 41.53 -41.35 -16.60
C4 MAN QC . 40.58 -41.77 -15.46
C5 MAN QC . 41.36 -42.44 -14.33
C6 MAN QC . 40.45 -43.03 -13.26
O2 MAN QC . 41.80 -43.47 -17.74
O3 MAN QC . 40.80 -40.91 -17.72
O4 MAN QC . 39.86 -40.63 -14.97
O5 MAN QC . 42.21 -43.48 -14.84
O6 MAN QC . 41.27 -43.35 -12.13
C1 NAG RC . 45.86 -22.93 -18.52
C2 NAG RC . 46.95 -23.55 -19.39
C3 NAG RC . 48.32 -23.07 -18.94
C4 NAG RC . 48.34 -21.53 -18.93
C5 NAG RC . 47.19 -20.99 -18.09
C6 NAG RC . 47.09 -19.48 -18.14
C7 NAG RC . 46.65 -25.77 -20.40
C8 NAG RC . 46.64 -27.24 -20.13
N2 NAG RC . 46.90 -25.01 -19.33
O3 NAG RC . 49.30 -23.57 -19.85
O4 NAG RC . 49.58 -21.07 -18.41
O5 NAG RC . 45.95 -21.51 -18.59
O6 NAG RC . 46.05 -19.04 -17.25
O7 NAG RC . 46.44 -25.29 -21.50
C1 NAG RC . 50.45 -20.74 -19.52
C2 NAG RC . 51.43 -19.66 -19.11
C3 NAG RC . 52.34 -19.35 -20.28
C4 NAG RC . 53.01 -20.61 -20.83
C5 NAG RC . 51.93 -21.64 -21.16
C6 NAG RC . 52.52 -22.97 -21.59
C7 NAG RC . 50.35 -18.29 -17.40
C8 NAG RC . 49.66 -16.99 -17.09
N2 NAG RC . 50.75 -18.46 -18.67
O3 NAG RC . 53.37 -18.38 -19.96
O4 NAG RC . 53.77 -20.31 -22.00
O5 NAG RC . 51.17 -21.89 -19.99
O6 NAG RC . 51.53 -24.00 -21.51
O7 NAG RC . 50.53 -19.13 -16.52
C1 YZT RC . 53.79 -17.57 -18.86
C2 YZT RC . 55.19 -16.99 -18.59
C3 YZT RC . 55.07 -15.50 -18.26
C4 YZT RC . 54.32 -14.76 -19.36
C5 YZT RC . 52.99 -15.48 -19.69
C6 YZT RC . 52.24 -14.82 -20.83
O1S6 YZT RC . 49.92 -15.68 -20.05
O2 YZT RC . 55.83 -17.69 -17.52
O2S6 YZT RC . 51.02 -16.88 -21.85
O3 YZT RC . 56.35 -14.92 -18.06
O3S6 YZT RC . 50.10 -14.67 -22.27
O4 YZT RC . 54.05 -13.43 -18.94
O5 YZT RC . 53.25 -16.88 -19.97
S6 YZT RC . 50.66 -15.49 -21.25
C1 MAN RC . 51.97 -25.15 -22.24
C2 MAN RC . 50.75 -25.83 -22.88
C3 MAN RC . 49.89 -26.49 -21.79
C4 MAN RC . 50.73 -27.38 -20.88
C5 MAN RC . 51.91 -26.58 -20.32
C6 MAN RC . 52.83 -27.41 -19.44
O2 MAN RC . 51.13 -26.85 -23.79
O3 MAN RC . 48.82 -27.25 -22.39
O4 MAN RC . 49.92 -27.88 -19.81
O5 MAN RC . 52.69 -26.06 -21.39
O6 MAN RC . 53.74 -26.51 -18.79
C1 NAG SC . 47.28 -21.80 -7.78
C2 NAG SC . 48.44 -22.44 -8.55
C3 NAG SC . 49.76 -22.11 -7.86
C4 NAG SC . 49.91 -20.59 -7.70
C5 NAG SC . 48.70 -20.05 -6.94
C6 NAG SC . 48.72 -18.53 -6.83
C7 NAG SC . 48.46 -24.59 -9.72
C8 NAG SC . 48.25 -26.06 -9.55
N2 NAG SC . 48.27 -23.88 -8.61
O3 NAG SC . 50.83 -22.64 -8.63
O4 NAG SC . 51.11 -20.26 -7.01
O5 NAG SC . 47.51 -20.40 -7.63
O6 NAG SC . 47.46 -18.09 -6.30
O7 NAG SC . 48.79 -24.07 -10.78
C1 NAG SC . 52.11 -19.88 -7.97
C2 NAG SC . 53.04 -18.81 -7.41
C3 NAG SC . 54.14 -18.45 -8.41
C4 NAG SC . 54.84 -19.70 -8.95
C5 NAG SC . 53.82 -20.71 -9.46
C6 NAG SC . 54.46 -22.02 -9.85
C7 NAG SC . 51.94 -17.33 -5.80
C8 NAG SC . 51.17 -16.05 -5.61
N2 NAG SC . 52.29 -17.62 -7.05
O3 NAG SC . 55.08 -17.60 -7.77
O4 NAG SC . 55.71 -19.29 -10.01
O5 NAG SC . 52.86 -21.01 -8.44
O6 NAG SC . 53.60 -23.11 -9.50
O7 NAG SC . 52.22 -18.05 -4.85
C1 MAN SC . 54.11 -24.35 -10.02
C2 MAN SC . 52.96 -25.10 -10.71
C3 MAN SC . 51.95 -25.63 -9.69
C4 MAN SC . 52.66 -26.42 -8.58
C5 MAN SC . 53.75 -25.56 -7.96
C6 MAN SC . 54.54 -26.27 -6.87
O2 MAN SC . 53.43 -26.21 -11.48
O3 MAN SC . 50.95 -26.43 -10.32
O4 MAN SC . 51.70 -26.79 -7.59
O5 MAN SC . 54.69 -25.16 -8.97
O6 MAN SC . 55.24 -25.27 -6.11
C1 NAG TC . 46.75 -28.67 -45.18
C2 NAG TC . 46.82 -30.18 -44.98
C3 NAG TC . 47.81 -30.51 -43.86
C4 NAG TC . 49.15 -29.84 -44.09
C5 NAG TC . 49.00 -28.36 -44.45
C6 NAG TC . 50.32 -27.79 -44.95
C7 NAG TC . 44.71 -30.66 -43.67
C8 NAG TC . 43.46 -31.48 -43.73
N2 NAG TC . 45.53 -30.79 -44.74
O3 NAG TC . 47.98 -31.92 -43.78
O4 NAG TC . 49.93 -29.97 -42.90
O5 NAG TC . 48.05 -28.18 -45.50
O6 NAG TC . 50.70 -28.40 -46.18
O7 NAG TC . 44.95 -29.94 -42.70
C1 NAG TC . 51.20 -30.59 -43.19
C2 NAG TC . 52.19 -30.24 -42.08
C3 NAG TC . 53.56 -30.82 -42.42
C4 NAG TC . 53.43 -32.31 -42.66
C5 NAG TC . 52.36 -32.63 -43.70
C6 NAG TC . 52.09 -34.11 -43.83
C7 NAG TC . 51.88 -28.26 -40.70
C8 NAG TC . 52.03 -26.77 -40.60
N2 NAG TC . 52.26 -28.81 -41.86
O3 NAG TC . 54.43 -30.59 -41.29
O4 NAG TC . 54.67 -32.84 -43.11
O5 NAG TC . 51.11 -32.00 -43.36
O6 NAG TC . 50.93 -34.31 -44.68
O7 NAG TC . 51.43 -28.91 -39.77
C1 YZT TC . 55.61 -29.78 -41.32
C2 YZT TC . 56.34 -29.61 -39.98
C3 YZT TC . 57.52 -28.67 -40.14
C4 YZT TC . 58.42 -29.11 -41.29
C5 YZT TC . 57.59 -29.30 -42.56
C6 YZT TC . 58.41 -29.81 -43.73
O1S6 YZT TC . 56.83 -28.83 -45.53
O2 YZT TC . 55.45 -29.12 -38.98
O2S6 YZT TC . 56.53 -31.17 -44.88
O3 YZT TC . 58.27 -28.61 -38.93
O3S6 YZT TC . 58.46 -30.53 -46.23
O4 YZT TC . 59.44 -28.13 -41.51
O5 YZT TC . 56.53 -30.23 -42.32
S6 YZT TC . 57.53 -30.04 -45.25
C1 MAN TC . 55.18 -33.27 -41.90
C2 MAN TC . 56.66 -33.11 -42.09
C3 MAN TC . 57.15 -34.06 -43.18
C4 MAN TC . 56.65 -35.49 -43.00
C5 MAN TC . 55.14 -35.53 -42.73
C6 MAN TC . 54.65 -36.90 -42.32
O2 MAN TC . 57.23 -33.45 -40.84
O3 MAN TC . 58.58 -34.04 -43.21
O4 MAN TC . 56.95 -36.21 -44.20
O5 MAN TC . 54.76 -34.61 -41.69
O6 MAN TC . 53.21 -36.87 -42.31
C1 MAN TC . 50.15 -35.52 -44.49
C2 MAN TC . 48.80 -35.50 -45.24
C3 MAN TC . 47.72 -34.83 -44.40
C4 MAN TC . 47.64 -35.31 -42.94
C5 MAN TC . 49.04 -35.31 -42.31
C6 MAN TC . 49.07 -35.95 -40.92
O2 MAN TC . 48.43 -36.86 -45.50
O3 MAN TC . 46.46 -35.00 -45.04
O4 MAN TC . 46.76 -34.47 -42.17
O5 MAN TC . 49.98 -36.01 -43.15
O6 MAN TC . 50.34 -35.63 -40.33
C1 NAG UC . 41.63 -17.26 -48.45
C2 NAG UC . 42.41 -17.57 -49.72
C3 NAG UC . 43.43 -16.48 -50.01
C4 NAG UC . 42.73 -15.12 -50.04
C5 NAG UC . 41.94 -14.91 -48.75
C6 NAG UC . 41.14 -13.62 -48.76
C7 NAG UC . 42.77 -19.89 -50.45
C8 NAG UC . 43.56 -21.14 -50.18
N2 NAG UC . 43.08 -18.87 -49.64
O3 NAG UC . 44.05 -16.75 -51.27
O4 NAG UC . 43.70 -14.08 -50.18
O5 NAG UC . 41.01 -15.98 -48.57
O6 NAG UC . 40.50 -13.44 -47.49
O7 NAG UC . 41.93 -19.81 -51.32
C1 NAG UC . 43.76 -13.70 -51.58
C2 NAG UC . 44.18 -12.25 -51.71
C3 NAG UC . 44.25 -11.88 -53.17
C4 NAG UC . 45.14 -12.87 -53.96
C5 NAG UC . 44.64 -14.29 -53.72
C6 NAG UC . 45.55 -15.34 -54.36
C7 NAG UC . 43.42 -11.08 -49.70
C8 NAG UC . 42.41 -10.14 -49.11
N2 NAG UC . 43.28 -11.37 -51.01
O3 NAG UC . 44.73 -10.54 -53.41
O4 NAG UC . 45.08 -12.57 -55.36
O5 NAG UC . 44.65 -14.53 -52.32
O6 NAG UC . 45.30 -16.62 -53.78
O7 NAG UC . 44.33 -11.54 -49.01
C1 YZT UC . 45.14 -9.41 -52.66
C2 YZT UC . 46.08 -8.25 -53.10
C3 YZT UC . 45.42 -6.91 -52.78
C4 YZT UC . 44.03 -6.82 -53.39
C5 YZT UC . 43.20 -8.07 -53.03
C6 YZT UC . 41.83 -8.07 -53.67
O1S6 YZT UC . 40.76 -9.58 -51.85
O2 YZT UC . 47.34 -8.36 -52.45
O2S6 YZT UC . 41.42 -10.61 -53.95
O3 YZT UC . 46.23 -5.84 -53.25
O3S6 YZT UC . 39.47 -9.14 -53.89
O4 YZT UC . 43.38 -5.65 -52.92
O5 YZT UC . 43.93 -9.27 -53.39
S6 YZT UC . 40.74 -9.40 -53.27
C1 MAN UC . 45.87 -17.63 -54.62
C2 MAN UC . 44.97 -18.88 -54.58
C3 MAN UC . 45.05 -19.56 -53.21
C4 MAN UC . 46.51 -19.79 -52.80
C5 MAN UC . 47.29 -18.47 -52.88
C6 MAN UC . 48.76 -18.62 -52.54
O2 MAN UC . 45.36 -19.85 -55.56
O3 MAN UC . 44.33 -20.79 -53.22
O4 MAN UC . 46.55 -20.31 -51.47
O5 MAN UC . 47.21 -17.96 -54.21
O6 MAN UC . 49.32 -17.31 -52.41
C1 NAG VC . 46.72 -13.12 -39.76
C2 NAG VC . 47.59 -13.40 -40.98
C3 NAG VC . 48.75 -12.41 -41.02
C4 NAG VC . 48.22 -10.98 -40.99
C5 NAG VC . 47.34 -10.79 -39.74
C6 NAG VC . 46.68 -9.43 -39.69
C7 NAG VC . 48.11 -15.57 -41.99
C8 NAG VC . 48.70 -16.92 -41.73
N2 NAG VC . 48.11 -14.77 -40.94
O3 NAG VC . 49.51 -12.63 -42.20
O4 NAG VC . 49.29 -10.03 -40.96
O5 NAG VC . 46.29 -11.76 -39.77
O6 NAG VC . 45.75 -9.43 -38.61
O7 NAG VC . 47.68 -15.23 -43.08
C1 NAG VC . 49.47 -9.53 -42.30
C2 NAG VC . 49.91 -8.06 -42.28
C3 NAG VC . 50.19 -7.55 -43.69
C4 NAG VC . 51.12 -8.49 -44.46
C5 NAG VC . 50.59 -9.93 -44.40
C6 NAG VC . 51.56 -10.91 -45.01
C7 NAG VC . 49.04 -6.81 -40.37
C8 NAG VC . 47.92 -5.95 -39.86
N2 NAG VC . 48.93 -7.23 -41.63
O3 NAG VC . 50.76 -6.25 -43.61
O4 NAG VC . 51.17 -8.06 -45.82
O5 NAG VC . 50.40 -10.32 -43.05
O6 NAG VC . 51.55 -12.13 -44.28
O7 NAG VC . 50.00 -7.10 -39.66
C1 MAN VC . 52.31 -13.15 -44.95
C2 MAN VC . 51.45 -14.43 -45.01
C3 MAN VC . 51.34 -15.08 -43.62
C4 MAN VC . 52.72 -15.24 -42.98
C5 MAN VC . 53.43 -13.89 -42.96
C6 MAN VC . 54.81 -13.96 -42.35
O2 MAN VC . 52.02 -15.40 -45.90
O3 MAN VC . 50.67 -16.33 -43.69
O4 MAN VC . 52.56 -15.73 -41.65
O5 MAN VC . 53.56 -13.40 -44.29
O6 MAN VC . 55.22 -12.62 -42.04
C1 NAG WC . 33.77 -28.29 -72.13
C2 NAG WC . 34.62 -29.54 -71.97
C3 NAG WC . 36.01 -29.17 -71.46
C4 NAG WC . 36.64 -28.08 -72.33
C5 NAG WC . 35.68 -26.92 -72.59
C6 NAG WC . 36.21 -26.00 -73.67
C7 NAG WC . 33.76 -30.51 -69.81
C8 NAG WC . 33.14 -31.77 -69.26
N2 NAG WC . 34.00 -30.55 -71.13
O3 NAG WC . 36.84 -30.32 -71.45
O4 NAG WC . 37.81 -27.60 -71.65
O5 NAG WC . 34.41 -27.40 -73.04
O6 NAG WC . 36.29 -26.68 -74.93
O7 NAG WC . 33.99 -29.56 -69.08
C1 NAG WC . 38.95 -27.70 -72.52
C2 NAG WC . 40.03 -26.73 -72.03
C3 NAG WC . 41.22 -26.76 -72.99
C4 NAG WC . 41.71 -28.20 -73.12
C5 NAG WC . 40.60 -29.16 -73.49
C6 NAG WC . 41.04 -30.61 -73.45
C7 NAG WC . 39.44 -24.78 -70.70
C8 NAG WC . 38.90 -23.38 -70.71
N2 NAG WC . 39.51 -25.38 -71.89
O3 NAG WC . 42.28 -25.95 -72.42
O4 NAG WC . 42.74 -28.26 -74.09
O5 NAG WC . 39.48 -29.03 -72.60
O6 NAG WC . 39.87 -31.45 -73.63
O7 NAG WC . 39.79 -25.32 -69.66
C1 YZT WC . 42.79 -24.76 -73.04
C2 YZT WC . 43.83 -24.00 -72.21
C3 YZT WC . 44.25 -22.72 -72.94
C4 YZT WC . 44.68 -23.02 -74.37
C5 YZT WC . 43.58 -23.83 -75.08
C6 YZT WC . 43.96 -24.23 -76.50
O1S6 YZT WC . 41.50 -24.44 -77.33
O2 YZT WC . 43.34 -23.68 -70.91
O2S6 YZT WC . 42.65 -26.45 -76.57
O3 YZT WC . 45.31 -22.08 -72.23
O3S6 YZT WC . 43.28 -25.43 -78.70
O4 YZT WC . 44.92 -21.81 -75.07
O5 YZT WC . 43.29 -25.02 -74.34
S6 YZT WC . 42.75 -25.15 -77.40
C1 MAN WC . 43.85 -28.15 -73.28
C2 MAN WC . 44.85 -27.46 -74.17
C3 MAN WC . 45.21 -28.35 -75.34
C4 MAN WC . 45.56 -29.78 -74.92
C5 MAN WC . 44.53 -30.35 -73.95
C6 MAN WC . 44.95 -31.67 -73.33
O2 MAN WC . 45.97 -27.23 -73.35
O3 MAN WC . 46.29 -27.77 -76.07
O4 MAN WC . 45.63 -30.59 -76.11
O5 MAN WC . 44.24 -29.45 -72.87
O6 MAN WC . 43.83 -32.22 -72.63
C1 MAN WC . 39.91 -32.78 -73.07
C2 MAN WC . 38.55 -33.50 -73.07
C3 MAN WC . 37.74 -33.14 -71.81
C4 MAN WC . 38.53 -33.24 -70.49
C5 MAN WC . 39.88 -32.53 -70.63
C6 MAN WC . 40.78 -32.74 -69.41
O2 MAN WC . 38.79 -34.91 -73.09
O3 MAN WC . 36.58 -33.96 -71.75
O4 MAN WC . 37.78 -32.67 -69.40
O5 MAN WC . 40.57 -32.97 -71.81
O6 MAN WC . 41.87 -31.82 -69.52
C1 NAG XC . 23.07 -21.06 -72.68
C2 NAG XC . 23.28 -21.32 -74.17
C3 NAG XC . 23.44 -20.02 -74.93
C4 NAG XC . 22.25 -19.10 -74.64
C5 NAG XC . 22.08 -18.94 -73.13
C6 NAG XC . 20.85 -18.12 -72.77
C7 NAG XC . 24.36 -23.39 -74.94
C8 NAG XC . 25.67 -24.11 -75.07
N2 NAG XC . 24.44 -22.18 -74.39
O3 NAG XC . 23.51 -20.31 -76.33
O4 NAG XC . 22.45 -17.83 -75.25
O5 NAG XC . 21.93 -20.21 -72.51
O6 NAG XC . 20.80 -17.91 -71.36
O7 NAG XC . 23.30 -23.88 -75.30
C1 NAG XC . 21.73 -17.81 -76.50
C2 NAG XC . 21.33 -16.39 -76.85
C3 NAG XC . 20.59 -16.39 -78.17
C4 NAG XC . 21.40 -17.09 -79.27
C5 NAG XC . 21.79 -18.49 -78.79
C6 NAG XC . 22.70 -19.20 -79.77
C7 NAG XC . 21.03 -15.18 -74.75
C8 NAG XC . 20.05 -14.61 -73.76
N2 NAG XC . 20.50 -15.81 -75.81
O3 NAG XC . 20.23 -15.06 -78.63
O4 NAG XC . 20.64 -17.18 -80.48
O5 NAG XC . 22.51 -18.36 -77.57
O6 NAG XC . 23.35 -20.30 -79.13
O7 NAG XC . 22.23 -15.05 -74.57
C1 YZT XC . 20.33 -13.71 -78.20
C2 YZT XC . 20.33 -12.43 -79.06
C3 YZT XC . 19.32 -11.42 -78.47
C4 YZT XC . 17.95 -12.06 -78.32
C5 YZT XC . 18.05 -13.40 -77.59
C6 YZT XC . 16.70 -14.11 -77.49
O1S6 YZT XC . 17.35 -15.44 -75.35
O2 YZT XC . 21.63 -11.86 -79.11
O2S6 YZT XC . 17.46 -16.59 -77.48
O3 YZT XC . 19.26 -10.27 -79.28
O3S6 YZT XC . 15.29 -16.05 -76.53
O4 YZT XC . 17.10 -11.18 -77.60
O5 YZT XC . 19.02 -14.26 -78.23
S6 YZT XC . 16.66 -15.63 -76.58
C1 MAN XC . 23.92 -21.16 -80.13
C2 MAN XC . 23.83 -22.61 -79.64
C3 MAN XC . 24.80 -22.84 -78.47
C4 MAN XC . 26.21 -22.35 -78.81
C5 MAN XC . 26.15 -20.90 -79.29
C6 MAN XC . 27.50 -20.35 -79.70
O2 MAN XC . 24.17 -23.54 -80.66
O3 MAN XC . 24.82 -24.22 -78.11
O4 MAN XC . 27.05 -22.46 -77.67
O5 MAN XC . 25.28 -20.80 -80.42
O6 MAN XC . 27.36 -18.94 -79.88
C1 NAG YC . 28.75 -13.27 -67.61
C2 NAG YC . 29.05 -13.45 -69.10
C3 NAG YC . 29.46 -12.12 -69.71
C4 NAG YC . 28.40 -11.05 -69.44
C5 NAG YC . 28.17 -10.95 -67.93
C6 NAG YC . 27.05 -9.99 -67.58
C7 NAG YC . 30.04 -15.40 -70.20
C8 NAG YC . 31.25 -16.28 -70.23
N2 NAG YC . 30.10 -14.44 -69.28
O3 NAG YC . 29.66 -12.29 -71.11
O4 NAG YC . 28.81 -9.78 -69.94
O5 NAG YC . 27.78 -12.23 -67.42
O6 NAG YC . 26.76 -10.12 -66.18
O7 NAG YC . 29.09 -15.54 -70.95
C1 NAG YC . 28.14 -9.59 -71.22
C2 NAG YC . 27.82 -8.11 -71.44
C3 NAG YC . 27.18 -7.88 -72.81
C4 NAG YC . 27.99 -8.53 -73.93
C5 NAG YC . 28.28 -10.00 -73.59
C6 NAG YC . 29.24 -10.63 -74.58
C7 NAG YC . 27.37 -6.89 -69.36
C8 NAG YC . 26.31 -6.46 -68.38
N2 NAG YC . 26.94 -7.61 -70.40
O3 NAG YC . 27.08 -6.48 -73.04
O4 NAG YC . 27.20 -8.47 -75.12
O5 NAG YC . 28.92 -10.09 -72.31
O6 NAG YC . 30.11 -11.54 -73.92
O7 NAG YC . 28.55 -6.61 -69.20
C1 MAN YC . 30.89 -12.29 -74.86
C2 MAN YC . 30.81 -13.77 -74.48
C3 MAN YC . 31.61 -14.05 -73.20
C4 MAN YC . 33.03 -13.48 -73.30
C5 MAN YC . 32.95 -12.00 -73.66
C6 MAN YC . 34.31 -11.34 -73.82
O2 MAN YC . 31.33 -14.62 -75.51
O3 MAN YC . 31.66 -15.45 -72.91
O4 MAN YC . 33.71 -13.65 -72.07
O5 MAN YC . 32.25 -11.83 -74.90
O6 MAN YC . 34.12 -9.93 -73.76
C1 NAG ZC . 12.14 -39.62 -89.46
C2 NAG ZC . 13.46 -40.34 -89.72
C3 NAG ZC . 14.58 -39.32 -89.94
C4 NAG ZC . 14.20 -38.32 -91.01
C5 NAG ZC . 12.80 -37.74 -90.80
C6 NAG ZC . 12.33 -36.96 -92.02
C7 NAG ZC . 14.15 -41.05 -87.39
C8 NAG ZC . 14.50 -42.29 -86.61
N2 NAG ZC . 13.81 -41.29 -88.67
O3 NAG ZC . 15.78 -40.00 -90.31
O4 NAG ZC . 15.16 -37.27 -91.01
O5 NAG ZC . 11.85 -38.78 -90.58
O6 NAG ZC . 12.18 -37.83 -93.14
O7 NAG ZC . 14.20 -39.95 -86.88
C1 NAG ZC . 15.75 -37.09 -92.30
C2 NAG ZC . 16.33 -35.69 -92.42
C3 NAG ZC . 16.87 -35.46 -93.83
C4 NAG ZC . 17.87 -36.56 -94.16
C5 NAG ZC . 17.30 -37.95 -93.94
C6 NAG ZC . 18.32 -39.04 -94.08
C7 NAG ZC . 15.51 -33.89 -91.00
C8 NAG ZC . 14.43 -32.87 -90.77
N2 NAG ZC . 15.35 -34.68 -92.07
O3 NAG ZC . 17.54 -34.19 -93.85
O4 NAG ZC . 18.29 -36.44 -95.51
O5 NAG ZC . 16.73 -38.08 -92.62
O6 NAG ZC . 17.74 -40.30 -93.68
O7 NAG ZC . 16.47 -33.97 -90.25
C1 YZT ZC . 17.13 -33.07 -94.66
C2 YZT ZC . 17.93 -31.78 -94.46
C3 YZT ZC . 17.35 -30.66 -95.31
C4 YZT ZC . 17.21 -31.10 -96.76
C5 YZT ZC . 16.44 -32.42 -96.84
C6 YZT ZC . 16.32 -32.96 -98.25
O1S6 YZT ZC . 14.16 -34.33 -97.78
O2 YZT ZC . 17.94 -31.40 -93.08
O2S6 YZT ZC . 16.33 -35.46 -97.66
O3 YZT ZC . 18.16 -29.50 -95.22
O3S6 YZT ZC . 15.42 -34.82 -99.83
O4 YZT ZC . 16.53 -30.10 -97.51
O5 YZT ZC . 17.09 -33.42 -96.04
S6 YZT ZC . 15.42 -34.47 -98.44
C1 MAN ZC . 19.45 -35.70 -95.33
C2 MAN ZC . 19.52 -34.89 -96.60
C3 MAN ZC . 19.73 -35.82 -97.80
C4 MAN ZC . 20.85 -36.83 -97.58
C5 MAN ZC . 20.72 -37.53 -96.22
C6 MAN ZC . 21.92 -38.37 -95.87
O2 MAN ZC . 20.62 -34.05 -96.44
O3 MAN ZC . 19.98 -35.04 -98.96
O4 MAN ZC . 20.77 -37.80 -98.63
O5 MAN ZC . 20.52 -36.59 -95.15
O6 MAN ZC . 21.60 -39.14 -94.70
C1 MAN ZC . 18.62 -41.33 -93.18
C2 MAN ZC . 17.90 -42.52 -92.51
C3 MAN ZC . 17.64 -42.22 -91.03
C4 MAN ZC . 18.86 -41.68 -90.25
C5 MAN ZC . 19.51 -40.54 -91.03
C6 MAN ZC . 20.82 -40.08 -90.41
O2 MAN ZC . 18.75 -43.67 -92.62
O3 MAN ZC . 17.15 -43.40 -90.40
O4 MAN ZC . 18.46 -41.23 -88.94
O5 MAN ZC . 19.77 -40.93 -92.40
O6 MAN ZC . 21.19 -38.84 -91.04
C1 NAG AD . 0.22 -37.68 -84.87
C2 NAG AD . -0.12 -38.19 -86.26
C3 NAG AD . -0.92 -37.16 -87.02
C4 NAG AD . -2.16 -36.76 -86.20
C5 NAG AD . -1.73 -36.32 -84.80
C6 NAG AD . -2.93 -36.03 -83.91
C7 NAG AD . 1.37 -39.75 -87.43
C8 NAG AD . 2.67 -39.88 -88.17
N2 NAG AD . 1.09 -38.51 -87.02
O3 NAG AD . -1.32 -37.72 -88.28
O4 NAG AD . -2.86 -35.70 -86.86
O5 NAG AD . -0.99 -37.36 -84.17
O6 NAG AD . -2.46 -35.53 -82.65
O7 NAG AD . 0.63 -40.70 -87.23
C1 NAG AD . -3.96 -36.27 -87.60
C2 NAG AD . -5.07 -35.26 -87.74
C3 NAG AD . -6.20 -35.87 -88.54
C4 NAG AD . -5.71 -36.42 -89.88
C5 NAG AD . -4.56 -37.39 -89.63
C6 NAG AD . -3.93 -37.89 -90.92
C7 NAG AD . -4.99 -33.81 -85.77
C8 NAG AD . -5.60 -33.47 -84.45
N2 NAG AD . -5.56 -34.83 -86.44
O3 NAG AD . -7.30 -34.95 -88.79
O4 NAG AD . -6.78 -37.09 -90.57
O5 NAG AD . -3.55 -36.71 -88.91
O6 NAG AD . -2.64 -38.44 -90.66
O7 NAG AD . -4.03 -33.17 -86.19
C1 YZT AD . -7.66 -33.61 -88.48
C2 YZT AD . -8.61 -32.66 -89.25
C3 YZT AD . -9.61 -32.04 -88.26
C4 YZT AD . -10.34 -33.12 -87.47
C5 YZT AD . -9.33 -34.11 -86.85
C6 YZT AD . -10.00 -35.24 -86.10
O1S6 YZT AD . -7.99 -35.66 -84.52
O2 YZT AD . -7.87 -31.65 -89.91
O2S6 YZT AD . -8.26 -37.14 -86.43
O3 YZT AD . -10.54 -31.22 -88.95
O3S6 YZT AD . -9.81 -37.31 -84.55
O4 YZT AD . -11.11 -32.51 -86.44
O5 YZT AD . -8.44 -34.63 -87.87
S6 YZT AD . -8.96 -36.40 -85.26
C1 MAN AD . -2.21 -39.20 -91.80
C2 MAN AD . -1.37 -40.40 -91.30
C3 MAN AD . -0.04 -39.93 -90.74
C4 MAN AD . 0.68 -39.01 -91.73
C5 MAN AD . -0.24 -37.86 -92.13
C6 MAN AD . 0.37 -36.92 -93.15
O2 MAN AD . -1.11 -41.32 -92.36
O3 MAN AD . 0.79 -41.05 -90.42
O4 MAN AD . 1.87 -38.49 -91.13
O5 MAN AD . -1.44 -38.39 -92.71
O6 MAN AD . -0.48 -35.78 -93.26
C1 NAG BD . 3.13 -27.30 -83.28
C2 NAG BD . 2.81 -27.71 -84.72
C3 NAG BD . 2.25 -26.50 -85.47
C4 NAG BD . 1.04 -25.95 -84.74
C5 NAG BD . 1.44 -25.58 -83.31
C6 NAG BD . 0.26 -25.12 -82.47
C7 NAG BD . 4.04 -29.27 -86.15
C8 NAG BD . 5.37 -29.58 -86.74
N2 NAG BD . 4.01 -28.19 -85.39
O3 NAG BD . 1.88 -26.91 -86.80
O4 NAG BD . 0.52 -24.78 -85.39
O5 NAG BD . 1.97 -26.74 -82.66
O6 NAG BD . 0.69 -25.00 -81.10
O7 NAG BD . 3.06 -29.97 -86.33
C1 NAG BD . -0.62 -25.19 -86.18
C2 NAG BD . -1.66 -24.07 -86.23
C3 NAG BD . -2.84 -24.46 -87.14
C4 NAG BD . -2.36 -24.95 -88.51
C5 NAG BD . -1.31 -26.03 -88.34
C6 NAG BD . -0.67 -26.43 -89.66
C7 NAG BD . -1.71 -22.69 -84.21
C8 NAG BD . -2.32 -22.51 -82.86
N2 NAG BD . -2.14 -23.75 -84.91
O3 NAG BD . -3.68 -23.32 -87.30
O4 NAG BD . -3.48 -25.46 -89.21
O5 NAG BD . -0.24 -25.57 -87.51
O6 NAG BD . 0.71 -26.72 -89.48
O7 NAG BD . -0.87 -21.91 -84.65
C1 MAN BD . 1.27 -27.29 -90.68
C2 MAN BD . 2.07 -28.54 -90.28
C3 MAN BD . 3.36 -28.16 -89.55
C4 MAN BD . 4.15 -27.11 -90.33
C5 MAN BD . 3.24 -25.91 -90.62
C6 MAN BD . 3.93 -24.82 -91.41
O2 MAN BD . 2.44 -29.31 -91.43
O3 MAN BD . 4.17 -29.31 -89.30
O4 MAN BD . 5.28 -26.70 -89.56
O5 MAN BD . 2.10 -26.34 -91.36
O6 MAN BD . 3.15 -23.62 -91.29
C1 NAG CD . -6.59 -62.46 -93.96
C2 NAG CD . -5.33 -62.64 -94.82
C3 NAG CD . -5.03 -61.34 -95.57
C4 NAG CD . -6.25 -60.86 -96.35
C5 NAG CD . -7.52 -60.86 -95.48
C6 NAG CD . -8.76 -60.65 -96.33
C7 NAG CD . -3.49 -62.45 -93.10
C8 NAG CD . -2.31 -63.21 -92.58
N2 NAG CD . -4.19 -63.09 -94.05
O3 NAG CD . -3.95 -61.56 -96.46
O4 NAG CD . -5.99 -59.53 -96.81
O5 NAG CD . -7.68 -62.11 -94.81
O6 NAG CD . -8.95 -61.74 -97.24
O7 NAG CD . -3.75 -61.33 -92.70
C1 NAG CD . -6.17 -59.46 -98.23
C2 NAG CD . -6.42 -58.01 -98.64
C3 NAG CD . -6.69 -57.93 -100.14
C4 NAG CD . -5.54 -58.58 -100.89
C5 NAG CD . -5.25 -59.99 -100.40
C6 NAG CD . -4.00 -60.58 -101.01
C7 NAG CD . -7.29 -56.41 -97.03
C8 NAG CD . -8.52 -55.89 -96.32
N2 NAG CD . -7.50 -57.42 -97.87
O3 NAG CD . -6.78 -56.54 -100.51
O4 NAG CD . -5.84 -58.63 -102.27
O5 NAG CD . -5.07 -60.01 -98.97
O6 NAG CD . -3.69 -61.83 -100.35
O7 NAG CD . -6.20 -55.91 -96.83
C1 YZT CD . -7.95 -55.91 -101.03
C2 YZT CD . -7.85 -54.39 -101.27
C3 YZT CD . -9.18 -53.85 -101.74
C4 YZT CD . -9.70 -54.63 -102.95
C5 YZT CD . -9.71 -56.13 -102.61
C6 YZT CD . -10.15 -57.00 -103.79
O1S6 YZT CD . -10.98 -58.96 -102.30
O2 YZT CD . -7.45 -53.72 -100.07
O2S6 YZT CD . -8.73 -59.06 -103.23
O3 YZT CD . -9.06 -52.46 -102.09
O3S6 YZT CD . -10.65 -59.38 -104.70
O4 YZT CD . -11.01 -54.19 -103.28
O5 YZT CD . -8.40 -56.55 -102.21
S6 YZT CD . -10.21 -58.74 -103.48
C1 MAN CD . -5.21 -57.46 -102.70
C2 MAN CD . -6.07 -57.02 -103.85
C3 MAN CD . -5.97 -58.04 -104.99
C4 MAN CD . -4.54 -58.44 -105.32
C5 MAN CD . -3.75 -58.78 -104.05
C6 MAN CD . -2.26 -58.96 -104.32
O2 MAN CD . -5.53 -55.79 -104.25
O3 MAN CD . -6.63 -57.51 -106.14
O4 MAN CD . -4.59 -59.57 -106.19
O5 MAN CD . -3.88 -57.78 -103.04
O6 MAN CD . -1.66 -59.49 -103.12
C1 MAN CD . -2.32 -62.26 -100.33
C2 MAN CD . -2.05 -63.44 -99.38
C3 MAN CD . -1.76 -62.94 -97.96
C4 MAN CD . -0.74 -61.78 -97.88
C5 MAN CD . -1.09 -60.70 -98.88
C6 MAN CD . -0.02 -59.61 -98.98
O2 MAN CD . -0.91 -64.15 -99.86
O3 MAN CD . -1.34 -64.03 -97.14
O4 MAN CD . -0.72 -61.24 -96.54
O5 MAN CD . -1.29 -61.26 -100.19
O6 MAN CD . -0.58 -58.53 -99.72
C1 NAG DD . -14.84 -64.45 -84.22
C2 NAG DD . -15.45 -65.37 -85.28
C3 NAG DD . -16.88 -64.96 -85.57
C4 NAG DD . -17.69 -64.93 -84.26
C5 NAG DD . -16.97 -64.02 -83.24
C6 NAG DD . -17.66 -64.03 -81.89
C7 NAG DD . -14.06 -66.44 -86.99
C8 NAG DD . -13.30 -66.21 -88.26
N2 NAG DD . -14.68 -65.35 -86.50
O3 NAG DD . -17.46 -65.92 -86.46
O4 NAG DD . -19.00 -64.42 -84.52
O5 NAG DD . -15.64 -64.49 -83.05
O6 NAG DD . -17.00 -63.10 -81.02
O7 NAG DD . -14.11 -67.53 -86.44
C1 NAG DD . -19.90 -65.54 -84.62
C2 NAG DD . -21.30 -65.12 -84.21
C3 NAG DD . -22.23 -66.30 -84.36
C4 NAG DD . -22.15 -66.91 -85.77
C5 NAG DD . -20.71 -67.25 -86.09
C6 NAG DD . -20.52 -67.75 -87.51
C7 NAG DD . -21.08 -63.34 -82.55
C8 NAG DD . -21.15 -62.96 -81.10
N2 NAG DD . -21.33 -64.63 -82.86
O3 NAG DD . -23.62 -65.99 -84.07
O4 NAG DD . -22.96 -68.09 -85.86
O5 NAG DD . -19.93 -66.07 -85.96
O6 NAG DD . -19.14 -67.65 -87.89
O7 NAG DD . -20.82 -62.49 -83.40
C1 YZT DD . -24.39 -64.89 -83.63
C2 YZT DD . -25.90 -64.62 -83.86
C3 YZT DD . -26.55 -64.25 -82.52
C4 YZT DD . -26.27 -65.30 -81.46
C5 YZT DD . -24.77 -65.61 -81.40
C6 YZT DD . -24.45 -66.72 -80.40
O1S6 YZT DD . -22.02 -65.89 -79.99
O2 YZT DD . -26.09 -63.59 -84.82
O2S6 YZT DD . -22.34 -67.77 -81.50
O3 YZT DD . -27.95 -64.06 -82.68
O3S6 YZT DD . -22.66 -68.09 -79.10
O4 YZT DD . -26.72 -64.84 -80.20
O5 YZT DD . -24.27 -65.96 -82.72
S6 YZT DD . -22.73 -67.11 -80.15
C1 MAN DD . -18.93 -68.43 -89.09
C2 MAN DD . -17.53 -69.04 -89.03
C3 MAN DD . -16.46 -67.95 -89.21
C4 MAN DD . -16.75 -67.08 -90.44
C5 MAN DD . -18.17 -66.54 -90.35
C6 MAN DD . -18.57 -65.70 -91.56
O2 MAN DD . -17.33 -70.00 -90.08
O3 MAN DD . -15.16 -68.54 -89.29
O4 MAN DD . -15.81 -66.01 -90.50
O5 MAN DD . -19.10 -67.63 -90.27
O6 MAN DD . -19.81 -65.06 -91.26
C1 NAG ED . -16.77 -53.74 -84.40
C2 NAG ED . -17.43 -54.55 -85.50
C3 NAG ED . -18.74 -53.89 -85.91
C4 NAG ED . -19.64 -53.71 -84.69
C5 NAG ED . -18.89 -52.89 -83.64
C6 NAG ED . -19.67 -52.76 -82.35
C7 NAG ED . -16.34 -55.80 -87.31
C8 NAG ED . -15.41 -55.69 -88.46
N2 NAG ED . -16.55 -54.66 -86.65
O3 NAG ED . -19.39 -54.72 -86.89
O4 NAG ED . -20.85 -53.04 -85.04
O5 NAG ED . -17.67 -53.55 -83.31
O6 NAG ED . -18.82 -52.17 -81.35
O7 NAG ED . -16.88 -56.85 -86.98
C1 NAG ED . -21.89 -54.04 -85.19
C2 NAG ED . -23.24 -53.48 -84.75
C3 NAG ED . -24.36 -54.50 -84.97
C4 NAG ED . -24.33 -55.07 -86.38
C5 NAG ED . -22.93 -55.58 -86.71
C6 NAG ED . -22.80 -56.00 -88.16
C7 NAG ED . -23.07 -51.80 -82.97
C8 NAG ED . -23.07 -51.56 -81.48
N2 NAG ED . -23.22 -53.08 -83.35
O3 NAG ED . -25.62 -53.88 -84.71
O4 NAG ED . -25.27 -56.15 -86.46
O5 NAG ED . -21.97 -54.54 -86.52
O6 NAG ED . -21.52 -55.66 -88.67
O7 NAG ED . -22.96 -50.87 -83.77
C1 MAN ED . -21.33 -56.24 -89.98
C2 MAN ED . -19.94 -56.93 -90.00
C3 MAN ED . -18.82 -55.90 -89.98
C4 MAN ED . -19.02 -54.84 -91.07
C5 MAN ED . -20.40 -54.22 -90.92
C6 MAN ED . -20.71 -53.16 -91.96
O2 MAN ED . -19.78 -57.75 -91.16
O3 MAN ED . -17.54 -56.53 -90.13
O4 MAN ED . -18.01 -53.84 -90.94
O5 MAN ED . -21.41 -55.23 -91.01
O6 MAN ED . -21.82 -52.39 -91.48
C1 NAG FD . -26.51 2.49 51.35
C2 NAG FD . -27.12 2.30 49.96
C3 NAG FD . -28.64 2.29 50.07
C4 NAG FD . -29.13 1.29 51.12
C5 NAG FD . -28.33 1.38 52.43
C6 NAG FD . -28.63 0.20 53.34
C7 NAG FD . -26.90 4.60 48.95
C8 NAG FD . -26.28 5.30 47.79
N2 NAG FD . -26.66 3.27 49.00
O3 NAG FD . -29.22 1.97 48.81
O4 NAG FD . -30.50 1.58 51.38
O5 NAG FD . -26.92 1.40 52.17
O6 NAG FD . -27.79 -0.90 52.96
O7 NAG FD . -27.58 5.21 49.76
C1 NAG FD . -31.29 0.38 51.37
C2 NAG FD . -32.66 0.71 51.94
C3 NAG FD . -33.50 -0.56 52.01
C4 NAG FD . -33.57 -1.22 50.64
C5 NAG FD . -32.16 -1.44 50.08
C6 NAG FD . -32.14 -1.99 48.67
C7 NAG FD . -32.95 2.61 53.41
C8 NAG FD . -32.77 3.22 54.77
N2 NAG FD . -32.56 1.34 53.24
O3 NAG FD . -34.81 -0.24 52.47
O4 NAG FD . -34.22 -2.49 50.75
O5 NAG FD . -31.43 -0.20 50.08
O6 NAG FD . -30.97 -1.54 47.98
O7 NAG FD . -33.42 3.31 52.52
C1 YZT FD . -34.85 -0.99 53.66
C2 YZT FD . -36.15 -0.47 54.20
C3 YZT FD . -36.50 -1.15 55.51
C4 YZT FD . -36.42 -2.67 55.37
C5 YZT FD . -35.06 -3.09 54.81
C6 YZT FD . -34.95 -4.58 54.59
O1S6 YZT FD . -32.40 -4.81 54.90
O2 YZT FD . -36.09 0.94 54.36
O2S6 YZT FD . -33.20 -4.44 52.66
O3 YZT FD . -37.81 -0.76 55.92
O3S6 YZT FD . -33.58 -6.60 53.73
O4 YZT FD . -36.61 -3.27 56.66
O5 YZT FD . -34.82 -2.42 53.56
S6 YZT FD . -33.40 -5.21 53.98
C1 MAN FD . -35.58 -2.38 50.30
C2 MAN FD . -36.37 -3.50 50.98
C3 MAN FD . -35.92 -4.85 50.43
C4 MAN FD . -36.03 -4.88 48.90
C5 MAN FD . -35.25 -3.71 48.31
C6 MAN FD . -35.38 -3.59 46.81
O2 MAN FD . -37.78 -3.38 50.72
O3 MAN FD . -36.70 -5.91 51.01
O4 MAN FD . -35.48 -6.12 48.45
O5 MAN FD . -35.69 -2.47 48.88
O6 MAN FD . -34.55 -2.51 46.38
C1 MAN FD . -31.24 -1.43 46.56
C2 MAN FD . -29.90 -1.22 45.84
C3 MAN FD . -29.36 0.18 46.11
C4 MAN FD . -30.43 1.23 45.78
C5 MAN FD . -31.68 0.95 46.58
C6 MAN FD . -32.82 1.91 46.28
O2 MAN FD . -30.05 -1.33 44.42
O3 MAN FD . -28.16 0.43 45.38
O4 MAN FD . -29.91 2.53 46.08
O5 MAN FD . -32.16 -0.37 46.28
O6 MAN FD . -33.93 1.58 47.13
C1 NAG GD . -18.46 6.28 59.90
C2 NAG GD . -17.49 5.11 60.09
C3 NAG GD . -17.81 4.40 61.39
C4 NAG GD . -17.86 5.40 62.56
C5 NAG GD . -18.77 6.58 62.23
C6 NAG GD . -18.68 7.66 63.30
C7 NAG GD . -16.80 4.26 57.89
C8 NAG GD . -17.03 3.19 56.86
N2 NAG GD . -17.58 4.18 58.98
O3 NAG GD . -16.80 3.42 61.63
O4 NAG GD . -18.37 4.72 63.71
O5 NAG GD . -18.35 7.17 61.00
O6 NAG GD . -19.03 8.92 62.71
O7 NAG GD . -15.97 5.14 57.75
C1 NAG GD . -17.29 4.43 64.61
C2 NAG GD . -17.84 4.28 66.02
C3 NAG GD . -16.72 3.96 66.98
C4 NAG GD . -15.91 2.76 66.49
C5 NAG GD . -15.45 2.96 65.05
C6 NAG GD . -14.79 1.74 64.47
C7 NAG GD . -19.81 5.74 66.21
C8 NAG GD . -20.34 7.05 66.72
N2 NAG GD . -18.51 5.50 66.44
O3 NAG GD . -17.28 3.58 68.26
O4 NAG GD . -14.79 2.54 67.34
O5 NAG GD . -16.57 3.26 64.23
O6 NAG GD . -14.95 1.73 63.04
O7 NAG GD . -20.53 4.96 65.61
C1 YZT GD . -18.01 4.26 69.28
C2 YZT GD . -18.25 3.72 70.71
C3 YZT GD . -18.68 4.88 71.61
C4 YZT GD . -17.72 6.06 71.48
C5 YZT GD . -17.54 6.46 70.02
C6 YZT GD . -16.55 7.59 69.82
O1S6 YZT GD . -15.27 9.16 68.24
O2 YZT GD . -19.26 2.71 70.72
O2S6 YZT GD . -17.51 8.46 67.57
O3 YZT GD . -18.79 4.44 72.96
O3S6 YZT GD . -15.64 6.89 67.46
O4 YZT GD . -18.21 7.16 72.26
O5 YZT GD . -17.08 5.32 69.30
S6 YZT GD . -16.25 8.13 68.17
C1 MAN GD . -14.14 0.69 62.45
C2 MAN GD . -13.74 1.14 61.04
C3 MAN GD . -14.96 1.11 60.10
C4 MAN GD . -15.68 -0.23 60.17
C5 MAN GD . -16.03 -0.54 61.63
C6 MAN GD . -16.73 -1.87 61.83
O2 MAN GD . -12.75 0.28 60.47
O3 MAN GD . -14.58 1.41 58.75
O4 MAN GD . -16.86 -0.18 59.39
O5 MAN GD . -14.83 -0.57 62.42
O6 MAN GD . -17.27 -1.90 63.14
C1 NAG HD . -27.77 10.36 65.86
C2 NAG HD . -27.13 9.01 66.16
C3 NAG HD . -27.40 8.60 67.60
C4 NAG HD . -26.94 9.70 68.56
C5 NAG HD . -27.61 11.03 68.19
C6 NAG HD . -27.05 12.18 69.01
C7 NAG HD . -26.90 6.95 64.84
C8 NAG HD . -27.56 6.03 63.89
N2 NAG HD . -27.61 8.01 65.23
O3 NAG HD . -26.69 7.40 67.87
O4 NAG HD . -27.32 9.40 69.91
O5 NAG HD . -27.37 11.34 66.82
O6 NAG HD . -26.31 13.10 68.19
O7 NAG HD . -25.78 6.74 65.27
C1 NAG HD . -26.25 8.71 70.59
C2 NAG HD . -26.09 9.25 72.01
C3 NAG HD . -25.04 8.44 72.77
C4 NAG HD . -25.32 6.94 72.69
C5 NAG HD . -25.50 6.53 71.22
C6 NAG HD . -25.96 5.08 71.08
C7 NAG HD . -26.50 11.63 72.46
C8 NAG HD . -25.94 13.02 72.36
N2 NAG HD . -25.71 10.65 71.99
O3 NAG HD . -25.03 8.86 74.14
O4 NAG HD . -24.21 6.24 73.25
O5 NAG HD . -26.52 7.32 70.61
O6 NAG HD . -26.85 4.96 69.97
O7 NAG HD . -27.60 11.41 72.95
C1 MAN HD . -27.17 3.58 69.72
C2 MAN HD . -26.93 3.29 68.23
C3 MAN HD . -28.02 3.95 67.37
C4 MAN HD . -29.43 3.67 67.90
C5 MAN HD . -29.50 4.04 69.38
C6 MAN HD . -30.85 3.76 70.01
O2 MAN HD . -26.97 1.89 67.96
O3 MAN HD . -27.90 3.53 66.00
O4 MAN HD . -30.36 4.44 67.15
O5 MAN HD . -28.52 3.29 70.11
O6 MAN HD . -30.94 4.52 71.21
C1 NAG ID . -51.33 54.57 35.80
C2 NAG ID . -50.45 54.67 34.55
C3 NAG ID . -50.88 55.87 33.73
C4 NAG ID . -52.38 55.88 33.46
C5 NAG ID . -53.21 55.55 34.70
C6 NAG ID . -54.66 55.26 34.36
C7 NAG ID . -48.33 55.67 35.47
C8 NAG ID . -46.86 55.39 35.58
N2 NAG ID . -49.04 54.71 34.86
O3 NAG ID . -50.17 55.90 32.49
O4 NAG ID . -52.74 57.18 32.97
O5 NAG ID . -52.68 54.40 35.38
O6 NAG ID . -54.79 53.89 33.98
O7 NAG ID . -48.80 56.72 35.90
C1 NAG ID . -53.56 57.08 31.79
C2 NAG ID . -54.15 58.45 31.52
C3 NAG ID . -55.08 58.38 30.32
C4 NAG ID . -54.36 57.77 29.12
C5 NAG ID . -53.73 56.44 29.50
C6 NAG ID . -52.90 55.82 28.40
C7 NAG ID . -54.34 60.08 33.30
C8 NAG ID . -55.06 60.56 34.52
N2 NAG ID . -54.82 59.00 32.69
O3 NAG ID . -55.57 59.68 30.02
O4 NAG ID . -55.29 57.57 28.07
O5 NAG ID . -52.88 56.59 30.65
O6 NAG ID . -51.84 55.03 28.95
O7 NAG ID . -53.34 60.70 32.94
C1 YZT ID . -56.94 59.50 30.22
C2 YZT ID . -57.38 60.93 30.08
C3 YZT ID . -58.88 61.05 30.19
C4 YZT ID . -59.59 60.07 29.27
C5 YZT ID . -59.07 58.65 29.51
C6 YZT ID . -59.69 57.63 28.58
O1S6 YZT ID . -59.51 55.56 30.10
O2 YZT ID . -56.72 61.74 31.03
O2S6 YZT ID . -57.69 55.98 28.58
O3 YZT ID . -59.28 62.39 29.90
O3S6 YZT ID . -59.82 55.20 27.70
O4 YZT ID . -61.00 60.12 29.52
O5 YZT ID . -57.64 58.61 29.34
S6 YZT ID . -59.22 55.94 28.76
C1 MAN ID . -55.17 58.61 27.08
C2 MAN ID . -56.51 58.70 26.35
C3 MAN ID . -56.72 57.44 25.51
C4 MAN ID . -55.53 57.21 24.56
C5 MAN ID . -54.23 57.17 25.38
C6 MAN ID . -52.99 57.05 24.52
O2 MAN ID . -56.54 59.81 25.45
O3 MAN ID . -57.94 57.53 24.76
O4 MAN ID . -55.74 55.98 23.89
O5 MAN ID . -54.10 58.36 26.17
O6 MAN ID . -51.87 56.97 25.40
C1 MAN ID . -50.70 55.04 28.06
C2 MAN ID . -49.71 53.97 28.55
C3 MAN ID . -49.03 54.43 29.84
C4 MAN ID . -48.41 55.82 29.65
C5 MAN ID . -49.49 56.80 29.21
C6 MAN ID . -48.97 58.20 28.95
O2 MAN ID . -48.66 53.74 27.61
O3 MAN ID . -48.03 53.50 30.28
O4 MAN ID . -47.82 56.24 30.88
O5 MAN ID . -50.08 56.34 27.99
O6 MAN ID . -50.07 59.03 28.58
C1 NAG JD . -54.34 52.18 47.51
C2 NAG JD . -54.92 50.76 47.50
C3 NAG JD . -56.43 50.85 47.64
C4 NAG JD . -56.83 51.69 48.85
C5 NAG JD . -56.11 53.04 48.84
C6 NAG JD . -56.34 53.82 50.12
C7 NAG JD . -53.48 49.29 46.17
C8 NAG JD . -53.29 48.62 44.84
N2 NAG JD . -54.57 50.05 46.28
O3 NAG JD . -56.95 49.51 47.78
O4 NAG JD . -58.24 51.91 48.81
O5 NAG JD . -54.70 52.82 48.72
O6 NAG JD . -55.24 54.72 50.33
O7 NAG JD . -52.69 49.14 47.09
C1 NAG JD . -58.88 51.07 49.77
C2 NAG JD . -60.21 51.69 50.16
C3 NAG JD . -60.91 50.81 51.17
C4 NAG JD . -61.02 49.37 50.66
C5 NAG JD . -59.64 48.85 50.23
C6 NAG JD . -59.72 47.50 49.55
C7 NAG JD . -59.99 54.13 49.98
C8 NAG JD . -59.79 55.42 50.72
N2 NAG JD . -60.03 53.01 50.72
O3 NAG JD . -62.29 51.27 51.33
O4 NAG JD . -61.57 48.52 51.66
O5 NAG JD . -59.06 49.74 49.28
O6 NAG JD . -58.61 47.34 48.66
O7 NAG JD . -60.11 54.12 48.76
C1 YZT JD . -62.89 52.44 51.89
C2 YZT JD . -64.38 52.59 52.24
C3 YZT JD . -64.55 53.78 53.17
C4 YZT JD . -63.59 53.70 54.34
C5 YZT JD . -62.16 53.51 53.86
C6 YZT JD . -61.16 53.38 55.00
O1S6 YZT JD . -58.72 52.99 55.77
O2 YZT JD . -65.18 52.77 51.07
O2S6 YZT JD . -59.07 54.20 53.68
O3 YZT JD . -65.91 53.88 53.62
O3S6 YZT JD . -59.45 51.79 53.79
O4 YZT JD . -63.71 54.88 55.15
O5 YZT JD . -62.11 52.34 53.07
S6 YZT JD . -59.45 53.13 54.56
C1 MAN JD . -58.53 45.98 48.19
C2 MAN JD . -57.06 45.65 47.90
C3 MAN JD . -56.59 46.41 46.65
C4 MAN JD . -57.54 46.19 45.47
C5 MAN JD . -58.96 46.57 45.91
C6 MAN JD . -60.01 46.37 44.82
O2 MAN JD . -56.87 44.26 47.66
O3 MAN JD . -55.26 46.03 46.30
O4 MAN JD . -57.14 47.00 44.38
O5 MAN JD . -59.36 45.77 47.03
O6 MAN JD . -61.20 47.03 45.23
C1 NAG KD . -58.90 63.05 47.85
C2 NAG KD . -59.74 61.80 47.60
C3 NAG KD . -61.19 62.05 48.02
C4 NAG KD . -61.26 62.53 49.47
C5 NAG KD . -60.38 63.76 49.64
C6 NAG KD . -60.28 64.17 51.10
C7 NAG KD . -59.78 60.15 45.79
C8 NAG KD . -59.67 59.95 44.31
N2 NAG KD . -59.66 61.41 46.21
O3 NAG KD . -61.91 60.83 47.88
O4 NAG KD . -62.59 62.90 49.83
O5 NAG KD . -59.05 63.51 49.19
O6 NAG KD . -58.96 63.98 51.63
O7 NAG KD . -59.99 59.23 46.55
C1 NAG KD . -63.28 61.79 50.44
C2 NAG KD . -64.10 62.25 51.65
C3 NAG KD . -64.92 61.10 52.20
C4 NAG KD . -65.74 60.41 51.11
C5 NAG KD . -64.83 60.03 49.95
C6 NAG KD . -65.61 59.48 48.76
C7 NAG KD . -63.23 64.07 53.05
C8 NAG KD . -62.26 64.45 54.13
N2 NAG KD . -63.22 62.79 52.67
O3 NAG KD . -65.79 61.60 53.23
O4 NAG KD . -66.35 59.25 51.66
O5 NAG KD . -64.13 61.17 49.47
O6 NAG KD . -64.99 59.91 47.54
O7 NAG KD . -63.99 64.89 52.54
C1 MAN KD . -65.62 59.28 46.41
C2 MAN KD . -64.52 58.66 45.52
C3 MAN KD . -63.72 59.74 44.80
C4 MAN KD . -64.62 60.77 44.11
C5 MAN KD . -65.63 61.31 45.12
C6 MAN KD . -66.60 62.31 44.53
O2 MAN KD . -65.08 57.79 44.52
O3 MAN KD . -62.82 59.15 43.84
O4 MAN KD . -63.80 61.83 43.61
O5 MAN KD . -66.40 60.24 45.68
O6 MAN KD . -67.18 63.05 45.61
C1 NAG LD . -47.34 24.92 44.90
C2 NAG LD . -47.22 25.06 43.37
C3 NAG LD . -48.47 25.77 42.84
C4 NAG LD . -49.75 25.09 43.32
C5 NAG LD . -49.71 24.77 44.82
C6 NAG LD . -50.86 23.84 45.21
C7 NAG LD . -45.64 27.02 43.14
C8 NAG LD . -44.32 27.37 42.54
N2 NAG LD . -46.00 25.74 42.96
O3 NAG LD . -48.44 25.78 41.42
O4 NAG LD . -50.82 25.99 43.05
O5 NAG LD . -48.48 24.14 45.18
O6 NAG LD . -50.47 22.49 44.95
O7 NAG LD . -46.32 27.85 43.72
C1 NAG LD . -51.93 25.30 42.41
C2 NAG LD . -53.14 26.21 42.43
C3 NAG LD . -54.33 25.50 41.83
C4 NAG LD . -53.98 24.97 40.43
C5 NAG LD . -52.71 24.13 40.49
C6 NAG LD . -52.25 23.65 39.12
C7 NAG LD . -53.30 27.99 44.07
C8 NAG LD . -53.57 28.40 45.49
N2 NAG LD . -53.42 26.69 43.77
O3 NAG LD . -55.43 26.38 41.77
O4 NAG LD . -55.06 24.16 39.96
O5 NAG LD . -51.64 24.87 41.09
O6 NAG LD . -50.82 23.51 39.12
O7 NAG LD . -52.96 28.85 43.27
C1 YZT LD . -56.35 25.72 42.60
C2 YZT LD . -57.41 26.79 42.66
C3 YZT LD . -58.59 26.32 43.47
C4 YZT LD . -59.08 24.95 43.02
C5 YZT LD . -57.92 23.96 43.01
C6 YZT LD . -58.32 22.58 42.51
O1S6 YZT LD . -56.58 21.18 43.80
O2 YZT LD . -56.86 27.99 43.17
O2S6 YZT LD . -55.98 21.92 41.58
O3 YZT LD . -59.65 27.28 43.38
O3S6 YZT LD . -57.66 20.17 41.85
O4 YZT LD . -60.10 24.49 43.90
O5 YZT LD . -56.85 24.46 42.18
S6 YZT LD . -57.09 21.32 42.48
C1 MAN LD . -55.86 24.91 39.02
C2 MAN LD . -57.26 24.28 39.01
C3 MAN LD . -57.19 22.87 38.41
C4 MAN LD . -56.54 22.91 37.02
C5 MAN LD . -55.17 23.60 37.11
C6 MAN LD . -54.50 23.79 35.76
O2 MAN LD . -58.17 25.04 38.23
O3 MAN LD . -58.49 22.28 38.33
O4 MAN LD . -56.38 21.57 36.57
O5 MAN LD . -55.29 24.89 37.70
O6 MAN LD . -53.22 24.36 35.99
C1 MAN LD . -50.31 23.76 37.79
C2 MAN LD . -48.83 23.33 37.77
C3 MAN LD . -47.97 24.31 38.58
C4 MAN LD . -48.21 25.74 38.08
C5 MAN LD . -49.69 26.07 38.19
C6 MAN LD . -50.03 27.45 37.68
O2 MAN LD . -48.29 23.32 36.45
O3 MAN LD . -46.58 23.96 38.49
O4 MAN LD . -47.43 26.64 38.87
O5 MAN LD . -50.45 25.13 37.41
O6 MAN LD . -51.44 27.66 37.89
C1 NAG MD . -43.65 24.38 56.66
C2 NAG MD . -43.46 22.89 56.95
C3 NAG MD . -44.61 22.39 57.80
C4 NAG MD . -44.81 23.27 59.03
C5 NAG MD . -44.88 24.75 58.66
C6 NAG MD . -44.90 25.65 59.88
C7 NAG MD . -42.20 21.85 55.12
C8 NAG MD . -42.30 21.03 53.87
N2 NAG MD . -43.36 22.13 55.72
O3 NAG MD . -44.34 21.04 58.19
O4 NAG MD . -46.04 22.89 59.67
O5 NAG MD . -43.73 25.10 57.88
O6 NAG MD . -44.35 26.93 59.53
O7 NAG MD . -41.13 22.25 55.55
C1 NAG MD . -45.74 22.12 60.84
C2 NAG MD . -46.91 22.23 61.81
C3 NAG MD . -46.62 21.40 63.05
C4 NAG MD . -46.25 19.97 62.66
C5 NAG MD . -45.12 19.95 61.65
C6 NAG MD . -44.84 18.57 61.11
C7 NAG MD . -47.95 24.43 61.49
C8 NAG MD . -48.08 25.82 62.02
N2 NAG MD . -47.14 23.60 62.18
O3 NAG MD . -47.84 21.30 63.84
O4 NAG MD . -45.88 19.22 63.83
O5 NAG MD . -45.47 20.75 60.52
O6 NAG MD . -44.28 18.66 59.79
O7 NAG MD . -48.54 24.08 60.49
C1 YZT MD . -48.62 22.23 64.60
C2 YZT MD . -49.69 21.83 65.64
C3 YZT MD . -49.98 23.02 66.54
C4 YZT MD . -48.70 23.62 67.10
C5 YZT MD . -47.71 23.94 65.96
C6 YZT MD . -46.39 24.49 66.47
O1S6 YZT MD . -43.99 25.31 65.97
O2 YZT MD . -50.90 21.41 65.00
O2S6 YZT MD . -45.71 25.74 64.30
O3 YZT MD . -50.86 22.62 67.60
O3S6 YZT MD . -44.84 23.48 64.61
O4 YZT MD . -49.01 24.81 67.84
O5 YZT MD . -47.47 22.74 65.25
S6 YZT MD . -45.15 24.86 65.27
C1 MAN MD . -43.77 17.37 59.38
C2 MAN MD . -42.59 17.60 58.41
C3 MAN MD . -43.09 18.16 57.08
C4 MAN MD . -44.23 17.32 56.51
C5 MAN MD . -45.33 17.19 57.56
C6 MAN MD . -46.50 16.34 57.10
O2 MAN MD . -41.89 16.39 58.13
O3 MAN MD . -42.03 18.28 56.13
O4 MAN MD . -44.74 17.93 55.33
O5 MAN MD . -44.80 16.59 58.75
O6 MAN MD . -47.59 16.55 58.02
C1 NAG ND . -52.11 32.24 58.96
C2 NAG ND . -52.28 30.74 59.17
C3 NAG ND . -53.35 30.49 60.23
C4 NAG ND . -53.02 31.23 61.52
C5 NAG ND . -52.83 32.72 61.22
C6 NAG ND . -52.32 33.47 62.45
C7 NAG ND . -52.29 28.83 57.64
C8 NAG ND . -52.72 28.33 56.30
N2 NAG ND . -52.62 30.09 57.93
O3 NAG ND . -53.40 29.09 60.48
O4 NAG ND . -54.07 31.11 62.48
O5 NAG ND . -51.87 32.90 60.20
O6 NAG ND . -50.99 33.96 62.25
O7 NAG ND . -51.71 28.11 58.44
C1 NAG ND . -53.85 30.01 63.36
C2 NAG ND . -54.18 30.38 64.80
C3 NAG ND . -54.07 29.16 65.70
C4 NAG ND . -54.87 27.98 65.16
C5 NAG ND . -54.48 27.71 63.71
C6 NAG ND . -55.36 26.66 63.05
C7 NAG ND . -53.76 32.66 65.58
C8 NAG ND . -52.72 33.65 66.04
N2 NAG ND . -53.32 31.45 65.26
O3 NAG ND . -54.53 29.50 67.01
O4 NAG ND . -54.60 26.83 65.95
O5 NAG ND . -54.64 28.90 62.94
O6 NAG ND . -55.56 26.99 61.67
O7 NAG ND . -54.94 32.97 65.49
C1 MAN ND . -56.23 25.91 60.99
C2 MAN ND . -55.45 25.57 59.71
C3 MAN ND . -55.59 26.67 58.66
C4 MAN ND . -57.06 27.07 58.45
C5 MAN ND . -57.69 27.41 59.80
C6 MAN ND . -59.16 27.77 59.71
O2 MAN ND . -55.90 24.34 59.13
O3 MAN ND . -55.01 26.27 57.41
O4 MAN ND . -57.12 28.20 57.58
O5 MAN ND . -57.58 26.29 60.69
O6 MAN ND . -59.51 28.47 60.90
C1 NAG OD . 2.99 -7.38 47.32
C2 NAG OD . 2.03 -8.13 46.41
C3 NAG OD . 0.90 -8.72 47.26
C4 NAG OD . 1.44 -9.55 48.42
C5 NAG OD . 2.57 -8.84 49.16
C6 NAG OD . 3.29 -9.79 50.11
C7 NAG OD . 0.68 -6.26 45.38
C8 NAG OD . 0.33 -5.68 44.05
N2 NAG OD . 1.51 -7.31 45.34
O3 NAG OD . 0.06 -9.54 46.45
O4 NAG OD . 0.36 -9.79 49.32
O5 NAG OD . 3.54 -8.31 48.25
O6 NAG OD . 4.29 -10.52 49.37
O7 NAG OD . 0.23 -5.79 46.42
C1 NAG OD . 0.30 -11.17 49.71
C2 NAG OD . -0.66 -11.30 50.88
C3 NAG OD . -0.70 -12.75 51.36
C4 NAG OD . -1.03 -13.68 50.20
C5 NAG OD . -0.06 -13.43 49.03
C6 NAG OD . -0.39 -14.26 47.80
C7 NAG OD . -1.13 -9.38 52.28
C8 NAG OD . -0.69 -8.45 53.38
N2 NAG OD . -0.31 -10.39 51.95
O3 NAG OD . -1.65 -12.87 52.40
O4 NAG OD . -0.90 -15.02 50.63
O5 NAG OD . -0.08 -12.05 48.66
O6 NAG OD . 0.01 -13.54 46.62
O7 NAG OD . -2.20 -9.16 51.74
C1 YZT OD . -0.84 -13.27 53.46
C2 YZT OD . -1.86 -13.21 54.57
C3 YZT OD . -1.26 -13.65 55.88
C4 YZT OD . -0.56 -14.99 55.74
C5 YZT OD . 0.46 -14.94 54.60
C6 YZT OD . 1.16 -16.26 54.36
O1S6 YZT OD . 3.37 -15.35 53.40
O2 YZT OD . -2.39 -11.89 54.65
O2S6 YZT OD . 1.62 -15.90 51.83
O3 YZT OD . -2.28 -13.72 56.87
O3S6 YZT OD . 2.82 -17.68 52.97
O4 YZT OD . 0.12 -15.32 56.96
O5 YZT OD . -0.20 -14.55 53.37
S6 YZT OD . 2.40 -16.32 53.10
C1 MAN OD . -2.20 -15.59 50.91
C2 MAN OD . -2.00 -16.74 51.90
C3 MAN OD . -1.23 -17.88 51.22
C4 MAN OD . -1.94 -18.32 49.93
C5 MAN OD . -2.14 -17.10 49.02
C6 MAN OD . -2.93 -17.42 47.77
O2 MAN OD . -3.24 -17.26 52.35
O3 MAN OD . -1.09 -19.00 52.11
O4 MAN OD . -1.12 -19.28 49.29
O5 MAN OD . -2.83 -16.06 49.71
O6 MAN OD . -2.99 -16.22 46.98
C1 MAN OD . -0.85 -13.90 45.52
C2 MAN OD . -0.22 -13.34 44.23
C3 MAN OD . -0.35 -11.82 44.18
C4 MAN OD . -1.81 -11.41 44.39
C5 MAN OD . -2.32 -11.97 45.72
C6 MAN OD . -3.77 -11.64 45.99
O2 MAN OD . -0.89 -13.84 43.06
O3 MAN OD . 0.15 -11.29 42.95
O4 MAN OD . -1.89 -9.98 44.38
O5 MAN OD . -2.18 -13.40 45.70
O6 MAN OD . -4.10 -12.18 47.28
C1 NAG PD . 11.06 1.28 50.80
C2 NAG PD . 12.44 0.69 50.51
C3 NAG PD . 13.09 0.25 51.81
C4 NAG PD . 13.08 1.38 52.84
C5 NAG PD . 11.69 1.99 52.98
C6 NAG PD . 11.69 3.23 53.85
C7 NAG PD . 12.45 -0.31 48.27
C8 NAG PD . 12.34 -1.58 47.48
N2 NAG PD . 12.34 -0.43 49.60
O3 NAG PD . 14.43 -0.15 51.53
O4 NAG PD . 13.50 0.87 54.10
O5 NAG PD . 11.19 2.37 51.69
O6 NAG PD . 10.58 4.06 53.50
O7 NAG PD . 12.61 0.78 47.73
C1 NAG PD . 14.85 1.26 54.36
C2 NAG PD . 15.09 1.24 55.86
C3 NAG PD . 16.53 1.65 56.15
C4 NAG PD . 17.51 0.79 55.35
C5 NAG PD . 17.16 0.83 53.86
C6 NAG PD . 18.00 -0.15 53.05
C7 NAG PD . 12.97 1.78 56.96
C8 NAG PD . 12.16 2.84 57.66
N2 NAG PD . 14.19 2.15 56.53
O3 NAG PD . 16.82 1.39 57.56
O4 NAG PD . 18.85 1.25 55.55
O5 NAG PD . 15.80 0.42 53.69
O6 NAG PD . 17.26 -0.57 51.88
O7 NAG PD . 12.54 0.65 56.81
C1 YZT PD . 16.38 1.95 58.79
C2 YZT PD . 17.06 1.73 60.16
C3 YZT PD . 16.58 2.80 61.13
C4 YZT PD . 16.71 4.19 60.53
C5 YZT PD . 16.02 4.25 59.16
C6 YZT PD . 16.17 5.61 58.49
O1S6 YZT PD . 15.73 7.13 56.46
O2 YZT PD . 16.76 0.43 60.68
O2S6 YZT PD . 14.05 5.44 56.99
O3 YZT PD . 17.29 2.70 62.36
O3S6 YZT PD . 16.18 4.79 56.01
O4 YZT PD . 16.15 5.15 61.43
O5 YZT PD . 16.61 3.27 58.32
S6 YZT PD . 15.43 5.81 56.89
C1 MAN PD . 18.13 -1.28 50.99
C2 MAN PD . 17.62 -1.06 49.55
C3 MAN PD . 16.30 -1.80 49.33
C4 MAN PD . 16.40 -3.27 49.76
C5 MAN PD . 16.90 -3.34 51.21
C6 MAN PD . 17.06 -4.75 51.74
O2 MAN PD . 18.55 -1.56 48.58
O3 MAN PD . 15.87 -1.71 47.97
O4 MAN PD . 15.12 -3.88 49.66
O5 MAN PD . 18.17 -2.68 51.31
O6 MAN PD . 17.22 -4.68 53.15
C1 NAG QD . 4.47 2.53 60.48
C2 NAG QD . 5.75 1.70 60.44
C3 NAG QD . 6.34 1.57 61.84
C4 NAG QD . 6.58 2.95 62.45
C5 NAG QD . 5.27 3.76 62.44
C6 NAG QD . 5.49 5.19 62.87
C7 NAG QD . 6.35 -0.33 59.20
C8 NAG QD . 5.87 -1.66 58.69
N2 NAG QD . 5.46 0.40 59.88
O3 NAG QD . 7.58 0.88 61.73
O4 NAG QD . 7.01 2.86 63.80
O5 NAG QD . 4.71 3.79 61.13
O6 NAG QD . 5.27 6.11 61.80
O7 NAG QD . 7.50 0.03 59.04
C1 NAG QD . 8.45 2.86 63.89
C2 NAG QD . 8.93 3.74 65.04
C3 NAG QD . 10.44 3.63 65.20
C4 NAG QD . 10.87 2.16 65.30
C5 NAG QD . 10.32 1.37 64.12
C6 NAG QD . 10.59 -0.12 64.24
C7 NAG QD . 7.66 5.77 65.60
C8 NAG QD . 7.38 7.19 65.23
N2 NAG QD . 8.53 5.12 64.82
O3 NAG QD . 10.83 4.34 66.37
O4 NAG QD . 12.30 2.11 65.29
O5 NAG QD . 8.91 1.53 64.05
O6 NAG QD . 9.48 -0.84 63.70
O7 NAG QD . 7.13 5.23 66.57
C1 MAN QD . 9.78 -2.25 63.65
C2 MAN QD . 9.46 -2.77 62.24
C3 MAN QD . 7.95 -2.84 62.00
C4 MAN QD . 7.22 -3.54 63.15
C5 MAN QD . 7.62 -2.89 64.48
C6 MAN QD . 6.97 -3.53 65.68
O2 MAN QD . 9.98 -4.08 62.03
O3 MAN QD . 7.65 -3.48 60.76
O4 MAN QD . 5.81 -3.41 62.95
O5 MAN QD . 9.03 -2.96 64.64
O6 MAN QD . 7.05 -2.61 66.78
C1 NAG RD . 28.74 -5.17 29.69
C2 NAG RD . 27.95 -6.44 29.37
C3 NAG RD . 27.71 -7.22 30.67
C4 NAG RD . 29.00 -7.45 31.45
C5 NAG RD . 29.87 -6.19 31.54
C6 NAG RD . 31.27 -6.52 32.04
C7 NAG RD . 25.60 -5.56 29.10
C8 NAG RD . 24.50 -5.50 28.09
N2 NAG RD . 26.72 -6.17 28.67
O3 NAG RD . 27.11 -8.47 30.36
O4 NAG RD . 28.64 -7.89 32.75
O5 NAG RD . 29.99 -5.55 30.26
O6 NAG RD . 32.07 -6.92 30.93
O7 NAG RD . 25.47 -5.09 30.23
C1 NAG RD . 29.41 -9.04 33.14
C2 NAG RD . 29.20 -9.27 34.63
C3 NAG RD . 30.05 -10.44 35.09
C4 NAG RD . 29.75 -11.68 34.24
C5 NAG RD . 29.90 -11.35 32.75
C6 NAG RD . 29.52 -12.49 31.85
C7 NAG RD . 28.51 -7.43 36.06
C8 NAG RD . 28.88 -6.18 36.80
N2 NAG RD . 29.50 -8.07 35.39
O3 NAG RD . 29.81 -10.70 36.46
O4 NAG RD . 30.68 -12.71 34.58
O5 NAG RD . 29.09 -10.21 32.41
O6 NAG RD . 29.00 -11.99 30.60
O7 NAG RD . 27.35 -7.81 36.09
C1 YZT RD . 31.08 -10.46 37.01
C2 YZT RD . 30.72 -10.57 38.47
C3 YZT RD . 31.93 -10.38 39.33
C4 YZT RD . 33.06 -11.31 38.89
C5 YZT RD . 33.35 -11.13 37.40
C6 YZT RD . 34.41 -12.07 36.88
O1S6 YZT RD . 35.30 -10.61 34.96
O2 YZT RD . 29.71 -9.60 38.78
O2S6 YZT RD . 33.55 -12.17 34.44
O3 YZT RD . 31.59 -10.63 40.70
O3S6 YZT RD . 35.79 -13.00 34.89
O4 YZT RD . 34.24 -11.03 39.64
O5 YZT RD . 32.14 -11.35 36.64
S6 YZT RD . 34.87 -11.94 35.18
C1 MAN RD . 30.04 -13.67 35.45
C2 MAN RD . 31.16 -14.36 36.24
C3 MAN RD . 32.00 -15.23 35.30
C4 MAN RD . 31.11 -16.20 34.52
C5 MAN RD . 30.01 -15.44 33.81
C6 MAN RD . 29.01 -16.33 33.09
O2 MAN RD . 30.63 -15.23 37.25
O3 MAN RD . 33.00 -15.94 36.03
O4 MAN RD . 31.92 -16.91 33.60
O5 MAN RD . 29.27 -14.63 34.72
O6 MAN RD . 28.08 -15.49 32.40
C1 MAN RD . 28.04 -12.90 30.06
C2 MAN RD . 27.73 -12.47 28.62
C3 MAN RD . 26.90 -11.19 28.62
C4 MAN RD . 25.66 -11.36 29.49
C5 MAN RD . 26.08 -11.74 30.91
C6 MAN RD . 24.92 -11.98 31.86
O2 MAN RD . 26.95 -13.45 27.92
O3 MAN RD . 26.53 -10.80 27.29
O4 MAN RD . 24.93 -10.14 29.51
O5 MAN RD . 26.85 -12.96 30.85
O6 MAN RD . 25.46 -12.29 33.14
C1 NAG SD . 32.45 6.57 28.74
C2 NAG SD . 33.67 6.54 27.83
C3 NAG SD . 34.92 6.72 28.67
C4 NAG SD . 34.82 7.96 29.56
C5 NAG SD . 33.51 7.97 30.35
C6 NAG SD . 33.30 9.27 31.09
C7 NAG SD . 33.20 5.12 25.89
C8 NAG SD . 33.39 3.76 25.27
N2 NAG SD . 33.73 5.28 27.10
O3 NAG SD . 36.05 6.83 27.79
O4 NAG SD . 35.91 7.97 30.47
O5 NAG SD . 32.41 7.80 29.45
O6 NAG SD . 31.89 9.46 31.31
O7 NAG SD . 32.60 6.02 25.31
C1 NAG SD . 36.89 8.93 30.04
C2 NAG SD . 37.72 9.37 31.24
C3 NAG SD . 38.76 10.37 30.80
C4 NAG SD . 39.58 9.83 29.63
C5 NAG SD . 38.67 9.36 28.51
C6 NAG SD . 39.44 8.64 27.41
C7 NAG SD . 36.27 9.24 33.22
C8 NAG SD . 35.44 10.01 34.21
N2 NAG SD . 36.87 9.95 32.26
O3 NAG SD . 39.69 10.58 31.90
O4 NAG SD . 40.49 10.82 29.16
O5 NAG SD . 37.73 8.41 29.01
O6 NAG SD . 38.58 7.70 26.74
O7 NAG SD . 36.39 8.03 33.32
C1 YZT SD . 39.61 11.18 33.19
C2 YZT SD . 40.82 11.59 34.05
C3 YZT SD . 40.37 12.56 35.12
C4 YZT SD . 39.57 13.70 34.53
C5 YZT SD . 38.42 13.17 33.66
C6 YZT SD . 37.62 14.27 33.00
O1S6 YZT SD . 35.72 14.97 31.39
O2 YZT SD . 41.43 10.45 34.66
O2S6 YZT SD . 35.42 12.91 32.69
O3 YZT SD . 41.48 13.04 35.87
O3S6 YZT SD . 36.97 12.97 30.80
O4 YZT SD . 39.05 14.55 35.58
O5 YZT SD . 38.97 12.34 32.66
S6 YZT SD . 36.28 13.78 31.94
C1 MAN SD . 39.22 7.21 25.56
C2 MAN SD . 38.12 6.85 24.53
C3 MAN SD . 37.35 5.61 24.98
C4 MAN SD . 38.30 4.46 25.34
C5 MAN SD . 39.31 4.95 26.37
C6 MAN SD . 40.32 3.89 26.77
O2 MAN SD . 38.67 6.56 23.25
O3 MAN SD . 36.40 5.19 24.00
O4 MAN SD . 37.54 3.37 25.87
O5 MAN SD . 40.04 6.06 25.84
O6 MAN SD . 41.01 4.35 27.94
C1 NAG TD . 30.79 7.32 40.36
C2 NAG TD . 32.15 7.08 39.73
C3 NAG TD . 33.26 7.53 40.69
C4 NAG TD . 33.06 9.00 41.07
C5 NAG TD . 31.66 9.19 41.66
C6 NAG TD . 31.35 10.66 41.90
C7 NAG TD . 33.06 5.23 38.40
C8 NAG TD . 33.09 3.75 38.21
N2 NAG TD . 32.30 5.67 39.41
O3 NAG TD . 34.50 7.38 40.03
O4 NAG TD . 33.99 9.42 42.06
O5 NAG TD . 30.67 8.70 40.77
O6 NAG TD . 30.31 11.13 41.02
O7 NAG TD . 33.71 5.98 37.70
C1 NAG TD . 35.15 10.00 41.45
C2 NAG TD . 35.60 11.25 42.21
C3 NAG TD . 36.90 11.79 41.63
C4 NAG TD . 37.97 10.70 41.54
C5 NAG TD . 37.41 9.50 40.78
C6 NAG TD . 38.36 8.32 40.77
C7 NAG TD . 33.91 12.69 43.26
C8 NAG TD . 32.87 13.74 43.02
N2 NAG TD . 34.57 12.26 42.17
O3 NAG TD . 37.38 12.86 42.46
O4 NAG TD . 39.10 11.22 40.84
O5 NAG TD . 36.20 9.05 41.41
O6 NAG TD . 37.61 7.10 40.84
O7 NAG TD . 34.13 12.24 44.37
C1 MAN TD . 38.49 5.96 40.68
C2 MAN TD . 37.88 5.04 39.60
C3 MAN TD . 36.63 4.32 40.13
C4 MAN TD . 36.87 3.68 41.50
C5 MAN TD . 37.44 4.73 42.45
C6 MAN TD . 37.74 4.18 43.84
O2 MAN TD . 38.82 4.03 39.20
O3 MAN TD . 36.19 3.33 39.19
O4 MAN TD . 35.63 3.18 41.99
O5 MAN TD . 38.65 5.27 41.93
O6 MAN TD . 37.82 5.29 44.74
C1 NAG UD . 40.31 3.01 1.73
C2 NAG UD . 40.15 1.50 1.85
C3 NAG UD . 40.87 1.02 3.11
C4 NAG UD . 42.31 1.52 3.16
C5 NAG UD . 42.43 3.00 2.80
C6 NAG UD . 43.89 3.39 2.55
C7 NAG UD . 37.80 1.25 2.74
C8 NAG UD . 36.49 0.60 2.39
N2 NAG UD . 38.78 1.05 1.82
O3 NAG UD . 40.86 -0.40 3.16
O4 NAG UD . 42.80 1.31 4.47
O5 NAG UD . 41.69 3.31 1.62
O6 NAG UD . 44.23 3.09 1.20
O7 NAG UD . 37.94 1.87 3.78
C1 NAG UD . 44.10 0.69 4.46
C2 NAG UD . 44.67 0.77 5.87
C3 NAG UD . 46.09 0.18 5.87
C4 NAG UD . 46.07 -1.23 5.30
C5 NAG UD . 45.40 -1.24 3.92
C6 NAG UD . 45.25 -2.63 3.33
C7 NAG UD . 43.89 2.46 7.42
C8 NAG UD . 43.90 3.89 7.86
N2 NAG UD . 44.66 2.13 6.37
O3 NAG UD . 46.59 0.19 7.20
O4 NAG UD . 47.41 -1.70 5.18
O5 NAG UD . 44.09 -0.66 4.01
O6 NAG UD . 44.10 -2.68 2.49
O7 NAG UD . 43.18 1.67 8.01
C1 YZT UD . 47.70 1.03 7.06
C2 YZT UD . 48.07 1.15 8.51
C3 YZT UD . 49.31 1.99 8.68
C4 YZT UD . 50.43 1.51 7.76
C5 YZT UD . 49.95 1.44 6.32
C6 YZT UD . 51.00 0.91 5.37
O1S6 YZT UD . 50.18 2.11 3.22
O2 YZT UD . 46.98 1.68 9.26
O2S6 YZT UD . 49.33 -0.10 3.64
O3 YZT UD . 49.73 1.97 10.04
O3S6 YZT UD . 51.66 0.17 2.98
O4 YZT UD . 51.54 2.41 7.85
O5 YZT UD . 48.79 0.58 6.24
S6 YZT UD . 50.57 0.81 3.66
C1 MAN UD . 47.73 -2.59 6.26
C2 MAN UD . 49.26 -2.57 6.42
C3 MAN UD . 49.92 -3.22 5.20
C4 MAN UD . 49.36 -4.63 4.98
C5 MAN UD . 47.83 -4.57 4.86
C6 MAN UD . 47.18 -5.92 4.73
O2 MAN UD . 49.67 -3.30 7.57
O3 MAN UD . 51.34 -3.27 5.36
O4 MAN UD . 49.93 -5.16 3.80
O5 MAN UD . 47.26 -3.92 6.00
O6 MAN UD . 45.76 -5.72 4.56
C1 MAN UD . 43.54 -4.02 2.49
C2 MAN UD . 42.49 -4.10 1.38
C3 MAN UD . 41.24 -3.30 1.77
C4 MAN UD . 40.73 -3.74 3.14
C5 MAN UD . 41.84 -3.57 4.17
C6 MAN UD . 41.45 -4.03 5.57
O2 MAN UD . 42.05 -5.44 1.16
O3 MAN UD . 40.21 -3.43 0.77
O4 MAN UD . 39.60 -2.96 3.49
O5 MAN UD . 42.98 -4.36 3.77
O6 MAN UD . 42.55 -3.78 6.44
C1 NAG VD . 37.27 14.64 -1.07
C2 NAG VD . 37.84 14.88 -2.47
C3 NAG VD . 39.08 15.75 -2.35
C4 NAG VD . 38.79 17.02 -1.54
C5 NAG VD . 38.10 16.69 -0.21
C6 NAG VD . 37.65 17.93 0.51
C7 NAG VD . 37.32 12.98 -3.93
C8 NAG VD . 37.84 11.71 -4.53
N2 NAG VD . 38.17 13.63 -3.12
O3 NAG VD . 39.52 16.09 -3.66
O4 NAG VD . 40.02 17.68 -1.27
O5 NAG VD . 36.95 15.88 -0.47
O6 NAG VD . 36.54 17.60 1.36
O7 NAG VD . 36.18 13.39 -4.14
C1 NAG VD . 40.15 18.82 -2.14
C2 NAG VD . 41.08 19.83 -1.50
C3 NAG VD . 41.25 21.03 -2.40
C4 NAG VD . 41.66 20.60 -3.82
C5 NAG VD . 40.69 19.55 -4.35
C6 NAG VD . 41.16 18.96 -5.67
C7 NAG VD . 40.87 19.62 0.93
C8 NAG VD . 40.27 20.19 2.19
N2 NAG VD . 40.58 20.25 -0.21
O3 NAG VD . 42.33 21.87 -1.90
O4 NAG VD . 41.68 21.73 -4.68
O5 NAG VD . 40.62 18.45 -3.44
O6 NAG VD . 40.65 17.63 -5.83
O7 NAG VD . 41.58 18.62 0.98
C1 YZT VD . 42.53 22.66 -0.75
C2 YZT VD . 43.65 23.73 -0.58
C3 YZT VD . 43.28 24.65 0.57
C4 YZT VD . 41.86 25.20 0.41
C5 YZT VD . 40.86 24.05 0.21
C6 YZT VD . 39.44 24.54 0.00
O1S6 YZT VD . 36.97 23.99 -0.49
O2 YZT VD . 44.90 23.10 -0.31
O2S6 YZT VD . 38.25 22.39 0.83
O3 YZT VD . 44.22 25.73 0.65
O3S6 YZT VD . 38.63 22.60 -1.57
O4 YZT VD . 41.52 25.98 1.56
O5 YZT VD . 41.27 23.30 -0.92
S6 YZT VD . 38.19 23.31 -0.26
C1 MAN VD . 40.88 17.16 -7.17
C2 MAN VD . 39.75 16.17 -7.52
C3 MAN VD . 39.92 14.86 -6.73
C4 MAN VD . 41.35 14.31 -6.86
C5 MAN VD . 42.35 15.40 -6.46
C6 MAN VD . 43.80 14.95 -6.58
O2 MAN VD . 39.78 15.82 -8.91
O3 MAN VD . 38.96 13.89 -7.13
O4 MAN VD . 41.48 13.18 -6.01
O5 MAN VD . 42.17 16.55 -7.29
O6 MAN VD . 44.60 15.92 -5.89
C1 NAG WD . 40.55 17.40 9.89
C2 NAG WD . 41.44 17.59 8.68
C3 NAG WD . 42.48 18.66 8.96
C4 NAG WD . 41.82 19.97 9.39
C5 NAG WD . 40.90 19.71 10.59
C6 NAG WD . 40.08 20.93 10.94
C7 NAG WD . 42.43 16.00 7.09
C8 NAG WD . 43.08 14.66 6.94
N2 NAG WD . 42.08 16.33 8.34
O3 NAG WD . 43.23 18.88 7.76
O4 NAG WD . 42.78 20.94 9.78
O5 NAG WD . 40.00 18.65 10.31
O6 NAG WD . 38.68 20.72 10.69
O7 NAG WD . 42.30 16.76 6.15
C1 NAG WD . 43.13 21.79 8.68
C2 NAG WD . 43.21 23.25 9.12
C3 NAG WD . 43.72 24.12 7.97
C4 NAG WD . 45.01 23.57 7.38
C5 NAG WD . 44.82 22.10 6.99
C6 NAG WD . 46.10 21.44 6.54
C7 NAG WD . 41.69 24.08 10.86
C8 NAG WD . 40.30 24.55 11.16
N2 NAG WD . 41.93 23.72 9.59
O3 NAG WD . 43.93 25.45 8.45
O4 NAG WD . 45.35 24.32 6.21
O5 NAG WD . 44.37 21.36 8.13
O6 NAG WD . 46.13 20.08 6.99
O7 NAG WD . 42.56 24.03 11.71
C1 MAN WD . 47.26 19.39 6.43
C2 MAN WD . 46.77 18.07 5.80
C3 MAN WD . 46.38 17.06 6.87
C4 MAN WD . 47.45 16.92 7.96
C5 MAN WD . 47.80 18.30 8.51
C6 MAN WD . 48.88 18.27 9.57
O2 MAN WD . 47.79 17.47 4.99
O3 MAN WD . 46.10 15.78 6.29
O4 MAN WD . 46.94 16.09 9.00
O5 MAN WD . 48.26 19.14 7.45
O6 MAN WD . 48.81 19.51 10.30
C1 NAG XD . 33.68 8.23 -28.39
C2 NAG XD . 34.33 6.86 -28.20
C3 NAG XD . 35.64 7.02 -27.43
C4 NAG XD . 36.55 8.06 -28.09
C5 NAG XD . 35.80 9.33 -28.48
C6 NAG XD . 36.64 10.21 -29.39
C7 NAG XD . 32.99 5.92 -26.27
C8 NAG XD . 32.12 4.76 -25.92
N2 NAG XD . 33.44 5.91 -27.53
O3 NAG XD . 36.31 5.77 -27.36
O4 NAG XD . 37.58 8.38 -27.16
O5 NAG XD . 34.59 9.03 -29.16
O6 NAG XD . 36.48 9.76 -30.74
O7 NAG XD . 33.25 6.78 -25.45
C1 NAG XD . 38.87 8.35 -27.79
C2 NAG XD . 39.88 8.98 -26.83
C3 NAG XD . 41.25 9.03 -27.49
C4 NAG XD . 41.66 7.64 -27.97
C5 NAG XD . 40.55 7.04 -28.86
C6 NAG XD . 40.85 5.61 -29.29
C7 NAG XD . 39.13 10.53 -25.12
C8 NAG XD . 38.65 11.90 -24.76
N2 NAG XD . 39.44 10.30 -26.40
O3 NAG XD . 42.19 9.55 -26.58
O4 NAG XD . 42.86 7.75 -28.73
O5 NAG XD . 39.30 7.05 -28.16
O6 NAG XD . 39.61 4.90 -29.47
O7 NAG XD . 39.19 9.67 -24.24
C1 YZT XD . 42.60 10.71 -27.25
C2 YZT XD . 43.45 11.30 -26.16
C3 YZT XD . 44.10 12.59 -26.62
C4 YZT XD . 44.79 12.42 -27.96
C5 YZT XD . 43.83 11.81 -28.99
C6 YZT XD . 44.50 11.54 -30.33
O1S6 YZT XD . 42.41 11.77 -31.83
O2 YZT XD . 42.67 11.50 -24.99
O2S6 YZT XD . 42.95 9.57 -31.02
O3 YZT XD . 45.02 13.05 -25.63
O3S6 YZT XD . 44.36 10.58 -32.72
O4 YZT XD . 45.27 13.68 -28.43
O5 YZT XD . 43.30 10.57 -28.49
S6 YZT XD . 43.50 10.87 -31.62
C1 MAN XD . 43.98 7.34 -27.94
C2 MAN XD . 45.23 8.01 -28.53
C3 MAN XD . 45.52 7.41 -29.90
C4 MAN XD . 45.65 5.89 -29.81
C5 MAN XD . 44.40 5.30 -29.17
C6 MAN XD . 44.46 3.81 -28.95
O2 MAN XD . 46.38 7.80 -27.71
O3 MAN XD . 46.72 7.98 -30.45
O4 MAN XD . 45.85 5.37 -31.12
O5 MAN XD . 44.13 5.91 -27.90
O6 MAN XD . 43.20 3.38 -28.41
C1 MAN XD . 39.81 3.50 -29.18
C2 MAN XD . 38.55 2.74 -29.65
C3 MAN XD . 37.37 3.03 -28.73
C4 MAN XD . 37.76 2.76 -27.27
C5 MAN XD . 38.98 3.60 -26.90
C6 MAN XD . 39.46 3.37 -25.48
O2 MAN XD . 38.76 1.33 -29.62
O3 MAN XD . 36.22 2.27 -29.09
O4 MAN XD . 36.66 3.07 -26.42
O5 MAN XD . 40.07 3.27 -27.78
O6 MAN XD . 40.58 4.23 -25.25
C1 NAG YD . 24.71 16.62 -29.56
C2 NAG YD . 24.46 16.75 -31.05
C3 NAG YD . 25.06 18.04 -31.56
C4 NAG YD . 24.58 19.24 -30.73
C5 NAG YD . 24.77 18.99 -29.24
C6 NAG YD . 24.14 20.07 -28.39
C7 NAG YD . 24.33 14.51 -32.06
C8 NAG YD . 25.08 13.46 -32.82
N2 NAG YD . 25.02 15.61 -31.77
O3 NAG YD . 24.69 18.22 -32.93
O4 NAG YD . 25.34 20.39 -31.10
O5 NAG YD . 24.14 17.75 -28.89
O6 NAG YD . 23.81 19.54 -27.11
O7 NAG YD . 23.17 14.36 -31.70
C1 NAG YD . 24.55 21.24 -31.94
C2 NAG YD . 25.07 22.66 -31.85
C3 NAG YD . 24.26 23.57 -32.73
C4 NAG YD . 24.18 23.03 -34.16
C5 NAG YD . 23.69 21.58 -34.15
C6 NAG YD . 23.77 20.93 -35.51
C7 NAG YD . 26.03 22.96 -29.60
C8 NAG YD . 25.83 23.52 -28.23
N2 NAG YD . 25.03 23.14 -30.48
O3 NAG YD . 24.93 24.86 -32.83
O4 NAG YD . 23.30 23.83 -34.95
O5 NAG YD . 24.53 20.79 -33.30
O6 NAG YD . 23.94 19.51 -35.39
O7 NAG YD . 27.07 22.37 -29.89
C1 YZT YD . 25.19 25.93 -31.92
C2 YZT YD . 25.63 27.36 -32.35
C3 YZT YD . 25.39 28.31 -31.19
C4 YZT YD . 23.97 28.18 -30.64
C5 YZT YD . 23.66 26.72 -30.31
C6 YZT YD . 22.24 26.52 -29.81
O1S6 YZT YD . 20.36 24.93 -29.03
O2 YZT YD . 27.00 27.38 -32.73
O2S6 YZT YD . 22.65 24.33 -28.48
O3 YZT YD . 25.67 29.65 -31.59
O3S6 YZT YD . 21.84 24.11 -30.77
O4 YZT YD . 23.82 29.01 -29.49
O5 YZT YD . 23.84 25.95 -31.48
S6 YZT YD . 21.73 24.87 -29.42
C1 MAN YD . 23.77 18.87 -36.67
C2 MAN YD . 23.22 17.46 -36.42
C3 MAN YD . 24.29 16.56 -35.78
C4 MAN YD . 25.60 16.62 -36.58
C5 MAN YD . 26.03 18.08 -36.73
C6 MAN YD . 27.32 18.25 -37.53
O2 MAN YD . 22.81 16.83 -37.64
O3 MAN YD . 23.84 15.22 -35.66
O4 MAN YD . 26.60 15.88 -35.89
O5 MAN YD . 25.01 18.82 -37.39
O6 MAN YD . 27.78 19.60 -37.33
C1 NAG ZD . 30.56 22.99 -21.59
C2 NAG ZD . 30.66 23.23 -23.09
C3 NAG ZD . 31.09 24.67 -23.36
C4 NAG ZD . 30.13 25.64 -22.68
C5 NAG ZD . 30.03 25.33 -21.19
C6 NAG ZD . 28.95 26.16 -20.51
C7 NAG ZD . 31.52 21.86 -24.93
C8 NAG ZD . 32.58 20.89 -25.37
N2 NAG ZD . 31.61 22.29 -23.68
O3 NAG ZD . 31.09 24.89 -24.76
O4 NAG ZD . 30.58 27.00 -22.80
O5 NAG ZD . 29.69 23.95 -20.99
O6 NAG ZD . 27.86 25.34 -20.07
O7 NAG ZD . 30.66 22.25 -25.71
C1 NAG ZD . 30.00 27.63 -23.95
C2 NAG ZD . 29.58 29.06 -23.63
C3 NAG ZD . 29.08 29.76 -24.89
C4 NAG ZD . 30.11 29.65 -26.01
C5 NAG ZD . 30.50 28.19 -26.24
C6 NAG ZD . 31.63 28.03 -27.24
C7 NAG ZD . 28.70 29.57 -21.40
C8 NAG ZD . 27.51 29.48 -20.48
N2 NAG ZD . 28.53 29.05 -22.62
O3 NAG ZD . 28.83 31.13 -24.60
O4 NAG ZD . 29.54 30.19 -27.22
O5 NAG ZD . 30.95 27.63 -25.01
O6 NAG ZD . 32.46 26.93 -26.85
O7 NAG ZD . 29.75 30.09 -21.04
C1 MAN ZD . 33.44 26.65 -27.86
C2 MAN ZD . 33.40 25.15 -28.18
C3 MAN ZD . 34.00 24.33 -27.03
C4 MAN ZD . 35.35 24.88 -26.57
C5 MAN ZD . 35.22 26.37 -26.27
C6 MAN ZD . 36.52 27.02 -25.84
O2 MAN ZD . 34.15 24.84 -29.36
O3 MAN ZD . 34.12 22.95 -27.41
O4 MAN ZD . 35.76 24.17 -25.41
O5 MAN ZD . 34.74 27.05 -27.43
O6 MAN ZD . 36.19 28.24 -25.19
C1 NAG AE . 13.40 3.02 -51.70
C2 NAG AE . 14.63 2.12 -51.82
C3 NAG AE . 15.89 2.98 -51.79
C4 NAG AE . 15.83 4.10 -52.82
C5 NAG AE . 14.48 4.83 -52.81
C6 NAG AE . 14.33 5.73 -54.03
C7 NAG AE . 14.85 1.19 -49.48
C8 NAG AE . 14.87 -0.11 -48.75
N2 NAG AE . 14.67 1.07 -50.81
O3 NAG AE . 17.03 2.16 -52.03
O4 NAG AE . 16.88 5.03 -52.51
O5 NAG AE . 13.39 3.90 -52.81
O6 NAG AE . 13.86 4.95 -55.13
O7 NAG AE . 14.98 2.26 -48.89
C1 NAG AE . 17.62 5.37 -53.68
C2 NAG AE . 18.50 6.57 -53.36
C3 NAG AE . 19.25 7.02 -54.60
C4 NAG AE . 20.03 5.84 -55.19
C5 NAG AE . 19.09 4.65 -55.43
C6 NAG AE . 19.81 3.40 -55.91
C7 NAG AE . 17.91 8.05 -51.52
C8 NAG AE . 17.05 9.14 -50.99
N2 NAG AE . 17.72 7.66 -52.79
O3 NAG AE . 20.13 8.07 -54.27
O4 NAG AE . 20.60 6.23 -56.44
O5 NAG AE . 18.40 4.31 -54.21
O6 NAG AE . 19.12 2.23 -55.47
O7 NAG AE . 18.73 7.53 -50.76
C1 YZT AE . 19.61 9.11 -55.06
C2 YZT AE . 20.45 10.24 -54.54
C3 YZT AE . 20.13 11.52 -55.27
C4 YZT AE . 20.21 11.33 -56.78
C5 YZT AE . 19.32 10.16 -57.20
C6 YZT AE . 19.40 9.87 -58.69
O1S6 YZT AE . 17.05 8.85 -59.00
O2 YZT AE . 20.24 10.38 -53.14
O2S6 YZT AE . 18.85 7.33 -58.51
O3 YZT AE . 21.04 12.55 -54.86
O3S6 YZT AE . 18.74 8.38 -60.71
O4 YZT AE . 19.77 12.52 -57.44
O5 YZT AE . 19.71 8.96 -56.48
S6 YZT AE . 18.39 8.56 -59.33
C1 MAN AE . 21.99 6.53 -56.27
C2 MAN AE . 22.38 7.49 -57.40
C3 MAN AE . 22.33 6.75 -58.75
C4 MAN AE . 23.19 5.48 -58.70
C5 MAN AE . 22.75 4.61 -57.52
C6 MAN AE . 23.60 3.37 -57.35
O2 MAN AE . 23.72 7.96 -57.25
O3 MAN AE . 22.76 7.61 -59.81
O4 MAN AE . 23.03 4.79 -59.93
O5 MAN AE . 22.79 5.34 -56.31
O6 MAN AE . 23.05 2.61 -56.25
C1 MAN AE . 20.05 1.15 -55.28
C2 MAN AE . 19.24 -0.14 -55.07
C3 MAN AE . 18.58 -0.14 -53.70
C4 MAN AE . 19.62 0.12 -52.61
C5 MAN AE . 20.32 1.45 -52.89
C6 MAN AE . 21.41 1.79 -51.88
O2 MAN AE . 20.08 -1.29 -55.12
O3 MAN AE . 17.90 -1.38 -53.45
O4 MAN AE . 18.97 0.16 -51.34
O5 MAN AE . 20.94 1.39 -54.18
O6 MAN AE . 21.95 3.06 -52.23
C1 NAG BE . 2.01 6.49 -48.49
C2 NAG BE . 1.13 6.14 -49.68
C3 NAG BE . 0.78 7.41 -50.44
C4 NAG BE . 0.19 8.47 -49.51
C5 NAG BE . 1.08 8.68 -48.27
C6 NAG BE . 0.42 9.57 -47.24
C7 NAG BE . 1.66 3.88 -50.46
C8 NAG BE . 2.42 3.07 -51.48
N2 NAG BE . 1.80 5.21 -50.56
O3 NAG BE . -0.17 7.09 -51.47
O4 NAG BE . 0.08 9.70 -50.21
O5 NAG BE . 1.32 7.41 -47.65
O6 NAG BE . 0.97 9.29 -45.96
O7 NAG BE . 0.97 3.36 -49.60
C1 NAG BE . -1.29 9.93 -50.57
C2 NAG BE . -1.51 11.42 -50.77
C3 NAG BE . -2.94 11.69 -51.16
C4 NAG BE . -3.34 10.83 -52.36
C5 NAG BE . -3.04 9.35 -52.09
C6 NAG BE . -3.26 8.48 -53.31
C7 NAG BE . 0.04 12.60 -49.27
C8 NAG BE . 0.19 13.35 -47.97
N2 NAG BE . -1.20 12.15 -49.55
O3 NAG BE . -3.07 13.07 -51.59
O4 NAG BE . -4.73 11.00 -52.65
O5 NAG BE . -1.67 9.21 -51.74
O6 NAG BE . -2.41 7.34 -53.26
O7 NAG BE . 1.00 12.44 -50.01
C1 YZT BE . -2.98 14.33 -50.93
C2 YZT BE . -3.46 15.68 -51.53
C3 YZT BE . -3.59 16.69 -50.40
C4 YZT BE . -4.41 16.13 -49.25
C5 YZT BE . -3.86 14.80 -48.79
C6 YZT BE . -4.67 14.15 -47.67
O1S6 YZT BE . -5.06 12.18 -46.06
O2 YZT BE . -2.56 16.16 -52.52
O2S6 YZT BE . -2.76 12.71 -46.67
O3 YZT BE . -4.14 17.92 -50.89
O3S6 YZT BE . -4.25 11.64 -48.28
O4 YZT BE . -4.43 17.08 -48.16
O5 YZT BE . -3.85 13.91 -49.89
S6 YZT BE . -4.13 12.58 -47.06
C1 MAN BE . -2.78 6.39 -54.28
C2 MAN BE . -2.42 4.98 -53.80
C3 MAN BE . -0.90 4.79 -53.75
C4 MAN BE . -0.25 5.18 -55.08
C5 MAN BE . -0.67 6.61 -55.44
C6 MAN BE . -0.10 7.10 -56.76
O2 MAN BE . -2.96 3.98 -54.65
O3 MAN BE . -0.56 3.44 -53.40
O4 MAN BE . 1.17 5.10 -54.94
O5 MAN BE . -2.10 6.69 -55.52
O6 MAN BE . -0.29 8.51 -56.81
C1 NAG CE . 6.93 16.42 -44.45
C2 NAG CE . 6.27 16.31 -45.81
C3 NAG CE . 5.80 17.68 -46.28
C4 NAG CE . 4.89 18.33 -45.25
C5 NAG CE . 5.60 18.38 -43.89
C6 NAG CE . 4.67 18.84 -42.79
C7 NAG CE . 6.83 15.00 -47.82
C8 NAG CE . 7.93 14.50 -48.70
N2 NAG CE . 7.21 15.73 -46.77
O3 NAG CE . 5.10 17.53 -47.51
O4 NAG CE . 4.55 19.67 -45.60
O5 NAG CE . 6.08 17.09 -43.53
O6 NAG CE . 4.40 17.80 -41.84
O7 NAG CE . 5.65 14.81 -48.09
C1 NAG CE . 3.31 19.71 -46.32
C2 NAG CE . 2.45 20.87 -45.87
C3 NAG CE . 1.20 20.98 -46.73
C4 NAG CE . 1.55 21.01 -48.21
C5 NAG CE . 2.44 19.82 -48.56
C6 NAG CE . 2.96 19.87 -49.99
C7 NAG CE . 2.50 21.53 -43.50
C8 NAG CE . 2.01 21.21 -42.12
N2 NAG CE . 2.08 20.70 -44.47
O3 NAG CE . 0.49 22.17 -46.37
O4 NAG CE . 0.35 20.95 -48.98
O5 NAG CE . 3.59 19.81 -47.72
O6 NAG CE . 4.29 19.36 -50.04
O7 NAG CE . 3.22 22.50 -43.73
C1 MAN CE . 4.75 19.27 -51.40
C2 MAN CE . 5.33 17.86 -51.63
C3 MAN CE . 6.66 17.69 -50.90
C4 MAN CE . 7.62 18.84 -51.17
C5 MAN CE . 6.93 20.17 -50.88
C6 MAN CE . 7.78 21.39 -51.17
O2 MAN CE . 5.55 17.60 -53.01
O3 MAN CE . 7.29 16.44 -51.26
O4 MAN CE . 8.78 18.70 -50.35
O5 MAN CE . 5.73 20.28 -51.67
O6 MAN CE . 7.21 22.49 -50.45
C1 NAG DE . -9.71 -15.28 -62.17
C2 NAG DE . -8.38 -15.62 -62.85
C3 NAG DE . -7.80 -14.33 -63.44
C4 NAG DE . -8.80 -13.61 -64.34
C5 NAG DE . -10.18 -13.51 -63.69
C6 NAG DE . -11.23 -13.06 -64.70
C7 NAG DE . -6.82 -15.76 -60.87
C8 NAG DE . -5.88 -16.71 -60.20
N2 NAG DE . -7.44 -16.26 -61.96
O3 NAG DE . -6.62 -14.65 -64.19
O4 NAG DE . -8.28 -12.30 -64.58
O5 NAG DE . -10.59 -14.77 -63.15
O6 NAG DE . -11.69 -14.20 -65.42
O7 NAG DE . -6.96 -14.62 -60.46
C1 NAG DE . -8.36 -11.97 -65.97
C2 NAG DE . -8.09 -10.47 -66.12
C3 NAG DE . -8.23 -10.07 -67.58
C4 NAG DE . -7.33 -10.94 -68.45
C5 NAG DE . -7.60 -12.42 -68.20
C6 NAG DE . -6.66 -13.34 -68.94
C7 NAG DE . -8.47 -8.98 -64.25
C8 NAG DE . -9.45 -8.23 -63.40
N2 NAG DE . -8.97 -9.70 -65.27
O3 NAG DE . -7.90 -8.70 -67.72
O4 NAG DE . -7.59 -10.65 -69.83
O5 NAG DE . -7.47 -12.71 -66.79
O6 NAG DE . -6.47 -14.56 -68.20
O7 NAG DE . -7.28 -8.92 -63.97
C1 YZT DE . -9.12 -8.18 -68.19
C2 YZT DE . -8.78 -6.72 -68.15
C3 YZT DE . -9.91 -5.88 -68.66
C4 YZT DE . -10.41 -6.38 -70.02
C5 YZT DE . -10.73 -7.88 -69.94
C6 YZT DE . -11.16 -8.45 -71.27
O1S6 YZT DE . -12.65 -10.38 -70.39
O2 YZT DE . -8.42 -6.35 -66.83
O2S6 YZT DE . -10.33 -10.88 -70.83
O3 YZT DE . -9.51 -4.52 -68.75
O3S6 YZT DE . -11.85 -10.51 -72.69
O4 YZT DE . -11.57 -5.66 -70.41
O5 YZT DE . -9.57 -8.61 -69.48
S6 YZT DE . -11.60 -10.17 -71.33
C1 MAN DE . -6.57 -9.79 -70.37
C2 MAN DE . -7.18 -9.05 -71.56
C3 MAN DE . -7.45 -10.04 -72.70
C4 MAN DE . -6.18 -10.82 -73.05
C5 MAN DE . -5.62 -11.48 -71.80
C6 MAN DE . -4.29 -12.18 -72.03
O2 MAN DE . -6.30 -8.05 -72.07
O3 MAN DE . -7.97 -9.36 -73.84
O4 MAN DE . -6.52 -11.79 -74.03
O5 MAN DE . -5.41 -10.52 -70.76
O6 MAN DE . -3.91 -12.82 -70.80
C1 MAN DE . -5.16 -15.10 -68.48
C2 MAN DE . -5.10 -16.51 -67.90
C3 MAN DE . -5.04 -16.45 -66.37
C4 MAN DE . -3.89 -15.54 -65.92
C5 MAN DE . -4.09 -14.16 -66.52
C6 MAN DE . -2.97 -13.19 -66.16
O2 MAN DE . -3.92 -17.21 -68.31
O3 MAN DE . -4.90 -17.76 -65.80
O4 MAN DE . -3.89 -15.48 -64.49
O5 MAN DE . -4.12 -14.26 -67.94
O6 MAN DE . -3.29 -11.92 -66.75
C1 NAG EE . -18.84 -16.04 -53.91
C2 NAG EE . -19.86 -16.99 -54.52
C3 NAG EE . -21.05 -16.20 -55.03
C4 NAG EE . -21.61 -15.26 -53.94
C5 NAG EE . -20.49 -14.44 -53.30
C6 NAG EE . -20.98 -13.66 -52.09
C7 NAG EE . -18.72 -18.96 -55.41
C8 NAG EE . -18.18 -19.62 -56.66
N2 NAG EE . -19.28 -17.77 -55.60
O3 NAG EE . -22.06 -17.10 -55.46
O4 NAG EE . -22.55 -14.39 -54.53
O5 NAG EE . -19.45 -15.30 -52.85
O6 NAG EE . -19.88 -13.39 -51.23
O7 NAG EE . -18.65 -19.50 -54.31
C1 NAG EE . -23.88 -14.83 -54.18
C2 NAG EE . -24.84 -13.64 -54.27
C3 NAG EE . -26.23 -14.08 -53.92
C4 NAG EE . -26.66 -15.29 -54.77
C5 NAG EE . -25.61 -16.41 -54.67
C6 NAG EE . -25.89 -17.55 -55.62
C7 NAG EE . -23.56 -11.62 -53.71
C8 NAG EE . -23.24 -10.60 -52.66
N2 NAG EE . -24.43 -12.59 -53.36
O3 NAG EE . -27.16 -13.02 -54.25
O4 NAG EE . -27.94 -15.77 -54.36
O5 NAG EE . -24.33 -15.90 -55.02
O6 NAG EE . -24.67 -18.21 -55.97
O7 NAG EE . -23.05 -11.55 -54.83
C1 YZT EE . -27.42 -11.71 -53.74
C2 YZT EE . -28.69 -10.88 -54.03
C3 YZT EE . -28.81 -9.78 -53.00
C4 YZT EE . -28.69 -10.33 -51.59
C5 YZT EE . -27.42 -11.16 -51.45
C6 YZT EE . -27.27 -11.78 -50.06
O1S6 YZT EE . -25.96 -13.31 -48.43
O2 YZT EE . -28.64 -10.31 -55.34
O2S6 YZT EE . -24.69 -12.05 -50.10
O3 YZT EE . -30.05 -9.07 -53.17
O3S6 YZT EE . -26.02 -13.98 -50.77
O4 YZT EE . -28.70 -9.25 -50.64
O5 YZT EE . -27.45 -12.19 -52.40
S6 YZT EE . -25.85 -12.80 -49.77
C1 MAN EE . -24.95 -19.43 -56.68
C2 MAN EE . -23.81 -20.42 -56.39
C3 MAN EE . -22.51 -19.97 -57.08
C4 MAN EE . -22.75 -19.68 -58.57
C5 MAN EE . -23.89 -18.67 -58.70
C6 MAN EE . -24.22 -18.32 -60.14
O2 MAN EE . -24.12 -21.73 -56.87
O3 MAN EE . -21.48 -20.95 -56.91
O4 MAN EE . -21.55 -19.15 -59.13
O5 MAN EE . -25.07 -19.19 -58.09
O6 MAN EE . -25.06 -17.17 -60.13
C1 NAG FE . -17.95 -4.36 -52.86
C2 NAG FE . -18.99 -5.04 -53.74
C3 NAG FE . -20.19 -4.11 -53.94
C4 NAG FE . -20.77 -3.68 -52.59
C5 NAG FE . -19.66 -3.04 -51.74
C6 NAG FE . -20.14 -2.76 -50.33
C7 NAG FE . -18.80 -6.45 -55.73
C8 NAG FE . -18.08 -6.67 -57.03
N2 NAG FE . -18.41 -5.40 -55.02
O3 NAG FE . -21.18 -4.83 -54.68
O4 NAG FE . -21.80 -2.72 -52.75
O5 NAG FE . -18.54 -3.92 -51.64
O6 NAG FE . -19.46 -3.57 -49.37
O7 NAG FE . -19.74 -7.16 -55.40
C1 NAG FE . -23.09 -3.35 -52.80
C2 NAG FE . -24.11 -2.57 -51.99
C3 NAG FE . -25.51 -3.18 -52.16
C4 NAG FE . -25.86 -3.33 -53.63
C5 NAG FE . -24.77 -4.10 -54.35
C6 NAG FE . -24.98 -4.17 -55.86
C7 NAG FE . -23.40 -1.43 -49.94
C8 NAG FE . -23.03 -1.60 -48.48
N2 NAG FE . -23.74 -2.55 -50.58
O3 NAG FE . -26.46 -2.34 -51.50
O4 NAG FE . -27.09 -4.05 -53.73
O5 NAG FE . -23.51 -3.44 -54.16
O6 NAG FE . -23.72 -4.10 -56.53
O7 NAG FE . -23.38 -0.34 -50.48
C1 MAN FE . -23.89 -4.32 -57.94
C2 MAN FE . -22.89 -5.40 -58.40
C3 MAN FE . -21.46 -4.86 -58.40
C4 MAN FE . -21.36 -3.51 -59.12
C5 MAN FE . -22.39 -2.54 -58.54
C6 MAN FE . -22.40 -1.18 -59.22
O2 MAN FE . -23.18 -5.86 -59.72
O3 MAN FE . -20.56 -5.80 -58.99
O4 MAN FE . -20.04 -2.99 -58.94
O5 MAN FE . -23.70 -3.10 -58.67
O6 MAN FE . -23.05 -0.26 -58.35
C1 NAG GE . -23.50 -43.35 -59.89
C2 NAG GE . -22.59 -43.26 -61.12
C3 NAG GE . -22.99 -42.04 -61.95
C4 NAG GE . -24.49 -42.03 -62.25
C5 NAG GE . -25.34 -42.34 -61.02
C6 NAG GE . -26.79 -42.60 -61.40
C7 NAG GE . -20.48 -42.29 -60.16
C8 NAG GE . -19.02 -42.59 -60.00
N2 NAG GE . -21.19 -43.24 -60.79
O3 NAG GE . -22.26 -42.03 -63.16
O4 NAG GE . -24.81 -40.71 -62.74
O5 NAG GE . -24.85 -43.49 -60.34
O6 NAG GE . -26.93 -43.97 -61.78
O7 NAG GE . -20.96 -41.24 -59.74
C1 NAG GE . -25.62 -40.79 -63.92
C2 NAG GE . -26.18 -39.39 -64.20
C3 NAG GE . -27.09 -39.45 -65.41
C4 NAG GE . -26.35 -40.06 -66.61
C5 NAG GE . -25.75 -41.42 -66.22
C6 NAG GE . -24.91 -42.04 -67.33
C7 NAG GE . -26.37 -37.77 -62.41
C8 NAG GE . -27.10 -37.30 -61.20
N2 NAG GE . -26.86 -38.85 -63.04
O3 NAG GE . -27.54 -38.14 -65.72
O4 NAG GE . -27.27 -40.24 -67.68
O5 NAG GE . -24.92 -41.28 -65.06
O6 NAG GE . -23.87 -42.84 -66.75
O7 NAG GE . -25.35 -37.18 -62.75
C1 YZT GE . -28.93 -38.30 -65.55
C2 YZT GE . -29.34 -36.86 -65.69
C3 YZT GE . -30.83 -36.71 -65.59
C4 YZT GE . -31.55 -37.67 -66.53
C5 YZT GE . -31.06 -39.10 -66.29
C6 YZT GE . -31.68 -40.10 -67.25
O1S6 YZT GE . -31.56 -42.19 -65.73
O2 YZT GE . -28.67 -36.07 -64.72
O2S6 YZT GE . -29.71 -41.80 -67.22
O3 YZT GE . -31.20 -35.36 -65.89
O3S6 YZT GE . -31.84 -42.52 -68.14
O4 YZT GE . -32.95 -37.60 -66.31
O5 YZT GE . -29.62 -39.16 -66.44
S6 YZT GE . -31.24 -41.81 -67.06
C1 MAN GE . -27.12 -39.20 -68.66
C2 MAN GE . -28.44 -39.08 -69.41
C3 MAN GE . -28.66 -40.34 -70.26
C4 MAN GE . -27.46 -40.58 -71.18
C5 MAN GE . -26.18 -40.66 -70.35
C6 MAN GE . -24.91 -40.79 -71.18
O2 MAN GE . -28.44 -37.96 -70.30
O3 MAN GE . -29.86 -40.22 -71.03
O4 MAN GE . -27.67 -41.80 -71.89
O5 MAN GE . -26.03 -39.47 -69.55
O6 MAN GE . -23.81 -40.90 -70.28
C1 MAN GE . -22.71 -42.85 -67.61
C2 MAN GE . -21.76 -43.94 -67.12
C3 MAN GE . -21.09 -43.49 -65.81
C4 MAN GE . -20.45 -42.11 -65.99
C5 MAN GE . -21.50 -41.11 -66.44
C6 MAN GE . -20.95 -39.72 -66.67
O2 MAN GE . -20.69 -44.16 -68.04
O3 MAN GE . -20.12 -44.45 -65.36
O4 MAN GE . -19.87 -41.71 -64.74
O5 MAN GE . -22.08 -41.57 -67.67
O6 MAN GE . -22.05 -38.88 -67.06
C1 NAG HE . -26.73 -45.75 -48.24
C2 NAG HE . -27.34 -47.16 -48.27
C3 NAG HE . -28.85 -47.05 -48.16
C4 NAG HE . -29.25 -46.20 -46.95
C5 NAG HE . -28.51 -44.87 -46.94
C6 NAG HE . -28.75 -44.08 -45.66
C7 NAG HE . -25.90 -48.64 -49.57
C8 NAG HE . -25.68 -49.31 -50.91
N2 NAG HE . -26.96 -47.85 -49.48
O3 NAG HE . -29.39 -48.36 -48.02
O4 NAG HE . -30.66 -45.95 -47.01
O5 NAG HE . -27.10 -45.10 -47.04
O6 NAG HE . -27.64 -43.21 -45.43
O7 NAG HE . -25.13 -48.82 -48.63
C1 NAG HE . -31.33 -46.79 -46.06
C2 NAG HE . -32.66 -46.14 -45.69
C3 NAG HE . -33.40 -47.03 -44.70
C4 NAG HE . -33.51 -48.46 -45.22
C5 NAG HE . -32.13 -49.00 -45.62
C6 NAG HE . -32.22 -50.35 -46.30
C7 NAG HE . -32.39 -43.71 -45.85
C8 NAG HE . -32.18 -42.43 -45.10
N2 NAG HE . -32.46 -44.83 -45.12
O3 NAG HE . -34.76 -46.53 -44.55
O4 NAG HE . -34.10 -49.30 -44.22
O5 NAG HE . -31.53 -48.11 -46.56
O6 NAG HE . -31.10 -50.52 -47.18
O7 NAG HE . -32.50 -43.72 -47.07
C1 YZT HE . -35.35 -45.36 -44.01
C2 YZT HE . -36.85 -45.20 -43.68
C3 YZT HE . -37.02 -44.00 -42.75
C4 YZT HE . -36.09 -44.10 -41.55
C5 YZT HE . -34.64 -44.31 -42.02
C6 YZT HE . -33.67 -44.47 -40.86
O1S6 YZT HE . -31.25 -44.91 -40.04
O2 YZT HE . -37.62 -44.99 -44.86
O2S6 YZT HE . -31.54 -43.68 -42.13
O3 YZT HE . -38.38 -43.89 -42.32
O3S6 YZT HE . -31.96 -46.08 -42.05
O4 YZT HE . -36.20 -42.92 -40.75
O5 YZT HE . -34.59 -45.48 -42.82
S6 YZT HE . -31.95 -44.74 -41.27
C1 MAN HE . -31.05 -51.88 -47.65
C2 MAN HE . -29.57 -52.23 -47.94
C3 MAN HE . -29.07 -51.48 -49.17
C4 MAN HE . -30.02 -51.67 -50.36
C5 MAN HE . -31.43 -51.27 -49.94
C6 MAN HE . -32.47 -51.43 -51.05
O2 MAN HE . -29.40 -53.62 -48.19
O3 MAN HE . -27.74 -51.88 -49.51
O4 MAN HE . -29.58 -50.85 -51.44
O5 MAN HE . -31.85 -52.06 -48.83
O6 MAN HE . -33.66 -50.75 -50.65
C1 NAG IE . -31.12 -34.81 -47.93
C2 NAG IE . -31.98 -36.04 -48.19
C3 NAG IE . -33.42 -35.77 -47.81
C4 NAG IE . -33.51 -35.30 -46.35
C5 NAG IE . -32.61 -34.07 -46.15
C6 NAG IE . -32.52 -33.68 -44.68
C7 NAG IE . -32.02 -37.68 -50.03
C8 NAG IE . -31.89 -37.86 -51.51
N2 NAG IE . -31.88 -36.41 -49.60
O3 NAG IE . -34.16 -36.97 -47.96
O4 NAG IE . -34.85 -34.91 -46.01
O5 NAG IE . -31.28 -34.36 -46.59
O6 NAG IE . -31.21 -33.91 -44.15
O7 NAG IE . -32.25 -38.60 -49.27
C1 NAG IE . -35.55 -36.00 -45.42
C2 NAG IE . -36.37 -35.53 -44.22
C3 NAG IE . -37.23 -36.67 -43.68
C4 NAG IE . -38.05 -37.34 -44.78
C5 NAG IE . -37.14 -37.74 -45.94
C6 NAG IE . -37.90 -38.25 -47.14
C7 NAG IE . -35.51 -33.74 -42.80
C8 NAG IE . -34.55 -33.39 -41.69
N2 NAG IE . -35.51 -35.02 -43.18
O3 NAG IE . -38.11 -36.17 -42.66
O4 NAG IE . -38.69 -38.50 -44.26
O5 NAG IE . -36.40 -36.60 -46.40
O6 NAG IE . -37.25 -37.84 -48.35
O7 NAG IE . -36.24 -32.91 -43.30
C1 MAN IE . -37.87 -38.44 -49.50
C2 MAN IE . -36.78 -39.08 -50.37
C3 MAN IE . -35.94 -38.01 -51.09
C4 MAN IE . -36.81 -36.96 -51.77
C5 MAN IE . -37.83 -36.41 -50.77
C6 MAN IE . -38.78 -35.39 -51.38
O2 MAN IE . -37.34 -39.93 -51.38
O3 MAN IE . -35.04 -38.61 -52.03
O4 MAN IE . -35.97 -35.91 -52.26
O5 MAN IE . -38.63 -37.47 -50.24
O6 MAN IE . -39.36 -34.63 -50.31
C1 NAG JE . -20.13 -73.12 -50.83
C2 NAG JE . -19.98 -72.96 -52.34
C3 NAG JE . -21.22 -72.24 -52.89
C4 NAG JE . -22.51 -72.90 -52.43
C5 NAG JE . -22.50 -73.23 -50.94
C6 NAG JE . -23.66 -74.13 -50.56
C7 NAG JE . -18.40 -70.99 -52.51
C8 NAG JE . -17.07 -70.62 -53.07
N2 NAG JE . -18.77 -72.26 -52.72
O3 NAG JE . -21.16 -72.21 -54.31
O4 NAG JE . -23.58 -71.99 -52.71
O5 NAG JE . -21.29 -73.89 -50.57
O6 NAG JE . -23.30 -75.49 -50.82
O7 NAG JE . -19.10 -70.16 -51.93
C1 NAG JE . -24.67 -72.66 -53.36
C2 NAG JE . -25.87 -71.72 -53.36
C3 NAG JE . -27.07 -72.42 -53.99
C4 NAG JE . -26.71 -72.95 -55.37
C5 NAG JE . -25.44 -73.81 -55.30
C6 NAG JE . -24.97 -74.28 -56.67
C7 NAG JE . -26.03 -69.95 -51.71
C8 NAG JE . -26.32 -69.55 -50.29
N2 NAG JE . -26.17 -71.24 -52.02
O3 NAG JE . -28.16 -71.52 -54.06
O4 NAG JE . -27.79 -73.73 -55.88
O5 NAG JE . -24.38 -73.08 -54.69
O6 NAG JE . -23.53 -74.44 -56.66
O7 NAG JE . -25.66 -69.09 -52.50
C1 YZT JE . -29.09 -72.16 -53.24
C2 YZT JE . -30.14 -71.09 -53.19
C3 YZT JE . -31.34 -71.53 -52.40
C4 YZT JE . -31.83 -72.89 -52.86
C5 YZT JE . -30.70 -73.91 -52.86
C6 YZT JE . -31.11 -75.27 -53.38
O1S6 YZT JE . -29.41 -76.71 -52.07
O2 YZT JE . -29.58 -69.89 -52.66
O2S6 YZT JE . -28.76 -75.97 -54.26
O3 YZT JE . -32.37 -70.56 -52.50
O3S6 YZT JE . -30.48 -77.68 -54.04
O4 YZT JE . -32.89 -73.34 -52.01
O5 YZT JE . -29.61 -73.43 -53.68
S6 YZT JE . -29.90 -76.55 -53.40
C1 MAN JE . -28.56 -72.97 -56.82
C2 MAN JE . -29.97 -73.58 -56.84
C3 MAN JE . -29.91 -74.98 -57.46
C4 MAN JE . -29.25 -74.93 -58.85
C5 MAN JE . -27.87 -74.27 -58.73
C6 MAN JE . -27.18 -74.09 -60.07
O2 MAN JE . -30.87 -72.80 -57.64
O3 MAN JE . -31.22 -75.55 -57.56
O4 MAN JE . -29.13 -76.25 -59.34
O5 MAN JE . -27.97 -72.99 -58.12
O6 MAN JE . -25.89 -73.53 -59.81
C1 MAN JE . -23.01 -74.19 -57.97
C2 MAN JE . -21.54 -74.63 -57.98
C3 MAN JE . -20.68 -73.67 -57.16
C4 MAN JE . -20.89 -72.23 -57.65
C5 MAN JE . -22.37 -71.88 -57.55
C6 MAN JE . -22.70 -70.49 -58.04
O2 MAN JE . -20.99 -74.64 -59.30
O3 MAN JE . -19.29 -74.02 -57.22
O4 MAN JE . -20.12 -71.35 -56.84
O5 MAN JE . -23.13 -72.81 -58.35
O6 MAN JE . -24.10 -70.27 -57.87
C1 NAG KE . -16.60 -73.76 -39.03
C2 NAG KE . -16.43 -75.25 -38.73
C3 NAG KE . -17.60 -75.73 -37.91
C4 NAG KE . -17.81 -74.86 -36.67
C5 NAG KE . -17.85 -73.38 -37.04
C6 NAG KE . -17.86 -72.48 -35.81
C7 NAG KE . -15.15 -76.30 -40.55
C8 NAG KE . -15.23 -77.10 -41.81
N2 NAG KE . -16.32 -76.00 -39.96
O3 NAG KE . -17.36 -77.09 -37.52
O4 NAG KE . -19.04 -75.22 -36.05
O5 NAG KE . -16.70 -73.04 -37.81
O6 NAG KE . -17.31 -71.21 -36.15
O7 NAG KE . -14.08 -75.92 -40.08
C1 NAG KE . -18.77 -76.01 -34.89
C2 NAG KE . -19.95 -75.89 -33.92
C3 NAG KE . -19.69 -76.73 -32.69
C4 NAG KE . -19.33 -78.17 -33.07
C5 NAG KE . -18.17 -78.19 -34.07
C6 NAG KE . -17.90 -79.57 -34.61
C7 NAG KE . -20.95 -73.68 -34.24
C8 NAG KE . -21.08 -72.28 -33.70
N2 NAG KE . -20.17 -74.51 -33.54
O3 NAG KE . -20.92 -76.81 -31.91
O4 NAG KE . -18.98 -78.91 -31.91
O5 NAG KE . -18.52 -77.38 -35.20
O6 NAG KE . -17.33 -79.48 -35.93
O7 NAG KE . -21.54 -74.01 -35.25
C1 YZT KE . -21.69 -75.89 -31.16
C2 YZT KE . -22.79 -76.28 -30.13
C3 YZT KE . -23.07 -75.09 -29.22
C4 YZT KE . -21.79 -74.51 -28.65
C5 YZT KE . -20.79 -74.20 -29.77
C6 YZT KE . -19.47 -73.67 -29.24
O1S6 YZT KE . -17.05 -72.89 -29.69
O2 YZT KE . -23.99 -76.68 -30.78
O2S6 YZT KE . -18.74 -72.41 -31.39
O3 YZT KE . -23.97 -75.47 -28.18
O3S6 YZT KE . -17.90 -74.68 -31.09
O4 YZT KE . -22.08 -73.33 -27.90
O5 YZT KE . -20.54 -75.40 -30.48
S6 YZT KE . -18.19 -73.31 -30.42
C1 MAN KE . -16.85 -80.77 -36.34
C2 MAN KE . -15.65 -80.56 -37.29
C3 MAN KE . -16.13 -79.97 -38.63
C4 MAN KE . -17.28 -80.81 -39.22
C5 MAN KE . -18.39 -80.93 -38.17
C6 MAN KE . -19.58 -81.75 -38.64
O2 MAN KE . -14.97 -81.78 -37.58
O3 MAN KE . -15.06 -79.87 -39.56
O4 MAN KE . -17.77 -80.17 -40.39
O5 MAN KE . -17.88 -81.53 -36.98
O6 MAN KE . -20.65 -81.54 -37.74
C1 NAG LE . -24.99 -65.79 -36.80
C2 NAG LE . -25.19 -67.29 -36.59
C3 NAG LE . -26.26 -67.54 -35.55
C4 NAG LE . -25.94 -66.80 -34.26
C5 NAG LE . -25.72 -65.32 -34.54
C6 NAG LE . -25.23 -64.58 -33.31
C7 NAG LE . -25.20 -69.20 -38.14
C8 NAG LE . -25.62 -69.68 -39.49
N2 NAG LE . -25.51 -67.93 -37.85
O3 NAG LE . -26.35 -68.93 -35.31
O4 NAG LE . -27.01 -66.91 -33.31
O5 NAG LE . -24.75 -65.14 -35.56
O6 NAG LE . -23.88 -64.11 -33.48
O7 NAG LE . -24.64 -69.92 -37.34
C1 NAG LE . -26.81 -68.02 -32.44
C2 NAG LE . -27.16 -67.65 -30.99
C3 NAG LE . -27.07 -68.88 -30.09
C4 NAG LE . -27.89 -70.05 -30.66
C5 NAG LE . -27.48 -70.31 -32.10
C6 NAG LE . -28.36 -71.35 -32.78
C7 NAG LE . -26.72 -65.38 -30.20
C8 NAG LE . -25.66 -64.41 -29.72
N2 NAG LE . -26.28 -66.60 -30.52
O3 NAG LE . -27.55 -68.54 -28.79
O4 NAG LE . -27.63 -71.21 -29.87
O5 NAG LE . -27.61 -69.11 -32.87
O6 NAG LE . -28.54 -71.01 -34.16
O7 NAG LE . -27.88 -65.05 -30.30
C1 MAN LE . -29.22 -72.06 -34.85
C2 MAN LE . -28.42 -72.41 -36.12
C3 MAN LE . -28.56 -71.31 -37.17
C4 MAN LE . -30.00 -70.89 -37.40
C5 MAN LE . -30.65 -70.55 -36.05
C6 MAN LE . -32.12 -70.16 -36.16
O2 MAN LE . -28.90 -73.63 -36.72
O3 MAN LE . -27.96 -71.71 -38.42
O4 MAN LE . -30.04 -69.74 -38.25
O5 MAN LE . -30.57 -71.67 -35.18
O6 MAN LE . -32.47 -69.46 -34.96
C1 NAG ME . 0.25 -95.85 -44.17
C2 NAG ME . -0.33 -96.02 -45.57
C3 NAG ME . -1.85 -96.00 -45.48
C4 NAG ME . -2.38 -96.99 -44.45
C5 NAG ME . -1.60 -96.93 -43.13
C6 NAG ME . -1.92 -98.10 -42.22
C7 NAG ME . -0.08 -93.70 -46.54
C8 NAG ME . 0.57 -92.99 -47.69
N2 NAG ME . 0.15 -95.03 -46.51
O3 NAG ME . -2.42 -96.30 -46.76
O4 NAG ME . -3.75 -96.68 -44.20
O5 NAG ME . -0.19 -96.94 -43.37
O6 NAG ME . -1.11 -99.21 -42.60
O7 NAG ME . -0.76 -93.10 -45.72
C1 NAG ME . -4.56 -97.87 -44.24
C2 NAG ME . -5.93 -97.52 -43.68
C3 NAG ME . -6.80 -98.78 -43.64
C4 NAG ME . -6.85 -99.43 -45.01
C5 NAG ME . -5.43 -99.67 -45.55
C6 NAG ME . -5.40 -100.21 -46.96
C7 NAG ME . -6.21 -95.62 -42.20
C8 NAG ME . -6.04 -95.03 -40.83
N2 NAG ME . -5.83 -96.90 -42.38
O3 NAG ME . -8.10 -98.44 -43.19
O4 NAG ME . -7.53 -100.67 -44.92
O5 NAG ME . -4.68 -98.44 -45.53
O6 NAG ME . -4.21 -99.78 -47.63
O7 NAG ME . -6.66 -94.91 -43.09
C1 YZT ME . -8.17 -99.19 -42.01
C2 YZT ME . -9.48 -98.65 -41.49
C3 YZT ME . -9.86 -99.33 -40.19
C4 YZT ME . -9.81 -100.84 -40.34
C5 YZT ME . -8.44 -101.28 -40.87
C6 YZT ME . -8.36 -102.78 -41.10
O1S6 YZT ME . -5.82 -103.06 -40.75
O2 YZT ME . -9.39 -97.24 -41.32
O2S6 YZT ME . -6.58 -102.67 -43.00
O3 YZT ME . -11.17 -98.92 -39.79
O3S6 YZT ME . -7.01 -104.82 -41.95
O4 YZT ME . -10.03 -101.46 -39.06
O5 YZT ME . -8.17 -100.62 -42.13
S6 YZT ME . -6.82 -103.43 -41.68
C1 MAN ME . -8.89 -100.54 -45.39
C2 MAN ME . -9.71 -101.66 -44.72
C3 MAN ME . -9.27 -103.02 -45.28
C4 MAN ME . -9.34 -103.03 -46.80
C5 MAN ME . -8.54 -101.88 -47.38
C6 MAN ME . -8.64 -101.74 -48.89
O2 MAN ME . -11.11 -101.52 -45.01
O3 MAN ME . -10.07 -104.06 -44.72
O4 MAN ME . -8.83 -104.27 -47.27
O5 MAN ME . -8.96 -100.63 -46.81
O6 MAN ME . -7.79 -100.67 -49.29
C1 MAN ME . -4.47 -99.65 -49.05
C2 MAN ME . -3.11 -99.46 -49.75
C3 MAN ME . -2.56 -98.07 -49.46
C4 MAN ME . -3.60 -97.00 -49.80
C5 MAN ME . -4.87 -97.25 -49.02
C6 MAN ME . -5.99 -96.27 -49.32
O2 MAN ME . -3.24 -99.56 -51.17
O3 MAN ME . -1.34 -97.83 -50.18
O4 MAN ME . -3.06 -95.71 -49.49
O5 MAN ME . -5.37 -98.57 -49.34
O6 MAN ME . -7.10 -96.61 -48.50
C1 NAG NE . 8.23 -92.22 -35.49
C2 NAG NE . 9.17 -93.39 -35.29
C3 NAG NE . 8.83 -94.11 -33.99
C4 NAG NE . 8.77 -93.12 -32.82
C5 NAG NE . 7.89 -91.92 -33.15
C6 NAG NE . 7.98 -90.84 -32.08
C7 NAG NE . 9.90 -94.25 -37.47
C8 NAG NE . 9.69 -95.29 -38.53
N2 NAG NE . 9.10 -94.32 -36.41
O3 NAG NE . 9.81 -95.11 -33.75
O4 NAG NE . 8.23 -93.80 -31.68
O5 NAG NE . 8.32 -91.33 -34.39
O6 NAG NE . 7.65 -89.58 -32.68
O7 NAG NE . 10.75 -93.38 -37.58
C1 NAG NE . 9.30 -94.11 -30.77
C2 NAG NE . 8.73 -94.25 -29.37
C3 NAG NE . 9.82 -94.60 -28.39
C4 NAG NE . 10.63 -95.81 -28.87
C5 NAG NE . 11.12 -95.59 -30.31
C6 NAG NE . 11.77 -96.83 -30.89
C7 NAG NE . 6.79 -92.76 -29.21
C8 NAG NE . 6.26 -91.45 -28.70
N2 NAG NE . 8.08 -93.03 -28.95
O3 NAG NE . 9.23 -94.98 -27.12
O4 NAG NE . 11.73 -96.05 -28.01
O5 NAG NE . 10.01 -95.29 -31.15
O6 NAG NE . 11.63 -96.84 -32.32
O7 NAG NE . 6.05 -93.53 -29.81
C1 YZT NE . 8.51 -94.30 -26.11
C2 YZT NE . 8.23 -94.84 -24.70
C3 YZT NE . 7.81 -93.68 -23.80
C4 YZT NE . 8.78 -92.52 -23.89
C5 YZT NE . 9.00 -92.12 -25.35
C6 YZT NE . 10.00 -90.99 -25.52
O1S6 YZT NE . 11.35 -89.43 -27.08
O2 YZT NE . 7.22 -95.84 -24.70
O2S6 YZT NE . 9.11 -90.09 -27.79
O3 YZT NE . 7.65 -94.12 -22.45
O3S6 YZT NE . 10.95 -91.69 -27.88
O4 YZT NE . 8.31 -91.41 -23.12
O5 YZT NE . 9.45 -93.25 -26.06
S6 YZT NE . 10.35 -90.44 -27.17
C1 MAN NE . 12.43 -97.89 -32.89
C2 MAN NE . 12.84 -97.44 -34.31
C3 MAN NE . 11.64 -97.45 -35.25
C4 MAN NE . 10.90 -98.79 -35.19
C5 MAN NE . 10.52 -99.08 -33.74
C6 MAN NE . 9.80 -100.40 -33.56
O2 MAN NE . 13.83 -98.32 -34.86
O3 MAN NE . 12.04 -97.16 -36.60
O4 MAN NE . 9.72 -98.70 -36.00
O5 MAN NE . 11.71 -99.13 -32.93
O6 MAN NE . 9.24 -100.42 -32.25
C1 NAG OE . -1.12 -88.02 -29.65
C2 NAG OE . -0.51 -89.38 -29.35
C3 NAG OE . -0.80 -89.79 -27.92
C4 NAG OE . -0.33 -88.70 -26.94
C5 NAG OE . -0.96 -87.36 -27.32
C6 NAG OE . -0.40 -86.22 -26.49
C7 NAG OE . -0.29 -91.44 -30.67
C8 NAG OE . -0.97 -92.35 -31.64
N2 NAG OE . -1.00 -90.38 -30.29
O3 NAG OE . -0.12 -91.00 -27.64
O4 NAG OE . -0.73 -89.00 -25.60
O5 NAG OE . -0.70 -87.05 -28.69
O6 NAG OE . 0.38 -85.32 -27.28
O7 NAG OE . 0.82 -91.68 -30.22
C1 NAG OE . 0.31 -89.71 -24.91
C2 NAG OE . 0.46 -89.18 -23.48
C3 NAG OE . 1.48 -90.01 -22.72
C4 NAG OE . 1.18 -91.51 -22.81
C5 NAG OE . 1.01 -91.91 -24.27
C6 NAG OE . 0.54 -93.35 -24.42
C7 NAG OE . 0.10 -86.79 -23.03
C8 NAG OE . 0.69 -85.42 -23.13
N2 NAG OE . 0.87 -87.78 -23.50
O3 NAG OE . 1.49 -89.60 -21.35
O4 NAG OE . 2.26 -92.24 -22.23
O5 NAG OE . 0.01 -91.10 -24.90
O6 NAG OE . -0.34 -93.45 -25.55
O7 NAG OE . -1.01 -87.00 -22.57
C1 MAN OE . -0.69 -94.82 -25.81
C2 MAN OE . -0.45 -95.11 -27.30
C3 MAN OE . -1.50 -94.44 -28.18
C4 MAN OE . -2.92 -94.68 -27.67
C5 MAN OE . -3.01 -94.32 -26.19
C6 MAN OE . -4.37 -94.58 -25.57
O2 MAN OE . -0.50 -96.51 -27.58
O3 MAN OE . -1.38 -94.85 -29.54
O4 MAN OE . -3.82 -93.87 -28.42
O5 MAN OE . -2.05 -95.08 -25.44
O6 MAN OE . -4.47 -93.82 -24.37
C1 NAG PE . 29.50 -106.09 -47.71
C2 NAG PE . 28.52 -106.82 -48.66
C3 NAG PE . 27.38 -107.39 -47.83
C4 NAG PE . 27.87 -108.23 -46.66
C5 NAG PE . 29.00 -107.54 -45.89
C6 NAG PE . 29.68 -108.51 -44.92
C7 NAG PE . 27.24 -104.88 -49.65
C8 NAG PE . 26.92 -104.26 -50.97
N2 NAG PE . 28.04 -105.96 -49.72
O3 NAG PE . 26.54 -108.17 -48.68
O4 NAG PE . 26.76 -108.44 -45.79
O5 NAG PE . 30.00 -107.04 -46.78
O6 NAG PE . 30.68 -109.25 -45.63
O7 NAG PE . 26.78 -104.43 -48.61
C1 NAG PE . 26.67 -109.84 -45.41
C2 NAG PE . 25.68 -109.95 -44.26
C3 NAG PE . 25.59 -111.39 -43.79
C4 NAG PE . 25.28 -112.32 -44.97
C5 NAG PE . 26.27 -112.08 -46.11
C6 NAG PE . 25.95 -112.89 -47.35
C7 NAG PE . 25.21 -108.02 -42.86
C8 NAG PE . 25.66 -107.12 -41.75
N2 NAG PE . 26.02 -109.04 -43.18
O3 NAG PE . 24.62 -111.50 -42.78
O4 NAG PE . 25.37 -113.67 -44.53
O5 NAG PE . 26.29 -110.69 -46.47
O6 NAG PE . 26.40 -112.19 -48.52
O7 NAG PE . 24.16 -107.78 -43.43
C1 YZT PE . 25.40 -111.92 -41.70
C2 YZT PE . 24.36 -111.84 -40.61
C3 YZT PE . 24.91 -112.30 -39.29
C4 YZT PE . 25.59 -113.65 -39.42
C5 YZT PE . 26.64 -113.62 -40.53
C6 YZT PE . 27.30 -114.96 -40.76
O1S6 YZT PE . 29.57 -114.09 -41.67
O2 YZT PE . 23.85 -110.52 -40.53
O2S6 YZT PE . 27.84 -114.59 -43.27
O3 YZT PE . 23.86 -112.35 -38.32
O3S6 YZT PE . 28.97 -116.42 -42.11
O4 YZT PE . 26.21 -114.01 -38.18
O5 YZT PE . 26.01 -113.21 -41.76
S6 YZT PE . 28.58 -115.05 -42.00
C1 MAN PE . 24.05 -114.20 -44.29
C2 MAN PE . 24.21 -115.36 -43.30
C3 MAN PE . 24.95 -116.51 -43.97
C4 MAN PE . 24.27 -116.92 -45.27
C5 MAN PE . 24.11 -115.71 -46.18
C6 MAN PE . 23.35 -116.00 -47.46
O2 MAN PE . 22.95 -115.86 -42.87
O3 MAN PE . 25.06 -117.64 -43.08
O4 MAN PE . 25.06 -117.92 -45.90
O5 MAN PE . 23.44 -114.65 -45.50
O6 MAN PE . 23.33 -114.80 -48.25
C1 MAN PE . 25.55 -112.51 -49.64
C2 MAN PE . 26.22 -111.96 -50.91
C3 MAN PE . 26.12 -110.43 -50.95
C4 MAN PE . 24.67 -109.99 -50.77
C5 MAN PE . 24.12 -110.56 -49.46
C6 MAN PE . 22.67 -110.20 -49.21
O2 MAN PE . 25.57 -112.44 -52.09
O3 MAN PE . 26.66 -109.91 -52.17
O4 MAN PE . 24.62 -108.56 -50.77
O5 MAN PE . 24.22 -111.98 -49.48
O6 MAN PE . 22.29 -110.74 -47.95
C1 NAG QE . 37.64 -97.59 -44.03
C2 NAG QE . 39.00 -98.20 -44.30
C3 NAG QE . 39.61 -98.66 -42.98
C4 NAG QE . 39.60 -97.53 -41.95
C5 NAG QE . 38.23 -96.90 -41.83
C6 NAG QE . 38.24 -95.65 -40.96
C7 NAG QE . 39.06 -99.18 -46.54
C8 NAG QE . 38.93 -100.45 -47.35
N2 NAG QE . 38.91 -99.32 -45.22
O3 NAG QE . 40.96 -99.10 -43.22
O4 NAG QE . 39.98 -98.07 -40.68
O5 NAG QE . 37.78 -96.50 -43.13
O6 NAG QE . 37.14 -94.81 -41.33
O7 NAG QE . 39.27 -98.10 -47.07
C1 NAG QE . 41.34 -97.70 -40.39
C2 NAG QE . 41.54 -97.73 -38.88
C3 NAG QE . 42.97 -97.36 -38.55
C4 NAG QE . 43.95 -98.23 -39.34
C5 NAG QE . 43.64 -98.18 -40.83
C6 NAG QE . 44.48 -99.17 -41.63
C7 NAG QE . 39.40 -97.15 -37.82
C8 NAG QE . 38.59 -96.08 -37.15
N2 NAG QE . 40.64 -96.82 -38.22
O3 NAG QE . 43.22 -97.63 -37.14
O4 NAG QE . 45.29 -97.81 -39.11
O5 NAG QE . 42.28 -98.56 -41.04
O6 NAG QE . 43.77 -99.56 -42.82
O7 NAG QE . 38.94 -98.27 -37.99
C1 YZT QE . 42.76 -97.08 -35.92
C2 YZT QE . 43.40 -97.32 -34.53
C3 YZT QE . 42.91 -96.25 -33.57
C4 YZT QE . 43.10 -94.86 -34.15
C5 YZT QE . 42.44 -94.77 -35.53
C6 YZT QE . 42.64 -93.41 -36.20
O1S6 YZT QE . 42.30 -91.87 -38.23
O2 YZT QE . 43.07 -98.61 -34.03
O2S6 YZT QE . 40.56 -93.53 -37.75
O3 YZT QE . 43.58 -96.37 -32.31
O3S6 YZT QE . 42.70 -94.22 -38.69
O4 YZT QE . 42.52 -93.88 -33.27
O5 YZT QE . 43.03 -95.76 -36.36
S6 YZT QE . 41.95 -93.18 -37.80
C1 MAN QE . 44.64 -100.30 -43.69
C2 MAN QE . 44.17 -100.07 -45.14
C3 MAN QE . 42.83 -100.78 -45.39
C4 MAN QE . 42.90 -102.26 -44.96
C5 MAN QE . 43.36 -102.33 -43.50
C6 MAN QE . 43.48 -103.74 -42.97
O2 MAN QE . 45.11 -100.58 -46.09
O3 MAN QE . 42.44 -100.68 -46.76
O4 MAN QE . 41.60 -102.83 -45.09
O5 MAN QE . 44.64 -101.70 -43.37
O6 MAN QE . 43.60 -103.68 -41.55
C1 NAG RE . 30.85 -96.26 -34.48
C2 NAG RE . 32.09 -97.13 -34.50
C3 NAG RE . 32.67 -97.26 -33.09
C4 NAG RE . 32.92 -95.89 -32.47
C5 NAG RE . 31.63 -95.06 -32.52
C6 NAG RE . 31.89 -93.63 -32.07
C7 NAG RE . 32.67 -99.17 -35.72
C8 NAG RE . 32.17 -100.49 -36.23
N2 NAG RE . 31.79 -98.43 -35.06
O3 NAG RE . 33.88 -97.99 -33.17
O4 NAG RE . 33.32 -96.00 -31.11
O5 NAG RE . 31.10 -95.01 -33.84
O6 NAG RE . 31.71 -92.71 -33.16
O7 NAG RE . 33.83 -98.83 -35.87
C1 NAG RE . 34.75 -96.02 -31.00
C2 NAG RE . 35.22 -95.15 -29.83
C3 NAG RE . 36.73 -95.30 -29.64
C4 NAG RE . 37.14 -96.77 -29.54
C5 NAG RE . 36.60 -97.55 -30.73
C6 NAG RE . 36.83 -99.04 -30.61
C7 NAG RE . 34.00 -93.10 -29.30
C8 NAG RE . 33.76 -91.66 -29.68
N2 NAG RE . 34.87 -93.76 -30.07
O3 NAG RE . 37.12 -94.60 -28.46
O4 NAG RE . 38.56 -96.85 -29.52
O5 NAG RE . 35.18 -97.37 -30.82
O6 NAG RE . 35.71 -99.75 -31.17
O7 NAG RE . 33.43 -93.62 -28.35
C1 MAN RE . 35.99 -101.16 -31.22
C2 MAN RE . 35.67 -101.68 -32.63
C3 MAN RE . 34.16 -101.71 -32.90
C4 MAN RE . 33.40 -102.39 -31.76
C5 MAN RE . 33.79 -101.76 -30.42
C6 MAN RE . 33.12 -102.40 -29.23
O2 MAN RE . 36.18 -103.00 -32.84
O3 MAN RE . 33.88 -102.36 -34.14
O4 MAN RE . 32.00 -102.24 -31.99
O5 MAN RE . 35.20 -101.86 -30.23
O6 MAN RE . 33.20 -101.48 -28.14
#